data_7DDE
#
_entry.id   7DDE
#
_cell.length_a   1.00
_cell.length_b   1.00
_cell.length_c   1.00
_cell.angle_alpha   90.00
_cell.angle_beta   90.00
_cell.angle_gamma   90.00
#
_symmetry.space_group_name_H-M   'P 1'
#
loop_
_entity.id
_entity.type
_entity.pdbx_description
1 polymer 'Aspartyl aminopeptidase 1,ZZ-type zinc finger-containing protein P35G2.11c,Maltose/maltodextrin-binding periplasmic protein'
2 non-polymer 'ZINC ION'
3 water water
#
_entity_poly.entity_id   1
_entity_poly.type   'polypeptide(L)'
_entity_poly.pdbx_seq_one_letter_code
;MQLHGKMTATAKSCALDFLDFVNASPTPYHAVQNLAEHYMSHGFQYLSEKSDWQSKIEPGNSYFVTRNKSSIIAFSIGKK
WKPGNGFSIIATHTDSPTLRLKPKSQKSAYGYLQVGVEKYGGGIWHTWFDRDLSLAGRVMVEEEDGRVIQYNVHIDRPLL
RIPTLAIHLDPSANSSFSFNMETEFVPLIGLENELAKEETSDNGDKYHHPVLLSLLANEISKSLETTIDPSKIVDFELIL
GDAEKARLGGIHEEFVFSPRLDNLGMTFCASQALTKSLENNSLDNESCVRVVPSFDHEEIGSVSAQGAESTFLPAVLQRI
CELGKESSLFSISMVKSFLVSADMAHAMHPNYSSRYENSNTPFLNKGTVIKVNANQRYTTNSAGIVLLKKVAQLADVPIQ
SFVVRNDSPCGSTIGPKLAAMTGMRTLDLGNPMLSMHSCREMCGSKDFEYAVVLFSSFFQNFANLEEKIIIDEGFKKASS
SDNKEQPTLRSSSVACNTCLKIIRNDSFHCTKCFDFDVCRDCYAKQAFLHPCPKPHFVLVRSSIPSVASLTCSVNSMSVS
PQSKIEEGKLVIWINGDKGYNGLAEVGKKFEKDTGIKVTVEHPDKLEEKFPQVAATGDGPDIIFWAHDRFGGYAQSGLLA
EITPDKAFQDKLYPFTWDAVRYNGKLIAYPIAVEALSLIYNKDLLPNPPKTWEEIPALDKELKAKGKSALMFNLQEPYFT
WPLIAADGGYAFKYENGKYDIKDVGVDNAGAKAGLTFLVDLIKNKHMNADTDYSIAEAAFNKGETAMTINGPWAWSNIDT
SKVNYGVTVLPTFKGQPSKPFVGVLSAGINAASPNKELAKEFLENYLLTDEGLEAVNKDKPLGAVALKSYEEELAKDPRI
AATMENAQKGEIMPNIPQMSAFWYAVRTAVINAASGRQTVDEALKDAQT
;
_entity_poly.pdbx_strand_id   A,C,E,G,I,K,M,O,Q,S,V,X
#
loop_
_chem_comp.id
_chem_comp.type
_chem_comp.name
_chem_comp.formula
ZN non-polymer 'ZINC ION' 'Zn 2'
#
# COMPACT_ATOMS: atom_id res chain seq x y z
N MET A 1 -47.25 -3.67 40.97
CA MET A 1 -46.80 -3.51 39.61
C MET A 1 -46.66 -2.02 39.35
N GLN A 2 -45.41 -1.55 39.46
CA GLN A 2 -45.12 -0.12 39.40
C GLN A 2 -45.35 0.42 38.00
N LEU A 3 -46.13 1.49 37.90
CA LEU A 3 -46.46 2.13 36.64
C LEU A 3 -45.87 3.53 36.65
N HIS A 4 -44.79 3.73 35.90
CA HIS A 4 -44.05 4.98 35.97
C HIS A 4 -44.72 6.08 35.15
N GLY A 5 -45.17 5.74 33.94
CA GLY A 5 -45.91 6.69 33.13
C GLY A 5 -46.42 6.15 31.82
N LYS A 6 -47.70 6.39 31.53
CA LYS A 6 -48.40 5.91 30.33
C LYS A 6 -48.27 4.39 30.18
N MET A 7 -48.79 3.67 31.17
CA MET A 7 -48.32 2.32 31.39
C MET A 7 -49.41 1.26 31.24
N THR A 8 -50.68 1.63 31.42
CA THR A 8 -51.96 0.96 31.12
C THR A 8 -52.17 -0.42 31.74
N ALA A 9 -51.21 -0.89 32.56
CA ALA A 9 -51.33 -2.06 33.44
C ALA A 9 -51.59 -3.40 32.74
N THR A 10 -51.75 -3.41 31.43
CA THR A 10 -51.92 -4.62 30.65
C THR A 10 -50.74 -4.87 29.73
N ALA A 11 -50.15 -3.80 29.22
CA ALA A 11 -48.90 -3.94 28.47
C ALA A 11 -47.77 -4.40 29.37
N LYS A 12 -47.73 -3.91 30.61
CA LYS A 12 -46.75 -4.39 31.57
C LYS A 12 -47.00 -5.84 31.95
N SER A 13 -48.28 -6.21 32.14
CA SER A 13 -48.58 -7.57 32.54
C SER A 13 -48.34 -8.55 31.39
N CYS A 14 -48.54 -8.11 30.15
CA CYS A 14 -48.19 -8.94 29.02
C CYS A 14 -46.68 -9.05 28.88
N ALA A 15 -45.96 -7.97 29.18
CA ALA A 15 -44.50 -8.02 29.11
C ALA A 15 -43.93 -8.84 30.24
N LEU A 16 -44.55 -8.77 31.42
CA LEU A 16 -44.09 -9.58 32.55
C LEU A 16 -44.35 -11.06 32.30
N ASP A 17 -45.42 -11.38 31.56
CA ASP A 17 -45.68 -12.76 31.20
C ASP A 17 -44.65 -13.25 30.19
N PHE A 18 -44.15 -12.36 29.34
CA PHE A 18 -43.08 -12.72 28.42
C PHE A 18 -41.80 -13.01 29.18
N LEU A 19 -41.54 -12.26 30.24
CA LEU A 19 -40.30 -12.42 31.00
C LEU A 19 -40.24 -13.77 31.68
N ASP A 20 -41.37 -14.27 32.15
CA ASP A 20 -41.42 -15.62 32.71
C ASP A 20 -41.22 -16.66 31.63
N PHE A 21 -41.70 -16.38 30.41
CA PHE A 21 -41.60 -17.34 29.33
C PHE A 21 -40.17 -17.46 28.82
N VAL A 22 -39.49 -16.33 28.62
CA VAL A 22 -38.18 -16.38 27.99
C VAL A 22 -37.11 -16.76 29.00
N ASN A 23 -37.36 -16.54 30.29
CA ASN A 23 -36.40 -16.98 31.29
C ASN A 23 -36.44 -18.47 31.49
N ALA A 24 -37.55 -19.11 31.18
CA ALA A 24 -37.68 -20.56 31.29
C ALA A 24 -37.39 -21.27 29.99
N SER A 25 -37.10 -20.53 28.92
CA SER A 25 -36.93 -21.12 27.59
C SER A 25 -35.64 -20.64 26.96
N PRO A 26 -34.50 -21.24 27.33
CA PRO A 26 -33.25 -20.85 26.68
C PRO A 26 -32.90 -21.66 25.45
N THR A 27 -33.58 -22.77 25.21
CA THR A 27 -33.34 -23.64 24.08
C THR A 27 -34.64 -23.76 23.31
N PRO A 28 -34.57 -24.13 22.03
CA PRO A 28 -35.81 -24.49 21.33
C PRO A 28 -36.53 -25.67 21.95
N TYR A 29 -35.80 -26.60 22.56
CA TYR A 29 -36.42 -27.70 23.27
C TYR A 29 -37.19 -27.20 24.49
N HIS A 30 -36.64 -26.23 25.21
CA HIS A 30 -37.38 -25.66 26.32
C HIS A 30 -38.49 -24.76 25.82
N ALA A 31 -38.26 -24.08 24.69
CA ALA A 31 -39.29 -23.20 24.14
C ALA A 31 -40.52 -23.97 23.72
N VAL A 32 -40.32 -25.11 23.05
CA VAL A 32 -41.43 -25.96 22.65
C VAL A 32 -42.11 -26.56 23.87
N GLN A 33 -41.33 -26.90 24.89
CA GLN A 33 -41.87 -27.45 26.13
C GLN A 33 -42.74 -26.43 26.86
N ASN A 34 -42.31 -25.18 26.89
CA ASN A 34 -43.11 -24.16 27.59
C ASN A 34 -44.32 -23.74 26.77
N LEU A 35 -44.22 -23.75 25.44
CA LEU A 35 -45.40 -23.46 24.63
C LEU A 35 -46.45 -24.53 24.78
N ALA A 36 -46.02 -25.80 24.81
CA ALA A 36 -46.96 -26.89 24.83
C ALA A 36 -47.65 -27.02 26.18
N GLU A 37 -46.96 -26.66 27.26
CA GLU A 37 -47.64 -26.58 28.55
C GLU A 37 -48.67 -25.46 28.56
N HIS A 38 -48.39 -24.37 27.86
CA HIS A 38 -49.37 -23.30 27.76
C HIS A 38 -50.52 -23.71 26.86
N TYR A 39 -50.24 -24.53 25.85
CA TYR A 39 -51.29 -25.00 24.95
C TYR A 39 -52.23 -25.97 25.65
N MET A 40 -51.68 -26.93 26.38
CA MET A 40 -52.53 -27.90 27.08
C MET A 40 -53.22 -27.29 28.27
N SER A 41 -52.69 -26.19 28.80
CA SER A 41 -53.42 -25.45 29.83
C SER A 41 -54.64 -24.79 29.25
N HIS A 42 -54.60 -24.41 27.98
CA HIS A 42 -55.72 -23.80 27.30
C HIS A 42 -56.55 -24.80 26.51
N GLY A 43 -56.36 -26.09 26.74
CA GLY A 43 -57.24 -27.10 26.21
C GLY A 43 -56.82 -27.75 24.92
N PHE A 44 -55.58 -27.53 24.47
CA PHE A 44 -55.13 -28.15 23.24
C PHE A 44 -54.84 -29.63 23.47
N GLN A 45 -54.89 -30.40 22.40
CA GLN A 45 -54.63 -31.83 22.46
C GLN A 45 -53.38 -32.17 21.68
N TYR A 46 -52.55 -33.03 22.25
CA TYR A 46 -51.34 -33.44 21.56
C TYR A 46 -51.69 -34.45 20.46
N LEU A 47 -51.09 -34.28 19.30
CA LEU A 47 -51.23 -35.21 18.20
C LEU A 47 -49.88 -35.84 17.91
N SER A 48 -49.84 -37.16 17.92
CA SER A 48 -48.66 -37.86 17.46
C SER A 48 -48.67 -37.86 15.94
N GLU A 49 -47.53 -37.53 15.34
CA GLU A 49 -47.46 -37.52 13.89
C GLU A 49 -47.35 -38.94 13.34
N LYS A 50 -46.98 -39.90 14.18
CA LYS A 50 -47.02 -41.30 13.80
C LYS A 50 -48.44 -41.81 13.58
N SER A 51 -49.42 -41.19 14.22
CA SER A 51 -50.78 -41.69 14.13
C SER A 51 -51.46 -41.16 12.88
N ASP A 52 -52.67 -41.66 12.64
CA ASP A 52 -53.51 -41.20 11.55
C ASP A 52 -54.60 -40.31 12.09
N TRP A 53 -54.78 -39.15 11.47
CA TRP A 53 -55.64 -38.11 12.02
C TRP A 53 -57.04 -38.12 11.43
N GLN A 54 -57.42 -39.16 10.71
CA GLN A 54 -58.73 -39.18 10.07
C GLN A 54 -59.85 -39.25 11.10
N SER A 55 -59.62 -39.89 12.23
CA SER A 55 -60.61 -40.02 13.27
C SER A 55 -60.24 -39.25 14.54
N LYS A 56 -59.13 -38.53 14.51
CA LYS A 56 -58.62 -37.89 15.72
C LYS A 56 -58.93 -36.41 15.79
N ILE A 57 -59.08 -35.74 14.65
CA ILE A 57 -59.32 -34.31 14.64
C ILE A 57 -60.75 -34.07 14.16
N GLU A 58 -61.42 -33.11 14.80
CA GLU A 58 -62.78 -32.75 14.46
C GLU A 58 -62.92 -31.25 14.64
N PRO A 59 -63.83 -30.62 13.91
CA PRO A 59 -63.98 -29.16 14.01
C PRO A 59 -64.45 -28.71 15.38
N GLY A 60 -63.99 -27.52 15.77
CA GLY A 60 -64.32 -26.96 17.06
C GLY A 60 -63.29 -27.20 18.15
N ASN A 61 -62.20 -27.89 17.86
CA ASN A 61 -61.22 -28.22 18.87
C ASN A 61 -59.84 -27.74 18.45
N SER A 62 -58.92 -27.77 19.40
CA SER A 62 -57.57 -27.26 19.21
C SER A 62 -56.56 -28.36 19.45
N TYR A 63 -55.56 -28.42 18.57
CA TYR A 63 -54.56 -29.47 18.54
C TYR A 63 -53.17 -28.85 18.35
N PHE A 64 -52.16 -29.61 18.73
CA PHE A 64 -50.79 -29.23 18.42
C PHE A 64 -49.97 -30.47 18.14
N VAL A 65 -48.97 -30.32 17.29
CA VAL A 65 -48.11 -31.42 16.87
C VAL A 65 -46.67 -30.94 17.03
N THR A 66 -45.75 -31.88 17.23
CA THR A 66 -44.37 -31.55 17.56
C THR A 66 -43.43 -32.43 16.75
N ARG A 67 -42.38 -31.81 16.20
CA ARG A 67 -41.35 -32.51 15.45
C ARG A 67 -40.02 -32.28 16.14
N ASN A 68 -39.34 -33.37 16.50
CA ASN A 68 -38.01 -33.42 17.10
C ASN A 68 -37.95 -32.72 18.46
N LYS A 69 -39.11 -32.49 19.08
CA LYS A 69 -39.29 -31.72 20.31
C LYS A 69 -38.72 -30.31 20.23
N SER A 70 -38.57 -29.78 19.02
CA SER A 70 -37.95 -28.48 18.80
C SER A 70 -38.69 -27.63 17.80
N SER A 71 -39.62 -28.19 17.03
CA SER A 71 -40.56 -27.43 16.23
C SER A 71 -41.96 -27.83 16.66
N ILE A 72 -42.84 -26.85 16.79
CA ILE A 72 -44.20 -27.11 17.21
C ILE A 72 -45.16 -26.35 16.30
N ILE A 73 -46.24 -27.03 15.93
CA ILE A 73 -47.30 -26.44 15.12
C ILE A 73 -48.59 -26.63 15.91
N ALA A 74 -49.20 -25.53 16.32
CA ALA A 74 -50.49 -25.58 16.99
C ALA A 74 -51.56 -25.01 16.08
N PHE A 75 -52.69 -25.71 16.00
CA PHE A 75 -53.76 -25.25 15.13
C PHE A 75 -55.09 -25.45 15.83
N SER A 76 -55.99 -24.49 15.64
CA SER A 76 -57.36 -24.56 16.13
C SER A 76 -58.30 -24.58 14.94
N ILE A 77 -59.15 -25.59 14.88
CA ILE A 77 -60.07 -25.77 13.78
C ILE A 77 -61.42 -25.20 14.19
N GLY A 78 -61.94 -24.27 13.39
CA GLY A 78 -63.23 -23.69 13.69
C GLY A 78 -64.36 -24.67 13.52
N LYS A 79 -65.48 -24.41 14.20
CA LYS A 79 -66.61 -25.30 14.14
C LYS A 79 -67.27 -25.27 12.77
N LYS A 80 -67.32 -24.10 12.15
CA LYS A 80 -67.90 -23.94 10.83
C LYS A 80 -66.90 -24.17 9.71
N TRP A 81 -65.80 -24.88 9.98
CA TRP A 81 -64.77 -25.09 8.98
C TRP A 81 -65.09 -26.32 8.15
N LYS A 82 -65.00 -26.17 6.86
CA LYS A 82 -65.09 -27.27 5.92
C LYS A 82 -63.72 -27.50 5.30
N PRO A 83 -63.41 -28.73 4.90
CA PRO A 83 -62.15 -28.97 4.20
C PRO A 83 -62.14 -28.27 2.84
N GLY A 84 -61.22 -27.33 2.69
CA GLY A 84 -61.18 -26.49 1.52
C GLY A 84 -61.17 -25.03 1.89
N ASN A 85 -61.54 -24.72 3.13
CA ASN A 85 -61.47 -23.36 3.60
C ASN A 85 -60.04 -22.99 3.93
N GLY A 86 -59.80 -21.69 4.07
CA GLY A 86 -58.46 -21.19 4.20
C GLY A 86 -57.86 -21.40 5.58
N PHE A 87 -56.59 -21.02 5.69
CA PHE A 87 -55.83 -21.11 6.92
C PHE A 87 -55.33 -19.71 7.29
N SER A 88 -55.39 -19.37 8.56
CA SER A 88 -54.79 -18.14 9.06
C SER A 88 -53.56 -18.55 9.86
N ILE A 89 -52.38 -18.33 9.30
CA ILE A 89 -51.14 -18.91 9.81
C ILE A 89 -50.22 -17.79 10.24
N ILE A 90 -49.69 -17.89 11.46
CA ILE A 90 -48.68 -16.97 11.97
C ILE A 90 -47.46 -17.79 12.37
N ALA A 91 -46.39 -17.67 11.60
CA ALA A 91 -45.22 -18.53 11.73
C ALA A 91 -44.07 -17.79 12.38
N THR A 92 -43.50 -18.37 13.43
CA THR A 92 -42.32 -17.87 14.12
C THR A 92 -41.23 -18.95 14.09
N HIS A 93 -40.12 -18.69 14.78
CA HIS A 93 -39.06 -19.68 14.93
C HIS A 93 -38.58 -19.67 16.37
N THR A 94 -38.23 -20.85 16.88
CA THR A 94 -37.88 -20.98 18.29
C THR A 94 -36.40 -20.81 18.57
N ASP A 95 -35.56 -20.81 17.54
CA ASP A 95 -34.13 -20.72 17.72
C ASP A 95 -33.54 -19.30 17.81
N SER A 96 -32.33 -19.23 18.36
CA SER A 96 -31.59 -17.99 18.53
C SER A 96 -30.10 -18.30 18.44
N PRO A 97 -29.31 -17.39 17.86
CA PRO A 97 -27.88 -17.62 17.71
C PRO A 97 -27.20 -17.83 19.05
N THR A 98 -26.36 -18.85 19.11
CA THR A 98 -25.78 -19.31 20.36
C THR A 98 -24.56 -20.18 20.07
N LEU A 99 -24.06 -20.85 21.10
CA LEU A 99 -22.91 -21.75 20.99
C LEU A 99 -23.31 -23.13 21.46
N ARG A 100 -23.01 -24.14 20.65
CA ARG A 100 -23.24 -25.53 21.01
C ARG A 100 -21.95 -26.20 21.43
N LEU A 101 -22.07 -27.12 22.39
CA LEU A 101 -20.94 -27.94 22.78
C LEU A 101 -20.57 -28.90 21.67
N LYS A 102 -19.27 -29.10 21.47
CA LYS A 102 -18.78 -30.05 20.49
C LYS A 102 -18.99 -31.47 20.99
N PRO A 103 -18.99 -32.45 20.09
CA PRO A 103 -19.04 -33.86 20.54
C PRO A 103 -17.88 -34.27 21.42
N LYS A 104 -16.68 -33.79 21.15
CA LYS A 104 -15.54 -33.94 22.04
C LYS A 104 -15.34 -32.56 22.64
N SER A 105 -16.08 -32.28 23.71
CA SER A 105 -16.07 -30.95 24.30
C SER A 105 -15.05 -30.80 25.41
N GLN A 106 -14.29 -31.84 25.72
CA GLN A 106 -13.32 -31.74 26.80
C GLN A 106 -12.09 -30.98 26.32
N LYS A 107 -11.78 -29.88 27.01
CA LYS A 107 -10.61 -29.09 26.72
C LYS A 107 -9.97 -28.69 28.04
N SER A 108 -8.64 -28.69 28.07
CA SER A 108 -7.93 -28.27 29.26
C SER A 108 -6.68 -27.52 28.84
N ALA A 109 -6.43 -26.38 29.47
CA ALA A 109 -5.26 -25.58 29.16
C ALA A 109 -4.86 -24.81 30.40
N TYR A 110 -3.65 -25.10 30.89
CA TYR A 110 -2.96 -24.34 31.94
C TYR A 110 -3.78 -24.31 33.22
N GLY A 111 -4.26 -25.48 33.62
CA GLY A 111 -5.01 -25.62 34.82
C GLY A 111 -6.47 -25.27 34.72
N TYR A 112 -6.94 -24.83 33.56
CA TYR A 112 -8.32 -24.42 33.42
C TYR A 112 -9.08 -25.46 32.64
N LEU A 113 -10.27 -25.77 33.09
CA LEU A 113 -11.17 -26.62 32.34
C LEU A 113 -11.91 -25.75 31.34
N GLN A 114 -11.88 -26.12 30.08
CA GLN A 114 -12.62 -25.40 29.05
C GLN A 114 -13.55 -26.35 28.33
N VAL A 115 -14.58 -25.81 27.69
CA VAL A 115 -15.44 -26.60 26.84
C VAL A 115 -15.24 -26.14 25.40
N GLY A 116 -15.27 -27.08 24.48
CA GLY A 116 -15.11 -26.75 23.08
C GLY A 116 -16.45 -26.43 22.47
N VAL A 117 -16.65 -25.20 22.03
CA VAL A 117 -17.95 -24.77 21.55
C VAL A 117 -17.87 -24.50 20.07
N GLU A 118 -19.03 -24.45 19.44
CA GLU A 118 -19.16 -24.20 18.02
C GLU A 118 -20.33 -23.27 17.77
N LYS A 119 -20.12 -22.33 16.84
CA LYS A 119 -21.05 -21.24 16.65
C LYS A 119 -22.31 -21.71 15.95
N TYR A 120 -23.44 -21.09 16.29
CA TYR A 120 -24.71 -21.41 15.66
C TYR A 120 -25.28 -20.07 15.23
N GLY A 121 -25.56 -19.93 13.93
CA GLY A 121 -26.20 -18.73 13.43
C GLY A 121 -25.24 -17.58 13.32
N GLY A 122 -25.78 -16.46 12.87
CA GLY A 122 -24.98 -15.25 12.73
C GLY A 122 -25.05 -14.38 13.97
N GLY A 123 -24.53 -14.87 15.08
CA GLY A 123 -24.55 -14.09 16.30
C GLY A 123 -23.50 -12.99 16.30
N ILE A 124 -23.79 -11.93 17.05
CA ILE A 124 -22.80 -10.88 17.30
C ILE A 124 -21.86 -11.40 18.37
N TRP A 125 -20.69 -11.87 17.96
CA TRP A 125 -19.94 -12.74 18.87
C TRP A 125 -19.12 -11.96 19.88
N HIS A 126 -18.91 -10.66 19.68
CA HIS A 126 -18.17 -9.95 20.72
C HIS A 126 -19.02 -9.63 21.93
N THR A 127 -20.35 -9.69 21.78
CA THR A 127 -21.23 -9.46 22.92
C THR A 127 -21.27 -10.65 23.87
N TRP A 128 -20.77 -11.79 23.46
CA TRP A 128 -20.73 -12.97 24.32
C TRP A 128 -19.55 -12.96 25.27
N PHE A 129 -18.62 -12.04 25.10
CA PHE A 129 -17.47 -11.95 25.97
C PHE A 129 -17.88 -11.40 27.32
N ASP A 130 -17.26 -11.94 28.37
CA ASP A 130 -17.39 -11.47 29.76
C ASP A 130 -18.84 -11.53 30.24
N ARG A 131 -19.55 -12.56 29.84
CA ARG A 131 -20.94 -12.75 30.24
C ARG A 131 -21.06 -13.96 31.14
N ASP A 132 -21.98 -13.89 32.07
CA ASP A 132 -22.36 -15.09 32.79
C ASP A 132 -23.14 -15.97 31.82
N LEU A 133 -22.67 -17.18 31.60
CA LEU A 133 -23.28 -18.07 30.63
C LEU A 133 -23.84 -19.29 31.32
N SER A 134 -25.09 -19.62 30.99
CA SER A 134 -25.74 -20.82 31.49
C SER A 134 -25.66 -21.90 30.42
N LEU A 135 -25.95 -23.12 30.85
CA LEU A 135 -25.91 -24.29 29.98
C LEU A 135 -27.27 -24.95 29.99
N ALA A 136 -27.79 -25.26 28.80
CA ALA A 136 -29.11 -25.84 28.70
C ALA A 136 -29.20 -26.64 27.41
N GLY A 137 -30.21 -27.50 27.34
CA GLY A 137 -30.38 -28.33 26.17
C GLY A 137 -31.10 -29.61 26.49
N ARG A 138 -31.01 -30.58 25.58
CA ARG A 138 -31.63 -31.88 25.78
C ARG A 138 -30.54 -32.94 25.88
N VAL A 139 -30.77 -33.93 26.73
CA VAL A 139 -29.79 -34.97 27.02
C VAL A 139 -30.44 -36.33 26.78
N MET A 140 -29.79 -37.17 25.99
CA MET A 140 -30.22 -38.54 25.78
C MET A 140 -29.70 -39.43 26.90
N VAL A 141 -30.59 -40.13 27.57
CA VAL A 141 -30.26 -40.98 28.70
C VAL A 141 -30.69 -42.40 28.38
N GLU A 142 -29.76 -43.35 28.48
CA GLU A 142 -30.11 -44.75 28.39
C GLU A 142 -30.80 -45.22 29.67
N GLU A 143 -31.73 -46.14 29.50
CA GLU A 143 -32.28 -46.87 30.64
C GLU A 143 -32.01 -48.36 30.47
N GLU A 144 -32.45 -49.14 31.47
CA GLU A 144 -31.94 -50.49 31.66
C GLU A 144 -32.42 -51.46 30.59
N ASP A 145 -33.56 -51.16 29.96
CA ASP A 145 -34.08 -52.01 28.91
C ASP A 145 -33.60 -51.62 27.53
N GLY A 146 -32.73 -50.63 27.43
CA GLY A 146 -32.13 -50.24 26.19
C GLY A 146 -32.75 -49.03 25.53
N ARG A 147 -33.95 -48.63 25.94
CA ARG A 147 -34.58 -47.49 25.30
C ARG A 147 -33.93 -46.19 25.79
N VAL A 148 -33.92 -45.20 24.91
CA VAL A 148 -33.27 -43.92 25.17
C VAL A 148 -34.30 -42.82 25.01
N ILE A 149 -34.44 -42.00 26.05
CA ILE A 149 -35.44 -40.96 26.09
C ILE A 149 -34.75 -39.61 26.26
N GLN A 150 -35.47 -38.55 25.91
CA GLN A 150 -34.90 -37.21 25.88
C GLN A 150 -35.30 -36.45 27.13
N TYR A 151 -34.31 -35.89 27.81
CA TYR A 151 -34.48 -35.08 29.01
C TYR A 151 -33.97 -33.68 28.76
N ASN A 152 -34.83 -32.69 28.94
CA ASN A 152 -34.42 -31.29 28.85
C ASN A 152 -33.76 -30.89 30.17
N VAL A 153 -32.61 -30.26 30.09
CA VAL A 153 -31.86 -29.86 31.27
C VAL A 153 -31.62 -28.36 31.22
N HIS A 154 -31.85 -27.70 32.35
CA HIS A 154 -31.53 -26.29 32.49
C HIS A 154 -30.57 -26.16 33.66
N ILE A 155 -29.43 -25.50 33.44
CA ILE A 155 -28.53 -25.20 34.53
C ILE A 155 -28.55 -23.69 34.74
N ASP A 156 -29.43 -23.25 35.62
CA ASP A 156 -29.68 -21.82 35.88
C ASP A 156 -28.71 -21.28 36.92
N ARG A 157 -27.47 -21.15 36.53
CA ARG A 157 -26.45 -20.50 37.34
C ARG A 157 -25.32 -20.07 36.42
N PRO A 158 -24.48 -19.09 36.84
CA PRO A 158 -23.32 -18.74 36.03
C PRO A 158 -22.33 -19.88 36.00
N LEU A 159 -22.21 -20.50 34.85
CA LEU A 159 -21.50 -21.75 34.74
C LEU A 159 -20.33 -21.67 33.76
N LEU A 160 -20.47 -20.85 32.73
CA LEU A 160 -19.42 -20.65 31.76
C LEU A 160 -19.14 -19.16 31.62
N ARG A 161 -17.96 -18.84 31.09
CA ARG A 161 -17.61 -17.47 30.77
C ARG A 161 -16.51 -17.44 29.73
N ILE A 162 -16.67 -16.58 28.72
CA ILE A 162 -15.59 -16.31 27.78
C ILE A 162 -14.92 -15.00 28.20
N PRO A 163 -13.73 -15.05 28.79
CA PRO A 163 -13.11 -13.82 29.29
C PRO A 163 -12.26 -13.14 28.23
N THR A 164 -12.26 -11.81 28.27
CA THR A 164 -11.38 -11.06 27.39
C THR A 164 -9.97 -11.00 27.96
N LEU A 165 -9.02 -10.64 27.11
CA LEU A 165 -7.70 -10.28 27.57
C LEU A 165 -7.79 -8.92 28.24
N ALA A 166 -6.96 -8.70 29.25
CA ALA A 166 -6.89 -7.40 29.91
C ALA A 166 -6.34 -6.35 28.95
N ILE A 167 -6.69 -5.08 29.21
CA ILE A 167 -6.35 -4.02 28.29
C ILE A 167 -4.88 -3.64 28.40
N HIS A 168 -4.22 -4.05 29.48
CA HIS A 168 -2.80 -3.73 29.64
C HIS A 168 -1.97 -4.54 28.68
N LEU A 169 -2.46 -5.72 28.31
CA LEU A 169 -1.71 -6.70 27.56
C LEU A 169 -1.91 -6.55 26.07
N ASP A 170 -2.95 -5.83 25.66
CA ASP A 170 -3.20 -5.48 24.27
C ASP A 170 -4.00 -4.19 24.26
N PRO A 171 -3.33 -3.03 24.24
CA PRO A 171 -4.07 -1.77 24.20
C PRO A 171 -4.75 -1.50 22.88
N SER A 172 -4.42 -2.26 21.83
CA SER A 172 -5.04 -2.10 20.52
C SER A 172 -6.48 -2.61 20.47
N ALA A 173 -6.95 -3.28 21.53
CA ALA A 173 -8.31 -3.79 21.53
C ALA A 173 -9.34 -2.67 21.58
N ASN A 174 -8.97 -1.51 22.14
CA ASN A 174 -9.90 -0.38 22.15
C ASN A 174 -10.01 0.27 20.78
N SER A 175 -8.97 0.17 19.96
CA SER A 175 -9.05 0.69 18.61
C SER A 175 -9.98 -0.16 17.75
N SER A 176 -9.78 -1.47 17.77
CA SER A 176 -10.62 -2.40 17.01
C SER A 176 -10.50 -3.77 17.65
N PHE A 177 -11.61 -4.34 18.07
CA PHE A 177 -11.61 -5.62 18.76
C PHE A 177 -11.84 -6.73 17.75
N SER A 178 -10.85 -7.60 17.59
CA SER A 178 -10.96 -8.78 16.77
C SER A 178 -10.42 -9.98 17.52
N PHE A 179 -10.91 -11.15 17.20
CA PHE A 179 -10.54 -12.35 17.94
C PHE A 179 -10.68 -13.57 17.06
N ASN A 180 -9.78 -14.54 17.24
CA ASN A 180 -9.86 -15.78 16.49
C ASN A 180 -10.97 -16.65 17.05
N MET A 181 -11.73 -17.27 16.16
CA MET A 181 -13.02 -17.83 16.50
C MET A 181 -12.92 -19.21 17.16
N GLU A 182 -11.81 -19.93 16.99
CA GLU A 182 -11.39 -20.95 17.96
C GLU A 182 -10.65 -20.42 19.15
N THR A 183 -9.40 -20.05 18.94
CA THR A 183 -8.38 -20.05 19.98
C THR A 183 -8.65 -19.00 21.05
N GLU A 184 -9.36 -17.94 20.71
CA GLU A 184 -9.68 -16.90 21.67
C GLU A 184 -11.15 -16.85 22.05
N PHE A 185 -11.95 -17.82 21.62
CA PHE A 185 -13.38 -17.84 21.92
C PHE A 185 -13.77 -19.13 22.62
N VAL A 186 -12.98 -19.56 23.60
CA VAL A 186 -13.24 -20.80 24.33
C VAL A 186 -13.72 -20.44 25.72
N PRO A 187 -14.96 -20.79 26.10
CA PRO A 187 -15.44 -20.49 27.45
C PRO A 187 -14.80 -21.39 28.49
N LEU A 188 -14.90 -20.94 29.74
CA LEU A 188 -14.26 -21.59 30.87
C LEU A 188 -15.32 -22.16 31.79
N ILE A 189 -15.22 -23.46 32.04
CA ILE A 189 -16.15 -24.12 32.95
C ILE A 189 -15.62 -24.19 34.38
N GLY A 190 -14.32 -24.29 34.57
CA GLY A 190 -13.79 -24.31 35.92
C GLY A 190 -12.29 -24.55 35.94
N LEU A 191 -11.82 -24.93 37.13
CA LEU A 191 -10.40 -25.15 37.39
C LEU A 191 -10.18 -26.62 37.68
N GLU A 192 -9.10 -27.18 37.14
CA GLU A 192 -8.89 -28.60 37.33
C GLU A 192 -8.01 -28.94 38.52
N ASN A 193 -7.56 -27.95 39.28
CA ASN A 193 -6.73 -28.23 40.44
C ASN A 193 -7.52 -28.77 41.62
N GLU A 194 -8.85 -28.73 41.54
CA GLU A 194 -9.69 -29.02 42.70
C GLU A 194 -10.74 -30.08 42.38
N LEU A 195 -10.56 -30.81 41.30
CA LEU A 195 -11.38 -31.98 40.99
C LEU A 195 -10.63 -33.29 41.21
N ALA A 196 -9.66 -33.30 42.11
CA ALA A 196 -8.71 -34.39 42.19
C ALA A 196 -9.21 -35.51 43.10
N LYS A 197 -10.53 -35.75 43.08
CA LYS A 197 -11.12 -36.87 43.79
C LYS A 197 -10.55 -38.20 43.29
N GLU A 198 -10.36 -38.32 41.98
CA GLU A 198 -9.57 -39.42 41.43
C GLU A 198 -8.62 -38.84 40.40
N GLU A 199 -7.33 -39.12 40.55
CA GLU A 199 -6.31 -38.64 39.63
C GLU A 199 -5.95 -39.70 38.59
N THR A 200 -6.96 -40.26 37.93
CA THR A 200 -6.76 -41.24 36.86
C THR A 200 -7.70 -40.90 35.71
N SER A 201 -7.65 -41.71 34.67
CA SER A 201 -8.55 -41.58 33.53
C SER A 201 -9.39 -42.82 33.30
N ASP A 202 -8.78 -44.00 33.44
CA ASP A 202 -9.37 -45.35 33.31
C ASP A 202 -9.78 -45.71 31.88
N ASN A 203 -9.69 -44.75 30.96
CA ASN A 203 -9.90 -44.87 29.53
C ASN A 203 -9.43 -43.56 28.92
N GLY A 204 -8.74 -43.65 27.78
CA GLY A 204 -8.18 -42.46 27.16
C GLY A 204 -9.24 -41.60 26.53
N ASP A 205 -9.27 -40.30 26.89
CA ASP A 205 -9.98 -39.24 26.17
C ASP A 205 -11.49 -39.48 26.13
N LYS A 206 -12.10 -39.35 27.31
CA LYS A 206 -13.54 -39.17 27.41
C LYS A 206 -14.00 -37.96 26.60
N TYR A 207 -15.24 -38.01 26.13
CA TYR A 207 -15.74 -36.98 25.22
C TYR A 207 -15.94 -35.65 25.93
N HIS A 208 -16.42 -35.69 27.17
CA HIS A 208 -16.68 -34.47 27.91
C HIS A 208 -16.03 -34.57 29.27
N HIS A 209 -16.04 -33.46 30.00
CA HIS A 209 -15.53 -33.44 31.35
C HIS A 209 -16.43 -34.29 32.23
N PRO A 210 -15.86 -35.20 33.03
CA PRO A 210 -16.70 -36.00 33.92
C PRO A 210 -17.42 -35.18 34.97
N VAL A 211 -16.87 -34.02 35.33
CA VAL A 211 -17.54 -33.14 36.26
C VAL A 211 -18.76 -32.48 35.59
N LEU A 212 -18.69 -32.29 34.28
CA LEU A 212 -19.84 -31.76 33.56
C LEU A 212 -20.94 -32.79 33.44
N LEU A 213 -20.57 -34.05 33.20
CA LEU A 213 -21.57 -35.11 33.12
C LEU A 213 -22.20 -35.38 34.46
N SER A 214 -21.46 -35.16 35.54
CA SER A 214 -22.02 -35.33 36.88
C SER A 214 -23.05 -34.26 37.18
N LEU A 215 -22.81 -33.04 36.71
CA LEU A 215 -23.78 -31.97 36.93
C LEU A 215 -25.03 -32.18 36.10
N LEU A 216 -24.87 -32.65 34.86
CA LEU A 216 -26.01 -32.94 34.01
C LEU A 216 -26.85 -34.06 34.59
N ALA A 217 -26.21 -35.10 35.11
CA ALA A 217 -26.95 -36.19 35.72
C ALA A 217 -27.61 -35.76 37.02
N ASN A 218 -26.98 -34.84 37.75
CA ASN A 218 -27.56 -34.39 39.00
C ASN A 218 -28.74 -33.45 38.76
N GLU A 219 -28.67 -32.63 37.71
CA GLU A 219 -29.74 -31.70 37.44
C GLU A 219 -30.97 -32.41 36.89
N ILE A 220 -30.74 -33.48 36.13
CA ILE A 220 -31.83 -34.35 35.69
C ILE A 220 -32.49 -35.04 36.87
N SER A 221 -31.68 -35.56 37.79
CA SER A 221 -32.21 -36.39 38.87
C SER A 221 -32.98 -35.58 39.91
N LYS A 222 -32.86 -34.25 39.85
CA LYS A 222 -33.65 -33.41 40.73
C LYS A 222 -35.13 -33.48 40.42
N SER A 223 -35.48 -33.72 39.16
CA SER A 223 -36.87 -33.76 38.73
C SER A 223 -37.41 -35.16 38.58
N LEU A 224 -36.68 -36.17 39.04
CA LEU A 224 -37.12 -37.55 38.94
C LEU A 224 -37.11 -38.20 40.31
N GLU A 225 -37.89 -39.27 40.42
CA GLU A 225 -37.89 -40.05 41.66
C GLU A 225 -36.59 -40.83 41.80
N THR A 226 -36.09 -41.40 40.71
CA THR A 226 -34.86 -42.15 40.75
C THR A 226 -33.68 -41.22 40.53
N THR A 227 -32.48 -41.81 40.47
CA THR A 227 -31.27 -41.07 40.19
C THR A 227 -30.69 -41.56 38.86
N ILE A 228 -29.85 -40.72 38.26
CA ILE A 228 -29.22 -41.04 36.98
C ILE A 228 -27.72 -40.99 37.21
N ASP A 229 -27.04 -42.08 36.89
CA ASP A 229 -25.60 -41.99 36.89
C ASP A 229 -25.10 -41.37 35.59
N PRO A 230 -23.94 -40.70 35.59
CA PRO A 230 -23.47 -40.05 34.37
C PRO A 230 -23.06 -41.01 33.26
N SER A 231 -22.87 -42.29 33.56
CA SER A 231 -22.48 -43.24 32.53
C SER A 231 -23.61 -43.55 31.56
N LYS A 232 -24.85 -43.32 31.95
CA LYS A 232 -25.99 -43.60 31.09
C LYS A 232 -26.34 -42.44 30.16
N ILE A 233 -25.63 -41.33 30.26
CA ILE A 233 -25.84 -40.21 29.33
C ILE A 233 -25.14 -40.56 28.03
N VAL A 234 -25.89 -40.55 26.93
CA VAL A 234 -25.31 -40.99 25.67
C VAL A 234 -24.76 -39.82 24.88
N ASP A 235 -25.61 -38.86 24.53
CA ASP A 235 -25.18 -37.72 23.72
C ASP A 235 -26.16 -36.58 23.99
N PHE A 236 -25.73 -35.35 23.73
CA PHE A 236 -26.60 -34.21 23.98
C PHE A 236 -26.33 -33.09 22.98
N GLU A 237 -27.34 -32.24 22.79
CA GLU A 237 -27.14 -30.87 22.35
C GLU A 237 -27.19 -30.00 23.59
N LEU A 238 -26.14 -29.23 23.82
CA LEU A 238 -26.15 -28.28 24.93
C LEU A 238 -25.92 -26.88 24.38
N ILE A 239 -26.80 -25.98 24.78
CA ILE A 239 -26.81 -24.60 24.30
C ILE A 239 -26.27 -23.71 25.39
N LEU A 240 -25.31 -22.88 25.04
CA LEU A 240 -24.91 -21.79 25.91
C LEU A 240 -25.77 -20.57 25.65
N GLY A 241 -26.45 -20.12 26.69
CA GLY A 241 -27.28 -18.92 26.61
C GLY A 241 -26.88 -18.00 27.75
N ASP A 242 -27.20 -16.70 27.63
CA ASP A 242 -26.87 -15.73 28.67
C ASP A 242 -27.52 -16.22 29.96
N ALA A 243 -26.74 -16.32 31.04
CA ALA A 243 -27.31 -16.84 32.28
C ALA A 243 -28.21 -15.84 32.97
N GLU A 244 -28.24 -14.59 32.51
CA GLU A 244 -28.91 -13.57 33.29
C GLU A 244 -30.35 -13.39 32.85
N LYS A 245 -31.24 -13.35 33.83
CA LYS A 245 -32.67 -13.27 33.64
C LYS A 245 -33.08 -12.03 32.85
N ALA A 246 -34.07 -12.20 32.00
CA ALA A 246 -34.67 -11.09 31.30
C ALA A 246 -35.53 -10.27 32.25
N ARG A 247 -35.40 -8.95 32.14
CA ARG A 247 -36.15 -8.05 33.00
C ARG A 247 -36.26 -6.68 32.34
N LEU A 248 -37.26 -5.93 32.77
CA LEU A 248 -37.61 -4.68 32.13
C LEU A 248 -36.58 -3.61 32.45
N GLY A 249 -36.30 -2.77 31.46
CA GLY A 249 -35.29 -1.75 31.61
C GLY A 249 -35.78 -0.40 31.12
N GLY A 250 -34.98 0.62 31.41
CA GLY A 250 -35.34 1.97 31.03
C GLY A 250 -35.78 2.80 32.21
N ILE A 251 -35.95 4.10 31.96
CA ILE A 251 -36.35 5.03 33.01
C ILE A 251 -37.79 4.77 33.44
N HIS A 252 -38.62 4.25 32.54
CA HIS A 252 -40.03 4.03 32.80
C HIS A 252 -40.42 2.58 32.58
N GLU A 253 -39.44 1.67 32.58
CA GLU A 253 -39.59 0.26 32.26
C GLU A 253 -40.25 0.06 30.90
N GLU A 254 -39.85 0.87 29.92
CA GLU A 254 -40.38 0.77 28.58
C GLU A 254 -39.54 -0.10 27.66
N PHE A 255 -38.45 -0.65 28.16
CA PHE A 255 -37.61 -1.55 27.39
C PHE A 255 -37.66 -2.94 27.98
N VAL A 256 -37.35 -3.94 27.16
CA VAL A 256 -37.18 -5.31 27.60
C VAL A 256 -35.77 -5.73 27.27
N PHE A 257 -34.97 -5.97 28.30
CA PHE A 257 -33.60 -6.43 28.11
C PHE A 257 -33.62 -7.94 28.27
N SER A 258 -33.25 -8.65 27.21
CA SER A 258 -33.45 -10.09 27.22
C SER A 258 -32.49 -10.78 26.28
N PRO A 259 -32.03 -11.98 26.60
CA PRO A 259 -31.42 -12.82 25.57
C PRO A 259 -32.51 -13.46 24.72
N ARG A 260 -32.11 -13.88 23.53
CA ARG A 260 -32.94 -14.65 22.60
C ARG A 260 -34.21 -13.90 22.21
N LEU A 261 -34.06 -12.62 21.90
CA LEU A 261 -35.20 -11.80 21.49
C LEU A 261 -35.59 -11.70 20.00
N ASP A 262 -34.77 -12.36 19.19
CA ASP A 262 -35.02 -12.46 17.78
C ASP A 262 -35.94 -13.67 17.74
N ASN A 263 -37.24 -13.37 17.84
CA ASN A 263 -38.39 -14.29 17.82
C ASN A 263 -38.87 -15.02 19.10
N LEU A 264 -38.15 -14.97 20.23
CA LEU A 264 -38.74 -15.62 21.39
C LEU A 264 -39.89 -14.70 21.72
N GLY A 265 -39.70 -13.45 21.33
CA GLY A 265 -40.67 -12.37 21.44
C GLY A 265 -41.91 -12.65 20.61
N MET A 266 -41.72 -12.97 19.32
CA MET A 266 -42.88 -13.15 18.46
C MET A 266 -43.54 -14.49 18.70
N THR A 267 -42.74 -15.46 19.14
CA THR A 267 -43.24 -16.78 19.46
C THR A 267 -44.23 -16.62 20.60
N PHE A 268 -43.83 -15.85 21.60
CA PHE A 268 -44.71 -15.57 22.72
C PHE A 268 -45.97 -14.86 22.26
N CYS A 269 -45.83 -13.87 21.38
CA CYS A 269 -46.98 -13.11 20.93
C CYS A 269 -47.91 -13.94 20.06
N ALA A 270 -47.35 -14.80 19.20
CA ALA A 270 -48.19 -15.61 18.33
C ALA A 270 -48.92 -16.69 19.12
N SER A 271 -48.25 -17.29 20.10
CA SER A 271 -48.87 -18.37 20.86
C SER A 271 -49.89 -17.83 21.85
N GLN A 272 -49.62 -16.68 22.46
CA GLN A 272 -50.58 -16.10 23.40
C GLN A 272 -51.84 -15.65 22.66
N ALA A 273 -51.68 -15.09 21.48
CA ALA A 273 -52.84 -14.56 20.76
C ALA A 273 -53.63 -15.67 20.09
N LEU A 274 -53.01 -16.83 19.88
CA LEU A 274 -53.80 -17.98 19.45
C LEU A 274 -54.74 -18.42 20.55
N THR A 275 -54.27 -18.44 21.79
CA THR A 275 -55.13 -18.77 22.92
C THR A 275 -56.05 -17.62 23.27
N LYS A 276 -55.61 -16.38 23.06
CA LYS A 276 -56.47 -15.23 23.32
C LYS A 276 -57.58 -15.12 22.29
N SER A 277 -57.40 -15.69 21.11
CA SER A 277 -58.46 -15.71 20.11
C SER A 277 -59.39 -16.89 20.27
N LEU A 278 -59.53 -17.43 21.48
CA LEU A 278 -60.52 -18.44 21.79
C LEU A 278 -61.33 -18.07 23.02
N GLU A 279 -61.31 -16.80 23.43
CA GLU A 279 -61.72 -16.46 24.79
C GLU A 279 -63.23 -16.49 24.96
N ASN A 280 -63.98 -15.69 24.20
CA ASN A 280 -65.41 -15.66 24.46
C ASN A 280 -66.07 -16.88 23.84
N ASN A 281 -66.24 -16.86 22.51
CA ASN A 281 -66.32 -18.03 21.63
C ASN A 281 -65.95 -17.51 20.25
N SER A 282 -64.69 -17.64 19.88
CA SER A 282 -64.37 -17.27 18.52
C SER A 282 -64.50 -18.46 17.59
N LEU A 283 -64.11 -19.62 18.08
CA LEU A 283 -64.68 -20.86 17.57
C LEU A 283 -66.15 -20.91 17.94
N ASP A 284 -66.90 -21.74 17.20
CA ASP A 284 -68.35 -21.83 16.98
C ASP A 284 -68.82 -20.78 16.00
N ASN A 285 -67.95 -19.90 15.53
CA ASN A 285 -68.28 -19.01 14.44
C ASN A 285 -67.15 -18.90 13.44
N GLU A 286 -66.04 -19.60 13.65
CA GLU A 286 -64.87 -19.49 12.80
C GLU A 286 -64.97 -20.50 11.67
N SER A 287 -64.70 -20.05 10.45
CA SER A 287 -64.74 -20.91 9.28
C SER A 287 -63.36 -21.30 8.78
N CYS A 288 -62.30 -20.83 9.42
CA CYS A 288 -60.94 -21.15 9.00
C CYS A 288 -60.23 -21.92 10.10
N VAL A 289 -58.95 -22.19 9.88
CA VAL A 289 -58.09 -22.87 10.84
C VAL A 289 -56.95 -21.93 11.20
N ARG A 290 -56.78 -21.67 12.49
CA ARG A 290 -55.78 -20.74 12.97
C ARG A 290 -54.54 -21.51 13.40
N VAL A 291 -53.46 -21.36 12.64
CA VAL A 291 -52.24 -22.15 12.80
C VAL A 291 -51.15 -21.25 13.34
N VAL A 292 -50.44 -21.71 14.35
CA VAL A 292 -49.21 -21.07 14.82
C VAL A 292 -48.09 -22.10 14.76
N PRO A 293 -47.29 -22.10 13.70
CA PRO A 293 -46.09 -22.93 13.69
C PRO A 293 -44.89 -22.19 14.25
N SER A 294 -44.22 -22.78 15.21
CA SER A 294 -42.99 -22.23 15.77
C SER A 294 -41.86 -23.14 15.34
N PHE A 295 -41.06 -22.69 14.39
CA PHE A 295 -40.07 -23.54 13.75
C PHE A 295 -38.75 -23.50 14.48
N ASP A 296 -37.77 -24.20 13.91
CA ASP A 296 -36.43 -24.31 14.45
C ASP A 296 -35.48 -24.07 13.30
N HIS A 297 -34.21 -23.80 13.62
CA HIS A 297 -33.10 -23.72 12.67
C HIS A 297 -33.26 -22.59 11.64
N GLU A 298 -33.88 -21.47 12.02
CA GLU A 298 -34.11 -20.38 11.07
C GLU A 298 -32.95 -19.40 10.89
N GLU A 299 -31.96 -19.49 11.78
CA GLU A 299 -30.79 -18.62 11.78
C GLU A 299 -29.68 -19.09 10.85
N ILE A 300 -29.85 -20.26 10.26
CA ILE A 300 -28.93 -20.92 9.35
C ILE A 300 -29.61 -21.25 8.03
N GLY A 301 -30.91 -20.98 7.95
CA GLY A 301 -31.61 -21.05 6.69
C GLY A 301 -32.71 -22.07 6.57
N SER A 302 -33.14 -22.68 7.68
CA SER A 302 -34.31 -23.57 7.78
C SER A 302 -34.17 -24.86 6.99
N VAL A 303 -32.98 -25.20 6.51
CA VAL A 303 -32.78 -26.40 5.72
C VAL A 303 -32.50 -27.51 6.73
N SER A 304 -33.57 -28.13 7.22
CA SER A 304 -33.45 -29.23 8.17
C SER A 304 -34.72 -30.06 8.13
N ALA A 305 -34.81 -31.05 9.00
CA ALA A 305 -35.97 -31.91 9.01
C ALA A 305 -37.13 -31.29 9.77
N GLN A 306 -36.84 -30.37 10.69
CA GLN A 306 -37.89 -29.70 11.46
C GLN A 306 -37.90 -28.20 11.20
N GLY A 307 -37.15 -27.71 10.24
CA GLY A 307 -37.13 -26.29 9.97
C GLY A 307 -38.35 -25.83 9.21
N ALA A 308 -38.36 -24.55 8.89
CA ALA A 308 -39.49 -23.99 8.15
C ALA A 308 -39.51 -24.48 6.72
N GLU A 309 -38.35 -24.71 6.13
CA GLU A 309 -38.26 -25.20 4.76
C GLU A 309 -38.47 -26.71 4.67
N SER A 310 -38.68 -27.37 5.80
CA SER A 310 -39.01 -28.79 5.82
C SER A 310 -40.45 -29.02 5.34
N THR A 311 -40.87 -30.27 5.36
CA THR A 311 -42.25 -30.58 5.04
C THR A 311 -43.17 -30.50 6.25
N PHE A 312 -42.71 -29.95 7.37
CA PHE A 312 -43.47 -29.99 8.61
C PHE A 312 -44.77 -29.19 8.50
N LEU A 313 -44.69 -27.95 8.03
CA LEU A 313 -45.91 -27.20 7.80
C LEU A 313 -46.76 -27.74 6.64
N PRO A 314 -46.22 -28.07 5.45
CA PRO A 314 -47.10 -28.62 4.40
C PRO A 314 -47.73 -29.96 4.71
N ALA A 315 -47.05 -30.85 5.45
CA ALA A 315 -47.67 -32.14 5.74
C ALA A 315 -48.79 -32.01 6.76
N VAL A 316 -48.64 -31.09 7.72
CA VAL A 316 -49.70 -30.85 8.69
C VAL A 316 -50.91 -30.24 8.01
N LEU A 317 -50.70 -29.31 7.08
CA LEU A 317 -51.80 -28.69 6.37
C LEU A 317 -52.50 -29.67 5.44
N GLN A 318 -51.74 -30.60 4.84
CA GLN A 318 -52.38 -31.61 4.01
C GLN A 318 -53.17 -32.60 4.85
N ARG A 319 -52.67 -32.95 6.03
CA ARG A 319 -53.39 -33.90 6.89
C ARG A 319 -54.67 -33.29 7.44
N ILE A 320 -54.68 -31.97 7.64
CA ILE A 320 -55.92 -31.28 7.98
C ILE A 320 -56.85 -31.27 6.78
N CYS A 321 -56.31 -31.01 5.59
CA CYS A 321 -57.11 -30.96 4.39
C CYS A 321 -57.52 -32.35 3.90
N GLU A 322 -56.93 -33.41 4.43
CA GLU A 322 -57.33 -34.74 4.01
C GLU A 322 -58.53 -35.26 4.78
N LEU A 323 -59.17 -34.46 5.62
CA LEU A 323 -60.47 -34.84 6.15
C LEU A 323 -61.51 -34.88 5.06
N GLY A 324 -61.43 -33.99 4.09
CA GLY A 324 -62.27 -34.07 2.92
C GLY A 324 -61.84 -35.18 1.99
N LYS A 325 -62.73 -35.53 1.07
CA LYS A 325 -62.45 -36.66 0.19
C LYS A 325 -61.81 -36.24 -1.12
N GLU A 326 -62.05 -35.01 -1.57
CA GLU A 326 -61.43 -34.54 -2.80
C GLU A 326 -59.95 -34.27 -2.56
N SER A 327 -59.12 -34.73 -3.49
CA SER A 327 -57.67 -34.59 -3.34
C SER A 327 -57.17 -33.20 -3.70
N SER A 328 -58.00 -32.38 -4.33
CA SER A 328 -57.58 -31.05 -4.73
C SER A 328 -57.83 -29.99 -3.67
N LEU A 329 -58.32 -30.40 -2.49
CA LEU A 329 -58.74 -29.42 -1.49
C LEU A 329 -57.57 -28.71 -0.85
N PHE A 330 -56.38 -29.28 -0.90
CA PHE A 330 -55.22 -28.62 -0.33
C PHE A 330 -54.84 -27.39 -1.14
N SER A 331 -54.78 -27.52 -2.46
CA SER A 331 -54.39 -26.40 -3.31
C SER A 331 -55.49 -25.34 -3.35
N ILE A 332 -56.74 -25.76 -3.18
CA ILE A 332 -57.84 -24.80 -3.08
C ILE A 332 -57.73 -24.00 -1.79
N SER A 333 -57.37 -24.65 -0.69
CA SER A 333 -57.31 -23.98 0.59
C SER A 333 -56.16 -23.00 0.68
N MET A 334 -55.11 -23.20 -0.11
CA MET A 334 -53.94 -22.33 -0.01
C MET A 334 -54.20 -20.95 -0.57
N VAL A 335 -55.01 -20.84 -1.62
CA VAL A 335 -55.26 -19.53 -2.19
C VAL A 335 -56.29 -18.75 -1.40
N LYS A 336 -57.02 -19.41 -0.51
CA LYS A 336 -57.89 -18.72 0.44
C LYS A 336 -57.19 -18.42 1.75
N SER A 337 -55.91 -18.74 1.87
CA SER A 337 -55.20 -18.65 3.12
C SER A 337 -54.25 -17.46 3.16
N PHE A 338 -53.67 -17.24 4.33
CA PHE A 338 -52.73 -16.14 4.52
C PHE A 338 -51.71 -16.51 5.57
N LEU A 339 -50.46 -16.14 5.33
CA LEU A 339 -49.35 -16.39 6.24
C LEU A 339 -48.85 -15.08 6.82
N VAL A 340 -48.51 -15.10 8.10
CA VAL A 340 -47.86 -13.97 8.74
C VAL A 340 -46.55 -14.50 9.29
N SER A 341 -45.43 -14.14 8.67
CA SER A 341 -44.14 -14.58 9.18
C SER A 341 -43.71 -13.60 10.25
N ALA A 342 -43.98 -13.96 11.50
CA ALA A 342 -43.72 -13.07 12.61
C ALA A 342 -42.25 -13.14 13.01
N ASP A 343 -41.43 -12.28 12.41
CA ASP A 343 -40.03 -12.22 12.79
C ASP A 343 -39.64 -10.78 13.05
N MET A 344 -38.81 -10.58 14.08
CA MET A 344 -38.56 -9.26 14.64
C MET A 344 -37.88 -8.32 13.67
N ALA A 345 -38.18 -7.04 13.80
CA ALA A 345 -37.73 -6.01 12.89
C ALA A 345 -36.69 -5.11 13.56
N HIS A 346 -35.90 -4.45 12.71
CA HIS A 346 -34.86 -3.55 13.19
C HIS A 346 -35.49 -2.21 13.56
N ALA A 347 -35.35 -1.82 14.82
CA ALA A 347 -35.79 -0.50 15.25
C ALA A 347 -34.76 0.55 14.88
N MET A 348 -35.07 1.80 15.17
CA MET A 348 -34.14 2.86 14.85
C MET A 348 -33.06 2.94 15.92
N HIS A 349 -31.81 2.81 15.50
CA HIS A 349 -30.70 2.94 16.42
C HIS A 349 -30.22 4.39 16.39
N PRO A 350 -30.31 5.12 17.49
CA PRO A 350 -29.96 6.55 17.46
C PRO A 350 -28.48 6.78 17.27
N ASN A 351 -27.66 5.81 17.65
CA ASN A 351 -26.23 5.94 17.53
C ASN A 351 -25.71 5.53 16.16
N TYR A 352 -26.52 4.81 15.38
CA TYR A 352 -26.08 4.33 14.08
C TYR A 352 -27.09 4.75 13.03
N SER A 353 -27.46 6.02 13.04
CA SER A 353 -28.57 6.49 12.20
C SER A 353 -28.23 6.47 10.73
N SER A 354 -26.94 6.50 10.39
CA SER A 354 -26.55 6.45 8.98
C SER A 354 -26.72 5.07 8.37
N ARG A 355 -26.99 4.03 9.16
CA ARG A 355 -27.10 2.68 8.63
C ARG A 355 -28.57 2.29 8.51
N TYR A 356 -29.42 3.27 8.30
CA TYR A 356 -30.87 3.17 8.28
C TYR A 356 -31.43 4.11 7.24
N GLU A 357 -32.56 3.74 6.65
CA GLU A 357 -33.19 4.65 5.71
C GLU A 357 -34.08 5.56 6.55
N ASN A 358 -33.86 6.87 6.42
CA ASN A 358 -34.32 7.83 7.43
C ASN A 358 -35.83 8.01 7.48
N SER A 359 -36.58 7.52 6.51
CA SER A 359 -38.02 7.71 6.50
C SER A 359 -38.82 6.43 6.67
N ASN A 360 -38.24 5.27 6.40
CA ASN A 360 -38.94 4.00 6.54
C ASN A 360 -38.32 3.16 7.65
N THR A 361 -37.98 3.78 8.77
CA THR A 361 -37.42 3.00 9.85
C THR A 361 -38.31 3.16 11.07
N PRO A 362 -38.78 2.08 11.66
CA PRO A 362 -39.72 2.18 12.77
C PRO A 362 -39.03 2.53 14.08
N PHE A 363 -39.85 2.69 15.11
CA PHE A 363 -39.41 3.07 16.44
C PHE A 363 -39.98 2.12 17.46
N LEU A 364 -39.32 2.04 18.61
CA LEU A 364 -39.79 1.19 19.70
C LEU A 364 -41.07 1.73 20.30
N ASN A 365 -41.95 0.81 20.69
CA ASN A 365 -43.24 1.06 21.34
C ASN A 365 -44.15 1.92 20.47
N LYS A 366 -44.03 1.79 19.15
CA LYS A 366 -44.92 2.46 18.21
C LYS A 366 -45.69 1.46 17.38
N GLY A 367 -45.80 0.22 17.83
CA GLY A 367 -46.54 -0.81 17.14
C GLY A 367 -45.64 -1.75 16.36
N THR A 368 -46.25 -2.82 15.88
CA THR A 368 -45.53 -3.81 15.10
C THR A 368 -45.22 -3.26 13.71
N VAL A 369 -44.32 -3.94 13.00
CA VAL A 369 -43.64 -3.35 11.86
C VAL A 369 -43.88 -4.22 10.64
N ILE A 370 -44.40 -3.64 9.56
CA ILE A 370 -44.56 -4.36 8.31
C ILE A 370 -43.24 -4.30 7.54
N LYS A 371 -42.57 -5.44 7.43
CA LYS A 371 -41.26 -5.50 6.79
C LYS A 371 -41.44 -5.67 5.28
N VAL A 372 -40.99 -4.69 4.51
CA VAL A 372 -41.16 -4.65 3.07
C VAL A 372 -39.80 -4.63 2.41
N ASN A 373 -39.57 -5.50 1.44
CA ASN A 373 -38.32 -5.52 0.71
C ASN A 373 -38.59 -5.86 -0.75
N ALA A 374 -37.99 -5.09 -1.66
CA ALA A 374 -38.26 -5.29 -3.09
C ALA A 374 -37.65 -6.59 -3.59
N ASN A 375 -36.48 -6.95 -3.07
CA ASN A 375 -35.84 -8.19 -3.46
C ASN A 375 -36.46 -9.41 -2.80
N GLN A 376 -37.53 -9.20 -2.02
CA GLN A 376 -38.35 -10.24 -1.41
C GLN A 376 -37.53 -11.12 -0.47
N ARG A 377 -36.55 -10.50 0.17
CA ARG A 377 -36.01 -11.08 1.39
C ARG A 377 -37.09 -11.08 2.46
N TYR A 378 -37.88 -10.01 2.52
CA TYR A 378 -39.19 -10.02 3.15
C TYR A 378 -40.22 -10.00 2.03
N THR A 379 -41.17 -10.92 2.10
CA THR A 379 -42.05 -11.25 0.99
C THR A 379 -43.39 -10.53 1.05
N THR A 380 -43.41 -9.35 1.63
CA THR A 380 -44.63 -8.56 1.74
C THR A 380 -44.98 -7.91 0.41
N ASN A 381 -46.20 -8.15 -0.07
CA ASN A 381 -46.76 -7.44 -1.21
C ASN A 381 -47.92 -6.56 -0.74
N SER A 382 -48.54 -5.87 -1.68
CA SER A 382 -49.58 -4.91 -1.32
C SER A 382 -50.85 -5.61 -0.88
N ALA A 383 -51.09 -6.82 -1.37
CA ALA A 383 -52.29 -7.56 -0.98
C ALA A 383 -52.24 -7.93 0.50
N GLY A 384 -51.05 -8.15 1.03
CA GLY A 384 -50.93 -8.37 2.46
C GLY A 384 -51.06 -7.10 3.27
N ILE A 385 -50.59 -5.98 2.72
CA ILE A 385 -50.59 -4.72 3.47
C ILE A 385 -52.01 -4.23 3.71
N VAL A 386 -52.87 -4.37 2.70
CA VAL A 386 -54.26 -3.95 2.83
C VAL A 386 -54.99 -4.81 3.86
N LEU A 387 -54.65 -6.09 3.91
CA LEU A 387 -55.28 -6.98 4.88
C LEU A 387 -54.86 -6.62 6.30
N LEU A 388 -53.58 -6.41 6.53
CA LEU A 388 -53.12 -6.12 7.88
C LEU A 388 -53.26 -4.66 8.25
N LYS A 389 -53.55 -3.77 7.30
CA LYS A 389 -53.99 -2.44 7.70
C LYS A 389 -55.45 -2.47 8.14
N LYS A 390 -56.25 -3.36 7.55
CA LYS A 390 -57.62 -3.53 7.98
C LYS A 390 -57.69 -4.21 9.34
N VAL A 391 -56.76 -5.14 9.59
CA VAL A 391 -56.69 -5.81 10.89
C VAL A 391 -56.29 -4.82 11.97
N ALA A 392 -55.32 -3.95 11.68
CA ALA A 392 -54.89 -2.95 12.64
C ALA A 392 -55.96 -1.89 12.86
N GLN A 393 -56.78 -1.65 11.83
CA GLN A 393 -57.91 -0.75 12.00
C GLN A 393 -58.95 -1.37 12.93
N LEU A 394 -59.16 -2.68 12.82
CA LEU A 394 -60.13 -3.35 13.68
C LEU A 394 -59.61 -3.47 15.10
N ALA A 395 -58.31 -3.75 15.25
CA ALA A 395 -57.73 -3.92 16.58
C ALA A 395 -57.41 -2.61 17.26
N ASP A 396 -57.39 -1.50 16.51
CA ASP A 396 -56.99 -0.17 16.98
C ASP A 396 -55.60 -0.20 17.60
N VAL A 397 -54.64 -0.69 16.81
CA VAL A 397 -53.23 -0.66 17.21
C VAL A 397 -52.44 -0.01 16.08
N PRO A 398 -51.36 0.69 16.36
CA PRO A 398 -50.56 1.25 15.27
C PRO A 398 -49.67 0.20 14.64
N ILE A 399 -49.38 0.40 13.36
CA ILE A 399 -48.39 -0.41 12.65
C ILE A 399 -47.43 0.52 11.93
N GLN A 400 -46.20 0.06 11.77
CA GLN A 400 -45.14 0.79 11.09
C GLN A 400 -44.63 -0.04 9.92
N SER A 401 -43.66 0.52 9.21
CA SER A 401 -43.09 -0.14 8.05
C SER A 401 -41.58 -0.04 8.10
N PHE A 402 -40.91 -1.01 7.48
CA PHE A 402 -39.46 -1.06 7.45
C PHE A 402 -38.99 -1.44 6.05
N VAL A 403 -37.97 -0.74 5.57
CA VAL A 403 -37.17 -1.21 4.45
C VAL A 403 -35.71 -1.07 4.87
N VAL A 404 -34.85 -1.80 4.19
CA VAL A 404 -33.42 -1.65 4.41
C VAL A 404 -32.91 -0.55 3.51
N ARG A 405 -31.70 -0.08 3.78
CA ARG A 405 -31.04 0.78 2.82
C ARG A 405 -30.65 -0.01 1.58
N ASN A 406 -30.59 0.69 0.46
CA ASN A 406 -30.26 0.10 -0.81
C ASN A 406 -28.79 -0.27 -0.89
N ASP A 407 -27.94 0.39 -0.10
CA ASP A 407 -26.53 -0.01 -0.02
C ASP A 407 -26.28 -0.94 1.14
N SER A 408 -27.30 -1.67 1.56
CA SER A 408 -27.22 -2.58 2.69
C SER A 408 -27.73 -3.96 2.29
N PRO A 409 -27.10 -5.02 2.75
CA PRO A 409 -27.62 -6.36 2.49
C PRO A 409 -28.83 -6.65 3.36
N CYS A 410 -29.64 -7.59 2.90
CA CYS A 410 -30.80 -8.02 3.63
C CYS A 410 -30.84 -9.54 3.69
N GLY A 411 -31.22 -10.08 4.83
CA GLY A 411 -31.30 -11.52 5.02
C GLY A 411 -32.75 -11.99 4.93
N SER A 412 -32.94 -13.11 4.23
CA SER A 412 -34.27 -13.66 4.08
C SER A 412 -34.76 -14.26 5.39
N THR A 413 -36.06 -14.14 5.62
CA THR A 413 -36.72 -14.81 6.73
C THR A 413 -37.32 -16.10 6.22
N ILE A 414 -38.14 -16.74 7.07
CA ILE A 414 -38.79 -17.98 6.66
C ILE A 414 -39.98 -17.70 5.76
N GLY A 415 -40.46 -16.46 5.74
CA GLY A 415 -41.61 -16.05 4.98
C GLY A 415 -41.56 -16.29 3.48
N PRO A 416 -40.46 -15.90 2.81
CA PRO A 416 -40.35 -16.20 1.37
C PRO A 416 -40.39 -17.69 1.04
N LYS A 417 -39.80 -18.54 1.86
CA LYS A 417 -39.70 -19.92 1.45
C LYS A 417 -40.92 -20.71 1.89
N LEU A 418 -41.54 -20.29 2.99
CA LEU A 418 -42.84 -20.86 3.38
C LEU A 418 -43.92 -20.46 2.39
N ALA A 419 -43.78 -19.29 1.76
CA ALA A 419 -44.66 -18.93 0.67
C ALA A 419 -44.48 -19.84 -0.52
N ALA A 420 -43.25 -20.28 -0.77
CA ALA A 420 -42.97 -21.10 -1.94
C ALA A 420 -43.56 -22.49 -1.81
N MET A 421 -43.42 -23.12 -0.65
CA MET A 421 -43.90 -24.49 -0.53
C MET A 421 -45.40 -24.58 -0.31
N THR A 422 -46.05 -23.45 -0.06
CA THR A 422 -47.49 -23.44 0.13
C THR A 422 -48.23 -22.70 -0.97
N GLY A 423 -47.61 -21.74 -1.64
CA GLY A 423 -48.34 -20.92 -2.57
C GLY A 423 -49.25 -19.93 -1.89
N MET A 424 -48.98 -19.62 -0.64
CA MET A 424 -49.91 -18.91 0.21
C MET A 424 -49.54 -17.43 0.23
N ARG A 425 -50.55 -16.58 0.16
CA ARG A 425 -50.32 -15.14 0.28
C ARG A 425 -49.77 -14.83 1.66
N THR A 426 -48.83 -13.89 1.73
CA THR A 426 -48.06 -13.78 2.95
C THR A 426 -47.50 -12.38 3.15
N LEU A 427 -47.19 -12.09 4.41
CA LEU A 427 -46.58 -10.85 4.81
C LEU A 427 -45.56 -11.16 5.90
N ASP A 428 -44.45 -10.43 5.89
CA ASP A 428 -43.44 -10.54 6.94
C ASP A 428 -43.59 -9.35 7.86
N LEU A 429 -43.97 -9.60 9.11
CA LEU A 429 -44.00 -8.53 10.09
C LEU A 429 -43.24 -8.96 11.34
N GLY A 430 -43.11 -8.01 12.26
CA GLY A 430 -42.49 -8.30 13.53
C GLY A 430 -42.40 -7.03 14.35
N ASN A 431 -42.06 -7.21 15.60
CA ASN A 431 -41.99 -6.06 16.48
C ASN A 431 -40.59 -5.47 16.45
N PRO A 432 -40.45 -4.14 16.59
CA PRO A 432 -39.13 -3.54 16.45
C PRO A 432 -38.23 -3.82 17.64
N MET A 433 -36.93 -3.86 17.36
CA MET A 433 -35.94 -4.14 18.38
C MET A 433 -34.58 -3.65 17.89
N LEU A 434 -33.66 -3.51 18.83
CA LEU A 434 -32.27 -3.17 18.54
C LEU A 434 -31.35 -4.28 18.98
N SER A 435 -30.17 -4.31 18.36
CA SER A 435 -29.11 -5.29 18.58
C SER A 435 -29.62 -6.72 18.35
N MET A 436 -30.07 -6.97 17.13
CA MET A 436 -30.52 -8.31 16.78
C MET A 436 -29.32 -9.24 16.67
N HIS A 437 -29.52 -10.49 17.09
CA HIS A 437 -28.50 -11.54 17.18
C HIS A 437 -27.37 -11.16 18.13
N SER A 438 -27.67 -10.37 19.15
CA SER A 438 -26.72 -10.14 20.21
C SER A 438 -26.93 -11.14 21.33
N CYS A 439 -26.02 -11.13 22.30
CA CYS A 439 -26.19 -12.00 23.45
C CYS A 439 -27.31 -11.50 24.35
N ARG A 440 -27.44 -10.18 24.46
CA ARG A 440 -28.55 -9.55 25.17
C ARG A 440 -29.16 -8.52 24.24
N GLU A 441 -30.48 -8.49 24.20
CA GLU A 441 -31.21 -7.82 23.13
C GLU A 441 -32.25 -6.90 23.75
N MET A 442 -32.61 -5.83 23.03
CA MET A 442 -33.50 -4.81 23.58
C MET A 442 -34.67 -4.54 22.65
N CYS A 443 -35.88 -4.55 23.21
CA CYS A 443 -37.08 -4.19 22.49
C CYS A 443 -38.00 -3.43 23.44
N GLY A 444 -39.06 -2.86 22.88
CA GLY A 444 -40.01 -2.13 23.69
C GLY A 444 -40.98 -3.04 24.43
N SER A 445 -41.56 -2.51 25.51
CA SER A 445 -42.43 -3.33 26.34
C SER A 445 -43.90 -3.18 25.99
N LYS A 446 -44.30 -2.02 25.43
CA LYS A 446 -45.66 -1.89 24.92
C LYS A 446 -45.86 -2.74 23.68
N ASP A 447 -44.77 -3.06 22.99
CA ASP A 447 -44.84 -3.76 21.71
C ASP A 447 -45.34 -5.19 21.84
N PHE A 448 -45.23 -5.79 23.02
CA PHE A 448 -45.73 -7.15 23.21
C PHE A 448 -47.24 -7.18 23.22
N GLU A 449 -47.85 -6.20 23.87
CA GLU A 449 -49.31 -6.14 23.95
C GLU A 449 -49.91 -5.75 22.61
N TYR A 450 -49.21 -4.90 21.86
CA TYR A 450 -49.69 -4.48 20.54
C TYR A 450 -49.69 -5.64 19.56
N ALA A 451 -48.72 -6.54 19.70
CA ALA A 451 -48.65 -7.68 18.78
C ALA A 451 -49.72 -8.71 19.07
N VAL A 452 -50.02 -8.92 20.35
CA VAL A 452 -50.99 -9.93 20.73
C VAL A 452 -52.40 -9.48 20.35
N VAL A 453 -52.67 -8.19 20.50
CA VAL A 453 -53.98 -7.64 20.11
C VAL A 453 -54.14 -7.70 18.60
N LEU A 454 -53.08 -7.38 17.86
CA LEU A 454 -53.13 -7.43 16.41
C LEU A 454 -53.33 -8.85 15.90
N PHE A 455 -52.62 -9.81 16.49
CA PHE A 455 -52.67 -11.18 16.01
C PHE A 455 -54.00 -11.85 16.34
N SER A 456 -54.53 -11.58 17.54
CA SER A 456 -55.83 -12.12 17.90
C SER A 456 -56.92 -11.53 17.04
N SER A 457 -56.77 -10.26 16.65
CA SER A 457 -57.70 -9.67 15.70
C SER A 457 -57.50 -10.24 14.31
N PHE A 458 -56.27 -10.60 13.96
CA PHE A 458 -56.02 -11.25 12.68
C PHE A 458 -56.64 -12.63 12.66
N PHE A 459 -56.58 -13.35 13.78
CA PHE A 459 -57.16 -14.68 13.84
C PHE A 459 -58.68 -14.62 13.82
N GLN A 460 -59.27 -13.65 14.52
CA GLN A 460 -60.70 -13.60 14.66
C GLN A 460 -61.40 -12.99 13.45
N ASN A 461 -60.72 -12.13 12.70
CA ASN A 461 -61.35 -11.43 11.59
C ASN A 461 -60.74 -11.79 10.25
N PHE A 462 -60.08 -12.94 10.13
CA PHE A 462 -59.45 -13.28 8.85
C PHE A 462 -60.49 -13.61 7.79
N ALA A 463 -61.50 -14.40 8.15
CA ALA A 463 -62.43 -14.91 7.15
C ALA A 463 -63.29 -13.81 6.56
N ASN A 464 -63.59 -12.77 7.34
CA ASN A 464 -64.38 -11.68 6.80
C ASN A 464 -63.54 -10.79 5.89
N LEU A 465 -62.27 -10.58 6.23
CA LEU A 465 -61.50 -9.60 5.48
C LEU A 465 -60.76 -10.21 4.30
N GLU A 466 -60.70 -11.54 4.24
CA GLU A 466 -60.02 -12.24 3.16
C GLU A 466 -60.89 -12.27 1.90
N GLU A 467 -62.18 -12.01 2.07
CA GLU A 467 -63.11 -12.01 0.95
C GLU A 467 -63.27 -10.59 0.39
N LYS A 468 -62.73 -9.62 1.11
CA LYS A 468 -62.79 -8.24 0.72
C LYS A 468 -61.59 -7.79 -0.09
N ILE A 469 -60.55 -8.61 -0.21
CA ILE A 469 -59.39 -8.29 -1.02
C ILE A 469 -59.54 -9.06 -2.33
N ILE A 470 -59.72 -8.35 -3.42
CA ILE A 470 -60.07 -8.97 -4.69
C ILE A 470 -58.83 -8.92 -5.59
N ILE A 471 -58.09 -10.02 -5.62
CA ILE A 471 -57.07 -10.27 -6.62
C ILE A 471 -57.53 -11.51 -7.37
N ASP A 472 -57.15 -11.60 -8.66
CA ASP A 472 -57.39 -12.78 -9.50
C ASP A 472 -58.88 -13.07 -9.68
N GLU A 473 -59.61 -12.16 -10.30
CA GLU A 473 -60.98 -12.44 -10.68
C GLU A 473 -61.10 -12.67 -12.17
N GLY A 474 -62.31 -12.90 -12.66
CA GLY A 474 -62.51 -13.12 -14.08
C GLY A 474 -62.42 -11.82 -14.85
N PHE A 475 -62.33 -11.95 -16.17
CA PHE A 475 -62.12 -10.79 -17.04
C PHE A 475 -63.35 -10.56 -17.92
N SER A 493 -50.01 5.09 40.91
CA SER A 493 -48.95 4.62 40.02
C SER A 493 -48.69 3.12 40.23
N VAL A 494 -49.54 2.48 41.02
CA VAL A 494 -49.42 1.06 41.33
C VAL A 494 -50.73 0.39 40.93
N ALA A 495 -50.63 -0.74 40.24
CA ALA A 495 -51.79 -1.54 39.88
C ALA A 495 -51.68 -2.93 40.50
N CYS A 496 -52.66 -3.77 40.20
CA CYS A 496 -52.75 -5.12 40.75
C CYS A 496 -52.45 -6.15 39.66
N ASN A 497 -51.68 -7.18 40.03
CA ASN A 497 -51.32 -8.19 39.04
C ASN A 497 -52.49 -9.12 38.72
N THR A 498 -53.48 -9.22 39.61
CA THR A 498 -54.61 -10.09 39.33
C THR A 498 -55.63 -9.40 38.43
N CYS A 499 -56.20 -8.30 38.90
CA CYS A 499 -57.08 -7.47 38.09
C CYS A 499 -56.26 -6.29 37.59
N LEU A 500 -56.15 -6.15 36.28
CA LEU A 500 -55.22 -5.19 35.67
C LEU A 500 -55.83 -3.79 35.65
N LYS A 501 -55.96 -3.22 36.84
CA LYS A 501 -56.59 -1.92 37.03
C LYS A 501 -55.75 -1.09 37.99
N ILE A 502 -55.68 0.21 37.72
CA ILE A 502 -54.96 1.13 38.59
C ILE A 502 -55.80 1.32 39.85
N ILE A 503 -55.22 1.00 40.99
CA ILE A 503 -55.96 1.00 42.24
C ILE A 503 -55.99 2.42 42.77
N ARG A 504 -56.97 2.70 43.63
CA ARG A 504 -57.26 4.05 44.10
C ARG A 504 -57.22 4.12 45.62
N ASN A 505 -56.59 3.13 46.25
CA ASN A 505 -56.67 2.96 47.69
C ASN A 505 -55.41 2.25 48.16
N ASP A 506 -55.47 1.64 49.35
CA ASP A 506 -54.33 0.96 49.95
C ASP A 506 -53.86 -0.21 49.08
N SER A 507 -52.55 -0.42 49.09
CA SER A 507 -51.91 -1.47 48.31
C SER A 507 -51.21 -2.46 49.23
N PHE A 508 -51.33 -3.73 48.91
CA PHE A 508 -50.71 -4.80 49.68
C PHE A 508 -49.46 -5.26 48.94
N HIS A 509 -48.31 -4.89 49.47
CA HIS A 509 -47.04 -5.11 48.79
C HIS A 509 -46.40 -6.39 49.31
N CYS A 510 -46.20 -7.35 48.40
CA CYS A 510 -45.45 -8.55 48.73
C CYS A 510 -43.99 -8.17 48.96
N THR A 511 -43.51 -8.38 50.18
CA THR A 511 -42.12 -8.09 50.49
C THR A 511 -41.18 -9.19 50.03
N LYS A 512 -41.71 -10.32 49.58
CA LYS A 512 -40.89 -11.44 49.17
C LYS A 512 -40.65 -11.50 47.67
N CYS A 513 -41.61 -11.05 46.87
CA CYS A 513 -41.39 -10.89 45.44
C CYS A 513 -40.85 -9.49 45.18
N PHE A 514 -40.83 -9.08 43.91
CA PHE A 514 -40.25 -7.80 43.53
C PHE A 514 -41.31 -6.69 43.46
N ASP A 515 -42.32 -6.88 42.61
CA ASP A 515 -43.28 -5.82 42.29
C ASP A 515 -44.69 -6.37 42.18
N PHE A 516 -45.12 -7.16 43.17
CA PHE A 516 -46.33 -7.97 43.00
C PHE A 516 -47.60 -7.16 43.22
N ASP A 517 -47.80 -6.64 44.45
CA ASP A 517 -48.73 -5.54 44.76
C ASP A 517 -50.18 -5.85 44.41
N VAL A 518 -50.78 -6.78 45.16
CA VAL A 518 -52.22 -7.00 45.02
C VAL A 518 -53.02 -5.87 45.63
N CYS A 519 -54.32 -5.87 45.38
CA CYS A 519 -55.21 -4.77 45.73
C CYS A 519 -56.06 -5.13 46.94
N ARG A 520 -56.93 -4.18 47.30
CA ARG A 520 -57.91 -4.29 48.38
C ARG A 520 -58.82 -5.51 48.24
N ASP A 521 -59.44 -5.64 47.06
CA ASP A 521 -60.42 -6.69 46.86
C ASP A 521 -59.75 -8.05 46.70
N CYS A 522 -58.65 -8.10 45.96
CA CYS A 522 -58.00 -9.38 45.70
C CYS A 522 -57.24 -9.91 46.91
N TYR A 523 -56.94 -9.03 47.88
CA TYR A 523 -56.33 -9.49 49.12
C TYR A 523 -57.30 -10.35 49.92
N ALA A 524 -58.57 -9.92 49.97
CA ALA A 524 -59.59 -10.75 50.60
C ALA A 524 -60.04 -11.89 49.70
N LYS A 525 -59.80 -11.78 48.39
CA LYS A 525 -60.26 -12.78 47.43
C LYS A 525 -59.27 -13.94 47.31
N GLN A 526 -58.11 -13.85 47.98
CA GLN A 526 -57.08 -14.89 48.04
C GLN A 526 -56.54 -15.27 46.66
N ALA A 527 -56.42 -14.30 45.75
CA ALA A 527 -56.01 -14.57 44.37
C ALA A 527 -54.55 -14.23 44.11
N PHE A 528 -53.72 -14.24 45.15
CA PHE A 528 -52.32 -13.82 45.07
C PHE A 528 -51.33 -14.95 44.78
N LEU A 529 -51.60 -15.72 43.72
CA LEU A 529 -50.70 -16.80 43.32
C LEU A 529 -49.54 -16.30 42.44
N HIS A 530 -48.30 -16.42 42.95
CA HIS A 530 -47.09 -16.02 42.25
C HIS A 530 -45.96 -16.87 42.79
N PRO A 531 -44.76 -16.94 42.14
CA PRO A 531 -43.67 -17.77 42.69
C PRO A 531 -43.06 -17.27 43.99
N CYS A 532 -43.87 -17.23 45.05
CA CYS A 532 -43.39 -17.07 46.43
C CYS A 532 -44.28 -17.96 47.28
N PRO A 533 -43.72 -18.98 47.94
CA PRO A 533 -44.56 -19.90 48.73
C PRO A 533 -45.32 -19.26 49.88
N LYS A 534 -44.73 -18.32 50.60
CA LYS A 534 -45.48 -17.50 51.55
C LYS A 534 -45.09 -16.03 51.38
N PRO A 535 -46.01 -15.20 50.89
CA PRO A 535 -45.74 -13.78 50.76
C PRO A 535 -46.21 -12.97 51.96
N HIS A 536 -45.48 -11.90 52.23
CA HIS A 536 -45.83 -10.97 53.31
C HIS A 536 -46.34 -9.69 52.67
N PHE A 537 -47.62 -9.39 52.84
CA PHE A 537 -48.22 -8.22 52.24
C PHE A 537 -48.34 -7.11 53.26
N VAL A 538 -47.45 -6.13 53.16
CA VAL A 538 -47.54 -4.93 53.95
C VAL A 538 -48.49 -3.97 53.24
N LEU A 539 -49.33 -3.30 54.01
CA LEU A 539 -50.34 -2.41 53.47
C LEU A 539 -49.82 -0.97 53.44
N VAL A 540 -50.03 -0.32 52.29
CA VAL A 540 -49.35 0.93 51.96
C VAL A 540 -50.40 1.99 51.59
N ARG A 541 -50.25 3.18 52.18
CA ARG A 541 -51.12 4.33 51.89
C ARG A 541 -51.10 4.76 50.43
N SER A 542 -52.27 5.22 49.99
CA SER A 542 -52.54 5.81 48.67
C SER A 542 -52.14 4.92 47.51
N MET B 1 -25.02 -23.44 52.41
CA MET B 1 -23.85 -23.00 51.67
C MET B 1 -23.26 -24.21 50.98
N GLN B 2 -23.59 -24.34 49.69
CA GLN B 2 -23.25 -25.53 48.92
C GLN B 2 -21.74 -25.59 48.68
N LEU B 3 -21.14 -26.73 49.02
CA LEU B 3 -19.71 -26.96 48.86
C LEU B 3 -19.52 -28.07 47.85
N HIS B 4 -19.09 -27.70 46.64
CA HIS B 4 -19.03 -28.66 45.54
C HIS B 4 -17.80 -29.54 45.63
N GLY B 5 -16.64 -28.94 45.93
CA GLY B 5 -15.44 -29.74 46.13
C GLY B 5 -14.23 -28.92 46.53
N LYS B 6 -13.52 -29.37 47.57
CA LYS B 6 -12.35 -28.72 48.16
C LYS B 6 -12.65 -27.26 48.53
N MET B 7 -13.61 -27.10 49.44
CA MET B 7 -14.30 -25.81 49.52
C MET B 7 -14.13 -25.10 50.86
N THR B 8 -13.83 -25.84 51.93
CA THR B 8 -13.36 -25.48 53.27
C THR B 8 -14.24 -24.50 54.06
N ALA B 9 -15.40 -24.10 53.50
CA ALA B 9 -16.48 -23.38 54.18
C ALA B 9 -16.13 -22.01 54.75
N THR B 10 -14.88 -21.59 54.65
CA THR B 10 -14.43 -20.29 55.07
C THR B 10 -13.99 -19.43 53.90
N ALA B 11 -13.40 -20.06 52.88
CA ALA B 11 -13.11 -19.34 51.64
C ALA B 11 -14.39 -18.93 50.94
N LYS B 12 -15.41 -19.80 50.97
CA LYS B 12 -16.71 -19.43 50.41
C LYS B 12 -17.36 -18.32 51.21
N SER B 13 -17.27 -18.39 52.54
CA SER B 13 -17.91 -17.38 53.37
C SER B 13 -17.19 -16.04 53.26
N CYS B 14 -15.87 -16.07 53.08
CA CYS B 14 -15.15 -14.83 52.82
C CYS B 14 -15.49 -14.28 51.44
N ALA B 15 -15.68 -15.17 50.46
CA ALA B 15 -16.05 -14.72 49.12
C ALA B 15 -17.48 -14.22 49.09
N LEU B 16 -18.37 -14.84 49.86
CA LEU B 16 -19.75 -14.38 49.92
C LEU B 16 -19.85 -13.04 50.63
N ASP B 17 -18.94 -12.78 51.58
CA ASP B 17 -18.91 -11.48 52.22
C ASP B 17 -18.39 -10.41 51.27
N PHE B 18 -17.52 -10.80 50.33
CA PHE B 18 -17.09 -9.87 49.30
C PHE B 18 -18.23 -9.52 48.36
N LEU B 19 -19.08 -10.50 48.06
CA LEU B 19 -20.17 -10.29 47.12
C LEU B 19 -21.18 -9.29 47.66
N ASP B 20 -21.42 -9.30 48.97
CA ASP B 20 -22.27 -8.29 49.57
C ASP B 20 -21.61 -6.92 49.54
N PHE B 21 -20.28 -6.89 49.66
CA PHE B 21 -19.57 -5.62 49.70
C PHE B 21 -19.55 -4.96 48.32
N VAL B 22 -19.26 -5.73 47.28
CA VAL B 22 -19.07 -5.11 45.97
C VAL B 22 -20.41 -4.84 45.29
N ASN B 23 -21.47 -5.55 45.69
CA ASN B 23 -22.78 -5.25 45.15
C ASN B 23 -23.35 -3.98 45.74
N ALA B 24 -22.92 -3.59 46.93
CA ALA B 24 -23.36 -2.36 47.56
C ALA B 24 -22.43 -1.19 47.30
N SER B 25 -21.34 -1.41 46.57
CA SER B 25 -20.33 -0.38 46.36
C SER B 25 -19.99 -0.25 44.89
N PRO B 26 -20.81 0.45 44.12
CA PRO B 26 -20.47 0.67 42.71
C PRO B 26 -19.66 1.92 42.44
N THR B 27 -19.54 2.80 43.41
CA THR B 27 -18.80 4.05 43.26
C THR B 27 -17.75 4.08 44.35
N PRO B 28 -16.69 4.87 44.18
CA PRO B 28 -15.79 5.10 45.31
C PRO B 28 -16.46 5.76 46.49
N TYR B 29 -17.48 6.58 46.25
CA TYR B 29 -18.25 7.16 47.33
C TYR B 29 -19.01 6.10 48.10
N HIS B 30 -19.57 5.12 47.40
CA HIS B 30 -20.24 4.02 48.10
C HIS B 30 -19.21 3.09 48.72
N ALA B 31 -18.06 2.92 48.06
CA ALA B 31 -17.03 2.05 48.60
C ALA B 31 -16.49 2.56 49.92
N VAL B 32 -16.24 3.87 50.00
CA VAL B 32 -15.77 4.48 51.24
C VAL B 32 -16.86 4.42 52.30
N GLN B 33 -18.11 4.59 51.88
CA GLN B 33 -19.24 4.52 52.81
C GLN B 33 -19.39 3.11 53.40
N ASN B 34 -19.21 2.08 52.58
CA ASN B 34 -19.36 0.72 53.09
C ASN B 34 -18.14 0.30 53.92
N LEU B 35 -16.95 0.79 53.58
CA LEU B 35 -15.79 0.49 54.41
C LEU B 35 -15.90 1.14 55.77
N ALA B 36 -16.39 2.37 55.81
CA ALA B 36 -16.44 3.11 57.06
C ALA B 36 -17.51 2.57 57.98
N GLU B 37 -18.61 2.05 57.43
CA GLU B 37 -19.57 1.37 58.27
C GLU B 37 -18.99 0.08 58.84
N HIS B 38 -18.14 -0.59 58.07
CA HIS B 38 -17.47 -1.78 58.59
C HIS B 38 -16.43 -1.40 59.63
N TYR B 39 -15.79 -0.24 59.45
CA TYR B 39 -14.79 0.21 60.41
C TYR B 39 -15.42 0.59 61.74
N MET B 40 -16.52 1.36 61.70
CA MET B 40 -17.17 1.77 62.94
C MET B 40 -17.90 0.61 63.60
N SER B 41 -18.24 -0.42 62.83
CA SER B 41 -18.79 -1.62 63.44
C SER B 41 -17.72 -2.36 64.24
N HIS B 42 -16.47 -2.23 63.82
CA HIS B 42 -15.36 -2.87 64.52
C HIS B 42 -14.66 -1.91 65.48
N GLY B 43 -15.27 -0.78 65.79
CA GLY B 43 -14.80 0.08 66.85
C GLY B 43 -13.91 1.23 66.43
N PHE B 44 -13.79 1.51 65.14
CA PHE B 44 -12.96 2.61 64.69
C PHE B 44 -13.65 3.93 64.98
N GLN B 45 -12.85 4.99 65.09
CA GLN B 45 -13.36 6.33 65.36
C GLN B 45 -13.09 7.23 64.17
N TYR B 46 -14.07 8.04 63.81
CA TYR B 46 -13.90 8.98 62.72
C TYR B 46 -13.07 10.15 63.18
N LEU B 47 -12.12 10.56 62.34
CA LEU B 47 -11.32 11.74 62.58
C LEU B 47 -11.60 12.77 61.50
N SER B 48 -11.98 13.97 61.92
CA SER B 48 -12.08 15.07 60.99
C SER B 48 -10.68 15.59 60.71
N GLU B 49 -10.37 15.80 59.43
CA GLU B 49 -9.06 16.30 59.09
C GLU B 49 -8.95 17.80 59.37
N LYS B 50 -10.09 18.48 59.52
CA LYS B 50 -10.10 19.86 59.97
C LYS B 50 -9.63 20.02 61.41
N SER B 51 -9.77 18.99 62.22
CA SER B 51 -9.43 19.10 63.63
C SER B 51 -7.94 18.87 63.83
N ASP B 52 -7.51 19.08 65.07
CA ASP B 52 -6.14 18.83 65.48
C ASP B 52 -6.08 17.54 66.28
N TRP B 53 -5.16 16.66 65.93
CA TRP B 53 -5.14 15.32 66.47
C TRP B 53 -4.19 15.15 67.64
N GLN B 54 -3.70 16.24 68.22
CA GLN B 54 -2.74 16.12 69.32
C GLN B 54 -3.37 15.53 70.56
N SER B 55 -4.65 15.79 70.78
CA SER B 55 -5.36 15.27 71.94
C SER B 55 -6.42 14.25 71.57
N LYS B 56 -6.53 13.90 70.29
CA LYS B 56 -7.62 13.05 69.84
C LYS B 56 -7.20 11.61 69.62
N ILE B 57 -5.94 11.35 69.32
CA ILE B 57 -5.46 10.00 69.05
C ILE B 57 -4.56 9.57 70.19
N GLU B 58 -4.70 8.32 70.60
CA GLU B 58 -3.90 7.75 71.66
C GLU B 58 -3.63 6.30 71.31
N PRO B 59 -2.51 5.73 71.80
CA PRO B 59 -2.18 4.34 71.46
C PRO B 59 -3.20 3.34 71.98
N GLY B 60 -3.36 2.26 71.23
CA GLY B 60 -4.30 1.22 71.58
C GLY B 60 -5.67 1.34 70.93
N ASN B 61 -5.89 2.35 70.11
CA ASN B 61 -7.19 2.57 69.50
C ASN B 61 -7.07 2.64 67.99
N SER B 62 -8.22 2.58 67.33
CA SER B 62 -8.30 2.55 65.87
C SER B 62 -9.10 3.73 65.37
N TYR B 63 -8.60 4.35 64.31
CA TYR B 63 -9.14 5.57 63.74
C TYR B 63 -9.20 5.45 62.23
N PHE B 64 -10.05 6.27 61.61
CA PHE B 64 -10.05 6.39 60.17
C PHE B 64 -10.36 7.83 59.79
N VAL B 65 -9.82 8.25 58.65
CA VAL B 65 -9.98 9.61 58.15
C VAL B 65 -10.41 9.51 56.70
N THR B 66 -11.11 10.53 56.22
CA THR B 66 -11.73 10.49 54.90
C THR B 66 -11.49 11.80 54.18
N ARG B 67 -11.13 11.71 52.90
CA ARG B 67 -10.91 12.87 52.05
C ARG B 67 -11.87 12.79 50.87
N ASN B 68 -12.69 13.83 50.70
CA ASN B 68 -13.63 14.02 49.59
C ASN B 68 -14.71 12.93 49.56
N LYS B 69 -14.90 12.20 50.67
CA LYS B 69 -15.77 11.04 50.81
C LYS B 69 -15.49 9.95 49.77
N SER B 70 -14.27 9.92 49.22
CA SER B 70 -13.90 9.00 48.17
C SER B 70 -12.54 8.38 48.37
N SER B 71 -11.71 8.91 49.27
CA SER B 71 -10.51 8.24 49.73
C SER B 71 -10.60 8.09 51.24
N ILE B 72 -10.21 6.93 51.73
CA ILE B 72 -10.28 6.65 53.15
C ILE B 72 -8.96 6.04 53.60
N ILE B 73 -8.49 6.48 54.76
CA ILE B 73 -7.29 5.94 55.38
C ILE B 73 -7.68 5.49 56.77
N ALA B 74 -7.59 4.20 57.05
CA ALA B 74 -7.85 3.68 58.38
C ALA B 74 -6.55 3.20 58.99
N PHE B 75 -6.35 3.55 60.25
CA PHE B 75 -5.12 3.15 60.91
C PHE B 75 -5.42 2.74 62.34
N SER B 76 -4.74 1.70 62.80
CA SER B 76 -4.82 1.24 64.18
C SER B 76 -3.46 1.42 64.82
N ILE B 77 -3.42 2.12 65.94
CA ILE B 77 -2.19 2.41 66.65
C ILE B 77 -2.03 1.39 67.76
N GLY B 78 -0.90 0.70 67.78
CA GLY B 78 -0.65 -0.28 68.82
C GLY B 78 -0.42 0.38 70.16
N LYS B 79 -0.66 -0.39 71.22
CA LYS B 79 -0.51 0.13 72.57
C LYS B 79 0.95 0.40 72.90
N LYS B 80 1.84 -0.45 72.43
CA LYS B 80 3.27 -0.30 72.66
C LYS B 80 3.95 0.56 71.61
N TRP B 81 3.19 1.39 70.90
CA TRP B 81 3.75 2.20 69.82
C TRP B 81 4.28 3.51 70.38
N LYS B 82 5.48 3.84 70.02
CA LYS B 82 6.09 5.12 70.29
C LYS B 82 6.19 5.92 68.99
N PRO B 83 6.15 7.25 69.06
CA PRO B 83 6.37 8.04 67.85
C PRO B 83 7.80 7.87 67.34
N GLY B 84 7.92 7.32 66.15
CA GLY B 84 9.22 6.98 65.60
C GLY B 84 9.26 5.54 65.15
N ASN B 85 8.31 4.74 65.63
CA ASN B 85 8.21 3.36 65.19
C ASN B 85 7.60 3.29 63.80
N GLY B 86 7.75 2.15 63.16
CA GLY B 86 7.37 2.01 61.78
C GLY B 86 5.87 1.88 61.56
N PHE B 87 5.52 1.84 60.28
CA PHE B 87 4.14 1.69 59.84
C PHE B 87 4.03 0.45 58.97
N SER B 88 2.97 -0.32 59.16
CA SER B 88 2.67 -1.43 58.27
C SER B 88 1.46 -1.02 57.44
N ILE B 89 1.69 -0.71 56.16
CA ILE B 89 0.72 -0.04 55.32
C ILE B 89 0.34 -0.94 54.16
N ILE B 90 -0.96 -1.13 53.95
CA ILE B 90 -1.47 -1.87 52.81
C ILE B 90 -2.40 -0.95 52.04
N ALA B 91 -1.97 -0.50 50.86
CA ALA B 91 -2.65 0.54 50.11
C ALA B 91 -3.39 -0.06 48.92
N THR B 92 -4.67 0.26 48.80
CA THR B 92 -5.52 -0.10 47.66
C THR B 92 -6.08 1.16 47.03
N HIS B 93 -6.98 0.98 46.04
CA HIS B 93 -7.68 2.10 45.44
C HIS B 93 -9.14 1.73 45.27
N THR B 94 -10.02 2.71 45.45
CA THR B 94 -11.45 2.43 45.44
C THR B 94 -12.10 2.58 44.07
N ASP B 95 -11.41 3.13 43.09
CA ASP B 95 -12.07 3.45 41.84
C ASP B 95 -11.88 2.34 40.81
N SER B 96 -12.70 2.40 39.76
CA SER B 96 -12.69 1.43 38.68
C SER B 96 -13.00 2.16 37.39
N PRO B 97 -12.57 1.62 36.24
CA PRO B 97 -12.91 2.26 34.96
C PRO B 97 -14.40 2.18 34.68
N THR B 98 -14.97 3.29 34.26
CA THR B 98 -16.41 3.44 34.12
C THR B 98 -16.71 4.63 33.24
N LEU B 99 -17.99 5.03 33.20
CA LEU B 99 -18.46 6.16 32.43
C LEU B 99 -19.14 7.15 33.37
N ARG B 100 -18.75 8.42 33.29
CA ARG B 100 -19.39 9.49 34.04
C ARG B 100 -20.32 10.29 33.16
N LEU B 101 -21.41 10.76 33.76
CA LEU B 101 -22.32 11.66 33.08
C LEU B 101 -21.66 13.01 32.86
N LYS B 102 -21.91 13.59 31.70
CA LYS B 102 -21.39 14.91 31.39
C LYS B 102 -22.17 15.98 32.16
N PRO B 103 -21.61 17.17 32.33
CA PRO B 103 -22.38 18.27 32.95
C PRO B 103 -23.64 18.65 32.19
N LYS B 104 -23.60 18.61 30.86
CA LYS B 104 -24.80 18.75 30.03
C LYS B 104 -25.04 17.35 29.49
N SER B 105 -25.73 16.54 30.28
CA SER B 105 -25.92 15.14 29.92
C SER B 105 -27.19 14.89 29.14
N GLN B 106 -27.98 15.93 28.85
CA GLN B 106 -29.22 15.72 28.13
C GLN B 106 -28.94 15.52 26.65
N LYS B 107 -29.36 14.38 26.13
CA LYS B 107 -29.23 14.08 24.71
C LYS B 107 -30.52 13.44 24.23
N SER B 108 -30.93 13.78 23.02
CA SER B 108 -32.11 13.18 22.44
C SER B 108 -31.89 12.98 20.96
N ALA B 109 -32.23 11.80 20.47
CA ALA B 109 -32.08 11.50 19.05
C ALA B 109 -33.13 10.49 18.65
N TYR B 110 -34.00 10.90 17.74
CA TYR B 110 -34.97 10.05 17.04
C TYR B 110 -35.91 9.36 18.03
N GLY B 111 -36.44 10.15 18.95
CA GLY B 111 -37.37 9.65 19.92
C GLY B 111 -36.76 8.99 21.11
N TYR B 112 -35.44 8.87 21.16
CA TYR B 112 -34.81 8.17 22.27
C TYR B 112 -34.15 9.19 23.17
N LEU B 113 -34.30 9.00 24.46
CA LEU B 113 -33.58 9.78 25.44
C LEU B 113 -32.21 9.13 25.64
N GLN B 114 -31.15 9.92 25.50
CA GLN B 114 -29.81 9.42 25.75
C GLN B 114 -29.14 10.28 26.79
N VAL B 115 -28.11 9.74 27.42
CA VAL B 115 -27.27 10.52 28.33
C VAL B 115 -25.89 10.64 27.72
N GLY B 116 -25.29 11.81 27.89
CA GLY B 116 -23.96 12.02 27.37
C GLY B 116 -22.93 11.59 28.38
N VAL B 117 -22.14 10.58 28.05
CA VAL B 117 -21.22 10.02 29.01
C VAL B 117 -19.79 10.32 28.57
N GLU B 118 -18.87 10.16 29.50
CA GLU B 118 -17.46 10.41 29.26
C GLU B 118 -16.65 9.34 29.96
N LYS B 119 -15.61 8.87 29.28
CA LYS B 119 -14.87 7.70 29.73
C LYS B 119 -13.98 8.03 30.92
N TYR B 120 -13.81 7.05 31.80
CA TYR B 120 -12.95 7.22 32.96
C TYR B 120 -12.02 6.01 32.95
N GLY B 121 -10.73 6.26 32.92
CA GLY B 121 -9.76 5.19 32.99
C GLY B 121 -9.63 4.43 31.70
N GLY B 122 -8.76 3.44 31.72
CA GLY B 122 -8.55 2.61 30.55
C GLY B 122 -9.42 1.39 30.54
N GLY B 123 -10.73 1.58 30.44
CA GLY B 123 -11.63 0.44 30.42
C GLY B 123 -11.65 -0.26 29.09
N ILE B 124 -11.96 -1.55 29.12
CA ILE B 124 -12.20 -2.32 27.91
C ILE B 124 -13.60 -1.97 27.43
N TRP B 125 -13.68 -1.09 26.43
CA TRP B 125 -14.96 -0.42 26.21
C TRP B 125 -15.93 -1.25 25.38
N HIS B 126 -15.46 -2.30 24.71
CA HIS B 126 -16.43 -3.10 23.97
C HIS B 126 -17.21 -4.03 24.88
N THR B 127 -16.72 -4.28 26.09
CA THR B 127 -17.45 -5.11 27.03
C THR B 127 -18.63 -4.39 27.66
N TRP B 128 -18.70 -3.07 27.51
CA TRP B 128 -19.81 -2.30 28.05
C TRP B 128 -21.02 -2.33 27.14
N PHE B 129 -20.89 -2.85 25.93
CA PHE B 129 -22.00 -2.92 25.01
C PHE B 129 -22.98 -3.99 25.45
N ASP B 130 -24.28 -3.70 25.26
CA ASP B 130 -25.38 -4.63 25.49
C ASP B 130 -25.42 -5.14 26.92
N ARG B 131 -25.12 -4.26 27.86
CA ARG B 131 -25.14 -4.59 29.28
C ARG B 131 -26.26 -3.84 29.97
N ASP B 132 -26.84 -4.46 30.98
CA ASP B 132 -27.70 -3.73 31.88
C ASP B 132 -26.81 -2.82 32.71
N LEU B 133 -27.07 -1.52 32.65
CA LEU B 133 -26.24 -0.55 33.32
C LEU B 133 -27.04 0.16 34.40
N SER B 134 -26.46 0.24 35.60
CA SER B 134 -27.04 0.98 36.70
C SER B 134 -26.38 2.34 36.80
N LEU B 135 -27.02 3.22 37.57
CA LEU B 135 -26.54 4.57 37.76
C LEU B 135 -26.34 4.81 39.25
N ALA B 136 -25.18 5.35 39.60
CA ALA B 136 -24.85 5.56 41.01
C ALA B 136 -23.86 6.70 41.12
N GLY B 137 -23.73 7.24 42.32
CA GLY B 137 -22.83 8.33 42.55
C GLY B 137 -23.25 9.20 43.71
N ARG B 138 -22.70 10.40 43.78
CA ARG B 138 -23.05 11.34 44.83
C ARG B 138 -23.74 12.55 44.22
N VAL B 139 -24.71 13.09 44.94
CA VAL B 139 -25.55 14.18 44.45
C VAL B 139 -25.50 15.32 45.46
N MET B 140 -25.18 16.52 45.00
CA MET B 140 -25.23 17.71 45.83
C MET B 140 -26.64 18.26 45.85
N VAL B 141 -27.19 18.43 47.05
CA VAL B 141 -28.56 18.90 47.26
C VAL B 141 -28.51 20.17 48.08
N GLU B 142 -29.12 21.23 47.57
CA GLU B 142 -29.32 22.44 48.35
C GLU B 142 -30.40 22.24 49.39
N GLU B 143 -30.24 22.88 50.53
CA GLU B 143 -31.33 23.01 51.50
C GLU B 143 -31.65 24.47 51.74
N GLU B 144 -32.64 24.71 52.59
CA GLU B 144 -33.32 26.00 52.62
C GLU B 144 -32.45 27.10 53.19
N ASP B 145 -31.47 26.76 54.02
CA ASP B 145 -30.59 27.74 54.60
C ASP B 145 -29.35 28.00 53.75
N GLY B 146 -29.25 27.37 52.59
CA GLY B 146 -28.16 27.61 51.67
C GLY B 146 -27.06 26.58 51.71
N ARG B 147 -26.98 25.76 52.75
CA ARG B 147 -25.92 24.78 52.81
C ARG B 147 -26.20 23.62 51.87
N VAL B 148 -25.14 23.03 51.35
CA VAL B 148 -25.22 21.96 50.36
C VAL B 148 -24.49 20.75 50.90
N ILE B 149 -25.19 19.62 50.95
CA ILE B 149 -24.66 18.39 51.52
C ILE B 149 -24.65 17.30 50.45
N GLN B 150 -23.83 16.29 50.68
CA GLN B 150 -23.61 15.24 49.69
C GLN B 150 -24.45 14.01 50.04
N TYR B 151 -25.21 13.54 49.07
CA TYR B 151 -26.05 12.36 49.17
C TYR B 151 -25.60 11.32 48.16
N ASN B 152 -25.25 10.13 48.66
CA ASN B 152 -24.92 9.02 47.79
C ASN B 152 -26.20 8.38 47.30
N VAL B 153 -26.30 8.13 46.00
CA VAL B 153 -27.49 7.57 45.39
C VAL B 153 -27.12 6.30 44.65
N HIS B 154 -27.92 5.26 44.85
CA HIS B 154 -27.76 4.02 44.10
C HIS B 154 -29.07 3.76 43.38
N ILE B 155 -29.03 3.54 42.08
CA ILE B 155 -30.22 3.14 41.34
C ILE B 155 -30.00 1.70 40.88
N ASP B 156 -30.44 0.77 41.72
CA ASP B 156 -30.23 -0.67 41.50
C ASP B 156 -31.32 -1.27 40.63
N ARG B 157 -31.28 -0.91 39.36
CA ARG B 157 -32.15 -1.51 38.35
C ARG B 157 -31.50 -1.29 36.98
N PRO B 158 -31.89 -2.08 35.97
CA PRO B 158 -31.38 -1.82 34.62
C PRO B 158 -31.94 -0.52 34.10
N LEU B 159 -31.08 0.47 33.97
CA LEU B 159 -31.51 1.83 33.73
C LEU B 159 -30.93 2.40 32.45
N LEU B 160 -29.73 1.98 32.10
CA LEU B 160 -29.06 2.41 30.88
C LEU B 160 -28.64 1.18 30.08
N ARG B 161 -28.41 1.40 28.79
CA ARG B 161 -27.86 0.36 27.93
C ARG B 161 -27.19 0.98 26.71
N ILE B 162 -25.99 0.52 26.38
CA ILE B 162 -25.37 0.88 25.12
C ILE B 162 -25.60 -0.26 24.13
N PRO B 163 -26.49 -0.10 23.16
CA PRO B 163 -26.81 -1.22 22.27
C PRO B 163 -25.90 -1.24 21.04
N THR B 164 -25.58 -2.45 20.60
CA THR B 164 -24.83 -2.59 19.37
C THR B 164 -25.74 -2.47 18.15
N LEU B 165 -25.13 -2.25 17.00
CA LEU B 165 -25.84 -2.39 15.74
C LEU B 165 -26.06 -3.86 15.48
N ALA B 166 -27.18 -4.19 14.84
CA ALA B 166 -27.45 -5.57 14.46
C ALA B 166 -26.46 -6.04 13.40
N ILE B 167 -26.26 -7.36 13.35
CA ILE B 167 -25.22 -7.91 12.49
C ILE B 167 -25.64 -7.90 11.03
N HIS B 168 -26.94 -7.73 10.76
CA HIS B 168 -27.42 -7.69 9.39
C HIS B 168 -27.00 -6.41 8.72
N LEU B 169 -26.82 -5.36 9.50
CA LEU B 169 -26.61 -4.01 9.01
C LEU B 169 -25.14 -3.68 8.86
N ASP B 170 -24.27 -4.47 9.49
CA ASP B 170 -22.83 -4.38 9.35
C ASP B 170 -22.25 -5.75 9.63
N PRO B 171 -22.10 -6.61 8.62
CA PRO B 171 -21.52 -7.93 8.85
C PRO B 171 -20.04 -7.90 9.14
N SER B 172 -19.37 -6.76 8.89
CA SER B 172 -17.94 -6.63 9.16
C SER B 172 -17.63 -6.52 10.65
N ALA B 173 -18.63 -6.41 11.51
CA ALA B 173 -18.38 -6.32 12.94
C ALA B 173 -17.83 -7.62 13.52
N ASN B 174 -18.14 -8.75 12.89
CA ASN B 174 -17.59 -10.02 13.35
C ASN B 174 -16.12 -10.16 12.97
N SER B 175 -15.70 -9.51 11.89
CA SER B 175 -14.28 -9.55 11.53
C SER B 175 -13.46 -8.72 12.51
N SER B 176 -13.88 -7.49 12.79
CA SER B 176 -13.19 -6.63 13.74
C SER B 176 -14.18 -5.58 14.20
N PHE B 177 -14.39 -5.50 15.51
CA PHE B 177 -15.37 -4.58 16.07
C PHE B 177 -14.68 -3.29 16.48
N SER B 178 -15.05 -2.20 15.84
CA SER B 178 -14.56 -0.88 16.20
C SER B 178 -15.74 0.08 16.25
N PHE B 179 -15.60 1.12 17.05
CA PHE B 179 -16.71 2.04 17.25
C PHE B 179 -16.19 3.41 17.64
N ASN B 180 -16.88 4.45 17.18
CA ASN B 180 -16.50 5.80 17.54
C ASN B 180 -16.92 6.10 18.96
N MET B 181 -16.04 6.77 19.69
CA MET B 181 -16.13 6.81 21.14
C MET B 181 -17.13 7.86 21.65
N GLU B 182 -17.50 8.86 20.85
CA GLU B 182 -18.78 9.56 20.99
C GLU B 182 -19.95 8.87 20.35
N THR B 183 -20.01 8.93 19.03
CA THR B 183 -21.26 8.84 18.30
C THR B 183 -21.90 7.47 18.39
N GLU B 184 -21.09 6.44 18.61
CA GLU B 184 -21.61 5.09 18.72
C GLU B 184 -21.52 4.52 20.13
N PHE B 185 -21.15 5.33 21.12
CA PHE B 185 -21.02 4.87 22.51
C PHE B 185 -21.90 5.69 23.44
N VAL B 186 -23.14 5.94 23.04
CA VAL B 186 -24.06 6.74 23.85
C VAL B 186 -25.12 5.80 24.43
N PRO B 187 -25.19 5.66 25.75
CA PRO B 187 -26.22 4.80 26.35
C PRO B 187 -27.60 5.42 26.26
N LEU B 188 -28.60 4.57 26.43
CA LEU B 188 -29.99 4.93 26.28
C LEU B 188 -30.69 4.85 27.63
N ILE B 189 -31.30 5.96 28.03
CA ILE B 189 -32.04 6.00 29.29
C ILE B 189 -33.52 5.71 29.09
N GLY B 190 -34.10 6.08 27.96
CA GLY B 190 -35.50 5.77 27.74
C GLY B 190 -36.03 6.38 26.45
N LEU B 191 -37.34 6.44 26.36
CA LEU B 191 -38.05 6.92 25.19
C LEU B 191 -38.77 8.20 25.54
N GLU B 192 -38.73 9.18 24.64
CA GLU B 192 -39.35 10.46 24.97
C GLU B 192 -40.79 10.58 24.50
N ASN B 193 -41.35 9.54 23.89
CA ASN B 193 -42.74 9.63 23.44
C ASN B 193 -43.74 9.49 24.58
N GLU B 194 -43.28 9.13 25.78
CA GLU B 194 -44.16 8.76 26.87
C GLU B 194 -43.86 9.56 28.14
N LEU B 195 -43.11 10.64 28.01
CA LEU B 195 -42.90 11.57 29.11
C LEU B 195 -43.67 12.88 28.91
N ALA B 196 -44.78 12.83 28.19
CA ALA B 196 -45.42 14.04 27.71
C ALA B 196 -46.41 14.60 28.74
N LYS B 197 -46.07 14.48 30.01
CA LYS B 197 -46.85 15.09 31.08
C LYS B 197 -46.91 16.61 30.92
N GLU B 198 -45.80 17.21 30.55
CA GLU B 198 -45.80 18.60 30.09
C GLU B 198 -44.98 18.69 28.82
N GLU B 199 -45.57 19.23 27.76
CA GLU B 199 -44.88 19.39 26.48
C GLU B 199 -44.31 20.80 26.32
N THR B 200 -43.56 21.26 27.30
CA THR B 200 -42.90 22.56 27.26
C THR B 200 -41.48 22.40 27.79
N SER B 201 -40.75 23.50 27.83
CA SER B 201 -39.41 23.53 28.40
C SER B 201 -39.28 24.51 29.55
N ASP B 202 -39.90 25.69 29.43
CA ASP B 202 -39.98 26.80 30.40
C ASP B 202 -38.64 27.50 30.64
N ASN B 203 -37.57 26.97 30.04
CA ASN B 203 -36.22 27.52 30.01
C ASN B 203 -35.43 26.67 29.01
N GLY B 204 -34.62 27.32 28.19
CA GLY B 204 -33.89 26.62 27.15
C GLY B 204 -32.77 25.78 27.72
N ASP B 205 -32.75 24.48 27.36
CA ASP B 205 -31.60 23.58 27.52
C ASP B 205 -31.20 23.41 28.99
N LYS B 206 -32.07 22.73 29.73
CA LYS B 206 -31.69 22.15 31.01
C LYS B 206 -30.50 21.22 30.86
N TYR B 207 -29.72 21.10 31.93
CA TYR B 207 -28.47 20.35 31.85
C TYR B 207 -28.71 18.85 31.73
N HIS B 208 -29.72 18.33 32.41
CA HIS B 208 -30.01 16.91 32.38
C HIS B 208 -31.48 16.71 32.06
N HIS B 209 -31.84 15.45 31.83
CA HIS B 209 -33.22 15.10 31.61
C HIS B 209 -34.00 15.33 32.90
N PRO B 210 -35.15 16.02 32.85
CA PRO B 210 -35.95 16.22 34.06
C PRO B 210 -36.48 14.93 34.63
N VAL B 211 -36.66 13.91 33.80
CA VAL B 211 -37.09 12.60 34.29
C VAL B 211 -35.95 11.93 35.05
N LEU B 212 -34.70 12.23 34.68
CA LEU B 212 -33.56 11.68 35.41
C LEU B 212 -33.41 12.36 36.76
N LEU B 213 -33.64 13.67 36.81
CA LEU B 213 -33.55 14.40 38.07
C LEU B 213 -34.69 14.01 39.01
N SER B 214 -35.84 13.64 38.45
CA SER B 214 -36.94 13.19 39.27
C SER B 214 -36.64 11.84 39.91
N LEU B 215 -35.95 10.96 39.19
CA LEU B 215 -35.60 9.67 39.75
C LEU B 215 -34.52 9.81 40.81
N LEU B 216 -33.56 10.71 40.60
CA LEU B 216 -32.52 10.96 41.59
C LEU B 216 -33.10 11.55 42.86
N ALA B 217 -34.06 12.47 42.73
CA ALA B 217 -34.69 13.05 43.89
C ALA B 217 -35.58 12.04 44.60
N ASN B 218 -36.19 11.12 43.84
CA ASN B 218 -37.05 10.13 44.45
C ASN B 218 -36.24 9.07 45.17
N GLU B 219 -35.08 8.70 44.63
CA GLU B 219 -34.26 7.67 45.24
C GLU B 219 -33.60 8.17 46.51
N ILE B 220 -33.25 9.46 46.52
CA ILE B 220 -32.76 10.10 47.74
C ILE B 220 -33.85 10.14 48.81
N SER B 221 -35.07 10.51 48.42
CA SER B 221 -36.12 10.75 49.39
C SER B 221 -36.64 9.45 50.01
N LYS B 222 -36.27 8.31 49.45
CA LYS B 222 -36.63 7.04 50.05
C LYS B 222 -35.93 6.82 51.38
N SER B 223 -34.73 7.37 51.54
CA SER B 223 -33.95 7.19 52.75
C SER B 223 -34.03 8.36 53.71
N LEU B 224 -34.93 9.30 53.46
CA LEU B 224 -35.08 10.46 54.32
C LEU B 224 -36.52 10.59 54.80
N GLU B 225 -36.68 11.30 55.90
CA GLU B 225 -38.02 11.58 56.39
C GLU B 225 -38.74 12.57 55.50
N THR B 226 -38.03 13.60 55.04
CA THR B 226 -38.61 14.60 54.16
C THR B 226 -38.52 14.14 52.71
N THR B 227 -38.97 15.00 51.81
CA THR B 227 -38.85 14.77 50.38
C THR B 227 -37.93 15.81 49.77
N ILE B 228 -37.40 15.49 48.60
CA ILE B 228 -36.49 16.37 47.88
C ILE B 228 -37.11 16.66 46.52
N ASP B 229 -37.31 17.92 46.22
CA ASP B 229 -37.69 18.22 44.85
C ASP B 229 -36.48 18.24 43.94
N PRO B 230 -36.64 17.95 42.65
CA PRO B 230 -35.47 17.91 41.75
C PRO B 230 -34.83 19.27 41.50
N SER B 231 -35.50 20.37 41.83
CA SER B 231 -34.92 21.68 41.59
C SER B 231 -33.78 21.99 42.55
N LYS B 232 -33.72 21.32 43.71
CA LYS B 232 -32.67 21.58 44.68
C LYS B 232 -31.42 20.75 44.43
N ILE B 233 -31.40 19.90 43.40
CA ILE B 233 -30.20 19.16 43.04
C ILE B 233 -29.29 20.11 42.27
N VAL B 234 -28.07 20.28 42.75
CA VAL B 234 -27.19 21.27 42.13
C VAL B 234 -26.31 20.62 41.07
N ASP B 235 -25.49 19.66 41.46
CA ASP B 235 -24.57 19.02 40.52
C ASP B 235 -24.23 17.64 41.08
N PHE B 236 -23.78 16.74 40.21
CA PHE B 236 -23.47 15.40 40.67
C PHE B 236 -22.32 14.80 39.86
N GLU B 237 -21.63 13.84 40.45
CA GLU B 237 -20.92 12.80 39.70
C GLU B 237 -21.82 11.58 39.70
N LEU B 238 -22.13 11.08 38.51
CA LEU B 238 -22.88 9.85 38.39
C LEU B 238 -22.07 8.83 37.61
N ILE B 239 -21.95 7.65 38.17
CA ILE B 239 -21.14 6.58 37.63
C ILE B 239 -22.06 5.54 37.04
N LEU B 240 -21.79 5.16 35.79
CA LEU B 240 -22.41 3.99 35.21
C LEU B 240 -21.61 2.75 35.54
N GLY B 241 -22.22 1.82 36.25
CA GLY B 241 -21.65 0.51 36.45
C GLY B 241 -22.55 -0.53 35.83
N ASP B 242 -22.07 -1.77 35.83
CA ASP B 242 -22.83 -2.90 35.35
C ASP B 242 -23.90 -3.08 36.42
N ALA B 243 -25.15 -3.19 35.99
CA ALA B 243 -26.27 -3.30 36.93
C ALA B 243 -26.37 -4.67 37.54
N GLU B 244 -25.62 -5.64 37.06
CA GLU B 244 -25.86 -7.00 37.47
C GLU B 244 -25.00 -7.41 38.65
N LYS B 245 -25.64 -8.02 39.64
CA LYS B 245 -25.02 -8.41 40.89
C LYS B 245 -23.85 -9.36 40.69
N ALA B 246 -22.83 -9.17 41.51
CA ALA B 246 -21.72 -10.10 41.55
C ALA B 246 -22.13 -11.38 42.23
N ARG B 247 -21.72 -12.50 41.63
CA ARG B 247 -22.05 -13.81 42.17
C ARG B 247 -21.05 -14.84 41.68
N LEU B 248 -20.96 -15.93 42.43
CA LEU B 248 -19.93 -16.94 42.21
C LEU B 248 -20.24 -17.73 40.96
N GLY B 249 -19.18 -18.08 40.22
CA GLY B 249 -19.34 -18.78 38.97
C GLY B 249 -18.39 -19.96 38.87
N GLY B 250 -18.62 -20.76 37.84
CA GLY B 250 -17.80 -21.94 37.62
C GLY B 250 -18.55 -23.22 37.97
N ILE B 251 -17.92 -24.34 37.64
CA ILE B 251 -18.52 -25.65 37.88
C ILE B 251 -18.57 -25.94 39.37
N HIS B 252 -17.64 -25.39 40.15
CA HIS B 252 -17.53 -25.65 41.57
C HIS B 252 -17.61 -24.37 42.38
N GLU B 253 -18.12 -23.29 41.78
CA GLU B 253 -18.15 -21.95 42.36
C GLU B 253 -16.77 -21.48 42.78
N GLU B 254 -15.78 -21.77 41.95
CA GLU B 254 -14.41 -21.36 42.22
C GLU B 254 -14.04 -20.04 41.56
N PHE B 255 -14.97 -19.42 40.84
CA PHE B 255 -14.73 -18.12 40.24
C PHE B 255 -15.63 -17.08 40.88
N VAL B 256 -15.23 -15.82 40.77
CA VAL B 256 -16.04 -14.70 41.18
C VAL B 256 -16.27 -13.83 39.96
N PHE B 257 -17.51 -13.75 39.50
CA PHE B 257 -17.86 -12.92 38.36
C PHE B 257 -18.39 -11.61 38.92
N SER B 258 -17.71 -10.51 38.63
CA SER B 258 -18.06 -9.26 39.30
C SER B 258 -17.64 -8.07 38.49
N PRO B 259 -18.39 -6.97 38.53
CA PRO B 259 -17.85 -5.71 38.06
C PRO B 259 -16.92 -5.13 39.12
N ARG B 260 -16.06 -4.22 38.67
CA ARG B 260 -15.15 -3.44 39.53
C ARG B 260 -14.24 -4.31 40.37
N LEU B 261 -13.70 -5.37 39.78
CA LEU B 261 -12.80 -6.19 40.56
C LEU B 261 -11.43 -5.56 40.69
N ASP B 262 -11.15 -4.59 39.83
CA ASP B 262 -9.90 -3.89 39.83
C ASP B 262 -9.82 -3.11 41.12
N ASN B 263 -9.35 -3.84 42.12
CA ASN B 263 -9.10 -3.43 43.50
C ASN B 263 -10.26 -3.41 44.50
N LEU B 264 -11.50 -3.61 44.07
CA LEU B 264 -12.58 -3.65 45.06
C LEU B 264 -12.30 -4.92 45.82
N GLY B 265 -11.72 -5.87 45.09
CA GLY B 265 -11.27 -7.13 45.64
C GLY B 265 -10.22 -6.93 46.72
N MET B 266 -9.17 -6.16 46.41
CA MET B 266 -8.09 -6.01 47.38
C MET B 266 -8.48 -5.05 48.50
N THR B 267 -9.34 -4.07 48.19
CA THR B 267 -9.83 -3.16 49.21
C THR B 267 -10.67 -3.90 50.23
N PHE B 268 -11.43 -4.91 49.77
CA PHE B 268 -12.13 -5.78 50.70
C PHE B 268 -11.16 -6.59 51.53
N CYS B 269 -10.12 -7.14 50.88
CA CYS B 269 -9.17 -7.98 51.61
C CYS B 269 -8.32 -7.18 52.58
N ALA B 270 -7.92 -5.96 52.20
CA ALA B 270 -7.10 -5.16 53.08
C ALA B 270 -7.90 -4.64 54.27
N SER B 271 -9.16 -4.27 54.05
CA SER B 271 -9.96 -3.72 55.14
C SER B 271 -10.43 -4.80 56.08
N GLN B 272 -10.77 -5.99 55.56
CA GLN B 272 -11.19 -7.09 56.42
C GLN B 272 -10.05 -7.57 57.27
N ALA B 273 -8.85 -7.63 56.70
CA ALA B 273 -7.72 -8.16 57.46
C ALA B 273 -7.17 -7.15 58.44
N LEU B 274 -7.46 -5.86 58.23
CA LEU B 274 -7.15 -4.89 59.26
C LEU B 274 -8.00 -5.12 60.50
N THR B 275 -9.29 -5.41 60.30
CA THR B 275 -10.15 -5.72 61.42
C THR B 275 -9.91 -7.13 61.94
N LYS B 276 -9.52 -8.06 61.07
CA LYS B 276 -9.20 -9.41 61.51
C LYS B 276 -7.91 -9.45 62.30
N SER B 277 -7.01 -8.48 62.11
CA SER B 277 -5.80 -8.40 62.91
C SER B 277 -6.00 -7.63 64.20
N LEU B 278 -7.21 -7.61 64.73
CA LEU B 278 -7.48 -7.07 66.05
C LEU B 278 -8.28 -8.03 66.91
N GLU B 279 -8.32 -9.31 66.53
CA GLU B 279 -9.37 -10.20 67.05
C GLU B 279 -9.10 -10.63 68.48
N ASN B 280 -7.97 -11.29 68.75
CA ASN B 280 -7.79 -11.78 70.11
C ASN B 280 -7.35 -10.64 71.02
N ASN B 281 -6.07 -10.25 70.91
CA ASN B 281 -5.56 -8.91 71.23
C ASN B 281 -4.26 -8.82 70.44
N SER B 282 -4.31 -8.24 69.26
CA SER B 282 -3.04 -8.02 68.57
C SER B 282 -2.47 -6.66 68.92
N LEU B 283 -3.36 -5.68 69.07
CA LEU B 283 -3.04 -4.53 69.91
C LEU B 283 -2.97 -5.01 71.36
N ASP B 284 -2.29 -4.21 72.19
CA ASP B 284 -1.71 -4.43 73.52
C ASP B 284 -0.39 -5.17 73.40
N ASN B 285 0.03 -5.57 72.21
CA ASN B 285 1.37 -6.08 72.00
C ASN B 285 2.00 -5.53 70.73
N GLU B 286 1.29 -4.70 69.99
CA GLU B 286 1.76 -4.19 68.72
C GLU B 286 2.56 -2.90 68.94
N SER B 287 3.72 -2.82 68.31
CA SER B 287 4.58 -1.66 68.42
C SER B 287 4.55 -0.77 67.20
N CYS B 288 3.77 -1.13 66.18
CA CYS B 288 3.69 -0.34 64.96
C CYS B 288 2.26 0.16 64.77
N VAL B 289 2.03 0.83 63.64
CA VAL B 289 0.71 1.34 63.28
C VAL B 289 0.31 0.67 61.98
N ARG B 290 -0.86 0.04 61.97
CA ARG B 290 -1.35 -0.70 60.82
C ARG B 290 -2.30 0.17 60.01
N VAL B 291 -1.88 0.59 58.83
CA VAL B 291 -2.59 1.57 58.02
C VAL B 291 -3.16 0.86 56.80
N VAL B 292 -4.42 1.11 56.49
CA VAL B 292 -5.02 0.70 55.24
C VAL B 292 -5.58 1.95 54.54
N PRO B 293 -4.83 2.53 53.62
CA PRO B 293 -5.38 3.59 52.78
C PRO B 293 -6.04 3.05 51.54
N SER B 294 -7.28 3.44 51.30
CA SER B 294 -8.00 3.07 50.09
C SER B 294 -8.17 4.35 49.28
N PHE B 295 -7.42 4.47 48.20
CA PHE B 295 -7.33 5.72 47.47
C PHE B 295 -8.38 5.79 46.38
N ASP B 296 -8.32 6.87 45.61
CA ASP B 296 -9.24 7.14 44.53
C ASP B 296 -8.38 7.58 43.34
N HIS B 297 -8.98 7.56 42.14
CA HIS B 297 -8.39 8.10 40.91
C HIS B 297 -7.11 7.39 40.48
N GLU B 298 -6.97 6.10 40.74
CA GLU B 298 -5.75 5.37 40.40
C GLU B 298 -5.65 4.86 38.96
N GLU B 299 -6.78 4.90 38.25
CA GLU B 299 -6.89 4.43 36.87
C GLU B 299 -6.48 5.46 35.84
N ILE B 300 -6.20 6.68 36.28
CA ILE B 300 -5.81 7.84 35.50
C ILE B 300 -4.47 8.39 35.98
N GLY B 301 -3.95 7.85 37.08
CA GLY B 301 -2.60 8.14 37.50
C GLY B 301 -2.46 8.82 38.85
N SER B 302 -3.51 8.87 39.65
CA SER B 302 -3.51 9.32 41.05
C SER B 302 -3.16 10.80 41.22
N VAL B 303 -3.16 11.58 40.14
CA VAL B 303 -2.81 12.99 40.23
C VAL B 303 -4.10 13.73 40.55
N SER B 304 -4.42 13.83 41.83
CA SER B 304 -5.63 14.52 42.28
C SER B 304 -5.43 14.94 43.73
N ALA B 305 -6.48 15.52 44.31
CA ALA B 305 -6.39 15.98 45.69
C ALA B 305 -6.58 14.85 46.67
N GLN B 306 -7.27 13.79 46.27
CA GLN B 306 -7.48 12.64 47.13
C GLN B 306 -6.85 11.37 46.60
N GLY B 307 -6.06 11.46 45.55
CA GLY B 307 -5.43 10.29 44.99
C GLY B 307 -4.26 9.81 45.82
N ALA B 308 -3.62 8.75 45.33
CA ALA B 308 -2.48 8.20 46.03
C ALA B 308 -1.28 9.13 45.95
N GLU B 309 -1.13 9.85 44.85
CA GLU B 309 -0.03 10.78 44.69
C GLU B 309 -0.29 12.13 45.38
N SER B 310 -1.45 12.27 46.01
CA SER B 310 -1.73 13.46 46.80
C SER B 310 -0.95 13.45 48.10
N THR B 311 -1.16 14.45 48.93
CA THR B 311 -0.56 14.48 50.26
C THR B 311 -1.39 13.75 51.29
N PHE B 312 -2.40 12.99 50.89
CA PHE B 312 -3.34 12.39 51.85
C PHE B 312 -2.65 11.37 52.74
N LEU B 313 -1.91 10.44 52.15
CA LEU B 313 -1.15 9.51 52.98
C LEU B 313 0.02 10.18 53.72
N PRO B 314 0.88 11.03 53.10
CA PRO B 314 1.94 11.64 53.92
C PRO B 314 1.47 12.58 55.02
N ALA B 315 0.37 13.30 54.83
CA ALA B 315 -0.06 14.20 55.90
C ALA B 315 -0.65 13.44 57.08
N VAL B 316 -1.32 12.31 56.81
CA VAL B 316 -1.85 11.49 57.88
C VAL B 316 -0.71 10.85 58.66
N LEU B 317 0.32 10.39 57.96
CA LEU B 317 1.47 9.78 58.65
C LEU B 317 2.26 10.81 59.44
N GLN B 318 2.35 12.04 58.95
CA GLN B 318 3.02 13.07 59.72
C GLN B 318 2.22 13.47 60.95
N ARG B 319 0.88 13.50 60.84
CA ARG B 319 0.06 13.87 61.98
C ARG B 319 0.09 12.79 63.06
N ILE B 320 0.25 11.54 62.66
CA ILE B 320 0.48 10.47 63.63
C ILE B 320 1.85 10.63 64.25
N CYS B 321 2.86 10.94 63.43
CA CYS B 321 4.22 11.10 63.93
C CYS B 321 4.41 12.41 64.69
N GLU B 322 3.47 13.34 64.60
CA GLU B 322 3.62 14.58 65.37
C GLU B 322 3.12 14.47 66.78
N LEU B 323 2.75 13.27 67.26
CA LEU B 323 2.53 13.10 68.68
C LEU B 323 3.83 13.23 69.46
N GLY B 324 4.93 12.78 68.88
CA GLY B 324 6.22 13.03 69.47
C GLY B 324 6.66 14.47 69.28
N LYS B 325 7.66 14.87 70.04
CA LYS B 325 8.10 16.25 70.01
C LYS B 325 9.23 16.50 69.03
N GLU B 326 10.04 15.49 68.75
CA GLU B 326 11.11 15.64 67.77
C GLU B 326 10.54 15.71 66.37
N SER B 327 11.03 16.67 65.58
CA SER B 327 10.52 16.88 64.23
C SER B 327 11.08 15.88 63.23
N SER B 328 12.11 15.14 63.59
CA SER B 328 12.72 14.19 62.67
C SER B 328 12.09 12.81 62.74
N LEU B 329 11.04 12.64 63.55
CA LEU B 329 10.51 11.30 63.79
C LEU B 329 9.77 10.74 62.59
N PHE B 330 9.32 11.60 61.67
CA PHE B 330 8.63 11.11 60.49
C PHE B 330 9.59 10.38 59.57
N SER B 331 10.76 10.97 59.31
CA SER B 331 11.72 10.35 58.41
C SER B 331 12.36 9.12 59.04
N ILE B 332 12.45 9.11 60.38
CA ILE B 332 12.92 7.92 61.08
C ILE B 332 11.93 6.79 60.95
N SER B 333 10.63 7.10 61.03
CA SER B 333 9.62 6.06 61.01
C SER B 333 9.47 5.45 59.63
N MET B 334 9.84 6.19 58.57
CA MET B 334 9.64 5.68 57.22
C MET B 334 10.60 4.55 56.88
N VAL B 335 11.83 4.61 57.39
CA VAL B 335 12.77 3.56 57.05
C VAL B 335 12.55 2.31 57.90
N LYS B 336 11.75 2.41 58.96
CA LYS B 336 11.33 1.23 59.69
C LYS B 336 10.00 0.69 59.20
N SER B 337 9.44 1.28 58.16
CA SER B 337 8.09 0.96 57.71
C SER B 337 8.11 0.12 56.44
N PHE B 338 6.93 -0.33 56.05
CA PHE B 338 6.78 -1.13 54.84
C PHE B 338 5.41 -0.88 54.23
N LEU B 339 5.38 -0.81 52.90
CA LEU B 339 4.16 -0.60 52.14
C LEU B 339 3.82 -1.86 51.34
N VAL B 340 2.54 -2.18 51.27
CA VAL B 340 2.06 -3.24 50.40
C VAL B 340 1.04 -2.61 49.49
N SER B 341 1.38 -2.42 48.23
CA SER B 341 0.43 -1.85 47.28
C SER B 341 -0.43 -2.99 46.75
N ALA B 342 -1.59 -3.16 47.37
CA ALA B 342 -2.45 -4.29 47.01
C ALA B 342 -3.25 -3.98 45.76
N ASP B 343 -2.72 -4.33 44.61
CA ASP B 343 -3.45 -4.14 43.36
C ASP B 343 -3.42 -5.42 42.56
N MET B 344 -4.54 -5.73 41.93
CA MET B 344 -4.79 -7.05 41.36
C MET B 344 -3.84 -7.38 40.21
N ALA B 345 -3.54 -8.66 40.08
CA ALA B 345 -2.56 -9.16 39.13
C ALA B 345 -3.22 -9.91 38.00
N HIS B 346 -2.50 -10.01 36.89
CA HIS B 346 -3.00 -10.71 35.72
C HIS B 346 -2.81 -12.21 35.90
N ALA B 347 -3.89 -12.96 35.88
CA ALA B 347 -3.82 -14.41 35.92
C ALA B 347 -3.50 -14.95 34.53
N MET B 348 -3.33 -16.26 34.45
CA MET B 348 -3.02 -16.87 33.16
C MET B 348 -4.30 -17.01 32.34
N HIS B 349 -4.31 -16.43 31.15
CA HIS B 349 -5.44 -16.56 30.27
C HIS B 349 -5.17 -17.73 29.33
N PRO B 350 -5.96 -18.79 29.37
CA PRO B 350 -5.65 -19.97 28.54
C PRO B 350 -5.84 -19.72 27.07
N ASN B 351 -6.68 -18.76 26.72
CA ASN B 351 -6.95 -18.45 25.33
C ASN B 351 -5.95 -17.48 24.74
N TYR B 352 -5.19 -16.78 25.57
CA TYR B 352 -4.25 -15.78 25.10
C TYR B 352 -2.88 -16.06 25.69
N SER B 353 -2.43 -17.32 25.59
CA SER B 353 -1.23 -17.75 26.29
C SER B 353 0.02 -17.13 25.71
N SER B 354 -0.02 -16.70 24.45
CA SER B 354 1.14 -16.07 23.85
C SER B 354 1.38 -14.66 24.36
N ARG B 355 0.46 -14.06 25.11
CA ARG B 355 0.62 -12.70 25.58
C ARG B 355 1.04 -12.69 27.04
N TYR B 356 1.75 -13.73 27.44
CA TYR B 356 2.16 -14.02 28.81
C TYR B 356 3.53 -14.66 28.80
N GLU B 357 4.30 -14.42 29.86
CA GLU B 357 5.58 -15.08 29.95
C GLU B 357 5.31 -16.42 30.61
N ASN B 358 5.71 -17.50 29.94
CA ASN B 358 5.17 -18.83 30.22
C ASN B 358 5.60 -19.42 31.56
N SER B 359 6.59 -18.84 32.23
CA SER B 359 7.06 -19.40 33.49
C SER B 359 6.79 -18.51 34.70
N ASN B 360 6.57 -17.22 34.51
CA ASN B 360 6.29 -16.31 35.62
C ASN B 360 4.88 -15.77 35.54
N THR B 361 3.92 -16.62 35.22
CA THR B 361 2.56 -16.15 35.19
C THR B 361 1.73 -16.95 36.18
N PRO B 362 1.03 -16.30 37.09
CA PRO B 362 0.30 -17.02 38.13
C PRO B 362 -0.99 -17.61 37.62
N PHE B 363 -1.66 -18.32 38.52
CA PHE B 363 -2.92 -19.00 38.23
C PHE B 363 -3.95 -18.64 39.29
N LEU B 364 -5.21 -18.79 38.92
CA LEU B 364 -6.30 -18.53 39.85
C LEU B 364 -6.34 -19.56 40.96
N ASN B 365 -6.70 -19.09 42.15
CA ASN B 365 -6.85 -19.88 43.37
C ASN B 365 -5.56 -20.60 43.76
N LYS B 366 -4.42 -20.00 43.44
CA LYS B 366 -3.13 -20.53 43.85
C LYS B 366 -2.40 -19.54 44.75
N GLY B 367 -3.12 -18.61 45.35
CA GLY B 367 -2.54 -17.64 46.26
C GLY B 367 -2.33 -16.29 45.61
N THR B 368 -1.99 -15.31 46.45
CA THR B 368 -1.75 -13.97 45.97
C THR B 368 -0.41 -13.89 45.23
N VAL B 369 -0.21 -12.81 44.51
CA VAL B 369 0.81 -12.76 43.47
C VAL B 369 1.76 -11.61 43.76
N ILE B 370 3.06 -11.92 43.84
CA ILE B 370 4.07 -10.88 43.98
C ILE B 370 4.40 -10.32 42.61
N LYS B 371 4.02 -9.07 42.37
CA LYS B 371 4.22 -8.45 41.06
C LYS B 371 5.60 -7.83 41.00
N VAL B 372 6.44 -8.33 40.10
CA VAL B 372 7.84 -7.91 39.98
C VAL B 372 8.04 -7.34 38.59
N ASN B 373 8.65 -6.17 38.50
CA ASN B 373 8.95 -5.56 37.21
C ASN B 373 10.27 -4.83 37.30
N ALA B 374 11.16 -5.05 36.32
CA ALA B 374 12.49 -4.45 36.36
C ALA B 374 12.43 -2.95 36.15
N ASN B 375 11.52 -2.49 35.30
CA ASN B 375 11.36 -1.06 35.05
C ASN B 375 10.61 -0.37 36.18
N GLN B 376 10.25 -1.10 37.23
CA GLN B 376 9.66 -0.59 38.46
C GLN B 376 8.33 0.10 38.18
N ARG B 377 7.61 -0.43 37.19
CA ARG B 377 6.18 -0.18 37.13
C ARG B 377 5.50 -0.83 38.31
N TYR B 378 5.97 -2.02 38.69
CA TYR B 378 5.77 -2.58 40.01
C TYR B 378 7.10 -2.49 40.75
N THR B 379 7.06 -1.93 41.95
CA THR B 379 8.25 -1.49 42.66
C THR B 379 8.77 -2.51 43.66
N THR B 380 8.55 -3.78 43.39
CA THR B 380 9.02 -4.86 44.25
C THR B 380 10.52 -5.07 44.10
N ASN B 381 11.24 -5.01 45.22
CA ASN B 381 12.64 -5.42 45.28
C ASN B 381 12.77 -6.68 46.13
N SER B 382 14.01 -7.15 46.28
CA SER B 382 14.23 -8.41 46.98
C SER B 382 14.00 -8.27 48.48
N ALA B 383 14.20 -7.07 49.02
CA ALA B 383 13.99 -6.85 50.44
C ALA B 383 12.52 -7.02 50.82
N GLY B 384 11.63 -6.69 49.88
CA GLY B 384 10.22 -6.94 50.12
C GLY B 384 9.84 -8.40 49.97
N ILE B 385 10.51 -9.10 49.04
CA ILE B 385 10.17 -10.49 48.75
C ILE B 385 10.47 -11.38 49.94
N VAL B 386 11.62 -11.15 50.58
CA VAL B 386 12.00 -11.94 51.74
C VAL B 386 11.04 -11.71 52.90
N LEU B 387 10.56 -10.48 53.04
CA LEU B 387 9.62 -10.18 54.10
C LEU B 387 8.28 -10.88 53.88
N LEU B 388 7.76 -10.81 52.66
CA LEU B 388 6.47 -11.42 52.39
C LEU B 388 6.56 -12.90 52.09
N LYS B 389 7.74 -13.45 51.88
CA LYS B 389 7.87 -14.90 51.90
C LYS B 389 7.86 -15.41 53.32
N LYS B 390 8.41 -14.62 54.26
CA LYS B 390 8.35 -14.98 55.66
C LYS B 390 6.94 -14.84 56.22
N VAL B 391 6.19 -13.86 55.72
CA VAL B 391 4.80 -13.69 56.14
C VAL B 391 3.96 -14.84 55.64
N ALA B 392 4.18 -15.25 54.39
CA ALA B 392 3.43 -16.38 53.84
C ALA B 392 3.83 -17.69 54.50
N GLN B 393 5.07 -17.78 54.97
CA GLN B 393 5.49 -18.94 55.74
C GLN B 393 4.77 -18.98 57.08
N LEU B 394 4.57 -17.82 57.70
CA LEU B 394 3.88 -17.77 58.98
C LEU B 394 2.39 -18.00 58.81
N ALA B 395 1.80 -17.46 57.75
CA ALA B 395 0.37 -17.60 57.52
C ALA B 395 0.00 -18.93 56.91
N ASP B 396 0.98 -19.68 56.38
CA ASP B 396 0.78 -20.92 55.64
C ASP B 396 -0.18 -20.74 54.48
N VAL B 397 0.13 -19.78 53.61
CA VAL B 397 -0.63 -19.57 52.39
C VAL B 397 0.36 -19.55 51.22
N PRO B 398 -0.03 -19.99 50.04
CA PRO B 398 0.88 -19.92 48.90
C PRO B 398 0.93 -18.52 48.33
N ILE B 399 2.08 -18.19 47.74
CA ILE B 399 2.23 -16.95 46.98
C ILE B 399 2.86 -17.28 45.64
N GLN B 400 2.54 -16.48 44.63
CA GLN B 400 3.05 -16.62 43.28
C GLN B 400 3.76 -15.34 42.87
N SER B 401 4.29 -15.34 41.66
CA SER B 401 5.01 -14.19 41.14
C SER B 401 4.55 -13.90 39.72
N PHE B 402 4.68 -12.64 39.33
CA PHE B 402 4.27 -12.20 38.00
C PHE B 402 5.31 -11.26 37.44
N VAL B 403 5.67 -11.45 36.17
CA VAL B 403 6.32 -10.42 35.38
C VAL B 403 5.55 -10.31 34.07
N VAL B 404 5.75 -9.20 33.40
CA VAL B 404 5.17 -9.02 32.08
C VAL B 404 6.15 -9.56 31.06
N ARG B 405 5.67 -9.76 29.84
CA ARG B 405 6.59 -10.04 28.75
C ARG B 405 7.40 -8.79 28.42
N ASN B 406 8.61 -9.03 27.92
CA ASN B 406 9.53 -7.95 27.58
C ASN B 406 9.08 -7.21 26.34
N ASP B 407 8.29 -7.85 25.48
CA ASP B 407 7.70 -7.15 24.34
C ASP B 407 6.31 -6.64 24.65
N SER B 408 6.02 -6.39 25.92
CA SER B 408 4.71 -5.94 26.36
C SER B 408 4.87 -4.71 27.23
N PRO B 409 3.97 -3.74 27.10
CA PRO B 409 4.01 -2.58 27.99
C PRO B 409 3.48 -2.94 29.37
N CYS B 410 3.88 -2.15 30.34
CA CYS B 410 3.43 -2.32 31.72
C CYS B 410 2.99 -0.98 32.28
N GLY B 411 1.90 -0.99 33.02
CA GLY B 411 1.37 0.22 33.63
C GLY B 411 1.74 0.30 35.10
N SER B 412 2.15 1.48 35.53
CA SER B 412 2.52 1.69 36.92
C SER B 412 1.30 1.64 37.83
N THR B 413 1.50 1.10 39.02
CA THR B 413 0.48 1.16 40.06
C THR B 413 0.78 2.34 40.97
N ILE B 414 0.06 2.41 42.09
CA ILE B 414 0.31 3.49 43.04
C ILE B 414 1.55 3.23 43.88
N GLY B 415 2.03 1.99 43.89
CA GLY B 415 3.17 1.58 44.67
C GLY B 415 4.47 2.32 44.41
N PRO B 416 4.88 2.49 43.14
CA PRO B 416 6.09 3.30 42.88
C PRO B 416 6.01 4.73 43.36
N LYS B 417 4.86 5.37 43.26
CA LYS B 417 4.84 6.79 43.56
C LYS B 417 4.57 7.02 45.04
N LEU B 418 3.86 6.10 45.68
CA LEU B 418 3.72 6.14 47.13
C LEU B 418 5.05 5.83 47.81
N ALA B 419 5.89 5.03 47.15
CA ALA B 419 7.25 4.84 47.64
C ALA B 419 8.05 6.12 47.57
N ALA B 420 7.79 6.93 46.54
CA ALA B 420 8.58 8.14 46.33
C ALA B 420 8.27 9.19 47.38
N MET B 421 6.99 9.41 47.68
CA MET B 421 6.65 10.46 48.63
C MET B 421 6.86 10.07 50.07
N THR B 422 7.12 8.79 50.33
CA THR B 422 7.36 8.34 51.69
C THR B 422 8.78 7.85 51.91
N GLY B 423 9.47 7.39 50.88
CA GLY B 423 10.75 6.77 51.09
C GLY B 423 10.66 5.41 51.73
N MET B 424 9.52 4.77 51.60
CA MET B 424 9.19 3.59 52.38
C MET B 424 9.46 2.36 51.53
N ARG B 425 10.04 1.34 52.16
CA ARG B 425 10.25 0.06 51.47
C ARG B 425 8.90 -0.53 51.12
N THR B 426 8.82 -1.16 49.95
CA THR B 426 7.51 -1.48 49.43
C THR B 426 7.53 -2.66 48.47
N LEU B 427 6.37 -3.28 48.33
CA LEU B 427 6.13 -4.37 47.42
C LEU B 427 4.77 -4.19 46.79
N ASP B 428 4.64 -4.55 45.53
CA ASP B 428 3.37 -4.54 44.82
C ASP B 428 2.87 -5.97 44.73
N LEU B 429 1.77 -6.27 45.40
CA LEU B 429 1.16 -7.58 45.25
C LEU B 429 -0.32 -7.43 44.92
N GLY B 430 -0.94 -8.56 44.65
CA GLY B 430 -2.38 -8.58 44.43
C GLY B 430 -2.82 -9.98 44.06
N ASN B 431 -4.11 -10.16 44.04
CA ASN B 431 -4.64 -11.47 43.75
C ASN B 431 -4.86 -11.63 42.25
N PRO B 432 -4.68 -12.83 41.69
CA PRO B 432 -4.76 -12.98 40.25
C PRO B 432 -6.19 -12.88 39.75
N MET B 433 -6.32 -12.41 38.51
CA MET B 433 -7.62 -12.25 37.89
C MET B 433 -7.43 -12.16 36.38
N LEU B 434 -8.52 -12.36 35.65
CA LEU B 434 -8.56 -12.21 34.22
C LEU B 434 -9.54 -11.11 33.82
N SER B 435 -9.31 -10.56 32.63
CA SER B 435 -10.08 -9.46 32.04
C SER B 435 -10.10 -8.24 32.95
N MET B 436 -8.92 -7.71 33.23
CA MET B 436 -8.82 -6.51 34.04
C MET B 436 -9.31 -5.31 33.23
N HIS B 437 -9.97 -4.38 33.92
CA HIS B 437 -10.63 -3.21 33.36
C HIS B 437 -11.72 -3.55 32.37
N SER B 438 -12.37 -4.70 32.55
CA SER B 438 -13.55 -5.03 31.81
C SER B 438 -14.79 -4.57 32.57
N CYS B 439 -15.94 -4.66 31.91
CA CYS B 439 -17.19 -4.33 32.57
C CYS B 439 -17.55 -5.38 33.60
N ARG B 440 -17.27 -6.65 33.29
CA ARG B 440 -17.44 -7.75 34.22
C ARG B 440 -16.13 -8.52 34.26
N GLU B 441 -15.70 -8.89 35.47
CA GLU B 441 -14.33 -9.31 35.70
C GLU B 441 -14.35 -10.63 36.45
N MET B 442 -13.31 -11.44 36.28
CA MET B 442 -13.28 -12.79 36.84
C MET B 442 -12.02 -13.02 37.66
N CYS B 443 -12.20 -13.53 38.88
CA CYS B 443 -11.09 -13.92 39.73
C CYS B 443 -11.48 -15.17 40.49
N GLY B 444 -10.51 -15.78 41.18
CA GLY B 444 -10.80 -16.97 41.95
C GLY B 444 -11.44 -16.66 43.29
N SER B 445 -12.12 -17.65 43.85
CA SER B 445 -12.85 -17.44 45.08
C SER B 445 -12.07 -17.85 46.32
N LYS B 446 -11.14 -18.80 46.19
CA LYS B 446 -10.24 -19.10 47.30
C LYS B 446 -9.26 -17.97 47.54
N ASP B 447 -9.03 -17.14 46.52
CA ASP B 447 -8.01 -16.11 46.58
C ASP B 447 -8.37 -14.99 47.55
N PHE B 448 -9.65 -14.82 47.88
CA PHE B 448 -10.04 -13.80 48.84
C PHE B 448 -9.63 -14.17 50.24
N GLU B 449 -9.79 -15.44 50.60
CA GLU B 449 -9.42 -15.91 51.93
C GLU B 449 -7.92 -15.97 52.09
N TYR B 450 -7.20 -16.28 51.01
CA TYR B 450 -5.74 -16.34 51.06
C TYR B 450 -5.15 -14.95 51.28
N ALA B 451 -5.78 -13.93 50.72
CA ALA B 451 -5.27 -12.57 50.87
C ALA B 451 -5.50 -12.04 52.27
N VAL B 452 -6.65 -12.36 52.86
CA VAL B 452 -6.99 -11.84 54.17
C VAL B 452 -6.11 -12.48 55.23
N VAL B 453 -5.83 -13.77 55.08
CA VAL B 453 -4.95 -14.48 56.01
C VAL B 453 -3.52 -13.95 55.90
N LEU B 454 -3.06 -13.70 54.67
CA LEU B 454 -1.72 -13.17 54.46
C LEU B 454 -1.58 -11.77 55.03
N PHE B 455 -2.59 -10.92 54.82
CA PHE B 455 -2.49 -9.54 55.25
C PHE B 455 -2.60 -9.41 56.76
N SER B 456 -3.46 -10.19 57.39
CA SER B 456 -3.57 -10.17 58.84
C SER B 456 -2.30 -10.70 59.47
N SER B 457 -1.66 -11.66 58.83
CA SER B 457 -0.36 -12.12 59.30
C SER B 457 0.72 -11.08 59.06
N PHE B 458 0.59 -10.31 57.98
CA PHE B 458 1.52 -9.22 57.73
C PHE B 458 1.35 -8.12 58.77
N PHE B 459 0.11 -7.85 59.17
CA PHE B 459 -0.13 -6.82 60.18
C PHE B 459 0.33 -7.29 61.55
N GLN B 460 0.11 -8.55 61.89
CA GLN B 460 0.42 -9.03 63.22
C GLN B 460 1.90 -9.34 63.42
N ASN B 461 2.62 -9.68 62.35
CA ASN B 461 4.00 -10.10 62.48
C ASN B 461 4.97 -9.15 61.79
N PHE B 462 4.58 -7.90 61.55
CA PHE B 462 5.48 -6.98 60.86
C PHE B 462 6.67 -6.60 61.72
N ALA B 463 6.43 -6.28 63.00
CA ALA B 463 7.47 -5.72 63.84
C ALA B 463 8.56 -6.74 64.14
N ASN B 464 8.21 -8.01 64.21
CA ASN B 464 9.22 -9.03 64.45
C ASN B 464 10.06 -9.30 63.21
N LEU B 465 9.43 -9.27 62.02
CA LEU B 465 10.16 -9.67 60.84
C LEU B 465 10.86 -8.52 60.14
N GLU B 466 10.55 -7.30 60.55
CA GLU B 466 11.16 -6.11 59.96
C GLU B 466 12.62 -5.95 60.42
N GLU B 467 12.89 -6.37 61.65
CA GLU B 467 14.24 -6.29 62.19
C GLU B 467 15.10 -7.48 61.80
N LYS B 468 14.52 -8.48 61.15
CA LYS B 468 15.28 -9.62 60.66
C LYS B 468 15.79 -9.43 59.25
N ILE B 469 15.38 -8.37 58.55
CA ILE B 469 15.88 -8.07 57.22
C ILE B 469 16.92 -6.97 57.38
N ILE B 470 18.17 -7.27 57.10
CA ILE B 470 19.27 -6.37 57.38
C ILE B 470 19.75 -5.79 56.06
N ILE B 471 19.28 -4.58 55.76
CA ILE B 471 19.83 -3.74 54.71
C ILE B 471 20.32 -2.48 55.42
N ASP B 472 21.38 -1.86 54.86
CA ASP B 472 21.91 -0.58 55.32
C ASP B 472 22.41 -0.65 56.76
N GLU B 473 23.45 -1.46 57.00
CA GLU B 473 24.12 -1.43 58.29
C GLU B 473 25.47 -0.74 58.19
N GLY B 474 26.19 -0.68 59.30
CA GLY B 474 27.50 -0.05 59.29
C GLY B 474 28.53 -0.94 58.61
N PHE B 475 29.68 -0.34 58.33
CA PHE B 475 30.74 -1.03 57.58
C PHE B 475 31.97 -1.26 58.45
N SER B 493 -22.08 -32.12 51.77
CA SER B 493 -21.69 -31.12 50.80
C SER B 493 -22.34 -29.77 51.12
N VAL B 494 -22.98 -29.69 52.27
CA VAL B 494 -23.67 -28.48 52.72
C VAL B 494 -23.08 -28.09 54.07
N ALA B 495 -22.76 -26.80 54.24
CA ALA B 495 -22.30 -26.29 55.52
C ALA B 495 -23.26 -25.20 56.02
N CYS B 496 -22.90 -24.61 57.15
CA CYS B 496 -23.73 -23.60 57.81
C CYS B 496 -23.07 -22.23 57.67
N ASN B 497 -23.89 -21.21 57.40
CA ASN B 497 -23.35 -19.86 57.23
C ASN B 497 -22.95 -19.23 58.55
N THR B 498 -23.50 -19.70 59.66
CA THR B 498 -23.14 -19.14 60.96
C THR B 498 -21.83 -19.74 61.48
N CYS B 499 -21.82 -21.04 61.72
CA CYS B 499 -20.60 -21.76 62.08
C CYS B 499 -20.09 -22.44 60.81
N LEU B 500 -18.87 -22.10 60.41
CA LEU B 500 -18.34 -22.50 59.11
C LEU B 500 -17.78 -23.93 59.18
N LYS B 501 -18.70 -24.88 59.33
CA LYS B 501 -18.36 -26.28 59.50
C LYS B 501 -19.29 -27.13 58.63
N ILE B 502 -18.72 -28.19 58.05
CA ILE B 502 -19.50 -29.12 57.25
C ILE B 502 -20.37 -29.93 58.19
N ILE B 503 -21.67 -29.87 58.00
CA ILE B 503 -22.60 -30.50 58.92
C ILE B 503 -22.73 -31.96 58.56
N ARG B 504 -23.16 -32.77 59.52
CA ARG B 504 -23.18 -34.22 59.40
C ARG B 504 -24.57 -34.77 59.66
N ASN B 505 -25.58 -33.93 59.54
CA ASN B 505 -26.93 -34.27 59.96
C ASN B 505 -27.91 -33.45 59.12
N ASP B 506 -29.14 -33.32 59.63
CA ASP B 506 -30.20 -32.58 58.94
C ASP B 506 -29.84 -31.12 58.74
N SER B 507 -30.28 -30.57 57.62
CA SER B 507 -30.01 -29.19 57.25
C SER B 507 -31.32 -28.42 57.11
N PHE B 508 -31.31 -27.19 57.60
CA PHE B 508 -32.48 -26.32 57.56
C PHE B 508 -32.27 -25.32 56.43
N HIS B 509 -33.01 -25.52 55.34
CA HIS B 509 -32.81 -24.75 54.13
C HIS B 509 -33.79 -23.60 54.09
N CYS B 510 -33.26 -22.37 54.05
CA CYS B 510 -34.09 -21.20 53.85
C CYS B 510 -34.62 -21.22 52.43
N THR B 511 -35.94 -21.31 52.30
CA THR B 511 -36.56 -21.30 50.98
C THR B 511 -36.69 -19.89 50.41
N LYS B 512 -36.41 -18.87 51.20
CA LYS B 512 -36.56 -17.50 50.75
C LYS B 512 -35.26 -16.88 50.26
N CYS B 513 -34.12 -17.27 50.83
CA CYS B 513 -32.83 -16.89 50.30
C CYS B 513 -32.39 -17.91 49.26
N PHE B 514 -31.12 -17.85 48.86
CA PHE B 514 -30.61 -18.73 47.81
C PHE B 514 -29.96 -19.99 48.38
N ASP B 515 -28.94 -19.81 49.21
CA ASP B 515 -28.08 -20.92 49.65
C ASP B 515 -27.71 -20.77 51.13
N PHE B 516 -28.70 -20.50 51.97
CA PHE B 516 -28.40 -20.05 53.33
C PHE B 516 -28.03 -21.20 54.26
N ASP B 517 -28.96 -22.13 54.51
CA ASP B 517 -28.70 -23.47 55.03
C ASP B 517 -28.03 -23.47 56.42
N VAL B 518 -28.78 -23.05 57.43
CA VAL B 518 -28.30 -23.18 58.80
C VAL B 518 -28.34 -24.63 59.27
N CYS B 519 -27.72 -24.90 60.41
CA CYS B 519 -27.51 -26.24 60.90
C CYS B 519 -28.48 -26.56 62.05
N ARG B 520 -28.31 -27.77 62.58
CA ARG B 520 -29.04 -28.29 63.73
C ARG B 520 -28.96 -27.39 64.96
N ASP B 521 -27.74 -27.05 65.34
CA ASP B 521 -27.52 -26.29 66.57
C ASP B 521 -27.91 -24.84 66.41
N CYS B 522 -27.57 -24.24 65.27
CA CYS B 522 -27.84 -22.82 65.06
C CYS B 522 -29.32 -22.55 64.78
N TYR B 523 -30.07 -23.59 64.39
CA TYR B 523 -31.51 -23.41 64.24
C TYR B 523 -32.18 -23.18 65.58
N ALA B 524 -31.75 -23.92 66.61
CA ALA B 524 -32.24 -23.66 67.95
C ALA B 524 -31.56 -22.45 68.58
N LYS B 525 -30.41 -22.04 68.08
CA LYS B 525 -29.64 -20.94 68.65
C LYS B 525 -30.11 -19.59 68.13
N GLN B 526 -31.03 -19.59 67.15
CA GLN B 526 -31.67 -18.39 66.58
C GLN B 526 -30.65 -17.44 65.96
N ALA B 527 -29.60 -17.97 65.33
CA ALA B 527 -28.51 -17.16 64.79
C ALA B 527 -28.61 -16.98 63.27
N PHE B 528 -29.82 -17.10 62.72
CA PHE B 528 -30.05 -17.07 61.27
C PHE B 528 -30.35 -15.68 60.69
N LEU B 529 -29.50 -14.71 61.01
CA LEU B 529 -29.67 -13.36 60.48
C LEU B 529 -29.06 -13.20 59.06
N HIS B 530 -29.91 -12.93 58.08
CA HIS B 530 -29.53 -12.73 56.68
C HIS B 530 -30.58 -11.83 56.04
N PRO B 531 -30.34 -11.24 54.85
CA PRO B 531 -31.37 -10.38 54.25
C PRO B 531 -32.63 -11.09 53.76
N CYS B 532 -33.36 -11.71 54.69
CA CYS B 532 -34.73 -12.17 54.47
C CYS B 532 -35.48 -11.90 55.76
N PRO B 533 -36.51 -11.05 55.73
CA PRO B 533 -37.23 -10.71 56.97
C PRO B 533 -37.90 -11.87 57.68
N LYS B 534 -38.49 -12.81 56.94
CA LYS B 534 -38.95 -14.07 57.53
C LYS B 534 -38.53 -15.23 56.63
N PRO B 535 -37.60 -16.05 57.09
CA PRO B 535 -37.20 -17.22 56.32
C PRO B 535 -37.96 -18.48 56.71
N HIS B 536 -38.16 -19.35 55.72
CA HIS B 536 -38.80 -20.64 55.92
C HIS B 536 -37.74 -21.72 55.82
N PHE B 537 -37.46 -22.39 56.93
CA PHE B 537 -36.43 -23.42 56.96
C PHE B 537 -37.05 -24.80 56.88
N VAL B 538 -36.97 -25.39 55.71
CA VAL B 538 -37.38 -26.78 55.52
C VAL B 538 -36.19 -27.66 55.93
N LEU B 539 -36.50 -28.74 56.62
CA LEU B 539 -35.47 -29.64 57.12
C LEU B 539 -35.22 -30.79 56.15
N VAL B 540 -33.95 -31.05 55.90
CA VAL B 540 -33.52 -31.88 54.77
C VAL B 540 -32.61 -33.00 55.29
N ARG B 541 -32.88 -34.24 54.86
CA ARG B 541 -32.08 -35.41 55.21
C ARG B 541 -30.62 -35.31 54.75
N SER B 542 -29.76 -35.89 55.58
CA SER B 542 -28.32 -36.06 55.36
C SER B 542 -27.59 -34.75 55.08
N MET C 1 -13.88 56.19 23.46
CA MET C 1 -13.97 54.75 23.55
C MET C 1 -15.24 54.32 22.83
N GLN C 2 -15.06 53.90 21.58
CA GLN C 2 -16.18 53.62 20.69
C GLN C 2 -16.93 52.37 21.16
N LEU C 3 -18.23 52.50 21.31
CA LEU C 3 -19.10 51.41 21.75
C LEU C 3 -20.07 51.07 20.62
N HIS C 4 -19.82 49.95 19.96
CA HIS C 4 -20.57 49.62 18.75
C HIS C 4 -21.94 49.04 19.08
N GLY C 5 -21.99 48.13 20.07
CA GLY C 5 -23.28 47.61 20.50
C GLY C 5 -23.18 46.65 21.67
N LYS C 6 -24.02 46.86 22.68
CA LYS C 6 -24.09 46.08 23.92
C LYS C 6 -22.71 46.02 24.60
N MET C 7 -22.20 47.19 24.97
CA MET C 7 -20.76 47.32 25.16
C MET C 7 -20.36 47.70 26.57
N THR C 8 -21.26 48.34 27.34
CA THR C 8 -21.30 48.62 28.78
C THR C 8 -20.11 49.38 29.36
N ALA C 9 -19.16 49.80 28.53
CA ALA C 9 -18.08 50.75 28.83
C ALA C 9 -17.11 50.33 29.93
N THR C 10 -17.34 49.19 30.57
CA THR C 10 -16.45 48.64 31.57
C THR C 10 -15.80 47.37 31.11
N ALA C 11 -16.51 46.56 30.33
CA ALA C 11 -15.90 45.41 29.69
C ALA C 11 -14.86 45.83 28.67
N LYS C 12 -15.13 46.90 27.94
CA LYS C 12 -14.13 47.44 27.01
C LYS C 12 -12.93 48.01 27.75
N SER C 13 -13.17 48.71 28.86
CA SER C 13 -12.07 49.31 29.60
C SER C 13 -11.24 48.25 30.31
N CYS C 14 -11.88 47.16 30.74
CA CYS C 14 -11.12 46.05 31.29
C CYS C 14 -10.33 45.34 30.20
N ALA C 15 -10.90 45.24 29.00
CA ALA C 15 -10.20 44.60 27.90
C ALA C 15 -9.08 45.50 27.39
N LEU C 16 -9.28 46.81 27.39
CA LEU C 16 -8.22 47.73 26.98
C LEU C 16 -7.08 47.73 27.98
N ASP C 17 -7.39 47.50 29.26
CA ASP C 17 -6.33 47.39 30.25
C ASP C 17 -5.55 46.10 30.08
N PHE C 18 -6.21 45.05 29.58
CA PHE C 18 -5.49 43.82 29.25
C PHE C 18 -4.54 44.03 28.08
N LEU C 19 -4.96 44.84 27.11
CA LEU C 19 -4.15 45.06 25.91
C LEU C 19 -2.86 45.77 26.25
N ASP C 20 -2.90 46.70 27.21
CA ASP C 20 -1.67 47.33 27.66
C ASP C 20 -0.79 46.36 28.41
N PHE C 21 -1.41 45.40 29.12
CA PHE C 21 -0.64 44.46 29.91
C PHE C 21 0.07 43.44 29.03
N VAL C 22 -0.62 42.89 28.05
CA VAL C 22 -0.05 41.81 27.27
C VAL C 22 0.90 42.34 26.20
N ASN C 23 0.75 43.60 25.80
CA ASN C 23 1.70 44.17 24.85
C ASN C 23 3.02 44.50 25.52
N ALA C 24 3.02 44.71 26.83
CA ALA C 24 4.23 44.99 27.57
C ALA C 24 4.84 43.74 28.19
N SER C 25 4.21 42.59 28.01
CA SER C 25 4.65 41.35 28.67
C SER C 25 4.75 40.22 27.66
N PRO C 26 5.84 40.15 26.89
CA PRO C 26 6.01 39.04 25.96
C PRO C 26 6.74 37.85 26.55
N THR C 27 7.36 38.00 27.71
CA THR C 27 8.11 36.94 28.35
C THR C 27 7.51 36.75 29.73
N PRO C 28 7.73 35.59 30.35
CA PRO C 28 7.37 35.46 31.77
C PRO C 28 8.14 36.41 32.66
N TYR C 29 9.38 36.75 32.28
CA TYR C 29 10.14 37.76 33.03
C TYR C 29 9.48 39.12 32.94
N HIS C 30 8.98 39.49 31.77
CA HIS C 30 8.26 40.75 31.65
C HIS C 30 6.89 40.65 32.31
N ALA C 31 6.27 39.47 32.24
CA ALA C 31 4.96 39.28 32.84
C ALA C 31 5.01 39.45 34.35
N VAL C 32 6.02 38.86 34.98
CA VAL C 32 6.19 39.00 36.42
C VAL C 32 6.56 40.44 36.78
N GLN C 33 7.34 41.10 35.92
CA GLN C 33 7.72 42.49 36.14
C GLN C 33 6.51 43.40 36.07
N ASN C 34 5.60 43.17 35.12
CA ASN C 34 4.43 44.03 35.00
C ASN C 34 3.40 43.73 36.08
N LEU C 35 3.30 42.47 36.52
CA LEU C 35 2.39 42.17 37.62
C LEU C 35 2.87 42.80 38.92
N ALA C 36 4.18 42.77 39.15
CA ALA C 36 4.71 43.25 40.42
C ALA C 36 4.66 44.76 40.49
N GLU C 37 4.79 45.45 39.37
CA GLU C 37 4.56 46.89 39.38
C GLU C 37 3.10 47.21 39.66
N HIS C 38 2.19 46.37 39.18
CA HIS C 38 0.78 46.58 39.50
C HIS C 38 0.50 46.23 40.96
N TYR C 39 1.24 45.27 41.50
CA TYR C 39 1.05 44.90 42.91
C TYR C 39 1.54 45.99 43.84
N MET C 40 2.74 46.52 43.57
CA MET C 40 3.27 47.57 44.44
C MET C 40 2.55 48.90 44.24
N SER C 41 1.89 49.07 43.09
CA SER C 41 1.04 50.24 42.93
C SER C 41 -0.19 50.14 43.81
N HIS C 42 -0.65 48.92 44.08
CA HIS C 42 -1.79 48.70 44.94
C HIS C 42 -1.40 48.38 46.38
N GLY C 43 -0.15 48.62 46.75
CA GLY C 43 0.26 48.57 48.13
C GLY C 43 0.88 47.28 48.60
N PHE C 44 1.21 46.36 47.70
CA PHE C 44 1.82 45.11 48.09
C PHE C 44 3.28 45.34 48.47
N GLN C 45 3.81 44.44 49.29
CA GLN C 45 5.18 44.52 49.74
C GLN C 45 5.97 43.33 49.20
N TYR C 46 7.18 43.59 48.74
CA TYR C 46 8.02 42.53 48.24
C TYR C 46 8.61 41.75 49.41
N LEU C 47 8.60 40.43 49.30
CA LEU C 47 9.23 39.56 50.28
C LEU C 47 10.37 38.81 49.62
N SER C 48 11.56 38.92 50.20
CA SER C 48 12.67 38.08 49.77
C SER C 48 12.47 36.70 50.36
N GLU C 49 12.64 35.68 49.53
CA GLU C 49 12.49 34.32 50.03
C GLU C 49 13.72 33.89 50.82
N LYS C 50 14.84 34.60 50.66
CA LYS C 50 16.01 34.39 51.50
C LYS C 50 15.77 34.79 52.95
N SER C 51 14.84 35.71 53.20
CA SER C 51 14.64 36.20 54.55
C SER C 51 13.71 35.28 55.32
N ASP C 52 13.55 35.58 56.60
CA ASP C 52 12.63 34.86 57.47
C ASP C 52 11.40 35.72 57.71
N TRP C 53 10.23 35.12 57.53
CA TRP C 53 8.99 35.88 57.52
C TRP C 53 8.27 35.88 58.85
N GLN C 54 8.92 35.46 59.94
CA GLN C 54 8.25 35.40 61.23
C GLN C 54 7.90 36.79 61.75
N SER C 55 8.73 37.78 61.43
CA SER C 55 8.48 39.14 61.88
C SER C 55 8.14 40.07 60.73
N LYS C 56 8.02 39.56 59.52
CA LYS C 56 7.84 40.41 58.36
C LYS C 56 6.41 40.47 57.87
N ILE C 57 5.61 39.44 58.11
CA ILE C 57 4.24 39.40 57.63
C ILE C 57 3.31 39.50 58.84
N GLU C 58 2.24 40.27 58.67
CA GLU C 58 1.25 40.46 59.70
C GLU C 58 -0.12 40.56 59.04
N PRO C 59 -1.19 40.19 59.75
CA PRO C 59 -2.53 40.22 59.14
C PRO C 59 -2.97 41.62 58.76
N GLY C 60 -3.75 41.70 57.69
CA GLY C 60 -4.24 42.95 57.18
C GLY C 60 -3.42 43.57 56.07
N ASN C 61 -2.34 42.94 55.65
CA ASN C 61 -1.47 43.50 54.64
C ASN C 61 -1.31 42.53 53.48
N SER C 62 -0.75 43.05 52.39
CA SER C 62 -0.58 42.29 51.15
C SER C 62 0.89 42.21 50.79
N TYR C 63 1.30 41.02 50.36
CA TYR C 63 2.68 40.69 50.07
C TYR C 63 2.76 39.92 48.77
N PHE C 64 3.95 39.94 48.16
CA PHE C 64 4.21 39.08 47.01
C PHE C 64 5.65 38.61 47.06
N VAL C 65 5.88 37.42 46.52
CA VAL C 65 7.20 36.79 46.52
C VAL C 65 7.46 36.33 45.09
N THR C 66 8.74 36.24 44.72
CA THR C 66 9.13 35.97 43.35
C THR C 66 10.24 34.93 43.32
N ARG C 67 10.13 33.97 42.42
CA ARG C 67 11.13 32.93 42.22
C ARG C 67 11.64 33.01 40.79
N ASN C 68 12.94 33.18 40.63
CA ASN C 68 13.68 33.20 39.36
C ASN C 68 13.25 34.37 38.46
N LYS C 69 12.59 35.38 39.04
CA LYS C 69 11.97 36.51 38.34
C LYS C 69 11.00 36.09 37.25
N SER C 70 10.46 34.88 37.35
CA SER C 70 9.57 34.33 36.33
C SER C 70 8.36 33.61 36.90
N SER C 71 8.33 33.33 38.19
CA SER C 71 7.13 32.91 38.89
C SER C 71 6.89 33.88 40.02
N ILE C 72 5.63 34.26 40.21
CA ILE C 72 5.27 35.21 41.25
C ILE C 72 4.07 34.68 42.01
N ILE C 73 4.10 34.83 43.32
CA ILE C 73 2.99 34.46 44.19
C ILE C 73 2.65 35.69 45.00
N ALA C 74 1.46 36.23 44.81
CA ALA C 74 0.98 37.34 45.60
C ALA C 74 -0.13 36.89 46.53
N PHE C 75 -0.05 37.32 47.78
CA PHE C 75 -1.06 36.90 48.74
C PHE C 75 -1.42 38.08 49.63
N SER C 76 -2.70 38.18 49.96
CA SER C 76 -3.21 39.18 50.89
C SER C 76 -3.78 38.45 52.10
N ILE C 77 -3.30 38.82 53.28
CA ILE C 77 -3.70 38.19 54.52
C ILE C 77 -4.77 39.04 55.16
N GLY C 78 -5.92 38.44 55.45
CA GLY C 78 -7.01 39.17 56.07
C GLY C 78 -6.69 39.54 57.50
N LYS C 79 -7.35 40.58 57.99
CA LYS C 79 -7.11 41.04 59.35
C LYS C 79 -7.61 40.04 60.38
N LYS C 80 -8.72 39.39 60.09
CA LYS C 80 -9.29 38.40 60.99
C LYS C 80 -8.76 37.00 60.74
N TRP C 81 -7.60 36.89 60.10
CA TRP C 81 -7.04 35.59 59.76
C TRP C 81 -6.21 35.05 60.91
N LYS C 82 -6.46 33.82 61.28
CA LYS C 82 -5.65 33.09 62.21
C LYS C 82 -4.88 32.01 61.48
N PRO C 83 -3.71 31.62 61.97
CA PRO C 83 -2.99 30.50 61.36
C PRO C 83 -3.76 29.20 61.54
N GLY C 84 -4.18 28.61 60.42
CA GLY C 84 -5.04 27.45 60.45
C GLY C 84 -6.27 27.67 59.60
N ASN C 85 -6.56 28.92 59.29
CA ASN C 85 -7.67 29.22 58.39
C ASN C 85 -7.29 28.92 56.95
N GLY C 86 -8.31 28.84 56.11
CA GLY C 86 -8.10 28.40 54.75
C GLY C 86 -7.47 29.44 53.85
N PHE C 87 -7.20 29.01 52.62
CA PHE C 87 -6.63 29.84 51.57
C PHE C 87 -7.57 29.86 50.39
N SER C 88 -7.75 31.03 49.79
CA SER C 88 -8.48 31.14 48.53
C SER C 88 -7.47 31.43 47.45
N ILE C 89 -7.17 30.43 46.62
CA ILE C 89 -6.03 30.47 45.72
C ILE C 89 -6.52 30.40 44.29
N ILE C 90 -6.04 31.32 43.45
CA ILE C 90 -6.33 31.32 42.01
C ILE C 90 -5.00 31.27 41.28
N ALA C 91 -4.69 30.12 40.67
CA ALA C 91 -3.38 29.86 40.10
C ALA C 91 -3.41 29.94 38.58
N THR C 92 -2.52 30.74 38.01
CA THR C 92 -2.32 30.85 36.57
C THR C 92 -0.87 30.49 36.23
N HIS C 93 -0.50 30.67 34.97
CA HIS C 93 0.87 30.46 34.53
C HIS C 93 1.26 31.60 33.60
N THR C 94 2.53 32.03 33.68
CA THR C 94 2.96 33.19 32.92
C THR C 94 3.55 32.87 31.56
N ASP C 95 3.79 31.59 31.26
CA ASP C 95 4.53 31.29 30.04
C ASP C 95 3.58 30.94 28.90
N SER C 96 4.13 30.94 27.70
CA SER C 96 3.39 30.66 26.47
C SER C 96 4.31 29.91 25.53
N PRO C 97 3.75 29.13 24.60
CA PRO C 97 4.61 28.45 23.62
C PRO C 97 5.27 29.43 22.68
N THR C 98 6.57 29.24 22.45
CA THR C 98 7.39 30.20 21.74
C THR C 98 8.68 29.52 21.30
N LEU C 99 9.63 30.33 20.82
CA LEU C 99 10.93 29.85 20.38
C LEU C 99 12.01 30.56 21.18
N ARG C 100 12.95 29.78 21.72
CA ARG C 100 14.10 30.31 22.42
C ARG C 100 15.34 30.25 21.54
N LEU C 101 16.20 31.25 21.71
CA LEU C 101 17.50 31.24 21.05
C LEU C 101 18.38 30.15 21.64
N LYS C 102 19.13 29.49 20.78
CA LYS C 102 20.07 28.48 21.22
C LYS C 102 21.29 29.13 21.86
N PRO C 103 22.05 28.39 22.68
CA PRO C 103 23.31 28.94 23.21
C PRO C 103 24.31 29.33 22.15
N LYS C 104 24.42 28.57 21.07
CA LYS C 104 25.19 28.95 19.89
C LYS C 104 24.13 29.31 18.85
N SER C 105 23.68 30.55 18.90
CA SER C 105 22.58 30.97 18.04
C SER C 105 23.05 31.57 16.72
N GLN C 106 24.36 31.64 16.49
CA GLN C 106 24.85 32.25 15.27
C GLN C 106 24.70 31.27 14.11
N LYS C 107 23.96 31.68 13.09
CA LYS C 107 23.79 30.88 11.89
C LYS C 107 23.89 31.81 10.69
N SER C 108 24.50 31.32 9.63
CA SER C 108 24.62 32.09 8.41
C SER C 108 24.48 31.15 7.22
N ALA C 109 23.67 31.55 6.25
CA ALA C 109 23.48 30.73 5.05
C ALA C 109 23.14 31.64 3.89
N TYR C 110 24.02 31.63 2.89
CA TYR C 110 23.80 32.26 1.58
C TYR C 110 23.54 33.76 1.73
N GLY C 111 24.39 34.40 2.51
CA GLY C 111 24.30 35.82 2.71
C GLY C 111 23.30 36.26 3.73
N TYR C 112 22.57 35.34 4.35
CA TYR C 112 21.54 35.73 5.29
C TYR C 112 22.02 35.39 6.68
N LEU C 113 21.79 36.30 7.62
CA LEU C 113 22.02 36.04 9.02
C LEU C 113 20.79 35.34 9.56
N GLN C 114 20.98 34.21 10.21
CA GLN C 114 19.88 33.50 10.85
C GLN C 114 20.20 33.29 12.32
N VAL C 115 19.17 33.06 13.12
CA VAL C 115 19.36 32.68 14.51
C VAL C 115 18.87 31.24 14.68
N GLY C 116 19.58 30.49 15.50
CA GLY C 116 19.20 29.13 15.75
C GLY C 116 18.22 29.08 16.90
N VAL C 117 16.99 28.64 16.64
CA VAL C 117 15.96 28.68 17.65
C VAL C 117 15.59 27.25 18.03
N GLU C 118 14.92 27.15 19.17
CA GLU C 118 14.49 25.87 19.70
C GLU C 118 13.08 26.01 20.28
N LYS C 119 12.25 25.00 20.03
CA LYS C 119 10.83 25.11 20.32
C LYS C 119 10.57 24.99 21.81
N TYR C 120 9.55 25.70 22.29
CA TYR C 120 9.17 25.64 23.68
C TYR C 120 7.67 25.36 23.67
N GLY C 121 7.27 24.28 24.33
CA GLY C 121 5.87 23.98 24.46
C GLY C 121 5.28 23.39 23.19
N GLY C 122 4.00 23.10 23.26
CA GLY C 122 3.30 22.56 22.11
C GLY C 122 2.65 23.63 21.28
N GLY C 123 3.44 24.49 20.66
CA GLY C 123 2.89 25.55 19.86
C GLY C 123 2.43 25.05 18.50
N ILE C 124 1.45 25.76 17.94
CA ILE C 124 1.01 25.51 16.58
C ILE C 124 2.04 26.17 15.66
N TRP C 125 2.94 25.38 15.10
CA TRP C 125 4.16 25.98 14.57
C TRP C 125 3.99 26.52 13.17
N HIS C 126 2.92 26.15 12.46
CA HIS C 126 2.76 26.73 11.13
C HIS C 126 2.23 28.16 11.20
N THR C 127 1.66 28.55 12.33
CA THR C 127 1.17 29.92 12.48
C THR C 127 2.30 30.91 12.72
N TRP C 128 3.50 30.43 13.03
CA TRP C 128 4.65 31.30 13.22
C TRP C 128 5.30 31.71 11.91
N PHE C 129 4.90 31.10 10.81
CA PHE C 129 5.47 31.45 9.52
C PHE C 129 4.95 32.80 9.06
N ASP C 130 5.84 33.57 8.42
CA ASP C 130 5.54 34.85 7.77
C ASP C 130 4.96 35.87 8.76
N ARG C 131 5.49 35.87 9.97
CA ARG C 131 5.06 36.78 11.00
C ARG C 131 6.17 37.76 11.32
N ASP C 132 5.79 38.98 11.66
CA ASP C 132 6.75 39.88 12.26
C ASP C 132 7.05 39.37 13.67
N LEU C 133 8.30 39.09 13.95
CA LEU C 133 8.69 38.50 15.23
C LEU C 133 9.58 39.47 15.99
N SER C 134 9.24 39.68 17.26
CA SER C 134 10.05 40.49 18.15
C SER C 134 10.91 39.58 19.01
N LEU C 135 11.89 40.19 19.65
CA LEU C 135 12.83 39.48 20.51
C LEU C 135 12.78 40.08 21.90
N ALA C 136 12.67 39.23 22.91
CA ALA C 136 12.54 39.70 24.27
C ALA C 136 13.06 38.62 25.21
N GLY C 137 13.33 39.01 26.45
CA GLY C 137 13.83 38.08 27.42
C GLY C 137 14.68 38.76 28.48
N ARG C 138 15.46 37.99 29.22
CA ARG C 138 16.33 38.52 30.24
C ARG C 138 17.77 38.27 29.84
N VAL C 139 18.63 39.22 30.18
CA VAL C 139 20.04 39.20 29.78
C VAL C 139 20.90 39.35 31.02
N MET C 140 21.85 38.44 31.21
CA MET C 140 22.83 38.53 32.28
C MET C 140 23.99 39.42 31.85
N VAL C 141 24.26 40.45 32.64
CA VAL C 141 25.30 41.42 32.34
C VAL C 141 26.30 41.42 33.48
N GLU C 142 27.58 41.22 33.15
CA GLU C 142 28.64 41.40 34.12
C GLU C 142 28.87 42.88 34.42
N GLU C 143 29.24 43.17 35.65
CA GLU C 143 29.75 44.49 35.99
C GLU C 143 31.17 44.35 36.54
N GLU C 144 31.76 45.51 36.87
CA GLU C 144 33.21 45.59 37.03
C GLU C 144 33.69 44.89 38.29
N ASP C 145 32.83 44.73 39.29
CA ASP C 145 33.22 44.05 40.51
C ASP C 145 32.93 42.56 40.47
N GLY C 146 32.46 42.05 39.35
CA GLY C 146 32.24 40.63 39.17
C GLY C 146 30.82 40.17 39.35
N ARG C 147 29.96 40.99 39.95
CA ARG C 147 28.59 40.56 40.15
C ARG C 147 27.81 40.64 38.84
N VAL C 148 26.84 39.75 38.70
CA VAL C 148 26.06 39.62 37.48
C VAL C 148 24.59 39.79 37.82
N ILE C 149 23.94 40.73 37.16
CA ILE C 149 22.55 41.07 37.44
C ILE C 149 21.71 40.85 36.19
N GLN C 150 20.40 40.70 36.39
CA GLN C 150 19.50 40.34 35.32
C GLN C 150 18.79 41.58 34.81
N TYR C 151 18.85 41.77 33.49
CA TYR C 151 18.19 42.87 32.79
C TYR C 151 17.18 42.32 31.80
N ASN C 152 15.92 42.74 31.95
CA ASN C 152 14.88 42.38 31.01
C ASN C 152 14.99 43.30 29.79
N VAL C 153 14.95 42.71 28.60
CA VAL C 153 15.11 43.46 27.37
C VAL C 153 13.89 43.21 26.48
N HIS C 154 13.34 44.27 25.92
CA HIS C 154 12.27 44.15 24.95
C HIS C 154 12.75 44.83 23.67
N ILE C 155 12.66 44.14 22.55
CA ILE C 155 12.96 44.75 21.27
C ILE C 155 11.65 44.82 20.49
N ASP C 156 10.95 45.94 20.65
CA ASP C 156 9.62 46.15 20.07
C ASP C 156 9.72 46.69 18.65
N ARG C 157 10.14 45.82 17.74
CA ARG C 157 10.14 46.11 16.31
C ARG C 157 10.17 44.79 15.57
N PRO C 158 9.76 44.76 14.28
CA PRO C 158 9.90 43.53 13.51
C PRO C 158 11.35 43.22 13.27
N LEU C 159 11.81 42.16 13.91
CA LEU C 159 13.23 41.88 13.98
C LEU C 159 13.58 40.53 13.39
N LEU C 160 12.68 39.57 13.51
CA LEU C 160 12.87 38.24 12.96
C LEU C 160 11.69 37.89 12.08
N ARG C 161 11.89 36.92 11.20
CA ARG C 161 10.81 36.37 10.38
C ARG C 161 11.17 34.98 9.91
N ILE C 162 10.23 34.04 10.01
CA ILE C 162 10.38 32.73 9.39
C ILE C 162 9.61 32.75 8.09
N PRO C 163 10.26 32.82 6.94
CA PRO C 163 9.53 32.93 5.68
C PRO C 163 9.20 31.57 5.08
N THR C 164 8.05 31.50 4.43
CA THR C 164 7.69 30.29 3.72
C THR C 164 8.36 30.25 2.35
N LEU C 165 8.39 29.06 1.76
CA LEU C 165 8.74 28.93 0.37
C LEU C 165 7.58 29.46 -0.47
N ALA C 166 7.90 30.05 -1.61
CA ALA C 166 6.86 30.51 -2.53
C ALA C 166 6.09 29.34 -3.11
N ILE C 167 4.85 29.61 -3.52
CA ILE C 167 3.95 28.54 -3.94
C ILE C 167 4.33 28.03 -5.33
N HIS C 168 5.12 28.79 -6.08
CA HIS C 168 5.52 28.35 -7.42
C HIS C 168 6.51 27.22 -7.33
N LEU C 169 7.27 27.17 -6.24
CA LEU C 169 8.39 26.28 -6.08
C LEU C 169 7.99 24.97 -5.42
N ASP C 170 6.83 24.94 -4.78
CA ASP C 170 6.24 23.75 -4.21
C ASP C 170 4.73 23.94 -4.18
N PRO C 171 4.02 23.55 -5.25
CA PRO C 171 2.56 23.70 -5.25
C PRO C 171 1.86 22.73 -4.33
N SER C 172 2.55 21.71 -3.83
CA SER C 172 1.96 20.75 -2.91
C SER C 172 1.74 21.31 -1.51
N ALA C 173 2.23 22.52 -1.22
CA ALA C 173 2.04 23.10 0.10
C ALA C 173 0.59 23.46 0.36
N ASN C 174 -0.19 23.72 -0.69
CA ASN C 174 -1.60 24.00 -0.50
C ASN C 174 -2.39 22.74 -0.19
N SER C 175 -1.91 21.59 -0.65
CA SER C 175 -2.57 20.33 -0.31
C SER C 175 -2.36 19.98 1.15
N SER C 176 -1.12 20.03 1.62
CA SER C 176 -0.79 19.75 3.01
C SER C 176 0.54 20.39 3.31
N PHE C 177 0.58 21.28 4.30
CA PHE C 177 1.79 22.00 4.64
C PHE C 177 2.54 21.27 5.74
N SER C 178 3.74 20.81 5.42
CA SER C 178 4.63 20.19 6.39
C SER C 178 6.02 20.77 6.23
N PHE C 179 6.78 20.77 7.31
CA PHE C 179 8.09 21.40 7.29
C PHE C 179 8.99 20.76 8.32
N ASN C 180 10.27 20.66 7.99
CA ASN C 180 11.24 20.12 8.93
C ASN C 180 11.55 21.13 10.01
N MET C 181 11.64 20.66 11.25
CA MET C 181 11.57 21.52 12.41
C MET C 181 12.91 22.20 12.73
N GLU C 182 14.04 21.69 12.24
CA GLU C 182 15.24 22.49 12.03
C GLU C 182 15.27 23.24 10.73
N THR C 183 15.50 22.52 9.64
CA THR C 183 16.08 23.08 8.44
C THR C 183 15.18 24.07 7.75
N GLU C 184 13.87 23.95 7.94
CA GLU C 184 12.93 24.87 7.33
C GLU C 184 12.24 25.79 8.33
N PHE C 185 12.66 25.78 9.58
CA PHE C 185 12.06 26.63 10.62
C PHE C 185 13.09 27.54 11.26
N VAL C 186 13.95 28.16 10.46
CA VAL C 186 15.00 29.04 10.98
C VAL C 186 14.63 30.47 10.66
N PRO C 187 14.40 31.33 11.66
CA PRO C 187 14.08 32.72 11.37
C PRO C 187 15.29 33.51 10.89
N LEU C 188 15.00 34.64 10.28
CA LEU C 188 16.00 35.48 9.65
C LEU C 188 16.12 36.79 10.41
N ILE C 189 17.33 37.10 10.85
CA ILE C 189 17.58 38.35 11.55
C ILE C 189 18.06 39.46 10.61
N GLY C 190 18.79 39.12 9.55
CA GLY C 190 19.21 40.16 8.63
C GLY C 190 20.12 39.61 7.54
N LEU C 191 20.80 40.53 6.89
CA LEU C 191 21.69 40.23 5.77
C LEU C 191 23.12 40.54 6.19
N GLU C 192 24.05 39.68 5.80
CA GLU C 192 25.42 39.88 6.24
C GLU C 192 26.26 40.66 5.23
N ASN C 193 25.69 41.09 4.12
CA ASN C 193 26.47 41.86 3.14
C ASN C 193 26.71 43.29 3.58
N GLU C 194 26.05 43.74 4.63
CA GLU C 194 26.03 45.15 5.00
C GLU C 194 26.45 45.36 6.46
N LEU C 195 27.05 44.36 7.08
CA LEU C 195 27.64 44.50 8.40
C LEU C 195 29.17 44.52 8.34
N ALA C 196 29.73 44.97 7.22
CA ALA C 196 31.16 44.76 6.95
C ALA C 196 32.01 45.89 7.54
N LYS C 197 31.60 46.40 8.70
CA LYS C 197 32.39 47.38 9.43
C LYS C 197 33.76 46.81 9.79
N GLU C 198 33.81 45.55 10.21
CA GLU C 198 35.07 44.82 10.32
C GLU C 198 34.88 43.46 9.68
N GLU C 199 35.74 43.11 8.73
CA GLU C 199 35.70 41.82 8.05
C GLU C 199 36.67 40.82 8.67
N THR C 200 36.61 40.66 9.99
CA THR C 200 37.43 39.69 10.69
C THR C 200 36.56 38.98 11.72
N SER C 201 37.17 38.07 12.47
CA SER C 201 36.49 37.38 13.55
C SER C 201 37.17 37.59 14.90
N ASP C 202 38.50 37.58 14.93
CA ASP C 202 39.40 37.81 16.07
C ASP C 202 39.36 36.69 17.12
N ASN C 203 38.45 35.73 16.94
CA ASN C 203 38.28 34.51 17.71
C ASN C 203 37.28 33.66 16.96
N GLY C 204 37.54 32.36 16.89
CA GLY C 204 36.69 31.48 16.12
C GLY C 204 35.37 31.23 16.80
N ASP C 205 34.26 31.46 16.07
CA ASP C 205 32.91 31.00 16.41
C ASP C 205 32.41 31.58 17.73
N LYS C 206 32.15 32.89 17.71
CA LYS C 206 31.34 33.52 18.73
C LYS C 206 29.96 32.86 18.82
N TYR C 207 29.38 32.91 20.02
CA TYR C 207 28.14 32.20 20.27
C TYR C 207 26.96 32.81 19.54
N HIS C 208 26.91 34.14 19.46
CA HIS C 208 25.81 34.82 18.80
C HIS C 208 26.37 35.82 17.80
N HIS C 209 25.46 36.38 17.01
CA HIS C 209 25.85 37.43 16.08
C HIS C 209 26.29 38.65 16.86
N PRO C 210 27.45 39.24 16.54
CA PRO C 210 27.86 40.47 17.23
C PRO C 210 26.93 41.64 17.01
N VAL C 211 26.22 41.65 15.89
CA VAL C 211 25.24 42.70 15.65
C VAL C 211 24.02 42.50 16.56
N LEU C 212 23.73 41.25 16.92
CA LEU C 212 22.64 41.00 17.85
C LEU C 212 23.01 41.41 19.26
N LEU C 213 24.26 41.15 19.65
CA LEU C 213 24.72 41.55 20.98
C LEU C 213 24.83 43.06 21.09
N SER C 214 25.11 43.74 19.98
CA SER C 214 25.15 45.19 19.99
C SER C 214 23.77 45.78 20.20
N LEU C 215 22.75 45.16 19.61
CA LEU C 215 21.39 45.65 19.78
C LEU C 215 20.89 45.39 21.19
N LEU C 216 21.23 44.24 21.76
CA LEU C 216 20.85 43.94 23.14
C LEU C 216 21.51 44.89 24.11
N ALA C 217 22.79 45.21 23.89
CA ALA C 217 23.48 46.15 24.76
C ALA C 217 22.94 47.56 24.58
N ASN C 218 22.51 47.90 23.37
CA ASN C 218 21.99 49.25 23.13
C ASN C 218 20.60 49.40 23.72
N GLU C 219 19.79 48.35 23.67
CA GLU C 219 18.43 48.44 24.19
C GLU C 219 18.43 48.48 25.71
N ILE C 220 19.37 47.78 26.33
CA ILE C 220 19.58 47.88 27.77
C ILE C 220 20.02 49.28 28.17
N SER C 221 20.96 49.85 27.41
CA SER C 221 21.57 51.11 27.82
C SER C 221 20.62 52.30 27.64
N LYS C 222 19.51 52.09 26.95
CA LYS C 222 18.50 53.14 26.83
C LYS C 222 17.84 53.43 28.16
N SER C 223 17.73 52.44 29.04
CA SER C 223 17.07 52.59 30.32
C SER C 223 18.04 52.80 31.47
N LEU C 224 19.32 53.01 31.19
CA LEU C 224 20.31 53.20 32.23
C LEU C 224 21.05 54.51 32.01
N GLU C 225 21.64 55.02 33.09
CA GLU C 225 22.47 56.20 32.98
C GLU C 225 23.77 55.89 32.27
N THR C 226 24.38 54.75 32.56
CA THR C 226 25.62 54.36 31.92
C THR C 226 25.32 53.62 30.63
N THR C 227 26.39 53.15 29.98
CA THR C 227 26.27 52.34 28.78
C THR C 227 26.81 50.95 29.06
N ILE C 228 26.41 49.99 28.23
CA ILE C 228 26.81 48.60 28.37
C ILE C 228 27.50 48.21 27.07
N ASP C 229 28.73 47.75 27.16
CA ASP C 229 29.32 47.18 25.98
C ASP C 229 28.86 45.73 25.80
N PRO C 230 28.82 45.23 24.55
CA PRO C 230 28.32 43.86 24.35
C PRO C 230 29.21 42.77 24.90
N SER C 231 30.46 43.09 25.24
CA SER C 231 31.36 42.07 25.78
C SER C 231 30.98 41.65 27.19
N LYS C 232 30.25 42.47 27.92
CA LYS C 232 29.87 42.15 29.28
C LYS C 232 28.58 41.35 29.37
N ILE C 233 27.93 41.05 28.23
CA ILE C 233 26.76 40.20 28.23
C ILE C 233 27.23 38.76 28.34
N VAL C 234 26.74 38.05 29.35
CA VAL C 234 27.25 36.70 29.59
C VAL C 234 26.38 35.67 28.89
N ASP C 235 25.10 35.59 29.25
CA ASP C 235 24.21 34.60 28.68
C ASP C 235 22.79 35.13 28.82
N PHE C 236 21.88 34.62 28.00
CA PHE C 236 20.50 35.09 28.05
C PHE C 236 19.53 33.97 27.69
N GLU C 237 18.29 34.13 28.16
CA GLU C 237 17.13 33.52 27.52
C GLU C 237 16.49 34.61 26.68
N LEU C 238 16.33 34.35 25.39
CA LEU C 238 15.63 35.28 24.52
C LEU C 238 14.43 34.57 23.90
N ILE C 239 13.28 35.20 24.00
CA ILE C 239 12.02 34.66 23.56
C ILE C 239 11.62 35.37 22.28
N LEU C 240 11.29 34.60 21.26
CA LEU C 240 10.62 35.14 20.09
C LEU C 240 9.12 35.14 20.30
N GLY C 241 8.54 36.32 20.28
CA GLY C 241 7.09 36.46 20.25
C GLY C 241 6.67 37.14 18.96
N ASP C 242 5.36 37.20 18.76
CA ASP C 242 4.79 37.89 17.63
C ASP C 242 5.03 39.36 17.94
N ALA C 243 5.58 40.10 16.99
CA ALA C 243 5.92 41.50 17.21
C ALA C 243 4.71 42.40 17.19
N GLU C 244 3.55 41.89 16.80
CA GLU C 244 2.43 42.77 16.55
C GLU C 244 1.55 42.92 17.78
N LYS C 245 1.21 44.18 18.07
CA LYS C 245 0.45 44.55 19.26
C LYS C 245 -0.91 43.89 19.30
N ALA C 246 -1.32 43.51 20.49
CA ALA C 246 -2.66 43.01 20.71
C ALA C 246 -3.68 44.15 20.63
N ARG C 247 -4.77 43.89 19.95
CA ARG C 247 -5.81 44.89 19.79
C ARG C 247 -7.14 44.21 19.48
N LEU C 248 -8.21 44.94 19.76
CA LEU C 248 -9.56 44.39 19.69
C LEU C 248 -9.97 44.19 18.24
N GLY C 249 -10.71 43.09 18.00
CA GLY C 249 -11.11 42.75 16.65
C GLY C 249 -12.57 42.39 16.59
N GLY C 250 -13.07 42.25 15.38
CA GLY C 250 -14.46 41.92 15.15
C GLY C 250 -15.26 43.12 14.66
N ILE C 251 -16.50 42.84 14.28
CA ILE C 251 -17.38 43.87 13.76
C ILE C 251 -17.77 44.86 14.85
N HIS C 252 -17.81 44.40 16.10
CA HIS C 252 -18.24 45.21 17.23
C HIS C 252 -17.17 45.29 18.31
N GLU C 253 -15.92 44.97 17.95
CA GLU C 253 -14.79 44.86 18.87
C GLU C 253 -15.09 43.89 20.02
N GLU C 254 -15.72 42.78 19.69
CA GLU C 254 -16.05 41.76 20.66
C GLU C 254 -15.01 40.67 20.76
N PHE C 255 -13.95 40.74 19.97
CA PHE C 255 -12.87 39.78 20.03
C PHE C 255 -11.60 40.46 20.50
N VAL C 256 -10.68 39.66 21.03
CA VAL C 256 -9.35 40.12 21.39
C VAL C 256 -8.35 39.30 20.59
N PHE C 257 -7.64 39.95 19.68
CA PHE C 257 -6.63 39.28 18.87
C PHE C 257 -5.29 39.55 19.54
N SER C 258 -4.63 38.50 20.00
CA SER C 258 -3.45 38.72 20.83
C SER C 258 -2.52 37.52 20.76
N PRO C 259 -1.21 37.74 20.84
CA PRO C 259 -0.31 36.64 21.15
C PRO C 259 -0.37 36.34 22.63
N ARG C 260 0.06 35.13 22.97
CA ARG C 260 0.23 34.66 24.36
C ARG C 260 -1.06 34.75 25.15
N LEU C 261 -2.19 34.46 24.53
CA LEU C 261 -3.47 34.55 25.23
C LEU C 261 -3.65 33.42 26.22
N ASP C 262 -2.75 32.44 26.11
CA ASP C 262 -2.75 31.26 26.96
C ASP C 262 -2.48 31.63 28.42
N ASN C 263 -3.56 31.83 29.15
CA ASN C 263 -3.56 32.17 30.57
C ASN C 263 -2.99 33.51 31.05
N LEU C 264 -2.32 34.29 30.21
CA LEU C 264 -1.85 35.64 30.47
C LEU C 264 -3.12 36.46 30.57
N GLY C 265 -4.14 35.95 29.89
CA GLY C 265 -5.47 36.51 29.90
C GLY C 265 -5.97 36.19 31.29
N MET C 266 -5.73 34.98 31.78
CA MET C 266 -6.21 34.65 33.12
C MET C 266 -5.31 35.25 34.19
N THR C 267 -4.02 35.38 33.88
CA THR C 267 -3.09 36.02 34.81
C THR C 267 -3.44 37.48 35.00
N PHE C 268 -3.91 38.13 33.94
CA PHE C 268 -4.42 39.49 34.08
C PHE C 268 -5.70 39.49 34.92
N CYS C 269 -6.60 38.54 34.67
CA CYS C 269 -7.86 38.52 35.40
C CYS C 269 -7.67 38.16 36.87
N ALA C 270 -6.75 37.23 37.16
CA ALA C 270 -6.53 36.83 38.54
C ALA C 270 -5.83 37.93 39.32
N SER C 271 -4.88 38.61 38.71
CA SER C 271 -4.13 39.65 39.42
C SER C 271 -4.96 40.91 39.60
N GLN C 272 -5.77 41.26 38.60
CA GLN C 272 -6.62 42.45 38.73
C GLN C 272 -7.68 42.23 39.79
N ALA C 273 -8.24 41.03 39.86
CA ALA C 273 -9.32 40.79 40.79
C ALA C 273 -8.80 40.58 42.20
N LEU C 274 -7.52 40.24 42.35
CA LEU C 274 -6.93 40.26 43.68
C LEU C 274 -6.85 41.68 44.22
N THR C 275 -6.47 42.62 43.36
CA THR C 275 -6.44 44.02 43.79
C THR C 275 -7.85 44.61 43.84
N LYS C 276 -8.75 44.15 42.97
CA LYS C 276 -10.13 44.61 43.01
C LYS C 276 -10.86 44.10 44.24
N SER C 277 -10.42 42.99 44.82
CA SER C 277 -11.02 42.50 46.05
C SER C 277 -10.39 43.11 47.29
N LEU C 278 -9.85 44.32 47.18
CA LEU C 278 -9.38 45.08 48.33
C LEU C 278 -9.93 46.49 48.32
N GLU C 279 -10.99 46.75 47.56
CA GLU C 279 -11.32 48.13 47.20
C GLU C 279 -11.97 48.89 48.35
N ASN C 280 -13.11 48.41 48.85
CA ASN C 280 -13.78 49.21 49.88
C ASN C 280 -13.08 49.00 51.21
N ASN C 281 -13.34 47.84 51.84
CA ASN C 281 -12.45 47.19 52.80
C ASN C 281 -12.91 45.73 52.78
N SER C 282 -12.25 44.90 51.99
CA SER C 282 -12.59 43.49 52.08
C SER C 282 -11.72 42.80 53.10
N LEU C 283 -10.45 43.19 53.17
CA LEU C 283 -9.70 43.05 54.40
C LEU C 283 -10.29 43.98 55.44
N ASP C 284 -10.00 43.66 56.71
CA ASP C 284 -10.62 44.04 57.99
C ASP C 284 -11.88 43.23 58.25
N ASN C 285 -12.30 42.38 57.32
CA ASN C 285 -13.37 41.44 57.57
C ASN C 285 -13.06 40.07 57.02
N GLU C 286 -11.91 39.89 56.38
CA GLU C 286 -11.55 38.64 55.74
C GLU C 286 -10.84 37.73 56.73
N SER C 287 -11.26 36.48 56.76
CA SER C 287 -10.67 35.49 57.65
C SER C 287 -9.75 34.52 56.93
N CYS C 288 -9.58 34.65 55.63
CA CYS C 288 -8.72 33.76 54.86
C CYS C 288 -7.58 34.55 54.23
N VAL C 289 -6.78 33.87 53.42
CA VAL C 289 -5.66 34.47 52.71
C VAL C 289 -5.92 34.27 51.22
N ARG C 290 -5.90 35.36 50.47
CA ARG C 290 -6.20 35.33 49.05
C ARG C 290 -4.90 35.30 48.26
N VAL C 291 -4.62 34.16 47.62
CA VAL C 291 -3.34 33.91 46.97
C VAL C 291 -3.55 33.88 45.47
N VAL C 292 -2.70 34.58 44.73
CA VAL C 292 -2.64 34.47 43.29
C VAL C 292 -1.22 34.07 42.90
N PRO C 293 -0.97 32.80 42.68
CA PRO C 293 0.31 32.38 42.12
C PRO C 293 0.28 32.35 40.60
N SER C 294 1.24 33.01 39.98
CA SER C 294 1.39 32.99 38.53
C SER C 294 2.67 32.24 38.23
N PHE C 295 2.53 31.01 37.74
CA PHE C 295 3.66 30.12 37.62
C PHE C 295 4.33 30.26 36.26
N ASP C 296 5.33 29.42 36.04
CA ASP C 296 6.11 29.40 34.83
C ASP C 296 6.21 27.94 34.39
N HIS C 297 6.60 27.71 33.14
CA HIS C 297 6.93 26.39 32.59
C HIS C 297 5.75 25.43 32.57
N GLU C 298 4.52 25.92 32.39
CA GLU C 298 3.34 25.04 32.42
C GLU C 298 3.01 24.34 31.10
N GLU C 299 3.64 24.78 30.03
CA GLU C 299 3.43 24.25 28.68
C GLU C 299 4.25 23.00 28.38
N ILE C 300 5.13 22.62 29.30
CA ILE C 300 6.03 21.49 29.23
C ILE C 300 5.83 20.58 30.42
N GLY C 301 4.99 20.99 31.37
CA GLY C 301 4.57 20.11 32.44
C GLY C 301 4.94 20.52 33.84
N SER C 302 5.40 21.76 34.04
CA SER C 302 5.66 22.39 35.34
C SER C 302 6.75 21.71 36.15
N VAL C 303 7.56 20.84 35.54
CA VAL C 303 8.61 20.14 36.27
C VAL C 303 9.83 21.05 36.19
N SER C 304 9.93 21.97 37.13
CA SER C 304 11.06 22.89 37.19
C SER C 304 11.19 23.41 38.62
N ALA C 305 12.13 24.33 38.81
CA ALA C 305 12.34 24.88 40.14
C ALA C 305 11.34 25.97 40.47
N GLN C 306 10.78 26.62 39.45
CA GLN C 306 9.80 27.67 39.67
C GLN C 306 8.45 27.33 39.08
N GLY C 307 8.26 26.10 38.61
CA GLY C 307 6.99 25.72 38.03
C GLY C 307 5.93 25.47 39.08
N ALA C 308 4.75 25.07 38.60
CA ALA C 308 3.65 24.80 39.51
C ALA C 308 3.90 23.53 40.32
N GLU C 309 4.58 22.56 39.73
CA GLU C 309 4.88 21.32 40.42
C GLU C 309 6.10 21.45 41.33
N SER C 310 6.73 22.62 41.38
CA SER C 310 7.82 22.87 42.30
C SER C 310 7.28 23.03 43.72
N THR C 311 8.19 23.31 44.65
CA THR C 311 7.78 23.59 46.02
C THR C 311 7.43 25.05 46.24
N PHE C 312 7.29 25.85 45.19
CA PHE C 312 7.12 27.29 45.33
C PHE C 312 5.80 27.63 46.02
N LEU C 313 4.70 27.06 45.55
CA LEU C 313 3.44 27.27 46.26
C LEU C 313 3.39 26.58 47.63
N PRO C 314 3.79 25.30 47.81
CA PRO C 314 3.72 24.74 49.18
C PRO C 314 4.66 25.38 50.19
N ALA C 315 5.83 25.87 49.79
CA ALA C 315 6.71 26.49 50.78
C ALA C 315 6.19 27.85 51.22
N VAL C 316 5.57 28.60 50.30
CA VAL C 316 4.98 29.88 50.65
C VAL C 316 3.80 29.69 51.58
N LEU C 317 2.98 28.67 51.33
CA LEU C 317 1.83 28.40 52.18
C LEU C 317 2.26 27.90 53.56
N GLN C 318 3.35 27.14 53.63
CA GLN C 318 3.85 26.71 54.93
C GLN C 318 4.45 27.88 55.71
N ARG C 319 5.13 28.80 55.01
CA ARG C 319 5.72 29.93 55.71
C ARG C 319 4.66 30.89 56.22
N ILE C 320 3.52 30.97 55.53
CA ILE C 320 2.38 31.71 56.06
C ILE C 320 1.80 30.97 57.26
N CYS C 321 1.68 29.65 57.15
CA CYS C 321 1.12 28.86 58.24
C CYS C 321 2.08 28.69 59.40
N GLU C 322 3.36 29.03 59.23
CA GLU C 322 4.29 28.92 60.34
C GLU C 322 4.28 30.14 61.24
N LEU C 323 3.37 31.08 61.05
CA LEU C 323 3.17 32.12 62.05
C LEU C 323 2.59 31.53 63.33
N GLY C 324 1.72 30.53 63.19
CA GLY C 324 1.26 29.81 64.36
C GLY C 324 2.33 28.88 64.90
N LYS C 325 2.12 28.42 66.12
CA LYS C 325 3.12 27.59 66.77
C LYS C 325 2.90 26.11 66.57
N GLU C 326 1.67 25.69 66.35
CA GLU C 326 1.39 24.29 66.10
C GLU C 326 1.87 23.90 64.71
N SER C 327 2.55 22.75 64.62
CA SER C 327 3.12 22.32 63.36
C SER C 327 2.10 21.67 62.44
N SER C 328 0.91 21.34 62.95
CA SER C 328 -0.11 20.69 62.14
C SER C 328 -1.02 21.68 61.44
N LEU C 329 -0.75 22.99 61.56
CA LEU C 329 -1.69 23.98 61.05
C LEU C 329 -1.70 24.06 59.54
N PHE C 330 -0.64 23.58 58.89
CA PHE C 330 -0.62 23.60 57.43
C PHE C 330 -1.62 22.61 56.86
N SER C 331 -1.62 21.38 57.38
CA SER C 331 -2.53 20.36 56.87
C SER C 331 -3.97 20.66 57.26
N ILE C 332 -4.18 21.35 58.38
CA ILE C 332 -5.51 21.79 58.76
C ILE C 332 -6.01 22.86 57.79
N SER C 333 -5.13 23.77 57.40
CA SER C 333 -5.55 24.88 56.54
C SER C 333 -5.86 24.42 55.13
N MET C 334 -5.30 23.30 54.69
CA MET C 334 -5.50 22.87 53.32
C MET C 334 -6.90 22.34 53.08
N VAL C 335 -7.50 21.68 54.08
CA VAL C 335 -8.83 21.15 53.87
C VAL C 335 -9.89 22.21 54.03
N LYS C 336 -9.54 23.37 54.57
CA LYS C 336 -10.44 24.51 54.57
C LYS C 336 -10.23 25.42 53.37
N SER C 337 -9.34 25.05 52.46
CA SER C 337 -8.93 25.91 51.37
C SER C 337 -9.54 25.48 50.05
N PHE C 338 -9.33 26.30 49.03
CA PHE C 338 -9.83 26.01 47.70
C PHE C 338 -8.90 26.61 46.65
N LEU C 339 -8.67 25.86 45.58
CA LEU C 339 -7.84 26.28 44.48
C LEU C 339 -8.68 26.50 43.24
N VAL C 340 -8.35 27.54 42.48
CA VAL C 340 -8.96 27.77 41.19
C VAL C 340 -7.81 27.81 40.19
N SER C 341 -7.68 26.78 39.37
CA SER C 341 -6.64 26.76 38.36
C SER C 341 -7.17 27.50 37.15
N ALA C 342 -6.83 28.79 37.05
CA ALA C 342 -7.36 29.61 35.98
C ALA C 342 -6.57 29.41 34.71
N ASP C 343 -7.01 28.47 33.88
CA ASP C 343 -6.37 28.26 32.59
C ASP C 343 -7.42 28.23 31.50
N MET C 344 -7.08 28.82 30.35
CA MET C 344 -8.06 29.14 29.32
C MET C 344 -8.68 27.89 28.70
N ALA C 345 -9.93 28.02 28.28
CA ALA C 345 -10.73 26.93 27.78
C ALA C 345 -10.95 27.05 26.28
N HIS C 346 -11.27 25.91 25.67
CA HIS C 346 -11.52 25.87 24.24
C HIS C 346 -12.94 26.34 23.97
N ALA C 347 -13.07 27.41 23.19
CA ALA C 347 -14.38 27.87 22.75
C ALA C 347 -14.86 27.03 21.57
N MET C 348 -16.07 27.31 21.12
CA MET C 348 -16.61 26.56 20.00
C MET C 348 -16.04 27.10 18.70
N HIS C 349 -15.40 26.25 17.93
CA HIS C 349 -14.88 26.64 16.62
C HIS C 349 -15.93 26.31 15.58
N PRO C 350 -16.49 27.29 14.88
CA PRO C 350 -17.58 27.00 13.94
C PRO C 350 -17.12 26.23 12.73
N ASN C 351 -15.85 26.33 12.39
CA ASN C 351 -15.30 25.64 11.24
C ASN C 351 -14.86 24.23 11.56
N TYR C 352 -14.71 23.89 12.82
CA TYR C 352 -14.23 22.57 13.21
C TYR C 352 -15.19 21.97 14.22
N SER C 353 -16.48 22.01 13.91
CA SER C 353 -17.51 21.65 14.88
C SER C 353 -17.51 20.16 15.19
N SER C 354 -16.99 19.34 14.28
CA SER C 354 -16.92 17.92 14.54
C SER C 354 -15.86 17.53 15.56
N ARG C 355 -14.98 18.45 15.96
CA ARG C 355 -13.92 18.12 16.89
C ARG C 355 -14.26 18.62 18.29
N TYR C 356 -15.55 18.68 18.58
CA TYR C 356 -16.14 19.24 19.77
C TYR C 356 -17.34 18.41 20.18
N GLU C 357 -17.61 18.35 21.47
CA GLU C 357 -18.81 17.67 21.91
C GLU C 357 -19.93 18.71 21.86
N ASN C 358 -21.00 18.40 21.12
CA ASN C 358 -21.93 19.42 20.65
C ASN C 358 -22.78 20.05 21.73
N SER C 359 -22.82 19.49 22.93
CA SER C 359 -23.66 20.03 23.98
C SER C 359 -22.89 20.61 25.16
N ASN C 360 -21.63 20.23 25.35
CA ASN C 360 -20.83 20.75 26.45
C ASN C 360 -19.67 21.59 25.93
N THR C 361 -19.92 22.42 24.94
CA THR C 361 -18.86 23.26 24.45
C THR C 361 -19.26 24.71 24.61
N PRO C 362 -18.46 25.53 25.27
CA PRO C 362 -18.84 26.91 25.54
C PRO C 362 -18.69 27.81 24.32
N PHE C 363 -19.08 29.06 24.51
CA PHE C 363 -19.05 30.07 23.47
C PHE C 363 -18.36 31.31 23.99
N LEU C 364 -17.85 32.11 23.06
CA LEU C 364 -17.19 33.36 23.41
C LEU C 364 -18.20 34.37 23.94
N ASN C 365 -17.74 35.15 24.92
CA ASN C 365 -18.49 36.23 25.57
C ASN C 365 -19.77 35.73 26.22
N LYS C 366 -19.76 34.48 26.70
CA LYS C 366 -20.87 33.91 27.44
C LYS C 366 -20.46 33.53 28.85
N GLY C 367 -19.36 34.10 29.35
CA GLY C 367 -18.89 33.84 30.70
C GLY C 367 -17.74 32.86 30.72
N THR C 368 -17.14 32.74 31.89
CA THR C 368 -16.03 31.83 32.09
C THR C 368 -16.53 30.38 32.12
N VAL C 369 -15.60 29.44 31.99
CA VAL C 369 -15.94 28.08 31.62
C VAL C 369 -15.42 27.13 32.69
N ILE C 370 -16.31 26.31 33.24
CA ILE C 370 -15.90 25.27 34.18
C ILE C 370 -15.43 24.05 33.40
N LYS C 371 -14.13 23.78 33.46
CA LYS C 371 -13.54 22.68 32.70
C LYS C 371 -13.66 21.39 33.50
N VAL C 372 -14.40 20.43 32.97
CA VAL C 372 -14.69 19.17 33.65
C VAL C 372 -14.15 18.03 32.79
N ASN C 373 -13.40 17.12 33.41
CA ASN C 373 -12.88 15.96 32.70
C ASN C 373 -12.88 14.76 33.64
N ALA C 374 -13.40 13.63 33.15
CA ALA C 374 -13.51 12.44 34.00
C ALA C 374 -12.14 11.86 34.32
N ASN C 375 -11.22 11.89 33.37
CA ASN C 375 -9.87 11.40 33.60
C ASN C 375 -9.03 12.35 34.42
N GLN C 376 -9.62 13.46 34.86
CA GLN C 376 -9.01 14.43 35.78
C GLN C 376 -7.75 15.04 35.18
N ARG C 377 -7.75 15.19 33.86
CA ARG C 377 -6.85 16.15 33.24
C ARG C 377 -7.22 17.56 33.67
N TYR C 378 -8.52 17.83 33.79
CA TYR C 378 -9.05 18.92 34.58
C TYR C 378 -9.68 18.30 35.82
N THR C 379 -9.31 18.81 36.98
CA THR C 379 -9.56 18.17 38.26
C THR C 379 -10.81 18.68 38.97
N THR C 380 -11.79 19.13 38.20
CA THR C 380 -13.03 19.64 38.74
C THR C 380 -13.92 18.50 39.24
N ASN C 381 -14.33 18.56 40.50
CA ASN C 381 -15.36 17.69 41.05
C ASN C 381 -16.61 18.50 41.36
N SER C 382 -17.62 17.82 41.88
CA SER C 382 -18.91 18.48 42.13
C SER C 382 -18.83 19.44 43.30
N ALA C 383 -17.93 19.18 44.25
CA ALA C 383 -17.79 20.08 45.40
C ALA C 383 -17.28 21.44 44.97
N GLY C 384 -16.47 21.48 43.92
CA GLY C 384 -16.04 22.75 43.38
C GLY C 384 -17.12 23.44 42.57
N ILE C 385 -17.95 22.67 41.88
CA ILE C 385 -18.97 23.24 41.00
C ILE C 385 -20.02 23.98 41.80
N VAL C 386 -20.43 23.41 42.94
CA VAL C 386 -21.43 24.04 43.78
C VAL C 386 -20.89 25.33 44.38
N LEU C 387 -19.59 25.35 44.70
CA LEU C 387 -19.00 26.56 45.24
C LEU C 387 -18.96 27.68 44.21
N LEU C 388 -18.51 27.36 42.99
CA LEU C 388 -18.40 28.39 41.98
C LEU C 388 -19.71 28.67 41.25
N LYS C 389 -20.72 27.83 41.43
CA LYS C 389 -22.05 28.25 41.00
C LYS C 389 -22.64 29.24 41.99
N LYS C 390 -22.31 29.08 43.28
CA LYS C 390 -22.75 30.04 44.28
C LYS C 390 -22.02 31.36 44.14
N VAL C 391 -20.74 31.31 43.73
CA VAL C 391 -19.97 32.53 43.50
C VAL C 391 -20.52 33.28 42.31
N ALA C 392 -20.86 32.55 41.24
CA ALA C 392 -21.43 33.18 40.05
C ALA C 392 -22.83 33.70 40.33
N GLN C 393 -23.55 33.07 41.24
CA GLN C 393 -24.85 33.59 41.66
C GLN C 393 -24.67 34.90 42.41
N LEU C 394 -23.64 35.00 43.24
CA LEU C 394 -23.40 36.23 44.00
C LEU C 394 -22.87 37.33 43.09
N ALA C 395 -22.01 36.98 42.15
CA ALA C 395 -21.43 37.99 41.25
C ALA C 395 -22.35 38.38 40.12
N ASP C 396 -23.40 37.58 39.87
CA ASP C 396 -24.33 37.75 38.75
C ASP C 396 -23.58 37.76 37.42
N VAL C 397 -22.81 36.71 37.17
CA VAL C 397 -22.13 36.52 35.90
C VAL C 397 -22.46 35.12 35.41
N PRO C 398 -22.54 34.89 34.11
CA PRO C 398 -22.79 33.54 33.62
C PRO C 398 -21.53 32.69 33.65
N ILE C 399 -21.72 31.39 33.81
CA ILE C 399 -20.64 30.42 33.69
C ILE C 399 -21.09 29.31 32.76
N GLN C 400 -20.13 28.71 32.07
CA GLN C 400 -20.36 27.61 31.14
C GLN C 400 -19.53 26.41 31.58
N SER C 401 -19.66 25.33 30.81
CA SER C 401 -18.95 24.10 31.13
C SER C 401 -18.33 23.54 29.85
N PHE C 402 -17.24 22.79 30.03
CA PHE C 402 -16.53 22.20 28.91
C PHE C 402 -16.14 20.78 29.25
N VAL C 403 -16.34 19.86 28.30
CA VAL C 403 -15.68 18.57 28.31
C VAL C 403 -15.07 18.38 26.93
N VAL C 404 -14.12 17.48 26.85
CA VAL C 404 -13.55 17.10 25.57
C VAL C 404 -14.39 15.98 24.99
N ARG C 405 -14.20 15.71 23.71
CA ARG C 405 -14.77 14.51 23.13
C ARG C 405 -14.04 13.29 23.67
N ASN C 406 -14.76 12.17 23.72
CA ASN C 406 -14.24 10.93 24.25
C ASN C 406 -13.24 10.30 23.28
N ASP C 407 -13.33 10.64 21.99
CA ASP C 407 -12.32 10.20 21.03
C ASP C 407 -11.24 11.24 20.83
N SER C 408 -11.01 12.10 21.82
CA SER C 408 -10.06 13.17 21.75
C SER C 408 -9.14 13.12 22.96
N PRO C 409 -7.85 13.39 22.78
CA PRO C 409 -6.95 13.46 23.93
C PRO C 409 -7.16 14.76 24.69
N CYS C 410 -6.76 14.73 25.95
CA CYS C 410 -6.84 15.91 26.81
C CYS C 410 -5.52 16.09 27.54
N GLY C 411 -5.08 17.33 27.65
CA GLY C 411 -3.84 17.66 28.32
C GLY C 411 -4.12 18.19 29.73
N SER C 412 -3.31 17.72 30.68
CA SER C 412 -3.46 18.15 32.06
C SER C 412 -3.00 19.59 32.22
N THR C 413 -3.69 20.30 33.10
CA THR C 413 -3.28 21.63 33.51
C THR C 413 -2.48 21.51 34.81
N ILE C 414 -2.19 22.66 35.42
CA ILE C 414 -1.48 22.64 36.69
C ILE C 414 -2.38 22.27 37.85
N GLY C 415 -3.69 22.33 37.64
CA GLY C 415 -4.67 22.05 38.66
C GLY C 415 -4.62 20.68 39.30
N PRO C 416 -4.53 19.60 38.51
CA PRO C 416 -4.37 18.27 39.12
C PRO C 416 -3.14 18.11 39.98
N LYS C 417 -2.02 18.70 39.60
CA LYS C 417 -0.80 18.39 40.34
C LYS C 417 -0.63 19.35 41.50
N LEU C 418 -1.16 20.57 41.38
CA LEU C 418 -1.22 21.47 42.52
C LEU C 418 -2.18 20.96 43.57
N ALA C 419 -3.21 20.23 43.14
CA ALA C 419 -4.09 19.55 44.09
C ALA C 419 -3.34 18.47 44.84
N ALA C 420 -2.40 17.80 44.16
CA ALA C 420 -1.70 16.68 44.77
C ALA C 420 -0.75 17.15 45.86
N MET C 421 0.02 18.20 45.59
CA MET C 421 1.01 18.62 46.57
C MET C 421 0.41 19.41 47.72
N THR C 422 -0.86 19.81 47.61
CA THR C 422 -1.51 20.54 48.67
C THR C 422 -2.63 19.77 49.34
N GLY C 423 -3.26 18.83 48.64
CA GLY C 423 -4.44 18.19 49.19
C GLY C 423 -5.64 19.09 49.19
N MET C 424 -5.64 20.11 48.34
CA MET C 424 -6.60 21.19 48.42
C MET C 424 -7.72 20.93 47.43
N ARG C 425 -8.94 21.20 47.85
CA ARG C 425 -10.08 21.10 46.94
C ARG C 425 -9.93 22.11 45.83
N THR C 426 -10.31 21.74 44.61
CA THR C 426 -9.91 22.54 43.48
C THR C 426 -10.85 22.38 42.30
N LEU C 427 -10.82 23.39 41.43
CA LEU C 427 -11.57 23.41 40.20
C LEU C 427 -10.69 24.03 39.12
N ASP C 428 -10.81 23.53 37.90
CA ASP C 428 -10.12 24.10 36.76
C ASP C 428 -11.12 24.90 35.95
N LEU C 429 -10.93 26.21 35.89
CA LEU C 429 -11.77 27.03 35.03
C LEU C 429 -10.89 27.91 34.15
N GLY C 430 -11.56 28.63 33.25
CA GLY C 430 -10.87 29.58 32.40
C GLY C 430 -11.85 30.19 31.42
N ASN C 431 -11.38 31.21 30.76
CA ASN C 431 -12.24 31.90 29.82
C ASN C 431 -12.12 31.27 28.43
N PRO C 432 -13.19 31.23 27.64
CA PRO C 432 -13.13 30.53 26.36
C PRO C 432 -12.31 31.29 25.33
N MET C 433 -11.70 30.53 24.43
CA MET C 433 -10.88 31.09 23.38
C MET C 433 -10.73 30.08 22.26
N LEU C 434 -10.32 30.56 21.10
CA LEU C 434 -10.02 29.71 19.96
C LEU C 434 -8.55 29.86 19.58
N SER C 435 -8.05 28.82 18.89
CA SER C 435 -6.66 28.69 18.44
C SER C 435 -5.68 28.80 19.60
N MET C 436 -5.81 27.89 20.54
CA MET C 436 -4.90 27.85 21.68
C MET C 436 -3.54 27.36 21.21
N HIS C 437 -2.48 27.93 21.80
CA HIS C 437 -1.07 27.70 21.44
C HIS C 437 -0.76 28.09 20.01
N SER C 438 -1.48 29.07 19.48
CA SER C 438 -1.12 29.66 18.20
C SER C 438 -0.21 30.84 18.42
N CYS C 439 0.33 31.37 17.33
CA CYS C 439 1.16 32.57 17.42
C CYS C 439 0.30 33.78 17.72
N ARG C 440 -0.91 33.84 17.17
CA ARG C 440 -1.88 34.86 17.46
C ARG C 440 -3.18 34.17 17.83
N GLU C 441 -3.84 34.65 18.88
CA GLU C 441 -4.89 33.90 19.55
C GLU C 441 -6.11 34.80 19.70
N MET C 442 -7.29 34.19 19.76
CA MET C 442 -8.54 34.95 19.76
C MET C 442 -9.43 34.53 20.92
N CYS C 443 -9.92 35.54 21.67
CA CYS C 443 -10.88 35.31 22.73
C CYS C 443 -11.87 36.47 22.74
N GLY C 444 -12.92 36.33 23.53
CA GLY C 444 -13.91 37.39 23.63
C GLY C 444 -13.48 38.51 24.54
N SER C 445 -14.08 39.69 24.33
CA SER C 445 -13.67 40.86 25.09
C SER C 445 -14.54 41.11 26.32
N LYS C 446 -15.79 40.66 26.31
CA LYS C 446 -16.60 40.71 27.52
C LYS C 446 -16.10 39.72 28.55
N ASP C 447 -15.40 38.69 28.10
CA ASP C 447 -14.97 37.60 28.99
C ASP C 447 -13.93 38.04 30.01
N PHE C 448 -13.20 39.13 29.74
CA PHE C 448 -12.23 39.61 30.72
C PHE C 448 -12.91 40.23 31.93
N GLU C 449 -13.97 40.98 31.69
CA GLU C 449 -14.69 41.61 32.79
C GLU C 449 -15.47 40.60 33.60
N TYR C 450 -15.98 39.55 32.93
CA TYR C 450 -16.73 38.51 33.61
C TYR C 450 -15.83 37.70 34.54
N ALA C 451 -14.57 37.52 34.15
CA ALA C 451 -13.65 36.75 34.98
C ALA C 451 -13.21 37.53 36.21
N VAL C 452 -13.00 38.83 36.05
CA VAL C 452 -12.53 39.65 37.16
C VAL C 452 -13.63 39.80 38.21
N VAL C 453 -14.87 39.95 37.76
CA VAL C 453 -16.00 40.07 38.67
C VAL C 453 -16.22 38.75 39.41
N LEU C 454 -16.09 37.63 38.71
CA LEU C 454 -16.23 36.31 39.33
C LEU C 454 -15.14 36.05 40.35
N PHE C 455 -13.90 36.40 40.01
CA PHE C 455 -12.78 36.08 40.89
C PHE C 455 -12.78 36.97 42.13
N SER C 456 -13.12 38.25 41.97
CA SER C 456 -13.19 39.14 43.11
C SER C 456 -14.33 38.73 44.04
N SER C 457 -15.41 38.20 43.46
CA SER C 457 -16.48 37.65 44.29
C SER C 457 -16.06 36.35 44.93
N PHE C 458 -15.21 35.58 44.26
CA PHE C 458 -14.67 34.36 44.86
C PHE C 458 -13.75 34.70 46.02
N PHE C 459 -12.97 35.76 45.88
CA PHE C 459 -12.06 36.16 46.95
C PHE C 459 -12.83 36.74 48.12
N GLN C 460 -13.85 37.53 47.86
CA GLN C 460 -14.57 38.22 48.93
C GLN C 460 -15.56 37.32 49.65
N ASN C 461 -16.09 36.30 48.98
CA ASN C 461 -17.12 35.47 49.59
C ASN C 461 -16.69 34.03 49.79
N PHE C 462 -15.38 33.76 49.85
CA PHE C 462 -14.95 32.38 50.01
C PHE C 462 -15.26 31.84 51.39
N ALA C 463 -15.01 32.64 52.43
CA ALA C 463 -15.10 32.13 53.80
C ALA C 463 -16.54 31.82 54.18
N ASN C 464 -17.50 32.57 53.63
CA ASN C 464 -18.89 32.30 53.94
C ASN C 464 -19.39 31.06 53.21
N LEU C 465 -18.95 30.85 51.97
CA LEU C 465 -19.53 29.77 51.18
C LEU C 465 -18.79 28.46 51.34
N GLU C 466 -17.61 28.51 51.95
CA GLU C 466 -16.80 27.30 52.16
C GLU C 466 -17.40 26.41 53.26
N GLU C 467 -18.02 27.05 54.24
CA GLU C 467 -18.66 26.31 55.33
C GLU C 467 -20.05 25.85 54.99
N LYS C 468 -20.60 26.26 53.85
CA LYS C 468 -21.90 25.81 53.40
C LYS C 468 -21.82 24.55 52.53
N ILE C 469 -20.64 24.11 52.15
CA ILE C 469 -20.47 22.88 51.39
C ILE C 469 -20.02 21.82 52.37
N ILE C 470 -20.86 20.82 52.60
CA ILE C 470 -20.62 19.85 53.66
C ILE C 470 -20.21 18.54 52.99
N ILE C 471 -18.90 18.32 52.95
CA ILE C 471 -18.31 17.02 52.64
C ILE C 471 -17.53 16.61 53.87
N ASP C 472 -17.44 15.30 54.11
CA ASP C 472 -16.61 14.71 55.18
C ASP C 472 -17.07 15.18 56.57
N GLU C 473 -18.29 14.80 56.95
CA GLU C 473 -18.72 15.02 58.32
C GLU C 473 -18.75 13.72 59.10
N GLY C 474 -19.16 13.76 60.35
CA GLY C 474 -19.23 12.56 61.15
C GLY C 474 -20.43 11.72 60.77
N PHE C 475 -20.43 10.49 61.27
CA PHE C 475 -21.45 9.50 60.89
C PHE C 475 -22.33 9.15 62.09
N SER C 493 -22.88 56.63 21.47
CA SER C 493 -22.09 55.45 21.20
C SER C 493 -20.63 55.65 21.64
N VAL C 494 -20.38 56.76 22.34
CA VAL C 494 -19.04 57.11 22.81
C VAL C 494 -19.13 57.30 24.32
N ALA C 495 -18.18 56.72 25.05
CA ALA C 495 -18.09 56.91 26.48
C ALA C 495 -16.75 57.53 26.84
N CYS C 496 -16.52 57.71 28.13
CA CYS C 496 -15.31 58.35 28.67
C CYS C 496 -14.42 57.32 29.32
N ASN C 497 -13.11 57.43 29.08
CA ASN C 497 -12.17 56.48 29.65
C ASN C 497 -11.96 56.70 31.15
N THR C 498 -12.23 57.90 31.64
CA THR C 498 -12.05 58.16 33.07
C THR C 498 -13.25 57.67 33.87
N CYS C 499 -14.42 58.24 33.63
CA CYS C 499 -15.66 57.77 34.22
C CYS C 499 -16.36 56.91 33.18
N LEU C 500 -16.60 55.65 33.52
CA LEU C 500 -17.07 54.66 32.55
C LEU C 500 -18.58 54.75 32.36
N LYS C 501 -18.99 55.85 31.74
CA LYS C 501 -20.39 56.18 31.53
C LYS C 501 -20.60 56.67 30.11
N ILE C 502 -21.72 56.29 29.52
CA ILE C 502 -22.08 56.73 28.18
C ILE C 502 -22.48 58.20 28.28
N ILE C 503 -21.78 59.04 27.55
CA ILE C 503 -21.99 60.48 27.66
C ILE C 503 -23.17 60.87 26.80
N ARG C 504 -23.77 62.02 27.12
CA ARG C 504 -25.02 62.46 26.51
C ARG C 504 -24.87 63.84 25.88
N ASN C 505 -23.64 64.25 25.63
CA ASN C 505 -23.34 65.61 25.23
C ASN C 505 -22.06 65.61 24.39
N ASP C 506 -21.42 66.77 24.30
CA ASP C 506 -20.21 66.93 23.51
C ASP C 506 -19.07 66.05 24.02
N SER C 507 -18.26 65.56 23.10
CA SER C 507 -17.14 64.68 23.39
C SER C 507 -15.84 65.32 22.96
N PHE C 508 -14.82 65.18 23.80
CA PHE C 508 -13.50 65.73 23.54
C PHE C 508 -12.60 64.61 23.06
N HIS C 509 -12.31 64.62 21.75
CA HIS C 509 -11.60 63.53 21.12
C HIS C 509 -10.12 63.86 21.05
N CYS C 510 -9.30 63.02 21.69
CA CYS C 510 -7.85 63.11 21.56
C CYS C 510 -7.46 62.73 20.14
N THR C 511 -6.90 63.69 19.40
CA THR C 511 -6.46 63.40 18.04
C THR C 511 -5.11 62.71 18.01
N LYS C 512 -4.43 62.59 19.15
CA LYS C 512 -3.11 61.98 19.19
C LYS C 512 -3.14 60.52 19.59
N CYS C 513 -4.09 60.10 20.43
CA CYS C 513 -4.31 58.70 20.72
C CYS C 513 -5.30 58.14 19.71
N PHE C 514 -5.80 56.94 19.97
CA PHE C 514 -6.69 56.27 19.04
C PHE C 514 -8.17 56.53 19.37
N ASP C 515 -8.60 56.16 20.57
CA ASP C 515 -10.02 56.15 20.94
C ASP C 515 -10.22 56.64 22.37
N PHE C 516 -9.61 57.78 22.70
CA PHE C 516 -9.50 58.14 24.11
C PHE C 516 -10.79 58.78 24.65
N ASP C 517 -11.17 59.95 24.10
CA ASP C 517 -12.53 60.50 24.17
C ASP C 517 -13.00 60.77 25.61
N VAL C 518 -12.39 61.77 26.25
CA VAL C 518 -12.89 62.22 27.54
C VAL C 518 -14.17 63.00 27.40
N CYS C 519 -14.83 63.26 28.52
CA CYS C 519 -16.16 63.85 28.56
C CYS C 519 -16.10 65.32 28.95
N ARG C 520 -17.29 65.92 29.04
CA ARG C 520 -17.53 67.29 29.47
C ARG C 520 -16.91 67.61 30.82
N ASP C 521 -17.24 66.79 31.82
CA ASP C 521 -16.82 67.06 33.18
C ASP C 521 -15.33 66.76 33.38
N CYS C 522 -14.86 65.66 32.80
CA CYS C 522 -13.47 65.26 33.01
C CYS C 522 -12.51 66.13 32.21
N TYR C 523 -13.00 66.83 31.19
CA TYR C 523 -12.15 67.77 30.47
C TYR C 523 -11.78 68.95 31.35
N ALA C 524 -12.73 69.45 32.13
CA ALA C 524 -12.43 70.49 33.09
C ALA C 524 -11.75 69.92 34.34
N LYS C 525 -11.89 68.63 34.59
CA LYS C 525 -11.37 68.00 35.79
C LYS C 525 -9.90 67.59 35.62
N GLN C 526 -9.36 67.74 34.41
CA GLN C 526 -7.94 67.49 34.08
C GLN C 526 -7.53 66.04 34.36
N ALA C 527 -8.43 65.08 34.13
CA ALA C 527 -8.18 63.69 34.46
C ALA C 527 -7.81 62.85 33.23
N PHE C 528 -7.28 63.48 32.20
CA PHE C 528 -6.99 62.83 30.91
C PHE C 528 -5.57 62.27 30.78
N LEU C 529 -5.16 61.47 31.77
CA LEU C 529 -3.84 60.84 31.73
C LEU C 529 -3.83 59.53 30.91
N HIS C 530 -3.09 59.53 29.80
CA HIS C 530 -2.95 58.39 28.90
C HIS C 530 -1.59 58.51 28.21
N PRO C 531 -1.06 57.45 27.56
CA PRO C 531 0.25 57.60 26.90
C PRO C 531 0.28 58.53 25.68
N CYS C 532 -0.01 59.81 25.90
CA CYS C 532 0.26 60.87 24.92
C CYS C 532 0.70 62.07 25.74
N PRO C 533 1.94 62.54 25.55
CA PRO C 533 2.45 63.66 26.37
C PRO C 533 1.67 64.96 26.22
N LYS C 534 1.22 65.32 25.02
CA LYS C 534 0.27 66.42 24.87
C LYS C 534 -0.83 66.00 23.91
N PRO C 535 -2.05 65.84 24.42
CA PRO C 535 -3.18 65.50 23.56
C PRO C 535 -3.95 66.73 23.09
N HIS C 536 -4.52 66.62 21.89
CA HIS C 536 -5.36 67.66 21.32
C HIS C 536 -6.79 67.17 21.33
N PHE C 537 -7.64 67.80 22.14
CA PHE C 537 -9.03 67.39 22.28
C PHE C 537 -9.91 68.28 21.44
N VAL C 538 -10.35 67.78 20.31
CA VAL C 538 -11.35 68.44 19.49
C VAL C 538 -12.72 68.07 20.04
N LEU C 539 -13.60 69.07 20.10
CA LEU C 539 -14.93 68.88 20.66
C LEU C 539 -15.94 68.54 19.58
N VAL C 540 -16.75 67.52 19.85
CA VAL C 540 -17.56 66.86 18.84
C VAL C 540 -19.02 66.84 19.28
N ARG C 541 -19.92 67.23 18.37
CA ARG C 541 -21.36 67.21 18.61
C ARG C 541 -21.92 65.82 18.93
N SER C 542 -22.93 65.84 19.80
CA SER C 542 -23.74 64.68 20.22
C SER C 542 -22.91 63.53 20.78
N MET D 1 53.30 4.36 32.29
CA MET D 1 52.07 4.98 31.83
C MET D 1 52.35 5.67 30.51
N GLN D 2 52.03 4.98 29.42
CA GLN D 2 52.39 5.44 28.09
C GLN D 2 51.60 6.69 27.71
N LEU D 3 52.32 7.72 27.28
CA LEU D 3 51.73 9.00 26.89
C LEU D 3 52.00 9.20 25.41
N HIS D 4 50.97 9.04 24.58
CA HIS D 4 51.15 9.04 23.14
C HIS D 4 51.25 10.45 22.59
N GLY D 5 50.39 11.36 23.06
CA GLY D 5 50.49 12.75 22.67
C GLY D 5 49.48 13.66 23.34
N LYS D 6 49.97 14.79 23.87
CA LYS D 6 49.19 15.79 24.61
C LYS D 6 48.42 15.15 25.76
N MET D 7 49.16 14.56 26.69
CA MET D 7 48.58 13.55 27.55
C MET D 7 48.59 13.90 29.03
N THR D 8 49.49 14.79 29.46
CA THR D 8 49.61 15.53 30.73
C THR D 8 49.66 14.70 32.01
N ALA D 9 49.66 13.36 31.89
CA ALA D 9 49.96 12.40 32.96
C ALA D 9 49.03 12.42 34.17
N THR D 10 48.07 13.33 34.19
CA THR D 10 47.06 13.41 35.25
C THR D 10 45.68 13.09 34.73
N ALA D 11 45.39 13.47 33.48
CA ALA D 11 44.16 13.05 32.84
C ALA D 11 44.13 11.55 32.63
N LYS D 12 45.28 10.97 32.26
CA LYS D 12 45.37 9.52 32.13
C LYS D 12 45.24 8.83 33.48
N SER D 13 45.86 9.40 34.52
CA SER D 13 45.79 8.77 35.83
C SER D 13 44.40 8.90 36.43
N CYS D 14 43.69 9.99 36.14
CA CYS D 14 42.31 10.10 36.56
C CYS D 14 41.43 9.14 35.77
N ALA D 15 41.73 8.95 34.49
CA ALA D 15 40.96 8.01 33.68
C ALA D 15 41.25 6.57 34.08
N LEU D 16 42.50 6.28 34.43
CA LEU D 16 42.85 4.94 34.89
C LEU D 16 42.23 4.63 36.23
N ASP D 17 42.03 5.65 37.07
CA ASP D 17 41.33 5.45 38.32
C ASP D 17 39.86 5.20 38.09
N PHE D 18 39.29 5.77 37.03
CA PHE D 18 37.92 5.47 36.67
C PHE D 18 37.77 4.04 36.22
N LEU D 19 38.77 3.52 35.50
CA LEU D 19 38.71 2.17 34.95
C LEU D 19 38.68 1.13 36.06
N ASP D 20 39.42 1.39 37.14
CA ASP D 20 39.35 0.49 38.29
C ASP D 20 38.00 0.58 38.98
N PHE D 21 37.39 1.77 38.95
CA PHE D 21 36.13 1.95 39.64
C PHE D 21 34.99 1.27 38.89
N VAL D 22 34.93 1.44 37.57
CA VAL D 22 33.79 0.94 36.83
C VAL D 22 33.92 -0.56 36.57
N ASN D 23 35.14 -1.10 36.58
CA ASN D 23 35.29 -2.53 36.44
C ASN D 23 34.89 -3.28 37.69
N ALA D 24 34.93 -2.62 38.84
CA ALA D 24 34.54 -3.22 40.10
C ALA D 24 33.09 -2.91 40.46
N SER D 25 32.39 -2.14 39.64
CA SER D 25 31.04 -1.68 39.95
C SER D 25 30.10 -1.93 38.79
N PRO D 26 29.62 -3.16 38.63
CA PRO D 26 28.64 -3.44 37.57
C PRO D 26 27.20 -3.25 37.97
N THR D 27 26.92 -3.12 39.26
CA THR D 27 25.57 -2.96 39.78
C THR D 27 25.55 -1.68 40.58
N PRO D 28 24.37 -1.09 40.79
CA PRO D 28 24.28 0.00 41.76
C PRO D 28 24.65 -0.41 43.17
N TYR D 29 24.42 -1.67 43.53
CA TYR D 29 24.86 -2.17 44.82
C TYR D 29 26.37 -2.20 44.92
N HIS D 30 27.05 -2.59 43.85
CA HIS D 30 28.50 -2.54 43.86
C HIS D 30 29.00 -1.11 43.73
N ALA D 31 28.27 -0.28 43.00
CA ALA D 31 28.66 1.12 42.83
C ALA D 31 28.63 1.86 44.16
N VAL D 32 27.57 1.66 44.95
CA VAL D 32 27.47 2.27 46.25
C VAL D 32 28.52 1.71 47.20
N GLN D 33 28.81 0.41 47.07
CA GLN D 33 29.83 -0.23 47.90
C GLN D 33 31.22 0.33 47.60
N ASN D 34 31.52 0.58 46.33
CA ASN D 34 32.84 1.10 46.00
C ASN D 34 32.96 2.58 46.31
N LEU D 35 31.86 3.34 46.19
CA LEU D 35 31.91 4.74 46.59
C LEU D 35 32.10 4.88 48.08
N ALA D 36 31.44 4.04 48.86
CA ALA D 36 31.48 4.18 50.31
C ALA D 36 32.82 3.74 50.87
N GLU D 37 33.48 2.78 50.22
CA GLU D 37 34.85 2.46 50.61
C GLU D 37 35.79 3.62 50.30
N HIS D 38 35.53 4.33 49.21
CA HIS D 38 36.34 5.50 48.90
C HIS D 38 36.03 6.64 49.85
N TYR D 39 34.78 6.72 50.32
CA TYR D 39 34.40 7.77 51.26
C TYR D 39 35.02 7.54 52.62
N MET D 40 34.96 6.31 53.12
CA MET D 40 35.54 6.04 54.43
C MET D 40 37.06 6.02 54.39
N SER D 41 37.64 5.82 53.21
CA SER D 41 39.09 5.97 53.08
C SER D 41 39.48 7.43 53.22
N HIS D 42 38.60 8.34 52.82
CA HIS D 42 38.85 9.77 52.93
C HIS D 42 38.25 10.37 54.19
N GLY D 43 37.84 9.55 55.14
CA GLY D 43 37.45 10.03 56.45
C GLY D 43 35.98 10.27 56.67
N PHE D 44 35.12 9.83 55.77
CA PHE D 44 33.69 10.01 55.94
C PHE D 44 33.17 9.05 57.00
N GLN D 45 32.05 9.42 57.61
CA GLN D 45 31.42 8.59 58.63
C GLN D 45 30.07 8.09 58.15
N TYR D 46 29.78 6.84 58.40
CA TYR D 46 28.49 6.28 58.01
C TYR D 46 27.42 6.75 58.98
N LEU D 47 26.27 7.15 58.44
CA LEU D 47 25.12 7.53 59.23
C LEU D 47 23.99 6.55 58.96
N SER D 48 23.47 5.94 60.01
CA SER D 48 22.26 5.15 59.88
C SER D 48 21.08 6.09 59.81
N GLU D 49 20.19 5.85 58.86
CA GLU D 49 19.02 6.70 58.74
C GLU D 49 17.98 6.36 59.80
N LYS D 50 18.09 5.19 60.42
CA LYS D 50 17.27 4.85 61.58
C LYS D 50 17.59 5.69 62.79
N SER D 51 18.80 6.21 62.89
CA SER D 51 19.20 6.96 64.06
C SER D 51 18.75 8.40 63.97
N ASP D 52 18.96 9.14 65.05
CA ASP D 52 18.67 10.56 65.11
C ASP D 52 19.98 11.33 65.04
N TRP D 53 20.02 12.33 64.16
CA TRP D 53 21.28 12.99 63.84
C TRP D 53 21.48 14.29 64.61
N GLN D 54 20.69 14.54 65.65
CA GLN D 54 20.83 15.79 66.40
C GLN D 54 22.15 15.87 67.14
N SER D 55 22.66 14.74 67.59
CA SER D 55 23.92 14.70 68.31
C SER D 55 25.02 14.00 67.53
N LYS D 56 24.75 13.59 66.30
CA LYS D 56 25.71 12.79 65.55
C LYS D 56 26.48 13.58 64.52
N ILE D 57 25.91 14.67 64.00
CA ILE D 57 26.58 15.46 62.97
C ILE D 57 26.98 16.79 63.57
N GLU D 58 28.18 17.24 63.22
CA GLU D 58 28.70 18.51 63.69
C GLU D 58 29.51 19.13 62.54
N PRO D 59 29.61 20.47 62.52
CA PRO D 59 30.33 21.12 61.42
C PRO D 59 31.81 20.78 61.38
N GLY D 60 32.34 20.74 60.17
CA GLY D 60 33.74 20.40 59.96
C GLY D 60 34.00 18.95 59.63
N ASN D 61 32.98 18.12 59.55
CA ASN D 61 33.17 16.70 59.29
C ASN D 61 32.35 16.26 58.09
N SER D 62 32.66 15.05 57.62
CA SER D 62 32.05 14.50 56.43
C SER D 62 31.31 13.21 56.76
N TYR D 63 30.12 13.07 56.20
CA TYR D 63 29.21 11.98 56.47
C TYR D 63 28.63 11.45 55.17
N PHE D 64 28.15 10.20 55.22
CA PHE D 64 27.40 9.66 54.10
C PHE D 64 26.30 8.76 54.63
N VAL D 65 25.19 8.68 53.89
CA VAL D 65 24.03 7.91 54.28
C VAL D 65 23.64 7.07 53.06
N THR D 66 23.00 5.93 53.31
CA THR D 66 22.72 4.96 52.27
C THR D 66 21.29 4.45 52.40
N ARG D 67 20.60 4.36 51.27
CA ARG D 67 19.23 3.86 51.21
C ARG D 67 19.22 2.64 50.29
N ASN D 68 18.75 1.50 50.81
CA ASN D 68 18.54 0.24 50.11
C ASN D 68 19.87 -0.34 49.57
N LYS D 69 21.02 0.14 50.08
CA LYS D 69 22.37 -0.17 49.61
C LYS D 69 22.56 0.10 48.13
N SER D 70 21.75 0.98 47.55
CA SER D 70 21.79 1.27 46.12
C SER D 70 21.67 2.75 45.81
N SER D 71 21.31 3.58 46.77
CA SER D 71 21.43 5.03 46.65
C SER D 71 22.28 5.51 47.80
N ILE D 72 23.19 6.43 47.51
CA ILE D 72 24.08 6.96 48.53
C ILE D 72 24.11 8.48 48.41
N ILE D 73 24.09 9.13 49.57
CA ILE D 73 24.19 10.59 49.66
C ILE D 73 25.36 10.87 50.59
N ALA D 74 26.41 11.49 50.07
CA ALA D 74 27.53 11.91 50.88
C ALA D 74 27.55 13.42 50.98
N PHE D 75 27.77 13.91 52.20
CA PHE D 75 27.78 15.36 52.40
C PHE D 75 28.90 15.73 53.36
N SER D 76 29.55 16.83 53.08
CA SER D 76 30.57 17.40 53.95
C SER D 76 30.07 18.75 54.45
N ILE D 77 30.06 18.92 55.77
CA ILE D 77 29.57 20.14 56.39
C ILE D 77 30.76 21.01 56.72
N GLY D 78 30.74 22.25 56.23
CA GLY D 78 31.83 23.16 56.50
C GLY D 78 31.85 23.60 57.95
N LYS D 79 33.04 24.02 58.40
CA LYS D 79 33.19 24.43 59.80
C LYS D 79 32.44 25.73 60.07
N LYS D 80 32.42 26.64 59.10
CA LYS D 80 31.73 27.91 59.25
C LYS D 80 30.28 27.84 58.81
N TRP D 81 29.69 26.65 58.77
CA TRP D 81 28.33 26.48 58.31
C TRP D 81 27.35 26.68 59.45
N LYS D 82 26.35 27.49 59.21
CA LYS D 82 25.24 27.66 60.11
C LYS D 82 24.01 27.03 59.49
N PRO D 83 23.06 26.54 60.29
CA PRO D 83 21.80 26.05 59.73
C PRO D 83 21.01 27.17 59.09
N GLY D 84 20.80 27.06 57.79
CA GLY D 84 20.19 28.12 57.03
C GLY D 84 21.04 28.51 55.84
N ASN D 85 22.31 28.13 55.86
CA ASN D 85 23.18 28.36 54.73
C ASN D 85 22.90 27.37 53.62
N GLY D 86 23.38 27.69 52.44
CA GLY D 86 23.03 26.93 51.26
C GLY D 86 23.75 25.59 51.15
N PHE D 87 23.36 24.86 50.12
CA PHE D 87 23.94 23.56 49.81
C PHE D 87 24.52 23.60 48.40
N SER D 88 25.68 23.01 48.22
CA SER D 88 26.25 22.83 46.89
C SER D 88 26.13 21.34 46.56
N ILE D 89 25.21 21.00 45.67
CA ILE D 89 24.79 19.62 45.46
C ILE D 89 25.11 19.21 44.04
N ILE D 90 25.78 18.08 43.87
CA ILE D 90 26.06 17.49 42.57
C ILE D 90 25.45 16.10 42.55
N ALA D 91 24.37 15.91 41.80
CA ALA D 91 23.59 14.69 41.84
C ALA D 91 23.83 13.85 40.59
N THR D 92 24.16 12.58 40.80
CA THR D 92 24.31 11.59 39.75
C THR D 92 23.35 10.42 40.00
N HIS D 93 23.45 9.38 39.18
CA HIS D 93 22.68 8.17 39.39
C HIS D 93 23.57 6.96 39.18
N THR D 94 23.35 5.91 39.96
CA THR D 94 24.24 4.75 39.93
C THR D 94 23.82 3.67 38.96
N ASP D 95 22.62 3.74 38.40
CA ASP D 95 22.13 2.61 37.63
C ASP D 95 22.40 2.81 36.14
N SER D 96 22.26 1.72 35.39
CA SER D 96 22.48 1.69 33.96
C SER D 96 21.49 0.73 33.34
N PRO D 97 21.15 0.90 32.06
CA PRO D 97 20.26 -0.06 31.41
C PRO D 97 20.90 -1.43 31.26
N THR D 98 20.14 -2.46 31.61
CA THR D 98 20.67 -3.81 31.72
C THR D 98 19.52 -4.80 31.70
N LEU D 99 19.82 -6.06 32.02
CA LEU D 99 18.84 -7.13 32.08
C LEU D 99 18.87 -7.74 33.47
N ARG D 100 17.70 -7.88 34.09
CA ARG D 100 17.55 -8.55 35.36
C ARG D 100 16.99 -9.95 35.19
N LEU D 101 17.45 -10.85 36.05
CA LEU D 101 16.90 -12.19 36.09
C LEU D 101 15.47 -12.17 36.61
N LYS D 102 14.62 -12.98 36.01
CA LYS D 102 13.25 -13.10 36.47
C LYS D 102 13.19 -13.89 37.77
N PRO D 103 12.09 -13.76 38.53
CA PRO D 103 11.93 -14.60 39.73
C PRO D 103 11.90 -16.09 39.45
N LYS D 104 11.30 -16.50 38.35
CA LYS D 104 11.39 -17.88 37.86
C LYS D 104 12.31 -17.79 36.64
N SER D 105 13.60 -17.83 36.89
CA SER D 105 14.57 -17.63 35.82
C SER D 105 15.01 -18.92 35.16
N GLN D 106 14.49 -20.06 35.60
CA GLN D 106 14.90 -21.32 35.01
C GLN D 106 14.24 -21.53 33.66
N LYS D 107 15.05 -21.67 32.62
CA LYS D 107 14.56 -21.95 31.28
C LYS D 107 15.44 -23.01 30.66
N SER D 108 14.83 -23.89 29.89
CA SER D 108 15.57 -24.93 29.20
C SER D 108 14.94 -25.16 27.84
N ALA D 109 15.76 -25.22 26.81
CA ALA D 109 15.25 -25.47 25.46
C ALA D 109 16.33 -26.18 24.66
N TYR D 110 16.02 -27.39 24.23
CA TYR D 110 16.81 -28.18 23.26
C TYR D 110 18.22 -28.41 23.78
N GLY D 111 18.30 -28.83 25.03
CA GLY D 111 19.57 -29.15 25.63
C GLY D 111 20.32 -27.96 26.18
N TYR D 112 19.80 -26.75 26.03
CA TYR D 112 20.54 -25.58 26.47
C TYR D 112 19.87 -25.05 27.72
N LEU D 113 20.68 -24.67 28.69
CA LEU D 113 20.20 -23.97 29.87
C LEU D 113 20.12 -22.50 29.52
N GLN D 114 18.96 -21.89 29.76
CA GLN D 114 18.80 -20.46 29.54
C GLN D 114 18.31 -19.81 30.83
N VAL D 115 18.52 -18.51 30.93
CA VAL D 115 17.95 -17.74 32.03
C VAL D 115 16.91 -16.79 31.47
N GLY D 116 15.82 -16.62 32.21
CA GLY D 116 14.78 -15.72 31.78
C GLY D 116 15.08 -14.32 32.27
N VAL D 117 15.31 -13.39 31.36
CA VAL D 117 15.72 -12.05 31.73
C VAL D 117 14.61 -11.07 31.39
N GLU D 118 14.71 -9.90 31.98
CA GLU D 118 13.75 -8.84 31.79
C GLU D 118 14.48 -7.51 31.68
N LYS D 119 14.00 -6.68 30.76
CA LYS D 119 14.74 -5.47 30.39
C LYS D 119 14.60 -4.40 31.46
N TYR D 120 15.65 -3.61 31.61
CA TYR D 120 15.65 -2.52 32.58
C TYR D 120 16.10 -1.30 31.79
N GLY D 121 15.28 -0.25 31.78
CA GLY D 121 15.65 0.98 31.15
C GLY D 121 15.55 0.92 29.64
N GLY D 122 15.89 2.04 29.02
CA GLY D 122 15.87 2.11 27.57
C GLY D 122 17.21 1.76 26.96
N GLY D 123 17.64 0.52 27.11
CA GLY D 123 18.90 0.13 26.54
C GLY D 123 18.82 -0.10 25.04
N ILE D 124 19.96 0.08 24.38
CA ILE D 124 20.09 -0.27 22.98
C ILE D 124 20.28 -1.77 22.91
N TRP D 125 19.21 -2.51 22.60
CA TRP D 125 19.22 -3.92 22.91
C TRP D 125 19.92 -4.77 21.86
N HIS D 126 20.17 -4.23 20.67
CA HIS D 126 20.89 -5.04 19.70
C HIS D 126 22.38 -5.08 20.00
N THR D 127 22.89 -4.15 20.80
CA THR D 127 24.30 -4.17 21.17
C THR D 127 24.61 -5.24 22.21
N TRP D 128 23.59 -5.81 22.85
CA TRP D 128 23.80 -6.86 23.83
C TRP D 128 23.98 -8.22 23.18
N PHE D 129 23.74 -8.34 21.89
CA PHE D 129 23.91 -9.61 21.20
C PHE D 129 25.39 -9.93 21.04
N ASP D 130 25.71 -11.23 21.18
CA ASP D 130 27.04 -11.79 20.94
C ASP D 130 28.10 -11.15 21.84
N ARG D 131 27.73 -10.87 23.08
CA ARG D 131 28.63 -10.28 24.05
C ARG D 131 28.93 -11.29 25.15
N ASP D 132 30.14 -11.22 25.67
CA ASP D 132 30.42 -11.92 26.91
C ASP D 132 29.70 -11.19 28.02
N LEU D 133 28.83 -11.88 28.73
CA LEU D 133 28.00 -11.26 29.76
C LEU D 133 28.36 -11.83 31.11
N SER D 134 28.58 -10.95 32.08
CA SER D 134 28.80 -11.33 33.46
C SER D 134 27.52 -11.21 34.26
N LEU D 135 27.52 -11.79 35.44
CA LEU D 135 26.37 -11.78 36.32
C LEU D 135 26.78 -11.18 37.65
N ALA D 136 25.98 -10.23 38.14
CA ALA D 136 26.31 -9.54 39.36
C ALA D 136 25.04 -9.04 40.01
N GLY D 137 25.13 -8.69 41.28
CA GLY D 137 23.97 -8.21 42.00
C GLY D 137 24.07 -8.48 43.49
N ARG D 138 22.94 -8.40 44.18
CA ARG D 138 22.90 -8.67 45.61
C ARG D 138 22.04 -9.90 45.85
N VAL D 139 22.44 -10.70 46.84
CA VAL D 139 21.79 -11.97 47.14
C VAL D 139 21.39 -11.98 48.61
N MET D 140 20.13 -12.28 48.88
CA MET D 140 19.64 -12.46 50.23
C MET D 140 19.92 -13.87 50.71
N VAL D 141 20.61 -13.99 51.83
CA VAL D 141 21.02 -15.28 52.40
C VAL D 141 20.42 -15.40 53.78
N GLU D 142 19.68 -16.48 54.03
CA GLU D 142 19.24 -16.79 55.37
C GLU D 142 20.40 -17.32 56.21
N GLU D 143 20.36 -17.01 57.50
CA GLU D 143 21.23 -17.66 58.46
C GLU D 143 20.39 -18.37 59.52
N GLU D 144 21.09 -19.03 60.45
CA GLU D 144 20.46 -20.07 61.26
C GLU D 144 19.49 -19.49 62.28
N ASP D 145 19.66 -18.23 62.66
CA ASP D 145 18.75 -17.61 63.61
C ASP D 145 17.58 -16.91 62.94
N GLY D 146 17.48 -16.99 61.63
CA GLY D 146 16.36 -16.46 60.91
C GLY D 146 16.61 -15.12 60.25
N ARG D 147 17.66 -14.41 60.64
CA ARG D 147 17.91 -13.11 60.02
C ARG D 147 18.48 -13.28 58.62
N VAL D 148 18.17 -12.32 57.76
CA VAL D 148 18.55 -12.37 56.35
C VAL D 148 19.35 -11.13 56.03
N ILE D 149 20.56 -11.32 55.51
CA ILE D 149 21.48 -10.23 55.22
C ILE D 149 21.79 -10.22 53.74
N GLN D 150 22.27 -9.07 53.26
CA GLN D 150 22.49 -8.85 51.84
C GLN D 150 23.97 -9.03 51.52
N TYR D 151 24.23 -9.87 50.52
CA TYR D 151 25.57 -10.15 50.02
C TYR D 151 25.67 -9.73 48.56
N ASN D 152 26.61 -8.85 48.26
CA ASN D 152 26.89 -8.47 46.88
C ASN D 152 27.75 -9.54 46.25
N VAL D 153 27.39 -9.98 45.05
CA VAL D 153 28.10 -11.04 44.36
C VAL D 153 28.52 -10.53 42.99
N HIS D 154 29.78 -10.78 42.64
CA HIS D 154 30.28 -10.47 41.31
C HIS D 154 30.78 -11.77 40.71
N ILE D 155 30.33 -12.11 39.50
CA ILE D 155 30.86 -13.26 38.79
C ILE D 155 31.61 -12.73 37.58
N ASP D 156 32.91 -12.49 37.77
CA ASP D 156 33.78 -11.88 36.77
C ASP D 156 34.35 -12.93 35.82
N ARG D 157 33.48 -13.45 34.97
CA ARG D 157 33.87 -14.35 33.90
C ARG D 157 32.77 -14.33 32.84
N PRO D 158 33.09 -14.74 31.59
CA PRO D 158 32.01 -14.85 30.59
C PRO D 158 31.08 -15.97 30.96
N LEU D 159 29.87 -15.60 31.34
CA LEU D 159 28.96 -16.55 31.95
C LEU D 159 27.66 -16.68 31.16
N LEU D 160 27.23 -15.61 30.52
CA LEU D 160 26.03 -15.60 29.70
C LEU D 160 26.37 -15.08 28.31
N ARG D 161 25.51 -15.39 27.35
CA ARG D 161 25.63 -14.84 26.02
C ARG D 161 24.29 -14.90 25.30
N ILE D 162 23.90 -13.81 24.65
CA ILE D 162 22.74 -13.82 23.76
C ILE D 162 23.25 -13.97 22.34
N PRO D 163 23.12 -15.14 21.71
CA PRO D 163 23.69 -15.32 20.38
C PRO D 163 22.72 -14.94 19.28
N THR D 164 23.26 -14.40 18.20
CA THR D 164 22.43 -14.11 17.04
C THR D 164 22.22 -15.37 16.21
N LEU D 165 21.23 -15.32 15.32
CA LEU D 165 21.10 -16.33 14.29
C LEU D 165 22.19 -16.09 13.25
N ALA D 166 22.68 -17.18 12.66
CA ALA D 166 23.66 -17.06 11.59
C ALA D 166 23.04 -16.39 10.37
N ILE D 167 23.91 -15.78 9.55
CA ILE D 167 23.44 -14.97 8.43
C ILE D 167 22.95 -15.85 7.29
N HIS D 168 23.33 -17.13 7.29
CA HIS D 168 22.90 -18.03 6.23
C HIS D 168 21.42 -18.35 6.36
N LEU D 169 20.91 -18.29 7.59
CA LEU D 169 19.59 -18.74 7.92
C LEU D 169 18.57 -17.63 7.84
N ASP D 170 19.01 -16.38 7.83
CA ASP D 170 18.19 -15.21 7.63
C ASP D 170 19.07 -14.12 7.03
N PRO D 171 19.17 -14.04 5.70
CA PRO D 171 19.99 -12.99 5.08
C PRO D 171 19.38 -11.61 5.19
N SER D 172 18.11 -11.51 5.58
CA SER D 172 17.44 -10.23 5.73
C SER D 172 17.89 -9.48 6.98
N ALA D 173 18.70 -10.09 7.85
CA ALA D 173 19.17 -9.41 9.05
C ALA D 173 20.13 -8.29 8.72
N ASN D 174 20.84 -8.37 7.60
CA ASN D 174 21.73 -7.29 7.22
C ASN D 174 20.96 -6.10 6.67
N SER D 175 19.76 -6.32 6.12
CA SER D 175 18.94 -5.20 5.67
C SER D 175 18.39 -4.43 6.86
N SER D 176 17.81 -5.13 7.82
CA SER D 176 17.26 -4.50 9.02
C SER D 176 17.17 -5.57 10.10
N PHE D 177 17.82 -5.34 11.23
CA PHE D 177 17.86 -6.31 12.30
C PHE D 177 16.75 -6.02 13.30
N SER D 178 15.82 -6.94 13.43
CA SER D 178 14.76 -6.86 14.43
C SER D 178 14.64 -8.21 15.11
N PHE D 179 14.16 -8.18 16.35
CA PHE D 179 14.10 -9.40 17.14
C PHE D 179 13.01 -9.28 18.18
N ASN D 180 12.35 -10.40 18.47
CA ASN D 180 11.32 -10.42 19.49
C ASN D 180 11.95 -10.39 20.87
N MET D 181 11.38 -9.61 21.76
CA MET D 181 12.05 -9.21 22.99
C MET D 181 11.98 -10.28 24.09
N GLU D 182 11.04 -11.23 24.03
CA GLU D 182 11.20 -12.53 24.67
C GLU D 182 11.99 -13.53 23.86
N THR D 183 11.36 -14.06 22.83
CA THR D 183 11.69 -15.37 22.29
C THR D 183 13.06 -15.41 21.65
N GLU D 184 13.55 -14.28 21.17
CA GLU D 184 14.86 -14.22 20.55
C GLU D 184 15.89 -13.46 21.38
N PHE D 185 15.56 -13.07 22.60
CA PHE D 185 16.47 -12.33 23.46
C PHE D 185 16.72 -13.06 24.78
N VAL D 186 16.95 -14.37 24.72
CA VAL D 186 17.16 -15.17 25.91
C VAL D 186 18.63 -15.56 25.97
N PRO D 187 19.39 -15.12 26.97
CA PRO D 187 20.78 -15.51 27.08
C PRO D 187 20.95 -16.96 27.49
N LEU D 188 22.15 -17.47 27.24
CA LEU D 188 22.49 -18.87 27.46
C LEU D 188 23.50 -18.99 28.59
N ILE D 189 23.15 -19.76 29.60
CA ILE D 189 24.06 -19.99 30.72
C ILE D 189 24.89 -21.25 30.54
N GLY D 190 24.37 -22.27 29.87
CA GLY D 190 25.17 -23.47 29.66
C GLY D 190 24.38 -24.57 29.00
N LEU D 191 24.93 -25.78 29.08
CA LEU D 191 24.37 -26.96 28.46
C LEU D 191 23.92 -27.92 29.55
N GLU D 192 22.76 -28.54 29.36
CA GLU D 192 22.26 -29.41 30.42
C GLU D 192 22.64 -30.86 30.24
N ASN D 193 23.40 -31.20 29.20
CA ASN D 193 23.80 -32.60 29.02
C ASN D 193 24.91 -33.02 29.96
N GLU D 194 25.50 -32.09 30.69
CA GLU D 194 26.71 -32.36 31.47
C GLU D 194 26.55 -31.93 32.92
N LEU D 195 25.32 -31.70 33.37
CA LEU D 195 25.03 -31.47 34.78
C LEU D 195 24.33 -32.66 35.43
N ALA D 196 24.58 -33.86 34.92
CA ALA D 196 23.76 -35.01 35.28
C ALA D 196 24.28 -35.72 36.52
N LYS D 197 24.80 -34.93 37.47
CA LYS D 197 25.21 -35.45 38.76
C LYS D 197 24.04 -36.10 39.49
N GLU D 198 22.86 -35.47 39.42
CA GLU D 198 21.62 -36.12 39.83
C GLU D 198 20.58 -35.86 38.76
N GLU D 199 19.97 -36.93 38.26
CA GLU D 199 18.93 -36.83 37.24
C GLU D 199 17.54 -36.89 37.85
N THR D 200 17.28 -36.04 38.86
CA THR D 200 15.97 -35.94 39.48
C THR D 200 15.66 -34.46 39.70
N SER D 201 14.50 -34.20 40.27
CA SER D 201 14.09 -32.84 40.63
C SER D 201 13.84 -32.68 42.11
N ASP D 202 13.19 -33.67 42.74
CA ASP D 202 12.85 -33.80 44.17
C ASP D 202 11.79 -32.79 44.63
N ASN D 203 11.40 -31.88 43.75
CA ASN D 203 10.32 -30.90 43.90
C ASN D 203 10.13 -30.27 42.53
N GLY D 204 8.87 -30.06 42.15
CA GLY D 204 8.57 -29.55 40.83
C GLY D 204 8.92 -28.07 40.71
N ASP D 205 9.71 -27.73 39.68
CA ASP D 205 9.91 -26.37 39.19
C ASP D 205 10.51 -25.44 40.26
N LYS D 206 11.79 -25.71 40.55
CA LYS D 206 12.62 -24.74 41.24
C LYS D 206 12.68 -23.43 40.48
N TYR D 207 12.88 -22.33 41.21
CA TYR D 207 12.80 -21.01 40.60
C TYR D 207 13.98 -20.74 39.68
N HIS D 208 15.17 -21.20 40.03
CA HIS D 208 16.35 -20.97 39.24
C HIS D 208 17.07 -22.28 38.99
N HIS D 209 18.07 -22.23 38.13
CA HIS D 209 18.90 -23.41 37.89
C HIS D 209 19.69 -23.72 39.15
N PRO D 210 19.70 -24.97 39.61
CA PRO D 210 20.50 -25.31 40.79
C PRO D 210 21.98 -25.14 40.57
N VAL D 211 22.44 -25.23 39.33
CA VAL D 211 23.85 -24.97 39.05
C VAL D 211 24.15 -23.48 39.17
N LEU D 212 23.16 -22.63 38.92
CA LEU D 212 23.36 -21.20 39.10
C LEU D 212 23.40 -20.84 40.58
N LEU D 213 22.55 -21.48 41.38
CA LEU D 213 22.55 -21.22 42.82
C LEU D 213 23.81 -21.76 43.47
N SER D 214 24.38 -22.82 42.91
CA SER D 214 25.64 -23.34 43.43
C SER D 214 26.79 -22.39 43.16
N LEU D 215 26.78 -21.72 42.01
CA LEU D 215 27.83 -20.76 41.71
C LEU D 215 27.71 -19.52 42.56
N LEU D 216 26.46 -19.07 42.79
CA LEU D 216 26.24 -17.91 43.64
C LEU D 216 26.67 -18.19 45.07
N ALA D 217 26.37 -19.39 45.57
CA ALA D 217 26.79 -19.74 46.93
C ALA D 217 28.29 -19.92 47.01
N ASN D 218 28.91 -20.39 45.93
CA ASN D 218 30.35 -20.58 45.96
C ASN D 218 31.09 -19.26 45.86
N GLU D 219 30.55 -18.31 45.10
CA GLU D 219 31.22 -17.02 44.94
C GLU D 219 31.10 -16.19 46.20
N ILE D 220 29.98 -16.32 46.91
CA ILE D 220 29.82 -15.71 48.22
C ILE D 220 30.81 -16.30 49.22
N SER D 221 30.94 -17.62 49.23
CA SER D 221 31.71 -18.29 50.26
C SER D 221 33.22 -18.07 50.09
N LYS D 222 33.63 -17.55 48.94
CA LYS D 222 35.04 -17.20 48.74
C LYS D 222 35.47 -16.06 49.64
N SER D 223 34.55 -15.16 49.97
CA SER D 223 34.88 -13.99 50.78
C SER D 223 34.48 -14.16 52.23
N LEU D 224 34.10 -15.35 52.65
CA LEU D 224 33.69 -15.59 54.03
C LEU D 224 34.52 -16.71 54.63
N GLU D 225 34.57 -16.73 55.96
CA GLU D 225 35.23 -17.83 56.65
C GLU D 225 34.41 -19.11 56.54
N THR D 226 33.10 -19.01 56.68
CA THR D 226 32.24 -20.17 56.58
C THR D 226 31.87 -20.42 55.13
N THR D 227 31.02 -21.42 54.92
CA THR D 227 30.48 -21.73 53.61
C THR D 227 28.98 -21.50 53.61
N ILE D 228 28.43 -21.33 52.42
CA ILE D 228 27.00 -21.10 52.24
C ILE D 228 26.45 -22.20 51.35
N ASP D 229 25.48 -22.92 51.84
CA ASP D 229 24.81 -23.84 50.93
C ASP D 229 23.78 -23.09 50.07
N PRO D 230 23.48 -23.58 48.86
CA PRO D 230 22.54 -22.86 48.00
C PRO D 230 21.10 -22.85 48.50
N SER D 231 20.75 -23.72 49.45
CA SER D 231 19.39 -23.74 49.95
C SER D 231 19.06 -22.52 50.80
N LYS D 232 20.05 -21.85 51.36
CA LYS D 232 19.81 -20.69 52.19
C LYS D 232 19.70 -19.39 51.40
N ILE D 233 19.86 -19.43 50.08
CA ILE D 233 19.68 -18.25 49.26
C ILE D 233 18.17 -18.06 49.07
N VAL D 234 17.68 -16.88 49.44
CA VAL D 234 16.23 -16.67 49.41
C VAL D 234 15.81 -16.06 48.09
N ASP D 235 16.30 -14.86 47.78
CA ASP D 235 15.90 -14.17 46.56
C ASP D 235 17.03 -13.20 46.21
N PHE D 236 17.09 -12.78 44.95
CA PHE D 236 18.15 -11.88 44.53
C PHE D 236 17.67 -10.96 43.41
N GLU D 237 18.34 -9.82 43.29
CA GLU D 237 18.42 -9.09 42.03
C GLU D 237 19.76 -9.44 41.41
N LEU D 238 19.73 -9.96 40.19
CA LEU D 238 20.96 -10.22 39.47
C LEU D 238 20.97 -9.43 38.18
N ILE D 239 22.06 -8.72 37.96
CA ILE D 239 22.23 -7.82 36.83
C ILE D 239 23.17 -8.47 35.84
N LEU D 240 22.74 -8.53 34.59
CA LEU D 240 23.65 -8.85 33.51
C LEU D 240 24.33 -7.61 32.99
N GLY D 241 25.66 -7.58 33.11
CA GLY D 241 26.45 -6.55 32.48
C GLY D 241 27.37 -7.19 31.46
N ASP D 242 28.07 -6.32 30.72
CA ASP D 242 29.06 -6.77 29.76
C ASP D 242 30.20 -7.27 30.62
N ALA D 243 30.69 -8.47 30.33
CA ALA D 243 31.73 -9.09 31.15
C ALA D 243 33.10 -8.48 30.88
N GLU D 244 33.23 -7.65 29.87
CA GLU D 244 34.56 -7.25 29.45
C GLU D 244 34.98 -5.95 30.11
N LYS D 245 36.21 -5.96 30.64
CA LYS D 245 36.76 -4.85 31.38
C LYS D 245 36.82 -3.58 30.57
N ALA D 246 36.57 -2.46 31.24
CA ALA D 246 36.75 -1.16 30.65
C ALA D 246 38.21 -0.83 30.51
N ARG D 247 38.57 -0.28 29.35
CA ARG D 247 39.96 0.07 29.09
C ARG D 247 40.02 1.12 28.00
N LEU D 248 41.14 1.85 27.99
CA LEU D 248 41.30 3.02 27.14
C LEU D 248 41.46 2.60 25.69
N GLY D 249 40.87 3.38 24.79
CA GLY D 249 40.90 3.05 23.38
C GLY D 249 41.27 4.26 22.54
N GLY D 250 41.51 4.00 21.27
CA GLY D 250 41.89 5.03 20.35
C GLY D 250 43.37 4.96 19.98
N ILE D 251 43.75 5.78 19.01
CA ILE D 251 45.13 5.81 18.53
C ILE D 251 46.06 6.38 19.58
N HIS D 252 45.55 7.26 20.44
CA HIS D 252 46.35 7.93 21.45
C HIS D 252 45.80 7.70 22.85
N GLU D 253 44.98 6.67 23.02
CA GLU D 253 44.25 6.36 24.25
C GLU D 253 43.43 7.56 24.73
N GLU D 254 42.79 8.23 23.79
CA GLU D 254 41.95 9.37 24.11
C GLU D 254 40.49 9.00 24.28
N PHE D 255 40.13 7.74 24.13
CA PHE D 255 38.77 7.28 24.35
C PHE D 255 38.73 6.36 25.55
N VAL D 256 37.54 6.23 26.13
CA VAL D 256 37.29 5.26 27.19
C VAL D 256 36.18 4.35 26.71
N PHE D 257 36.50 3.09 26.50
CA PHE D 257 35.53 2.10 26.07
C PHE D 257 35.06 1.36 27.31
N SER D 258 33.78 1.48 27.65
CA SER D 258 33.33 0.97 28.92
C SER D 258 31.86 0.63 28.90
N PRO D 259 31.42 -0.38 29.62
CA PRO D 259 30.00 -0.51 29.91
C PRO D 259 29.62 0.46 31.01
N ARG D 260 28.31 0.73 31.08
CA ARG D 260 27.69 1.55 32.13
C ARG D 260 28.29 2.93 32.24
N LEU D 261 28.55 3.57 31.10
CA LEU D 261 29.09 4.91 31.19
C LEU D 261 28.02 5.94 31.52
N ASP D 262 26.75 5.56 31.46
CA ASP D 262 25.67 6.47 31.82
C ASP D 262 25.71 6.61 33.34
N ASN D 263 26.41 7.66 33.76
CA ASN D 263 26.60 8.10 35.16
C ASN D 263 27.50 7.36 36.16
N LEU D 264 28.35 6.47 35.67
CA LEU D 264 29.30 5.80 36.55
C LEU D 264 30.56 6.63 36.31
N GLY D 265 30.44 7.39 35.22
CA GLY D 265 31.39 8.33 34.66
C GLY D 265 31.23 9.54 35.55
N MET D 266 30.01 10.08 35.65
CA MET D 266 29.82 11.30 36.42
C MET D 266 29.81 11.01 37.91
N THR D 267 29.38 9.82 38.33
CA THR D 267 29.42 9.52 39.76
C THR D 267 30.87 9.46 40.16
N PHE D 268 31.71 8.83 39.32
CA PHE D 268 33.12 8.84 39.66
C PHE D 268 33.64 10.26 39.78
N CYS D 269 33.25 11.14 38.84
CA CYS D 269 33.76 12.50 38.86
C CYS D 269 33.20 13.29 40.05
N ALA D 270 31.92 13.08 40.37
CA ALA D 270 31.33 13.83 41.48
C ALA D 270 31.88 13.37 42.82
N SER D 271 32.10 12.06 42.97
CA SER D 271 32.58 11.54 44.25
C SER D 271 34.06 11.83 44.45
N GLN D 272 34.85 11.77 43.38
CA GLN D 272 36.27 12.08 43.50
C GLN D 272 36.48 13.55 43.82
N ALA D 273 35.69 14.43 43.21
CA ALA D 273 35.88 15.84 43.41
C ALA D 273 35.32 16.31 44.74
N LEU D 274 34.40 15.54 45.32
CA LEU D 274 34.00 15.83 46.69
C LEU D 274 35.15 15.58 47.66
N THR D 275 35.90 14.50 47.44
CA THR D 275 37.06 14.23 48.28
C THR D 275 38.23 15.13 47.89
N LYS D 276 38.34 15.48 46.60
CA LYS D 276 39.40 16.39 46.18
C LYS D 276 39.17 17.81 46.67
N SER D 277 37.93 18.17 46.98
CA SER D 277 37.65 19.47 47.55
C SER D 277 37.77 19.48 49.06
N LEU D 278 38.58 18.60 49.63
CA LEU D 278 38.91 18.63 51.05
C LEU D 278 40.41 18.57 51.27
N GLU D 279 41.21 18.84 50.24
CA GLU D 279 42.60 18.43 50.27
C GLU D 279 43.46 19.30 51.17
N ASN D 280 43.53 20.60 50.91
CA ASN D 280 44.44 21.40 51.73
C ASN D 280 43.79 21.70 53.07
N ASN D 281 42.84 22.63 53.08
CA ASN D 281 41.74 22.73 54.05
C ASN D 281 40.69 23.56 53.34
N SER D 282 39.72 22.90 52.70
CA SER D 282 38.65 23.69 52.14
C SER D 282 37.52 23.84 53.14
N LEU D 283 37.28 22.78 53.90
CA LEU D 283 36.66 22.95 55.21
C LEU D 283 37.65 23.66 56.12
N ASP D 284 37.11 24.26 57.18
CA ASP D 284 37.60 25.31 58.09
C ASP D 284 37.46 26.68 57.45
N ASN D 285 37.01 26.77 56.21
CA ASN D 285 36.66 28.04 55.62
C ASN D 285 35.36 27.96 54.83
N GLU D 286 34.74 26.80 54.77
CA GLU D 286 33.53 26.60 53.98
C GLU D 286 32.31 26.92 54.80
N SER D 287 31.40 27.69 54.21
CA SER D 287 30.17 28.07 54.88
C SER D 287 28.95 27.31 54.39
N CYS D 288 29.13 26.41 53.43
CA CYS D 288 28.02 25.63 52.89
C CYS D 288 28.24 24.15 53.16
N VAL D 289 27.34 23.33 52.63
CA VAL D 289 27.42 21.88 52.74
C VAL D 289 27.51 21.31 51.33
N ARG D 290 28.54 20.51 51.09
CA ARG D 290 28.80 19.94 49.78
C ARG D 290 28.24 18.53 49.71
N VAL D 291 27.18 18.36 48.93
CA VAL D 291 26.42 17.11 48.89
C VAL D 291 26.65 16.45 47.54
N VAL D 292 26.93 15.15 47.56
CA VAL D 292 26.95 14.33 46.36
C VAL D 292 25.97 13.19 46.54
N PRO D 293 24.76 13.31 46.05
CA PRO D 293 23.85 12.17 46.02
C PRO D 293 23.99 11.36 44.75
N SER D 294 24.19 10.06 44.90
CA SER D 294 24.25 9.14 43.78
C SER D 294 23.01 8.27 43.85
N PHE D 295 22.05 8.51 42.96
CA PHE D 295 20.75 7.90 43.07
C PHE D 295 20.69 6.58 42.31
N ASP D 296 19.51 6.00 42.29
CA ASP D 296 19.25 4.72 41.65
C ASP D 296 17.97 4.91 40.84
N HIS D 297 17.72 3.99 39.90
CA HIS D 297 16.45 3.89 39.15
C HIS D 297 16.17 5.11 38.28
N GLU D 298 17.20 5.76 37.73
CA GLU D 298 16.99 6.97 36.93
C GLU D 298 16.67 6.73 35.44
N GLU D 299 16.85 5.50 35.00
CA GLU D 299 16.63 5.09 33.61
C GLU D 299 15.18 4.73 33.31
N ILE D 300 14.33 4.71 34.34
CA ILE D 300 12.93 4.37 34.31
C ILE D 300 12.10 5.50 34.89
N GLY D 301 12.75 6.52 35.44
CA GLY D 301 12.07 7.74 35.82
C GLY D 301 12.12 8.09 37.29
N SER D 302 12.96 7.44 38.08
CA SER D 302 13.26 7.76 39.48
C SER D 302 12.07 7.60 40.42
N VAL D 303 11.00 6.96 39.98
CA VAL D 303 9.81 6.81 40.83
C VAL D 303 10.03 5.53 41.62
N SER D 304 10.71 5.67 42.76
CA SER D 304 10.97 4.53 43.63
C SER D 304 11.23 5.05 45.04
N ALA D 305 11.56 4.13 45.94
CA ALA D 305 11.81 4.53 47.32
C ALA D 305 13.21 5.10 47.50
N GLN D 306 14.14 4.73 46.64
CA GLN D 306 15.50 5.23 46.73
C GLN D 306 15.90 6.04 45.50
N GLY D 307 14.96 6.35 44.62
CA GLY D 307 15.28 7.11 43.44
C GLY D 307 15.46 8.57 43.73
N ALA D 308 15.71 9.33 42.67
CA ALA D 308 15.90 10.77 42.82
C ALA D 308 14.59 11.46 43.17
N GLU D 309 13.47 10.95 42.66
CA GLU D 309 12.17 11.54 42.95
C GLU D 309 11.62 11.08 44.29
N SER D 310 12.35 10.24 45.02
CA SER D 310 11.96 9.84 46.36
C SER D 310 12.21 10.98 47.34
N THR D 311 11.94 10.72 48.61
CA THR D 311 12.24 11.69 49.65
C THR D 311 13.65 11.59 50.17
N PHE D 312 14.53 10.83 49.50
CA PHE D 312 15.86 10.55 50.04
C PHE D 312 16.70 11.81 50.12
N LEU D 313 16.77 12.58 49.05
CA LEU D 313 17.48 13.86 49.12
C LEU D 313 16.76 14.90 50.00
N PRO D 314 15.43 15.13 49.89
CA PRO D 314 14.84 16.13 50.80
C PRO D 314 14.85 15.78 52.27
N ALA D 315 14.77 14.50 52.65
CA ALA D 315 14.79 14.17 54.07
C ALA D 315 16.19 14.33 54.65
N VAL D 316 17.22 14.04 53.86
CA VAL D 316 18.60 14.25 54.33
C VAL D 316 18.88 15.73 54.49
N LEU D 317 18.40 16.56 53.57
CA LEU D 317 18.62 17.99 53.66
C LEU D 317 17.85 18.60 54.82
N GLN D 318 16.66 18.07 55.11
CA GLN D 318 15.92 18.57 56.26
C GLN D 318 16.58 18.16 57.57
N ARG D 319 17.13 16.94 57.62
CA ARG D 319 17.78 16.49 58.84
C ARG D 319 19.07 17.25 59.12
N ILE D 320 19.74 17.69 58.06
CA ILE D 320 20.88 18.60 58.23
C ILE D 320 20.38 19.97 58.69
N CYS D 321 19.28 20.45 58.10
CA CYS D 321 18.74 21.75 58.47
C CYS D 321 18.03 21.72 59.81
N GLU D 322 17.75 20.55 60.37
CA GLU D 322 17.10 20.51 61.67
C GLU D 322 18.08 20.60 62.83
N LEU D 323 19.35 20.86 62.57
CA LEU D 323 20.25 21.21 63.66
C LEU D 323 19.89 22.57 64.24
N GLY D 324 19.43 23.49 63.41
CA GLY D 324 18.89 24.73 63.91
C GLY D 324 17.52 24.54 64.52
N LYS D 325 17.09 25.54 65.27
CA LYS D 325 15.83 25.43 65.99
C LYS D 325 14.65 25.99 65.22
N GLU D 326 14.89 26.95 64.34
CA GLU D 326 13.81 27.50 63.53
C GLU D 326 13.39 26.49 62.47
N SER D 327 12.08 26.31 62.31
CA SER D 327 11.55 25.33 61.39
C SER D 327 11.55 25.81 59.94
N SER D 328 11.78 27.10 59.71
CA SER D 328 11.78 27.65 58.37
C SER D 328 13.14 27.60 57.70
N LEU D 329 14.15 27.03 58.37
CA LEU D 329 15.51 27.11 57.86
C LEU D 329 15.73 26.25 56.64
N PHE D 330 14.88 25.25 56.42
CA PHE D 330 15.04 24.41 55.23
C PHE D 330 14.70 25.18 53.98
N SER D 331 13.57 25.90 53.99
CA SER D 331 13.16 26.65 52.81
C SER D 331 14.06 27.86 52.57
N ILE D 332 14.64 28.39 53.64
CA ILE D 332 15.62 29.46 53.50
C ILE D 332 16.88 28.95 52.84
N SER D 333 17.32 27.74 53.22
CA SER D 333 18.57 27.21 52.70
C SER D 333 18.46 26.82 51.24
N MET D 334 17.26 26.52 50.75
CA MET D 334 17.10 26.05 49.38
C MET D 334 17.33 27.17 48.37
N VAL D 335 16.93 28.40 48.71
CA VAL D 335 17.11 29.47 47.75
C VAL D 335 18.52 30.00 47.75
N LYS D 336 19.32 29.65 48.76
CA LYS D 336 20.75 29.94 48.73
C LYS D 336 21.56 28.80 48.15
N SER D 337 20.92 27.74 47.67
CA SER D 337 21.59 26.53 47.26
C SER D 337 21.63 26.40 45.74
N PHE D 338 22.36 25.39 45.28
CA PHE D 338 22.47 25.12 43.86
C PHE D 338 22.66 23.64 43.62
N LEU D 339 22.01 23.12 42.58
CA LEU D 339 22.09 21.73 42.19
C LEU D 339 22.81 21.60 40.86
N VAL D 340 23.65 20.57 40.75
CA VAL D 340 24.27 20.23 39.49
C VAL D 340 23.87 18.79 39.19
N SER D 341 22.99 18.60 38.23
CA SER D 341 22.58 17.25 37.86
C SER D 341 23.60 16.72 36.87
N ALA D 342 24.57 15.97 37.39
CA ALA D 342 25.65 15.49 36.55
C ALA D 342 25.23 14.25 35.79
N ASP D 343 24.71 14.45 34.59
CA ASP D 343 24.35 13.31 33.75
C ASP D 343 24.92 13.51 32.36
N MET D 344 25.40 12.42 31.77
CA MET D 344 26.25 12.47 30.58
C MET D 344 25.50 13.02 29.37
N ALA D 345 26.25 13.68 28.50
CA ALA D 345 25.72 14.39 27.36
C ALA D 345 26.07 13.67 26.06
N HIS D 346 25.30 13.96 25.03
CA HIS D 346 25.53 13.36 23.72
C HIS D 346 26.63 14.12 23.00
N ALA D 347 27.71 13.43 22.66
CA ALA D 347 28.77 14.01 21.86
C ALA D 347 28.38 14.00 20.39
N MET D 348 29.24 14.57 19.56
CA MET D 348 28.96 14.61 18.14
C MET D 348 29.30 13.27 17.51
N HIS D 349 28.32 12.64 16.88
CA HIS D 349 28.56 11.40 16.18
C HIS D 349 28.86 11.72 14.72
N PRO D 350 30.06 11.43 14.23
CA PRO D 350 30.40 11.82 12.86
C PRO D 350 29.64 11.05 11.81
N ASN D 351 29.17 9.87 12.15
CA ASN D 351 28.43 9.06 11.21
C ASN D 351 26.95 9.38 11.19
N TYR D 352 26.44 10.09 12.20
CA TYR D 352 25.02 10.40 12.27
C TYR D 352 24.84 11.89 12.47
N SER D 353 25.52 12.68 11.64
CA SER D 353 25.59 14.12 11.85
C SER D 353 24.26 14.80 11.60
N SER D 354 23.38 14.17 10.82
CA SER D 354 22.07 14.75 10.56
C SER D 354 21.14 14.66 11.77
N ARG D 355 21.49 13.90 12.80
CA ARG D 355 20.61 13.73 13.95
C ARG D 355 21.06 14.59 15.11
N TYR D 356 21.69 15.71 14.78
CA TYR D 356 22.34 16.64 15.69
C TYR D 356 22.14 18.06 15.20
N GLU D 357 22.08 18.99 16.12
CA GLU D 357 22.01 20.39 15.70
C GLU D 357 23.44 20.85 15.51
N ASN D 358 23.75 21.35 14.30
CA ASN D 358 25.13 21.43 13.83
C ASN D 358 25.98 22.48 14.55
N SER D 359 25.37 23.36 15.34
CA SER D 359 26.14 24.40 16.01
C SER D 359 26.17 24.27 17.53
N ASN D 360 25.22 23.56 18.13
CA ASN D 360 25.19 23.40 19.57
C ASN D 360 25.43 21.94 19.95
N THR D 361 26.38 21.30 19.31
CA THR D 361 26.67 19.93 19.67
C THR D 361 28.12 19.83 20.11
N PRO D 362 28.38 19.31 21.29
CA PRO D 362 29.75 19.28 21.81
C PRO D 362 30.58 18.18 21.19
N PHE D 363 31.85 18.15 21.59
CA PHE D 363 32.83 17.20 21.08
C PHE D 363 33.54 16.53 22.24
N LEU D 364 34.09 15.36 21.98
CA LEU D 364 34.84 14.64 23.00
C LEU D 364 36.15 15.35 23.31
N ASN D 365 36.52 15.28 24.60
CA ASN D 365 37.75 15.84 25.17
C ASN D 365 37.84 17.36 24.95
N LYS D 366 36.69 18.03 24.92
CA LYS D 366 36.65 19.48 24.83
C LYS D 366 35.98 20.08 26.05
N GLY D 367 35.91 19.34 27.15
CA GLY D 367 35.32 19.82 28.39
C GLY D 367 33.92 19.30 28.59
N THR D 368 33.41 19.54 29.80
CA THR D 368 32.07 19.11 30.14
C THR D 368 31.04 20.01 29.46
N VAL D 369 29.79 19.56 29.46
CA VAL D 369 28.78 20.06 28.54
C VAL D 369 27.60 20.60 29.33
N ILE D 370 27.25 21.86 29.11
CA ILE D 370 26.05 22.44 29.71
C ILE D 370 24.84 22.05 28.88
N LYS D 371 23.98 21.19 29.41
CA LYS D 371 22.82 20.71 28.67
C LYS D 371 21.66 21.68 28.85
N VAL D 372 21.22 22.27 27.75
CA VAL D 372 20.18 23.30 27.75
C VAL D 372 19.01 22.80 26.91
N ASN D 373 17.81 22.89 27.45
CA ASN D 373 16.62 22.50 26.71
C ASN D 373 15.48 23.43 27.07
N ALA D 374 14.77 23.93 26.06
CA ALA D 374 13.69 24.90 26.30
C ALA D 374 12.52 24.25 26.99
N ASN D 375 12.21 23.00 26.63
CA ASN D 375 11.11 22.28 27.25
C ASN D 375 11.46 21.78 28.65
N GLN D 376 12.67 22.09 29.12
CA GLN D 376 13.14 21.80 30.48
C GLN D 376 13.14 20.31 30.76
N ARG D 377 13.42 19.53 29.73
CA ARG D 377 13.90 18.18 29.95
C ARG D 377 15.25 18.22 30.62
N TYR D 378 16.09 19.17 30.22
CA TYR D 378 17.22 19.65 31.00
C TYR D 378 16.84 21.02 31.52
N THR D 379 17.00 21.21 32.83
CA THR D 379 16.43 22.35 33.55
C THR D 379 17.40 23.51 33.74
N THR D 380 18.33 23.66 32.81
CA THR D 380 19.31 24.73 32.87
C THR D 380 18.68 26.06 32.48
N ASN D 381 18.80 27.06 33.35
CA ASN D 381 18.45 28.44 33.05
C ASN D 381 19.72 29.29 33.01
N SER D 382 19.55 30.58 32.75
CA SER D 382 20.71 31.45 32.59
C SER D 382 21.39 31.72 33.91
N ALA D 383 20.66 31.66 35.01
CA ALA D 383 21.25 31.89 36.32
C ALA D 383 22.25 30.80 36.67
N GLY D 384 22.00 29.58 36.18
CA GLY D 384 22.98 28.53 36.38
C GLY D 384 24.17 28.66 35.45
N ILE D 385 23.96 29.17 34.24
CA ILE D 385 25.02 29.25 33.24
C ILE D 385 26.09 30.24 33.69
N VAL D 386 25.66 31.38 34.24
CA VAL D 386 26.60 32.39 34.69
C VAL D 386 27.42 31.87 35.86
N LEU D 387 26.80 31.07 36.73
CA LEU D 387 27.52 30.50 37.86
C LEU D 387 28.58 29.51 37.39
N LEU D 388 28.22 28.60 36.49
CA LEU D 388 29.17 27.60 36.05
C LEU D 388 30.10 28.09 34.96
N LYS D 389 29.83 29.25 34.36
CA LYS D 389 30.86 29.86 33.55
C LYS D 389 31.91 30.54 34.43
N LYS D 390 31.48 31.05 35.59
CA LYS D 390 32.43 31.62 36.54
C LYS D 390 33.26 30.53 37.20
N VAL D 391 32.66 29.36 37.43
CA VAL D 391 33.38 28.24 38.00
C VAL D 391 34.43 27.73 37.02
N ALA D 392 34.06 27.63 35.74
CA ALA D 392 35.00 27.19 34.72
C ALA D 392 36.08 28.22 34.49
N GLN D 393 35.77 29.50 34.69
CA GLN D 393 36.79 30.53 34.64
C GLN D 393 37.79 30.38 35.78
N LEU D 394 37.30 30.02 36.96
CA LEU D 394 38.18 29.84 38.10
C LEU D 394 38.99 28.55 37.98
N ALA D 395 38.39 27.49 37.47
CA ALA D 395 39.07 26.22 37.34
C ALA D 395 39.97 26.15 36.12
N ASP D 396 39.80 27.08 35.17
CA ASP D 396 40.49 27.09 33.87
C ASP D 396 40.28 25.77 33.12
N VAL D 397 39.03 25.42 32.92
CA VAL D 397 38.67 24.26 32.12
C VAL D 397 37.64 24.72 31.08
N PRO D 398 37.61 24.12 29.89
CA PRO D 398 36.60 24.50 28.92
C PRO D 398 35.26 23.86 29.24
N ILE D 399 34.19 24.54 28.84
CA ILE D 399 32.85 23.97 28.91
C ILE D 399 32.17 24.19 27.56
N GLN D 400 31.28 23.27 27.22
CA GLN D 400 30.51 23.31 25.98
C GLN D 400 29.02 23.33 26.30
N SER D 401 28.22 23.38 25.26
CA SER D 401 26.77 23.43 25.42
C SER D 401 26.12 22.44 24.46
N PHE D 402 24.94 21.98 24.84
CA PHE D 402 24.19 21.01 24.04
C PHE D 402 22.72 21.39 24.02
N VAL D 403 22.11 21.33 22.84
CA VAL D 403 20.66 21.27 22.71
C VAL D 403 20.35 20.11 21.78
N VAL D 404 19.13 19.66 21.84
CA VAL D 404 18.66 18.64 20.92
C VAL D 404 18.12 19.34 19.67
N ARG D 405 17.93 18.57 18.61
CA ARG D 405 17.20 19.09 17.47
C ARG D 405 15.73 19.25 17.84
N ASN D 406 15.10 20.21 17.17
CA ASN D 406 13.70 20.53 17.41
C ASN D 406 12.79 19.45 16.86
N ASP D 407 13.25 18.68 15.88
CA ASP D 407 12.49 17.54 15.40
C ASP D 407 12.92 16.25 16.07
N SER D 408 13.45 16.34 17.28
CA SER D 408 13.95 15.20 18.02
C SER D 408 13.35 15.21 19.41
N PRO D 409 13.00 14.04 19.95
CA PRO D 409 12.53 13.97 21.32
C PRO D 409 13.68 14.11 22.30
N CYS D 410 13.35 14.53 23.51
CA CYS D 410 14.33 14.67 24.58
C CYS D 410 13.79 14.01 25.83
N GLY D 411 14.67 13.32 26.55
CA GLY D 411 14.30 12.64 27.78
C GLY D 411 14.75 13.44 29.00
N SER D 412 13.86 13.53 29.98
CA SER D 412 14.17 14.26 31.20
C SER D 412 15.20 13.52 32.03
N THR D 413 16.06 14.29 32.68
CA THR D 413 16.99 13.75 33.66
C THR D 413 16.38 13.92 35.05
N ILE D 414 17.19 13.65 36.07
CA ILE D 414 16.71 13.81 37.44
C ILE D 414 16.69 15.27 37.85
N GLY D 415 17.38 16.12 37.11
CA GLY D 415 17.49 17.53 37.41
C GLY D 415 16.20 18.32 37.50
N PRO D 416 15.30 18.18 36.51
CA PRO D 416 13.99 18.86 36.64
C PRO D 416 13.18 18.46 37.85
N LYS D 417 13.20 17.19 38.25
CA LYS D 417 12.30 16.79 39.30
C LYS D 417 12.94 16.98 40.67
N LEU D 418 14.26 16.90 40.74
CA LEU D 418 14.96 17.27 41.96
C LEU D 418 14.87 18.76 42.21
N ALA D 419 14.76 19.55 41.15
CA ALA D 419 14.48 20.97 41.30
C ALA D 419 13.10 21.19 41.90
N ALA D 420 12.14 20.34 41.52
CA ALA D 420 10.77 20.53 41.97
C ALA D 420 10.62 20.25 43.46
N MET D 421 11.21 19.17 43.95
CA MET D 421 11.01 18.82 45.35
C MET D 421 11.87 19.64 46.29
N THR D 422 12.82 20.41 45.76
CA THR D 422 13.66 21.24 46.59
C THR D 422 13.45 22.73 46.36
N GLY D 423 12.99 23.13 45.18
CA GLY D 423 12.92 24.54 44.89
C GLY D 423 14.28 25.15 44.64
N MET D 424 15.26 24.33 44.29
CA MET D 424 16.65 24.73 44.28
C MET D 424 17.05 25.11 42.86
N ARG D 425 17.82 26.18 42.74
CA ARG D 425 18.36 26.58 41.45
C ARG D 425 19.29 25.48 40.94
N THR D 426 19.27 25.23 39.64
CA THR D 426 19.89 24.02 39.16
C THR D 426 20.32 24.12 37.71
N LEU D 427 21.27 23.27 37.35
CA LEU D 427 21.77 23.14 36.01
C LEU D 427 22.02 21.67 35.73
N ASP D 428 21.76 21.25 34.50
CA ASP D 428 22.04 19.89 34.06
C ASP D 428 23.30 19.93 33.21
N LEU D 429 24.37 19.30 33.69
CA LEU D 429 25.57 19.18 32.89
C LEU D 429 26.01 17.73 32.86
N GLY D 430 27.04 17.48 32.05
CA GLY D 430 27.64 16.16 31.99
C GLY D 430 28.73 16.14 30.95
N ASN D 431 29.47 15.08 30.96
CA ASN D 431 30.58 14.97 30.02
C ASN D 431 30.10 14.31 28.73
N PRO D 432 30.66 14.70 27.58
CA PRO D 432 30.15 14.18 26.31
C PRO D 432 30.53 12.73 26.09
N MET D 433 29.67 12.03 25.36
CA MET D 433 29.88 10.62 25.07
C MET D 433 29.04 10.24 23.86
N LEU D 434 29.38 9.11 23.26
CA LEU D 434 28.62 8.53 22.18
C LEU D 434 28.09 7.17 22.57
N SER D 435 27.02 6.76 21.89
CA SER D 435 26.30 5.50 22.10
C SER D 435 25.82 5.36 23.54
N MET D 436 24.97 6.30 23.95
CA MET D 436 24.41 6.24 25.28
C MET D 436 23.38 5.12 25.35
N HIS D 437 23.32 4.46 26.50
CA HIS D 437 22.49 3.28 26.78
C HIS D 437 22.84 2.11 25.87
N SER D 438 24.08 2.02 25.44
CA SER D 438 24.55 0.84 24.75
C SER D 438 25.16 -0.13 25.76
N CYS D 439 25.47 -1.34 25.27
CA CYS D 439 26.13 -2.31 26.13
C CYS D 439 27.56 -1.90 26.41
N ARG D 440 28.23 -1.33 25.41
CA ARG D 440 29.56 -0.77 25.57
C ARG D 440 29.52 0.65 25.04
N GLU D 441 30.15 1.57 25.77
CA GLU D 441 29.91 2.99 25.59
C GLU D 441 31.27 3.69 25.46
N MET D 442 31.29 4.83 24.77
CA MET D 442 32.53 5.52 24.46
C MET D 442 32.48 6.98 24.87
N CYS D 443 33.50 7.43 25.60
CA CYS D 443 33.66 8.82 25.97
C CYS D 443 35.13 9.17 25.91
N GLY D 444 35.43 10.46 26.04
CA GLY D 444 36.81 10.90 26.03
C GLY D 444 37.51 10.70 27.36
N SER D 445 38.83 10.64 27.32
CA SER D 445 39.59 10.35 28.52
C SER D 445 40.09 11.61 29.23
N LYS D 446 40.29 12.71 28.49
CA LYS D 446 40.60 13.97 29.15
C LYS D 446 39.39 14.51 29.89
N ASP D 447 38.19 14.07 29.49
CA ASP D 447 36.95 14.61 30.04
C ASP D 447 36.74 14.25 31.50
N PHE D 448 37.39 13.19 31.98
CA PHE D 448 37.25 12.82 33.39
C PHE D 448 37.98 13.80 34.29
N GLU D 449 39.16 14.22 33.87
CA GLU D 449 39.95 15.16 34.66
C GLU D 449 39.34 16.55 34.62
N TYR D 450 38.74 16.92 33.49
CA TYR D 450 38.10 18.22 33.36
C TYR D 450 36.88 18.33 34.26
N ALA D 451 36.17 17.22 34.44
CA ALA D 451 34.98 17.25 35.28
C ALA D 451 35.32 17.35 36.75
N VAL D 452 36.39 16.65 37.16
CA VAL D 452 36.77 16.63 38.57
C VAL D 452 37.31 17.99 38.99
N VAL D 453 38.07 18.63 38.11
CA VAL D 453 38.61 19.96 38.39
C VAL D 453 37.48 20.99 38.45
N LEU D 454 36.51 20.88 37.55
CA LEU D 454 35.37 21.79 37.55
C LEU D 454 34.52 21.62 38.79
N PHE D 455 34.27 20.37 39.19
CA PHE D 455 33.39 20.13 40.32
C PHE D 455 34.03 20.51 41.64
N SER D 456 35.33 20.23 41.79
CA SER D 456 36.02 20.63 43.00
C SER D 456 36.11 22.15 43.10
N SER D 457 36.22 22.82 41.96
CA SER D 457 36.16 24.28 41.97
C SER D 457 34.75 24.77 42.25
N PHE D 458 33.74 24.01 41.82
CA PHE D 458 32.36 24.36 42.15
C PHE D 458 32.10 24.19 43.64
N PHE D 459 32.68 23.15 44.24
CA PHE D 459 32.50 22.92 45.67
C PHE D 459 33.24 23.97 46.49
N GLN D 460 34.45 24.33 46.06
CA GLN D 460 35.27 25.23 46.85
C GLN D 460 34.88 26.68 46.69
N ASN D 461 34.31 27.07 45.56
CA ASN D 461 34.01 28.46 45.30
C ASN D 461 32.52 28.74 45.18
N PHE D 462 31.66 27.88 45.74
CA PHE D 462 30.23 28.11 45.59
C PHE D 462 29.76 29.30 46.41
N ALA D 463 30.23 29.42 47.65
CA ALA D 463 29.70 30.43 48.56
C ALA D 463 30.07 31.84 48.12
N ASN D 464 31.23 32.00 47.49
CA ASN D 464 31.61 33.32 47.02
C ASN D 464 30.84 33.71 45.77
N LEU D 465 30.57 32.75 44.87
CA LEU D 465 29.98 33.12 43.60
C LEU D 465 28.46 33.09 43.61
N GLU D 466 27.88 32.52 44.67
CA GLU D 466 26.43 32.45 44.80
C GLU D 466 25.82 33.82 45.14
N GLU D 467 26.57 34.62 45.88
CA GLU D 467 26.11 35.96 46.23
C GLU D 467 26.41 36.98 45.16
N LYS D 468 27.14 36.62 44.12
CA LYS D 468 27.40 37.50 42.99
C LYS D 468 26.35 37.39 41.90
N ILE D 469 25.44 36.43 41.97
CA ILE D 469 24.36 36.30 41.00
C ILE D 469 23.12 36.87 41.65
N ILE D 470 22.62 37.98 41.12
CA ILE D 470 21.54 38.71 41.77
C ILE D 470 20.27 38.48 40.97
N ILE D 471 19.46 37.54 41.45
CA ILE D 471 18.08 37.37 41.02
C ILE D 471 17.23 37.60 42.26
N ASP D 472 16.01 38.11 42.05
CA ASP D 472 15.00 38.29 43.10
C ASP D 472 15.47 39.24 44.19
N GLU D 473 15.69 40.51 43.83
CA GLU D 473 15.95 41.53 44.84
C GLU D 473 14.73 42.43 45.02
N GLY D 474 14.85 43.43 45.89
CA GLY D 474 13.74 44.34 46.11
C GLY D 474 13.59 45.32 44.96
N PHE D 475 12.47 46.01 44.95
CA PHE D 475 12.13 46.92 43.85
C PHE D 475 12.11 48.37 44.31
N SER D 493 58.09 9.67 27.08
CA SER D 493 56.69 9.34 26.80
C SER D 493 56.13 8.42 27.88
N VAL D 494 56.90 8.20 28.94
CA VAL D 494 56.52 7.33 30.05
C VAL D 494 56.57 8.16 31.32
N ALA D 495 55.53 8.05 32.15
CA ALA D 495 55.51 8.70 33.46
C ALA D 495 55.38 7.65 34.55
N CYS D 496 55.28 8.13 35.79
CA CYS D 496 55.22 7.28 36.97
C CYS D 496 53.81 7.33 37.57
N ASN D 497 53.31 6.17 37.99
CA ASN D 497 51.96 6.12 38.56
C ASN D 497 51.90 6.70 39.96
N THR D 498 53.03 6.74 40.66
CA THR D 498 53.04 7.30 42.02
C THR D 498 53.10 8.81 41.98
N CYS D 499 54.19 9.37 41.45
CA CYS D 499 54.32 10.80 41.24
C CYS D 499 54.01 11.07 39.77
N LEU D 500 52.99 11.88 39.52
CA LEU D 500 52.46 12.06 38.18
C LEU D 500 53.29 13.06 37.38
N LYS D 501 54.51 12.63 37.05
CA LYS D 501 55.49 13.47 36.38
C LYS D 501 56.16 12.66 35.27
N ILE D 502 56.43 13.33 34.16
CA ILE D 502 57.12 12.71 33.03
C ILE D 502 58.58 12.54 33.43
N ILE D 503 59.05 11.31 33.43
CA ILE D 503 60.39 11.02 33.92
C ILE D 503 61.39 11.29 32.82
N ARG D 504 62.64 11.51 33.20
CA ARG D 504 63.68 11.97 32.29
C ARG D 504 64.87 11.02 32.32
N ASN D 505 64.66 9.80 32.79
CA ASN D 505 65.75 8.87 33.05
C ASN D 505 65.20 7.45 32.93
N ASP D 506 65.92 6.49 33.52
CA ASP D 506 65.54 5.08 33.47
C ASP D 506 64.18 4.82 34.09
N SER D 507 63.45 3.87 33.50
CA SER D 507 62.12 3.51 33.95
C SER D 507 62.10 2.05 34.39
N PHE D 508 61.40 1.80 35.48
CA PHE D 508 61.26 0.46 36.04
C PHE D 508 59.90 -0.09 35.65
N HIS D 509 59.89 -1.02 34.70
CA HIS D 509 58.66 -1.51 34.11
C HIS D 509 58.23 -2.79 34.82
N CYS D 510 57.05 -2.75 35.43
CA CYS D 510 56.45 -3.96 35.99
C CYS D 510 56.07 -4.90 34.86
N THR D 511 56.70 -6.06 34.82
CA THR D 511 56.38 -7.04 33.79
C THR D 511 55.12 -7.83 34.13
N LYS D 512 54.58 -7.67 35.33
CA LYS D 512 53.41 -8.44 35.74
C LYS D 512 52.11 -7.67 35.56
N CYS D 513 52.12 -6.35 35.70
CA CYS D 513 50.99 -5.52 35.37
C CYS D 513 51.08 -5.12 33.90
N PHE D 514 50.24 -4.17 33.49
CA PHE D 514 50.19 -3.77 32.08
C PHE D 514 51.09 -2.57 31.79
N ASP D 515 50.86 -1.45 32.48
CA ASP D 515 51.49 -0.17 32.15
C ASP D 515 51.88 0.58 33.42
N PHE D 516 52.54 -0.09 34.35
CA PHE D 516 52.67 0.47 35.69
C PHE D 516 53.79 1.50 35.79
N ASP D 517 55.05 1.08 35.56
CA ASP D 517 56.19 1.95 35.21
C ASP D 517 56.50 2.99 36.29
N VAL D 518 57.00 2.52 37.43
CA VAL D 518 57.51 3.45 38.44
C VAL D 518 58.83 4.06 38.01
N CYS D 519 59.26 5.08 38.75
CA CYS D 519 60.41 5.90 38.39
C CYS D 519 61.63 5.54 39.24
N ARG D 520 62.71 6.28 38.99
CA ARG D 520 63.98 6.20 39.71
C ARG D 520 63.81 6.37 41.22
N ASP D 521 63.16 7.45 41.62
CA ASP D 521 63.06 7.79 43.04
C ASP D 521 62.07 6.87 43.74
N CYS D 522 60.93 6.59 43.11
CA CYS D 522 59.90 5.80 43.75
C CYS D 522 60.26 4.32 43.81
N TYR D 523 61.21 3.88 42.98
CA TYR D 523 61.69 2.51 43.08
C TYR D 523 62.45 2.29 44.37
N ALA D 524 63.27 3.26 44.76
CA ALA D 524 63.92 3.18 46.06
C ALA D 524 62.99 3.56 47.20
N LYS D 525 61.90 4.27 46.91
CA LYS D 525 60.99 4.76 47.92
C LYS D 525 59.95 3.71 48.29
N GLN D 526 59.93 2.57 47.58
CA GLN D 526 59.06 1.42 47.83
C GLN D 526 57.57 1.77 47.76
N ALA D 527 57.20 2.67 46.85
CA ALA D 527 55.82 3.16 46.76
C ALA D 527 55.04 2.50 45.62
N PHE D 528 55.44 1.31 45.21
CA PHE D 528 54.87 0.62 44.05
C PHE D 528 53.69 -0.32 44.38
N LEU D 529 52.71 0.20 45.10
CA LEU D 529 51.52 -0.60 45.44
C LEU D 529 50.46 -0.59 44.31
N HIS D 530 50.22 -1.76 43.73
CA HIS D 530 49.24 -1.95 42.66
C HIS D 530 48.77 -3.39 42.72
N PRO D 531 47.65 -3.78 42.06
CA PRO D 531 47.21 -5.19 42.13
C PRO D 531 48.12 -6.21 41.45
N CYS D 532 49.35 -6.33 41.93
CA CYS D 532 50.24 -7.44 41.61
C CYS D 532 51.00 -7.76 42.90
N PRO D 533 50.82 -8.97 43.44
CA PRO D 533 51.47 -9.30 44.72
C PRO D 533 52.99 -9.26 44.71
N LYS D 534 53.64 -9.71 43.63
CA LYS D 534 55.06 -9.47 43.46
C LYS D 534 55.33 -9.01 42.03
N PRO D 535 55.73 -7.75 41.86
CA PRO D 535 56.07 -7.24 40.53
C PRO D 535 57.56 -7.35 40.22
N HIS D 536 57.85 -7.55 38.94
CA HIS D 536 59.21 -7.60 38.44
C HIS D 536 59.49 -6.34 37.65
N PHE D 537 60.36 -5.49 38.17
CA PHE D 537 60.66 -4.21 37.54
C PHE D 537 61.96 -4.31 36.75
N VAL D 538 61.84 -4.43 35.44
CA VAL D 538 62.98 -4.35 34.55
C VAL D 538 63.27 -2.89 34.27
N LEU D 539 64.55 -2.54 34.26
CA LEU D 539 64.98 -1.17 34.09
C LEU D 539 65.27 -0.87 32.62
N VAL D 540 64.76 0.26 32.15
CA VAL D 540 64.66 0.55 30.73
C VAL D 540 65.31 1.90 30.44
N ARG D 541 66.18 1.95 29.42
CA ARG D 541 66.83 3.17 28.98
C ARG D 541 65.87 4.26 28.52
N SER D 542 66.28 5.50 28.80
CA SER D 542 65.62 6.74 28.40
C SER D 542 64.17 6.85 28.83
N MET E 1 -2.66 -62.54 -2.12
CA MET E 1 -3.10 -61.29 -1.52
C MET E 1 -2.18 -60.99 -0.35
N GLN E 2 -1.20 -60.13 -0.60
CA GLN E 2 -0.13 -59.87 0.36
C GLN E 2 -0.67 -59.10 1.55
N LEU E 3 -0.41 -59.61 2.75
CA LEU E 3 -0.86 -59.02 4.01
C LEU E 3 0.37 -58.58 4.78
N HIS E 4 0.61 -57.27 4.82
CA HIS E 4 1.85 -56.76 5.39
C HIS E 4 1.78 -56.70 6.92
N GLY E 5 0.66 -56.24 7.46
CA GLY E 5 0.48 -56.26 8.91
C GLY E 5 -0.87 -55.76 9.37
N LYS E 6 -1.51 -56.53 10.26
CA LYS E 6 -2.85 -56.26 10.81
C LYS E 6 -3.87 -56.06 9.69
N MET E 7 -4.06 -57.12 8.88
CA MET E 7 -4.60 -56.91 7.56
C MET E 7 -5.92 -57.64 7.32
N THR E 8 -6.20 -58.71 8.08
CA THR E 8 -7.45 -59.46 8.30
C THR E 8 -8.12 -60.04 7.05
N ALA E 9 -7.50 -59.87 5.88
CA ALA E 9 -7.84 -60.56 4.62
C ALA E 9 -9.25 -60.30 4.07
N THR E 10 -10.07 -59.55 4.78
CA THR E 10 -11.39 -59.16 4.34
C THR E 10 -11.49 -57.68 4.08
N ALA E 11 -10.77 -56.87 4.87
CA ALA E 11 -10.67 -55.45 4.58
C ALA E 11 -9.92 -55.21 3.28
N LYS E 12 -8.87 -56.00 3.03
CA LYS E 12 -8.17 -55.91 1.75
C LYS E 12 -9.05 -56.36 0.59
N SER E 13 -9.81 -57.44 0.80
CA SER E 13 -10.65 -57.94 -0.29
C SER E 13 -11.82 -57.00 -0.57
N CYS E 14 -12.33 -56.34 0.47
CA CYS E 14 -13.33 -55.32 0.25
C CYS E 14 -12.75 -54.10 -0.44
N ALA E 15 -11.50 -53.75 -0.09
CA ALA E 15 -10.85 -52.61 -0.75
C ALA E 15 -10.48 -52.95 -2.17
N LEU E 16 -10.07 -54.20 -2.43
CA LEU E 16 -9.75 -54.60 -3.79
C LEU E 16 -11.00 -54.66 -4.66
N ASP E 17 -12.15 -54.96 -4.06
CA ASP E 17 -13.41 -54.91 -4.80
C ASP E 17 -13.79 -53.48 -5.12
N PHE E 18 -13.42 -52.53 -4.25
CA PHE E 18 -13.66 -51.13 -4.56
C PHE E 18 -12.79 -50.67 -5.72
N LEU E 19 -11.56 -51.19 -5.80
CA LEU E 19 -10.63 -50.76 -6.85
C LEU E 19 -11.13 -51.18 -8.22
N ASP E 20 -11.75 -52.35 -8.32
CA ASP E 20 -12.35 -52.76 -9.57
C ASP E 20 -13.56 -51.90 -9.91
N PHE E 21 -14.28 -51.44 -8.89
CA PHE E 21 -15.48 -50.66 -9.12
C PHE E 21 -15.14 -49.26 -9.59
N VAL E 22 -14.17 -48.61 -8.96
CA VAL E 22 -13.91 -47.21 -9.26
C VAL E 22 -13.06 -47.08 -10.52
N ASN E 23 -12.31 -48.12 -10.87
CA ASN E 23 -11.56 -48.06 -12.12
C ASN E 23 -12.47 -48.24 -13.33
N ALA E 24 -13.61 -48.87 -13.15
CA ALA E 24 -14.57 -49.06 -14.23
C ALA E 24 -15.63 -47.98 -14.25
N SER E 25 -15.61 -47.04 -13.32
CA SER E 25 -16.66 -46.03 -13.17
C SER E 25 -16.06 -44.64 -13.07
N PRO E 26 -15.68 -44.04 -14.21
CA PRO E 26 -15.17 -42.68 -14.16
C PRO E 26 -16.24 -41.61 -14.32
N THR E 27 -17.43 -41.97 -14.71
CA THR E 27 -18.53 -41.03 -14.93
C THR E 27 -19.67 -41.48 -14.05
N PRO E 28 -20.62 -40.60 -13.73
CA PRO E 28 -21.85 -41.06 -13.11
C PRO E 28 -22.65 -42.02 -13.97
N TYR E 29 -22.55 -41.88 -15.30
CA TYR E 29 -23.20 -42.82 -16.19
C TYR E 29 -22.57 -44.21 -16.07
N HIS E 30 -21.24 -44.26 -15.95
CA HIS E 30 -20.60 -45.56 -15.74
C HIS E 30 -20.83 -46.04 -14.32
N ALA E 31 -20.91 -45.12 -13.36
CA ALA E 31 -21.14 -45.51 -11.97
C ALA E 31 -22.50 -46.16 -11.80
N VAL E 32 -23.53 -45.58 -12.41
CA VAL E 32 -24.87 -46.15 -12.35
C VAL E 32 -24.92 -47.47 -13.10
N GLN E 33 -24.18 -47.57 -14.20
CA GLN E 33 -24.12 -48.79 -14.98
C GLN E 33 -23.47 -49.92 -14.20
N ASN E 34 -22.40 -49.63 -13.46
CA ASN E 34 -21.73 -50.67 -12.70
C ASN E 34 -22.50 -51.03 -11.44
N LEU E 35 -23.21 -50.08 -10.84
CA LEU E 35 -24.06 -50.42 -9.69
C LEU E 35 -25.21 -51.30 -10.11
N ALA E 36 -25.81 -51.00 -11.26
CA ALA E 36 -27.00 -51.73 -11.67
C ALA E 36 -26.66 -53.14 -12.12
N GLU E 37 -25.46 -53.35 -12.68
CA GLU E 37 -25.03 -54.71 -12.96
C GLU E 37 -24.80 -55.48 -11.67
N HIS E 38 -24.32 -54.80 -10.63
CA HIS E 38 -24.16 -55.46 -9.35
C HIS E 38 -25.51 -55.71 -8.70
N TYR E 39 -26.48 -54.84 -8.95
CA TYR E 39 -27.82 -55.03 -8.38
C TYR E 39 -28.53 -56.20 -9.03
N MET E 40 -28.48 -56.28 -10.37
CA MET E 40 -29.16 -57.38 -11.05
C MET E 40 -28.41 -58.70 -10.87
N SER E 41 -27.13 -58.65 -10.54
CA SER E 41 -26.42 -59.87 -10.18
C SER E 41 -26.92 -60.39 -8.84
N HIS E 42 -27.35 -59.50 -7.96
CA HIS E 42 -27.87 -59.90 -6.67
C HIS E 42 -29.39 -60.01 -6.66
N GLY E 43 -30.03 -60.02 -7.82
CA GLY E 43 -31.44 -60.33 -7.92
C GLY E 43 -32.38 -59.15 -7.96
N PHE E 44 -31.88 -57.94 -8.13
CA PHE E 44 -32.75 -56.78 -8.19
C PHE E 44 -33.46 -56.73 -9.53
N GLN E 45 -34.60 -56.05 -9.56
CA GLN E 45 -35.40 -55.93 -10.78
C GLN E 45 -35.44 -54.47 -11.20
N TYR E 46 -35.28 -54.22 -12.50
CA TYR E 46 -35.35 -52.87 -13.01
C TYR E 46 -36.80 -52.41 -13.07
N LEU E 47 -37.04 -51.19 -12.63
CA LEU E 47 -38.35 -50.57 -12.72
C LEU E 47 -38.27 -49.37 -13.64
N SER E 48 -39.11 -49.35 -14.66
CA SER E 48 -39.26 -48.16 -15.48
C SER E 48 -40.11 -47.16 -14.73
N GLU E 49 -39.66 -45.92 -14.69
CA GLU E 49 -40.43 -44.90 -14.01
C GLU E 49 -41.63 -44.45 -14.84
N LYS E 50 -41.62 -44.75 -16.14
CA LYS E 50 -42.78 -44.53 -16.99
C LYS E 50 -43.94 -45.45 -16.63
N SER E 51 -43.66 -46.61 -16.05
CA SER E 51 -44.71 -47.57 -15.77
C SER E 51 -45.41 -47.24 -14.45
N ASP E 52 -46.46 -47.99 -14.17
CA ASP E 52 -47.19 -47.87 -12.92
C ASP E 52 -46.83 -49.05 -12.03
N TRP E 53 -46.50 -48.77 -10.78
CA TRP E 53 -45.92 -49.77 -9.90
C TRP E 53 -46.94 -50.41 -8.98
N GLN E 54 -48.24 -50.23 -9.23
CA GLN E 54 -49.26 -50.80 -8.35
C GLN E 54 -49.27 -52.32 -8.40
N SER E 55 -48.96 -52.89 -9.55
CA SER E 55 -48.94 -54.33 -9.72
C SER E 55 -47.54 -54.88 -9.93
N LYS E 56 -46.52 -54.04 -9.87
CA LYS E 56 -45.18 -54.46 -10.21
C LYS E 56 -44.30 -54.72 -9.00
N ILE E 57 -44.56 -54.08 -7.88
CA ILE E 57 -43.74 -54.24 -6.68
C ILE E 57 -44.56 -54.98 -5.64
N GLU E 58 -43.90 -55.91 -4.95
CA GLU E 58 -44.53 -56.69 -3.90
C GLU E 58 -43.49 -56.92 -2.81
N PRO E 59 -43.94 -57.10 -1.56
CA PRO E 59 -42.98 -57.27 -0.46
C PRO E 59 -42.14 -58.53 -0.59
N GLY E 60 -40.92 -58.44 -0.10
CA GLY E 60 -39.98 -59.53 -0.17
C GLY E 60 -39.03 -59.50 -1.34
N ASN E 61 -39.10 -58.49 -2.19
CA ASN E 61 -38.27 -58.42 -3.38
C ASN E 61 -37.50 -57.11 -3.42
N SER E 62 -36.53 -57.06 -4.32
CA SER E 62 -35.64 -55.92 -4.44
C SER E 62 -35.74 -55.33 -5.84
N TYR E 63 -35.77 -54.00 -5.90
CA TYR E 63 -36.00 -53.24 -7.11
C TYR E 63 -35.02 -52.07 -7.17
N PHE E 64 -34.79 -51.58 -8.39
CA PHE E 64 -34.03 -50.35 -8.55
C PHE E 64 -34.62 -49.55 -9.71
N VAL E 65 -34.51 -48.23 -9.62
CA VAL E 65 -35.03 -47.32 -10.62
C VAL E 65 -33.92 -46.35 -10.98
N THR E 66 -33.98 -45.81 -12.19
CA THR E 66 -32.90 -45.00 -12.72
C THR E 66 -33.46 -43.76 -13.39
N ARG E 67 -32.84 -42.61 -13.13
CA ARG E 67 -33.22 -41.34 -13.74
C ARG E 67 -32.02 -40.80 -14.50
N ASN E 68 -32.21 -40.55 -15.80
CA ASN E 68 -31.25 -39.94 -16.73
C ASN E 68 -29.99 -40.80 -16.89
N LYS E 69 -30.06 -42.08 -16.52
CA LYS E 69 -28.95 -43.03 -16.46
C LYS E 69 -27.77 -42.53 -15.63
N SER E 70 -28.02 -41.62 -14.69
CA SER E 70 -26.98 -41.00 -13.88
C SER E 70 -27.34 -40.88 -12.43
N SER E 71 -28.61 -41.07 -12.06
CA SER E 71 -29.02 -41.23 -10.68
C SER E 71 -29.74 -42.56 -10.56
N ILE E 72 -29.44 -43.30 -9.50
CA ILE E 72 -30.05 -44.61 -9.30
C ILE E 72 -30.55 -44.71 -7.87
N ILE E 73 -31.73 -45.28 -7.70
CA ILE E 73 -32.31 -45.53 -6.39
C ILE E 73 -32.63 -47.02 -6.35
N ALA E 74 -31.97 -47.74 -5.45
CA ALA E 74 -32.28 -49.14 -5.25
C ALA E 74 -32.94 -49.33 -3.90
N PHE E 75 -34.00 -50.13 -3.88
CA PHE E 75 -34.71 -50.36 -2.63
C PHE E 75 -35.11 -51.81 -2.53
N SER E 76 -35.01 -52.35 -1.32
CA SER E 76 -35.47 -53.70 -1.01
C SER E 76 -36.62 -53.60 -0.02
N ILE E 77 -37.74 -54.21 -0.37
CA ILE E 77 -38.94 -54.17 0.45
C ILE E 77 -38.99 -55.44 1.27
N GLY E 78 -39.09 -55.29 2.60
CA GLY E 78 -39.16 -56.46 3.46
C GLY E 78 -40.47 -57.19 3.30
N LYS E 79 -40.46 -58.48 3.66
CA LYS E 79 -41.66 -59.29 3.53
C LYS E 79 -42.73 -58.87 4.53
N LYS E 80 -42.32 -58.48 5.72
CA LYS E 80 -43.25 -58.04 6.75
C LYS E 80 -43.53 -56.55 6.68
N TRP E 81 -43.31 -55.92 5.54
CA TRP E 81 -43.49 -54.49 5.40
C TRP E 81 -44.94 -54.18 5.04
N LYS E 82 -45.53 -53.26 5.75
CA LYS E 82 -46.81 -52.70 5.44
C LYS E 82 -46.64 -51.27 4.95
N PRO E 83 -47.54 -50.78 4.10
CA PRO E 83 -47.47 -49.37 3.70
C PRO E 83 -47.76 -48.46 4.88
N GLY E 84 -46.77 -47.66 5.25
CA GLY E 84 -46.85 -46.85 6.44
C GLY E 84 -45.66 -47.08 7.35
N ASN E 85 -44.95 -48.18 7.13
CA ASN E 85 -43.74 -48.44 7.89
C ASN E 85 -42.60 -47.58 7.36
N GLY E 86 -41.55 -47.49 8.17
CA GLY E 86 -40.47 -46.57 7.88
C GLY E 86 -39.55 -47.04 6.77
N PHE E 87 -38.61 -46.16 6.44
CA PHE E 87 -37.59 -46.41 5.43
C PHE E 87 -36.22 -46.28 6.07
N SER E 88 -35.31 -47.17 5.73
CA SER E 88 -33.92 -47.03 6.14
C SER E 88 -33.13 -46.65 4.88
N ILE E 89 -32.71 -45.40 4.80
CA ILE E 89 -32.20 -44.82 3.57
C ILE E 89 -30.75 -44.41 3.77
N ILE E 90 -29.88 -44.82 2.87
CA ILE E 90 -28.48 -44.41 2.86
C ILE E 90 -28.20 -43.76 1.50
N ALA E 91 -28.03 -42.45 1.50
CA ALA E 91 -27.94 -41.67 0.27
C ALA E 91 -26.51 -41.24 -0.01
N THR E 92 -26.03 -41.51 -1.21
CA THR E 92 -24.73 -41.08 -1.71
C THR E 92 -24.92 -40.26 -2.98
N HIS E 93 -23.81 -39.89 -3.62
CA HIS E 93 -23.86 -39.21 -4.90
C HIS E 93 -22.81 -39.80 -5.82
N THR E 94 -23.14 -39.89 -7.11
CA THR E 94 -22.26 -40.56 -8.05
C THR E 94 -21.25 -39.65 -8.73
N ASP E 95 -21.38 -38.34 -8.59
CA ASP E 95 -20.56 -37.45 -9.39
C ASP E 95 -19.32 -37.00 -8.61
N SER E 96 -18.37 -36.45 -9.34
CA SER E 96 -17.10 -35.98 -8.80
C SER E 96 -16.69 -34.73 -9.57
N PRO E 97 -15.89 -33.85 -8.97
CA PRO E 97 -15.40 -32.68 -9.71
C PRO E 97 -14.46 -33.08 -10.83
N THR E 98 -14.69 -32.49 -11.99
CA THR E 98 -14.01 -32.89 -13.22
C THR E 98 -14.14 -31.78 -14.26
N LEU E 99 -13.77 -32.10 -15.50
CA LEU E 99 -13.85 -31.18 -16.62
C LEU E 99 -14.71 -31.80 -17.70
N ARG E 100 -15.69 -31.04 -18.20
CA ARG E 100 -16.52 -31.45 -19.32
C ARG E 100 -16.09 -30.78 -20.60
N LEU E 101 -16.21 -31.51 -21.70
CA LEU E 101 -15.98 -30.93 -23.02
C LEU E 101 -17.07 -29.93 -23.35
N LYS E 102 -16.65 -28.83 -23.98
CA LYS E 102 -17.60 -27.82 -24.41
C LYS E 102 -18.37 -28.32 -25.64
N PRO E 103 -19.53 -27.72 -25.94
CA PRO E 103 -20.24 -28.07 -27.18
C PRO E 103 -19.44 -27.79 -28.45
N LYS E 104 -18.68 -26.72 -28.48
CA LYS E 104 -17.71 -26.45 -29.54
C LYS E 104 -16.36 -26.69 -28.90
N SER E 105 -15.94 -27.95 -28.88
CA SER E 105 -14.73 -28.33 -28.18
C SER E 105 -13.49 -28.30 -29.07
N GLN E 106 -13.63 -27.94 -30.33
CA GLN E 106 -12.48 -27.94 -31.22
C GLN E 106 -11.64 -26.71 -30.97
N LYS E 107 -10.37 -26.93 -30.62
CA LYS E 107 -9.43 -25.85 -30.41
C LYS E 107 -8.10 -26.24 -31.05
N SER E 108 -7.43 -25.28 -31.65
CA SER E 108 -6.13 -25.53 -32.24
C SER E 108 -5.25 -24.31 -32.03
N ALA E 109 -4.02 -24.55 -31.59
CA ALA E 109 -3.08 -23.46 -31.37
C ALA E 109 -1.68 -23.98 -31.59
N TYR E 110 -1.00 -23.40 -32.57
CA TYR E 110 0.43 -23.58 -32.84
C TYR E 110 0.76 -25.05 -33.08
N GLY E 111 -0.04 -25.67 -33.93
CA GLY E 111 0.18 -27.04 -34.30
C GLY E 111 -0.35 -28.06 -33.33
N TYR E 112 -0.95 -27.62 -32.22
CA TYR E 112 -1.42 -28.56 -31.24
C TYR E 112 -2.93 -28.61 -31.30
N LEU E 113 -3.49 -29.81 -31.22
CA LEU E 113 -4.92 -29.99 -31.08
C LEU E 113 -5.25 -29.87 -29.60
N GLN E 114 -6.21 -29.02 -29.28
CA GLN E 114 -6.66 -28.88 -27.91
C GLN E 114 -8.16 -29.11 -27.85
N VAL E 115 -8.66 -29.45 -26.68
CA VAL E 115 -10.10 -29.52 -26.45
C VAL E 115 -10.50 -28.42 -25.49
N GLY E 116 -11.66 -27.83 -25.73
CA GLY E 116 -12.14 -26.78 -24.86
C GLY E 116 -12.93 -27.38 -23.73
N VAL E 117 -12.46 -27.22 -22.50
CA VAL E 117 -13.09 -27.87 -21.37
C VAL E 117 -13.70 -26.82 -20.47
N GLU E 118 -14.60 -27.28 -19.60
CA GLU E 118 -15.30 -26.42 -18.67
C GLU E 118 -15.39 -27.12 -17.32
N LYS E 119 -15.19 -26.34 -16.26
CA LYS E 119 -15.03 -26.91 -14.94
C LYS E 119 -16.36 -27.37 -14.37
N TYR E 120 -16.31 -28.44 -13.58
CA TYR E 120 -17.51 -28.97 -12.94
C TYR E 120 -17.15 -29.10 -11.48
N GLY E 121 -17.93 -28.46 -10.62
CA GLY E 121 -17.72 -28.59 -9.19
C GLY E 121 -16.54 -27.79 -8.69
N GLY E 122 -16.31 -27.89 -7.39
CA GLY E 122 -15.20 -27.20 -6.78
C GLY E 122 -13.96 -28.06 -6.70
N GLY E 123 -13.40 -28.42 -7.85
CA GLY E 123 -12.22 -29.23 -7.85
C GLY E 123 -10.97 -28.45 -7.51
N ILE E 124 -9.99 -29.15 -6.96
CA ILE E 124 -8.67 -28.58 -6.72
C ILE E 124 -7.94 -28.59 -8.06
N TRP E 125 -7.89 -27.45 -8.73
CA TRP E 125 -7.60 -27.50 -10.16
C TRP E 125 -6.11 -27.55 -10.44
N HIS E 126 -5.25 -27.26 -9.47
CA HIS E 126 -3.84 -27.38 -9.77
C HIS E 126 -3.37 -28.82 -9.75
N THR E 127 -4.13 -29.72 -9.14
CA THR E 127 -3.78 -31.13 -9.14
C THR E 127 -4.06 -31.80 -10.47
N TRP E 128 -4.81 -31.15 -11.35
CA TRP E 128 -5.08 -31.71 -12.67
C TRP E 128 -3.96 -31.47 -13.64
N PHE E 129 -2.98 -30.64 -13.29
CA PHE E 129 -1.87 -30.37 -14.17
C PHE E 129 -0.94 -31.56 -14.24
N ASP E 130 -0.41 -31.81 -15.44
CA ASP E 130 0.62 -32.83 -15.71
C ASP E 130 0.14 -34.23 -15.35
N ARG E 131 -1.12 -34.50 -15.60
CA ARG E 131 -1.71 -35.80 -15.32
C ARG E 131 -2.06 -36.49 -16.62
N ASP E 132 -1.95 -37.81 -16.62
CA ASP E 132 -2.54 -38.58 -17.70
C ASP E 132 -4.05 -38.52 -17.53
N LEU E 133 -4.74 -38.02 -18.54
CA LEU E 133 -6.18 -37.84 -18.46
C LEU E 133 -6.88 -38.74 -19.46
N SER E 134 -7.89 -39.45 -18.99
CA SER E 134 -8.74 -40.26 -19.84
C SER E 134 -10.01 -39.51 -20.17
N LEU E 135 -10.74 -40.02 -21.15
CA LEU E 135 -11.97 -39.41 -21.62
C LEU E 135 -13.08 -40.44 -21.52
N ALA E 136 -14.20 -40.05 -20.92
CA ALA E 136 -15.30 -40.96 -20.72
C ALA E 136 -16.60 -40.18 -20.64
N GLY E 137 -17.71 -40.89 -20.80
CA GLY E 137 -19.00 -40.25 -20.77
C GLY E 137 -20.03 -41.00 -21.57
N ARG E 138 -21.13 -40.34 -21.89
CA ARG E 138 -22.20 -40.94 -22.69
C ARG E 138 -22.30 -40.20 -24.00
N VAL E 139 -22.60 -40.94 -25.06
CA VAL E 139 -22.65 -40.42 -26.42
C VAL E 139 -24.00 -40.75 -27.03
N MET E 140 -24.67 -39.74 -27.56
CA MET E 140 -25.92 -39.93 -28.30
C MET E 140 -25.62 -40.28 -29.74
N VAL E 141 -26.15 -41.41 -30.19
CA VAL E 141 -25.91 -41.92 -31.54
C VAL E 141 -27.26 -42.04 -32.24
N GLU E 142 -27.36 -41.42 -33.42
CA GLU E 142 -28.51 -41.63 -34.27
C GLU E 142 -28.46 -43.00 -34.94
N GLU E 143 -29.63 -43.59 -35.15
CA GLU E 143 -29.74 -44.75 -36.00
C GLU E 143 -30.69 -44.46 -37.16
N GLU E 144 -30.85 -45.45 -38.03
CA GLU E 144 -31.39 -45.20 -39.36
C GLU E 144 -32.88 -44.86 -39.34
N ASP E 145 -33.59 -45.29 -38.30
CA ASP E 145 -35.01 -44.99 -38.19
C ASP E 145 -35.28 -43.70 -37.44
N GLY E 146 -34.25 -42.98 -37.03
CA GLY E 146 -34.40 -41.70 -36.39
C GLY E 146 -34.28 -41.72 -34.89
N ARG E 147 -34.38 -42.89 -34.25
CA ARG E 147 -34.28 -42.93 -32.81
C ARG E 147 -32.83 -42.76 -32.37
N VAL E 148 -32.65 -42.16 -31.20
CA VAL E 148 -31.34 -41.83 -30.67
C VAL E 148 -31.20 -42.50 -29.30
N ILE E 149 -30.15 -43.29 -29.14
CA ILE E 149 -29.92 -44.05 -27.93
C ILE E 149 -28.59 -43.64 -27.32
N GLN E 150 -28.44 -43.94 -26.03
CA GLN E 150 -27.30 -43.48 -25.26
C GLN E 150 -26.29 -44.61 -25.13
N TYR E 151 -25.05 -44.32 -25.49
CA TYR E 151 -23.92 -45.24 -25.40
C TYR E 151 -22.87 -44.68 -24.46
N ASN E 152 -22.53 -45.44 -23.42
CA ASN E 152 -21.47 -45.07 -22.52
C ASN E 152 -20.13 -45.45 -23.15
N VAL E 153 -19.18 -44.53 -23.15
CA VAL E 153 -17.89 -44.75 -23.78
C VAL E 153 -16.80 -44.53 -22.74
N HIS E 154 -15.84 -45.46 -22.69
CA HIS E 154 -14.67 -45.29 -21.84
C HIS E 154 -13.45 -45.35 -22.76
N ILE E 155 -12.58 -44.36 -22.66
CA ILE E 155 -11.31 -44.40 -23.38
C ILE E 155 -10.20 -44.55 -22.34
N ASP E 156 -9.85 -45.79 -22.05
CA ASP E 156 -8.88 -46.13 -21.01
C ASP E 156 -7.47 -46.11 -21.54
N ARG E 157 -6.98 -44.90 -21.81
CA ARG E 157 -5.59 -44.68 -22.17
C ARG E 157 -5.26 -43.23 -21.89
N PRO E 158 -3.96 -42.88 -21.75
CA PRO E 158 -3.60 -41.46 -21.60
C PRO E 158 -3.89 -40.71 -22.88
N LEU E 159 -4.90 -39.86 -22.83
CA LEU E 159 -5.43 -39.26 -24.03
C LEU E 159 -5.35 -37.76 -24.00
N LEU E 160 -5.46 -37.15 -22.83
CA LEU E 160 -5.36 -35.72 -22.65
C LEU E 160 -4.30 -35.42 -21.60
N ARG E 161 -3.80 -34.18 -21.63
CA ARG E 161 -2.89 -33.70 -20.61
C ARG E 161 -2.92 -32.18 -20.54
N ILE E 162 -2.99 -31.63 -19.35
CA ILE E 162 -2.81 -30.19 -19.16
C ILE E 162 -1.38 -29.96 -18.69
N PRO E 163 -0.50 -29.46 -19.54
CA PRO E 163 0.91 -29.32 -19.14
C PRO E 163 1.19 -27.98 -18.49
N THR E 164 2.09 -28.00 -17.52
CA THR E 164 2.53 -26.75 -16.91
C THR E 164 3.59 -26.08 -17.78
N LEU E 165 3.81 -24.80 -17.50
CA LEU E 165 4.97 -24.12 -18.05
C LEU E 165 6.21 -24.61 -17.32
N ALA E 166 7.33 -24.68 -18.02
CA ALA E 166 8.59 -25.05 -17.40
C ALA E 166 9.02 -24.00 -16.40
N ILE E 167 9.83 -24.42 -15.42
CA ILE E 167 10.20 -23.55 -14.32
C ILE E 167 11.23 -22.52 -14.75
N HIS E 168 11.90 -22.75 -15.88
CA HIS E 168 12.90 -21.80 -16.35
C HIS E 168 12.23 -20.55 -16.86
N LEU E 169 11.01 -20.67 -17.34
CA LEU E 169 10.30 -19.62 -18.04
C LEU E 169 9.46 -18.78 -17.10
N ASP E 170 9.19 -19.26 -15.90
CA ASP E 170 8.52 -18.53 -14.84
C ASP E 170 8.98 -19.11 -13.51
N PRO E 171 10.07 -18.60 -12.93
CA PRO E 171 10.52 -19.12 -11.64
C PRO E 171 9.62 -18.73 -10.48
N SER E 172 8.69 -17.80 -10.69
CA SER E 172 7.76 -17.40 -9.64
C SER E 172 6.68 -18.44 -9.37
N ALA E 173 6.59 -19.50 -10.17
CA ALA E 173 5.58 -20.53 -9.94
C ALA E 173 5.85 -21.32 -8.68
N ASN E 174 7.11 -21.40 -8.25
CA ASN E 174 7.40 -22.09 -7.00
C ASN E 174 7.02 -21.26 -5.79
N SER E 175 7.00 -19.94 -5.93
CA SER E 175 6.55 -19.10 -4.83
C SER E 175 5.04 -19.22 -4.63
N SER E 176 4.28 -19.11 -5.71
CA SER E 176 2.83 -19.24 -5.66
C SER E 176 2.34 -19.57 -7.05
N PHE E 177 1.65 -20.69 -7.19
CA PHE E 177 1.18 -21.14 -8.49
C PHE E 177 -0.24 -20.66 -8.73
N SER E 178 -0.42 -19.82 -9.74
CA SER E 178 -1.72 -19.37 -10.16
C SER E 178 -1.81 -19.46 -11.67
N PHE E 179 -3.02 -19.63 -12.17
CA PHE E 179 -3.21 -19.85 -13.60
C PHE E 179 -4.59 -19.38 -14.02
N ASN E 180 -4.69 -18.85 -15.22
CA ASN E 180 -5.97 -18.40 -15.75
C ASN E 180 -6.79 -19.61 -16.17
N MET E 181 -8.07 -19.59 -15.87
CA MET E 181 -8.89 -20.78 -15.88
C MET E 181 -9.39 -21.16 -17.28
N GLU E 182 -9.40 -20.22 -18.24
CA GLU E 182 -9.34 -20.56 -19.67
C GLU E 182 -7.95 -20.79 -20.18
N THR E 183 -7.20 -19.72 -20.35
CA THR E 183 -6.11 -19.65 -21.31
C THR E 183 -4.96 -20.55 -20.94
N GLU E 184 -4.79 -20.85 -19.67
CA GLU E 184 -3.72 -21.72 -19.22
C GLU E 184 -4.20 -23.07 -18.71
N PHE E 185 -5.48 -23.38 -18.86
CA PHE E 185 -6.03 -24.65 -18.40
C PHE E 185 -6.69 -25.43 -19.54
N VAL E 186 -6.03 -25.49 -20.69
CA VAL E 186 -6.57 -26.17 -21.86
C VAL E 186 -5.79 -27.46 -22.07
N PRO E 187 -6.42 -28.63 -21.95
CA PRO E 187 -5.70 -29.88 -22.19
C PRO E 187 -5.39 -30.11 -23.66
N LEU E 188 -4.44 -31.00 -23.90
CA LEU E 188 -3.93 -31.28 -25.22
C LEU E 188 -4.32 -32.69 -25.63
N ILE E 189 -4.99 -32.79 -26.77
CA ILE E 189 -5.38 -34.09 -27.29
C ILE E 189 -4.36 -34.65 -28.29
N GLY E 190 -3.67 -33.80 -29.04
CA GLY E 190 -2.67 -34.31 -29.95
C GLY E 190 -2.07 -33.21 -30.81
N LEU E 191 -1.42 -33.64 -31.89
CA LEU E 191 -0.71 -32.76 -32.81
C LEU E 191 -1.42 -32.80 -34.14
N GLU E 192 -1.56 -31.64 -34.79
CA GLU E 192 -2.30 -31.61 -36.04
C GLU E 192 -1.41 -31.76 -37.26
N ASN E 193 -0.11 -31.91 -37.09
CA ASN E 193 0.76 -32.07 -38.26
C ASN E 193 0.68 -33.45 -38.88
N GLU E 194 0.01 -34.39 -38.23
CA GLU E 194 0.05 -35.78 -38.62
C GLU E 194 -1.35 -36.37 -38.81
N LEU E 195 -2.37 -35.51 -38.90
CA LEU E 195 -3.71 -35.94 -39.25
C LEU E 195 -4.09 -35.52 -40.67
N ALA E 196 -3.10 -35.40 -41.56
CA ALA E 196 -3.32 -34.76 -42.85
C ALA E 196 -3.80 -35.74 -43.90
N LYS E 197 -4.62 -36.70 -43.48
CA LYS E 197 -5.26 -37.64 -44.41
C LYS E 197 -6.13 -36.89 -45.40
N GLU E 198 -6.86 -35.87 -44.95
CA GLU E 198 -7.52 -34.92 -45.84
C GLU E 198 -7.23 -33.52 -45.32
N GLU E 199 -6.71 -32.66 -46.19
CA GLU E 199 -6.40 -31.28 -45.83
C GLU E 199 -7.50 -30.33 -46.27
N THR E 200 -8.75 -30.65 -45.91
CA THR E 200 -9.89 -29.80 -46.20
C THR E 200 -10.78 -29.73 -44.96
N SER E 201 -11.87 -29.01 -45.08
CA SER E 201 -12.87 -28.93 -44.02
C SER E 201 -14.24 -29.40 -44.46
N ASP E 202 -14.65 -29.05 -45.69
CA ASP E 202 -15.90 -29.41 -46.38
C ASP E 202 -17.15 -28.78 -45.75
N ASN E 203 -16.99 -28.08 -44.63
CA ASN E 203 -17.97 -27.28 -43.91
C ASN E 203 -17.22 -26.53 -42.84
N GLY E 204 -17.57 -25.26 -42.65
CA GLY E 204 -16.85 -24.42 -41.71
C GLY E 204 -17.16 -24.79 -40.28
N ASP E 205 -16.12 -25.03 -39.48
CA ASP E 205 -16.17 -25.08 -38.01
C ASP E 205 -17.10 -26.19 -37.50
N LYS E 206 -16.64 -27.43 -37.71
CA LYS E 206 -17.19 -28.57 -36.99
C LYS E 206 -17.06 -28.36 -35.48
N TYR E 207 -17.97 -28.97 -34.73
CA TYR E 207 -18.04 -28.73 -33.29
C TYR E 207 -16.87 -29.35 -32.56
N HIS E 208 -16.43 -30.53 -32.98
CA HIS E 208 -15.33 -31.22 -32.33
C HIS E 208 -14.30 -31.63 -33.35
N HIS E 209 -13.17 -32.11 -32.87
CA HIS E 209 -12.15 -32.63 -33.75
C HIS E 209 -12.67 -33.89 -34.42
N PRO E 210 -12.55 -34.01 -35.75
CA PRO E 210 -12.98 -35.25 -36.42
C PRO E 210 -12.20 -36.46 -36.01
N VAL E 211 -10.96 -36.28 -35.56
CA VAL E 211 -10.18 -37.41 -35.05
C VAL E 211 -10.72 -37.85 -33.70
N LEU E 212 -11.31 -36.93 -32.94
CA LEU E 212 -11.93 -37.30 -31.66
C LEU E 212 -13.22 -38.06 -31.89
N LEU E 213 -14.00 -37.63 -32.88
CA LEU E 213 -15.25 -38.32 -33.19
C LEU E 213 -14.98 -39.70 -33.77
N SER E 214 -13.86 -39.85 -34.48
CA SER E 214 -13.50 -41.16 -35.01
C SER E 214 -13.14 -42.13 -33.90
N LEU E 215 -12.47 -41.63 -32.86
CA LEU E 215 -12.11 -42.49 -31.74
C LEU E 215 -13.33 -42.88 -30.92
N LEU E 216 -14.26 -41.94 -30.74
CA LEU E 216 -15.50 -42.22 -30.03
C LEU E 216 -16.34 -43.24 -30.78
N ALA E 217 -16.41 -43.13 -32.10
CA ALA E 217 -17.17 -44.09 -32.89
C ALA E 217 -16.48 -45.44 -32.91
N ASN E 218 -15.15 -45.45 -32.86
CA ASN E 218 -14.43 -46.72 -32.88
C ASN E 218 -14.53 -47.43 -31.54
N GLU E 219 -14.53 -46.67 -30.44
CA GLU E 219 -14.60 -47.29 -29.13
C GLU E 219 -15.98 -47.84 -28.85
N ILE E 220 -17.01 -47.17 -29.37
CA ILE E 220 -18.37 -47.69 -29.32
C ILE E 220 -18.49 -48.98 -30.13
N SER E 221 -17.92 -48.99 -31.33
CA SER E 221 -18.13 -50.11 -32.24
C SER E 221 -17.39 -51.36 -31.81
N LYS E 222 -16.48 -51.24 -30.84
CA LYS E 222 -15.81 -52.41 -30.29
C LYS E 222 -16.77 -53.30 -29.52
N SER E 223 -17.81 -52.72 -28.93
CA SER E 223 -18.76 -53.48 -28.12
C SER E 223 -20.04 -53.80 -28.88
N LEU E 224 -20.09 -53.56 -30.17
CA LEU E 224 -21.28 -53.83 -30.96
C LEU E 224 -20.94 -54.74 -32.13
N GLU E 225 -21.97 -55.40 -32.64
CA GLU E 225 -21.79 -56.23 -33.83
C GLU E 225 -21.59 -55.36 -35.06
N THR E 226 -22.34 -54.27 -35.17
CA THR E 226 -22.21 -53.38 -36.30
C THR E 226 -21.12 -52.34 -36.03
N THR E 227 -20.95 -51.42 -36.97
CA THR E 227 -20.02 -50.31 -36.81
C THR E 227 -20.81 -49.01 -36.79
N ILE E 228 -20.18 -47.97 -36.24
CA ILE E 228 -20.78 -46.65 -36.12
C ILE E 228 -19.89 -45.68 -36.86
N ASP E 229 -20.46 -44.98 -37.82
CA ASP E 229 -19.68 -43.90 -38.39
C ASP E 229 -19.76 -42.65 -37.51
N PRO E 230 -18.74 -41.78 -37.54
CA PRO E 230 -18.77 -40.61 -36.65
C PRO E 230 -19.82 -39.57 -37.00
N SER E 231 -20.41 -39.64 -38.20
CA SER E 231 -21.42 -38.67 -38.58
C SER E 231 -22.73 -38.87 -37.82
N LYS E 232 -22.98 -40.07 -37.29
CA LYS E 232 -24.21 -40.34 -36.57
C LYS E 232 -24.13 -39.98 -35.10
N ILE E 233 -22.98 -39.49 -34.62
CA ILE E 233 -22.86 -39.04 -33.24
C ILE E 233 -23.49 -37.65 -33.16
N VAL E 234 -24.47 -37.47 -32.29
CA VAL E 234 -25.19 -36.21 -32.25
C VAL E 234 -24.57 -35.26 -31.23
N ASP E 235 -24.55 -35.65 -29.96
CA ASP E 235 -24.04 -34.79 -28.91
C ASP E 235 -23.62 -35.69 -27.75
N PHE E 236 -22.74 -35.20 -26.89
CA PHE E 236 -22.27 -36.00 -25.78
C PHE E 236 -21.96 -35.13 -24.57
N GLU E 237 -22.00 -35.76 -23.39
CA GLU E 237 -21.24 -35.30 -22.23
C GLU E 237 -19.99 -36.16 -22.17
N LEU E 238 -18.82 -35.53 -22.19
CA LEU E 238 -17.58 -36.26 -22.01
C LEU E 238 -16.85 -35.71 -20.79
N ILE E 239 -16.45 -36.62 -19.93
CA ILE E 239 -15.82 -36.32 -18.65
C ILE E 239 -14.34 -36.63 -18.76
N LEU E 240 -13.52 -35.68 -18.40
CA LEU E 240 -12.11 -35.94 -18.19
C LEU E 240 -11.87 -36.41 -16.76
N GLY E 241 -11.36 -37.63 -16.63
CA GLY E 241 -10.90 -38.11 -15.35
C GLY E 241 -9.41 -38.39 -15.43
N ASP E 242 -8.84 -38.73 -14.28
CA ASP E 242 -7.44 -39.11 -14.21
C ASP E 242 -7.42 -40.48 -14.86
N ALA E 243 -6.50 -40.69 -15.80
CA ALA E 243 -6.43 -41.93 -16.55
C ALA E 243 -5.83 -43.07 -15.74
N GLU E 244 -5.27 -42.78 -14.58
CA GLU E 244 -4.48 -43.78 -13.90
C GLU E 244 -5.32 -44.57 -12.90
N LYS E 245 -5.18 -45.89 -12.96
CA LYS E 245 -5.95 -46.82 -12.17
C LYS E 245 -5.77 -46.60 -10.68
N ALA E 246 -6.86 -46.78 -9.95
CA ALA E 246 -6.81 -46.76 -8.50
C ALA E 246 -6.14 -48.01 -7.96
N ARG E 247 -5.27 -47.83 -6.99
CA ARG E 247 -4.56 -48.96 -6.40
C ARG E 247 -4.07 -48.60 -5.02
N LEU E 248 -3.84 -49.63 -4.21
CA LEU E 248 -3.53 -49.46 -2.81
C LEU E 248 -2.14 -48.90 -2.61
N GLY E 249 -1.98 -48.02 -1.63
CA GLY E 249 -0.73 -47.36 -1.39
C GLY E 249 -0.35 -47.39 0.08
N GLY E 250 0.87 -46.99 0.35
CA GLY E 250 1.39 -46.98 1.70
C GLY E 250 2.38 -48.10 1.93
N ILE E 251 3.01 -48.05 3.11
CA ILE E 251 4.03 -49.04 3.47
C ILE E 251 3.38 -50.40 3.70
N HIS E 252 2.12 -50.42 4.13
CA HIS E 252 1.43 -51.65 4.46
C HIS E 252 0.15 -51.81 3.66
N GLU E 253 0.03 -51.07 2.54
CA GLU E 253 -1.17 -50.98 1.71
C GLU E 253 -2.39 -50.58 2.53
N GLU E 254 -2.19 -49.62 3.43
CA GLU E 254 -3.28 -49.13 4.26
C GLU E 254 -3.95 -47.90 3.69
N PHE E 255 -3.49 -47.41 2.54
CA PHE E 255 -4.12 -46.28 1.88
C PHE E 255 -4.74 -46.73 0.57
N VAL E 256 -5.71 -45.94 0.09
CA VAL E 256 -6.29 -46.13 -1.24
C VAL E 256 -6.06 -44.86 -2.02
N PHE E 257 -5.24 -44.95 -3.06
CA PHE E 257 -4.97 -43.81 -3.91
C PHE E 257 -5.89 -43.92 -5.12
N SER E 258 -6.79 -42.95 -5.28
CA SER E 258 -7.83 -43.12 -6.29
C SER E 258 -8.35 -41.78 -6.76
N PRO E 259 -8.73 -41.65 -8.02
CA PRO E 259 -9.56 -40.53 -8.41
C PRO E 259 -10.99 -40.78 -7.98
N ARG E 260 -11.75 -39.69 -7.91
CA ARG E 260 -13.19 -39.70 -7.65
C ARG E 260 -13.55 -40.38 -6.33
N LEU E 261 -12.77 -40.13 -5.29
CA LEU E 261 -13.11 -40.76 -4.02
C LEU E 261 -14.27 -40.05 -3.34
N ASP E 262 -14.60 -38.86 -3.82
CA ASP E 262 -15.70 -38.10 -3.27
C ASP E 262 -17.00 -38.76 -3.71
N ASN E 263 -17.43 -39.64 -2.77
CA ASN E 263 -18.60 -40.56 -2.71
C ASN E 263 -18.61 -41.85 -3.52
N LEU E 264 -17.63 -42.03 -4.38
CA LEU E 264 -17.57 -43.27 -5.14
C LEU E 264 -17.30 -44.28 -4.06
N GLY E 265 -16.44 -43.89 -3.12
CA GLY E 265 -16.16 -44.68 -1.94
C GLY E 265 -17.41 -45.05 -1.19
N MET E 266 -18.26 -44.07 -0.87
CA MET E 266 -19.44 -44.36 -0.06
C MET E 266 -20.51 -45.03 -0.89
N THR E 267 -20.56 -44.74 -2.19
CA THR E 267 -21.55 -45.38 -3.05
C THR E 267 -21.22 -46.85 -3.05
N PHE E 268 -19.93 -47.18 -3.20
CA PHE E 268 -19.56 -48.57 -3.16
C PHE E 268 -19.96 -49.21 -1.84
N CYS E 269 -19.73 -48.50 -0.73
CA CYS E 269 -20.05 -49.06 0.58
C CYS E 269 -21.55 -49.19 0.79
N ALA E 270 -22.32 -48.21 0.33
CA ALA E 270 -23.77 -48.25 0.51
C ALA E 270 -24.40 -49.33 -0.35
N SER E 271 -23.91 -49.48 -1.58
CA SER E 271 -24.51 -50.46 -2.48
C SER E 271 -24.11 -51.89 -2.12
N GLN E 272 -22.87 -52.08 -1.67
CA GLN E 272 -22.43 -53.41 -1.28
C GLN E 272 -23.16 -53.86 -0.02
N ALA E 273 -23.38 -52.94 0.92
CA ALA E 273 -24.00 -53.34 2.18
C ALA E 273 -25.50 -53.49 2.03
N LEU E 274 -26.08 -52.90 0.99
CA LEU E 274 -27.48 -53.20 0.68
C LEU E 274 -27.62 -54.64 0.24
N THR E 275 -26.69 -55.11 -0.59
CA THR E 275 -26.72 -56.51 -1.02
C THR E 275 -26.22 -57.42 0.09
N LYS E 276 -25.28 -56.95 0.92
CA LYS E 276 -24.80 -57.75 2.04
C LYS E 276 -25.86 -57.90 3.12
N SER E 277 -26.81 -56.97 3.19
CA SER E 277 -27.91 -57.10 4.14
C SER E 277 -29.06 -57.92 3.59
N LEU E 278 -28.80 -58.83 2.65
CA LEU E 278 -29.80 -59.78 2.19
C LEU E 278 -29.26 -61.20 2.22
N GLU E 279 -28.17 -61.45 2.96
CA GLU E 279 -27.39 -62.66 2.73
C GLU E 279 -28.06 -63.91 3.28
N ASN E 280 -28.32 -63.95 4.60
CA ASN E 280 -28.87 -65.19 5.13
C ASN E 280 -30.36 -65.28 4.81
N ASN E 281 -31.17 -64.51 5.56
CA ASN E 281 -32.48 -64.01 5.15
C ASN E 281 -32.71 -62.81 6.06
N SER E 282 -32.39 -61.61 5.58
CA SER E 282 -32.75 -60.47 6.39
C SER E 282 -34.12 -59.96 6.01
N LEU E 283 -34.44 -60.01 4.73
CA LEU E 283 -35.82 -60.09 4.32
C LEU E 283 -36.38 -61.45 4.74
N ASP E 284 -37.71 -61.52 4.83
CA ASP E 284 -38.61 -62.45 5.50
C ASP E 284 -38.70 -62.15 6.98
N ASN E 285 -37.95 -61.18 7.48
CA ASN E 285 -38.14 -60.70 8.84
C ASN E 285 -38.07 -59.18 8.91
N GLU E 286 -37.85 -58.51 7.79
CA GLU E 286 -37.70 -57.06 7.77
C GLU E 286 -39.04 -56.39 7.60
N SER E 287 -39.30 -55.37 8.42
CA SER E 287 -40.54 -54.64 8.38
C SER E 287 -40.40 -53.27 7.73
N CYS E 288 -39.21 -52.90 7.27
CA CYS E 288 -38.98 -51.62 6.64
C CYS E 288 -38.53 -51.82 5.21
N VAL E 289 -38.19 -50.72 4.56
CA VAL E 289 -37.68 -50.71 3.19
C VAL E 289 -36.30 -50.10 3.21
N ARG E 290 -35.32 -50.82 2.69
CA ARG E 290 -33.93 -50.40 2.70
C ARG E 290 -33.59 -49.75 1.36
N VAL E 291 -33.38 -48.45 1.37
CA VAL E 291 -33.21 -47.65 0.16
C VAL E 291 -31.78 -47.18 0.08
N VAL E 292 -31.15 -47.33 -1.08
CA VAL E 292 -29.86 -46.72 -1.38
C VAL E 292 -30.03 -45.85 -2.62
N PRO E 293 -30.23 -44.55 -2.45
CA PRO E 293 -30.18 -43.65 -3.60
C PRO E 293 -28.78 -43.12 -3.85
N SER E 294 -28.32 -43.26 -5.07
CA SER E 294 -27.03 -42.70 -5.48
C SER E 294 -27.32 -41.58 -6.46
N PHE E 295 -27.15 -40.35 -6.01
CA PHE E 295 -27.59 -39.20 -6.77
C PHE E 295 -26.50 -38.69 -7.69
N ASP E 296 -26.80 -37.59 -8.36
CA ASP E 296 -25.91 -36.96 -9.32
C ASP E 296 -25.92 -35.47 -8.99
N HIS E 297 -24.94 -34.74 -9.50
CA HIS E 297 -24.87 -33.27 -9.46
C HIS E 297 -24.77 -32.70 -8.05
N GLU E 298 -24.13 -33.42 -7.13
CA GLU E 298 -24.05 -32.94 -5.73
C GLU E 298 -22.92 -31.95 -5.43
N GLU E 299 -22.00 -31.81 -6.36
CA GLU E 299 -20.84 -30.92 -6.24
C GLU E 299 -21.13 -29.48 -6.63
N ILE E 300 -22.32 -29.22 -7.14
CA ILE E 300 -22.82 -27.94 -7.61
C ILE E 300 -24.10 -27.57 -6.88
N GLY E 301 -24.63 -28.48 -6.07
CA GLY E 301 -25.72 -28.16 -5.19
C GLY E 301 -27.01 -28.92 -5.40
N SER E 302 -27.01 -29.98 -6.21
CA SER E 302 -28.11 -30.92 -6.41
C SER E 302 -29.34 -30.30 -7.05
N VAL E 303 -29.24 -29.09 -7.60
CA VAL E 303 -30.40 -28.43 -8.19
C VAL E 303 -30.44 -28.90 -9.65
N SER E 304 -31.10 -30.04 -9.87
CA SER E 304 -31.22 -30.59 -11.22
C SER E 304 -32.42 -31.50 -11.24
N ALA E 305 -32.65 -32.15 -12.39
CA ALA E 305 -33.78 -33.04 -12.52
C ALA E 305 -33.51 -34.41 -11.91
N GLN E 306 -32.25 -34.79 -11.80
CA GLN E 306 -31.89 -36.08 -11.21
C GLN E 306 -31.04 -35.92 -9.96
N GLY E 307 -30.89 -34.71 -9.45
CA GLY E 307 -30.09 -34.50 -8.27
C GLY E 307 -30.81 -34.91 -7.01
N ALA E 308 -30.14 -34.70 -5.88
CA ALA E 308 -30.75 -35.04 -4.60
C ALA E 308 -31.89 -34.11 -4.25
N GLU E 309 -31.80 -32.85 -4.65
CA GLU E 309 -32.84 -31.87 -4.38
C GLU E 309 -33.99 -31.99 -5.38
N SER E 310 -33.91 -32.91 -6.33
CA SER E 310 -35.00 -33.16 -7.26
C SER E 310 -36.12 -33.92 -6.56
N THR E 311 -37.16 -34.26 -7.31
CA THR E 311 -38.23 -35.08 -6.77
C THR E 311 -37.96 -36.57 -6.90
N PHE E 312 -36.73 -36.97 -7.24
CA PHE E 312 -36.43 -38.35 -7.54
C PHE E 312 -36.61 -39.25 -6.32
N LEU E 313 -36.00 -38.87 -5.19
CA LEU E 313 -36.25 -39.62 -3.97
C LEU E 313 -37.67 -39.48 -3.43
N PRO E 314 -38.30 -38.29 -3.33
CA PRO E 314 -39.68 -38.27 -2.83
C PRO E 314 -40.71 -38.95 -3.72
N ALA E 315 -40.54 -38.94 -5.04
CA ALA E 315 -41.55 -39.60 -5.87
C ALA E 315 -41.43 -41.11 -5.78
N VAL E 316 -40.22 -41.64 -5.62
CA VAL E 316 -40.04 -43.07 -5.46
C VAL E 316 -40.61 -43.53 -4.13
N LEU E 317 -40.41 -42.73 -3.07
CA LEU E 317 -40.95 -43.09 -1.76
C LEU E 317 -42.46 -43.00 -1.73
N GLN E 318 -43.04 -42.04 -2.46
CA GLN E 318 -44.50 -41.97 -2.54
C GLN E 318 -45.08 -43.12 -3.34
N ARG E 319 -44.40 -43.54 -4.40
CA ARG E 319 -44.90 -44.65 -5.21
C ARG E 319 -44.82 -45.97 -4.45
N ILE E 320 -43.83 -46.10 -3.57
CA ILE E 320 -43.80 -47.25 -2.67
C ILE E 320 -44.93 -47.15 -1.65
N CYS E 321 -45.15 -45.94 -1.11
CA CYS E 321 -46.19 -45.75 -0.13
C CYS E 321 -47.59 -45.74 -0.74
N GLU E 322 -47.71 -45.65 -2.06
CA GLU E 322 -49.02 -45.69 -2.67
C GLU E 322 -49.53 -47.09 -2.91
N LEU E 323 -48.84 -48.12 -2.42
CA LEU E 323 -49.43 -49.44 -2.40
C LEU E 323 -50.60 -49.51 -1.42
N GLY E 324 -50.49 -48.79 -0.31
CA GLY E 324 -51.63 -48.65 0.57
C GLY E 324 -52.67 -47.71 0.00
N LYS E 325 -53.86 -47.76 0.59
CA LYS E 325 -54.96 -46.98 0.07
C LYS E 325 -55.11 -45.63 0.73
N GLU E 326 -54.67 -45.50 1.98
CA GLU E 326 -54.73 -44.22 2.66
C GLU E 326 -53.69 -43.28 2.08
N SER E 327 -54.11 -42.04 1.84
CA SER E 327 -53.22 -41.06 1.22
C SER E 327 -52.25 -40.43 2.21
N SER E 328 -52.46 -40.62 3.51
CA SER E 328 -51.61 -40.03 4.52
C SER E 328 -50.43 -40.93 4.88
N LEU E 329 -50.28 -42.08 4.22
CA LEU E 329 -49.28 -43.04 4.66
C LEU E 329 -47.86 -42.59 4.35
N PHE E 330 -47.68 -41.67 3.41
CA PHE E 330 -46.35 -41.18 3.12
C PHE E 330 -45.80 -40.36 4.27
N SER E 331 -46.60 -39.44 4.79
CA SER E 331 -46.14 -38.57 5.86
C SER E 331 -46.00 -39.35 7.17
N ILE E 332 -46.80 -40.41 7.33
CA ILE E 332 -46.66 -41.29 8.48
C ILE E 332 -45.34 -42.06 8.41
N SER E 333 -44.98 -42.52 7.21
CA SER E 333 -43.79 -43.33 7.05
C SER E 333 -42.52 -42.52 7.24
N MET E 334 -42.57 -41.21 7.00
CA MET E 334 -41.37 -40.40 7.08
C MET E 334 -40.89 -40.22 8.51
N VAL E 335 -41.81 -40.12 9.47
CA VAL E 335 -41.39 -39.91 10.84
C VAL E 335 -40.93 -41.21 11.49
N LYS E 336 -41.23 -42.35 10.88
CA LYS E 336 -40.67 -43.62 11.32
C LYS E 336 -39.39 -43.97 10.59
N SER E 337 -38.90 -43.10 9.72
CA SER E 337 -37.79 -43.40 8.85
C SER E 337 -36.51 -42.72 9.30
N PHE E 338 -35.41 -43.05 8.64
CA PHE E 338 -34.12 -42.47 8.96
C PHE E 338 -33.27 -42.41 7.69
N LEU E 339 -32.54 -41.31 7.54
CA LEU E 339 -31.64 -41.09 6.42
C LEU E 339 -30.20 -41.09 6.88
N VAL E 340 -29.33 -41.69 6.09
CA VAL E 340 -27.90 -41.63 6.32
C VAL E 340 -27.30 -41.01 5.07
N SER E 341 -26.85 -39.77 5.16
CA SER E 341 -26.22 -39.14 4.00
C SER E 341 -24.76 -39.53 4.01
N ALA E 342 -24.43 -40.57 3.24
CA ALA E 342 -23.08 -41.09 3.26
C ALA E 342 -22.18 -40.26 2.35
N ASP E 343 -21.54 -39.25 2.93
CA ASP E 343 -20.59 -38.46 2.15
C ASP E 343 -19.30 -38.33 2.93
N MET E 344 -18.18 -38.39 2.21
CA MET E 344 -16.87 -38.57 2.81
C MET E 344 -16.45 -37.40 3.68
N ALA E 345 -15.68 -37.71 4.71
CA ALA E 345 -15.27 -36.76 5.73
C ALA E 345 -13.80 -36.42 5.61
N HIS E 346 -13.44 -35.26 6.17
CA HIS E 346 -12.06 -34.81 6.14
C HIS E 346 -11.27 -35.51 7.25
N ALA E 347 -10.24 -36.24 6.86
CA ALA E 347 -9.34 -36.86 7.82
C ALA E 347 -8.34 -35.82 8.33
N MET E 348 -7.51 -36.24 9.27
CA MET E 348 -6.51 -35.32 9.81
C MET E 348 -5.33 -35.22 8.86
N HIS E 349 -5.03 -34.02 8.41
CA HIS E 349 -3.88 -33.80 7.55
C HIS E 349 -2.71 -33.41 8.44
N PRO E 350 -1.64 -34.21 8.49
CA PRO E 350 -0.55 -33.91 9.42
C PRO E 350 0.24 -32.68 9.02
N ASN E 351 0.21 -32.33 7.75
CA ASN E 351 0.93 -31.18 7.27
C ASN E 351 0.15 -29.88 7.41
N TYR E 352 -1.16 -29.96 7.61
CA TYR E 352 -2.00 -28.78 7.70
C TYR E 352 -2.81 -28.83 8.97
N SER E 353 -2.14 -29.11 10.09
CA SER E 353 -2.84 -29.39 11.35
C SER E 353 -3.51 -28.15 11.91
N SER E 354 -3.05 -26.97 11.53
CA SER E 354 -3.67 -25.74 12.01
C SER E 354 -5.02 -25.46 11.35
N ARG E 355 -5.40 -26.20 10.30
CA ARG E 355 -6.65 -25.93 9.61
C ARG E 355 -7.71 -26.96 10.02
N TYR E 356 -7.59 -27.44 11.24
CA TYR E 356 -8.38 -28.52 11.83
C TYR E 356 -8.63 -28.23 13.29
N GLU E 357 -9.76 -28.69 13.80
CA GLU E 357 -9.99 -28.53 15.22
C GLU E 357 -9.36 -29.74 15.89
N ASN E 358 -8.46 -29.49 16.83
CA ASN E 358 -7.49 -30.49 17.25
C ASN E 358 -8.07 -31.66 18.04
N SER E 359 -9.31 -31.57 18.48
CA SER E 359 -9.90 -32.64 19.27
C SER E 359 -11.06 -33.36 18.58
N ASN E 360 -11.70 -32.76 17.59
CA ASN E 360 -12.80 -33.39 16.88
C ASN E 360 -12.43 -33.66 15.44
N THR E 361 -11.22 -34.14 15.20
CA THR E 361 -10.85 -34.45 13.84
C THR E 361 -10.50 -35.92 13.74
N PRO E 362 -11.11 -36.68 12.85
CA PRO E 362 -10.89 -38.12 12.79
C PRO E 362 -9.58 -38.48 12.12
N PHE E 363 -9.30 -39.77 12.09
CA PHE E 363 -8.09 -40.31 11.52
C PHE E 363 -8.44 -41.43 10.56
N LEU E 364 -7.51 -41.70 9.64
CA LEU E 364 -7.70 -42.78 8.68
C LEU E 364 -7.63 -44.15 9.36
N ASN E 365 -8.46 -45.06 8.86
CA ASN E 365 -8.56 -46.45 9.31
C ASN E 365 -8.93 -46.55 10.79
N LYS E 366 -9.70 -45.58 11.28
CA LYS E 366 -10.22 -45.61 12.64
C LYS E 366 -11.74 -45.64 12.65
N GLY E 367 -12.36 -46.04 11.54
CA GLY E 367 -13.79 -46.14 11.46
C GLY E 367 -14.41 -44.95 10.74
N THR E 368 -15.69 -45.09 10.44
CA THR E 368 -16.42 -44.04 9.76
C THR E 368 -16.69 -42.88 10.72
N VAL E 369 -17.10 -41.75 10.16
CA VAL E 369 -17.02 -40.47 10.85
C VAL E 369 -18.40 -39.84 10.90
N ILE E 370 -18.87 -39.53 12.10
CA ILE E 370 -20.13 -38.81 12.26
C ILE E 370 -19.87 -37.31 12.08
N LYS E 371 -20.36 -36.74 11.00
CA LYS E 371 -20.12 -35.33 10.69
C LYS E 371 -21.17 -34.47 11.38
N VAL E 372 -20.72 -33.62 12.29
CA VAL E 372 -21.60 -32.78 13.11
C VAL E 372 -21.27 -31.33 12.84
N ASN E 373 -22.29 -30.53 12.58
CA ASN E 373 -22.09 -29.10 12.36
C ASN E 373 -23.27 -28.34 12.93
N ALA E 374 -22.97 -27.28 13.70
CA ALA E 374 -24.03 -26.53 14.37
C ALA E 374 -24.88 -25.76 13.38
N ASN E 375 -24.25 -25.22 12.33
CA ASN E 375 -24.97 -24.48 11.31
C ASN E 375 -25.72 -25.41 10.36
N GLN E 376 -25.67 -26.72 10.60
CA GLN E 376 -26.43 -27.74 9.88
C GLN E 376 -26.07 -27.76 8.41
N ARG E 377 -24.81 -27.45 8.11
CA ARG E 377 -24.25 -27.87 6.83
C ARG E 377 -24.18 -29.39 6.78
N TYR E 378 -23.83 -30.00 7.91
CA TYR E 378 -24.14 -31.39 8.18
C TYR E 378 -25.26 -31.42 9.20
N THR E 379 -26.30 -32.18 8.91
CA THR E 379 -27.58 -32.11 9.60
C THR E 379 -27.73 -33.15 10.70
N THR E 380 -26.63 -33.55 11.30
CA THR E 380 -26.64 -34.52 12.39
C THR E 380 -27.14 -33.89 13.68
N ASN E 381 -28.17 -34.48 14.27
CA ASN E 381 -28.61 -34.15 15.62
C ASN E 381 -28.33 -35.31 16.56
N SER E 382 -28.71 -35.15 17.83
CA SER E 382 -28.39 -36.16 18.83
C SER E 382 -29.23 -37.41 18.65
N ALA E 383 -30.43 -37.27 18.09
CA ALA E 383 -31.30 -38.42 17.88
C ALA E 383 -30.69 -39.38 16.86
N GLY E 384 -29.94 -38.83 15.90
CA GLY E 384 -29.23 -39.69 14.97
C GLY E 384 -28.00 -40.33 15.58
N ILE E 385 -27.33 -39.61 16.48
CA ILE E 385 -26.07 -40.09 17.05
C ILE E 385 -26.31 -41.31 17.93
N VAL E 386 -27.40 -41.29 18.71
CA VAL E 386 -27.73 -42.41 19.57
C VAL E 386 -28.09 -43.64 18.76
N LEU E 387 -28.74 -43.43 17.62
CA LEU E 387 -29.10 -44.55 16.75
C LEU E 387 -27.85 -45.19 16.14
N LEU E 388 -26.96 -44.37 15.62
CA LEU E 388 -25.77 -44.93 14.97
C LEU E 388 -24.66 -45.28 15.94
N LYS E 389 -24.75 -44.85 17.20
CA LYS E 389 -23.87 -45.43 18.20
C LYS E 389 -24.35 -46.81 18.60
N LYS E 390 -25.67 -47.03 18.58
CA LYS E 390 -26.22 -48.35 18.85
C LYS E 390 -25.94 -49.30 17.70
N VAL E 391 -25.96 -48.78 16.47
CA VAL E 391 -25.64 -49.59 15.30
C VAL E 391 -24.18 -50.01 15.33
N ALA E 392 -23.30 -49.08 15.69
CA ALA E 392 -21.87 -49.40 15.78
C ALA E 392 -21.58 -50.33 16.94
N GLN E 393 -22.39 -50.26 18.00
CA GLN E 393 -22.27 -51.21 19.08
C GLN E 393 -22.67 -52.61 18.63
N LEU E 394 -23.70 -52.70 17.79
CA LEU E 394 -24.13 -53.99 17.29
C LEU E 394 -23.17 -54.56 16.27
N ALA E 395 -22.63 -53.69 15.41
CA ALA E 395 -21.71 -54.14 14.38
C ALA E 395 -20.29 -54.35 14.88
N ASP E 396 -19.98 -53.83 16.07
CA ASP E 396 -18.63 -53.84 16.64
C ASP E 396 -17.61 -53.19 15.70
N VAL E 397 -17.90 -51.97 15.31
CA VAL E 397 -16.96 -51.18 14.51
C VAL E 397 -16.78 -49.83 15.19
N PRO E 398 -15.62 -49.20 15.10
CA PRO E 398 -15.46 -47.88 15.70
C PRO E 398 -16.07 -46.81 14.83
N ILE E 399 -16.51 -45.73 15.48
CA ILE E 399 -16.97 -44.53 14.78
C ILE E 399 -16.28 -43.32 15.40
N GLN E 400 -16.06 -42.31 14.58
CA GLN E 400 -15.44 -41.06 15.00
C GLN E 400 -16.39 -39.90 14.73
N SER E 401 -15.94 -38.69 15.07
CA SER E 401 -16.75 -37.51 14.89
C SER E 401 -15.91 -36.41 14.27
N PHE E 402 -16.58 -35.51 13.55
CA PHE E 402 -15.91 -34.40 12.88
C PHE E 402 -16.70 -33.13 13.07
N VAL E 403 -16.02 -32.03 13.40
CA VAL E 403 -16.56 -30.70 13.22
C VAL E 403 -15.51 -29.89 12.47
N VAL E 404 -15.94 -28.80 11.89
CA VAL E 404 -15.02 -27.88 11.25
C VAL E 404 -14.55 -26.89 12.29
N ARG E 405 -13.49 -26.16 11.96
CA ARG E 405 -13.11 -25.03 12.79
C ARG E 405 -14.14 -23.92 12.64
N ASN E 406 -14.28 -23.13 13.69
CA ASN E 406 -15.23 -22.03 13.73
C ASN E 406 -14.80 -20.88 12.84
N ASP E 407 -13.50 -20.76 12.56
CA ASP E 407 -13.01 -19.78 11.60
C ASP E 407 -12.86 -20.37 10.21
N SER E 408 -13.61 -21.42 9.90
CA SER E 408 -13.53 -22.11 8.64
C SER E 408 -14.92 -22.23 8.04
N PRO E 409 -15.07 -22.07 6.73
CA PRO E 409 -16.35 -22.30 6.09
C PRO E 409 -16.66 -23.78 5.98
N CYS E 410 -17.94 -24.08 5.86
CA CYS E 410 -18.39 -25.46 5.70
C CYS E 410 -19.39 -25.52 4.56
N GLY E 411 -19.29 -26.57 3.75
CA GLY E 411 -20.18 -26.76 2.63
C GLY E 411 -21.25 -27.79 2.96
N SER E 412 -22.48 -27.48 2.55
CA SER E 412 -23.60 -28.37 2.81
C SER E 412 -23.50 -29.62 1.93
N THR E 413 -23.93 -30.73 2.49
CA THR E 413 -24.08 -31.97 1.74
C THR E 413 -25.52 -32.09 1.28
N ILE E 414 -25.87 -33.26 0.74
CA ILE E 414 -27.25 -33.49 0.33
C ILE E 414 -28.15 -33.79 1.50
N GLY E 415 -27.58 -34.12 2.65
CA GLY E 415 -28.31 -34.47 3.84
C GLY E 415 -29.28 -33.43 4.38
N PRO E 416 -28.85 -32.16 4.52
CA PRO E 416 -29.81 -31.12 4.94
C PRO E 416 -31.00 -30.95 4.02
N LYS E 417 -30.81 -31.06 2.72
CA LYS E 417 -31.92 -30.71 1.83
C LYS E 417 -32.79 -31.93 1.57
N LEU E 418 -32.21 -33.12 1.62
CA LEU E 418 -33.00 -34.34 1.58
C LEU E 418 -33.83 -34.50 2.84
N ALA E 419 -33.34 -33.96 3.96
CA ALA E 419 -34.14 -33.91 5.18
C ALA E 419 -35.33 -32.98 4.99
N ALA E 420 -35.14 -31.90 4.24
CA ALA E 420 -36.20 -30.92 4.07
C ALA E 420 -37.35 -31.46 3.24
N MET E 421 -37.05 -32.11 2.13
CA MET E 421 -38.13 -32.57 1.26
C MET E 421 -38.80 -33.83 1.76
N THR E 422 -38.24 -34.48 2.76
CA THR E 422 -38.84 -35.68 3.33
C THR E 422 -39.33 -35.51 4.75
N GLY E 423 -38.76 -34.58 5.51
CA GLY E 423 -39.09 -34.50 6.91
C GLY E 423 -38.51 -35.62 7.72
N MET E 424 -37.47 -36.25 7.22
CA MET E 424 -36.98 -37.51 7.75
C MET E 424 -35.81 -37.24 8.67
N ARG E 425 -35.77 -37.94 9.80
CA ARG E 425 -34.64 -37.84 10.71
C ARG E 425 -33.38 -38.34 10.02
N THR E 426 -32.27 -37.69 10.27
CA THR E 426 -31.12 -37.93 9.42
C THR E 426 -29.81 -37.62 10.11
N LEU E 427 -28.76 -38.23 9.58
CA LEU E 427 -27.40 -38.04 10.02
C LEU E 427 -26.49 -38.00 8.80
N ASP E 428 -25.47 -37.16 8.86
CA ASP E 428 -24.46 -37.10 7.82
C ASP E 428 -23.22 -37.82 8.32
N LEU E 429 -22.87 -38.93 7.68
CA LEU E 429 -21.62 -39.60 8.01
C LEU E 429 -20.83 -39.86 6.75
N GLY E 430 -19.62 -40.37 6.94
CA GLY E 430 -18.78 -40.76 5.83
C GLY E 430 -17.45 -41.23 6.33
N ASN E 431 -16.70 -41.80 5.44
CA ASN E 431 -15.40 -42.33 5.82
C ASN E 431 -14.32 -41.26 5.66
N PRO E 432 -13.30 -41.24 6.51
CA PRO E 432 -12.33 -40.16 6.46
C PRO E 432 -11.41 -40.28 5.25
N MET E 433 -10.95 -39.13 4.78
CA MET E 433 -10.06 -39.06 3.63
C MET E 433 -9.35 -37.72 3.63
N LEU E 434 -8.27 -37.65 2.86
CA LEU E 434 -7.53 -36.42 2.65
C LEU E 434 -7.56 -36.03 1.18
N SER E 435 -7.35 -34.74 0.95
CA SER E 435 -7.36 -34.10 -0.37
C SER E 435 -8.67 -34.35 -1.10
N MET E 436 -9.76 -33.86 -0.49
CA MET E 436 -11.06 -33.98 -1.11
C MET E 436 -11.15 -33.02 -2.29
N HIS E 437 -11.84 -33.46 -3.34
CA HIS E 437 -11.97 -32.76 -4.62
C HIS E 437 -10.65 -32.55 -5.32
N SER E 438 -9.69 -33.43 -5.09
CA SER E 438 -8.47 -33.42 -5.86
C SER E 438 -8.61 -34.35 -7.06
N CYS E 439 -7.62 -34.30 -7.95
CA CYS E 439 -7.62 -35.20 -9.09
C CYS E 439 -7.34 -36.63 -8.65
N ARG E 440 -6.47 -36.80 -7.67
CA ARG E 440 -6.19 -38.08 -7.05
C ARG E 440 -6.34 -37.93 -5.55
N GLU E 441 -6.99 -38.88 -4.92
CA GLU E 441 -7.51 -38.72 -3.57
C GLU E 441 -7.06 -39.90 -2.73
N MET E 442 -6.93 -39.68 -1.42
CA MET E 442 -6.39 -40.69 -0.53
C MET E 442 -7.31 -40.96 0.66
N CYS E 443 -7.59 -42.23 0.92
CA CYS E 443 -8.36 -42.65 2.07
C CYS E 443 -7.78 -43.96 2.59
N GLY E 444 -8.24 -44.39 3.76
CA GLY E 444 -7.77 -45.62 4.32
C GLY E 444 -8.44 -46.84 3.72
N SER E 445 -7.76 -47.98 3.84
CA SER E 445 -8.27 -49.20 3.21
C SER E 445 -9.09 -50.06 4.15
N LYS E 446 -8.84 -49.99 5.45
CA LYS E 446 -9.71 -50.66 6.41
C LYS E 446 -11.07 -49.99 6.48
N ASP E 447 -11.14 -48.72 6.09
CA ASP E 447 -12.35 -47.93 6.24
C ASP E 447 -13.47 -48.39 5.32
N PHE E 448 -13.16 -49.09 4.23
CA PHE E 448 -14.19 -49.60 3.35
C PHE E 448 -14.95 -50.74 4.00
N GLU E 449 -14.24 -51.63 4.69
CA GLU E 449 -14.88 -52.77 5.34
C GLU E 449 -15.66 -52.33 6.56
N TYR E 450 -15.18 -51.30 7.25
CA TYR E 450 -15.87 -50.77 8.42
C TYR E 450 -17.20 -50.13 8.04
N ALA E 451 -17.24 -49.49 6.87
CA ALA E 451 -18.47 -48.84 6.44
C ALA E 451 -19.52 -49.85 6.00
N VAL E 452 -19.10 -50.92 5.34
CA VAL E 452 -20.03 -51.91 4.83
C VAL E 452 -20.64 -52.69 5.98
N VAL E 453 -19.84 -53.00 7.00
CA VAL E 453 -20.33 -53.71 8.18
C VAL E 453 -21.30 -52.83 8.95
N LEU E 454 -20.98 -51.54 9.09
CA LEU E 454 -21.86 -50.61 9.79
C LEU E 454 -23.18 -50.43 9.06
N PHE E 455 -23.13 -50.30 7.74
CA PHE E 455 -24.34 -50.03 6.98
C PHE E 455 -25.24 -51.24 6.90
N SER E 456 -24.67 -52.44 6.75
CA SER E 456 -25.47 -53.64 6.74
C SER E 456 -26.10 -53.89 8.10
N SER E 457 -25.40 -53.51 9.16
CA SER E 457 -26.00 -53.58 10.49
C SER E 457 -27.07 -52.51 10.67
N PHE E 458 -26.89 -51.35 10.02
CA PHE E 458 -27.92 -50.31 10.05
C PHE E 458 -29.16 -50.77 9.31
N PHE E 459 -28.97 -51.48 8.19
CA PHE E 459 -30.11 -51.97 7.42
C PHE E 459 -30.82 -53.09 8.15
N GLN E 460 -30.07 -53.99 8.79
CA GLN E 460 -30.68 -55.15 9.41
C GLN E 460 -31.29 -54.85 10.76
N ASN E 461 -30.80 -53.85 11.48
CA ASN E 461 -31.27 -53.57 12.82
C ASN E 461 -31.97 -52.23 12.95
N PHE E 462 -32.47 -51.66 11.85
CA PHE E 462 -33.11 -50.35 11.94
C PHE E 462 -34.43 -50.42 12.68
N ALA E 463 -35.25 -51.43 12.37
CA ALA E 463 -36.61 -51.46 12.89
C ALA E 463 -36.65 -51.70 14.38
N ASN E 464 -35.67 -52.43 14.91
CA ASN E 464 -35.62 -52.66 16.35
C ASN E 464 -35.14 -51.42 17.09
N LEU E 465 -34.17 -50.69 16.52
CA LEU E 465 -33.57 -49.60 17.27
C LEU E 465 -34.27 -48.28 17.06
N GLU E 466 -35.16 -48.21 16.07
CA GLU E 466 -35.91 -46.99 15.78
C GLU E 466 -36.97 -46.72 16.84
N GLU E 467 -37.54 -47.79 17.39
CA GLU E 467 -38.55 -47.66 18.43
C GLU E 467 -37.96 -47.50 19.81
N LYS E 468 -36.65 -47.62 19.94
CA LYS E 468 -35.97 -47.41 21.21
C LYS E 468 -35.54 -45.96 21.41
N ILE E 469 -35.63 -45.12 20.39
CA ILE E 469 -35.31 -43.71 20.52
C ILE E 469 -36.62 -42.96 20.64
N ILE E 470 -36.86 -42.36 21.80
CA ILE E 470 -38.16 -41.77 22.12
C ILE E 470 -38.02 -40.26 22.04
N ILE E 471 -38.40 -39.69 20.91
CA ILE E 471 -38.62 -38.27 20.76
C ILE E 471 -40.09 -38.11 20.40
N ASP E 472 -40.69 -36.99 20.80
CA ASP E 472 -42.06 -36.61 20.45
C ASP E 472 -43.09 -37.61 20.98
N GLU E 473 -43.18 -37.73 22.30
CA GLU E 473 -44.27 -38.50 22.87
C GLU E 473 -45.33 -37.59 23.49
N GLY E 474 -46.35 -38.18 24.09
CA GLY E 474 -47.38 -37.39 24.72
C GLY E 474 -46.92 -36.81 26.03
N PHE E 475 -47.70 -35.85 26.54
CA PHE E 475 -47.32 -35.12 27.74
C PHE E 475 -48.26 -35.43 28.90
N SER E 493 1.89 -64.49 5.42
CA SER E 493 1.60 -63.12 5.04
C SER E 493 0.85 -63.05 3.71
N VAL E 494 0.44 -64.21 3.21
CA VAL E 494 -0.28 -64.33 1.94
C VAL E 494 -1.59 -65.05 2.22
N ALA E 495 -2.68 -64.53 1.69
CA ALA E 495 -3.98 -65.17 1.79
C ALA E 495 -4.52 -65.50 0.39
N CYS E 496 -5.73 -66.03 0.34
CA CYS E 496 -6.36 -66.47 -0.89
C CYS E 496 -7.51 -65.53 -1.24
N ASN E 497 -7.62 -65.19 -2.53
CA ASN E 497 -8.68 -64.27 -2.95
C ASN E 497 -10.05 -64.94 -2.96
N THR E 498 -10.10 -66.26 -3.05
CA THR E 498 -11.39 -66.95 -3.06
C THR E 498 -11.92 -67.11 -1.64
N CYS E 499 -11.21 -67.87 -0.81
CA CYS E 499 -11.54 -67.99 0.61
C CYS E 499 -10.62 -67.04 1.37
N LEU E 500 -11.22 -66.10 2.09
CA LEU E 500 -10.47 -65.00 2.69
C LEU E 500 -9.84 -65.44 4.02
N LYS E 501 -8.85 -66.32 3.90
CA LYS E 501 -8.18 -66.93 5.04
C LYS E 501 -6.68 -66.92 4.81
N ILE E 502 -5.93 -66.68 5.88
CA ILE E 502 -4.47 -66.71 5.82
C ILE E 502 -4.05 -68.17 5.69
N ILE E 503 -3.35 -68.48 4.62
CA ILE E 503 -3.00 -69.86 4.32
C ILE E 503 -1.76 -70.23 5.12
N ARG E 504 -1.58 -71.54 5.32
CA ARG E 504 -0.54 -72.05 6.22
C ARG E 504 0.36 -73.03 5.48
N ASN E 505 0.37 -72.97 4.16
CA ASN E 505 1.03 -73.97 3.34
C ASN E 505 1.43 -73.33 2.02
N ASP E 506 1.66 -74.16 1.00
CA ASP E 506 2.09 -73.69 -0.31
C ASP E 506 1.07 -72.77 -0.95
N SER E 507 1.55 -71.78 -1.70
CA SER E 507 0.73 -70.79 -2.35
C SER E 507 0.94 -70.86 -3.86
N PHE E 508 -0.16 -70.74 -4.60
CA PHE E 508 -0.14 -70.79 -6.05
C PHE E 508 -0.25 -69.36 -6.57
N HIS E 509 0.86 -68.83 -7.07
CA HIS E 509 0.95 -67.43 -7.45
C HIS E 509 0.69 -67.30 -8.94
N CYS E 510 -0.35 -66.54 -9.28
CA CYS E 510 -0.61 -66.19 -10.67
C CYS E 510 0.48 -65.25 -11.15
N THR E 511 1.26 -65.69 -12.12
CA THR E 511 2.31 -64.84 -12.68
C THR E 511 1.77 -63.82 -13.67
N LYS E 512 0.50 -63.93 -14.05
CA LYS E 512 -0.08 -63.05 -15.05
C LYS E 512 -0.83 -61.88 -14.44
N CYS E 513 -1.46 -62.07 -13.28
CA CYS E 513 -2.04 -60.98 -12.53
C CYS E 513 -0.99 -60.40 -11.59
N PHE E 514 -1.42 -59.54 -10.67
CA PHE E 514 -0.49 -58.86 -9.78
C PHE E 514 -0.31 -59.61 -8.46
N ASP E 515 -1.40 -59.83 -7.72
CA ASP E 515 -1.34 -60.33 -6.34
C ASP E 515 -2.47 -61.32 -6.08
N PHE E 516 -2.64 -62.30 -6.98
CA PHE E 516 -3.87 -63.09 -6.97
C PHE E 516 -3.82 -64.20 -5.92
N ASP E 517 -2.89 -65.16 -6.06
CA ASP E 517 -2.43 -66.06 -5.00
C ASP E 517 -3.54 -66.93 -4.40
N VAL E 518 -4.03 -67.88 -5.21
CA VAL E 518 -4.96 -68.87 -4.68
C VAL E 518 -4.25 -69.88 -3.79
N CYS E 519 -5.03 -70.69 -3.08
CA CYS E 519 -4.53 -71.59 -2.07
C CYS E 519 -4.50 -73.03 -2.57
N ARG E 520 -4.09 -73.92 -1.66
CA ARG E 520 -4.05 -75.37 -1.85
C ARG E 520 -5.37 -75.95 -2.29
N ASP E 521 -6.42 -75.65 -1.53
CA ASP E 521 -7.73 -76.27 -1.77
C ASP E 521 -8.39 -75.66 -3.00
N CYS E 522 -8.31 -74.33 -3.15
CA CYS E 522 -8.98 -73.67 -4.26
C CYS E 522 -8.28 -73.90 -5.59
N TYR E 523 -7.02 -74.30 -5.55
CA TYR E 523 -6.33 -74.66 -6.79
C TYR E 523 -6.92 -75.92 -7.40
N ALA E 524 -7.24 -76.91 -6.56
CA ALA E 524 -7.93 -78.09 -7.04
C ALA E 524 -9.42 -77.84 -7.23
N LYS E 525 -9.97 -76.80 -6.61
CA LYS E 525 -11.39 -76.53 -6.67
C LYS E 525 -11.76 -75.70 -7.89
N GLN E 526 -10.75 -75.26 -8.66
CA GLN E 526 -10.90 -74.52 -9.93
C GLN E 526 -11.68 -73.20 -9.76
N ALA E 527 -11.48 -72.52 -8.63
CA ALA E 527 -12.24 -71.32 -8.31
C ALA E 527 -11.45 -70.04 -8.58
N PHE E 528 -10.46 -70.09 -9.47
CA PHE E 528 -9.54 -68.98 -9.73
C PHE E 528 -9.97 -68.03 -10.86
N LEU E 529 -11.21 -67.56 -10.78
CA LEU E 529 -11.72 -66.61 -11.78
C LEU E 529 -11.32 -65.15 -11.48
N HIS E 530 -10.51 -64.56 -12.35
CA HIS E 530 -10.04 -63.19 -12.24
C HIS E 530 -9.76 -62.68 -13.65
N PRO E 531 -9.59 -61.37 -13.88
CA PRO E 531 -9.30 -60.90 -15.26
C PRO E 531 -7.94 -61.29 -15.82
N CYS E 532 -7.71 -62.60 -15.97
CA CYS E 532 -6.59 -63.13 -16.75
C CYS E 532 -7.14 -64.37 -17.44
N PRO E 533 -7.19 -64.38 -18.78
CA PRO E 533 -7.77 -65.54 -19.50
C PRO E 533 -7.06 -66.87 -19.27
N LYS E 534 -5.74 -66.88 -19.19
CA LYS E 534 -5.03 -68.08 -18.73
C LYS E 534 -3.95 -67.67 -17.73
N PRO E 535 -4.12 -68.04 -16.47
CA PRO E 535 -3.10 -67.74 -15.46
C PRO E 535 -2.13 -68.89 -15.26
N HIS E 536 -0.90 -68.52 -14.92
CA HIS E 536 0.16 -69.49 -14.60
C HIS E 536 0.41 -69.45 -13.11
N PHE E 537 0.08 -70.53 -12.42
CA PHE E 537 0.22 -70.60 -10.97
C PHE E 537 1.49 -71.35 -10.62
N VAL E 538 2.51 -70.61 -10.23
CA VAL E 538 3.72 -71.20 -9.69
C VAL E 538 3.50 -71.45 -8.21
N LEU E 539 3.97 -72.59 -7.73
CA LEU E 539 3.77 -72.99 -6.35
C LEU E 539 4.97 -72.58 -5.49
N VAL E 540 4.66 -71.98 -4.33
CA VAL E 540 5.63 -71.26 -3.54
C VAL E 540 5.63 -71.79 -2.11
N ARG E 541 6.82 -72.07 -1.57
CA ARG E 541 7.00 -72.55 -0.20
C ARG E 541 6.48 -71.57 0.85
N SER E 542 5.97 -72.16 1.93
CA SER E 542 5.50 -71.50 3.15
C SER E 542 4.43 -70.43 2.90
N MET F 1 1.63 -53.60 -32.38
CA MET F 1 2.09 -52.24 -32.21
C MET F 1 1.18 -51.34 -33.03
N GLN F 2 0.21 -50.74 -32.34
CA GLN F 2 -0.84 -49.98 -33.00
C GLN F 2 -0.28 -48.69 -33.60
N LEU F 3 -0.55 -48.48 -34.88
CA LEU F 3 -0.08 -47.30 -35.61
C LEU F 3 -1.29 -46.50 -36.03
N HIS F 4 -1.51 -45.37 -35.34
CA HIS F 4 -2.74 -44.61 -35.55
C HIS F 4 -2.66 -43.73 -36.80
N GLY F 5 -1.53 -43.07 -37.01
CA GLY F 5 -1.35 -42.31 -38.24
C GLY F 5 0.02 -41.66 -38.36
N LYS F 6 0.65 -41.83 -39.53
CA LYS F 6 2.00 -41.34 -39.85
C LYS F 6 3.02 -41.80 -38.82
N MET F 7 3.18 -43.12 -38.71
CA MET F 7 3.72 -43.67 -37.48
C MET F 7 5.03 -44.44 -37.68
N THR F 8 5.29 -44.93 -38.90
CA THR F 8 6.53 -45.47 -39.50
C THR F 8 7.18 -46.64 -38.76
N ALA F 9 6.56 -47.14 -37.68
CA ALA F 9 6.88 -48.39 -37.00
C ALA F 9 8.29 -48.50 -36.40
N THR F 10 9.13 -47.49 -36.59
CA THR F 10 10.46 -47.42 -36.02
C THR F 10 10.58 -46.32 -35.00
N ALA F 11 9.88 -45.21 -35.22
CA ALA F 11 9.80 -44.17 -34.22
C ALA F 11 9.04 -44.65 -32.99
N LYS F 12 7.99 -45.44 -33.19
CA LYS F 12 7.27 -46.03 -32.07
C LYS F 12 8.13 -47.05 -31.35
N SER F 13 8.88 -47.87 -32.09
CA SER F 13 9.70 -48.89 -31.46
C SER F 13 10.89 -48.28 -30.73
N CYS F 14 11.42 -47.17 -31.24
CA CYS F 14 12.44 -46.44 -30.51
C CYS F 14 11.87 -45.77 -29.27
N ALA F 15 10.64 -45.27 -29.36
CA ALA F 15 10.00 -44.66 -28.21
C ALA F 15 9.60 -45.71 -27.18
N LEU F 16 9.18 -46.89 -27.63
CA LEU F 16 8.84 -47.96 -26.71
C LEU F 16 10.09 -48.50 -26.01
N ASP F 17 11.24 -48.44 -26.69
CA ASP F 17 12.48 -48.83 -26.05
C ASP F 17 12.90 -47.81 -25.00
N PHE F 18 12.55 -46.55 -25.22
CA PHE F 18 12.81 -45.52 -24.21
C PHE F 18 11.95 -45.75 -22.97
N LEU F 19 10.71 -46.20 -23.18
CA LEU F 19 9.78 -46.39 -22.07
C LEU F 19 10.25 -47.49 -21.14
N ASP F 20 10.86 -48.54 -21.70
CA ASP F 20 11.44 -49.58 -20.86
C ASP F 20 12.66 -49.06 -20.11
N PHE F 21 13.40 -48.14 -20.73
CA PHE F 21 14.61 -47.62 -20.12
C PHE F 21 14.29 -46.69 -18.95
N VAL F 22 13.34 -45.78 -19.14
CA VAL F 22 13.10 -44.76 -18.12
C VAL F 22 12.24 -45.33 -17.00
N ASN F 23 11.48 -46.39 -17.26
CA ASN F 23 10.72 -47.00 -16.17
C ASN F 23 11.61 -47.81 -15.26
N ALA F 24 12.75 -48.27 -15.75
CA ALA F 24 13.70 -49.03 -14.94
C ALA F 24 14.78 -48.15 -14.35
N SER F 25 14.78 -46.85 -14.64
CA SER F 25 15.85 -45.94 -14.22
C SER F 25 15.27 -44.71 -13.54
N PRO F 26 14.90 -44.81 -12.27
CA PRO F 26 14.41 -43.62 -11.56
C PRO F 26 15.49 -42.83 -10.86
N THR F 27 16.68 -43.37 -10.72
CA THR F 27 17.79 -42.72 -10.05
C THR F 27 18.94 -42.65 -11.04
N PRO F 28 19.89 -41.75 -10.83
CA PRO F 28 21.12 -41.82 -11.61
C PRO F 28 21.90 -43.10 -11.40
N TYR F 29 21.80 -43.70 -10.21
CA TYR F 29 22.43 -44.99 -9.97
C TYR F 29 21.77 -46.07 -10.82
N HIS F 30 20.45 -46.03 -10.95
CA HIS F 30 19.79 -47.00 -11.82
C HIS F 30 20.02 -46.65 -13.27
N ALA F 31 20.11 -45.36 -13.59
CA ALA F 31 20.34 -44.94 -14.96
C ALA F 31 21.69 -45.41 -15.47
N VAL F 32 22.73 -45.27 -14.65
CA VAL F 32 24.06 -45.74 -15.00
C VAL F 32 24.08 -47.26 -15.09
N GLN F 33 23.33 -47.92 -14.21
CA GLN F 33 23.26 -49.37 -14.22
C GLN F 33 22.59 -49.89 -15.49
N ASN F 34 21.53 -49.21 -15.94
CA ASN F 34 20.84 -49.67 -17.15
C ASN F 34 21.62 -49.32 -18.40
N LEU F 35 22.35 -48.20 -18.40
CA LEU F 35 23.19 -47.88 -19.55
C LEU F 35 24.33 -48.86 -19.68
N ALA F 36 24.92 -49.25 -18.56
CA ALA F 36 26.10 -50.11 -18.61
C ALA F 36 25.73 -51.53 -18.99
N GLU F 37 24.54 -51.98 -18.62
CA GLU F 37 24.07 -53.28 -19.12
C GLU F 37 23.84 -53.22 -20.62
N HIS F 38 23.37 -52.07 -21.12
CA HIS F 38 23.20 -51.93 -22.56
C HIS F 38 24.55 -51.82 -23.26
N TYR F 39 25.54 -51.24 -22.58
CA TYR F 39 26.87 -51.12 -23.16
C TYR F 39 27.57 -52.47 -23.25
N MET F 40 27.51 -53.25 -22.17
CA MET F 40 28.16 -54.56 -22.19
C MET F 40 27.40 -55.55 -23.05
N SER F 41 26.11 -55.31 -23.29
CA SER F 41 25.39 -56.13 -24.25
C SER F 41 25.88 -55.86 -25.67
N HIS F 42 26.34 -54.65 -25.93
CA HIS F 42 26.86 -54.28 -27.23
C HIS F 42 28.38 -54.40 -27.31
N GLY F 43 29.01 -55.05 -26.33
CA GLY F 43 30.41 -55.39 -26.43
C GLY F 43 31.37 -54.44 -25.76
N PHE F 44 30.89 -53.49 -24.96
CA PHE F 44 31.79 -52.57 -24.29
C PHE F 44 32.48 -53.27 -23.13
N GLN F 45 33.64 -52.74 -22.76
CA GLN F 45 34.42 -53.30 -21.66
C GLN F 45 34.49 -52.30 -20.51
N TYR F 46 34.32 -52.79 -19.30
CA TYR F 46 34.41 -51.93 -18.14
C TYR F 46 35.88 -51.61 -17.84
N LEU F 47 36.14 -50.34 -17.55
CA LEU F 47 37.46 -49.89 -17.15
C LEU F 47 37.39 -49.38 -15.71
N SER F 48 38.23 -49.93 -14.85
CA SER F 48 38.39 -49.38 -13.52
C SER F 48 39.27 -48.15 -13.62
N GLU F 49 38.84 -47.07 -12.97
CA GLU F 49 39.63 -45.85 -13.01
C GLU F 49 40.83 -45.96 -12.07
N LYS F 50 40.81 -46.90 -11.14
CA LYS F 50 41.97 -47.20 -10.31
C LYS F 50 43.11 -47.80 -11.12
N SER F 51 42.82 -48.46 -12.23
CA SER F 51 43.86 -49.12 -12.99
C SER F 51 44.56 -48.15 -13.92
N ASP F 52 45.60 -48.65 -14.57
CA ASP F 52 46.34 -47.89 -15.57
C ASP F 52 45.97 -48.39 -16.95
N TRP F 53 45.65 -47.47 -17.84
CA TRP F 53 45.06 -47.83 -19.12
C TRP F 53 46.08 -47.90 -20.25
N GLN F 54 47.37 -47.90 -19.94
CA GLN F 54 48.38 -47.92 -20.99
C GLN F 54 48.38 -49.22 -21.76
N SER F 55 48.04 -50.33 -21.11
CA SER F 55 48.00 -51.62 -21.76
C SER F 55 46.59 -52.17 -21.86
N LYS F 56 45.59 -51.41 -21.45
CA LYS F 56 44.24 -51.93 -21.38
C LYS F 56 43.36 -51.48 -22.55
N ILE F 57 43.64 -50.33 -23.14
CA ILE F 57 42.83 -49.81 -24.23
C ILE F 57 43.63 -49.89 -25.51
N GLU F 58 42.97 -50.28 -26.59
CA GLU F 58 43.58 -50.38 -27.90
C GLU F 58 42.55 -49.96 -28.94
N PRO F 59 43.00 -49.46 -30.09
CA PRO F 59 42.05 -48.98 -31.11
C PRO F 59 41.18 -50.10 -31.67
N GLY F 60 39.96 -49.73 -32.03
CA GLY F 60 39.00 -50.67 -32.56
C GLY F 60 38.04 -51.26 -31.55
N ASN F 61 38.14 -50.88 -30.29
CA ASN F 61 37.30 -51.45 -29.25
C ASN F 61 36.55 -50.36 -28.50
N SER F 62 35.57 -50.78 -27.71
CA SER F 62 34.70 -49.87 -26.98
C SER F 62 34.81 -50.14 -25.50
N TYR F 63 34.87 -49.04 -24.73
CA TYR F 63 35.09 -49.06 -23.29
C TYR F 63 34.13 -48.10 -22.62
N PHE F 64 33.91 -48.33 -21.32
CA PHE F 64 33.18 -47.37 -20.52
C PHE F 64 33.76 -47.35 -19.11
N VAL F 65 33.67 -46.18 -18.48
CA VAL F 65 34.21 -45.97 -17.14
C VAL F 65 33.11 -45.32 -16.31
N THR F 66 33.17 -45.53 -15.00
CA THR F 66 32.10 -45.11 -14.11
C THR F 66 32.68 -44.44 -12.88
N ARG F 67 32.08 -43.33 -12.48
CA ARG F 67 32.49 -42.60 -11.28
C ARG F 67 31.29 -42.53 -10.33
N ASN F 68 31.48 -43.02 -9.11
CA ASN F 68 30.52 -42.99 -8.00
C ASN F 68 29.24 -43.78 -8.32
N LYS F 69 29.29 -44.66 -9.33
CA LYS F 69 28.16 -45.41 -9.88
C LYS F 69 27.00 -44.52 -10.31
N SER F 70 27.28 -43.25 -10.61
CA SER F 70 26.25 -42.29 -10.94
C SER F 70 26.63 -41.39 -12.11
N SER F 71 27.88 -41.38 -12.52
CA SER F 71 28.30 -40.78 -13.78
C SER F 71 29.00 -41.85 -14.59
N ILE F 72 28.70 -41.90 -15.88
CA ILE F 72 29.29 -42.89 -16.76
C ILE F 72 29.78 -42.21 -18.03
N ILE F 73 30.96 -42.62 -18.48
CA ILE F 73 31.55 -42.13 -19.72
C ILE F 73 31.84 -43.35 -20.56
N ALA F 74 31.18 -43.48 -21.70
CA ALA F 74 31.46 -44.55 -22.64
C ALA F 74 32.12 -43.99 -23.88
N PHE F 75 33.17 -44.67 -24.33
CA PHE F 75 33.87 -44.19 -25.50
C PHE F 75 34.26 -45.37 -26.38
N SER F 76 34.16 -45.17 -27.68
CA SER F 76 34.59 -46.14 -28.67
C SER F 76 35.74 -45.56 -29.46
N ILE F 77 36.86 -46.27 -29.50
CA ILE F 77 38.06 -45.81 -30.18
C ILE F 77 38.10 -46.43 -31.56
N GLY F 78 38.20 -45.60 -32.59
CA GLY F 78 38.26 -46.12 -33.94
C GLY F 78 39.56 -46.84 -34.22
N LYS F 79 39.53 -47.73 -35.21
CA LYS F 79 40.71 -48.51 -35.54
C LYS F 79 41.79 -47.63 -36.16
N LYS F 80 41.40 -46.64 -36.96
CA LYS F 80 42.34 -45.73 -37.59
C LYS F 80 42.65 -44.53 -36.73
N TRP F 81 42.43 -44.62 -35.42
CA TRP F 81 42.64 -43.49 -34.53
C TRP F 81 44.08 -43.45 -34.07
N LYS F 82 44.69 -42.29 -34.17
CA LYS F 82 45.99 -42.02 -33.61
C LYS F 82 45.84 -41.08 -32.43
N PRO F 83 46.73 -41.14 -31.45
CA PRO F 83 46.69 -40.16 -30.35
C PRO F 83 47.00 -38.77 -30.87
N GLY F 84 46.03 -37.88 -30.74
CA GLY F 84 46.13 -36.56 -31.29
C GLY F 84 44.94 -36.24 -32.18
N ASN F 85 44.22 -37.27 -32.58
CA ASN F 85 43.01 -37.06 -33.36
C ASN F 85 41.88 -36.60 -32.45
N GLY F 86 40.83 -36.07 -33.06
CA GLY F 86 39.77 -35.44 -32.32
C GLY F 86 38.83 -36.41 -31.64
N PHE F 87 37.90 -35.83 -30.89
CA PHE F 87 36.87 -36.57 -30.17
C PHE F 87 35.51 -36.08 -30.62
N SER F 88 34.58 -37.00 -30.81
CA SER F 88 33.20 -36.65 -31.07
C SER F 88 32.41 -37.00 -29.82
N ILE F 89 32.02 -35.97 -29.07
CA ILE F 89 31.50 -36.14 -27.71
C ILE F 89 30.06 -35.65 -27.65
N ILE F 90 29.18 -36.48 -27.12
CA ILE F 90 27.79 -36.12 -26.88
C ILE F 90 27.50 -36.30 -25.40
N ALA F 91 27.36 -35.19 -24.67
CA ALA F 91 27.28 -35.20 -23.22
C ALA F 91 25.86 -34.96 -22.75
N THR F 92 25.36 -35.84 -21.88
CA THR F 92 24.07 -35.72 -21.22
C THR F 92 24.26 -35.72 -19.71
N HIS F 93 23.16 -35.74 -18.96
CA HIS F 93 23.21 -35.85 -17.51
C HIS F 93 22.16 -36.84 -17.06
N THR F 94 22.46 -37.61 -16.02
CA THR F 94 21.57 -38.67 -15.59
C THR F 94 20.57 -38.25 -14.52
N ASP F 95 20.72 -37.08 -13.93
CA ASP F 95 19.91 -36.74 -12.78
C ASP F 95 18.69 -35.93 -13.19
N SER F 96 17.74 -35.84 -12.26
CA SER F 96 16.49 -35.13 -12.45
C SER F 96 16.10 -34.49 -11.14
N PRO F 97 15.31 -33.42 -11.16
CA PRO F 97 14.84 -32.82 -9.91
C PRO F 97 13.89 -33.74 -9.17
N THR F 98 14.12 -33.87 -7.87
CA THR F 98 13.42 -34.86 -7.06
C THR F 98 13.57 -34.51 -5.59
N LEU F 99 13.18 -35.43 -4.72
CA LEU F 99 13.28 -35.26 -3.28
C LEU F 99 14.11 -36.39 -2.70
N ARG F 100 15.10 -36.04 -1.88
CA ARG F 100 15.92 -37.01 -1.16
C ARG F 100 15.49 -37.12 0.29
N LEU F 101 15.60 -38.33 0.81
CA LEU F 101 15.37 -38.56 2.23
C LEU F 101 16.48 -37.90 3.06
N LYS F 102 16.08 -37.32 4.17
CA LYS F 102 17.04 -36.72 5.09
C LYS F 102 17.79 -37.81 5.84
N PRO F 103 18.96 -37.48 6.41
CA PRO F 103 19.65 -38.47 7.26
C PRO F 103 18.86 -38.91 8.48
N LYS F 104 18.11 -38.00 9.10
CA LYS F 104 17.14 -38.33 10.13
C LYS F 104 15.79 -38.17 9.47
N SER F 105 15.35 -39.21 8.78
CA SER F 105 14.14 -39.13 7.99
C SER F 105 12.90 -39.56 8.76
N GLN F 106 13.03 -39.96 10.01
CA GLN F 106 11.88 -40.41 10.77
C GLN F 106 11.06 -39.22 11.23
N LYS F 107 9.80 -39.19 10.82
CA LYS F 107 8.86 -38.16 11.23
C LYS F 107 7.54 -38.81 11.56
N SER F 108 6.87 -38.31 12.59
CA SER F 108 5.56 -38.82 12.97
C SER F 108 4.71 -37.66 13.45
N ALA F 109 3.48 -37.60 12.95
CA ALA F 109 2.56 -36.55 13.36
C ALA F 109 1.15 -37.08 13.27
N TYR F 110 0.48 -37.11 14.41
CA TYR F 110 -0.96 -37.39 14.55
C TYR F 110 -1.32 -38.74 13.95
N GLY F 111 -0.54 -39.75 14.34
CA GLY F 111 -0.79 -41.09 13.90
C GLY F 111 -0.26 -41.43 12.53
N TYR F 112 0.35 -40.48 11.83
CA TYR F 112 0.82 -40.75 10.48
C TYR F 112 2.32 -40.84 10.51
N LEU F 113 2.85 -41.81 9.80
CA LEU F 113 4.28 -41.92 9.57
C LEU F 113 4.62 -41.03 8.40
N GLN F 114 5.59 -40.14 8.58
CA GLN F 114 6.07 -39.30 7.49
C GLN F 114 7.56 -39.48 7.33
N VAL F 115 8.06 -39.14 6.14
CA VAL F 115 9.49 -39.11 5.92
C VAL F 115 9.93 -37.67 5.69
N GLY F 116 11.09 -37.32 6.22
CA GLY F 116 11.59 -35.98 6.05
C GLY F 116 12.38 -35.89 4.76
N VAL F 117 11.92 -35.09 3.82
CA VAL F 117 12.55 -35.03 2.51
C VAL F 117 13.19 -33.67 2.32
N GLU F 118 14.07 -33.60 1.34
CA GLU F 118 14.79 -32.40 1.01
C GLU F 118 14.88 -32.25 -0.50
N LYS F 119 14.70 -31.03 -0.96
CA LYS F 119 14.53 -30.78 -2.39
C LYS F 119 15.86 -30.89 -3.11
N TYR F 120 15.80 -31.36 -4.36
CA TYR F 120 16.99 -31.49 -5.19
C TYR F 120 16.64 -30.80 -6.49
N GLY F 121 17.42 -29.80 -6.87
CA GLY F 121 17.24 -29.14 -8.14
C GLY F 121 16.07 -28.18 -8.12
N GLY F 122 15.85 -27.55 -9.27
CA GLY F 122 14.76 -26.62 -9.40
C GLY F 122 13.50 -27.28 -9.93
N GLY F 123 12.92 -28.19 -9.15
CA GLY F 123 11.72 -28.86 -9.60
C GLY F 123 10.49 -27.99 -9.45
N ILE F 124 9.50 -28.26 -10.29
CA ILE F 124 8.19 -27.64 -10.17
C ILE F 124 7.45 -28.36 -9.05
N TRP F 125 7.43 -27.75 -7.87
CA TRP F 125 7.12 -28.56 -6.69
C TRP F 125 5.63 -28.74 -6.47
N HIS F 126 4.78 -27.95 -7.13
CA HIS F 126 3.36 -28.19 -6.94
C HIS F 126 2.88 -29.38 -7.73
N THR F 127 3.63 -29.81 -8.73
CA THR F 127 3.25 -30.99 -9.50
C THR F 127 3.51 -32.28 -8.74
N TRP F 128 4.26 -32.24 -7.65
CA TRP F 128 4.53 -33.42 -6.85
C TRP F 128 3.39 -33.72 -5.88
N PHE F 129 2.44 -32.82 -5.73
CA PHE F 129 1.32 -33.05 -4.84
C PHE F 129 0.37 -34.07 -5.43
N ASP F 130 -0.18 -34.92 -4.54
CA ASP F 130 -1.22 -35.90 -4.87
C ASP F 130 -0.76 -36.89 -5.93
N ARG F 131 0.49 -37.28 -5.86
CA ARG F 131 1.07 -38.24 -6.80
C ARG F 131 1.41 -39.53 -6.09
N ASP F 132 1.27 -40.62 -6.80
CA ASP F 132 1.83 -41.87 -6.31
C ASP F 132 3.35 -41.76 -6.43
N LEU F 133 4.04 -41.90 -5.31
CA LEU F 133 5.49 -41.72 -5.29
C LEU F 133 6.16 -43.03 -4.94
N SER F 134 7.17 -43.39 -5.72
CA SER F 134 7.99 -44.55 -5.46
C SER F 134 9.28 -44.12 -4.78
N LEU F 135 9.98 -45.09 -4.22
CA LEU F 135 11.22 -44.86 -3.52
C LEU F 135 12.32 -45.68 -4.16
N ALA F 136 13.45 -45.05 -4.44
CA ALA F 136 14.54 -45.74 -5.13
C ALA F 136 15.85 -45.05 -4.77
N GLY F 137 16.94 -45.76 -5.01
CA GLY F 137 18.25 -45.22 -4.71
C GLY F 137 19.26 -46.32 -4.45
N ARG F 138 20.37 -45.95 -3.83
CA ARG F 138 21.41 -46.90 -3.49
C ARG F 138 21.52 -46.99 -1.98
N VAL F 139 21.81 -48.19 -1.49
CA VAL F 139 21.86 -48.49 -0.06
C VAL F 139 23.20 -49.12 0.26
N MET F 140 23.89 -48.57 1.26
CA MET F 140 25.12 -49.15 1.76
C MET F 140 24.81 -50.22 2.79
N VAL F 141 25.32 -51.43 2.56
CA VAL F 141 25.08 -52.58 3.42
C VAL F 141 26.40 -53.08 3.94
N GLU F 142 26.51 -53.19 5.26
CA GLU F 142 27.66 -53.86 5.86
C GLU F 142 27.58 -55.36 5.68
N GLU F 143 28.74 -55.99 5.53
CA GLU F 143 28.81 -57.43 5.62
C GLU F 143 29.77 -57.82 6.75
N GLU F 144 29.91 -59.14 6.95
CA GLU F 144 30.45 -59.66 8.21
C GLU F 144 31.93 -59.39 8.36
N ASP F 145 32.65 -59.19 7.26
CA ASP F 145 34.07 -58.90 7.32
C ASP F 145 34.37 -57.43 7.38
N GLY F 146 33.36 -56.58 7.43
CA GLY F 146 33.53 -55.16 7.58
C GLY F 146 33.41 -54.37 6.30
N ARG F 147 33.49 -55.01 5.14
CA ARG F 147 33.40 -54.25 3.91
C ARG F 147 31.96 -53.85 3.63
N VAL F 148 31.80 -52.71 2.97
CA VAL F 148 30.50 -52.12 2.70
C VAL F 148 30.35 -51.94 1.20
N ILE F 149 29.29 -52.51 0.64
CA ILE F 149 29.06 -52.49 -0.79
C ILE F 149 27.74 -51.79 -1.08
N GLN F 150 27.60 -51.33 -2.32
CA GLN F 150 26.46 -50.52 -2.71
C GLN F 150 25.43 -51.38 -3.43
N TYR F 151 24.19 -51.31 -2.97
CA TYR F 151 23.05 -52.01 -3.53
C TYR F 151 22.01 -51.01 -4.02
N ASN F 152 21.68 -51.09 -5.30
CA ASN F 152 20.61 -50.27 -5.85
C ASN F 152 19.27 -50.90 -5.51
N VAL F 153 18.34 -50.11 -5.02
CA VAL F 153 17.04 -50.62 -4.61
C VAL F 153 15.96 -49.85 -5.36
N HIS F 154 14.99 -50.59 -5.88
CA HIS F 154 13.82 -49.98 -6.51
C HIS F 154 12.60 -50.49 -5.76
N ILE F 155 11.74 -49.59 -5.31
CA ILE F 155 10.48 -50.00 -4.72
C ILE F 155 9.37 -49.54 -5.67
N ASP F 156 9.00 -50.42 -6.58
CA ASP F 156 8.03 -50.13 -7.65
C ASP F 156 6.61 -50.37 -7.18
N ARG F 157 6.14 -49.48 -6.30
CA ARG F 157 4.75 -49.47 -5.87
C ARG F 157 4.45 -48.09 -5.31
N PRO F 158 3.16 -47.70 -5.24
CA PRO F 158 2.83 -46.43 -4.60
C PRO F 158 3.13 -46.49 -3.12
N LEU F 159 4.14 -45.76 -2.70
CA LEU F 159 4.68 -45.92 -1.38
C LEU F 159 4.62 -44.63 -0.57
N LEU F 160 4.74 -43.50 -1.24
CA LEU F 160 4.67 -42.19 -0.62
C LEU F 160 3.62 -41.36 -1.32
N ARG F 161 3.14 -40.32 -0.63
CA ARG F 161 2.26 -39.34 -1.24
C ARG F 161 2.31 -38.03 -0.46
N ILE F 162 2.40 -36.92 -1.17
CA ILE F 162 2.25 -35.60 -0.55
C ILE F 162 0.82 -35.15 -0.82
N PRO F 163 -0.07 -35.17 0.17
CA PRO F 163 -1.46 -34.81 -0.09
C PRO F 163 -1.72 -33.33 0.09
N THR F 164 -2.62 -32.79 -0.73
CA THR F 164 -3.03 -31.41 -0.57
C THR F 164 -4.08 -31.29 0.53
N LEU F 165 -4.28 -30.07 1.00
CA LEU F 165 -5.43 -29.77 1.83
C LEU F 165 -6.66 -29.77 0.95
N ALA F 166 -7.80 -30.18 1.52
CA ALA F 166 -9.06 -30.14 0.80
C ALA F 166 -9.48 -28.70 0.52
N ILE F 167 -10.28 -28.52 -0.53
CA ILE F 167 -10.61 -27.18 -0.98
C ILE F 167 -11.64 -26.53 -0.05
N HIS F 168 -12.32 -27.32 0.78
CA HIS F 168 -13.30 -26.76 1.69
C HIS F 168 -12.62 -25.99 2.80
N LEU F 169 -11.40 -26.38 3.13
CA LEU F 169 -10.68 -25.88 4.27
C LEU F 169 -9.82 -24.67 3.95
N ASP F 170 -9.56 -24.45 2.67
CA ASP F 170 -8.86 -23.28 2.17
C ASP F 170 -9.33 -23.04 0.74
N PRO F 171 -10.40 -22.27 0.54
CA PRO F 171 -10.85 -21.99 -0.83
C PRO F 171 -9.94 -21.07 -1.60
N SER F 172 -9.00 -20.41 -0.94
CA SER F 172 -8.05 -19.53 -1.60
C SER F 172 -6.99 -20.26 -2.40
N ALA F 173 -6.93 -21.59 -2.30
CA ALA F 173 -5.94 -22.36 -3.04
C ALA F 173 -6.21 -22.33 -4.53
N ASN F 174 -7.47 -22.15 -4.93
CA ASN F 174 -7.77 -22.05 -6.35
C ASN F 174 -7.36 -20.71 -6.92
N SER F 175 -7.31 -19.66 -6.10
CA SER F 175 -6.84 -18.37 -6.57
C SER F 175 -5.34 -18.39 -6.81
N SER F 176 -4.59 -18.89 -5.84
CA SER F 176 -3.13 -18.99 -5.97
C SER F 176 -2.65 -20.04 -4.98
N PHE F 177 -1.99 -21.07 -5.47
CA PHE F 177 -1.54 -22.16 -4.62
C PHE F 177 -0.11 -21.91 -4.17
N SER F 178 0.08 -21.75 -2.86
CA SER F 178 1.39 -21.62 -2.27
C SER F 178 1.47 -22.52 -1.05
N PHE F 179 2.69 -22.96 -0.73
CA PHE F 179 2.85 -23.92 0.35
C PHE F 179 4.23 -23.77 0.95
N ASN F 180 4.33 -23.97 2.26
CA ASN F 180 5.62 -23.91 2.94
C ASN F 180 6.41 -25.17 2.64
N MET F 181 7.69 -25.01 2.39
CA MET F 181 8.50 -26.03 1.74
C MET F 181 8.98 -27.11 2.72
N GLU F 182 9.01 -26.84 4.03
CA GLU F 182 8.93 -27.90 5.05
C GLU F 182 7.53 -28.34 5.36
N THR F 183 6.81 -27.52 6.09
CA THR F 183 5.71 -27.97 6.94
C THR F 183 4.54 -28.50 6.16
N GLU F 184 4.37 -28.06 4.91
CA GLU F 184 3.30 -28.53 4.08
C GLU F 184 3.75 -29.40 2.92
N PHE F 185 5.03 -29.77 2.86
CA PHE F 185 5.56 -30.60 1.79
C PHE F 185 6.20 -31.87 2.33
N VAL F 186 5.53 -32.55 3.27
CA VAL F 186 6.06 -33.75 3.88
C VAL F 186 5.25 -34.94 3.35
N PRO F 187 5.86 -35.87 2.63
CA PRO F 187 5.12 -37.04 2.15
C PRO F 187 4.80 -38.02 3.27
N LEU F 188 3.84 -38.88 2.98
CA LEU F 188 3.30 -39.83 3.95
C LEU F 188 3.65 -41.24 3.53
N ILE F 189 4.32 -41.96 4.43
CA ILE F 189 4.69 -43.34 4.17
C ILE F 189 3.66 -44.33 4.71
N GLY F 190 2.97 -44.00 5.80
CA GLY F 190 1.97 -44.91 6.31
C GLY F 190 1.38 -44.44 7.62
N LEU F 191 0.72 -45.37 8.30
CA LEU F 191 0.02 -45.11 9.55
C LEU F 191 0.73 -45.88 10.65
N GLU F 192 0.88 -45.26 11.82
CA GLU F 192 1.61 -45.93 12.88
C GLU F 192 0.72 -46.69 13.84
N ASN F 193 -0.59 -46.71 13.62
CA ASN F 193 -1.47 -47.45 14.51
C ASN F 193 -1.42 -48.94 14.29
N GLU F 194 -0.76 -49.40 13.23
CA GLU F 194 -0.82 -50.79 12.81
C GLU F 194 0.56 -51.40 12.65
N LEU F 195 1.59 -50.75 13.18
CA LEU F 195 2.93 -51.33 13.24
C LEU F 195 3.30 -51.75 14.66
N ALA F 196 2.32 -52.11 15.47
CA ALA F 196 2.54 -52.26 16.91
C ALA F 196 2.99 -53.68 17.26
N LYS F 197 3.80 -54.27 16.37
CA LYS F 197 4.42 -55.56 16.65
C LYS F 197 5.30 -55.49 17.90
N GLU F 198 6.04 -54.40 18.06
CA GLU F 198 6.71 -54.09 19.32
C GLU F 198 6.46 -52.63 19.64
N GLU F 199 5.93 -52.37 20.82
CA GLU F 199 5.65 -51.00 21.28
C GLU F 199 6.78 -50.47 22.16
N THR F 200 8.02 -50.56 21.68
CA THR F 200 9.18 -50.02 22.39
C THR F 200 10.07 -49.32 21.37
N SER F 201 11.18 -48.78 21.86
CA SER F 201 12.18 -48.16 21.00
C SER F 201 13.54 -48.82 21.11
N ASP F 202 13.95 -49.19 22.33
CA ASP F 202 15.19 -49.89 22.71
C ASP F 202 16.45 -49.04 22.52
N ASN F 203 16.30 -47.85 21.95
CA ASN F 203 17.30 -46.81 21.77
C ASN F 203 16.58 -45.57 21.28
N GLY F 204 16.95 -44.42 21.81
CA GLY F 204 16.25 -43.19 21.48
C GLY F 204 16.56 -42.72 20.08
N ASP F 205 15.52 -42.48 19.27
CA ASP F 205 15.58 -41.74 18.01
C ASP F 205 16.49 -42.41 16.97
N LYS F 206 16.02 -43.55 16.49
CA LYS F 206 16.54 -44.13 15.26
C LYS F 206 16.42 -43.15 14.10
N TYR F 207 17.34 -43.27 13.14
CA TYR F 207 17.41 -42.29 12.05
C TYR F 207 16.23 -42.40 11.12
N HIS F 208 15.78 -43.60 10.83
CA HIS F 208 14.68 -43.81 9.91
C HIS F 208 13.63 -44.70 10.56
N HIS F 209 12.49 -44.81 9.90
CA HIS F 209 11.45 -45.72 10.37
C HIS F 209 11.94 -47.15 10.24
N PRO F 210 11.81 -47.96 11.30
CA PRO F 210 12.23 -49.36 11.19
C PRO F 210 11.42 -50.15 10.18
N VAL F 211 10.19 -49.75 9.92
CA VAL F 211 9.40 -50.39 8.89
C VAL F 211 9.94 -50.05 7.51
N LEU F 212 10.54 -48.87 7.36
CA LEU F 212 11.15 -48.51 6.09
C LEU F 212 12.45 -49.29 5.86
N LEU F 213 13.22 -49.49 6.92
CA LEU F 213 14.46 -50.25 6.79
C LEU F 213 14.16 -51.72 6.55
N SER F 214 13.03 -52.21 7.06
CA SER F 214 12.65 -53.59 6.81
C SER F 214 12.27 -53.80 5.34
N LEU F 215 11.62 -52.80 4.74
CA LEU F 215 11.26 -52.91 3.33
C LEU F 215 12.48 -52.82 2.44
N LEU F 216 13.42 -51.95 2.80
CA LEU F 216 14.66 -51.84 2.03
C LEU F 216 15.48 -53.10 2.10
N ALA F 217 15.54 -53.72 3.28
CA ALA F 217 16.27 -54.97 3.42
C ALA F 217 15.57 -56.11 2.71
N ASN F 218 14.24 -56.07 2.67
CA ASN F 218 13.49 -57.13 2.00
C ASN F 218 13.58 -57.00 0.50
N GLU F 219 13.61 -55.77 -0.03
CA GLU F 219 13.67 -55.58 -1.46
C GLU F 219 15.05 -55.92 -2.00
N ILE F 220 16.09 -55.66 -1.21
CA ILE F 220 17.44 -56.10 -1.54
C ILE F 220 17.53 -57.62 -1.56
N SER F 221 16.94 -58.27 -0.55
CA SER F 221 17.14 -59.71 -0.38
C SER F 221 16.38 -60.51 -1.42
N LYS F 222 15.48 -59.87 -2.16
CA LYS F 222 14.79 -60.54 -3.26
C LYS F 222 15.74 -60.89 -4.39
N SER F 223 16.79 -60.11 -4.58
CA SER F 223 17.73 -60.32 -5.67
C SER F 223 19.01 -61.02 -5.21
N LEU F 224 19.05 -61.52 -3.99
CA LEU F 224 20.23 -62.20 -3.48
C LEU F 224 19.87 -63.58 -2.99
N GLU F 225 20.88 -64.44 -2.92
CA GLU F 225 20.69 -65.77 -2.36
C GLU F 225 20.49 -65.71 -0.86
N THR F 226 21.26 -64.86 -0.19
CA THR F 226 21.14 -64.71 1.25
C THR F 226 20.07 -63.68 1.58
N THR F 227 19.91 -63.41 2.87
CA THR F 227 19.01 -62.38 3.35
C THR F 227 19.81 -61.28 4.03
N ILE F 228 19.21 -60.10 4.13
CA ILE F 228 19.83 -58.94 4.74
C ILE F 228 18.96 -58.50 5.90
N ASP F 229 19.52 -58.45 7.08
CA ASP F 229 18.76 -57.83 8.15
C ASP F 229 18.87 -56.30 8.08
N PRO F 230 17.87 -55.58 8.58
CA PRO F 230 17.91 -54.11 8.46
C PRO F 230 18.99 -53.45 9.31
N SER F 231 19.56 -54.16 10.28
CA SER F 231 20.60 -53.56 11.12
C SER F 231 21.90 -53.35 10.36
N LYS F 232 22.13 -54.08 9.27
CA LYS F 232 23.36 -53.93 8.52
C LYS F 232 23.29 -52.83 7.47
N ILE F 233 22.16 -52.15 7.34
CA ILE F 233 22.06 -51.01 6.43
C ILE F 233 22.70 -49.81 7.11
N VAL F 234 23.69 -49.21 6.46
CA VAL F 234 24.44 -48.14 7.11
C VAL F 234 23.85 -46.78 6.77
N ASP F 235 23.83 -46.43 5.49
CA ASP F 235 23.33 -45.13 5.06
C ASP F 235 22.90 -45.25 3.61
N PHE F 236 22.03 -44.35 3.15
CA PHE F 236 21.55 -44.42 1.79
C PHE F 236 21.27 -43.02 1.24
N GLU F 237 21.31 -42.91 -0.08
CA GLU F 237 20.55 -41.89 -0.81
C GLU F 237 19.30 -42.56 -1.32
N LEU F 238 18.14 -42.02 -0.97
CA LEU F 238 16.88 -42.51 -1.50
C LEU F 238 16.17 -41.39 -2.23
N ILE F 239 15.76 -41.68 -3.45
CA ILE F 239 15.15 -40.72 -4.35
C ILE F 239 13.66 -41.02 -4.42
N LEU F 240 12.85 -40.00 -4.20
CA LEU F 240 11.44 -40.08 -4.53
C LEU F 240 11.20 -39.70 -5.97
N GLY F 241 10.68 -40.64 -6.75
CA GLY F 241 10.21 -40.35 -8.08
C GLY F 241 8.72 -40.62 -8.14
N ASP F 242 8.15 -40.27 -9.30
CA ASP F 242 6.74 -40.52 -9.56
C ASP F 242 6.69 -42.03 -9.75
N ALA F 243 5.76 -42.68 -9.06
CA ALA F 243 5.67 -44.14 -9.11
C ALA F 243 5.05 -44.65 -10.40
N GLU F 244 4.51 -43.76 -11.22
CA GLU F 244 3.71 -44.22 -12.34
C GLU F 244 4.54 -44.36 -13.60
N LYS F 245 4.36 -45.51 -14.26
CA LYS F 245 5.13 -45.88 -15.44
C LYS F 245 4.96 -44.87 -16.57
N ALA F 246 6.05 -44.65 -17.29
CA ALA F 246 6.01 -43.85 -18.49
C ALA F 246 5.33 -44.62 -19.62
N ARG F 247 4.46 -43.92 -20.34
CA ARG F 247 3.73 -44.53 -21.44
C ARG F 247 3.27 -43.47 -22.41
N LEU F 248 3.01 -43.90 -23.63
CA LEU F 248 2.73 -43.00 -24.73
C LEU F 248 1.34 -42.39 -24.58
N GLY F 249 1.21 -41.11 -24.93
CA GLY F 249 -0.04 -40.40 -24.77
C GLY F 249 -0.40 -39.64 -26.03
N GLY F 250 -1.62 -39.13 -26.03
CA GLY F 250 -2.13 -38.39 -27.15
C GLY F 250 -3.14 -39.18 -27.96
N ILE F 251 -3.77 -38.49 -28.91
CA ILE F 251 -4.79 -39.11 -29.74
C ILE F 251 -4.17 -40.14 -30.68
N HIS F 252 -2.91 -39.96 -31.05
CA HIS F 252 -2.23 -40.82 -32.00
C HIS F 252 -0.96 -41.41 -31.42
N GLU F 253 -0.84 -41.40 -30.08
CA GLU F 253 0.36 -41.80 -29.34
C GLU F 253 1.59 -41.03 -29.82
N GLU F 254 1.42 -39.74 -30.06
CA GLU F 254 2.51 -38.89 -30.49
C GLU F 254 3.20 -38.18 -29.35
N PHE F 255 2.76 -38.38 -28.12
CA PHE F 255 3.39 -37.80 -26.96
C PHE F 255 3.99 -38.89 -26.09
N VAL F 256 4.97 -38.51 -25.28
CA VAL F 256 5.54 -39.40 -24.26
C VAL F 256 5.33 -38.74 -22.92
N PHE F 257 4.51 -39.36 -22.08
CA PHE F 257 4.25 -38.86 -20.74
C PHE F 257 5.16 -39.63 -19.81
N SER F 258 6.07 -38.92 -19.15
CA SER F 258 7.10 -39.62 -18.39
C SER F 258 7.64 -38.75 -17.27
N PRO F 259 8.02 -39.33 -16.15
CA PRO F 259 8.87 -38.62 -15.21
C PRO F 259 10.30 -38.62 -15.71
N ARG F 260 11.08 -37.67 -15.19
CA ARG F 260 12.52 -37.56 -15.43
C ARG F 260 12.87 -37.43 -16.90
N LEU F 261 12.10 -36.62 -17.62
CA LEU F 261 12.35 -36.39 -19.03
C LEU F 261 13.58 -35.49 -19.19
N ASP F 262 13.99 -34.85 -18.10
CA ASP F 262 15.15 -33.96 -18.12
C ASP F 262 16.40 -34.78 -18.41
N ASN F 263 16.74 -34.85 -19.70
CA ASN F 263 17.89 -35.61 -20.20
C ASN F 263 17.88 -37.12 -20.16
N LEU F 264 17.06 -37.78 -19.32
CA LEU F 264 16.90 -39.22 -19.45
C LEU F 264 16.62 -39.52 -20.92
N GLY F 265 15.81 -38.67 -21.53
CA GLY F 265 15.47 -38.79 -22.93
C GLY F 265 16.68 -38.64 -23.81
N MET F 266 17.55 -37.67 -23.51
CA MET F 266 18.72 -37.49 -24.35
C MET F 266 19.78 -38.53 -24.02
N THR F 267 19.85 -38.95 -22.75
CA THR F 267 20.78 -40.00 -22.35
C THR F 267 20.44 -41.31 -23.04
N PHE F 268 19.15 -41.57 -23.23
CA PHE F 268 18.75 -42.72 -24.03
C PHE F 268 19.16 -42.54 -25.48
N CYS F 269 18.94 -41.35 -26.03
CA CYS F 269 19.26 -41.13 -27.44
C CYS F 269 20.76 -41.13 -27.69
N ALA F 270 21.55 -40.58 -26.77
CA ALA F 270 22.99 -40.54 -26.97
C ALA F 270 23.60 -41.92 -26.82
N SER F 271 23.11 -42.71 -25.87
CA SER F 271 23.68 -44.03 -25.64
C SER F 271 23.26 -45.02 -26.71
N GLN F 272 22.01 -44.92 -27.18
CA GLN F 272 21.56 -45.81 -28.24
C GLN F 272 22.29 -45.53 -29.54
N ALA F 273 22.52 -44.26 -29.84
CA ALA F 273 23.14 -43.92 -31.10
C ALA F 273 24.65 -44.15 -31.08
N LEU F 274 25.25 -44.23 -29.89
CA LEU F 274 26.63 -44.67 -29.80
C LEU F 274 26.73 -46.13 -30.20
N THR F 275 25.80 -46.96 -29.76
CA THR F 275 25.79 -48.35 -30.16
C THR F 275 25.28 -48.53 -31.57
N LYS F 276 24.36 -47.66 -32.00
CA LYS F 276 23.88 -47.72 -33.38
C LYS F 276 24.93 -47.27 -34.38
N SER F 277 25.91 -46.48 -33.94
CA SER F 277 27.00 -46.10 -34.81
C SER F 277 28.14 -47.10 -34.80
N LEU F 278 27.86 -48.36 -34.51
CA LEU F 278 28.83 -49.44 -34.63
C LEU F 278 28.27 -50.61 -35.42
N GLU F 279 27.19 -50.39 -36.17
CA GLU F 279 26.37 -51.52 -36.62
C GLU F 279 27.04 -52.28 -37.77
N ASN F 280 27.30 -51.61 -38.90
CA ASN F 280 27.84 -52.38 -40.02
C ASN F 280 29.31 -52.65 -39.81
N ASN F 281 30.14 -51.62 -40.03
CA ASN F 281 31.47 -51.44 -39.42
C ASN F 281 31.72 -49.95 -39.53
N SER F 282 31.42 -49.19 -38.49
CA SER F 282 31.80 -47.79 -38.55
C SER F 282 33.18 -47.59 -37.97
N LEU F 283 33.48 -48.34 -36.91
CA LEU F 283 34.87 -48.65 -36.61
C LEU F 283 35.41 -49.57 -37.70
N ASP F 284 36.73 -49.61 -37.82
CA ASP F 284 37.62 -50.05 -38.90
C ASP F 284 37.72 -48.99 -39.98
N ASN F 285 36.99 -47.89 -39.87
CA ASN F 285 37.19 -46.75 -40.76
C ASN F 285 37.16 -45.44 -39.99
N GLU F 286 36.94 -45.47 -38.68
CA GLU F 286 36.80 -44.28 -37.89
C GLU F 286 38.17 -43.82 -37.40
N SER F 287 38.44 -42.53 -37.54
CA SER F 287 39.70 -41.95 -37.11
C SER F 287 39.58 -41.15 -35.82
N CYS F 288 38.39 -41.06 -35.23
CA CYS F 288 38.18 -40.31 -34.00
C CYS F 288 37.71 -41.26 -32.90
N VAL F 289 37.40 -40.67 -31.76
CA VAL F 289 36.88 -41.41 -30.60
C VAL F 289 35.50 -40.85 -30.28
N ARG F 290 34.51 -41.73 -30.23
CA ARG F 290 33.13 -41.33 -30.00
C ARG F 290 32.79 -41.51 -28.53
N VAL F 291 32.61 -40.40 -27.82
CA VAL F 291 32.44 -40.39 -26.38
C VAL F 291 31.01 -40.00 -26.05
N VAL F 292 30.39 -40.75 -25.15
CA VAL F 292 29.11 -40.37 -24.56
C VAL F 292 29.27 -40.32 -23.05
N PRO F 293 29.50 -39.15 -22.49
CA PRO F 293 29.47 -39.00 -21.04
C PRO F 293 28.07 -38.67 -20.54
N SER F 294 27.59 -39.44 -19.58
CA SER F 294 26.32 -39.17 -18.94
C SER F 294 26.62 -38.76 -17.51
N PHE F 295 26.47 -37.48 -17.22
CA PHE F 295 26.94 -36.93 -15.96
C PHE F 295 25.84 -36.98 -14.91
N ASP F 296 26.16 -36.42 -13.75
CA ASP F 296 25.27 -36.38 -12.59
C ASP F 296 25.32 -34.96 -12.07
N HIS F 297 24.34 -34.60 -11.23
CA HIS F 297 24.30 -33.35 -10.47
C HIS F 297 24.22 -32.10 -11.35
N GLU F 298 23.57 -32.19 -12.52
CA GLU F 298 23.50 -31.05 -13.43
C GLU F 298 22.39 -30.02 -13.15
N GLU F 299 21.47 -30.39 -12.28
CA GLU F 299 20.32 -29.56 -11.89
C GLU F 299 20.64 -28.56 -10.79
N ILE F 300 21.83 -28.64 -10.22
CA ILE F 300 22.35 -27.82 -9.15
C ILE F 300 23.65 -27.15 -9.56
N GLY F 301 24.16 -27.49 -10.74
CA GLY F 301 25.27 -26.75 -11.32
C GLY F 301 26.54 -27.52 -11.55
N SER F 302 26.51 -28.86 -11.44
CA SER F 302 27.59 -29.78 -11.79
C SER F 302 28.84 -29.62 -10.92
N VAL F 303 28.75 -28.90 -9.81
CA VAL F 303 29.91 -28.69 -8.95
C VAL F 303 29.94 -29.86 -7.98
N SER F 304 30.57 -30.95 -8.41
CA SER F 304 30.68 -32.15 -7.58
C SER F 304 31.88 -32.96 -8.05
N ALA F 305 32.07 -34.12 -7.44
CA ALA F 305 33.20 -34.96 -7.82
C ALA F 305 32.90 -35.77 -9.07
N GLN F 306 31.63 -36.02 -9.37
CA GLN F 306 31.25 -36.77 -10.55
C GLN F 306 30.42 -35.95 -11.52
N GLY F 307 30.28 -34.65 -11.29
CA GLY F 307 29.50 -33.82 -12.16
C GLY F 307 30.23 -33.50 -13.45
N ALA F 308 29.57 -32.70 -14.28
CA ALA F 308 30.17 -32.32 -15.55
C ALA F 308 31.33 -31.36 -15.34
N GLU F 309 31.26 -30.52 -14.33
CA GLU F 309 32.32 -29.57 -14.03
C GLU F 309 33.47 -30.22 -13.26
N SER F 310 33.35 -31.51 -12.95
CA SER F 310 34.45 -32.24 -12.32
C SER F 310 35.55 -32.52 -13.33
N THR F 311 36.59 -33.23 -12.87
CA THR F 311 37.65 -33.65 -13.78
C THR F 311 37.34 -34.96 -14.48
N PHE F 312 36.10 -35.47 -14.39
CA PHE F 312 35.79 -36.79 -14.90
C PHE F 312 35.95 -36.87 -16.41
N LEU F 313 35.36 -35.95 -17.14
CA LEU F 313 35.60 -35.92 -18.59
C LEU F 313 37.02 -35.54 -18.96
N PRO F 314 37.66 -34.49 -18.41
CA PRO F 314 39.06 -34.22 -18.82
C PRO F 314 40.07 -35.29 -18.45
N ALA F 315 39.90 -36.01 -17.34
CA ALA F 315 40.89 -37.02 -17.00
C ALA F 315 40.75 -38.24 -17.89
N VAL F 316 39.52 -38.57 -18.30
CA VAL F 316 39.32 -39.69 -19.21
C VAL F 316 39.89 -39.36 -20.58
N LEU F 317 39.71 -38.12 -21.04
CA LEU F 317 40.25 -37.72 -22.34
C LEU F 317 41.77 -37.65 -22.32
N GLN F 318 42.35 -37.26 -21.19
CA GLN F 318 43.81 -37.27 -21.10
C GLN F 318 44.36 -38.68 -21.05
N ARG F 319 43.67 -39.59 -20.38
CA ARG F 319 44.15 -40.96 -20.29
C ARG F 319 44.06 -41.66 -21.64
N ILE F 320 43.07 -41.28 -22.46
CA ILE F 320 43.03 -41.76 -23.84
C ILE F 320 44.16 -41.15 -24.64
N CYS F 321 44.40 -39.85 -24.45
CA CYS F 321 45.45 -39.17 -25.17
C CYS F 321 46.85 -39.51 -24.66
N GLU F 322 46.95 -40.16 -23.51
CA GLU F 322 48.27 -40.55 -23.02
C GLU F 322 48.75 -41.86 -23.58
N LEU F 323 48.05 -42.45 -24.54
CA LEU F 323 48.62 -43.57 -25.27
C LEU F 323 49.78 -43.11 -26.13
N GLY F 324 49.71 -41.91 -26.68
CA GLY F 324 50.85 -41.33 -27.35
C GLY F 324 51.90 -40.86 -26.37
N LYS F 325 53.09 -40.62 -26.90
CA LYS F 325 54.21 -40.26 -26.03
C LYS F 325 54.38 -38.76 -25.87
N GLU F 326 53.95 -37.97 -26.84
CA GLU F 326 54.04 -36.52 -26.74
C GLU F 326 53.01 -36.02 -25.73
N SER F 327 53.43 -35.13 -24.85
CA SER F 327 52.57 -34.62 -23.80
C SER F 327 51.62 -33.54 -24.29
N SER F 328 51.84 -33.00 -25.48
CA SER F 328 50.99 -31.95 -26.02
C SER F 328 49.80 -32.47 -26.80
N LEU F 329 49.63 -33.79 -26.86
CA LEU F 329 48.62 -34.37 -27.75
C LEU F 329 47.21 -34.12 -27.24
N PHE F 330 47.04 -33.85 -25.94
CA PHE F 330 45.70 -33.58 -25.43
C PHE F 330 45.17 -32.26 -25.95
N SER F 331 46.00 -31.21 -25.89
CA SER F 331 45.55 -29.90 -26.34
C SER F 331 45.42 -29.84 -27.85
N ILE F 332 46.20 -30.66 -28.56
CA ILE F 332 46.05 -30.78 -30.00
C ILE F 332 44.72 -31.44 -30.35
N SER F 333 44.35 -32.47 -29.59
CA SER F 333 43.13 -33.22 -29.89
C SER F 333 41.87 -32.41 -29.60
N MET F 334 41.95 -31.43 -28.71
CA MET F 334 40.76 -30.69 -28.32
C MET F 334 40.29 -29.76 -29.43
N VAL F 335 41.22 -29.17 -30.18
CA VAL F 335 40.81 -28.25 -31.22
C VAL F 335 40.34 -28.98 -32.47
N LYS F 336 40.62 -30.28 -32.57
CA LYS F 336 40.03 -31.09 -33.63
C LYS F 336 38.74 -31.76 -33.20
N SER F 337 38.27 -31.49 -31.99
CA SER F 337 37.14 -32.19 -31.41
C SER F 337 35.88 -31.34 -31.42
N PHE F 338 34.77 -31.97 -31.04
CA PHE F 338 33.49 -31.29 -30.98
C PHE F 338 32.63 -31.91 -29.89
N LEU F 339 31.92 -31.05 -29.16
CA LEU F 339 31.03 -31.47 -28.09
C LEU F 339 29.59 -31.19 -28.48
N VAL F 340 28.69 -32.10 -28.13
CA VAL F 340 27.27 -31.88 -28.28
C VAL F 340 26.68 -32.05 -26.89
N SER F 341 26.25 -30.95 -26.30
CA SER F 341 25.62 -31.02 -24.98
C SER F 341 24.15 -31.33 -25.19
N ALA F 342 23.81 -32.61 -25.11
CA ALA F 342 22.45 -33.02 -25.39
C ALA F 342 21.56 -32.79 -24.18
N ASP F 343 20.93 -31.63 -24.12
CA ASP F 343 20.00 -31.35 -23.04
C ASP F 343 18.70 -30.80 -23.61
N MET F 344 17.58 -31.23 -23.03
CA MET F 344 16.28 -31.03 -23.63
C MET F 344 15.88 -29.57 -23.73
N ALA F 345 15.10 -29.26 -24.76
CA ALA F 345 14.72 -27.90 -25.09
C ALA F 345 13.25 -27.66 -24.80
N HIS F 346 12.93 -26.38 -24.65
CA HIS F 346 11.55 -25.98 -24.38
C HIS F 346 10.76 -25.97 -25.68
N ALA F 347 9.71 -26.77 -25.74
CA ALA F 347 8.81 -26.75 -26.88
C ALA F 347 7.83 -25.59 -26.75
N MET F 348 7.00 -25.42 -27.76
CA MET F 348 6.02 -24.33 -27.71
C MET F 348 4.84 -24.74 -26.85
N HIS F 349 4.55 -23.96 -25.82
CA HIS F 349 3.39 -24.22 -24.99
C HIS F 349 2.24 -23.41 -25.51
N PRO F 350 1.16 -24.03 -25.99
CA PRO F 350 0.07 -23.26 -26.59
C PRO F 350 -0.69 -22.42 -25.59
N ASN F 351 -0.66 -22.81 -24.34
CA ASN F 351 -1.37 -22.09 -23.31
C ASN F 351 -0.57 -20.94 -22.72
N TYR F 352 0.74 -20.92 -22.95
CA TYR F 352 1.60 -19.89 -22.38
C TYR F 352 2.42 -19.26 -23.49
N SER F 353 1.76 -18.88 -24.58
CA SER F 353 2.46 -18.44 -25.78
C SER F 353 3.16 -17.11 -25.59
N SER F 354 2.71 -16.31 -24.62
CA SER F 354 3.37 -15.04 -24.37
C SER F 354 4.71 -15.19 -23.67
N ARG F 355 5.07 -16.37 -23.19
CA ARG F 355 6.31 -16.56 -22.47
C ARG F 355 7.36 -17.21 -23.37
N TYR F 356 7.24 -16.96 -24.67
CA TYR F 356 8.02 -17.55 -25.74
C TYR F 356 8.27 -16.53 -26.81
N GLU F 357 9.40 -16.66 -27.50
CA GLU F 357 9.64 -15.76 -28.61
C GLU F 357 9.00 -16.41 -29.82
N ASN F 358 8.10 -15.67 -30.48
CA ASN F 358 7.11 -16.27 -31.37
C ASN F 358 7.68 -16.83 -32.66
N SER F 359 8.94 -16.54 -32.99
CA SER F 359 9.51 -17.02 -34.23
C SER F 359 10.64 -18.02 -34.06
N ASN F 360 11.29 -18.06 -32.90
CA ASN F 360 12.37 -18.99 -32.64
C ASN F 360 11.99 -19.99 -31.58
N THR F 361 10.78 -20.51 -31.63
CA THR F 361 10.39 -21.51 -30.66
C THR F 361 10.02 -22.78 -31.37
N PRO F 362 10.62 -23.91 -31.03
CA PRO F 362 10.36 -25.15 -31.75
C PRO F 362 9.04 -25.79 -31.37
N PHE F 363 8.75 -26.89 -32.05
CA PHE F 363 7.52 -27.64 -31.86
C PHE F 363 7.84 -29.10 -31.66
N LEU F 364 6.90 -29.81 -31.02
CA LEU F 364 7.07 -31.23 -30.80
C LEU F 364 6.98 -32.00 -32.11
N ASN F 365 7.79 -33.06 -32.19
CA ASN F 365 7.87 -34.00 -33.31
C ASN F 365 8.25 -33.30 -34.61
N LYS F 366 9.03 -32.22 -34.52
CA LYS F 366 9.57 -31.53 -35.67
C LYS F 366 11.08 -31.56 -35.70
N GLY F 367 11.68 -32.51 -35.00
CA GLY F 367 13.12 -32.67 -34.97
C GLY F 367 13.75 -32.07 -33.74
N THR F 368 15.03 -32.38 -33.56
CA THR F 368 15.78 -31.87 -32.43
C THR F 368 16.07 -30.38 -32.61
N VAL F 369 16.49 -29.73 -31.53
CA VAL F 369 16.43 -28.28 -31.42
C VAL F 369 17.83 -27.76 -31.14
N ILE F 370 18.32 -26.84 -31.98
CA ILE F 370 19.59 -26.18 -31.71
C ILE F 370 19.35 -25.01 -30.77
N LYS F 371 19.84 -25.13 -29.54
CA LYS F 371 19.62 -24.11 -28.53
C LYS F 371 20.68 -23.02 -28.64
N VAL F 372 20.26 -21.80 -28.95
CA VAL F 372 21.16 -20.68 -29.19
C VAL F 372 20.85 -19.60 -28.18
N ASN F 373 21.89 -19.08 -27.52
CA ASN F 373 21.71 -17.99 -26.56
C ASN F 373 22.90 -17.06 -26.65
N ALA F 374 22.63 -15.76 -26.72
CA ALA F 374 23.71 -14.77 -26.88
C ALA F 374 24.56 -14.68 -25.63
N ASN F 375 23.94 -14.78 -24.46
CA ASN F 375 24.67 -14.74 -23.20
C ASN F 375 25.39 -16.04 -22.90
N GLN F 376 25.33 -17.01 -23.81
CA GLN F 376 26.06 -18.27 -23.77
C GLN F 376 25.70 -19.08 -22.54
N ARG F 377 24.45 -18.95 -22.11
CA ARG F 377 23.86 -19.98 -21.26
C ARG F 377 23.76 -21.28 -22.04
N TYR F 378 23.42 -21.19 -23.32
CA TYR F 378 23.69 -22.22 -24.30
C TYR F 378 24.82 -21.72 -25.18
N THR F 379 25.85 -22.53 -25.34
CA THR F 379 27.13 -22.11 -25.89
C THR F 379 27.28 -22.39 -27.38
N THR F 380 26.17 -22.38 -28.11
CA THR F 380 26.16 -22.61 -29.54
C THR F 380 26.69 -21.39 -30.30
N ASN F 381 27.71 -21.60 -31.12
CA ASN F 381 28.17 -20.59 -32.06
C ASN F 381 27.87 -21.07 -33.48
N SER F 382 28.25 -20.25 -34.47
CA SER F 382 27.93 -20.55 -35.86
C SER F 382 28.74 -21.71 -36.38
N ALA F 383 29.94 -21.92 -35.85
CA ALA F 383 30.79 -23.02 -36.29
C ALA F 383 30.15 -24.36 -35.94
N GLY F 384 29.41 -24.41 -34.85
CA GLY F 384 28.69 -25.62 -34.53
C GLY F 384 27.45 -25.80 -35.37
N ILE F 385 26.79 -24.70 -35.74
CA ILE F 385 25.53 -24.78 -36.48
C ILE F 385 25.76 -25.33 -37.87
N VAL F 386 26.84 -24.91 -38.52
CA VAL F 386 27.15 -25.39 -39.87
C VAL F 386 27.48 -26.87 -39.83
N LEU F 387 28.15 -27.32 -38.77
CA LEU F 387 28.48 -28.74 -38.65
C LEU F 387 27.23 -29.58 -38.47
N LEU F 388 26.33 -29.17 -37.58
CA LEU F 388 25.13 -29.96 -37.34
C LEU F 388 24.03 -29.70 -38.33
N LYS F 389 24.13 -28.68 -39.17
CA LYS F 389 23.24 -28.61 -40.32
C LYS F 389 23.71 -29.57 -41.40
N LYS F 390 25.02 -29.76 -41.51
CA LYS F 390 25.54 -30.74 -42.45
C LYS F 390 25.25 -32.17 -41.99
N VAL F 391 25.26 -32.39 -40.68
CA VAL F 391 24.93 -33.70 -40.14
C VAL F 391 23.46 -34.02 -40.38
N ALA F 392 22.59 -33.02 -40.18
CA ALA F 392 21.16 -33.22 -40.41
C ALA F 392 20.87 -33.37 -41.90
N GLN F 393 21.68 -32.74 -42.74
CA GLN F 393 21.55 -32.97 -44.18
C GLN F 393 21.93 -34.39 -44.55
N LEU F 394 22.94 -34.94 -43.90
CA LEU F 394 23.36 -36.31 -44.19
C LEU F 394 22.37 -37.30 -43.61
N ALA F 395 21.84 -37.04 -42.43
CA ALA F 395 20.92 -37.96 -41.79
C ALA F 395 19.50 -37.84 -42.32
N ASP F 396 19.20 -36.76 -43.04
CA ASP F 396 17.86 -36.43 -43.53
C ASP F 396 16.85 -36.38 -42.38
N VAL F 397 17.15 -35.56 -41.39
CA VAL F 397 16.22 -35.32 -40.28
C VAL F 397 16.07 -33.81 -40.13
N PRO F 398 14.91 -33.31 -39.70
CA PRO F 398 14.78 -31.87 -39.50
C PRO F 398 15.41 -31.44 -38.19
N ILE F 399 15.87 -30.20 -38.15
CA ILE F 399 16.34 -29.57 -36.92
C ILE F 399 15.68 -28.22 -36.79
N GLN F 400 15.47 -27.79 -35.55
CA GLN F 400 14.87 -26.51 -35.22
C GLN F 400 15.84 -25.70 -34.38
N SER F 401 15.42 -24.49 -34.01
CA SER F 401 16.25 -23.60 -33.22
C SER F 401 15.42 -23.00 -32.09
N PHE F 402 16.09 -22.64 -31.01
CA PHE F 402 15.45 -22.06 -29.85
C PHE F 402 16.26 -20.90 -29.33
N VAL F 403 15.60 -19.80 -28.99
CA VAL F 403 16.15 -18.78 -28.13
C VAL F 403 15.12 -18.49 -27.07
N VAL F 404 15.58 -17.89 -25.98
CA VAL F 404 14.67 -17.45 -24.94
C VAL F 404 14.21 -16.03 -25.28
N ARG F 405 13.16 -15.59 -24.61
CA ARG F 405 12.82 -14.18 -24.69
C ARG F 405 13.86 -13.35 -23.96
N ASN F 406 14.02 -12.11 -24.42
CA ASN F 406 14.99 -11.19 -23.86
C ASN F 406 14.56 -10.69 -22.49
N ASP F 407 13.27 -10.73 -22.19
CA ASP F 407 12.79 -10.40 -20.85
C ASP F 407 12.62 -11.65 -20.00
N SER F 408 13.36 -12.71 -20.31
CA SER F 408 13.26 -13.97 -19.62
C SER F 408 14.65 -14.43 -19.19
N PRO F 409 14.77 -15.00 -18.00
CA PRO F 409 16.06 -15.56 -17.59
C PRO F 409 16.33 -16.86 -18.31
N CYS F 410 17.61 -17.21 -18.37
CA CYS F 410 18.04 -18.46 -18.98
C CYS F 410 19.03 -19.15 -18.06
N GLY F 411 18.91 -20.47 -17.95
CA GLY F 411 19.79 -21.26 -17.10
C GLY F 411 20.85 -21.96 -17.94
N SER F 412 22.08 -21.93 -17.44
CA SER F 412 23.18 -22.57 -18.14
C SER F 412 23.06 -24.09 -18.08
N THR F 413 23.47 -24.73 -19.15
CA THR F 413 23.59 -26.18 -19.19
C THR F 413 25.04 -26.56 -18.88
N ILE F 414 25.36 -27.84 -19.06
CA ILE F 414 26.73 -28.28 -18.83
C ILE F 414 27.63 -27.91 -19.99
N GLY F 415 27.06 -27.55 -21.13
CA GLY F 415 27.79 -27.22 -22.33
C GLY F 415 28.77 -26.07 -22.23
N PRO F 416 28.38 -24.92 -21.66
CA PRO F 416 29.35 -23.84 -21.46
C PRO F 416 30.55 -24.21 -20.59
N LYS F 417 30.35 -25.01 -19.55
CA LYS F 417 31.45 -25.21 -18.63
C LYS F 417 32.30 -26.39 -19.07
N LEU F 418 31.70 -27.36 -19.75
CA LEU F 418 32.47 -28.42 -20.38
C LEU F 418 33.30 -27.88 -21.53
N ALA F 419 32.82 -26.82 -22.19
CA ALA F 419 33.63 -26.13 -23.17
C ALA F 419 34.85 -25.47 -22.53
N ALA F 420 34.67 -24.97 -21.31
CA ALA F 420 35.75 -24.24 -20.65
C ALA F 420 36.88 -25.17 -20.24
N MET F 421 36.56 -26.32 -19.66
CA MET F 421 37.63 -27.20 -19.18
C MET F 421 38.28 -28.00 -20.28
N THR F 422 37.71 -27.99 -21.48
CA THR F 422 38.30 -28.71 -22.59
C THR F 422 38.80 -27.80 -23.70
N GLY F 423 38.25 -26.60 -23.84
CA GLY F 423 38.60 -25.78 -24.98
C GLY F 423 38.00 -26.29 -26.27
N MET F 424 36.94 -27.06 -26.18
CA MET F 424 36.43 -27.82 -27.30
C MET F 424 35.27 -27.07 -27.92
N ARG F 425 35.23 -27.06 -29.26
CA ARG F 425 34.10 -26.46 -29.96
C ARG F 425 32.84 -27.23 -29.65
N THR F 426 31.73 -26.53 -29.49
CA THR F 426 30.57 -27.17 -28.89
C THR F 426 29.27 -26.51 -29.31
N LEU F 427 28.21 -27.30 -29.19
CA LEU F 427 26.85 -26.86 -29.46
C LEU F 427 25.94 -27.47 -28.40
N ASP F 428 24.93 -26.72 -28.00
CA ASP F 428 23.91 -27.22 -27.08
C ASP F 428 22.67 -27.53 -27.88
N LEU F 429 22.29 -28.81 -27.94
CA LEU F 429 21.04 -29.17 -28.58
C LEU F 429 20.24 -30.06 -27.66
N GLY F 430 19.02 -30.36 -28.09
CA GLY F 430 18.17 -31.27 -27.36
C GLY F 430 16.82 -31.38 -28.03
N ASN F 431 16.06 -32.33 -27.59
CA ASN F 431 14.76 -32.54 -28.19
C ASN F 431 13.71 -31.70 -27.47
N PRO F 432 12.69 -31.22 -28.17
CA PRO F 432 11.72 -30.31 -27.53
C PRO F 432 10.80 -31.05 -26.58
N MET F 433 10.36 -30.33 -25.56
CA MET F 433 9.47 -30.88 -24.55
C MET F 433 8.78 -29.74 -23.82
N LEU F 434 7.69 -30.09 -23.14
CA LEU F 434 6.97 -29.15 -22.29
C LEU F 434 7.00 -29.61 -20.84
N SER F 435 6.81 -28.65 -19.95
CA SER F 435 6.82 -28.82 -18.49
C SER F 435 8.13 -29.45 -18.02
N MET F 436 9.23 -28.73 -18.28
CA MET F 436 10.53 -29.20 -17.83
C MET F 436 10.62 -29.01 -16.31
N HIS F 437 11.30 -29.97 -15.66
CA HIS F 437 11.44 -30.08 -14.21
C HIS F 437 10.11 -30.24 -13.50
N SER F 438 9.14 -30.85 -14.17
CA SER F 438 7.91 -31.25 -13.52
C SER F 438 8.04 -32.67 -13.01
N CYS F 439 7.04 -33.09 -12.24
CA CYS F 439 7.02 -34.47 -11.75
C CYS F 439 6.71 -35.43 -12.90
N ARG F 440 5.84 -35.03 -13.81
CA ARG F 440 5.55 -35.77 -15.02
C ARG F 440 5.71 -34.82 -16.20
N GLU F 441 6.36 -35.30 -17.25
CA GLU F 441 6.89 -34.44 -18.30
C GLU F 441 6.42 -34.97 -19.65
N MET F 442 6.30 -34.08 -20.63
CA MET F 442 5.74 -34.43 -21.93
C MET F 442 6.67 -34.03 -23.06
N CYS F 443 6.92 -34.97 -23.96
CA CYS F 443 7.70 -34.71 -25.18
C CYS F 443 7.09 -35.52 -26.32
N GLY F 444 7.55 -35.26 -27.54
CA GLY F 444 7.06 -35.98 -28.68
C GLY F 444 7.70 -37.35 -28.82
N SER F 445 7.02 -38.24 -29.55
CA SER F 445 7.50 -39.61 -29.67
C SER F 445 8.32 -39.84 -30.93
N LYS F 446 8.07 -39.06 -31.98
CA LYS F 446 8.94 -39.13 -33.16
C LYS F 446 10.30 -38.55 -32.86
N ASP F 447 10.39 -37.69 -31.85
CA ASP F 447 11.61 -36.96 -31.55
C ASP F 447 12.72 -37.88 -31.04
N PHE F 448 12.38 -39.05 -30.50
CA PHE F 448 13.42 -39.97 -30.03
C PHE F 448 14.16 -40.60 -31.20
N GLU F 449 13.43 -40.96 -32.25
CA GLU F 449 14.05 -41.57 -33.42
C GLU F 449 14.86 -40.55 -34.21
N TYR F 450 14.39 -39.30 -34.23
CA TYR F 450 15.11 -38.25 -34.94
C TYR F 450 16.44 -37.94 -34.28
N ALA F 451 16.48 -38.04 -32.95
CA ALA F 451 17.73 -37.74 -32.24
C ALA F 451 18.75 -38.83 -32.43
N VAL F 452 18.30 -40.08 -32.44
CA VAL F 452 19.22 -41.22 -32.55
C VAL F 452 19.82 -41.26 -33.95
N VAL F 453 19.02 -40.96 -34.97
CA VAL F 453 19.51 -40.93 -36.34
C VAL F 453 20.50 -39.79 -36.53
N LEU F 454 20.20 -38.62 -35.94
CA LEU F 454 21.10 -37.47 -36.04
C LEU F 454 22.42 -37.74 -35.33
N PHE F 455 22.36 -38.35 -34.15
CA PHE F 455 23.58 -38.55 -33.36
C PHE F 455 24.46 -39.63 -33.96
N SER F 456 23.86 -40.70 -34.47
CA SER F 456 24.64 -41.74 -35.12
C SER F 456 25.27 -41.22 -36.40
N SER F 457 24.59 -40.31 -37.09
CA SER F 457 25.19 -39.66 -38.24
C SER F 457 26.27 -38.68 -37.81
N PHE F 458 26.12 -38.06 -36.64
CA PHE F 458 27.16 -37.19 -36.12
C PHE F 458 28.39 -38.00 -35.74
N PHE F 459 28.18 -39.20 -35.19
CA PHE F 459 29.31 -40.04 -34.81
C PHE F 459 30.01 -40.60 -36.04
N GLN F 460 29.24 -41.00 -37.05
CA GLN F 460 29.83 -41.65 -38.20
C GLN F 460 30.46 -40.68 -39.19
N ASN F 461 30.00 -39.44 -39.24
CA ASN F 461 30.48 -38.50 -40.22
C ASN F 461 31.19 -37.31 -39.61
N PHE F 462 31.70 -37.43 -38.38
CA PHE F 462 32.36 -36.29 -37.76
C PHE F 462 33.68 -35.97 -38.42
N ALA F 463 34.49 -36.99 -38.70
CA ALA F 463 35.86 -36.78 -39.16
C ALA F 463 35.89 -36.16 -40.55
N ASN F 464 34.90 -36.48 -41.38
CA ASN F 464 34.87 -35.88 -42.72
C ASN F 464 34.40 -34.44 -42.67
N LEU F 465 33.45 -34.13 -41.80
CA LEU F 465 32.86 -32.79 -41.83
C LEU F 465 33.59 -31.80 -40.94
N GLU F 466 34.47 -32.29 -40.08
CA GLU F 466 35.23 -31.43 -39.18
C GLU F 466 36.32 -30.65 -39.92
N GLU F 467 36.87 -31.27 -40.96
CA GLU F 467 37.89 -30.62 -41.77
C GLU F 467 37.31 -29.72 -42.85
N LYS F 468 35.99 -29.73 -43.03
CA LYS F 468 35.34 -28.85 -43.97
C LYS F 468 34.92 -27.52 -43.35
N ILE F 469 35.03 -27.37 -42.05
CA ILE F 469 34.72 -26.10 -41.38
C ILE F 469 36.06 -25.43 -41.10
N ILE F 470 36.31 -24.30 -41.75
CA ILE F 470 37.62 -23.67 -41.70
C ILE F 470 37.49 -22.43 -40.82
N ILE F 471 37.89 -22.57 -39.56
CA ILE F 471 38.13 -21.45 -38.66
C ILE F 471 39.60 -21.54 -38.28
N ASP F 472 40.23 -20.39 -38.02
CA ASP F 472 41.59 -20.28 -37.52
C ASP F 472 42.61 -20.87 -38.50
N GLU F 473 42.71 -20.26 -39.68
CA GLU F 473 43.79 -20.60 -40.60
C GLU F 473 44.86 -19.53 -40.63
N GLY F 474 45.88 -19.72 -41.45
CA GLY F 474 46.93 -18.72 -41.55
C GLY F 474 46.48 -17.52 -42.35
N PHE F 475 47.28 -16.46 -42.27
CA PHE F 475 46.92 -15.18 -42.88
C PHE F 475 47.87 -14.84 -44.03
N SER F 493 -3.00 -50.86 -39.75
CA SER F 493 -2.71 -49.94 -38.67
C SER F 493 -1.96 -50.64 -37.54
N VAL F 494 -1.56 -51.89 -37.78
CA VAL F 494 -0.85 -52.70 -36.79
C VAL F 494 0.46 -53.14 -37.42
N ALA F 495 1.55 -53.03 -36.68
CA ALA F 495 2.86 -53.51 -37.12
C ALA F 495 3.37 -54.57 -36.16
N CYS F 496 4.58 -55.04 -36.42
CA CYS F 496 5.21 -56.11 -35.64
C CYS F 496 6.34 -55.53 -34.81
N ASN F 497 6.46 -55.98 -33.57
CA ASN F 497 7.52 -55.48 -32.69
C ASN F 497 8.88 -56.03 -33.06
N THR F 498 8.93 -57.18 -33.73
CA THR F 498 10.21 -57.76 -34.10
C THR F 498 10.76 -57.11 -35.36
N CYS F 499 10.05 -57.24 -36.48
CA CYS F 499 10.39 -56.56 -37.72
C CYS F 499 9.48 -55.34 -37.83
N LEU F 500 10.08 -54.15 -37.89
CA LEU F 500 9.33 -52.90 -37.77
C LEU F 500 8.72 -52.51 -39.11
N LYS F 501 7.73 -53.30 -39.51
CA LYS F 501 7.06 -53.15 -40.80
C LYS F 501 5.55 -53.27 -40.61
N ILE F 502 4.81 -52.47 -41.35
CA ILE F 502 3.35 -52.51 -41.32
C ILE F 502 2.92 -53.79 -42.03
N ILE F 503 2.21 -54.64 -41.33
CA ILE F 503 1.86 -55.94 -41.87
C ILE F 503 0.62 -55.80 -42.74
N ARG F 504 0.43 -56.76 -43.64
CA ARG F 504 -0.59 -56.67 -44.67
C ARG F 504 -1.52 -57.89 -44.62
N ASN F 505 -1.53 -58.59 -43.49
CA ASN F 505 -2.19 -59.88 -43.38
C ASN F 505 -2.60 -60.08 -41.93
N ASP F 506 -2.84 -61.34 -41.55
CA ASP F 506 -3.28 -61.69 -40.21
C ASP F 506 -2.24 -61.30 -39.15
N SER F 507 -2.75 -60.90 -37.99
CA SER F 507 -1.92 -60.45 -36.88
C SER F 507 -2.13 -61.36 -35.68
N PHE F 508 -1.04 -61.68 -35.00
CA PHE F 508 -1.07 -62.54 -33.82
C PHE F 508 -0.95 -61.65 -32.59
N HIS F 509 -2.07 -61.49 -31.88
CA HIS F 509 -2.15 -60.55 -30.78
C HIS F 509 -1.90 -61.27 -29.47
N CYS F 510 -0.85 -60.85 -28.76
CA CYS F 510 -0.60 -61.35 -27.42
C CYS F 510 -1.68 -60.83 -26.50
N THR F 511 -2.48 -61.74 -25.93
CA THR F 511 -3.52 -61.34 -25.00
C THR F 511 -2.99 -61.07 -23.62
N LYS F 512 -1.72 -61.39 -23.35
CA LYS F 512 -1.15 -61.21 -22.02
C LYS F 512 -0.38 -59.91 -21.88
N CYS F 513 0.24 -59.42 -22.94
CA CYS F 513 0.85 -58.10 -22.95
C CYS F 513 -0.20 -57.08 -23.39
N PHE F 514 0.24 -55.86 -23.67
CA PHE F 514 -0.68 -54.78 -24.03
C PHE F 514 -0.86 -54.66 -25.55
N ASP F 515 0.23 -54.43 -26.26
CA ASP F 515 0.19 -54.07 -27.68
C ASP F 515 1.30 -54.76 -28.46
N PHE F 516 1.47 -56.06 -28.27
CA PHE F 516 2.69 -56.72 -28.73
C PHE F 516 2.65 -57.05 -30.23
N ASP F 517 1.72 -57.91 -30.64
CA ASP F 517 1.25 -58.05 -32.03
C ASP F 517 2.36 -58.45 -33.01
N VAL F 518 2.84 -59.69 -32.87
CA VAL F 518 3.78 -60.22 -33.87
C VAL F 518 3.06 -60.54 -35.16
N CYS F 519 3.84 -60.82 -36.21
CA CYS F 519 3.34 -60.99 -37.56
C CYS F 519 3.30 -62.46 -37.95
N ARG F 520 2.90 -62.68 -39.21
CA ARG F 520 2.85 -63.98 -39.86
C ARG F 520 4.17 -64.72 -39.83
N ASP F 521 5.22 -64.05 -40.29
CA ASP F 521 6.52 -64.70 -40.42
C ASP F 521 7.18 -64.91 -39.07
N CYS F 522 7.10 -63.90 -38.20
CA CYS F 522 7.78 -63.98 -36.91
C CYS F 522 7.07 -64.90 -35.94
N TYR F 523 5.79 -65.21 -36.20
CA TYR F 523 5.11 -66.20 -35.38
C TYR F 523 5.68 -67.58 -35.59
N ALA F 524 6.00 -67.94 -36.83
CA ALA F 524 6.68 -69.18 -37.10
C ALA F 524 8.18 -69.10 -36.80
N LYS F 525 8.72 -67.89 -36.73
CA LYS F 525 10.15 -67.70 -36.52
C LYS F 525 10.52 -67.72 -35.04
N GLN F 526 9.51 -67.78 -34.15
CA GLN F 526 9.66 -67.88 -32.69
C GLN F 526 10.44 -66.70 -32.10
N ALA F 527 10.25 -65.50 -32.64
CA ALA F 527 11.01 -64.33 -32.22
C ALA F 527 10.23 -63.42 -31.29
N PHE F 528 9.23 -63.97 -30.58
CA PHE F 528 8.32 -63.19 -29.75
C PHE F 528 8.75 -63.04 -28.28
N LEU F 529 9.99 -62.62 -28.08
CA LEU F 529 10.50 -62.39 -26.72
C LEU F 529 10.11 -61.02 -26.14
N HIS F 530 9.30 -61.02 -25.09
CA HIS F 530 8.83 -59.82 -24.41
C HIS F 530 8.54 -60.19 -22.96
N PRO F 531 8.37 -59.23 -22.02
CA PRO F 531 8.09 -59.63 -20.63
C PRO F 531 6.72 -60.25 -20.38
N CYS F 532 6.48 -61.41 -20.99
CA CYS F 532 5.36 -62.28 -20.65
C CYS F 532 5.90 -63.70 -20.78
N PRO F 533 5.93 -64.46 -19.68
CA PRO F 533 6.51 -65.83 -19.73
C PRO F 533 5.80 -66.79 -20.67
N LYS F 534 4.47 -66.76 -20.76
CA LYS F 534 3.75 -67.48 -21.81
C LYS F 534 2.69 -66.56 -22.41
N PRO F 535 2.87 -66.16 -23.66
CA PRO F 535 1.86 -65.34 -24.33
C PRO F 535 0.87 -66.17 -25.14
N HIS F 536 -0.35 -65.67 -25.22
CA HIS F 536 -1.41 -66.28 -26.02
C HIS F 536 -1.65 -65.41 -27.24
N PHE F 537 -1.32 -65.92 -28.42
CA PHE F 537 -1.46 -65.16 -29.65
C PHE F 537 -2.72 -65.56 -30.38
N VAL F 538 -3.74 -64.73 -30.28
CA VAL F 538 -4.96 -64.90 -31.06
C VAL F 538 -4.73 -64.27 -32.42
N LEU F 539 -5.20 -64.95 -33.47
CA LEU F 539 -4.99 -64.50 -34.83
C LEU F 539 -6.17 -63.66 -35.31
N VAL F 540 -5.85 -62.52 -35.93
CA VAL F 540 -6.82 -61.47 -36.18
C VAL F 540 -6.82 -61.11 -37.66
N ARG F 541 -8.00 -61.04 -38.27
CA ARG F 541 -8.18 -60.64 -39.67
C ARG F 541 -7.65 -59.24 -39.98
N SER F 542 -7.13 -59.13 -41.20
CA SER F 542 -6.65 -57.90 -41.84
C SER F 542 -5.59 -57.17 -41.03
N MET G 1 43.66 -25.75 36.50
CA MET G 1 42.70 -25.88 35.42
C MET G 1 41.39 -26.35 36.03
N GLN G 2 40.50 -25.39 36.25
CA GLN G 2 39.25 -25.64 36.98
C GLN G 2 38.33 -26.51 36.14
N LEU G 3 37.85 -27.60 36.75
CA LEU G 3 36.95 -28.54 36.09
C LEU G 3 35.62 -28.51 36.84
N HIS G 4 34.61 -27.89 36.22
CA HIS G 4 33.35 -27.65 36.91
C HIS G 4 32.47 -28.90 36.91
N GLY G 5 32.39 -29.60 35.78
CA GLY G 5 31.65 -30.85 35.73
C GLY G 5 31.70 -31.55 34.39
N LYS G 6 32.00 -32.85 34.41
CA LYS G 6 32.16 -33.71 33.23
C LYS G 6 33.17 -33.13 32.24
N MET G 7 34.40 -32.98 32.71
CA MET G 7 35.30 -32.03 32.07
C MET G 7 36.55 -32.67 31.47
N THR G 8 36.95 -33.84 31.96
CA THR G 8 37.92 -34.83 31.46
C THR G 8 39.35 -34.33 31.22
N ALA G 9 39.63 -33.06 31.53
CA ALA G 9 40.96 -32.45 31.61
C ALA G 9 41.78 -32.46 30.31
N THR G 10 41.26 -33.03 29.25
CA THR G 10 41.90 -33.04 27.94
C THR G 10 41.11 -32.23 26.94
N ALA G 11 39.78 -32.25 27.04
CA ALA G 11 38.95 -31.38 26.23
C ALA G 11 39.18 -29.92 26.59
N LYS G 12 39.35 -29.63 27.89
CA LYS G 12 39.68 -28.27 28.32
C LYS G 12 41.07 -27.87 27.84
N SER G 13 42.04 -28.78 27.91
CA SER G 13 43.39 -28.45 27.50
C SER G 13 43.49 -28.29 25.99
N CYS G 14 42.70 -29.05 25.25
CA CYS G 14 42.63 -28.84 23.80
C CYS G 14 41.94 -27.52 23.48
N ALA G 15 40.91 -27.18 24.25
CA ALA G 15 40.22 -25.91 24.02
C ALA G 15 41.08 -24.73 24.45
N LEU G 16 41.86 -24.89 25.51
CA LEU G 16 42.77 -23.83 25.94
C LEU G 16 43.89 -23.63 24.94
N ASP G 17 44.31 -24.70 24.26
CA ASP G 17 45.30 -24.57 23.21
C ASP G 17 44.72 -23.86 22.00
N PHE G 18 43.43 -24.01 21.76
CA PHE G 18 42.77 -23.27 20.69
C PHE G 18 42.72 -21.79 21.01
N LEU G 19 42.52 -21.45 22.29
CA LEU G 19 42.39 -20.06 22.70
C LEU G 19 43.69 -19.31 22.48
N ASP G 20 44.83 -19.97 22.72
CA ASP G 20 46.11 -19.35 22.42
C ASP G 20 46.31 -19.19 20.92
N PHE G 21 45.78 -20.12 20.14
CA PHE G 21 45.96 -20.06 18.69
C PHE G 21 45.14 -18.95 18.07
N VAL G 22 43.87 -18.82 18.46
CA VAL G 22 43.00 -17.87 17.78
C VAL G 22 43.23 -16.46 18.29
N ASN G 23 43.76 -16.31 19.52
CA ASN G 23 44.09 -14.97 19.99
C ASN G 23 45.33 -14.42 19.32
N ALA G 24 46.20 -15.29 18.82
CA ALA G 24 47.40 -14.86 18.11
C ALA G 24 47.21 -14.81 16.62
N SER G 25 46.03 -15.17 16.11
CA SER G 25 45.79 -15.28 14.68
C SER G 25 44.52 -14.53 14.30
N PRO G 26 44.59 -13.21 14.16
CA PRO G 26 43.41 -12.46 13.71
C PRO G 26 43.30 -12.30 12.21
N THR G 27 44.36 -12.60 11.47
CA THR G 27 44.37 -12.46 10.02
C THR G 27 44.73 -13.83 9.45
N PRO G 28 44.40 -14.07 8.18
CA PRO G 28 44.94 -15.28 7.54
C PRO G 28 46.46 -15.29 7.44
N TYR G 29 47.07 -14.11 7.36
CA TYR G 29 48.54 -14.03 7.39
C TYR G 29 49.07 -14.46 8.74
N HIS G 30 48.41 -14.06 9.82
CA HIS G 30 48.83 -14.54 11.13
C HIS G 30 48.46 -15.99 11.35
N ALA G 31 47.33 -16.41 10.78
CA ALA G 31 46.90 -17.79 10.91
C ALA G 31 47.88 -18.75 10.26
N VAL G 32 48.34 -18.41 9.05
CA VAL G 32 49.33 -19.23 8.36
C VAL G 32 50.67 -19.20 9.10
N GLN G 33 51.00 -18.04 9.66
CA GLN G 33 52.24 -17.91 10.42
C GLN G 33 52.22 -18.76 11.68
N ASN G 34 51.08 -18.82 12.37
CA ASN G 34 51.02 -19.62 13.59
C ASN G 34 50.91 -21.10 13.28
N LEU G 35 50.27 -21.47 12.17
CA LEU G 35 50.24 -22.88 11.79
C LEU G 35 51.62 -23.37 11.40
N ALA G 36 52.37 -22.55 10.68
CA ALA G 36 53.66 -22.99 10.17
C ALA G 36 54.69 -23.07 11.29
N GLU G 37 54.58 -22.23 12.31
CA GLU G 37 55.43 -22.41 13.48
C GLU G 37 55.09 -23.69 14.21
N HIS G 38 53.81 -24.07 14.23
CA HIS G 38 53.43 -25.33 14.84
C HIS G 38 53.88 -26.50 13.99
N TYR G 39 53.91 -26.32 12.67
CA TYR G 39 54.35 -27.38 11.77
C TYR G 39 55.84 -27.63 11.89
N MET G 40 56.64 -26.55 11.90
CA MET G 40 58.08 -26.72 12.01
C MET G 40 58.50 -27.14 13.41
N SER G 41 57.66 -26.88 14.42
CA SER G 41 57.92 -27.41 15.75
C SER G 41 57.74 -28.91 15.77
N HIS G 42 56.85 -29.43 14.92
CA HIS G 42 56.62 -30.86 14.83
C HIS G 42 57.41 -31.51 13.70
N GLY G 43 58.39 -30.81 13.15
CA GLY G 43 59.33 -31.42 12.23
C GLY G 43 59.03 -31.27 10.76
N PHE G 44 58.08 -30.42 10.40
CA PHE G 44 57.76 -30.23 8.99
C PHE G 44 58.85 -29.39 8.32
N GLN G 45 58.96 -29.52 7.01
CA GLN G 45 59.95 -28.79 6.24
C GLN G 45 59.25 -27.84 5.28
N TYR G 46 59.76 -26.63 5.18
CA TYR G 46 59.18 -25.67 4.25
C TYR G 46 59.61 -26.00 2.83
N LEU G 47 58.66 -25.93 1.92
CA LEU G 47 58.94 -26.11 0.49
C LEU G 47 58.63 -24.82 -0.24
N SER G 48 59.60 -24.31 -0.97
CA SER G 48 59.36 -23.19 -1.86
C SER G 48 58.67 -23.72 -3.10
N GLU G 49 57.61 -23.05 -3.53
CA GLU G 49 56.91 -23.49 -4.71
C GLU G 49 57.67 -23.09 -5.97
N LYS G 50 58.61 -22.14 -5.87
CA LYS G 50 59.51 -21.82 -6.96
C LYS G 50 60.47 -22.96 -7.27
N SER G 51 60.77 -23.82 -6.31
CA SER G 51 61.74 -24.86 -6.52
C SER G 51 61.11 -26.07 -7.19
N ASP G 52 61.94 -27.04 -7.54
CA ASP G 52 61.50 -28.30 -8.11
C ASP G 52 61.60 -29.38 -7.05
N TRP G 53 60.53 -30.14 -6.89
CA TRP G 53 60.41 -31.06 -5.77
C TRP G 53 60.81 -32.48 -6.11
N GLN G 54 61.44 -32.71 -7.26
CA GLN G 54 61.80 -34.07 -7.66
C GLN G 54 62.85 -34.67 -6.74
N SER G 55 63.74 -33.85 -6.20
CA SER G 55 64.78 -34.33 -5.30
C SER G 55 64.60 -33.83 -3.88
N LYS G 56 63.51 -33.12 -3.60
CA LYS G 56 63.34 -32.48 -2.30
C LYS G 56 62.40 -33.24 -1.39
N ILE G 57 61.45 -34.00 -1.93
CA ILE G 57 60.48 -34.72 -1.11
C ILE G 57 60.77 -36.20 -1.23
N GLU G 58 60.66 -36.89 -0.11
CA GLU G 58 60.89 -38.32 -0.04
C GLU G 58 59.90 -38.91 0.96
N PRO G 59 59.53 -40.18 0.80
CA PRO G 59 58.54 -40.77 1.72
C PRO G 59 59.05 -40.87 3.15
N GLY G 60 58.12 -40.74 4.09
CA GLY G 60 58.44 -40.79 5.50
C GLY G 60 58.62 -39.43 6.16
N ASN G 61 58.49 -38.34 5.42
CA ASN G 61 58.73 -37.02 5.96
C ASN G 61 57.52 -36.12 5.75
N SER G 62 57.53 -34.99 6.43
CA SER G 62 56.42 -34.05 6.42
C SER G 62 56.88 -32.70 5.88
N TYR G 63 56.05 -32.11 5.04
CA TYR G 63 56.35 -30.89 4.32
C TYR G 63 55.14 -29.96 4.37
N PHE G 64 55.40 -28.67 4.17
CA PHE G 64 54.32 -27.72 3.99
C PHE G 64 54.73 -26.66 2.98
N VAL G 65 53.76 -26.14 2.26
CA VAL G 65 53.98 -25.15 1.21
C VAL G 65 53.01 -24.00 1.46
N THR G 66 53.37 -22.80 1.02
CA THR G 66 52.62 -21.61 1.33
C THR G 66 52.45 -20.75 0.08
N ARG G 67 51.25 -20.23 -0.12
CA ARG G 67 50.94 -19.35 -1.24
C ARG G 67 50.45 -18.02 -0.69
N ASN G 68 51.12 -16.93 -1.07
CA ASN G 68 50.79 -15.55 -0.74
C ASN G 68 50.85 -15.28 0.77
N LYS G 69 51.51 -16.15 1.53
CA LYS G 69 51.59 -16.16 3.00
C LYS G 69 50.20 -16.17 3.66
N SER G 70 49.18 -16.64 2.95
CA SER G 70 47.82 -16.64 3.43
C SER G 70 47.06 -17.92 3.15
N SER G 71 47.59 -18.79 2.31
CA SER G 71 47.10 -20.16 2.16
C SER G 71 48.26 -21.08 2.44
N ILE G 72 48.00 -22.15 3.18
CA ILE G 72 49.04 -23.10 3.52
C ILE G 72 48.51 -24.51 3.29
N ILE G 73 49.37 -25.36 2.72
CA ILE G 73 49.06 -26.76 2.49
C ILE G 73 50.17 -27.56 3.16
N ALA G 74 49.83 -28.33 4.17
CA ALA G 74 50.78 -29.21 4.82
C ALA G 74 50.45 -30.65 4.50
N PHE G 75 51.47 -31.42 4.16
CA PHE G 75 51.24 -32.81 3.81
C PHE G 75 52.34 -33.68 4.41
N SER G 76 51.96 -34.85 4.89
CA SER G 76 52.89 -35.85 5.38
C SER G 76 52.81 -37.07 4.48
N ILE G 77 53.96 -37.49 3.96
CA ILE G 77 54.03 -38.62 3.03
C ILE G 77 54.42 -39.85 3.83
N GLY G 78 53.61 -40.89 3.74
CA GLY G 78 53.92 -42.12 4.45
C GLY G 78 55.13 -42.82 3.86
N LYS G 79 55.77 -43.65 4.69
CA LYS G 79 56.97 -44.36 4.25
C LYS G 79 56.61 -45.42 3.20
N LYS G 80 55.47 -46.07 3.36
CA LYS G 80 55.04 -47.09 2.42
C LYS G 80 54.23 -46.51 1.27
N TRP G 81 54.36 -45.23 0.99
CA TRP G 81 53.57 -44.59 -0.05
C TRP G 81 54.27 -44.73 -1.39
N LYS G 82 53.54 -45.14 -2.38
CA LYS G 82 53.96 -45.16 -3.75
C LYS G 82 53.22 -44.10 -4.53
N PRO G 83 53.80 -43.54 -5.58
CA PRO G 83 53.07 -42.60 -6.43
C PRO G 83 51.93 -43.30 -7.14
N GLY G 84 50.71 -42.87 -6.83
CA GLY G 84 49.52 -43.53 -7.34
C GLY G 84 48.58 -43.89 -6.21
N ASN G 85 49.10 -43.90 -4.99
CA ASN G 85 48.25 -44.15 -3.83
C ASN G 85 47.44 -42.92 -3.50
N GLY G 86 46.42 -43.12 -2.69
CA GLY G 86 45.45 -42.07 -2.42
C GLY G 86 45.96 -40.99 -1.48
N PHE G 87 45.12 -39.98 -1.31
CA PHE G 87 45.38 -38.87 -0.41
C PHE G 87 44.26 -38.79 0.62
N SER G 88 44.60 -38.53 1.86
CA SER G 88 43.62 -38.25 2.89
C SER G 88 43.71 -36.77 3.22
N ILE G 89 42.73 -36.00 2.76
CA ILE G 89 42.81 -34.55 2.72
C ILE G 89 41.72 -33.97 3.61
N ILE G 90 42.10 -33.06 4.51
CA ILE G 90 41.17 -32.32 5.35
C ILE G 90 41.37 -30.83 5.09
N ALA G 91 40.42 -30.21 4.41
CA ALA G 91 40.57 -28.85 3.92
C ALA G 91 39.75 -27.88 4.76
N THR G 92 40.41 -26.82 5.24
CA THR G 92 39.78 -25.72 5.96
C THR G 92 40.05 -24.40 5.23
N HIS G 93 39.65 -23.29 5.84
CA HIS G 93 39.96 -21.98 5.29
C HIS G 93 40.38 -21.06 6.43
N THR G 94 41.32 -20.17 6.15
CA THR G 94 41.90 -19.35 7.21
C THR G 94 41.21 -18.01 7.38
N ASP G 95 40.32 -17.62 6.48
CA ASP G 95 39.79 -16.27 6.54
C ASP G 95 38.45 -16.22 7.27
N SER G 96 38.05 -15.02 7.64
CA SER G 96 36.82 -14.76 8.37
C SER G 96 36.24 -13.44 7.88
N PRO G 97 34.93 -13.25 8.00
CA PRO G 97 34.34 -11.96 7.61
C PRO G 97 34.80 -10.84 8.52
N THR G 98 35.19 -9.73 7.92
CA THR G 98 35.83 -8.64 8.63
C THR G 98 35.76 -7.37 7.78
N LEU G 99 36.50 -6.35 8.20
CA LEU G 99 36.57 -5.08 7.50
C LEU G 99 38.02 -4.79 7.15
N ARG G 100 38.27 -4.45 5.88
CA ARG G 100 39.60 -4.04 5.42
C ARG G 100 39.67 -2.53 5.26
N LEU G 101 40.85 -2.00 5.55
CA LEU G 101 41.12 -0.59 5.31
C LEU G 101 41.16 -0.32 3.80
N LYS G 102 40.59 0.82 3.41
CA LYS G 102 40.63 1.23 2.02
C LYS G 102 42.03 1.72 1.66
N PRO G 103 42.36 1.76 0.35
CA PRO G 103 43.65 2.35 -0.05
C PRO G 103 43.80 3.81 0.32
N LYS G 104 42.74 4.59 0.26
CA LYS G 104 42.72 5.95 0.79
C LYS G 104 41.86 5.85 2.04
N SER G 105 42.49 5.47 3.14
CA SER G 105 41.76 5.22 4.37
C SER G 105 41.65 6.44 5.26
N GLN G 106 42.22 7.57 4.86
CA GLN G 106 42.17 8.75 5.71
C GLN G 106 40.80 9.41 5.62
N LYS G 107 40.14 9.52 6.77
CA LYS G 107 38.85 10.19 6.86
C LYS G 107 38.85 11.06 8.10
N SER G 108 38.22 12.21 7.99
CA SER G 108 38.10 13.11 9.14
C SER G 108 36.76 13.79 9.08
N ALA G 109 36.07 13.82 10.22
CA ALA G 109 34.77 14.48 10.30
C ALA G 109 34.56 14.98 11.71
N TYR G 110 34.43 16.30 11.83
CA TYR G 110 34.02 17.00 13.04
C TYR G 110 34.97 16.71 14.20
N GLY G 111 36.25 16.83 13.90
CA GLY G 111 37.26 16.63 14.90
C GLY G 111 37.64 15.20 15.16
N TYR G 112 37.01 14.25 14.50
CA TYR G 112 37.28 12.85 14.77
C TYR G 112 38.08 12.30 13.60
N LEU G 113 39.09 11.51 13.92
CA LEU G 113 39.81 10.76 12.92
C LEU G 113 39.05 9.47 12.67
N GLN G 114 38.75 9.18 11.40
CA GLN G 114 38.09 7.95 11.05
C GLN G 114 38.94 7.21 10.01
N VAL G 115 38.71 5.91 9.90
CA VAL G 115 39.33 5.13 8.84
C VAL G 115 38.23 4.65 7.89
N GLY G 116 38.54 4.64 6.60
CA GLY G 116 37.58 4.19 5.63
C GLY G 116 37.71 2.70 5.44
N VAL G 117 36.67 1.95 5.80
CA VAL G 117 36.74 0.51 5.78
C VAL G 117 35.83 -0.03 4.68
N GLU G 118 36.06 -1.28 4.32
CA GLU G 118 35.29 -1.96 3.30
C GLU G 118 35.03 -3.39 3.74
N LYS G 119 33.80 -3.85 3.48
CA LYS G 119 33.34 -5.11 4.03
C LYS G 119 33.96 -6.29 3.31
N TYR G 120 34.19 -7.37 4.05
CA TYR G 120 34.75 -8.59 3.48
C TYR G 120 33.82 -9.70 3.93
N GLY G 121 33.27 -10.43 2.97
CA GLY G 121 32.44 -11.58 3.29
C GLY G 121 31.06 -11.17 3.76
N GLY G 122 30.27 -12.18 4.08
CA GLY G 122 28.93 -11.96 4.56
C GLY G 122 28.86 -11.89 6.06
N GLY G 123 29.49 -10.88 6.65
CA GLY G 123 29.46 -10.76 8.09
C GLY G 123 28.13 -10.22 8.60
N ILE G 124 27.81 -10.58 9.84
CA ILE G 124 26.67 -10.01 10.54
C ILE G 124 27.10 -8.63 11.04
N TRP G 125 26.71 -7.58 10.32
CA TRP G 125 27.42 -6.32 10.50
C TRP G 125 26.91 -5.52 11.69
N HIS G 126 25.74 -5.85 12.23
CA HIS G 126 25.30 -5.10 13.40
C HIS G 126 26.04 -5.55 14.66
N THR G 127 26.65 -6.73 14.65
CA THR G 127 27.40 -7.18 15.79
C THR G 127 28.75 -6.50 15.92
N TRP G 128 29.20 -5.80 14.88
CA TRP G 128 30.45 -5.07 14.93
C TRP G 128 30.32 -3.72 15.60
N PHE G 129 29.09 -3.28 15.87
CA PHE G 129 28.89 -1.99 16.53
C PHE G 129 29.27 -2.08 18.00
N ASP G 130 29.86 -1.00 18.49
CA ASP G 130 30.21 -0.80 19.91
C ASP G 130 31.15 -1.88 20.43
N ARG G 131 32.09 -2.28 19.59
CA ARG G 131 33.07 -3.29 19.94
C ARG G 131 34.45 -2.67 20.02
N ASP G 132 35.27 -3.18 20.91
CA ASP G 132 36.68 -2.86 20.87
C ASP G 132 37.26 -3.56 19.66
N LEU G 133 37.85 -2.81 18.75
CA LEU G 133 38.37 -3.36 17.51
C LEU G 133 39.87 -3.20 17.46
N SER G 134 40.56 -4.28 17.13
CA SER G 134 41.99 -4.27 16.93
C SER G 134 42.30 -4.19 15.44
N LEU G 135 43.55 -3.88 15.14
CA LEU G 135 44.00 -3.73 13.77
C LEU G 135 45.16 -4.69 13.53
N ALA G 136 45.09 -5.44 12.44
CA ALA G 136 46.11 -6.44 12.16
C ALA G 136 46.17 -6.68 10.67
N GLY G 137 47.27 -7.28 10.22
CA GLY G 137 47.45 -7.55 8.82
C GLY G 137 48.90 -7.62 8.42
N ARG G 138 49.18 -7.52 7.14
CA ARG G 138 50.53 -7.53 6.63
C ARG G 138 50.86 -6.19 6.01
N VAL G 139 52.10 -5.76 6.17
CA VAL G 139 52.55 -4.44 5.73
C VAL G 139 53.77 -4.63 4.85
N MET G 140 53.73 -4.03 3.66
CA MET G 140 54.88 -4.00 2.76
C MET G 140 55.80 -2.86 3.13
N VAL G 141 57.06 -3.17 3.38
CA VAL G 141 58.06 -2.19 3.80
C VAL G 141 59.19 -2.19 2.78
N GLU G 142 59.50 -1.02 2.24
CA GLU G 142 60.69 -0.86 1.41
C GLU G 142 61.95 -0.88 2.27
N GLU G 143 63.02 -1.42 1.71
CA GLU G 143 64.34 -1.26 2.28
C GLU G 143 65.25 -0.57 1.29
N GLU G 144 66.50 -0.34 1.72
CA GLU G 144 67.36 0.64 1.07
C GLU G 144 67.83 0.18 -0.30
N ASP G 145 67.86 -1.12 -0.55
CA ASP G 145 68.28 -1.64 -1.83
C ASP G 145 67.13 -1.83 -2.79
N GLY G 146 65.92 -1.44 -2.41
CA GLY G 146 64.77 -1.49 -3.28
C GLY G 146 63.86 -2.67 -3.07
N ARG G 147 64.32 -3.72 -2.39
CA ARG G 147 63.46 -4.88 -2.22
C ARG G 147 62.41 -4.60 -1.16
N VAL G 148 61.25 -5.23 -1.31
CA VAL G 148 60.10 -5.01 -0.46
C VAL G 148 59.69 -6.34 0.14
N ILE G 149 59.61 -6.40 1.47
CA ILE G 149 59.32 -7.62 2.18
C ILE G 149 58.07 -7.43 3.01
N GLN G 150 57.44 -8.55 3.38
CA GLN G 150 56.15 -8.52 4.05
C GLN G 150 56.34 -8.71 5.55
N TYR G 151 55.76 -7.80 6.32
CA TYR G 151 55.77 -7.83 7.77
C TYR G 151 54.36 -7.93 8.31
N ASN G 152 54.11 -8.98 9.10
CA ASN G 152 52.82 -9.13 9.76
C ASN G 152 52.81 -8.25 11.00
N VAL G 153 51.74 -7.49 11.18
CA VAL G 153 51.62 -6.56 12.30
C VAL G 153 50.36 -6.89 13.07
N HIS G 154 50.48 -6.93 14.40
CA HIS G 154 49.33 -7.10 15.27
C HIS G 154 49.30 -5.90 16.20
N ILE G 155 48.17 -5.21 16.28
CA ILE G 155 48.02 -4.14 17.25
C ILE G 155 46.98 -4.62 18.27
N ASP G 156 47.47 -5.24 19.34
CA ASP G 156 46.63 -5.86 20.37
C ASP G 156 46.24 -4.84 21.44
N ARG G 157 45.36 -3.93 21.06
CA ARG G 157 44.76 -2.99 21.99
C ARG G 157 43.47 -2.48 21.37
N PRO G 158 42.54 -1.94 22.18
CA PRO G 158 41.35 -1.31 21.58
C PRO G 158 41.73 -0.07 20.83
N LEU G 159 41.61 -0.14 19.52
CA LEU G 159 42.16 0.87 18.65
C LEU G 159 41.10 1.53 17.79
N LEU G 160 40.08 0.77 17.40
CA LEU G 160 38.99 1.28 16.60
C LEU G 160 37.68 0.97 17.31
N ARG G 161 36.63 1.72 16.94
CA ARG G 161 35.28 1.44 17.40
C ARG G 161 34.26 2.02 16.45
N ILE G 162 33.23 1.24 16.12
CA ILE G 162 32.08 1.76 15.39
C ILE G 162 30.98 2.05 16.40
N PRO G 163 30.71 3.30 16.73
CA PRO G 163 29.72 3.59 17.77
C PRO G 163 28.32 3.74 17.20
N THR G 164 27.34 3.30 17.98
CA THR G 164 25.96 3.50 17.59
C THR G 164 25.50 4.91 17.95
N LEU G 165 24.40 5.31 17.35
CA LEU G 165 23.69 6.50 17.81
C LEU G 165 23.01 6.18 19.12
N ALA G 166 22.92 7.17 20.00
CA ALA G 166 22.20 7.01 21.26
C ALA G 166 20.71 6.80 21.01
N ILE G 167 20.05 6.15 21.96
CA ILE G 167 18.66 5.75 21.77
C ILE G 167 17.74 6.95 21.92
N HIS G 168 18.21 8.04 22.52
CA HIS G 168 17.38 9.22 22.69
C HIS G 168 17.16 9.91 21.36
N LEU G 169 18.11 9.76 20.45
CA LEU G 169 18.15 10.49 19.21
C LEU G 169 17.45 9.75 18.08
N ASP G 170 17.21 8.46 18.25
CA ASP G 170 16.45 7.64 17.33
C ASP G 170 15.84 6.50 18.13
N PRO G 171 14.64 6.67 18.68
CA PRO G 171 14.03 5.57 19.44
C PRO G 171 13.55 4.43 18.57
N SER G 172 13.49 4.62 17.25
CA SER G 172 13.07 3.57 16.33
C SER G 172 14.11 2.49 16.14
N ALA G 173 15.32 2.66 16.69
CA ALA G 173 16.36 1.65 16.54
C ALA G 173 16.02 0.38 17.31
N ASN G 174 15.23 0.50 18.39
CA ASN G 174 14.84 -0.70 19.11
C ASN G 174 13.77 -1.49 18.37
N SER G 175 12.98 -0.82 17.52
CA SER G 175 12.01 -1.55 16.71
C SER G 175 12.70 -2.35 15.63
N SER G 176 13.61 -1.72 14.89
CA SER G 176 14.35 -2.40 13.83
C SER G 176 15.61 -1.59 13.57
N PHE G 177 16.77 -2.23 13.71
CA PHE G 177 18.04 -1.54 13.56
C PHE G 177 18.53 -1.70 12.13
N SER G 178 18.65 -0.60 11.42
CA SER G 178 19.21 -0.57 10.08
C SER G 178 20.19 0.58 9.98
N PHE G 179 21.17 0.45 9.11
CA PHE G 179 22.22 1.44 9.01
C PHE G 179 22.81 1.43 7.62
N ASN G 180 23.20 2.61 7.14
CA ASN G 180 23.83 2.73 5.83
C ASN G 180 25.27 2.24 5.91
N MET G 181 25.69 1.49 4.91
CA MET G 181 26.88 0.68 5.00
C MET G 181 28.16 1.47 4.77
N GLU G 182 28.11 2.63 4.11
CA GLU G 182 29.12 3.68 4.29
C GLU G 182 28.91 4.56 5.50
N THR G 183 27.93 5.45 5.40
CA THR G 183 27.92 6.68 6.16
C THR G 183 27.75 6.46 7.65
N GLU G 184 27.14 5.35 8.04
CA GLU G 184 26.94 5.04 9.44
C GLU G 184 27.78 3.87 9.93
N PHE G 185 28.69 3.35 9.11
CA PHE G 185 29.53 2.23 9.49
C PHE G 185 31.01 2.57 9.39
N VAL G 186 31.40 3.74 9.87
CA VAL G 186 32.78 4.19 9.80
C VAL G 186 33.38 4.12 11.20
N PRO G 187 34.39 3.29 11.43
CA PRO G 187 35.01 3.24 12.76
C PRO G 187 35.86 4.46 13.05
N LEU G 188 36.13 4.65 14.33
CA LEU G 188 36.83 5.81 14.83
C LEU G 188 38.19 5.41 15.38
N ILE G 189 39.23 6.02 14.85
CA ILE G 189 40.58 5.75 15.32
C ILE G 189 41.03 6.73 16.40
N GLY G 190 40.57 7.97 16.37
CA GLY G 190 40.95 8.89 17.41
C GLY G 190 40.44 10.30 17.15
N LEU G 191 41.02 11.25 17.86
CA LEU G 191 40.63 12.65 17.82
C LEU G 191 41.77 13.44 17.21
N GLU G 192 41.43 14.40 16.35
CA GLU G 192 42.49 15.15 15.68
C GLU G 192 42.86 16.43 16.39
N ASN G 193 42.25 16.75 17.52
CA ASN G 193 42.60 17.97 18.23
C ASN G 193 43.91 17.86 18.98
N GLU G 194 44.48 16.67 19.07
CA GLU G 194 45.62 16.42 19.94
C GLU G 194 46.78 15.77 19.20
N LEU G 195 46.75 15.81 17.87
CA LEU G 195 47.88 15.39 17.05
C LEU G 195 48.60 16.57 16.42
N ALA G 196 48.56 17.73 17.06
CA ALA G 196 48.98 18.97 16.41
C ALA G 196 50.47 19.23 16.58
N LYS G 197 51.26 18.15 16.56
CA LYS G 197 52.72 18.27 16.58
C LYS G 197 53.21 19.05 15.38
N GLU G 198 52.62 18.82 14.20
CA GLU G 198 52.82 19.69 13.06
C GLU G 198 51.45 19.96 12.44
N GLU G 199 51.13 21.24 12.28
CA GLU G 199 49.86 21.65 11.68
C GLU G 199 50.02 21.99 10.20
N THR G 200 50.61 21.07 9.44
CA THR G 200 50.78 21.22 8.01
C THR G 200 50.44 19.88 7.34
N SER G 201 50.56 19.85 6.03
CA SER G 201 50.36 18.63 5.27
C SER G 201 51.59 18.24 4.45
N ASP G 202 52.26 19.23 3.84
CA ASP G 202 53.49 19.14 3.04
C ASP G 202 53.31 18.41 1.71
N ASN G 203 52.13 17.85 1.47
CA ASN G 203 51.67 17.23 0.25
C ASN G 203 50.18 16.95 0.44
N GLY G 204 49.40 17.21 -0.61
CA GLY G 204 47.95 17.08 -0.52
C GLY G 204 47.52 15.63 -0.44
N ASP G 205 46.72 15.29 0.57
CA ASP G 205 45.95 14.05 0.66
C ASP G 205 46.83 12.79 0.65
N LYS G 206 47.55 12.63 1.75
CA LYS G 206 48.16 11.34 2.06
C LYS G 206 47.09 10.24 2.13
N TYR G 207 47.50 9.01 1.83
CA TYR G 207 46.54 7.92 1.71
C TYR G 207 45.97 7.52 3.06
N HIS G 208 46.78 7.54 4.11
CA HIS G 208 46.34 7.14 5.43
C HIS G 208 46.72 8.22 6.43
N HIS G 209 46.21 8.06 7.65
CA HIS G 209 46.57 8.97 8.72
C HIS G 209 48.04 8.78 9.05
N PRO G 210 48.82 9.85 9.14
CA PRO G 210 50.24 9.71 9.52
C PRO G 210 50.44 9.16 10.92
N VAL G 211 49.46 9.37 11.80
CA VAL G 211 49.54 8.78 13.13
C VAL G 211 49.31 7.28 13.06
N LEU G 212 48.54 6.82 12.08
CA LEU G 212 48.36 5.38 11.91
C LEU G 212 49.61 4.73 11.34
N LEU G 213 50.28 5.41 10.41
CA LEU G 213 51.51 4.88 9.83
C LEU G 213 52.63 4.88 10.86
N SER G 214 52.60 5.83 11.80
CA SER G 214 53.60 5.86 12.85
C SER G 214 53.42 4.68 13.80
N LEU G 215 52.18 4.30 14.08
CA LEU G 215 51.93 3.17 14.96
C LEU G 215 52.31 1.87 14.28
N LEU G 216 52.02 1.74 12.99
CA LEU G 216 52.40 0.55 12.24
C LEU G 216 53.91 0.40 12.17
N ALA G 217 54.62 1.51 11.96
CA ALA G 217 56.08 1.44 11.92
C ALA G 217 56.66 1.16 13.30
N ASN G 218 56.00 1.64 14.34
CA ASN G 218 56.50 1.41 15.69
C ASN G 218 56.25 -0.03 16.12
N GLU G 219 55.12 -0.61 15.73
CA GLU G 219 54.80 -1.97 16.13
C GLU G 219 55.68 -2.97 15.40
N ILE G 220 56.02 -2.67 14.15
CA ILE G 220 56.99 -3.47 13.41
C ILE G 220 58.36 -3.40 14.06
N SER G 221 58.79 -2.19 14.45
CA SER G 221 60.16 -2.01 14.92
C SER G 221 60.39 -2.60 16.30
N LYS G 222 59.31 -2.99 16.99
CA LYS G 222 59.45 -3.66 18.28
C LYS G 222 60.06 -5.04 18.12
N SER G 223 59.83 -5.69 16.98
CA SER G 223 60.33 -7.04 16.75
C SER G 223 61.59 -7.08 15.90
N LEU G 224 62.20 -5.93 15.63
CA LEU G 224 63.40 -5.87 14.83
C LEU G 224 64.51 -5.17 15.58
N GLU G 225 65.74 -5.45 15.16
CA GLU G 225 66.89 -4.74 15.73
C GLU G 225 66.91 -3.29 15.28
N THR G 226 66.62 -3.04 14.02
CA THR G 226 66.61 -1.68 13.50
C THR G 226 65.25 -1.05 13.73
N THR G 227 65.09 0.18 13.23
CA THR G 227 63.83 0.89 13.28
C THR G 227 63.32 1.11 11.87
N ILE G 228 62.03 1.34 11.76
CA ILE G 228 61.37 1.57 10.47
C ILE G 228 60.72 2.94 10.52
N ASP G 229 61.08 3.80 9.59
CA ASP G 229 60.32 5.02 9.50
C ASP G 229 59.03 4.80 8.72
N PRO G 230 57.98 5.59 8.98
CA PRO G 230 56.71 5.35 8.29
C PRO G 230 56.72 5.66 6.80
N SER G 231 57.74 6.38 6.31
CA SER G 231 57.80 6.69 4.89
C SER G 231 58.13 5.48 4.04
N LYS G 232 58.73 4.45 4.61
CA LYS G 232 59.08 3.26 3.85
C LYS G 232 57.96 2.23 3.79
N ILE G 233 56.82 2.50 4.42
CA ILE G 233 55.66 1.61 4.30
C ILE G 233 55.00 1.90 2.96
N VAL G 234 54.85 0.87 2.14
CA VAL G 234 54.33 1.09 0.79
C VAL G 234 52.82 0.90 0.75
N ASP G 235 52.35 -0.30 1.09
CA ASP G 235 50.93 -0.59 1.01
C ASP G 235 50.65 -1.75 1.97
N PHE G 236 49.40 -1.89 2.40
CA PHE G 236 49.07 -2.96 3.34
C PHE G 236 47.65 -3.45 3.12
N GLU G 237 47.40 -4.69 3.54
CA GLU G 237 46.07 -5.14 3.92
C GLU G 237 46.01 -5.07 5.43
N LEU G 238 45.04 -4.34 5.95
CA LEU G 238 44.83 -4.29 7.39
C LEU G 238 43.42 -4.76 7.70
N ILE G 239 43.33 -5.71 8.63
CA ILE G 239 42.10 -6.36 9.01
C ILE G 239 41.66 -5.82 10.35
N LEU G 240 40.41 -5.39 10.43
CA LEU G 240 39.79 -5.13 11.72
C LEU G 240 39.17 -6.38 12.27
N GLY G 241 39.66 -6.81 13.42
CA GLY G 241 39.02 -7.88 14.17
C GLY G 241 38.56 -7.33 15.50
N ASP G 242 37.83 -8.19 16.23
CA ASP G 242 37.38 -7.86 17.57
C ASP G 242 38.65 -7.90 18.40
N ALA G 243 38.88 -6.86 19.18
CA ALA G 243 40.11 -6.75 19.96
C ALA G 243 40.11 -7.64 21.18
N GLU G 244 38.98 -8.26 21.51
CA GLU G 244 38.87 -8.93 22.79
C GLU G 244 39.23 -10.40 22.67
N LYS G 245 40.07 -10.85 23.60
CA LYS G 245 40.59 -12.21 23.62
C LYS G 245 39.50 -13.26 23.72
N ALA G 246 39.72 -14.35 23.00
CA ALA G 246 38.86 -15.51 23.12
C ALA G 246 39.07 -16.21 24.45
N ARG G 247 37.97 -16.58 25.09
CA ARG G 247 38.04 -17.26 26.37
C ARG G 247 36.76 -18.05 26.60
N LEU G 248 36.88 -19.04 27.48
CA LEU G 248 35.81 -20.00 27.69
C LEU G 248 34.66 -19.37 28.45
N GLY G 249 33.43 -19.75 28.09
CA GLY G 249 32.25 -19.16 28.68
C GLY G 249 31.25 -20.23 29.07
N GLY G 250 30.24 -19.79 29.80
CA GLY G 250 29.22 -20.69 30.28
C GLY G 250 29.35 -20.96 31.77
N ILE G 251 28.33 -21.65 32.30
CA ILE G 251 28.30 -21.96 33.73
C ILE G 251 29.37 -22.98 34.08
N HIS G 252 29.75 -23.83 33.14
CA HIS G 252 30.71 -24.90 33.37
C HIS G 252 31.88 -24.82 32.42
N GLU G 253 32.09 -23.64 31.81
CA GLU G 253 33.09 -23.40 30.76
C GLU G 253 32.93 -24.38 29.60
N GLU G 254 31.69 -24.63 29.21
CA GLU G 254 31.40 -25.54 28.11
C GLU G 254 31.24 -24.81 26.78
N PHE G 255 31.36 -23.48 26.77
CA PHE G 255 31.29 -22.71 25.55
C PHE G 255 32.64 -22.08 25.26
N VAL G 256 32.85 -21.73 24.00
CA VAL G 256 34.01 -20.96 23.57
C VAL G 256 33.51 -19.70 22.92
N PHE G 257 33.78 -18.56 23.55
CA PHE G 257 33.38 -17.27 23.00
C PHE G 257 34.59 -16.70 22.29
N SER G 258 34.48 -16.51 20.98
CA SER G 258 35.66 -16.18 20.21
C SER G 258 35.29 -15.43 18.95
N PRO G 259 36.12 -14.50 18.49
CA PRO G 259 36.00 -14.03 17.12
C PRO G 259 36.61 -15.04 16.17
N ARG G 260 36.20 -14.95 14.91
CA ARG G 260 36.75 -15.74 13.80
C ARG G 260 36.61 -17.23 14.03
N LEU G 261 35.47 -17.68 14.54
CA LEU G 261 35.33 -19.11 14.74
C LEU G 261 35.02 -19.83 13.44
N ASP G 262 34.66 -19.06 12.42
CA ASP G 262 34.34 -19.61 11.11
C ASP G 262 35.61 -20.24 10.55
N ASN G 263 35.77 -21.50 10.91
CA ASN G 263 36.87 -22.39 10.50
C ASN G 263 38.19 -22.19 11.17
N LEU G 264 38.32 -21.20 12.06
CA LEU G 264 39.57 -21.07 12.80
C LEU G 264 39.64 -22.30 13.70
N GLY G 265 38.51 -22.65 14.31
CA GLY G 265 38.38 -23.85 15.08
C GLY G 265 38.63 -25.07 14.21
N MET G 266 38.18 -25.11 12.94
CA MET G 266 38.47 -26.36 12.24
C MET G 266 39.90 -26.38 11.75
N THR G 267 40.47 -25.22 11.43
CA THR G 267 41.86 -25.14 11.03
C THR G 267 42.77 -25.52 12.18
N PHE G 268 42.39 -25.18 13.40
CA PHE G 268 43.11 -25.65 14.57
C PHE G 268 42.96 -27.16 14.71
N CYS G 269 41.74 -27.68 14.53
CA CYS G 269 41.52 -29.11 14.70
C CYS G 269 42.19 -29.93 13.61
N ALA G 270 42.18 -29.44 12.37
CA ALA G 270 42.80 -30.18 11.28
C ALA G 270 44.31 -30.18 11.40
N SER G 271 44.88 -29.05 11.80
CA SER G 271 46.35 -28.97 11.88
C SER G 271 46.88 -29.70 13.10
N GLN G 272 46.17 -29.65 14.22
CA GLN G 272 46.61 -30.38 15.41
C GLN G 272 46.53 -31.87 15.19
N ALA G 273 45.49 -32.34 14.52
CA ALA G 273 45.32 -33.77 14.34
C ALA G 273 46.22 -34.31 13.24
N LEU G 274 46.71 -33.45 12.36
CA LEU G 274 47.75 -33.87 11.44
C LEU G 274 49.04 -34.18 12.19
N THR G 275 49.39 -33.33 13.16
CA THR G 275 50.57 -33.59 13.98
C THR G 275 50.30 -34.68 15.00
N LYS G 276 49.06 -34.79 15.49
CA LYS G 276 48.72 -35.84 16.43
C LYS G 276 48.69 -37.21 15.75
N SER G 277 48.50 -37.25 14.44
CA SER G 277 48.56 -38.51 13.72
C SER G 277 49.97 -38.87 13.29
N LEU G 278 50.99 -38.38 13.99
CA LEU G 278 52.37 -38.79 13.77
C LEU G 278 53.03 -39.21 15.08
N GLU G 279 52.25 -39.49 16.12
CA GLU G 279 52.81 -39.50 17.47
C GLU G 279 53.64 -40.75 17.75
N ASN G 280 53.04 -41.94 17.65
CA ASN G 280 53.82 -43.12 18.02
C ASN G 280 54.78 -43.48 16.88
N ASN G 281 54.23 -44.09 15.82
CA ASN G 281 54.76 -44.06 14.46
C ASN G 281 53.55 -44.39 13.58
N SER G 282 52.88 -43.36 13.08
CA SER G 282 51.82 -43.68 12.12
C SER G 282 52.36 -43.69 10.72
N LEU G 283 53.29 -42.80 10.43
CA LEU G 283 54.24 -43.04 9.36
C LEU G 283 55.16 -44.18 9.79
N ASP G 284 55.80 -44.80 8.79
CA ASP G 284 56.46 -46.10 8.70
C ASP G 284 55.45 -47.22 8.53
N ASN G 285 54.17 -46.92 8.55
CA ASN G 285 53.15 -47.90 8.19
C ASN G 285 52.07 -47.29 7.31
N GLU G 286 52.17 -46.01 6.99
CA GLU G 286 51.15 -45.32 6.23
C GLU G 286 51.44 -45.43 4.74
N SER G 287 50.41 -45.77 3.97
CA SER G 287 50.55 -45.91 2.53
C SER G 287 49.95 -44.74 1.76
N CYS G 288 49.40 -43.75 2.44
CA CYS G 288 48.79 -42.61 1.78
C CYS G 288 49.54 -41.34 2.19
N VAL G 289 49.01 -40.20 1.73
CA VAL G 289 49.56 -38.89 2.05
C VAL G 289 48.48 -38.10 2.76
N ARG G 290 48.79 -37.60 3.95
CA ARG G 290 47.84 -36.87 4.77
C ARG G 290 48.01 -35.38 4.56
N VAL G 291 47.04 -34.75 3.90
CA VAL G 291 47.13 -33.36 3.48
C VAL G 291 46.17 -32.53 4.31
N VAL G 292 46.65 -31.40 4.82
CA VAL G 292 45.79 -30.40 5.43
C VAL G 292 46.01 -29.07 4.70
N PRO G 293 45.15 -28.74 3.75
CA PRO G 293 45.19 -27.41 3.16
C PRO G 293 44.31 -26.43 3.92
N SER G 294 44.88 -25.30 4.30
CA SER G 294 44.13 -24.23 4.94
C SER G 294 44.09 -23.07 3.97
N PHE G 295 42.92 -22.86 3.36
CA PHE G 295 42.82 -21.92 2.26
C PHE G 295 42.49 -20.52 2.74
N ASP G 296 42.28 -19.63 1.79
CA ASP G 296 41.98 -18.23 2.04
C ASP G 296 40.82 -17.88 1.13
N HIS G 297 40.15 -16.75 1.42
CA HIS G 297 39.12 -16.15 0.57
C HIS G 297 37.89 -17.02 0.38
N GLU G 298 37.52 -17.81 1.37
CA GLU G 298 36.37 -18.72 1.23
C GLU G 298 34.99 -18.11 1.51
N GLU G 299 35.01 -16.92 2.10
CA GLU G 299 33.79 -16.18 2.47
C GLU G 299 33.19 -15.38 1.33
N ILE G 300 33.88 -15.32 0.20
CA ILE G 300 33.54 -14.60 -1.01
C ILE G 300 33.50 -15.54 -2.20
N GLY G 301 33.89 -16.79 -2.00
CA GLY G 301 33.69 -17.81 -3.00
C GLY G 301 34.94 -18.46 -3.56
N SER G 302 36.10 -18.24 -2.94
CA SER G 302 37.37 -18.92 -3.24
C SER G 302 37.91 -18.62 -4.63
N VAL G 303 37.38 -17.62 -5.33
CA VAL G 303 37.84 -17.32 -6.68
C VAL G 303 39.00 -16.35 -6.51
N SER G 304 40.20 -16.89 -6.33
CA SER G 304 41.40 -16.07 -6.17
C SER G 304 42.60 -16.92 -6.56
N ALA G 305 43.80 -16.35 -6.40
CA ALA G 305 45.01 -17.07 -6.74
C ALA G 305 45.43 -18.03 -5.65
N GLN G 306 45.02 -17.79 -4.41
CA GLN G 306 45.35 -18.66 -3.30
C GLN G 306 44.13 -19.29 -2.66
N GLY G 307 42.96 -19.14 -3.26
CA GLY G 307 41.76 -19.69 -2.69
C GLY G 307 41.65 -21.17 -2.94
N ALA G 308 40.54 -21.74 -2.47
CA ALA G 308 40.33 -23.17 -2.65
C ALA G 308 40.05 -23.52 -4.11
N GLU G 309 39.40 -22.62 -4.83
CA GLU G 309 39.11 -22.84 -6.24
C GLU G 309 40.31 -22.53 -7.15
N SER G 310 41.42 -22.10 -6.56
CA SER G 310 42.65 -21.90 -7.32
C SER G 310 43.28 -23.23 -7.68
N THR G 311 44.44 -23.17 -8.33
CA THR G 311 45.19 -24.38 -8.64
C THR G 311 46.11 -24.78 -7.50
N PHE G 312 45.98 -24.19 -6.32
CA PHE G 312 46.94 -24.42 -5.24
C PHE G 312 46.91 -25.86 -4.75
N LEU G 313 45.72 -26.38 -4.45
CA LEU G 313 45.64 -27.79 -4.10
C LEU G 313 45.92 -28.74 -5.28
N PRO G 314 45.36 -28.56 -6.49
CA PRO G 314 45.72 -29.51 -7.57
C PRO G 314 47.18 -29.47 -8.01
N ALA G 315 47.86 -28.33 -7.96
CA ALA G 315 49.26 -28.32 -8.38
C ALA G 315 50.15 -29.00 -7.36
N VAL G 316 49.83 -28.86 -6.07
CA VAL G 316 50.59 -29.54 -5.03
C VAL G 316 50.40 -31.04 -5.13
N LEU G 317 49.18 -31.48 -5.40
CA LEU G 317 48.92 -32.92 -5.51
C LEU G 317 49.56 -33.50 -6.76
N GLN G 318 49.63 -32.73 -7.85
CA GLN G 318 50.32 -33.21 -9.03
C GLN G 318 51.82 -33.28 -8.82
N ARG G 319 52.39 -32.32 -8.09
CA ARG G 319 53.83 -32.32 -7.85
C ARG G 319 54.23 -33.47 -6.93
N ILE G 320 53.34 -33.86 -6.03
CA ILE G 320 53.56 -35.06 -5.23
C ILE G 320 53.45 -36.29 -6.12
N CYS G 321 52.45 -36.31 -7.01
CA CYS G 321 52.25 -37.45 -7.89
C CYS G 321 53.26 -37.49 -9.02
N GLU G 322 54.03 -36.42 -9.24
CA GLU G 322 55.04 -36.46 -10.29
C GLU G 322 56.35 -37.06 -9.84
N LEU G 323 56.42 -37.62 -8.63
CA LEU G 323 57.57 -38.43 -8.28
C LEU G 323 57.60 -39.71 -9.09
N GLY G 324 56.45 -40.27 -9.39
CA GLY G 324 56.39 -41.38 -10.31
C GLY G 324 56.60 -40.93 -11.74
N LYS G 325 56.86 -41.90 -12.61
CA LYS G 325 57.18 -41.58 -13.99
C LYS G 325 55.95 -41.61 -14.91
N GLU G 326 54.95 -42.40 -14.56
CA GLU G 326 53.73 -42.44 -15.36
C GLU G 326 52.94 -41.15 -15.17
N SER G 327 52.46 -40.59 -16.27
CA SER G 327 51.74 -39.33 -16.21
C SER G 327 50.29 -39.49 -15.79
N SER G 328 49.77 -40.71 -15.76
CA SER G 328 48.39 -40.95 -15.39
C SER G 328 48.21 -41.16 -13.90
N LEU G 329 49.28 -41.05 -13.11
CA LEU G 329 49.19 -41.42 -11.70
C LEU G 329 48.39 -40.42 -10.88
N PHE G 330 48.23 -39.20 -11.38
CA PHE G 330 47.43 -38.21 -10.65
C PHE G 330 45.97 -38.59 -10.65
N SER G 331 45.44 -38.94 -11.82
CA SER G 331 44.03 -39.28 -11.93
C SER G 331 43.73 -40.62 -11.26
N ILE G 332 44.72 -41.51 -11.23
CA ILE G 332 44.58 -42.77 -10.50
C ILE G 332 44.49 -42.50 -9.01
N SER G 333 45.32 -41.58 -8.50
CA SER G 333 45.37 -41.33 -7.08
C SER G 333 44.12 -40.64 -6.57
N MET G 334 43.41 -39.91 -7.43
CA MET G 334 42.24 -39.16 -6.98
C MET G 334 41.07 -40.06 -6.64
N VAL G 335 40.91 -41.16 -7.37
CA VAL G 335 39.77 -42.03 -7.08
C VAL G 335 40.05 -42.93 -5.88
N LYS G 336 41.30 -43.03 -5.45
CA LYS G 336 41.62 -43.71 -4.20
C LYS G 336 41.65 -42.75 -3.02
N SER G 337 41.34 -41.48 -3.23
CA SER G 337 41.51 -40.46 -2.22
C SER G 337 40.18 -40.04 -1.61
N PHE G 338 40.26 -39.21 -0.58
CA PHE G 338 39.07 -38.71 0.09
C PHE G 338 39.35 -37.32 0.64
N LEU G 339 38.36 -36.44 0.53
CA LEU G 339 38.43 -35.07 1.02
C LEU G 339 37.47 -34.89 2.19
N VAL G 340 37.90 -34.15 3.19
CA VAL G 340 37.04 -33.75 4.29
C VAL G 340 37.07 -32.23 4.31
N SER G 341 35.98 -31.60 3.89
CA SER G 341 35.93 -30.15 3.93
C SER G 341 35.48 -29.74 5.31
N ALA G 342 36.45 -29.42 6.17
CA ALA G 342 36.14 -29.11 7.56
C ALA G 342 35.68 -27.68 7.69
N ASP G 343 34.37 -27.46 7.61
CA ASP G 343 33.84 -26.13 7.82
C ASP G 343 32.69 -26.20 8.79
N MET G 344 32.60 -25.19 9.66
CA MET G 344 31.75 -25.24 10.85
C MET G 344 30.27 -25.29 10.50
N ALA G 345 29.52 -25.96 11.36
CA ALA G 345 28.10 -26.23 11.14
C ALA G 345 27.24 -25.40 12.08
N HIS G 346 25.98 -25.23 11.69
CA HIS G 346 25.03 -24.48 12.48
C HIS G 346 24.49 -25.36 13.59
N ALA G 347 24.70 -24.94 14.83
CA ALA G 347 24.12 -25.64 15.97
C ALA G 347 22.67 -25.22 16.15
N MET G 348 22.00 -25.84 17.12
CA MET G 348 20.61 -25.49 17.37
C MET G 348 20.53 -24.22 18.17
N HIS G 349 19.84 -23.23 17.63
CA HIS G 349 19.63 -21.98 18.36
C HIS G 349 18.31 -22.08 19.09
N PRO G 350 18.30 -22.04 20.42
CA PRO G 350 17.03 -22.22 21.16
C PRO G 350 16.08 -21.08 20.98
N ASN G 351 16.58 -19.90 20.67
CA ASN G 351 15.75 -18.73 20.50
C ASN G 351 15.20 -18.61 19.09
N TYR G 352 15.76 -19.33 18.13
CA TYR G 352 15.33 -19.23 16.75
C TYR G 352 15.02 -20.61 16.20
N SER G 353 14.23 -21.38 16.97
CA SER G 353 14.03 -22.79 16.67
C SER G 353 13.21 -22.99 15.41
N SER G 354 12.42 -22.00 15.01
CA SER G 354 11.63 -22.12 13.80
C SER G 354 12.48 -22.01 12.53
N ARG G 355 13.74 -21.60 12.62
CA ARG G 355 14.57 -21.42 11.44
C ARG G 355 15.51 -22.60 11.26
N TYR G 356 15.08 -23.76 11.74
CA TYR G 356 15.84 -25.00 11.81
C TYR G 356 14.92 -26.17 11.52
N GLU G 357 15.47 -27.22 10.95
CA GLU G 357 14.66 -28.42 10.75
C GLU G 357 14.79 -29.22 12.04
N ASN G 358 13.63 -29.53 12.65
CA ASN G 358 13.59 -29.91 14.06
C ASN G 358 14.20 -31.28 14.37
N SER G 359 14.48 -32.09 13.36
CA SER G 359 15.02 -33.42 13.61
C SER G 359 16.44 -33.62 13.11
N ASN G 360 16.92 -32.81 12.17
CA ASN G 360 18.28 -32.93 11.66
C ASN G 360 19.10 -31.72 12.03
N THR G 361 18.99 -31.25 13.27
CA THR G 361 19.80 -30.13 13.66
C THR G 361 20.66 -30.54 14.84
N PRO G 362 21.96 -30.36 14.77
CA PRO G 362 22.84 -30.84 15.84
C PRO G 362 22.84 -29.92 17.05
N PHE G 363 23.58 -30.34 18.05
CA PHE G 363 23.69 -29.63 19.31
C PHE G 363 25.15 -29.44 19.67
N LEU G 364 25.42 -28.45 20.52
CA LEU G 364 26.77 -28.20 20.97
C LEU G 364 27.24 -29.30 21.91
N ASN G 365 28.54 -29.61 21.80
CA ASN G 365 29.26 -30.60 22.60
C ASN G 365 28.66 -31.99 22.46
N LYS G 366 28.09 -32.29 21.29
CA LYS G 366 27.58 -33.62 20.99
C LYS G 366 28.32 -34.24 19.81
N GLY G 367 29.51 -33.75 19.50
CA GLY G 367 30.32 -34.28 18.44
C GLY G 367 30.25 -33.43 17.17
N THR G 368 31.13 -33.76 16.24
CA THR G 368 31.16 -33.04 14.98
C THR G 368 29.98 -33.44 14.11
N VAL G 369 29.75 -32.67 13.05
CA VAL G 369 28.46 -32.67 12.38
C VAL G 369 28.67 -32.99 10.90
N ILE G 370 27.99 -34.02 10.41
CA ILE G 370 28.03 -34.34 8.98
C ILE G 370 27.03 -33.47 8.25
N LYS G 371 27.50 -32.53 7.45
CA LYS G 371 26.63 -31.59 6.75
C LYS G 371 26.17 -32.19 5.45
N VAL G 372 24.86 -32.41 5.32
CA VAL G 372 24.26 -33.07 4.17
C VAL G 372 23.29 -32.09 3.51
N ASN G 373 23.40 -31.95 2.19
CA ASN G 373 22.49 -31.09 1.46
C ASN G 373 22.21 -31.70 0.09
N ALA G 374 20.93 -31.76 -0.28
CA ALA G 374 20.55 -32.41 -1.53
C ALA G 374 21.02 -31.61 -2.73
N ASN G 375 20.97 -30.28 -2.63
CA ASN G 375 21.41 -29.42 -3.71
C ASN G 375 22.92 -29.32 -3.79
N GLN G 376 23.63 -30.06 -2.93
CA GLN G 376 25.09 -30.21 -2.93
C GLN G 376 25.78 -28.87 -2.73
N ARG G 377 25.15 -27.99 -1.94
CA ARG G 377 25.88 -26.92 -1.32
C ARG G 377 26.87 -27.48 -0.33
N TYR G 378 26.48 -28.52 0.39
CA TYR G 378 27.39 -29.46 1.03
C TYR G 378 27.35 -30.74 0.22
N THR G 379 28.53 -31.23 -0.14
CA THR G 379 28.70 -32.27 -1.15
C THR G 379 28.83 -33.67 -0.57
N THR G 380 28.21 -33.90 0.59
CA THR G 380 28.24 -35.20 1.24
C THR G 380 27.32 -36.19 0.53
N ASN G 381 27.86 -37.33 0.13
CA ASN G 381 27.08 -38.45 -0.35
C ASN G 381 27.19 -39.60 0.65
N SER G 382 26.52 -40.71 0.33
CA SER G 382 26.46 -41.83 1.26
C SER G 382 27.80 -42.56 1.36
N ALA G 383 28.60 -42.51 0.31
CA ALA G 383 29.90 -43.16 0.33
C ALA G 383 30.83 -42.49 1.33
N GLY G 384 30.66 -41.19 1.52
CA GLY G 384 31.44 -40.52 2.56
C GLY G 384 30.91 -40.79 3.95
N ILE G 385 29.59 -40.96 4.09
CA ILE G 385 28.98 -41.14 5.41
C ILE G 385 29.40 -42.46 6.02
N VAL G 386 29.45 -43.51 5.20
CA VAL G 386 29.86 -44.83 5.68
C VAL G 386 31.32 -44.81 6.12
N LEU G 387 32.16 -44.07 5.40
CA LEU G 387 33.56 -43.97 5.77
C LEU G 387 33.74 -43.25 7.10
N LEU G 388 33.07 -42.12 7.27
CA LEU G 388 33.24 -41.36 8.50
C LEU G 388 32.38 -41.86 9.64
N LYS G 389 31.42 -42.75 9.39
CA LYS G 389 30.81 -43.46 10.50
C LYS G 389 31.73 -44.56 10.99
N LYS G 390 32.50 -45.16 10.09
CA LYS G 390 33.49 -46.14 10.49
C LYS G 390 34.65 -45.50 11.23
N VAL G 391 35.02 -44.28 10.83
CA VAL G 391 36.09 -43.56 11.51
C VAL G 391 35.65 -43.18 12.92
N ALA G 392 34.39 -42.72 13.05
CA ALA G 392 33.87 -42.37 14.37
C ALA G 392 33.68 -43.60 15.24
N GLN G 393 33.41 -44.74 14.62
CA GLN G 393 33.36 -46.00 15.38
C GLN G 393 34.74 -46.37 15.90
N LEU G 394 35.78 -46.14 15.10
CA LEU G 394 37.14 -46.45 15.53
C LEU G 394 37.63 -45.46 16.57
N ALA G 395 37.30 -44.19 16.41
CA ALA G 395 37.75 -43.17 17.34
C ALA G 395 36.92 -43.10 18.61
N ASP G 396 35.73 -43.73 18.61
CA ASP G 396 34.76 -43.68 19.71
C ASP G 396 34.40 -42.24 20.05
N VAL G 397 33.94 -41.50 19.05
CA VAL G 397 33.44 -40.15 19.24
C VAL G 397 32.05 -40.07 18.59
N PRO G 398 31.14 -39.27 19.11
CA PRO G 398 29.84 -39.14 18.46
C PRO G 398 29.92 -38.22 17.26
N ILE G 399 29.04 -38.46 16.29
CA ILE G 399 28.87 -37.56 15.16
C ILE G 399 27.38 -37.30 14.99
N GLN G 400 27.07 -36.11 14.46
CA GLN G 400 25.71 -35.67 14.22
C GLN G 400 25.55 -35.34 12.73
N SER G 401 24.34 -34.94 12.36
CA SER G 401 24.05 -34.60 10.98
C SER G 401 23.27 -33.30 10.93
N PHE G 402 23.40 -32.59 9.81
CA PHE G 402 22.73 -31.32 9.61
C PHE G 402 22.16 -31.26 8.21
N VAL G 403 20.93 -30.78 8.09
CA VAL G 403 20.40 -30.29 6.84
C VAL G 403 19.79 -28.93 7.11
N VAL G 404 19.62 -28.16 6.06
CA VAL G 404 18.92 -26.88 6.18
C VAL G 404 17.44 -27.13 6.00
N ARG G 405 16.63 -26.14 6.37
CA ARG G 405 15.24 -26.18 6.00
C ARG G 405 15.08 -25.99 4.50
N ASN G 406 14.01 -26.57 3.96
CA ASN G 406 13.73 -26.51 2.54
C ASN G 406 13.26 -25.14 2.12
N ASP G 407 12.73 -24.34 3.06
CA ASP G 407 12.38 -22.96 2.77
C ASP G 407 13.51 -22.01 3.18
N SER G 408 14.74 -22.50 3.22
CA SER G 408 15.89 -21.72 3.62
C SER G 408 16.98 -21.84 2.57
N PRO G 409 17.69 -20.76 2.29
CA PRO G 409 18.83 -20.84 1.38
C PRO G 409 20.02 -21.50 2.06
N CYS G 410 20.90 -22.03 1.23
CA CYS G 410 22.12 -22.66 1.71
C CYS G 410 23.29 -22.15 0.90
N GLY G 411 24.41 -21.90 1.58
CA GLY G 411 25.62 -21.41 0.94
C GLY G 411 26.62 -22.54 0.74
N SER G 412 27.23 -22.56 -0.43
CA SER G 412 28.22 -23.58 -0.74
C SER G 412 29.50 -23.35 0.06
N THR G 413 30.12 -24.45 0.44
CA THR G 413 31.44 -24.42 1.05
C THR G 413 32.49 -24.67 -0.04
N ILE G 414 33.73 -24.86 0.38
CA ILE G 414 34.79 -25.16 -0.59
C ILE G 414 34.74 -26.61 -1.04
N GLY G 415 34.02 -27.44 -0.32
CA GLY G 415 33.92 -28.86 -0.61
C GLY G 415 33.38 -29.25 -1.97
N PRO G 416 32.27 -28.65 -2.42
CA PRO G 416 31.80 -28.94 -3.78
C PRO G 416 32.78 -28.58 -4.88
N LYS G 417 33.51 -27.48 -4.74
CA LYS G 417 34.32 -27.06 -5.88
C LYS G 417 35.69 -27.70 -5.82
N LEU G 418 36.18 -28.01 -4.62
CA LEU G 418 37.39 -28.81 -4.49
C LEU G 418 37.16 -30.24 -4.97
N ALA G 419 35.93 -30.73 -4.84
CA ALA G 419 35.58 -32.01 -5.45
C ALA G 419 35.64 -31.94 -6.96
N ALA G 420 35.27 -30.79 -7.53
CA ALA G 420 35.22 -30.67 -8.97
C ALA G 420 36.61 -30.66 -9.59
N MET G 421 37.54 -29.92 -9.01
CA MET G 421 38.85 -29.83 -9.62
C MET G 421 39.73 -31.03 -9.35
N THR G 422 39.30 -31.91 -8.45
CA THR G 422 40.07 -33.10 -8.14
C THR G 422 39.38 -34.38 -8.55
N GLY G 423 38.05 -34.39 -8.63
CA GLY G 423 37.35 -35.64 -8.86
C GLY G 423 37.35 -36.55 -7.66
N MET G 424 37.55 -35.98 -6.48
CA MET G 424 37.85 -36.75 -5.30
C MET G 424 36.57 -36.93 -4.49
N ARG G 425 36.38 -38.14 -3.96
CA ARG G 425 35.25 -38.40 -3.08
C ARG G 425 35.38 -37.55 -1.83
N THR G 426 34.26 -37.02 -1.34
CA THR G 426 34.36 -35.98 -0.35
C THR G 426 33.13 -35.91 0.54
N LEU G 427 33.33 -35.31 1.71
CA LEU G 427 32.30 -35.06 2.68
C LEU G 427 32.54 -33.69 3.29
N ASP G 428 31.46 -32.97 3.59
CA ASP G 428 31.54 -31.69 4.27
C ASP G 428 31.13 -31.91 5.72
N LEU G 429 32.06 -31.74 6.65
CA LEU G 429 31.73 -31.79 8.05
C LEU G 429 32.24 -30.56 8.76
N GLY G 430 31.89 -30.46 10.04
CA GLY G 430 32.38 -29.39 10.87
C GLY G 430 31.76 -29.46 12.24
N ASN G 431 32.30 -28.68 13.13
CA ASN G 431 31.81 -28.71 14.49
C ASN G 431 30.68 -27.70 14.66
N PRO G 432 29.68 -27.99 15.50
CA PRO G 432 28.54 -27.09 15.59
C PRO G 432 28.86 -25.80 16.31
N MET G 433 28.15 -24.75 15.94
CA MET G 433 28.35 -23.43 16.52
C MET G 433 27.11 -22.58 16.26
N LEU G 434 26.99 -21.51 17.02
CA LEU G 434 25.94 -20.52 16.82
C LEU G 434 26.53 -19.17 16.48
N SER G 435 25.72 -18.35 15.83
CA SER G 435 26.06 -17.01 15.35
C SER G 435 27.27 -17.03 14.42
N MET G 436 27.12 -17.76 13.32
CA MET G 436 28.18 -17.81 12.33
C MET G 436 28.26 -16.48 11.60
N HIS G 437 29.49 -16.07 11.26
CA HIS G 437 29.83 -14.79 10.64
C HIS G 437 29.44 -13.61 11.52
N SER G 438 29.44 -13.80 12.82
CA SER G 438 29.29 -12.68 13.74
C SER G 438 30.67 -12.14 14.12
N CYS G 439 30.67 -11.01 14.82
CA CYS G 439 31.92 -10.46 15.31
C CYS G 439 32.48 -11.31 16.44
N ARG G 440 31.62 -11.84 17.28
CA ARG G 440 31.99 -12.78 18.33
C ARG G 440 31.09 -13.99 18.20
N GLU G 441 31.67 -15.18 18.33
CA GLU G 441 31.03 -16.40 17.89
C GLU G 441 31.11 -17.42 19.02
N MET G 442 30.16 -18.35 19.07
CA MET G 442 30.05 -19.29 20.18
C MET G 442 29.99 -20.73 19.68
N CYS G 443 30.82 -21.58 20.27
CA CYS G 443 30.80 -23.01 19.98
C CYS G 443 31.09 -23.75 21.29
N GLY G 444 30.92 -25.07 21.25
CA GLY G 444 31.19 -25.87 22.43
C GLY G 444 32.66 -26.15 22.62
N SER G 445 33.04 -26.48 23.86
CA SER G 445 34.45 -26.66 24.17
C SER G 445 34.87 -28.12 24.11
N LYS G 446 33.94 -29.06 24.34
CA LYS G 446 34.27 -30.47 24.13
C LYS G 446 34.43 -30.77 22.65
N ASP G 447 33.84 -29.94 21.80
CA ASP G 447 33.81 -30.21 20.37
C ASP G 447 35.19 -30.11 19.72
N PHE G 448 36.13 -29.39 20.34
CA PHE G 448 37.47 -29.29 19.78
C PHE G 448 38.22 -30.60 19.93
N GLU G 449 38.07 -31.26 21.08
CA GLU G 449 38.76 -32.52 21.33
C GLU G 449 38.14 -33.64 20.51
N TYR G 450 36.83 -33.58 20.29
CA TYR G 450 36.13 -34.58 19.49
C TYR G 450 36.57 -34.52 18.03
N ALA G 451 36.84 -33.32 17.54
CA ALA G 451 37.25 -33.17 16.15
C ALA G 451 38.67 -33.66 15.92
N VAL G 452 39.55 -33.40 16.87
CA VAL G 452 40.95 -33.78 16.72
C VAL G 452 41.10 -35.29 16.79
N VAL G 453 40.33 -35.93 17.68
CA VAL G 453 40.36 -37.39 17.79
C VAL G 453 39.80 -38.03 16.54
N LEU G 454 38.72 -37.47 16.00
CA LEU G 454 38.11 -37.99 14.78
C LEU G 454 39.05 -37.85 13.59
N PHE G 455 39.70 -36.69 13.47
CA PHE G 455 40.54 -36.43 12.31
C PHE G 455 41.81 -37.24 12.34
N SER G 456 42.41 -37.39 13.52
CA SER G 456 43.61 -38.21 13.64
C SER G 456 43.29 -39.67 13.37
N SER G 457 42.09 -40.11 13.75
CA SER G 457 41.66 -41.45 13.40
C SER G 457 41.36 -41.56 11.92
N PHE G 458 40.89 -40.47 11.30
CA PHE G 458 40.67 -40.47 9.87
C PHE G 458 42.00 -40.54 9.13
N PHE G 459 43.02 -39.86 9.65
CA PHE G 459 44.33 -39.89 9.01
C PHE G 459 45.00 -41.24 9.18
N GLN G 460 44.87 -41.84 10.37
CA GLN G 460 45.57 -43.07 10.65
C GLN G 460 44.89 -44.30 10.06
N ASN G 461 43.57 -44.26 9.87
CA ASN G 461 42.85 -45.43 9.40
C ASN G 461 42.22 -45.24 8.04
N PHE G 462 42.71 -44.30 7.23
CA PHE G 462 42.09 -44.08 5.93
C PHE G 462 42.36 -45.23 4.97
N ALA G 463 43.59 -45.72 4.93
CA ALA G 463 43.98 -46.70 3.91
C ALA G 463 43.27 -48.03 4.13
N ASN G 464 43.00 -48.39 5.38
CA ASN G 464 42.30 -49.63 5.64
C ASN G 464 40.82 -49.53 5.30
N LEU G 465 40.20 -48.38 5.57
CA LEU G 465 38.76 -48.29 5.42
C LEU G 465 38.33 -47.83 4.03
N GLU G 466 39.29 -47.35 3.24
CA GLU G 466 38.99 -46.89 1.89
C GLU G 466 38.73 -48.06 0.94
N GLU G 467 39.39 -49.19 1.19
CA GLU G 467 39.20 -50.37 0.37
C GLU G 467 38.01 -51.20 0.83
N LYS G 468 37.39 -50.85 1.94
CA LYS G 468 36.18 -51.53 2.40
C LYS G 468 34.91 -50.90 1.86
N ILE G 469 34.98 -49.76 1.21
CA ILE G 469 33.81 -49.13 0.60
C ILE G 469 33.88 -49.45 -0.88
N ILE G 470 32.93 -50.23 -1.38
CA ILE G 470 32.98 -50.74 -2.74
C ILE G 470 31.94 -49.99 -3.56
N ILE G 471 32.41 -48.98 -4.28
CA ILE G 471 31.66 -48.34 -5.35
C ILE G 471 32.46 -48.57 -6.62
N ASP G 472 31.78 -48.64 -7.76
CA ASP G 472 32.38 -48.74 -9.09
C ASP G 472 33.24 -49.99 -9.25
N GLU G 473 32.61 -51.16 -9.17
CA GLU G 473 33.31 -52.40 -9.51
C GLU G 473 32.85 -52.93 -10.86
N GLY G 474 33.40 -54.07 -11.26
CA GLY G 474 33.00 -54.65 -12.53
C GLY G 474 31.63 -55.29 -12.45
N PHE G 475 31.09 -55.62 -13.61
CA PHE G 475 29.72 -56.14 -13.71
C PHE G 475 29.72 -57.58 -14.17
N SER G 493 38.44 -31.05 41.71
CA SER G 493 37.88 -30.27 40.62
C SER G 493 38.96 -29.45 39.92
N VAL G 494 40.22 -29.72 40.28
CA VAL G 494 41.37 -29.02 39.73
C VAL G 494 42.30 -30.06 39.14
N ALA G 495 42.79 -29.82 37.93
CA ALA G 495 43.78 -30.69 37.30
C ALA G 495 45.06 -29.89 37.01
N CYS G 496 46.01 -30.57 36.37
CA CYS G 496 47.32 -30.00 36.08
C CYS G 496 47.43 -29.74 34.58
N ASN G 497 48.02 -28.60 34.22
CA ASN G 497 48.16 -28.26 32.80
C ASN G 497 49.25 -29.07 32.13
N THR G 498 50.20 -29.60 32.89
CA THR G 498 51.27 -30.38 32.29
C THR G 498 50.81 -31.82 32.02
N CYS G 499 50.48 -32.55 33.08
CA CYS G 499 49.90 -33.87 32.97
C CYS G 499 48.39 -33.73 33.16
N LEU G 500 47.64 -34.13 32.16
CA LEU G 500 46.20 -33.86 32.10
C LEU G 500 45.42 -34.88 32.93
N LYS G 501 45.61 -34.79 34.24
CA LYS G 501 45.03 -35.72 35.20
C LYS G 501 44.45 -34.95 36.38
N ILE G 502 43.31 -35.41 36.88
CA ILE G 502 42.68 -34.81 38.04
C ILE G 502 43.52 -35.18 39.26
N ILE G 503 44.00 -34.18 39.95
CA ILE G 503 44.93 -34.42 41.05
C ILE G 503 44.13 -34.75 42.30
N ARG G 504 44.78 -35.41 43.25
CA ARG G 504 44.12 -35.96 44.42
C ARG G 504 44.76 -35.45 45.71
N ASN G 505 45.49 -34.35 45.61
CA ASN G 505 46.32 -33.87 46.70
C ASN G 505 46.48 -32.35 46.56
N ASP G 506 47.51 -31.80 47.20
CA ASP G 506 47.76 -30.36 47.19
C ASP G 506 48.00 -29.83 45.78
N SER G 507 47.55 -28.61 45.54
CA SER G 507 47.67 -27.96 44.25
C SER G 507 48.49 -26.69 44.39
N PHE G 508 49.36 -26.47 43.41
CA PHE G 508 50.24 -25.29 43.38
C PHE G 508 49.64 -24.29 42.40
N HIS G 509 49.06 -23.23 42.94
CA HIS G 509 48.31 -22.27 42.13
C HIS G 509 49.22 -21.10 41.78
N CYS G 510 49.41 -20.90 40.47
CA CYS G 510 50.11 -19.72 39.99
C CYS G 510 49.24 -18.49 40.24
N THR G 511 49.74 -17.59 41.10
CA THR G 511 49.00 -16.36 41.38
C THR G 511 49.17 -15.32 40.28
N LYS G 512 50.06 -15.55 39.33
CA LYS G 512 50.32 -14.58 38.29
C LYS G 512 49.55 -14.86 37.01
N CYS G 513 49.30 -16.12 36.68
CA CYS G 513 48.42 -16.48 35.58
C CYS G 513 46.99 -16.57 36.11
N PHE G 514 46.09 -17.11 35.30
CA PHE G 514 44.68 -17.19 35.66
C PHE G 514 44.33 -18.51 36.33
N ASP G 515 44.55 -19.62 35.63
CA ASP G 515 44.06 -20.93 36.05
C ASP G 515 45.09 -22.02 35.77
N PHE G 516 46.34 -21.79 36.18
CA PHE G 516 47.43 -22.62 35.71
C PHE G 516 47.54 -23.95 36.47
N ASP G 517 47.82 -23.89 37.77
CA ASP G 517 47.57 -24.97 38.74
C ASP G 517 48.33 -26.26 38.42
N VAL G 518 49.65 -26.21 38.57
CA VAL G 518 50.45 -27.43 38.46
C VAL G 518 50.26 -28.31 39.69
N CYS G 519 50.76 -29.55 39.59
CA CYS G 519 50.52 -30.58 40.58
C CYS G 519 51.75 -30.79 41.45
N ARG G 520 51.62 -31.75 42.37
CA ARG G 520 52.66 -32.21 43.28
C ARG G 520 53.93 -32.64 42.56
N ASP G 521 53.79 -33.53 41.59
CA ASP G 521 54.95 -34.10 40.92
C ASP G 521 55.58 -33.10 39.96
N CYS G 522 54.76 -32.35 39.22
CA CYS G 522 55.28 -31.44 38.22
C CYS G 522 55.88 -30.19 38.85
N TYR G 523 55.52 -29.90 40.10
CA TYR G 523 56.16 -28.78 40.80
C TYR G 523 57.62 -29.07 41.08
N ALA G 524 57.93 -30.31 41.47
CA ALA G 524 59.33 -30.71 41.62
C ALA G 524 59.97 -31.02 40.27
N LYS G 525 59.18 -31.28 39.24
CA LYS G 525 59.70 -31.66 37.94
C LYS G 525 60.05 -30.44 37.09
N GLN G 526 59.73 -29.24 37.57
CA GLN G 526 60.05 -27.95 36.94
C GLN G 526 59.45 -27.81 35.54
N ALA G 527 58.25 -28.35 35.33
CA ALA G 527 57.63 -28.37 34.02
C ALA G 527 56.56 -27.29 33.85
N PHE G 528 56.64 -26.21 34.63
CA PHE G 528 55.63 -25.16 34.67
C PHE G 528 55.87 -23.99 33.69
N LEU G 529 56.09 -24.32 32.43
CA LEU G 529 56.29 -23.30 31.40
C LEU G 529 54.96 -22.75 30.84
N HIS G 530 54.69 -21.47 31.08
CA HIS G 530 53.49 -20.78 30.62
C HIS G 530 53.85 -19.30 30.47
N PRO G 531 53.03 -18.46 29.78
CA PRO G 531 53.39 -17.04 29.67
C PRO G 531 53.34 -16.22 30.95
N CYS G 532 54.18 -16.59 31.93
CA CYS G 532 54.46 -15.75 33.09
C CYS G 532 55.94 -15.94 33.38
N PRO G 533 56.75 -14.87 33.29
CA PRO G 533 58.20 -15.03 33.49
C PRO G 533 58.62 -15.53 34.88
N LYS G 534 57.96 -15.09 35.94
CA LYS G 534 58.13 -15.71 37.25
C LYS G 534 56.78 -15.93 37.90
N PRO G 535 56.37 -17.18 38.05
CA PRO G 535 55.10 -17.48 38.73
C PRO G 535 55.28 -17.77 40.21
N HIS G 536 54.26 -17.40 40.97
CA HIS G 536 54.22 -17.67 42.41
C HIS G 536 53.21 -18.77 42.66
N PHE G 537 53.67 -19.93 43.09
CA PHE G 537 52.80 -21.07 43.32
C PHE G 537 52.49 -21.21 44.79
N VAL G 538 51.30 -20.79 45.17
CA VAL G 538 50.80 -21.03 46.52
C VAL G 538 50.20 -22.43 46.57
N LEU G 539 50.46 -23.14 47.66
CA LEU G 539 50.01 -24.51 47.81
C LEU G 539 48.68 -24.56 48.54
N VAL G 540 47.75 -25.36 47.99
CA VAL G 540 46.35 -25.31 48.37
C VAL G 540 45.88 -26.70 48.75
N ARG G 541 45.19 -26.80 49.89
CA ARG G 541 44.61 -28.05 50.39
C ARG G 541 43.59 -28.68 49.44
N SER G 542 43.60 -30.01 49.44
CA SER G 542 42.68 -30.89 48.72
C SER G 542 42.62 -30.64 47.22
N MET H 1 47.44 18.41 -36.54
CA MET H 1 46.98 17.81 -35.30
C MET H 1 46.86 18.91 -34.27
N GLN H 2 45.62 19.39 -34.10
CA GLN H 2 45.34 20.56 -33.26
C GLN H 2 45.58 20.23 -31.80
N LEU H 3 46.38 21.07 -31.14
CA LEU H 3 46.70 20.90 -29.73
C LEU H 3 46.15 22.09 -28.96
N HIS H 4 45.07 21.86 -28.23
CA HIS H 4 44.35 22.97 -27.60
C HIS H 4 45.04 23.42 -26.31
N GLY H 5 45.47 22.47 -25.49
CA GLY H 5 46.22 22.82 -24.29
C GLY H 5 46.71 21.63 -23.50
N LYS H 6 48.00 21.65 -23.12
CA LYS H 6 48.69 20.59 -22.38
C LYS H 6 48.52 19.24 -23.09
N MET H 7 49.03 19.16 -24.32
CA MET H 7 48.54 18.14 -25.23
C MET H 7 49.60 17.16 -25.69
N THR H 8 50.88 17.55 -25.65
CA THR H 8 52.15 16.80 -25.76
C THR H 8 52.33 15.98 -27.04
N ALA H 9 51.38 16.05 -27.98
CA ALA H 9 51.49 15.55 -29.36
C ALA H 9 51.72 14.05 -29.51
N THR H 10 51.86 13.33 -28.42
CA THR H 10 52.01 11.87 -28.43
C THR H 10 50.83 11.19 -27.80
N ALA H 11 50.24 11.81 -26.77
CA ALA H 11 48.99 11.31 -26.22
C ALA H 11 47.85 11.43 -27.23
N LYS H 12 47.83 12.53 -27.99
CA LYS H 12 46.85 12.67 -29.06
C LYS H 12 47.08 11.66 -30.17
N SER H 13 48.34 11.44 -30.53
CA SER H 13 48.63 10.50 -31.61
C SER H 13 48.37 9.06 -31.18
N CYS H 14 48.57 8.75 -29.91
CA CYS H 14 48.19 7.44 -29.41
C CYS H 14 46.68 7.30 -29.36
N ALA H 15 45.98 8.38 -29.01
CA ALA H 15 44.52 8.33 -28.97
C ALA H 15 43.94 8.27 -30.37
N LEU H 16 44.57 8.97 -31.32
CA LEU H 16 44.10 8.91 -32.70
C LEU H 16 44.34 7.54 -33.31
N ASP H 17 45.39 6.86 -32.86
CA ASP H 17 45.62 5.49 -33.32
C ASP H 17 44.59 4.54 -32.74
N PHE H 18 44.10 4.84 -31.53
CA PHE H 18 43.01 4.05 -30.96
C PHE H 18 41.73 4.24 -31.76
N LEU H 19 41.48 5.46 -32.23
CA LEU H 19 40.25 5.76 -32.95
C LEU H 19 40.18 5.00 -34.26
N ASP H 20 41.31 4.82 -34.93
CA ASP H 20 41.33 4.00 -36.13
C ASP H 20 41.10 2.53 -35.80
N PHE H 21 41.57 2.11 -34.62
CA PHE H 21 41.45 0.71 -34.25
C PHE H 21 40.02 0.35 -33.88
N VAL H 22 39.36 1.20 -33.09
CA VAL H 22 38.05 0.84 -32.59
C VAL H 22 36.97 1.10 -33.63
N ASN H 23 37.23 1.99 -34.59
CA ASN H 23 36.26 2.19 -35.66
C ASN H 23 36.28 1.04 -36.66
N ALA H 24 37.38 0.31 -36.75
CA ALA H 24 37.49 -0.83 -37.64
C ALA H 24 37.18 -2.14 -36.93
N SER H 25 36.89 -2.11 -35.64
CA SER H 25 36.70 -3.32 -34.84
C SER H 25 35.41 -3.24 -34.04
N PRO H 26 34.26 -3.51 -34.67
CA PRO H 26 33.01 -3.52 -33.92
C PRO H 26 32.65 -4.88 -33.34
N THR H 27 33.31 -5.93 -33.74
CA THR H 27 33.03 -7.28 -33.27
C THR H 27 34.33 -7.82 -32.69
N PRO H 28 34.25 -8.84 -31.84
CA PRO H 28 35.48 -9.54 -31.45
C PRO H 28 36.18 -10.21 -32.62
N TYR H 29 35.43 -10.64 -33.63
CA TYR H 29 36.04 -11.18 -34.83
C TYR H 29 36.83 -10.11 -35.57
N HIS H 30 36.30 -8.89 -35.64
CA HIS H 30 37.06 -7.82 -36.26
C HIS H 30 38.18 -7.36 -35.36
N ALA H 31 37.96 -7.41 -34.04
CA ALA H 31 38.99 -6.99 -33.10
C ALA H 31 40.21 -7.89 -33.18
N VAL H 32 39.99 -9.20 -33.24
CA VAL H 32 41.08 -10.16 -33.37
C VAL H 32 41.76 -10.01 -34.73
N GLN H 33 40.98 -9.72 -35.76
CA GLN H 33 41.52 -9.52 -37.10
C GLN H 33 42.41 -8.28 -37.16
N ASN H 34 42.00 -7.20 -36.50
CA ASN H 34 42.82 -5.99 -36.53
C ASN H 34 44.04 -6.11 -35.62
N LEU H 35 43.94 -6.83 -34.52
CA LEU H 35 45.11 -7.05 -33.68
C LEU H 35 46.14 -7.90 -34.39
N ALA H 36 45.68 -8.92 -35.11
CA ALA H 36 46.61 -9.86 -35.74
C ALA H 36 47.31 -9.23 -36.94
N GLU H 37 46.62 -8.32 -37.64
CA GLU H 37 47.32 -7.57 -38.68
C GLU H 37 48.37 -6.65 -38.08
N HIS H 38 48.10 -6.11 -36.90
CA HIS H 38 49.10 -5.29 -36.23
C HIS H 38 50.25 -6.15 -35.70
N TYR H 39 49.94 -7.39 -35.31
CA TYR H 39 50.97 -8.29 -34.81
C TYR H 39 51.89 -8.73 -35.94
N MET H 40 51.33 -9.12 -37.08
CA MET H 40 52.16 -9.58 -38.18
C MET H 40 52.88 -8.41 -38.85
N SER H 41 52.38 -7.19 -38.69
CA SER H 41 53.12 -6.03 -39.15
C SER H 41 54.36 -5.82 -38.31
N HIS H 42 54.31 -6.19 -37.04
CA HIS H 42 55.44 -6.07 -36.14
C HIS H 42 56.25 -7.35 -36.04
N GLY H 43 56.02 -8.30 -36.93
CA GLY H 43 56.89 -9.46 -37.04
C GLY H 43 56.44 -10.71 -36.32
N PHE H 44 55.22 -10.74 -35.81
CA PHE H 44 54.73 -11.93 -35.12
C PHE H 44 54.42 -13.03 -36.12
N GLN H 45 54.45 -14.27 -35.65
CA GLN H 45 54.18 -15.43 -36.48
C GLN H 45 52.91 -16.11 -36.01
N TYR H 46 52.07 -16.50 -36.95
CA TYR H 46 50.84 -17.21 -36.60
C TYR H 46 51.17 -18.65 -36.24
N LEU H 47 50.57 -19.14 -35.16
CA LEU H 47 50.68 -20.52 -34.75
C LEU H 47 49.32 -21.18 -34.84
N SER H 48 49.25 -22.29 -35.58
CA SER H 48 48.04 -23.10 -35.58
C SER H 48 48.05 -23.93 -34.29
N GLU H 49 46.91 -23.96 -33.61
CA GLU H 49 46.83 -24.74 -32.39
C GLU H 49 46.70 -26.22 -32.71
N LYS H 50 46.32 -26.56 -33.94
CA LYS H 50 46.33 -27.95 -34.39
C LYS H 50 47.73 -28.51 -34.50
N SER H 51 48.73 -27.68 -34.70
CA SER H 51 50.09 -28.16 -34.89
C SER H 51 50.77 -28.43 -33.56
N ASP H 52 51.96 -28.98 -33.64
CA ASP H 52 52.80 -29.23 -32.47
C ASP H 52 53.92 -28.19 -32.44
N TRP H 53 54.11 -27.57 -31.29
CA TRP H 53 54.99 -26.42 -31.20
C TRP H 53 56.39 -26.77 -30.70
N GLN H 54 56.75 -28.05 -30.67
CA GLN H 54 58.05 -28.43 -30.15
C GLN H 54 59.18 -27.95 -31.05
N SER H 55 58.93 -27.87 -32.36
CA SER H 55 59.94 -27.41 -33.30
C SER H 55 59.58 -26.08 -33.94
N LYS H 56 58.49 -25.47 -33.51
CA LYS H 56 58.01 -24.26 -34.17
C LYS H 56 58.33 -22.99 -33.42
N ILE H 57 58.49 -23.05 -32.11
CA ILE H 57 58.77 -21.86 -31.31
C ILE H 57 60.19 -21.95 -30.79
N GLU H 58 60.88 -20.82 -30.81
CA GLU H 58 62.24 -20.73 -30.33
C GLU H 58 62.42 -19.38 -29.65
N PRO H 59 63.34 -19.26 -28.69
CA PRO H 59 63.52 -17.99 -27.98
C PRO H 59 63.99 -16.87 -28.89
N GLY H 60 63.56 -15.66 -28.57
CA GLY H 60 63.90 -14.49 -29.34
C GLY H 60 62.89 -14.07 -30.38
N ASN H 61 61.78 -14.79 -30.50
CA ASN H 61 60.80 -14.50 -31.53
C ASN H 61 59.42 -14.30 -30.91
N SER H 62 58.51 -13.78 -31.71
CA SER H 62 57.17 -13.43 -31.26
C SER H 62 56.14 -14.21 -32.07
N TYR H 63 55.13 -14.72 -31.36
CA TYR H 63 54.11 -15.60 -31.90
C TYR H 63 52.75 -15.17 -31.40
N PHE H 64 51.71 -15.56 -32.14
CA PHE H 64 50.35 -15.39 -31.66
C PHE H 64 49.50 -16.56 -32.10
N VAL H 65 48.50 -16.90 -31.31
CA VAL H 65 47.62 -18.01 -31.55
C VAL H 65 46.19 -17.50 -31.42
N THR H 66 45.26 -18.16 -32.10
CA THR H 66 43.89 -17.68 -32.19
C THR H 66 42.92 -18.84 -31.99
N ARG H 67 41.88 -18.60 -31.20
CA ARG H 67 40.83 -19.58 -30.94
C ARG H 67 39.51 -18.98 -31.38
N ASN H 68 38.81 -19.69 -32.28
CA ASN H 68 37.48 -19.38 -32.80
C ASN H 68 37.45 -18.05 -33.55
N LYS H 69 38.62 -17.53 -33.96
CA LYS H 69 38.82 -16.21 -34.57
C LYS H 69 38.26 -15.07 -33.72
N SER H 70 38.13 -15.29 -32.41
CA SER H 70 37.54 -14.31 -31.52
C SER H 70 38.28 -14.16 -30.21
N SER H 71 39.18 -15.06 -29.89
CA SER H 71 40.14 -14.89 -28.80
C SER H 71 41.53 -15.02 -29.39
N ILE H 72 42.43 -14.15 -28.96
CA ILE H 72 43.79 -14.15 -29.47
C ILE H 72 44.75 -14.04 -28.29
N ILE H 73 45.83 -14.82 -28.35
CA ILE H 73 46.88 -14.79 -27.36
C ILE H 73 48.18 -14.54 -28.12
N ALA H 74 48.81 -13.41 -27.88
CA ALA H 74 50.11 -13.11 -28.47
C ALA H 74 51.18 -13.15 -27.39
N PHE H 75 52.29 -13.80 -27.72
CA PHE H 75 53.37 -13.91 -26.75
C PHE H 75 54.70 -13.72 -27.44
N SER H 76 55.61 -13.03 -26.77
CA SER H 76 56.98 -12.86 -27.21
C SER H 76 57.91 -13.55 -26.23
N ILE H 77 58.75 -14.44 -26.74
CA ILE H 77 59.66 -15.21 -25.92
C ILE H 77 61.02 -14.53 -25.96
N GLY H 78 61.55 -14.21 -24.79
CA GLY H 78 62.85 -13.57 -24.72
C GLY H 78 63.97 -14.52 -25.12
N LYS H 79 65.08 -13.94 -25.55
CA LYS H 79 66.21 -14.75 -25.99
C LYS H 79 66.86 -15.48 -24.83
N LYS H 80 66.91 -14.84 -23.67
CA LYS H 80 67.49 -15.45 -22.48
C LYS H 80 66.48 -16.23 -21.66
N TRP H 81 65.38 -16.66 -22.28
CA TRP H 81 64.34 -17.36 -21.56
C TRP H 81 64.62 -18.84 -21.54
N LYS H 82 64.53 -19.42 -20.37
CA LYS H 82 64.59 -20.85 -20.19
C LYS H 82 63.21 -21.37 -19.79
N PRO H 83 62.88 -22.61 -20.13
CA PRO H 83 61.61 -23.18 -19.66
C PRO H 83 61.61 -23.32 -18.15
N GLY H 84 60.70 -22.61 -17.51
CA GLY H 84 60.67 -22.54 -16.06
C GLY H 84 60.68 -21.12 -15.57
N ASN H 85 61.07 -20.20 -16.45
CA ASN H 85 61.03 -18.79 -16.10
C ASN H 85 59.61 -18.27 -16.16
N GLY H 86 59.40 -17.11 -15.56
CA GLY H 86 58.05 -16.58 -15.39
C GLY H 86 57.47 -16.00 -16.66
N PHE H 87 56.21 -15.59 -16.54
CA PHE H 87 55.45 -14.97 -17.61
C PHE H 87 54.98 -13.60 -17.15
N SER H 88 55.06 -12.62 -18.03
CA SER H 88 54.48 -11.31 -17.77
C SER H 88 53.25 -11.19 -18.67
N ILE H 89 52.07 -11.30 -18.07
CA ILE H 89 50.83 -11.47 -18.81
C ILE H 89 49.92 -10.28 -18.56
N ILE H 90 49.40 -9.69 -19.63
CA ILE H 90 48.42 -8.61 -19.55
C ILE H 90 47.18 -9.06 -20.32
N ALA H 91 46.11 -9.37 -19.60
CA ALA H 91 44.93 -9.99 -20.18
C ALA H 91 43.79 -8.98 -20.31
N THR H 92 43.23 -8.89 -21.52
CA THR H 92 42.05 -8.08 -21.82
C THR H 92 40.95 -8.98 -22.37
N HIS H 93 39.85 -8.36 -22.80
CA HIS H 93 38.78 -9.08 -23.46
C HIS H 93 38.30 -8.28 -24.66
N THR H 94 37.93 -8.98 -25.73
CA THR H 94 37.59 -8.32 -26.98
C THR H 94 36.11 -7.99 -27.13
N ASP H 95 35.26 -8.50 -26.26
CA ASP H 95 33.84 -8.36 -26.50
C ASP H 95 33.26 -7.17 -25.75
N SER H 96 32.05 -6.79 -26.12
CA SER H 96 31.35 -5.66 -25.56
C SER H 96 29.86 -5.99 -25.52
N PRO H 97 29.09 -5.38 -24.63
CA PRO H 97 27.64 -5.63 -24.62
C PRO H 97 26.98 -5.06 -25.86
N THR H 98 26.11 -5.86 -26.46
CA THR H 98 25.54 -5.55 -27.76
C THR H 98 24.30 -6.41 -27.98
N LEU H 99 23.79 -6.40 -29.21
CA LEU H 99 22.63 -7.20 -29.60
C LEU H 99 23.01 -8.10 -30.76
N ARG H 100 22.69 -9.38 -30.63
CA ARG H 100 22.88 -10.36 -31.69
C ARG H 100 21.58 -10.66 -32.41
N LEU H 101 21.70 -10.90 -33.70
CA LEU H 101 20.55 -11.35 -34.49
C LEU H 101 20.16 -12.77 -34.08
N LYS H 102 18.86 -13.00 -34.02
CA LYS H 102 18.34 -14.32 -33.71
C LYS H 102 18.54 -15.25 -34.91
N PRO H 103 18.51 -16.57 -34.69
CA PRO H 103 18.54 -17.50 -35.85
C PRO H 103 17.38 -17.34 -36.81
N LYS H 104 16.19 -17.06 -36.30
CA LYS H 104 15.04 -16.68 -37.13
C LYS H 104 14.87 -15.19 -36.87
N SER H 105 15.63 -14.39 -37.62
CA SER H 105 15.65 -12.95 -37.38
C SER H 105 14.64 -12.20 -38.23
N GLN H 106 13.85 -12.88 -39.05
CA GLN H 106 12.90 -12.19 -39.89
C GLN H 106 11.69 -11.79 -39.08
N LYS H 107 11.41 -10.49 -39.05
CA LYS H 107 10.23 -9.96 -38.37
C LYS H 107 9.61 -8.90 -39.25
N SER H 108 8.29 -8.85 -39.27
CA SER H 108 7.58 -7.84 -40.04
C SER H 108 6.35 -7.42 -39.27
N ALA H 109 6.13 -6.11 -39.17
CA ALA H 109 4.97 -5.59 -38.47
C ALA H 109 4.59 -4.27 -39.09
N TYR H 110 3.38 -4.21 -39.65
CA TYR H 110 2.71 -2.99 -40.11
C TYR H 110 3.54 -2.28 -41.17
N GLY H 111 4.01 -3.06 -42.14
CA GLY H 111 4.77 -2.52 -43.23
C GLY H 111 6.23 -2.31 -42.96
N TYR H 112 6.69 -2.58 -41.75
CA TYR H 112 8.08 -2.34 -41.41
C TYR H 112 8.81 -3.66 -41.34
N LEU H 113 10.00 -3.70 -41.89
CA LEU H 113 10.88 -4.83 -41.72
C LEU H 113 11.63 -4.66 -40.41
N GLN H 114 11.59 -5.68 -39.56
CA GLN H 114 12.33 -5.63 -38.31
C GLN H 114 13.23 -6.85 -38.23
N VAL H 115 14.27 -6.76 -37.40
CA VAL H 115 15.11 -7.91 -37.12
C VAL H 115 14.91 -8.31 -35.67
N GLY H 116 14.91 -9.60 -35.42
CA GLY H 116 14.75 -10.08 -34.06
C GLY H 116 16.10 -10.17 -33.39
N VAL H 117 16.32 -9.39 -32.35
CA VAL H 117 17.62 -9.32 -31.71
C VAL H 117 17.53 -9.91 -30.32
N GLU H 118 18.70 -10.22 -29.78
CA GLU H 118 18.81 -10.80 -28.45
C GLU H 118 19.99 -10.17 -27.73
N LYS H 119 19.80 -9.90 -26.45
CA LYS H 119 20.75 -9.10 -25.69
C LYS H 119 21.99 -9.90 -25.35
N TYR H 120 23.13 -9.22 -25.32
CA TYR H 120 24.40 -9.86 -24.97
C TYR H 120 24.99 -8.99 -23.87
N GLY H 121 25.26 -9.59 -22.72
CA GLY H 121 25.92 -8.88 -21.65
C GLY H 121 24.98 -7.94 -20.92
N GLY H 122 25.53 -7.26 -19.93
CA GLY H 122 24.76 -6.32 -19.15
C GLY H 122 24.85 -4.92 -19.70
N GLY H 123 24.32 -4.70 -20.90
CA GLY H 123 24.37 -3.38 -21.49
C GLY H 123 23.34 -2.44 -20.89
N ILE H 124 23.65 -1.15 -20.94
CA ILE H 124 22.70 -0.12 -20.57
C ILE H 124 21.75 0.05 -21.75
N TRP H 125 20.57 -0.54 -21.66
CA TRP H 125 19.81 -0.76 -22.88
C TRP H 125 19.01 0.46 -23.30
N HIS H 126 18.82 1.45 -22.44
CA HIS H 126 18.10 2.62 -22.89
C HIS H 126 18.97 3.53 -23.74
N THR H 127 20.28 3.38 -23.66
CA THR H 127 21.18 4.17 -24.49
C THR H 127 21.21 3.71 -25.93
N TRP H 128 20.69 2.53 -26.22
CA TRP H 128 20.63 2.01 -27.57
C TRP H 128 19.47 2.57 -28.36
N PHE H 129 18.54 3.26 -27.70
CA PHE H 129 17.39 3.83 -28.39
C PHE H 129 17.83 5.03 -29.22
N ASP H 130 17.20 5.16 -30.40
CA ASP H 130 17.36 6.31 -31.30
C ASP H 130 18.81 6.51 -31.74
N ARG H 131 19.50 5.41 -31.98
CA ARG H 131 20.88 5.43 -32.41
C ARG H 131 20.98 4.91 -33.83
N ASP H 132 21.93 5.47 -34.58
CA ASP H 132 22.29 4.84 -35.84
C ASP H 132 23.04 3.57 -35.50
N LEU H 133 22.55 2.44 -35.98
CA LEU H 133 23.12 1.15 -35.66
C LEU H 133 23.69 0.50 -36.91
N SER H 134 24.92 0.02 -36.81
CA SER H 134 25.55 -0.72 -37.89
C SER H 134 25.44 -2.21 -37.60
N LEU H 135 25.72 -3.00 -38.62
CA LEU H 135 25.64 -4.45 -38.53
C LEU H 135 26.99 -5.04 -38.91
N ALA H 136 27.50 -5.94 -38.09
CA ALA H 136 28.81 -6.51 -38.32
C ALA H 136 28.87 -7.89 -37.68
N GLY H 137 29.86 -8.67 -38.09
CA GLY H 137 30.02 -10.00 -37.57
C GLY H 137 30.70 -10.92 -38.54
N ARG H 138 30.60 -12.22 -38.32
CA ARG H 138 31.19 -13.21 -39.20
C ARG H 138 30.09 -14.02 -39.85
N VAL H 139 30.31 -14.40 -41.10
CA VAL H 139 29.32 -15.09 -41.91
C VAL H 139 29.94 -16.36 -42.47
N MET H 140 29.26 -17.49 -42.26
CA MET H 140 29.66 -18.76 -42.84
C MET H 140 29.12 -18.88 -44.25
N VAL H 141 30.02 -19.11 -45.21
CA VAL H 141 29.68 -19.20 -46.62
C VAL H 141 30.09 -20.58 -47.12
N GLU H 142 29.14 -21.29 -47.72
CA GLU H 142 29.46 -22.52 -48.42
C GLU H 142 30.16 -22.23 -49.74
N GLU H 143 31.07 -23.12 -50.12
CA GLU H 143 31.60 -23.11 -51.47
C GLU H 143 31.31 -24.44 -52.14
N GLU H 144 31.74 -24.55 -53.41
CA GLU H 144 31.20 -25.57 -54.30
C GLU H 144 31.67 -26.97 -53.93
N ASP H 145 32.80 -27.09 -53.25
CA ASP H 145 33.31 -28.39 -52.85
C ASP H 145 32.81 -28.81 -51.47
N GLY H 146 31.96 -28.02 -50.85
CA GLY H 146 31.36 -28.37 -49.58
C GLY H 146 32.01 -27.72 -48.38
N ARG H 147 33.22 -27.19 -48.50
CA ARG H 147 33.85 -26.58 -47.35
C ARG H 147 33.24 -25.23 -47.04
N VAL H 148 33.24 -24.87 -45.76
CA VAL H 148 32.61 -23.65 -45.28
C VAL H 148 33.66 -22.84 -44.55
N ILE H 149 33.82 -21.58 -44.98
CA ILE H 149 34.85 -20.71 -44.44
C ILE H 149 34.18 -19.47 -43.85
N GLN H 150 34.91 -18.80 -42.97
CA GLN H 150 34.37 -17.68 -42.20
C GLN H 150 34.80 -16.37 -42.83
N TYR H 151 33.82 -15.51 -43.10
CA TYR H 151 34.02 -14.18 -43.65
C TYR H 151 33.51 -13.13 -42.68
N ASN H 152 34.40 -12.22 -42.30
CA ASN H 152 34.02 -11.09 -41.45
C ASN H 152 33.38 -10.03 -42.34
N VAL H 153 32.24 -9.51 -41.92
CA VAL H 153 31.50 -8.53 -42.69
C VAL H 153 31.28 -7.29 -41.83
N HIS H 154 31.54 -6.13 -42.41
CA HIS H 154 31.25 -4.86 -41.75
C HIS H 154 30.29 -4.10 -42.65
N ILE H 155 29.17 -3.63 -42.11
CA ILE H 155 28.27 -2.78 -42.85
C ILE H 155 28.33 -1.41 -42.19
N ASP H 156 29.23 -0.56 -42.70
CA ASP H 156 29.49 0.76 -42.14
C ASP H 156 28.55 1.81 -42.71
N ARG H 157 27.30 1.73 -42.29
CA ARG H 157 26.30 2.73 -42.62
C ARG H 157 25.18 2.62 -41.60
N PRO H 158 24.36 3.68 -41.43
CA PRO H 158 23.20 3.55 -40.55
C PRO H 158 22.19 2.60 -41.14
N LEU H 159 22.05 1.45 -40.52
CA LEU H 159 21.31 0.36 -41.11
C LEU H 159 20.15 -0.08 -40.25
N LEU H 160 20.28 0.03 -38.93
CA LEU H 160 19.23 -0.32 -38.00
C LEU H 160 18.97 0.87 -37.08
N ARG H 161 17.80 0.87 -36.45
CA ARG H 161 17.47 1.85 -35.43
C ARG H 161 16.37 1.32 -34.52
N ILE H 162 16.53 1.48 -33.22
CA ILE H 162 15.45 1.21 -32.28
C ILE H 162 14.81 2.54 -31.92
N PRO H 163 13.62 2.85 -32.43
CA PRO H 163 13.03 4.16 -32.17
C PRO H 163 12.18 4.18 -30.92
N THR H 164 12.20 5.32 -30.21
CA THR H 164 11.33 5.47 -29.07
C THR H 164 9.94 5.87 -29.51
N LEU H 165 8.99 5.71 -28.58
CA LEU H 165 7.67 6.29 -28.77
C LEU H 165 7.79 7.80 -28.58
N ALA H 166 6.98 8.56 -29.31
CA ALA H 166 6.93 10.00 -29.15
C ALA H 166 6.39 10.36 -27.77
N ILE H 167 6.77 11.55 -27.30
CA ILE H 167 6.45 11.96 -25.94
C ILE H 167 4.98 12.35 -25.82
N HIS H 168 4.32 12.62 -26.95
CA HIS H 168 2.92 13.00 -26.91
C HIS H 168 2.05 11.81 -26.55
N LEU H 169 2.52 10.62 -26.88
CA LEU H 169 1.75 9.40 -26.79
C LEU H 169 1.94 8.70 -25.45
N ASP H 170 2.98 9.06 -24.72
CA ASP H 170 3.24 8.59 -23.37
C ASP H 170 4.06 9.65 -22.66
N PRO H 171 3.42 10.62 -22.00
CA PRO H 171 4.18 11.65 -21.28
C PRO H 171 4.85 11.13 -20.02
N SER H 172 4.50 9.93 -19.56
CA SER H 172 5.12 9.34 -18.38
C SER H 172 6.54 8.85 -18.63
N ALA H 173 7.01 8.86 -19.88
CA ALA H 173 8.36 8.41 -20.17
C ALA H 173 9.41 9.36 -19.60
N ASN H 174 9.07 10.63 -19.43
CA ASN H 174 10.01 11.57 -18.83
C ASN H 174 10.12 11.36 -17.33
N SER H 175 9.08 10.84 -16.69
CA SER H 175 9.16 10.54 -15.27
C SER H 175 10.06 9.34 -15.02
N SER H 176 9.85 8.26 -15.76
CA SER H 176 10.66 7.05 -15.64
C SER H 176 10.52 6.26 -16.92
N PHE H 177 11.62 5.99 -17.58
CA PHE H 177 11.60 5.29 -18.86
C PHE H 177 11.81 3.81 -18.63
N SER H 178 10.81 3.01 -18.98
CA SER H 178 10.90 1.57 -18.92
C SER H 178 10.33 1.00 -20.21
N PHE H 179 10.80 -0.19 -20.59
CA PHE H 179 10.40 -0.76 -21.86
C PHE H 179 10.52 -2.27 -21.79
N ASN H 180 9.61 -2.95 -22.48
CA ASN H 180 9.66 -4.41 -22.52
C ASN H 180 10.77 -4.85 -23.47
N MET H 181 11.50 -5.87 -23.07
CA MET H 181 12.78 -6.18 -23.66
C MET H 181 12.66 -6.98 -24.97
N GLU H 182 11.53 -7.65 -25.23
CA GLU H 182 11.10 -7.97 -26.59
C GLU H 182 10.38 -6.86 -27.29
N THR H 183 9.14 -6.64 -26.91
CA THR H 183 8.13 -6.05 -27.77
C THR H 183 8.42 -4.60 -28.10
N GLU H 184 9.15 -3.91 -27.23
CA GLU H 184 9.49 -2.51 -27.47
C GLU H 184 10.96 -2.29 -27.77
N PHE H 185 11.75 -3.35 -27.93
CA PHE H 185 13.17 -3.24 -28.21
C PHE H 185 13.54 -3.94 -29.51
N VAL H 186 12.76 -3.74 -30.55
CA VAL H 186 13.00 -4.39 -31.85
C VAL H 186 13.50 -3.33 -32.82
N PRO H 187 14.73 -3.44 -33.32
CA PRO H 187 15.22 -2.46 -34.29
C PRO H 187 14.57 -2.63 -35.65
N LEU H 188 14.69 -1.58 -36.44
CA LEU H 188 14.05 -1.49 -37.74
C LEU H 188 15.10 -1.49 -38.84
N ILE H 189 14.99 -2.43 -39.76
CA ILE H 189 15.91 -2.51 -40.88
C ILE H 189 15.39 -1.77 -42.12
N GLY H 190 14.08 -1.73 -42.33
CA GLY H 190 13.57 -0.99 -43.47
C GLY H 190 12.07 -1.16 -43.62
N LEU H 191 11.59 -0.82 -44.80
CA LEU H 191 10.17 -0.82 -45.13
C LEU H 191 9.93 -1.89 -46.18
N GLU H 192 8.84 -2.63 -46.04
CA GLU H 192 8.60 -3.72 -46.98
C GLU H 192 7.72 -3.33 -48.16
N ASN H 193 7.29 -2.07 -48.25
CA ASN H 193 6.47 -1.66 -49.37
C ASN H 193 7.26 -1.47 -50.64
N GLU H 194 8.59 -1.51 -50.57
CA GLU H 194 9.43 -1.14 -51.69
C GLU H 194 10.46 -2.22 -52.02
N LEU H 195 10.26 -3.43 -51.51
CA LEU H 195 11.06 -4.59 -51.90
C LEU H 195 10.28 -5.55 -52.79
N ALA H 196 9.32 -5.03 -53.55
CA ALA H 196 8.35 -5.90 -54.22
C ALA H 196 8.84 -6.34 -55.59
N LYS H 197 10.14 -6.58 -55.70
CA LYS H 197 10.73 -7.14 -56.92
C LYS H 197 10.13 -8.51 -57.22
N GLU H 198 9.92 -9.33 -56.20
CA GLU H 198 9.12 -10.54 -56.33
C GLU H 198 8.17 -10.59 -55.14
N GLU H 199 6.88 -10.73 -55.43
CA GLU H 199 5.86 -10.82 -54.38
C GLU H 199 5.47 -12.26 -54.10
N THR H 200 6.46 -13.11 -53.85
CA THR H 200 6.24 -14.51 -53.49
C THR H 200 7.18 -14.86 -52.35
N SER H 201 7.10 -16.12 -51.92
CA SER H 201 8.00 -16.64 -50.90
C SER H 201 8.81 -17.83 -51.38
N ASP H 202 8.19 -18.74 -52.14
CA ASP H 202 8.75 -19.94 -52.78
C ASP H 202 9.14 -21.03 -51.79
N ASN H 203 9.06 -20.73 -50.49
CA ASN H 203 9.25 -21.62 -49.36
C ASN H 203 8.82 -20.85 -48.12
N GLY H 204 8.11 -21.53 -47.22
CA GLY H 204 7.57 -20.86 -46.05
C GLY H 204 8.64 -20.50 -45.05
N ASP H 205 8.70 -19.23 -44.65
CA ASP H 205 9.42 -18.74 -43.46
C ASP H 205 10.94 -19.00 -43.58
N LYS H 206 11.55 -18.25 -44.49
CA LYS H 206 13.00 -18.09 -44.48
C LYS H 206 13.46 -17.51 -43.14
N TYR H 207 14.70 -17.85 -42.78
CA TYR H 207 15.20 -17.49 -41.45
C TYR H 207 15.44 -15.99 -41.32
N HIS H 208 15.93 -15.35 -42.38
CA HIS H 208 16.22 -13.93 -42.34
C HIS H 208 15.57 -13.25 -43.53
N HIS H 209 15.61 -11.93 -43.52
CA HIS H 209 15.11 -11.17 -44.64
C HIS H 209 16.00 -11.42 -45.86
N PRO H 210 15.43 -11.73 -47.02
CA PRO H 210 16.26 -11.93 -48.21
C PRO H 210 16.99 -10.68 -48.64
N VAL H 211 16.47 -9.50 -48.31
CA VAL H 211 17.16 -8.26 -48.60
C VAL H 211 18.37 -8.11 -47.69
N LEU H 212 18.32 -8.67 -46.48
CA LEU H 212 19.46 -8.63 -45.59
C LEU H 212 20.55 -9.58 -46.06
N LEU H 213 20.16 -10.76 -46.55
CA LEU H 213 21.13 -11.72 -47.06
C LEU H 213 21.77 -11.22 -48.35
N SER H 214 21.03 -10.42 -49.13
CA SER H 214 21.60 -9.84 -50.33
C SER H 214 22.65 -8.81 -50.00
N LEU H 215 22.44 -8.03 -48.94
CA LEU H 215 23.43 -7.04 -48.54
C LEU H 215 24.67 -7.69 -47.97
N LEU H 216 24.49 -8.76 -47.19
CA LEU H 216 25.61 -9.49 -46.65
C LEU H 216 26.45 -10.13 -47.74
N ALA H 217 25.79 -10.69 -48.75
CA ALA H 217 26.52 -11.30 -49.86
C ALA H 217 27.19 -10.23 -50.71
N ASN H 218 26.58 -9.05 -50.81
CA ASN H 218 27.17 -7.99 -51.61
C ASN H 218 28.37 -7.37 -50.91
N GLU H 219 28.30 -7.25 -49.58
CA GLU H 219 29.40 -6.64 -48.84
C GLU H 219 30.61 -7.57 -48.78
N ILE H 220 30.35 -8.87 -48.73
CA ILE H 220 31.42 -9.86 -48.84
C ILE H 220 32.07 -9.80 -50.21
N SER H 221 31.27 -9.72 -51.26
CA SER H 221 31.79 -9.84 -52.62
C SER H 221 32.57 -8.60 -53.05
N LYS H 222 32.49 -7.52 -52.27
CA LYS H 222 33.30 -6.34 -52.55
C LYS H 222 34.77 -6.61 -52.33
N SER H 223 35.11 -7.51 -51.41
CA SER H 223 36.49 -7.79 -51.08
C SER H 223 37.01 -9.06 -51.74
N LEU H 224 36.27 -9.64 -52.66
CA LEU H 224 36.67 -10.86 -53.34
C LEU H 224 36.66 -10.66 -54.84
N GLU H 225 37.43 -11.50 -55.52
CA GLU H 225 37.42 -11.48 -56.98
C GLU H 225 36.11 -12.03 -57.52
N THR H 226 35.60 -13.09 -56.92
CA THR H 226 34.35 -13.68 -57.35
C THR H 226 33.18 -12.99 -56.67
N THR H 227 31.97 -13.49 -56.93
CA THR H 227 30.77 -13.01 -56.28
C THR H 227 30.18 -14.13 -55.44
N ILE H 228 29.35 -13.75 -54.48
CA ILE H 228 28.69 -14.69 -53.58
C ILE H 228 27.20 -14.51 -53.73
N ASP H 229 26.50 -15.58 -54.06
CA ASP H 229 25.06 -15.47 -54.00
C ASP H 229 24.57 -15.66 -52.57
N PRO H 230 23.42 -15.08 -52.21
CA PRO H 230 22.95 -15.20 -50.81
C PRO H 230 22.52 -16.60 -50.41
N SER H 231 22.30 -17.50 -51.37
CA SER H 231 21.89 -18.85 -51.03
C SER H 231 23.01 -19.66 -50.38
N LYS H 232 24.27 -19.27 -50.60
CA LYS H 232 25.38 -20.01 -50.02
C LYS H 232 25.75 -19.55 -48.63
N ILE H 233 25.05 -18.55 -48.08
CA ILE H 233 25.28 -18.13 -46.70
C ILE H 233 24.57 -19.12 -45.80
N VAL H 234 25.31 -19.73 -44.88
CA VAL H 234 24.72 -20.78 -44.06
C VAL H 234 24.17 -20.22 -42.76
N ASP H 235 25.04 -19.63 -41.93
CA ASP H 235 24.63 -19.11 -40.64
C ASP H 235 25.63 -18.02 -40.24
N PHE H 236 25.22 -17.13 -39.35
CA PHE H 236 26.11 -16.05 -38.94
C PHE H 236 25.86 -15.66 -37.50
N GLU H 237 26.88 -15.08 -36.88
CA GLU H 237 26.70 -14.16 -35.76
C GLU H 237 26.78 -12.76 -36.32
N LEU H 238 25.74 -11.96 -36.09
CA LEU H 238 25.77 -10.57 -36.48
C LEU H 238 25.57 -9.70 -35.27
N ILE H 239 26.46 -8.73 -35.11
CA ILE H 239 26.51 -7.85 -33.95
C ILE H 239 25.98 -6.49 -34.38
N LEU H 240 25.03 -5.97 -33.62
CA LEU H 240 24.66 -4.57 -33.74
C LEU H 240 25.54 -3.71 -32.87
N GLY H 241 26.28 -2.81 -33.49
CA GLY H 241 27.00 -1.79 -32.78
C GLY H 241 26.47 -0.42 -33.16
N ASP H 242 26.96 0.60 -32.47
CA ASP H 242 26.62 1.98 -32.77
C ASP H 242 27.34 2.24 -34.08
N ALA H 243 26.63 2.78 -35.05
CA ALA H 243 27.20 3.02 -36.38
C ALA H 243 28.12 4.21 -36.42
N GLU H 244 28.17 5.00 -35.35
CA GLU H 244 28.86 6.26 -35.45
C GLU H 244 30.30 6.15 -34.98
N LYS H 245 31.19 6.71 -35.79
CA LYS H 245 32.63 6.64 -35.58
C LYS H 245 33.06 7.24 -34.25
N ALA H 246 34.04 6.61 -33.64
CA ALA H 246 34.66 7.14 -32.45
C ALA H 246 35.53 8.34 -32.79
N ARG H 247 35.42 9.38 -31.98
CA ARG H 247 36.19 10.59 -32.21
C ARG H 247 36.32 11.37 -30.91
N LEU H 248 37.34 12.21 -30.87
CA LEU H 248 37.71 12.91 -29.65
C LEU H 248 36.71 14.00 -29.32
N GLY H 249 36.42 14.17 -28.03
CA GLY H 249 35.44 15.12 -27.60
C GLY H 249 35.96 15.97 -26.45
N GLY H 250 35.18 17.00 -26.13
CA GLY H 250 35.54 17.91 -25.08
C GLY H 250 36.02 19.24 -25.61
N ILE H 251 36.21 20.19 -24.69
CA ILE H 251 36.64 21.53 -25.06
C ILE H 251 38.07 21.53 -25.56
N HIS H 252 38.88 20.58 -25.11
CA HIS H 252 40.29 20.51 -25.45
C HIS H 252 40.65 19.18 -26.06
N GLU H 253 39.65 18.43 -26.55
CA GLU H 253 39.78 17.07 -27.05
C GLU H 253 40.44 16.15 -26.02
N GLU H 254 40.04 16.31 -24.77
CA GLU H 254 40.56 15.47 -23.70
C GLU H 254 39.70 14.26 -23.41
N PHE H 255 38.59 14.09 -24.12
CA PHE H 255 37.74 12.93 -23.96
C PHE H 255 37.77 12.09 -25.22
N VAL H 256 37.43 10.82 -25.07
CA VAL H 256 37.25 9.91 -26.20
C VAL H 256 35.82 9.40 -26.15
N PHE H 257 35.02 9.78 -27.14
CA PHE H 257 33.65 9.32 -27.22
C PHE H 257 33.62 8.14 -28.18
N SER H 258 33.25 6.96 -27.68
CA SER H 258 33.41 5.77 -28.48
C SER H 258 32.44 4.70 -28.07
N PRO H 259 31.97 3.87 -28.99
CA PRO H 259 31.33 2.62 -28.59
C PRO H 259 32.40 1.62 -28.23
N ARG H 260 31.98 0.60 -27.47
CA ARG H 260 32.80 -0.56 -27.11
C ARG H 260 34.08 -0.17 -26.38
N LEU H 261 33.99 0.78 -25.47
CA LEU H 261 35.19 1.14 -24.74
C LEU H 261 35.53 0.13 -23.67
N ASP H 262 34.61 -0.78 -23.34
CA ASP H 262 34.89 -1.83 -22.37
C ASP H 262 35.85 -2.80 -23.01
N ASN H 263 37.12 -2.51 -22.71
CA ASN H 263 38.31 -3.25 -23.12
C ASN H 263 38.81 -3.17 -24.56
N LEU H 264 38.15 -2.37 -25.38
CA LEU H 264 38.68 -2.17 -26.71
C LEU H 264 39.75 -1.13 -26.47
N GLY H 265 39.64 -0.42 -25.35
CA GLY H 265 40.61 0.59 -24.98
C GLY H 265 41.81 -0.10 -24.33
N MET H 266 41.58 -1.11 -23.48
CA MET H 266 42.73 -1.76 -22.86
C MET H 266 43.37 -2.76 -23.81
N THR H 267 42.59 -3.35 -24.71
CA THR H 267 43.17 -4.30 -25.67
C THR H 267 44.11 -3.49 -26.53
N PHE H 268 43.66 -2.32 -26.97
CA PHE H 268 44.55 -1.49 -27.77
C PHE H 268 45.81 -1.17 -26.99
N CYS H 269 45.69 -0.82 -25.71
CA CYS H 269 46.85 -0.46 -24.92
C CYS H 269 47.76 -1.65 -24.65
N ALA H 270 47.18 -2.82 -24.41
CA ALA H 270 48.00 -3.99 -24.12
C ALA H 270 48.71 -4.48 -25.37
N SER H 271 48.03 -4.43 -26.52
CA SER H 271 48.65 -4.93 -27.74
C SER H 271 49.68 -3.96 -28.30
N GLN H 272 49.44 -2.65 -28.17
CA GLN H 272 50.41 -1.68 -28.64
C GLN H 272 51.67 -1.72 -27.79
N ALA H 273 51.52 -1.90 -26.48
CA ALA H 273 52.67 -1.87 -25.60
C ALA H 273 53.44 -3.17 -25.65
N LEU H 274 52.80 -4.26 -26.10
CA LEU H 274 53.56 -5.47 -26.38
C LEU H 274 54.51 -5.26 -27.55
N THR H 275 54.04 -4.57 -28.59
CA THR H 275 54.91 -4.26 -29.72
C THR H 275 55.86 -3.12 -29.38
N LYS H 276 55.43 -2.18 -28.54
CA LYS H 276 56.31 -1.10 -28.12
C LYS H 276 57.41 -1.59 -27.20
N SER H 277 57.22 -2.72 -26.53
CA SER H 277 58.27 -3.30 -25.71
C SER H 277 59.18 -4.21 -26.49
N LEU H 278 59.31 -4.00 -27.80
CA LEU H 278 60.29 -4.70 -28.62
C LEU H 278 61.12 -3.74 -29.45
N GLU H 279 61.13 -2.45 -29.09
CA GLU H 279 61.55 -1.43 -30.05
C GLU H 279 63.07 -1.39 -30.22
N ASN H 280 63.82 -1.15 -29.14
CA ASN H 280 65.26 -1.01 -29.35
C ASN H 280 65.89 -2.39 -29.50
N ASN H 281 66.04 -3.10 -28.37
CA ASN H 281 66.11 -4.56 -28.29
C ASN H 281 65.72 -4.86 -26.84
N SER H 282 64.46 -5.15 -26.59
CA SER H 282 64.14 -5.58 -25.24
C SER H 282 64.24 -7.09 -25.12
N LEU H 283 63.85 -7.79 -26.18
CA LEU H 283 64.39 -9.11 -26.42
C LEU H 283 65.86 -8.98 -26.77
N ASP H 284 66.58 -10.09 -26.60
CA ASP H 284 68.03 -10.32 -26.48
C ASP H 284 68.51 -9.98 -25.08
N ASN H 285 67.66 -9.49 -24.20
CA ASN H 285 67.99 -9.35 -22.81
C ASN H 285 66.85 -9.78 -21.90
N GLU H 286 65.73 -10.22 -22.45
CA GLU H 286 64.56 -10.58 -21.68
C GLU H 286 64.63 -12.05 -21.29
N SER H 287 64.37 -12.33 -20.03
CA SER H 287 64.38 -13.69 -19.52
C SER H 287 62.99 -14.27 -19.30
N CYS H 288 61.95 -13.51 -19.59
CA CYS H 288 60.58 -13.97 -19.40
C CYS H 288 59.86 -14.00 -20.74
N VAL H 289 58.57 -14.33 -20.70
CA VAL H 289 57.72 -14.36 -21.87
C VAL H 289 56.60 -13.35 -21.65
N ARG H 290 56.44 -12.43 -22.59
CA ARG H 290 55.45 -11.36 -22.48
C ARG H 290 54.20 -11.75 -23.25
N VAL H 291 53.12 -12.02 -22.53
CA VAL H 291 51.89 -12.56 -23.09
C VAL H 291 50.81 -11.50 -23.04
N VAL H 292 50.10 -11.32 -24.14
CA VAL H 292 48.89 -10.51 -24.17
C VAL H 292 47.75 -11.38 -24.69
N PRO H 293 46.95 -11.94 -23.80
CA PRO H 293 45.72 -12.61 -24.24
C PRO H 293 44.55 -11.66 -24.29
N SER H 294 43.87 -11.63 -25.42
CA SER H 294 42.66 -10.84 -25.58
C SER H 294 41.51 -11.81 -25.72
N PHE H 295 40.70 -11.93 -24.67
CA PHE H 295 39.70 -12.98 -24.61
C PHE H 295 38.38 -12.52 -25.19
N ASP H 296 37.39 -13.40 -25.09
CA ASP H 296 36.05 -13.17 -25.60
C ASP H 296 35.10 -13.59 -24.49
N HIS H 297 33.83 -13.16 -24.61
CA HIS H 297 32.72 -13.59 -23.75
C HIS H 297 32.89 -13.21 -22.29
N GLU H 298 33.54 -12.09 -21.99
CA GLU H 298 33.78 -11.69 -20.60
C GLU H 298 32.63 -10.95 -19.90
N GLU H 299 31.66 -10.52 -20.70
CA GLU H 299 30.49 -9.76 -20.22
C GLU H 299 29.37 -10.64 -19.69
N ILE H 300 29.51 -11.95 -19.84
CA ILE H 300 28.58 -12.99 -19.45
C ILE H 300 29.25 -13.99 -18.52
N GLY H 301 30.56 -13.84 -18.31
CA GLY H 301 31.23 -14.60 -17.28
C GLY H 301 32.32 -15.54 -17.75
N SER H 302 32.74 -15.45 -19.01
CA SER H 302 33.90 -16.16 -19.59
C SER H 302 33.73 -17.67 -19.63
N VAL H 303 32.52 -18.18 -19.42
CA VAL H 303 32.30 -19.63 -19.41
C VAL H 303 32.02 -20.01 -20.86
N SER H 304 33.07 -20.27 -21.62
CA SER H 304 32.94 -20.67 -23.02
C SER H 304 34.20 -21.40 -23.42
N ALA H 305 34.27 -21.77 -24.71
CA ALA H 305 35.42 -22.50 -25.20
C ALA H 305 36.59 -21.58 -25.49
N GLN H 306 36.33 -20.30 -25.76
CA GLN H 306 37.38 -19.35 -26.03
C GLN H 306 37.44 -18.24 -25.01
N GLY H 307 36.68 -18.33 -23.93
CA GLY H 307 36.68 -17.30 -22.92
C GLY H 307 37.91 -17.35 -22.05
N ALA H 308 37.94 -16.45 -21.07
CA ALA H 308 39.07 -16.40 -20.15
C ALA H 308 39.08 -17.60 -19.22
N GLU H 309 37.91 -18.10 -18.86
CA GLU H 309 37.80 -19.26 -17.98
C GLU H 309 37.98 -20.57 -18.74
N SER H 310 38.19 -20.51 -20.04
CA SER H 310 38.49 -21.69 -20.83
C SER H 310 39.92 -22.16 -20.56
N THR H 311 40.33 -23.22 -21.25
CA THR H 311 41.70 -23.69 -21.17
C THR H 311 42.62 -22.98 -22.14
N PHE H 312 42.18 -21.89 -22.77
CA PHE H 312 42.95 -21.26 -23.84
C PHE H 312 44.26 -20.67 -23.31
N LEU H 313 44.20 -19.89 -22.25
CA LEU H 313 45.43 -19.41 -21.64
C LEU H 313 46.26 -20.52 -20.97
N PRO H 314 45.70 -21.43 -20.14
CA PRO H 314 46.57 -22.48 -19.57
C PRO H 314 47.18 -23.45 -20.58
N ALA H 315 46.49 -23.77 -21.68
CA ALA H 315 47.09 -24.70 -22.64
C ALA H 315 48.21 -24.05 -23.42
N VAL H 316 48.09 -22.75 -23.71
CA VAL H 316 49.16 -22.04 -24.40
C VAL H 316 50.38 -21.94 -23.50
N LEU H 317 50.17 -21.66 -22.21
CA LEU H 317 51.29 -21.55 -21.29
C LEU H 317 51.96 -22.90 -21.05
N GLN H 318 51.18 -23.98 -21.05
CA GLN H 318 51.79 -25.30 -20.92
C GLN H 318 52.57 -25.69 -22.17
N ARG H 319 52.08 -25.32 -23.34
CA ARG H 319 52.78 -25.66 -24.57
C ARG H 319 54.07 -24.88 -24.70
N ILE H 320 54.12 -23.65 -24.16
CA ILE H 320 55.37 -22.92 -24.07
C ILE H 320 56.29 -23.59 -23.06
N CYS H 321 55.74 -24.00 -21.93
CA CYS H 321 56.54 -24.64 -20.89
C CYS H 321 56.92 -26.07 -21.24
N GLU H 322 56.31 -26.67 -22.26
CA GLU H 322 56.69 -28.01 -22.65
C GLU H 322 57.88 -28.05 -23.58
N LEU H 323 58.55 -26.93 -23.83
CA LEU H 323 59.84 -26.98 -24.50
C LEU H 323 60.88 -27.64 -23.62
N GLY H 324 60.80 -27.41 -22.31
CA GLY H 324 61.63 -28.14 -21.39
C GLY H 324 61.18 -29.57 -21.22
N LYS H 325 62.04 -30.38 -20.64
CA LYS H 325 61.74 -31.80 -20.52
C LYS H 325 61.11 -32.16 -19.19
N GLU H 326 61.36 -31.38 -18.15
CA GLU H 326 60.74 -31.64 -16.85
C GLU H 326 59.27 -31.26 -16.90
N SER H 327 58.42 -32.13 -16.37
CA SER H 327 56.99 -31.91 -16.42
C SER H 327 56.50 -30.94 -15.35
N SER H 328 57.34 -30.61 -14.38
CA SER H 328 56.95 -29.72 -13.31
C SER H 328 57.22 -28.25 -13.63
N LEU H 329 57.71 -27.95 -14.83
CA LEU H 329 58.16 -26.60 -15.13
C LEU H 329 57.00 -25.63 -15.28
N PHE H 330 55.79 -26.11 -15.53
CA PHE H 330 54.66 -25.22 -15.65
C PHE H 330 54.30 -24.62 -14.30
N SER H 331 54.22 -25.46 -13.27
CA SER H 331 53.85 -24.97 -11.94
C SER H 331 54.97 -24.14 -11.33
N ILE H 332 56.21 -24.42 -11.71
CA ILE H 332 57.33 -23.58 -11.28
C ILE H 332 57.24 -22.21 -11.91
N SER H 333 56.87 -22.15 -13.19
CA SER H 333 56.84 -20.88 -13.90
C SER H 333 55.71 -19.98 -13.43
N MET H 334 54.65 -20.56 -12.87
CA MET H 334 53.49 -19.76 -12.48
C MET H 334 53.78 -18.91 -11.25
N VAL H 335 54.58 -19.42 -10.32
CA VAL H 335 54.85 -18.63 -9.12
C VAL H 335 55.90 -17.57 -9.37
N LYS H 336 56.62 -17.65 -10.48
CA LYS H 336 57.50 -16.57 -10.88
C LYS H 336 56.82 -15.59 -11.81
N SER H 337 55.54 -15.77 -12.09
CA SER H 337 54.84 -14.99 -13.09
C SER H 337 53.92 -13.96 -12.46
N PHE H 338 53.35 -13.11 -13.32
CA PHE H 338 52.43 -12.08 -12.87
C PHE H 338 51.41 -11.80 -13.95
N LEU H 339 50.17 -11.59 -13.53
CA LEU H 339 49.06 -11.28 -14.44
C LEU H 339 48.59 -9.86 -14.20
N VAL H 340 48.25 -9.17 -15.28
CA VAL H 340 47.62 -7.87 -15.19
C VAL H 340 46.31 -7.98 -15.95
N SER H 341 45.20 -8.00 -15.22
CA SER H 341 43.90 -8.07 -15.88
C SER H 341 43.50 -6.65 -16.25
N ALA H 342 43.77 -6.27 -17.49
CA ALA H 342 43.53 -4.91 -17.92
C ALA H 342 42.07 -4.72 -18.28
N ASP H 343 41.26 -4.31 -17.31
CA ASP H 343 39.86 -4.03 -17.60
C ASP H 343 39.50 -2.68 -17.02
N MET H 344 38.68 -1.93 -17.77
CA MET H 344 38.47 -0.51 -17.52
C MET H 344 37.78 -0.24 -16.19
N ALA H 345 38.11 0.89 -15.60
CA ALA H 345 37.67 1.27 -14.27
C ALA H 345 36.65 2.39 -14.33
N HIS H 346 35.87 2.50 -13.26
CA HIS H 346 34.85 3.54 -13.17
C HIS H 346 35.50 4.85 -12.75
N ALA H 347 35.38 5.87 -13.58
CA ALA H 347 35.85 7.20 -13.24
C ALA H 347 34.83 7.90 -12.34
N MET H 348 35.17 9.09 -11.89
CA MET H 348 34.26 9.83 -11.04
C MET H 348 33.19 10.50 -11.89
N HIS H 349 31.93 10.19 -11.61
CA HIS H 349 30.83 10.82 -12.30
C HIS H 349 30.38 12.01 -11.48
N PRO H 350 30.49 13.23 -12.00
CA PRO H 350 30.17 14.42 -11.19
C PRO H 350 28.69 14.54 -10.90
N ASN H 351 27.85 13.95 -11.75
CA ASN H 351 26.42 14.01 -11.57
C ASN H 351 25.89 12.93 -10.64
N TYR H 352 26.67 11.89 -10.38
CA TYR H 352 26.22 10.79 -9.56
C TYR H 352 27.23 10.54 -8.46
N SER H 353 27.63 11.60 -7.77
CA SER H 353 28.73 11.52 -6.82
C SER H 353 28.39 10.71 -5.59
N SER H 354 27.10 10.56 -5.29
CA SER H 354 26.70 9.76 -4.14
C SER H 354 26.84 8.27 -4.38
N ARG H 355 27.09 7.83 -5.61
CA ARG H 355 27.18 6.41 -5.91
C ARG H 355 28.63 5.97 -6.03
N TYR H 356 29.50 6.67 -5.31
CA TYR H 356 30.95 6.56 -5.36
C TYR H 356 31.51 6.76 -3.97
N GLU H 357 32.63 6.10 -3.69
CA GLU H 357 33.28 6.34 -2.41
C GLU H 357 34.19 7.54 -2.61
N ASN H 358 34.00 8.57 -1.79
CA ASN H 358 34.47 9.92 -2.12
C ASN H 358 35.98 10.07 -2.07
N SER H 359 36.72 9.11 -1.53
CA SER H 359 38.17 9.25 -1.42
C SER H 359 38.94 8.24 -2.26
N ASN H 360 38.34 7.14 -2.67
CA ASN H 360 39.02 6.14 -3.49
C ASN H 360 38.38 6.06 -4.86
N THR H 361 38.06 7.19 -5.46
CA THR H 361 37.51 7.15 -6.79
C THR H 361 38.41 7.94 -7.73
N PRO H 362 38.85 7.34 -8.82
CA PRO H 362 39.80 8.01 -9.70
C PRO H 362 39.13 9.04 -10.60
N PHE H 363 39.97 9.72 -11.37
CA PHE H 363 39.53 10.77 -12.28
C PHE H 363 40.10 10.52 -13.66
N LEU H 364 39.45 11.10 -14.66
CA LEU H 364 39.91 10.96 -16.03
C LEU H 364 41.21 11.73 -16.25
N ASN H 365 42.07 11.15 -17.09
CA ASN H 365 43.36 11.70 -17.50
C ASN H 365 44.29 11.92 -16.31
N LYS H 366 44.15 11.10 -15.27
CA LYS H 366 45.04 11.13 -14.12
C LYS H 366 45.80 9.81 -13.96
N GLY H 367 45.88 9.03 -15.03
CA GLY H 367 46.61 7.78 -15.01
C GLY H 367 45.68 6.58 -14.87
N THR H 368 46.27 5.40 -15.06
CA THR H 368 45.52 4.17 -14.95
C THR H 368 45.21 3.87 -13.48
N VAL H 369 44.30 2.93 -13.26
CA VAL H 369 43.62 2.81 -11.98
C VAL H 369 43.83 1.40 -11.43
N ILE H 370 44.36 1.30 -10.22
CA ILE H 370 44.50 0.00 -9.56
C ILE H 370 43.18 -0.34 -8.89
N LYS H 371 42.48 -1.34 -9.41
CA LYS H 371 41.17 -1.72 -8.90
C LYS H 371 41.34 -2.69 -7.74
N VAL H 372 40.90 -2.28 -6.55
CA VAL H 372 41.06 -3.05 -5.32
C VAL H 372 39.68 -3.35 -4.76
N ASN H 373 39.44 -4.61 -4.42
CA ASN H 373 38.19 -5.01 -3.82
C ASN H 373 38.43 -6.09 -2.79
N ALA H 374 37.86 -5.94 -1.59
CA ALA H 374 38.10 -6.89 -0.51
C ALA H 374 37.47 -8.24 -0.80
N ASN H 375 36.30 -8.24 -1.42
CA ASN H 375 35.62 -9.47 -1.78
C ASN H 375 36.23 -10.15 -3.00
N GLN H 376 37.31 -9.56 -3.54
CA GLN H 376 38.12 -10.12 -4.62
C GLN H 376 37.28 -10.32 -5.88
N ARG H 377 36.31 -9.43 -6.09
CA ARG H 377 35.78 -9.24 -7.42
C ARG H 377 36.87 -8.67 -8.32
N TYR H 378 37.67 -7.76 -7.79
CA TYR H 378 38.99 -7.45 -8.32
C TYR H 378 40.01 -8.07 -7.37
N THR H 379 40.94 -8.82 -7.94
CA THR H 379 41.81 -9.72 -7.19
C THR H 379 43.17 -9.11 -6.86
N THR H 380 43.21 -7.80 -6.70
CA THR H 380 44.44 -7.10 -6.36
C THR H 380 44.81 -7.30 -4.90
N ASN H 381 46.01 -7.79 -4.64
CA ASN H 381 46.58 -7.82 -3.29
C ASN H 381 47.75 -6.85 -3.21
N SER H 382 48.38 -6.80 -2.04
CA SER H 382 49.44 -5.82 -1.83
C SER H 382 50.70 -6.18 -2.58
N ALA H 383 50.92 -7.48 -2.83
CA ALA H 383 52.10 -7.91 -3.57
C ALA H 383 52.06 -7.40 -5.00
N GLY H 384 50.87 -7.26 -5.57
CA GLY H 384 50.75 -6.68 -6.89
C GLY H 384 50.91 -5.17 -6.88
N ILE H 385 50.46 -4.52 -5.80
CA ILE H 385 50.49 -3.06 -5.73
C ILE H 385 51.92 -2.55 -5.68
N VAL H 386 52.77 -3.22 -4.91
CA VAL H 386 54.17 -2.83 -4.79
C VAL H 386 54.88 -3.00 -6.13
N LEU H 387 54.53 -4.05 -6.87
CA LEU H 387 55.14 -4.28 -8.18
C LEU H 387 54.75 -3.18 -9.16
N LEU H 388 53.46 -2.86 -9.23
CA LEU H 388 53.03 -1.86 -10.20
C LEU H 388 53.19 -0.43 -9.71
N LYS H 389 53.50 -0.22 -8.43
CA LYS H 389 53.96 1.10 -8.04
C LYS H 389 55.41 1.28 -8.44
N LYS H 390 56.19 0.20 -8.43
CA LYS H 390 57.57 0.28 -8.89
C LYS H 390 57.63 0.45 -10.40
N VAL H 391 56.69 -0.18 -11.12
CA VAL H 391 56.63 -0.02 -12.57
C VAL H 391 56.25 1.40 -12.93
N ALA H 392 55.29 1.99 -12.20
CA ALA H 392 54.89 3.36 -12.46
C ALA H 392 55.97 4.34 -12.06
N GLN H 393 56.79 3.98 -11.06
CA GLN H 393 57.94 4.79 -10.73
C GLN H 393 58.98 4.76 -11.85
N LEU H 394 59.15 3.61 -12.48
CA LEU H 394 60.12 3.50 -13.56
C LEU H 394 59.60 4.18 -14.82
N ALA H 395 58.31 4.05 -15.10
CA ALA H 395 57.73 4.65 -16.30
C ALA H 395 57.45 6.12 -16.15
N ASP H 396 57.45 6.64 -14.92
CA ASP H 396 57.07 8.01 -14.58
C ASP H 396 55.67 8.35 -15.10
N VAL H 397 54.70 7.55 -14.70
CA VAL H 397 53.30 7.81 -15.02
C VAL H 397 52.52 7.74 -13.72
N PRO H 398 51.44 8.51 -13.56
CA PRO H 398 50.65 8.40 -12.34
C PRO H 398 49.73 7.19 -12.38
N ILE H 399 49.43 6.67 -11.20
CA ILE H 399 48.43 5.62 -11.05
C ILE H 399 47.48 6.02 -9.94
N GLN H 400 46.24 5.56 -10.05
CA GLN H 400 45.20 5.82 -9.07
C GLN H 400 44.65 4.51 -8.54
N SER H 401 43.69 4.60 -7.64
CA SER H 401 43.10 3.42 -7.03
C SER H 401 41.59 3.57 -7.01
N PHE H 402 40.90 2.43 -7.01
CA PHE H 402 39.45 2.39 -7.02
C PHE H 402 38.96 1.32 -6.06
N VAL H 403 37.96 1.66 -5.25
CA VAL H 403 37.13 0.66 -4.59
C VAL H 403 35.69 1.04 -4.85
N VAL H 404 34.81 0.08 -4.67
CA VAL H 404 33.39 0.34 -4.77
C VAL H 404 32.88 0.78 -3.40
N ARG H 405 31.68 1.34 -3.39
CA ARG H 405 31.03 1.56 -2.11
C ARG H 405 30.62 0.23 -1.50
N ASN H 406 30.56 0.21 -0.18
CA ASN H 406 30.22 -0.99 0.57
C ASN H 406 28.74 -1.32 0.45
N ASP H 407 27.91 -0.32 0.15
CA ASP H 407 26.49 -0.57 -0.14
C ASP H 407 26.24 -0.70 -1.62
N SER H 408 27.24 -1.12 -2.38
CA SER H 408 27.15 -1.25 -3.82
C SER H 408 27.64 -2.64 -4.23
N PRO H 409 26.98 -3.26 -5.20
CA PRO H 409 27.48 -4.54 -5.72
C PRO H 409 28.69 -4.31 -6.61
N CYS H 410 29.48 -5.37 -6.74
CA CYS H 410 30.65 -5.36 -7.60
C CYS H 410 30.66 -6.60 -8.46
N GLY H 411 31.03 -6.43 -9.73
CA GLY H 411 31.10 -7.53 -10.68
C GLY H 411 32.52 -8.00 -10.87
N SER H 412 32.69 -9.32 -10.89
CA SER H 412 34.02 -9.91 -11.08
C SER H 412 34.51 -9.70 -12.50
N THR H 413 35.80 -9.48 -12.63
CA THR H 413 36.46 -9.45 -13.92
C THR H 413 37.04 -10.82 -14.22
N ILE H 414 37.84 -10.91 -15.28
CA ILE H 414 38.48 -12.18 -15.60
C ILE H 414 39.67 -12.46 -14.72
N GLY H 415 40.16 -11.45 -14.01
CA GLY H 415 41.31 -11.55 -13.16
C GLY H 415 41.25 -12.56 -12.03
N PRO H 416 40.15 -12.58 -11.25
CA PRO H 416 40.03 -13.62 -10.23
C PRO H 416 40.04 -15.04 -10.75
N LYS H 417 39.43 -15.30 -11.91
CA LYS H 417 39.30 -16.68 -12.32
C LYS H 417 40.52 -17.12 -13.13
N LEU H 418 41.16 -16.18 -13.82
CA LEU H 418 42.44 -16.47 -14.45
C LEU H 418 43.53 -16.70 -13.42
N ALA H 419 43.40 -16.06 -12.25
CA ALA H 419 44.29 -16.36 -11.14
C ALA H 419 44.08 -17.78 -10.65
N ALA H 420 42.84 -18.25 -10.68
CA ALA H 420 42.53 -19.57 -10.15
C ALA H 420 43.10 -20.68 -11.02
N MET H 421 42.95 -20.58 -12.33
CA MET H 421 43.42 -21.66 -13.18
C MET H 421 44.91 -21.63 -13.41
N THR H 422 45.59 -20.57 -13.01
CA THR H 422 47.03 -20.50 -13.17
C THR H 422 47.78 -20.49 -11.85
N GLY H 423 47.16 -20.04 -10.76
CA GLY H 423 47.90 -19.87 -9.53
C GLY H 423 48.83 -18.70 -9.57
N MET H 424 48.58 -17.75 -10.45
CA MET H 424 49.53 -16.71 -10.77
C MET H 424 49.19 -15.45 -9.97
N ARG H 425 50.21 -14.79 -9.45
CA ARG H 425 50.01 -13.52 -8.76
C ARG H 425 49.47 -12.50 -9.75
N THR H 426 48.55 -11.65 -9.29
CA THR H 426 47.79 -10.87 -10.25
C THR H 426 47.26 -9.58 -9.65
N LEU H 427 46.97 -8.65 -10.54
CA LEU H 427 46.38 -7.37 -10.20
C LEU H 427 45.36 -7.02 -11.28
N ASP H 428 44.27 -6.40 -10.86
CA ASP H 428 43.26 -5.90 -11.79
C ASP H 428 43.43 -4.40 -11.92
N LEU H 429 43.81 -3.94 -13.10
CA LEU H 429 43.87 -2.50 -13.34
C LEU H 429 43.11 -2.15 -14.60
N GLY H 430 43.01 -0.86 -14.86
CA GLY H 430 42.39 -0.38 -16.07
C GLY H 430 42.33 1.12 -16.07
N ASN H 431 42.00 1.66 -17.21
CA ASN H 431 41.96 3.11 -17.32
C ASN H 431 40.56 3.62 -16.96
N PRO H 432 40.45 4.80 -16.36
CA PRO H 432 39.14 5.26 -15.90
C PRO H 432 38.25 5.68 -17.05
N MET H 433 36.94 5.52 -16.83
CA MET H 433 35.95 5.87 -17.84
C MET H 433 34.60 6.03 -17.16
N LEU H 434 33.69 6.69 -17.86
CA LEU H 434 32.31 6.83 -17.42
C LEU H 434 31.36 6.17 -18.40
N SER H 435 30.18 5.82 -17.89
CA SER H 435 29.10 5.13 -18.60
C SER H 435 29.59 3.82 -19.20
N MET H 436 30.02 2.92 -18.32
CA MET H 436 30.45 1.61 -18.76
C MET H 436 29.24 0.79 -19.17
N HIS H 437 29.42 -0.04 -20.21
CA HIS H 437 28.38 -0.84 -20.85
C HIS H 437 27.25 0.01 -21.44
N SER H 438 27.57 1.23 -21.85
CA SER H 438 26.64 2.03 -22.61
C SER H 438 26.85 1.79 -24.10
N CYS H 439 25.94 2.34 -24.90
CA CYS H 439 26.10 2.25 -26.35
C CYS H 439 27.24 3.13 -26.82
N ARG H 440 27.39 4.30 -26.20
CA ARG H 440 28.51 5.20 -26.45
C ARG H 440 29.14 5.53 -25.11
N GLU H 441 30.46 5.51 -25.06
CA GLU H 441 31.19 5.47 -23.82
C GLU H 441 32.26 6.56 -23.83
N MET H 442 32.62 7.06 -22.65
CA MET H 442 33.53 8.19 -22.54
C MET H 442 34.71 7.89 -21.63
N CYS H 443 35.91 8.17 -22.11
CA CYS H 443 37.12 8.05 -21.32
C CYS H 443 38.06 9.19 -21.68
N GLY H 444 39.14 9.34 -20.91
CA GLY H 444 40.10 10.38 -21.20
C GLY H 444 41.05 10.00 -22.31
N SER H 445 41.65 11.02 -22.93
CA SER H 445 42.51 10.78 -24.08
C SER H 445 43.99 10.69 -23.71
N LYS H 446 44.40 11.33 -22.62
CA LYS H 446 45.76 11.14 -22.13
C LYS H 446 45.94 9.75 -21.54
N ASP H 447 44.83 9.11 -21.13
CA ASP H 447 44.89 7.84 -20.45
C ASP H 447 45.36 6.70 -21.34
N PHE H 448 45.24 6.85 -22.66
CA PHE H 448 45.72 5.80 -23.56
C PHE H 448 47.24 5.76 -23.60
N GLU H 449 47.87 6.93 -23.61
CA GLU H 449 49.33 6.99 -23.65
C GLU H 449 49.93 6.57 -22.31
N TYR H 450 49.24 6.87 -21.22
CA TYR H 450 49.71 6.50 -19.89
C TYR H 450 49.68 5.00 -19.71
N ALA H 451 48.70 4.33 -20.30
CA ALA H 451 48.60 2.89 -20.16
C ALA H 451 49.66 2.16 -20.97
N VAL H 452 49.96 2.67 -22.16
CA VAL H 452 50.92 2.03 -23.04
C VAL H 452 52.32 2.15 -22.47
N VAL H 453 52.63 3.32 -21.90
CA VAL H 453 53.94 3.54 -21.28
C VAL H 453 54.10 2.67 -20.04
N LEU H 454 53.03 2.54 -19.24
CA LEU H 454 53.07 1.71 -18.05
C LEU H 454 53.23 0.23 -18.41
N PHE H 455 52.52 -0.22 -19.43
CA PHE H 455 52.54 -1.64 -19.77
C PHE H 455 53.86 -2.04 -20.43
N SER H 456 54.40 -1.17 -21.28
CA SER H 456 55.69 -1.46 -21.88
C SER H 456 56.79 -1.45 -20.84
N SER H 457 56.66 -0.61 -19.82
CA SER H 457 57.59 -0.64 -18.71
C SER H 457 57.38 -1.88 -17.85
N PHE H 458 56.14 -2.34 -17.75
CA PHE H 458 55.87 -3.58 -17.04
C PHE H 458 56.46 -4.78 -17.78
N PHE H 459 56.40 -4.75 -19.10
CA PHE H 459 56.95 -5.84 -19.89
C PHE H 459 58.48 -5.83 -19.85
N GLN H 460 59.07 -4.64 -19.91
CA GLN H 460 60.53 -4.55 -20.00
C GLN H 460 61.21 -4.72 -18.66
N ASN H 461 60.54 -4.39 -17.55
CA ASN H 461 61.17 -4.43 -16.25
C ASN H 461 60.55 -5.45 -15.32
N PHE H 462 59.87 -6.47 -15.85
CA PHE H 462 59.23 -7.44 -14.96
C PHE H 462 60.26 -8.32 -14.26
N ALA H 463 61.26 -8.80 -14.99
CA ALA H 463 62.17 -9.79 -14.45
C ALA H 463 63.04 -9.22 -13.34
N ASN H 464 63.36 -7.93 -13.43
CA ASN H 464 64.16 -7.32 -12.39
C ASN H 464 63.35 -7.05 -11.13
N LEU H 465 62.08 -6.66 -11.30
CA LEU H 465 61.31 -6.25 -10.13
C LEU H 465 60.56 -7.40 -9.48
N GLU H 466 60.48 -8.53 -10.16
CA GLU H 466 59.79 -9.70 -9.64
C GLU H 466 60.58 -10.36 -8.50
N GLU H 467 61.90 -10.30 -8.59
CA GLU H 467 62.77 -10.87 -7.57
C GLU H 467 62.98 -9.93 -6.41
N LYS H 468 62.51 -8.69 -6.50
CA LYS H 468 62.60 -7.74 -5.40
C LYS H 468 61.40 -7.78 -4.47
N ILE H 469 60.36 -8.51 -4.82
CA ILE H 469 59.19 -8.67 -3.96
C ILE H 469 59.31 -10.03 -3.30
N ILE H 470 59.50 -10.04 -1.99
CA ILE H 470 59.83 -11.27 -1.27
C ILE H 470 58.59 -11.68 -0.48
N ILE H 471 57.84 -12.61 -1.05
CA ILE H 471 56.80 -13.35 -0.35
C ILE H 471 57.22 -14.81 -0.40
N ASP H 472 56.85 -15.57 0.62
CA ASP H 472 57.06 -17.03 0.69
C ASP H 472 58.54 -17.40 0.66
N GLU H 473 59.27 -16.98 1.69
CA GLU H 473 60.64 -17.45 1.84
C GLU H 473 60.74 -18.47 2.97
N GLY H 474 61.94 -18.96 3.24
CA GLY H 474 62.13 -19.92 4.30
C GLY H 474 62.06 -19.25 5.66
N PHE H 475 61.96 -20.08 6.70
CA PHE H 475 61.77 -19.59 8.06
C PHE H 475 62.98 -19.90 8.93
N SER H 493 50.07 25.85 -31.75
CA SER H 493 49.00 25.00 -31.26
C SER H 493 48.72 23.85 -32.23
N VAL H 494 49.57 23.72 -33.25
CA VAL H 494 49.43 22.70 -34.28
C VAL H 494 50.73 21.90 -34.31
N ALA H 495 50.62 20.58 -34.33
CA ALA H 495 51.77 19.70 -34.47
C ALA H 495 51.64 18.87 -35.75
N CYS H 496 52.61 17.97 -35.95
CA CYS H 496 52.69 17.13 -37.14
C CYS H 496 52.36 15.69 -36.76
N ASN H 497 51.59 15.03 -37.62
CA ASN H 497 51.22 13.64 -37.35
C ASN H 497 52.37 12.67 -37.57
N THR H 498 53.35 13.05 -38.39
CA THR H 498 54.48 12.17 -38.64
C THR H 498 55.50 12.26 -37.50
N CYS H 499 56.10 13.43 -37.32
CA CYS H 499 56.98 13.68 -36.19
C CYS H 499 56.18 14.42 -35.13
N LEU H 500 56.07 13.84 -33.94
CA LEU H 500 55.16 14.33 -32.92
C LEU H 500 55.79 15.48 -32.14
N LYS H 501 55.92 16.61 -32.84
CA LYS H 501 56.57 17.80 -32.32
C LYS H 501 55.74 19.02 -32.67
N ILE H 502 55.68 19.96 -31.74
CA ILE H 502 54.98 21.22 -31.96
C ILE H 502 55.81 22.04 -32.94
N ILE H 503 55.23 22.39 -34.07
CA ILE H 503 55.97 23.07 -35.12
C ILE H 503 56.02 24.56 -34.81
N ARG H 504 57.00 25.23 -35.39
CA ARG H 504 57.29 26.63 -35.06
C ARG H 504 57.27 27.49 -36.31
N ASN H 505 56.63 27.02 -37.37
CA ASN H 505 56.69 27.63 -38.67
C ASN H 505 55.41 27.31 -39.45
N ASP H 506 55.48 27.43 -40.77
CA ASP H 506 54.33 27.18 -41.64
C ASP H 506 53.84 25.75 -41.53
N SER H 507 52.52 25.58 -41.64
CA SER H 507 51.88 24.28 -41.54
C SER H 507 51.15 23.96 -42.84
N PHE H 508 51.26 22.71 -43.25
CA PHE H 508 50.63 22.23 -44.47
C PHE H 508 49.37 21.46 -44.08
N HIS H 509 48.23 22.07 -44.32
CA HIS H 509 46.96 21.54 -43.86
C HIS H 509 46.30 20.74 -44.98
N CYS H 510 46.08 19.45 -44.73
CA CYS H 510 45.32 18.62 -45.64
C CYS H 510 43.87 19.07 -45.62
N THR H 511 43.39 19.56 -46.75
CA THR H 511 42.00 19.98 -46.85
C THR H 511 41.05 18.82 -47.05
N LYS H 512 41.56 17.61 -47.28
CA LYS H 512 40.72 16.45 -47.54
C LYS H 512 40.48 15.61 -46.29
N CYS H 513 41.45 15.54 -45.38
CA CYS H 513 41.24 14.91 -44.09
C CYS H 513 40.72 15.96 -43.11
N PHE H 514 40.70 15.62 -41.82
CA PHE H 514 40.14 16.50 -40.81
C PHE H 514 41.21 17.38 -40.17
N ASP H 515 42.22 16.77 -39.56
CA ASP H 515 43.19 17.47 -38.73
C ASP H 515 44.61 16.93 -38.95
N PHE H 516 45.02 16.80 -40.20
CA PHE H 516 46.21 16.02 -40.51
C PHE H 516 47.50 16.81 -40.27
N ASP H 517 47.71 17.89 -41.03
CA ASP H 517 48.64 18.98 -40.71
C ASP H 517 50.10 18.52 -40.59
N VAL H 518 50.68 18.13 -41.73
CA VAL H 518 52.12 17.85 -41.74
C VAL H 518 52.93 19.14 -41.66
N CYS H 519 54.24 18.98 -41.44
CA CYS H 519 55.13 20.08 -41.16
C CYS H 519 55.97 20.43 -42.39
N ARG H 520 56.86 21.41 -42.19
CA ARG H 520 57.83 21.88 -43.16
C ARG H 520 58.73 20.77 -43.70
N ASP H 521 59.34 20.02 -42.79
CA ASP H 521 60.31 19.02 -43.20
C ASP H 521 59.64 17.79 -43.79
N CYS H 522 58.53 17.37 -43.19
CA CYS H 522 57.86 16.15 -43.64
C CYS H 522 57.09 16.38 -44.94
N TYR H 523 56.81 17.63 -45.28
CA TYR H 523 56.18 17.91 -46.57
C TYR H 523 57.14 17.62 -47.71
N ALA H 524 58.42 17.98 -47.54
CA ALA H 524 59.42 17.62 -48.52
C ALA H 524 59.87 16.17 -48.38
N LYS H 525 59.63 15.56 -47.22
CA LYS H 525 60.07 14.19 -46.96
C LYS H 525 59.07 13.16 -47.47
N GLN H 526 57.91 13.62 -47.96
CA GLN H 526 56.86 12.78 -48.57
C GLN H 526 56.33 11.72 -47.61
N ALA H 527 56.22 12.04 -46.32
CA ALA H 527 55.82 11.09 -45.30
C ALA H 527 54.35 11.24 -44.89
N PHE H 528 53.53 11.80 -45.76
CA PHE H 528 52.13 12.14 -45.45
C PHE H 528 51.12 11.03 -45.80
N LEU H 529 51.39 9.82 -45.33
CA LEU H 529 50.47 8.70 -45.56
C LEU H 529 49.32 8.65 -44.54
N HIS H 530 48.09 8.84 -45.03
CA HIS H 530 46.87 8.82 -44.21
C HIS H 530 45.72 8.40 -45.12
N PRO H 531 44.53 8.00 -44.59
CA PRO H 531 43.44 7.61 -45.50
C PRO H 531 42.83 8.73 -46.32
N CYS H 532 43.63 9.33 -47.20
CA CYS H 532 43.15 10.21 -48.26
C CYS H 532 44.03 9.92 -49.46
N PRO H 533 43.46 9.42 -50.57
CA PRO H 533 44.28 9.05 -51.73
C PRO H 533 45.05 10.20 -52.37
N LYS H 534 44.46 11.40 -52.46
CA LYS H 534 45.23 12.59 -52.83
C LYS H 534 44.85 13.73 -51.90
N PRO H 535 45.79 14.16 -51.05
CA PRO H 535 45.53 15.29 -50.16
C PRO H 535 46.02 16.61 -50.75
N HIS H 536 45.31 17.68 -50.40
CA HIS H 536 45.66 19.03 -50.80
C HIS H 536 46.19 19.77 -49.58
N PHE H 537 47.47 20.09 -49.58
CA PHE H 537 48.10 20.75 -48.45
C PHE H 537 48.22 22.24 -48.72
N VAL H 538 47.34 23.01 -48.10
CA VAL H 538 47.44 24.46 -48.12
C VAL H 538 48.41 24.87 -47.01
N LEU H 539 49.26 25.84 -47.32
CA LEU H 539 50.28 26.28 -46.38
C LEU H 539 49.78 27.48 -45.57
N VAL H 540 50.00 27.42 -44.26
CA VAL H 540 49.34 28.30 -43.31
C VAL H 540 50.40 28.99 -42.44
N ARG H 541 50.28 30.31 -42.29
CA ARG H 541 51.15 31.11 -41.44
C ARG H 541 51.14 30.69 -39.97
N SER H 542 52.32 30.82 -39.36
CA SER H 542 52.60 30.61 -37.93
C SER H 542 52.19 29.24 -37.43
N MET I 1 -44.26 -0.80 -44.46
CA MET I 1 -43.31 -1.51 -43.64
C MET I 1 -42.00 -1.60 -44.41
N GLN I 2 -41.09 -0.69 -44.08
CA GLN I 2 -39.86 -0.52 -44.84
C GLN I 2 -38.94 -1.72 -44.62
N LEU I 3 -38.49 -2.30 -45.72
CA LEU I 3 -37.60 -3.48 -45.70
C LEU I 3 -36.27 -3.06 -46.31
N HIS I 4 -35.26 -2.90 -45.46
CA HIS I 4 -33.99 -2.34 -45.92
C HIS I 4 -33.13 -3.40 -46.62
N GLY I 5 -33.07 -4.60 -46.05
CA GLY I 5 -32.35 -5.69 -46.69
C GLY I 5 -32.43 -7.01 -45.96
N LYS I 6 -32.75 -8.08 -46.69
CA LYS I 6 -32.91 -9.45 -46.18
C LYS I 6 -33.92 -9.48 -45.03
N MET I 7 -35.15 -9.09 -45.32
CA MET I 7 -36.04 -8.62 -44.27
C MET I 7 -37.30 -9.46 -44.10
N THR I 8 -37.72 -10.18 -45.15
CA THR I 8 -38.71 -11.26 -45.27
C THR I 8 -40.12 -10.94 -44.77
N ALA I 9 -40.38 -9.70 -44.34
CA ALA I 9 -41.70 -9.13 -44.07
C ALA I 9 -42.53 -9.82 -42.98
N THR I 10 -42.03 -10.90 -42.41
CA THR I 10 -42.66 -11.62 -41.31
C THR I 10 -41.86 -11.51 -40.03
N ALA I 11 -40.53 -11.48 -40.15
CA ALA I 11 -39.69 -11.22 -38.99
C ALA I 11 -39.89 -9.79 -38.50
N LYS I 12 -40.05 -8.84 -39.42
CA LYS I 12 -40.36 -7.47 -39.02
C LYS I 12 -41.74 -7.37 -38.40
N SER I 13 -42.72 -8.07 -38.95
CA SER I 13 -44.07 -7.99 -38.42
C SER I 13 -44.17 -8.68 -37.06
N CYS I 14 -43.39 -9.75 -36.86
CA CYS I 14 -43.33 -10.36 -35.54
C CYS I 14 -42.61 -9.46 -34.56
N ALA I 15 -41.58 -8.75 -35.02
CA ALA I 15 -40.87 -7.83 -34.14
C ALA I 15 -41.71 -6.61 -33.84
N LEU I 16 -42.49 -6.14 -34.82
CA LEU I 16 -43.36 -5.00 -34.57
C LEU I 16 -44.50 -5.36 -33.63
N ASP I 17 -44.92 -6.62 -33.65
CA ASP I 17 -45.92 -7.08 -32.69
C ASP I 17 -45.33 -7.15 -31.29
N PHE I 18 -44.04 -7.44 -31.18
CA PHE I 18 -43.37 -7.41 -29.89
C PHE I 18 -43.30 -5.99 -29.34
N LEU I 19 -43.08 -5.02 -30.23
CA LEU I 19 -42.94 -3.64 -29.80
C LEU I 19 -44.22 -3.09 -29.21
N ASP I 20 -45.37 -3.51 -29.75
CA ASP I 20 -46.64 -3.12 -29.15
C ASP I 20 -46.84 -3.81 -27.81
N PHE I 21 -46.32 -5.03 -27.67
CA PHE I 21 -46.51 -5.77 -26.43
C PHE I 21 -45.67 -5.20 -25.31
N VAL I 22 -44.41 -4.89 -25.58
CA VAL I 22 -43.51 -4.49 -24.50
C VAL I 22 -43.72 -3.02 -24.14
N ASN I 23 -44.25 -2.23 -25.07
CA ASN I 23 -44.54 -0.84 -24.74
C ASN I 23 -45.77 -0.73 -23.87
N ALA I 24 -46.67 -1.71 -23.92
CA ALA I 24 -47.86 -1.71 -23.08
C ALA I 24 -47.67 -2.50 -21.80
N SER I 25 -46.50 -3.09 -21.59
CA SER I 25 -46.26 -3.97 -20.45
C SER I 25 -44.99 -3.58 -19.73
N PRO I 26 -45.03 -2.56 -18.89
CA PRO I 26 -43.84 -2.19 -18.11
C PRO I 26 -43.73 -2.88 -16.77
N THR I 27 -44.79 -3.52 -16.30
CA THR I 27 -44.81 -4.20 -15.02
C THR I 27 -45.20 -5.64 -15.29
N PRO I 28 -44.87 -6.56 -14.37
CA PRO I 28 -45.44 -7.90 -14.49
C PRO I 28 -46.95 -7.94 -14.41
N TYR I 29 -47.55 -6.99 -13.67
CA TYR I 29 -49.01 -6.89 -13.65
C TYR I 29 -49.55 -6.49 -15.01
N HIS I 30 -48.88 -5.58 -15.71
CA HIS I 30 -49.31 -5.24 -17.06
C HIS I 30 -48.95 -6.35 -18.03
N ALA I 31 -47.84 -7.04 -17.79
CA ALA I 31 -47.44 -8.13 -18.68
C ALA I 31 -48.44 -9.27 -18.64
N VAL I 32 -48.90 -9.64 -17.45
CA VAL I 32 -49.90 -10.68 -17.31
C VAL I 32 -51.22 -10.24 -17.90
N GLN I 33 -51.54 -8.95 -17.74
CA GLN I 33 -52.78 -8.39 -18.28
C GLN I 33 -52.77 -8.42 -19.81
N ASN I 34 -51.63 -8.10 -20.42
CA ASN I 34 -51.58 -8.11 -21.88
C ASN I 34 -51.50 -9.53 -22.44
N LEU I 35 -50.86 -10.45 -21.71
CA LEU I 35 -50.86 -11.84 -22.17
C LEU I 35 -52.25 -12.44 -22.11
N ALA I 36 -52.99 -12.13 -21.05
CA ALA I 36 -54.29 -12.75 -20.86
C ALA I 36 -55.33 -12.20 -21.82
N GLU I 37 -55.19 -10.94 -22.22
CA GLU I 37 -56.04 -10.43 -23.29
C GLU I 37 -55.72 -11.11 -24.61
N HIS I 38 -54.45 -11.43 -24.84
CA HIS I 38 -54.09 -12.16 -26.05
C HIS I 38 -54.57 -13.60 -25.96
N TYR I 39 -54.59 -14.17 -24.77
CA TYR I 39 -55.05 -15.54 -24.60
C TYR I 39 -56.56 -15.65 -24.82
N MET I 40 -57.33 -14.74 -24.23
CA MET I 40 -58.78 -14.80 -24.42
C MET I 40 -59.20 -14.37 -25.81
N SER I 41 -58.34 -13.61 -26.50
CA SER I 41 -58.61 -13.32 -27.90
C SER I 41 -58.46 -14.58 -28.75
N HIS I 42 -57.59 -15.48 -28.33
CA HIS I 42 -57.38 -16.73 -29.04
C HIS I 42 -58.19 -17.89 -28.45
N GLY I 43 -59.15 -17.59 -27.60
CA GLY I 43 -60.11 -18.58 -27.16
C GLY I 43 -59.81 -19.26 -25.85
N PHE I 44 -58.85 -18.77 -25.08
CA PHE I 44 -58.53 -19.39 -23.80
C PHE I 44 -59.60 -19.03 -22.77
N GLN I 45 -59.72 -19.87 -21.76
CA GLN I 45 -60.70 -19.66 -20.69
C GLN I 45 -59.98 -19.40 -19.39
N TYR I 46 -60.47 -18.44 -18.63
CA TYR I 46 -59.88 -18.15 -17.33
C TYR I 46 -60.31 -19.19 -16.32
N LEU I 47 -59.38 -19.66 -15.52
CA LEU I 47 -59.65 -20.58 -14.43
C LEU I 47 -59.32 -19.91 -13.12
N SER I 48 -60.30 -19.87 -12.22
CA SER I 48 -60.03 -19.43 -10.86
C SER I 48 -59.36 -20.58 -10.12
N GLU I 49 -58.28 -20.25 -9.40
CA GLU I 49 -57.59 -21.29 -8.66
C GLU I 49 -58.35 -21.64 -7.38
N LYS I 50 -59.27 -20.76 -6.94
CA LYS I 50 -60.18 -21.08 -5.85
C LYS I 50 -61.15 -22.19 -6.20
N SER I 51 -61.46 -22.37 -7.47
CA SER I 51 -62.46 -23.35 -7.86
C SER I 51 -61.84 -24.73 -7.97
N ASP I 52 -62.70 -25.71 -8.20
CA ASP I 52 -62.28 -27.09 -8.42
C ASP I 52 -62.40 -27.41 -9.90
N TRP I 53 -61.34 -27.98 -10.46
CA TRP I 53 -61.24 -28.13 -11.91
C TRP I 53 -61.65 -29.51 -12.39
N GLN I 54 -62.32 -30.31 -11.55
CA GLN I 54 -62.69 -31.66 -11.96
C GLN I 54 -63.74 -31.64 -13.05
N SER I 55 -64.62 -30.65 -13.04
CA SER I 55 -65.67 -30.54 -14.05
C SER I 55 -65.47 -29.35 -14.97
N LYS I 56 -64.37 -28.62 -14.82
CA LYS I 56 -64.19 -27.38 -15.56
C LYS I 56 -63.26 -27.52 -16.75
N ILE I 57 -62.32 -28.46 -16.71
CA ILE I 57 -61.37 -28.64 -17.79
C ILE I 57 -61.68 -29.93 -18.52
N GLU I 58 -61.58 -29.90 -19.84
CA GLU I 58 -61.83 -31.06 -20.67
C GLU I 58 -60.86 -31.01 -21.84
N PRO I 59 -60.50 -32.16 -22.41
CA PRO I 59 -59.53 -32.18 -23.51
C PRO I 59 -60.04 -31.47 -24.75
N GLY I 60 -59.10 -30.86 -25.47
CA GLY I 60 -59.41 -30.11 -26.67
C GLY I 60 -59.58 -28.63 -26.48
N ASN I 61 -59.43 -28.12 -25.26
CA ASN I 61 -59.63 -26.71 -24.99
C ASN I 61 -58.41 -26.11 -24.33
N SER I 62 -58.40 -24.78 -24.28
CA SER I 62 -57.27 -24.02 -23.76
C SER I 62 -57.70 -23.17 -22.58
N TYR I 63 -56.86 -23.16 -21.55
CA TYR I 63 -57.14 -22.52 -20.27
C TYR I 63 -55.92 -21.75 -19.82
N PHE I 64 -56.15 -20.78 -18.93
CA PHE I 64 -55.05 -20.10 -18.27
C PHE I 64 -55.45 -19.76 -16.85
N VAL I 65 -54.47 -19.73 -15.96
CA VAL I 65 -54.68 -19.47 -14.55
C VAL I 65 -53.69 -18.39 -14.13
N THR I 66 -54.03 -17.63 -13.11
CA THR I 66 -53.26 -16.47 -12.70
C THR I 66 -53.08 -16.44 -11.20
N ARG I 67 -51.87 -16.14 -10.76
CA ARG I 67 -51.55 -16.03 -9.33
C ARG I 67 -51.02 -14.63 -9.08
N ASN I 68 -51.66 -13.91 -8.15
CA ASN I 68 -51.31 -12.57 -7.67
C ASN I 68 -51.36 -11.52 -8.79
N LYS I 69 -52.04 -11.83 -9.89
CA LYS I 69 -52.11 -11.03 -11.12
C LYS I 69 -50.73 -10.69 -11.69
N SER I 70 -49.72 -11.50 -11.37
CA SER I 70 -48.35 -11.25 -11.78
C SER I 70 -47.62 -12.49 -12.26
N SER I 71 -48.16 -13.67 -12.01
CA SER I 71 -47.70 -14.90 -12.65
C SER I 71 -48.88 -15.51 -13.39
N ILE I 72 -48.64 -15.99 -14.59
CA ILE I 72 -49.70 -16.59 -15.39
C ILE I 72 -49.20 -17.90 -15.98
N ILE I 73 -50.06 -18.91 -15.94
CA ILE I 73 -49.78 -20.21 -16.54
C ILE I 73 -50.91 -20.49 -17.51
N ALA I 74 -50.57 -20.58 -18.80
CA ALA I 74 -51.54 -20.94 -19.81
C ALA I 74 -51.24 -22.34 -20.34
N PHE I 75 -52.28 -23.14 -20.47
CA PHE I 75 -52.07 -24.50 -20.95
C PHE I 75 -53.19 -24.88 -21.90
N SER I 76 -52.83 -25.60 -22.95
CA SER I 76 -53.78 -26.15 -23.90
C SER I 76 -53.73 -27.67 -23.82
N ILE I 77 -54.87 -28.29 -23.60
CA ILE I 77 -54.97 -29.72 -23.45
C ILE I 77 -55.38 -30.31 -24.79
N GLY I 78 -54.60 -31.25 -25.29
CA GLY I 78 -54.92 -31.88 -26.56
C GLY I 78 -56.15 -32.77 -26.44
N LYS I 79 -56.80 -33.00 -27.59
CA LYS I 79 -58.00 -33.82 -27.60
C LYS I 79 -57.68 -35.28 -27.31
N LYS I 80 -56.56 -35.76 -27.80
CA LYS I 80 -56.14 -37.13 -27.57
C LYS I 80 -55.32 -37.30 -26.31
N TRP I 81 -55.43 -36.37 -25.37
CA TRP I 81 -54.63 -36.42 -24.15
C TRP I 81 -55.34 -37.26 -23.10
N LYS I 82 -54.61 -38.17 -22.52
CA LYS I 82 -55.05 -38.93 -21.37
C LYS I 82 -54.28 -38.48 -20.14
N PRO I 83 -54.86 -38.58 -18.95
CA PRO I 83 -54.11 -38.27 -17.73
C PRO I 83 -52.98 -39.26 -17.53
N GLY I 84 -51.76 -38.75 -17.55
CA GLY I 84 -50.59 -39.61 -17.51
C GLY I 84 -49.65 -39.31 -18.65
N ASN I 85 -50.17 -38.64 -19.69
CA ASN I 85 -49.32 -38.23 -20.80
C ASN I 85 -48.48 -37.02 -20.40
N GLY I 86 -47.45 -36.76 -21.19
CA GLY I 86 -46.48 -35.76 -20.84
C GLY I 86 -46.95 -34.33 -21.04
N PHE I 87 -46.10 -33.40 -20.65
CA PHE I 87 -46.34 -31.98 -20.78
C PHE I 87 -45.21 -31.37 -21.61
N SER I 88 -45.56 -30.46 -22.50
CA SER I 88 -44.56 -29.68 -23.22
C SER I 88 -44.62 -28.26 -22.67
N ILE I 89 -43.62 -27.90 -21.87
CA ILE I 89 -43.67 -26.69 -21.05
C ILE I 89 -42.58 -25.74 -21.48
N ILE I 90 -42.94 -24.49 -21.73
CA ILE I 90 -41.98 -23.42 -22.03
C ILE I 90 -42.16 -22.32 -21.01
N ALA I 91 -41.20 -22.18 -20.10
CA ALA I 91 -41.34 -21.31 -18.94
C ALA I 91 -40.49 -20.05 -19.11
N THR I 92 -41.13 -18.89 -18.93
CA THR I 92 -40.48 -17.59 -18.93
C THR I 92 -40.73 -16.89 -17.60
N HIS I 93 -40.30 -15.64 -17.49
CA HIS I 93 -40.59 -14.82 -16.32
C HIS I 93 -40.99 -13.43 -16.77
N THR I 94 -41.92 -12.82 -16.04
CA THR I 94 -42.47 -11.54 -16.46
C THR I 94 -41.76 -10.34 -15.88
N ASP I 95 -40.86 -10.52 -14.93
CA ASP I 95 -40.31 -9.37 -14.23
C ASP I 95 -38.97 -8.95 -14.83
N SER I 96 -38.54 -7.76 -14.48
CA SER I 96 -37.30 -7.16 -14.96
C SER I 96 -36.70 -6.34 -13.83
N PRO I 97 -35.39 -6.13 -13.84
CA PRO I 97 -34.78 -5.27 -12.81
C PRO I 97 -35.21 -3.83 -12.96
N THR I 98 -35.58 -3.22 -11.84
CA THR I 98 -36.20 -1.91 -11.82
C THR I 98 -36.11 -1.33 -10.43
N LEU I 99 -36.83 -0.22 -10.21
CA LEU I 99 -36.88 0.45 -8.92
C LEU I 99 -38.33 0.53 -8.46
N ARG I 100 -38.58 0.12 -7.22
CA ARG I 100 -39.89 0.23 -6.59
C ARG I 100 -39.94 1.41 -5.63
N LEU I 101 -41.11 2.04 -5.57
CA LEU I 101 -41.35 3.08 -4.59
C LEU I 101 -41.39 2.49 -3.19
N LYS I 102 -40.81 3.21 -2.24
CA LYS I 102 -40.83 2.79 -0.86
C LYS I 102 -42.23 3.02 -0.26
N PRO I 103 -42.56 2.35 0.84
CA PRO I 103 -43.84 2.64 1.51
C PRO I 103 -43.98 4.07 2.00
N LYS I 104 -42.90 4.67 2.49
CA LYS I 104 -42.84 6.10 2.79
C LYS I 104 -41.99 6.69 1.68
N SER I 105 -42.62 6.99 0.54
CA SER I 105 -41.88 7.43 -0.62
C SER I 105 -41.76 8.94 -0.70
N GLN I 106 -42.30 9.68 0.26
CA GLN I 106 -42.23 11.13 0.20
C GLN I 106 -40.84 11.60 0.61
N LYS I 107 -40.18 12.31 -0.29
CA LYS I 107 -38.88 12.90 0.00
C LYS I 107 -38.85 14.31 -0.56
N SER I 108 -38.21 15.22 0.16
CA SER I 108 -38.08 16.59 -0.30
C SER I 108 -36.71 17.10 0.10
N ALA I 109 -36.03 17.73 -0.84
CA ALA I 109 -34.71 18.30 -0.56
C ALA I 109 -34.49 19.50 -1.45
N TYR I 110 -34.33 20.66 -0.83
CA TYR I 110 -33.90 21.91 -1.47
C TYR I 110 -34.85 22.31 -2.59
N GLY I 111 -36.14 22.28 -2.27
CA GLY I 111 -37.15 22.68 -3.20
C GLY I 111 -37.55 21.63 -4.20
N TYR I 112 -36.94 20.46 -4.17
CA TYR I 112 -37.24 19.44 -5.15
C TYR I 112 -38.05 18.35 -4.49
N LEU I 113 -39.07 17.89 -5.18
CA LEU I 113 -39.81 16.72 -4.75
C LEU I 113 -39.08 15.49 -5.25
N GLN I 114 -38.79 14.56 -4.35
CA GLN I 114 -38.16 13.31 -4.74
C GLN I 114 -39.01 12.15 -4.27
N VAL I 115 -38.82 10.99 -4.89
CA VAL I 115 -39.45 9.76 -4.42
C VAL I 115 -38.36 8.83 -3.90
N GLY I 116 -38.67 8.12 -2.83
CA GLY I 116 -37.72 7.19 -2.27
C GLY I 116 -37.88 5.85 -2.94
N VAL I 117 -36.86 5.40 -3.64
CA VAL I 117 -36.96 4.18 -4.42
C VAL I 117 -36.05 3.12 -3.81
N GLU I 118 -36.31 1.87 -4.19
CA GLU I 118 -35.56 0.74 -3.72
C GLU I 118 -35.32 -0.23 -4.86
N LYS I 119 -34.10 -0.77 -4.91
CA LYS I 119 -33.66 -1.53 -6.07
C LYS I 119 -34.31 -2.90 -6.10
N TYR I 120 -34.56 -3.39 -7.32
CA TYR I 120 -35.14 -4.71 -7.50
C TYR I 120 -34.23 -5.41 -8.49
N GLY I 121 -33.69 -6.56 -8.10
CA GLY I 121 -32.89 -7.35 -9.00
C GLY I 121 -31.50 -6.78 -9.18
N GLY I 122 -30.73 -7.47 -10.00
CA GLY I 122 -29.37 -7.04 -10.29
C GLY I 122 -29.30 -6.16 -11.51
N GLY I 123 -29.91 -4.98 -11.46
CA GLY I 123 -29.87 -4.09 -12.60
C GLY I 123 -28.55 -3.38 -12.73
N ILE I 124 -28.22 -3.01 -13.97
CA ILE I 124 -27.07 -2.17 -14.24
C ILE I 124 -27.47 -0.74 -13.91
N TRP I 125 -27.06 -0.26 -12.73
CA TRP I 125 -27.74 0.90 -12.18
C TRP I 125 -27.21 2.21 -12.74
N HIS I 126 -26.06 2.22 -13.40
CA HIS I 126 -25.60 3.48 -13.96
C HIS I 126 -26.34 3.81 -15.25
N THR I 127 -26.97 2.83 -15.89
CA THR I 127 -27.73 3.09 -17.09
C THR I 127 -29.06 3.75 -16.80
N TRP I 128 -29.49 3.77 -15.55
CA TRP I 128 -30.74 4.43 -15.18
C TRP I 128 -30.57 5.93 -15.00
N PHE I 129 -29.34 6.43 -15.00
CA PHE I 129 -29.11 7.85 -14.84
C PHE I 129 -29.49 8.59 -16.12
N ASP I 130 -30.07 9.79 -15.94
CA ASP I 130 -30.40 10.73 -17.01
C ASP I 130 -31.36 10.13 -18.02
N ARG I 131 -32.32 9.34 -17.53
CA ARG I 131 -33.31 8.70 -18.38
C ARG I 131 -34.68 9.30 -18.09
N ASP I 132 -35.49 9.38 -19.12
CA ASP I 132 -36.90 9.64 -18.89
C ASP I 132 -37.51 8.40 -18.26
N LEU I 133 -38.09 8.55 -17.07
CA LEU I 133 -38.61 7.41 -16.34
C LEU I 133 -40.12 7.54 -16.20
N SER I 134 -40.83 6.47 -16.52
CA SER I 134 -42.26 6.39 -16.32
C SER I 134 -42.57 5.65 -15.03
N LEU I 135 -43.81 5.76 -14.59
CA LEU I 135 -44.27 5.14 -13.37
C LEU I 135 -45.45 4.24 -13.69
N ALA I 136 -45.40 3.00 -13.20
CA ALA I 136 -46.43 2.05 -13.49
C ALA I 136 -46.51 1.02 -12.38
N GLY I 137 -47.60 0.29 -12.33
CA GLY I 137 -47.79 -0.70 -11.29
C GLY I 137 -49.25 -0.95 -11.00
N ARG I 138 -49.52 -1.57 -9.87
CA ARG I 138 -50.89 -1.84 -9.44
C ARG I 138 -51.19 -1.05 -8.18
N VAL I 139 -52.43 -0.58 -8.07
CA VAL I 139 -52.86 0.29 -6.98
C VAL I 139 -54.08 -0.32 -6.33
N MET I 140 -54.03 -0.48 -5.01
CA MET I 140 -55.18 -0.94 -4.23
C MET I 140 -56.08 0.24 -3.91
N VAL I 141 -57.35 0.14 -4.28
CA VAL I 141 -58.32 1.20 -4.08
C VAL I 141 -59.45 0.66 -3.22
N GLU I 142 -59.74 1.35 -2.13
CA GLU I 142 -60.93 1.05 -1.35
C GLU I 142 -62.18 1.53 -2.05
N GLU I 143 -63.28 0.78 -1.88
CA GLU I 143 -64.58 1.27 -2.26
C GLU I 143 -65.50 1.31 -1.04
N GLU I 144 -66.74 1.76 -1.27
CA GLU I 144 -67.57 2.24 -0.17
C GLU I 144 -68.06 1.11 0.72
N ASP I 145 -68.12 -0.12 0.20
CA ASP I 145 -68.55 -1.25 1.00
C ASP I 145 -67.40 -1.96 1.70
N GLY I 146 -66.19 -1.44 1.58
CA GLY I 146 -65.05 -1.96 2.27
C GLY I 146 -64.16 -2.87 1.44
N ARG I 147 -64.63 -3.36 0.30
CA ARG I 147 -63.79 -4.25 -0.49
C ARG I 147 -62.73 -3.45 -1.22
N VAL I 148 -61.59 -4.09 -1.45
CA VAL I 148 -60.43 -3.45 -2.06
C VAL I 148 -60.05 -4.25 -3.29
N ILE I 149 -59.97 -3.56 -4.43
CA ILE I 149 -59.69 -4.20 -5.70
C ILE I 149 -58.42 -3.60 -6.30
N GLN I 150 -57.82 -4.34 -7.23
CA GLN I 150 -56.52 -3.98 -7.78
C GLN I 150 -56.72 -3.32 -9.13
N TYR I 151 -56.12 -2.14 -9.28
CA TYR I 151 -56.13 -1.35 -10.51
C TYR I 151 -54.72 -1.19 -11.03
N ASN I 152 -54.48 -1.63 -12.26
CA ASN I 152 -53.20 -1.41 -12.92
C ASN I 152 -53.16 0.00 -13.46
N VAL I 153 -52.08 0.72 -13.21
CA VAL I 153 -51.95 2.10 -13.63
C VAL I 153 -50.68 2.24 -14.47
N HIS I 154 -50.81 2.93 -15.60
CA HIS I 154 -49.66 3.25 -16.43
C HIS I 154 -49.61 4.76 -16.55
N ILE I 155 -48.45 5.36 -16.26
CA ILE I 155 -48.28 6.78 -16.48
C ILE I 155 -47.25 6.93 -17.60
N ASP I 156 -47.75 7.00 -18.84
CA ASP I 156 -46.92 7.04 -20.04
C ASP I 156 -46.51 8.46 -20.39
N ARG I 157 -45.61 9.00 -19.57
CA ARG I 157 -44.99 10.29 -19.84
C ARG I 157 -43.69 10.35 -19.05
N PRO I 158 -42.75 11.23 -19.43
CA PRO I 158 -41.55 11.41 -18.60
C PRO I 158 -41.90 12.04 -17.28
N LEU I 159 -41.79 11.26 -16.23
CA LEU I 159 -42.33 11.64 -14.94
C LEU I 159 -41.26 11.69 -13.87
N LEU I 160 -40.25 10.84 -13.98
CA LEU I 160 -39.14 10.81 -13.03
C LEU I 160 -37.84 10.91 -13.81
N ARG I 161 -36.79 11.30 -13.09
CA ARG I 161 -35.45 11.31 -13.64
C ARG I 161 -34.41 11.26 -12.54
N ILE I 162 -33.40 10.41 -12.69
CA ILE I 162 -32.24 10.42 -11.80
C ILE I 162 -31.14 11.19 -12.50
N PRO I 163 -30.84 12.43 -12.09
CA PRO I 163 -29.84 13.21 -12.82
C PRO I 163 -28.44 13.01 -12.27
N THR I 164 -27.46 13.04 -13.16
CA THR I 164 -26.08 12.97 -12.74
C THR I 164 -25.59 14.34 -12.28
N LEU I 165 -24.48 14.33 -11.56
CA LEU I 165 -23.76 15.56 -11.29
C LEU I 165 -23.08 16.01 -12.58
N ALA I 166 -22.97 17.33 -12.77
CA ALA I 166 -22.26 17.86 -13.91
C ALA I 166 -20.77 17.52 -13.82
N ILE I 167 -20.12 17.49 -14.99
CA ILE I 167 -18.73 17.03 -15.05
C ILE I 167 -17.78 18.10 -14.53
N HIS I 168 -18.24 19.34 -14.43
CA HIS I 168 -17.38 20.41 -13.93
C HIS I 168 -17.15 20.25 -12.44
N LEU I 169 -18.11 19.65 -11.76
CA LEU I 169 -18.14 19.57 -10.32
C LEU I 169 -17.46 18.33 -9.78
N ASP I 170 -17.25 17.34 -10.63
CA ASP I 170 -16.49 16.14 -10.32
C ASP I 170 -15.91 15.60 -11.62
N PRO I 171 -14.70 16.03 -12.00
CA PRO I 171 -14.10 15.52 -13.24
C PRO I 171 -13.65 14.08 -13.14
N SER I 172 -13.59 13.52 -11.94
CA SER I 172 -13.20 12.14 -11.74
C SER I 172 -14.26 11.13 -12.17
N ALA I 173 -15.46 11.60 -12.52
CA ALA I 173 -16.52 10.69 -12.95
C ALA I 173 -16.21 10.06 -14.30
N ASN I 174 -15.41 10.72 -15.13
CA ASN I 174 -15.03 10.12 -16.40
C ASN I 174 -13.99 9.02 -16.21
N SER I 175 -13.18 9.11 -15.15
CA SER I 175 -12.23 8.04 -14.88
C SER I 175 -12.94 6.79 -14.40
N SER I 176 -13.84 6.92 -13.44
CA SER I 176 -14.60 5.79 -12.91
C SER I 176 -15.85 6.34 -12.25
N PHE I 177 -17.01 5.91 -12.71
CA PHE I 177 -18.27 6.42 -12.19
C PHE I 177 -18.78 5.51 -11.08
N SER I 178 -18.87 6.05 -9.88
CA SER I 178 -19.44 5.34 -8.75
C SER I 178 -20.39 6.27 -8.03
N PHE I 179 -21.38 5.68 -7.36
CA PHE I 179 -22.41 6.49 -6.72
C PHE I 179 -23.00 5.72 -5.56
N ASN I 180 -23.37 6.46 -4.51
CA ASN I 180 -24.00 5.85 -3.35
C ASN I 180 -25.45 5.51 -3.68
N MET I 181 -25.88 4.34 -3.24
CA MET I 181 -27.09 3.72 -3.75
C MET I 181 -28.36 4.28 -3.11
N GLU I 182 -28.29 4.90 -1.93
CA GLU I 182 -29.28 5.89 -1.49
C GLU I 182 -29.04 7.27 -2.02
N THR I 183 -28.06 7.95 -1.47
CA THR I 183 -28.03 9.40 -1.42
C THR I 183 -27.85 10.03 -2.79
N GLU I 184 -27.25 9.30 -3.73
CA GLU I 184 -27.06 9.82 -5.07
C GLU I 184 -27.92 9.11 -6.12
N PHE I 185 -28.84 8.25 -5.70
CA PHE I 185 -29.70 7.53 -6.64
C PHE I 185 -31.17 7.78 -6.35
N VAL I 186 -31.54 9.04 -6.11
CA VAL I 186 -32.91 9.40 -5.80
C VAL I 186 -33.51 10.12 -7.00
N PRO I 187 -34.53 9.57 -7.64
CA PRO I 187 -35.15 10.26 -8.77
C PRO I 187 -35.97 11.46 -8.34
N LEU I 188 -36.24 12.32 -9.31
CA LEU I 188 -36.91 13.59 -9.08
C LEU I 188 -38.28 13.57 -9.75
N ILE I 189 -39.32 13.82 -8.97
CA ILE I 189 -40.67 13.86 -9.49
C ILE I 189 -41.09 15.28 -9.86
N GLY I 190 -40.61 16.29 -9.16
CA GLY I 190 -40.97 17.65 -9.52
C GLY I 190 -40.43 18.66 -8.54
N LEU I 191 -41.00 19.87 -8.60
CA LEU I 191 -40.58 21.01 -7.81
C LEU I 191 -41.71 21.35 -6.85
N GLU I 192 -41.36 21.67 -5.60
CA GLU I 192 -42.40 21.95 -4.63
C GLU I 192 -42.74 23.42 -4.51
N ASN I 193 -42.13 24.29 -5.29
CA ASN I 193 -42.45 25.72 -5.21
C ASN I 193 -43.76 26.05 -5.89
N GLU I 194 -44.36 25.12 -6.62
CA GLU I 194 -45.49 25.40 -7.47
C GLU I 194 -46.67 24.48 -7.19
N LEU I 195 -46.65 23.78 -6.06
CA LEU I 195 -47.78 22.99 -5.60
C LEU I 195 -48.48 23.65 -4.41
N ALA I 196 -48.42 24.97 -4.32
CA ALA I 196 -48.81 25.67 -3.09
C ALA I 196 -50.30 26.00 -3.09
N LYS I 197 -51.11 25.10 -3.66
CA LYS I 197 -52.56 25.23 -3.60
C LYS I 197 -53.05 25.23 -2.15
N GLU I 198 -52.47 24.39 -1.31
CA GLU I 198 -52.65 24.49 0.13
C GLU I 198 -51.28 24.36 0.80
N GLU I 199 -50.94 25.33 1.62
CA GLU I 199 -49.66 25.32 2.34
C GLU I 199 -49.81 24.79 3.76
N THR I 200 -50.44 23.62 3.90
CA THR I 200 -50.60 22.96 5.19
C THR I 200 -50.29 21.47 5.00
N SER I 201 -50.40 20.73 6.08
CA SER I 201 -50.24 19.28 6.05
C SER I 201 -51.48 18.54 6.53
N ASP I 202 -52.13 19.03 7.59
CA ASP I 202 -53.36 18.55 8.22
C ASP I 202 -53.21 17.21 8.93
N ASN I 203 -52.03 16.59 8.81
CA ASN I 203 -51.58 15.38 9.48
C ASN I 203 -50.10 15.24 9.17
N GLY I 204 -49.32 14.85 10.18
CA GLY I 204 -47.88 14.78 10.02
C GLY I 204 -47.48 13.60 9.16
N ASP I 205 -46.68 13.85 8.11
CA ASP I 205 -45.92 12.85 7.36
C ASP I 205 -46.83 11.81 6.69
N LYS I 206 -47.55 12.29 5.67
CA LYS I 206 -48.17 11.40 4.71
C LYS I 206 -47.14 10.50 4.05
N TYR I 207 -47.57 9.31 3.63
CA TYR I 207 -46.63 8.32 3.11
C TYR I 207 -46.06 8.71 1.76
N HIS I 208 -46.87 9.31 0.91
CA HIS I 208 -46.42 9.70 -0.42
C HIS I 208 -46.78 11.16 -0.66
N HIS I 209 -46.28 11.69 -1.77
CA HIS I 209 -46.62 13.04 -2.16
C HIS I 209 -48.09 13.09 -2.54
N PRO I 210 -48.85 14.06 -2.02
CA PRO I 210 -50.26 14.16 -2.40
C PRO I 210 -50.47 14.47 -3.86
N VAL I 211 -49.49 15.11 -4.50
CA VAL I 211 -49.58 15.36 -5.93
C VAL I 211 -49.38 14.06 -6.71
N LEU I 212 -48.62 13.12 -6.14
CA LEU I 212 -48.46 11.82 -6.78
C LEU I 212 -49.72 10.98 -6.65
N LEU I 213 -50.38 11.05 -5.50
CA LEU I 213 -51.63 10.32 -5.31
C LEU I 213 -52.74 10.90 -6.15
N SER I 214 -52.69 12.21 -6.42
CA SER I 214 -53.69 12.82 -7.28
C SER I 214 -53.53 12.36 -8.72
N LEU I 215 -52.29 12.18 -9.16
CA LEU I 215 -52.07 11.70 -10.52
C LEU I 215 -52.47 10.24 -10.67
N LEU I 216 -52.19 9.43 -9.65
CA LEU I 216 -52.59 8.03 -9.67
C LEU I 216 -54.10 7.89 -9.69
N ALA I 217 -54.79 8.71 -8.90
CA ALA I 217 -56.25 8.66 -8.89
C ALA I 217 -56.82 9.19 -10.19
N ASN I 218 -56.16 10.16 -10.82
CA ASN I 218 -56.66 10.70 -12.07
C ASN I 218 -56.44 9.75 -13.23
N GLU I 219 -55.32 9.02 -13.21
CA GLU I 219 -55.03 8.10 -14.29
C GLU I 219 -55.92 6.87 -14.23
N ILE I 220 -56.26 6.45 -13.02
CA ILE I 220 -57.25 5.39 -12.83
C ILE I 220 -58.62 5.83 -13.33
N SER I 221 -59.02 7.06 -12.99
CA SER I 221 -60.39 7.49 -13.27
C SER I 221 -60.62 7.76 -14.75
N LYS I 222 -59.55 7.81 -15.55
CA LYS I 222 -59.69 7.94 -16.98
C LYS I 222 -60.34 6.70 -17.60
N SER I 223 -60.12 5.55 -17.01
CA SER I 223 -60.64 4.30 -17.55
C SER I 223 -61.90 3.82 -16.85
N LEU I 224 -62.49 4.64 -16.00
CA LEU I 224 -63.70 4.27 -15.28
C LEU I 224 -64.79 5.29 -15.52
N GLU I 225 -66.04 4.85 -15.30
CA GLU I 225 -67.16 5.76 -15.39
C GLU I 225 -67.16 6.73 -14.22
N THR I 226 -66.86 6.25 -13.03
CA THR I 226 -66.84 7.09 -11.85
C THR I 226 -65.46 7.73 -11.71
N THR I 227 -65.28 8.48 -10.63
CA THR I 227 -64.01 9.08 -10.28
C THR I 227 -63.51 8.48 -8.98
N ILE I 228 -62.21 8.60 -8.76
CA ILE I 228 -61.55 8.07 -7.57
C ILE I 228 -60.87 9.23 -6.87
N ASP I 229 -61.21 9.44 -5.62
CA ASP I 229 -60.43 10.41 -4.88
C ASP I 229 -59.14 9.77 -4.36
N PRO I 230 -58.08 10.55 -4.14
CA PRO I 230 -56.81 9.95 -3.71
C PRO I 230 -56.83 9.39 -2.30
N SER I 231 -57.83 9.74 -1.49
CA SER I 231 -57.89 9.23 -0.13
C SER I 231 -58.24 7.75 -0.08
N LYS I 232 -58.87 7.22 -1.13
CA LYS I 232 -59.24 5.81 -1.14
C LYS I 232 -58.14 4.90 -1.65
N ILE I 233 -56.99 5.44 -2.03
CA ILE I 233 -55.86 4.62 -2.43
C ILE I 233 -55.19 4.11 -1.16
N VAL I 234 -55.06 2.80 -1.04
CA VAL I 234 -54.55 2.24 0.20
C VAL I 234 -53.04 2.02 0.12
N ASP I 235 -52.58 1.20 -0.81
CA ASP I 235 -51.17 0.90 -0.94
C ASP I 235 -50.92 0.44 -2.37
N PHE I 236 -49.67 0.54 -2.82
CA PHE I 236 -49.35 0.16 -4.19
C PHE I 236 -47.94 -0.40 -4.29
N GLU I 237 -47.72 -1.21 -5.31
CA GLU I 237 -46.40 -1.39 -5.90
C GLU I 237 -46.33 -0.51 -7.12
N LEU I 238 -45.34 0.37 -7.16
CA LEU I 238 -45.12 1.19 -8.34
C LEU I 238 -43.73 0.94 -8.87
N ILE I 239 -43.65 0.67 -10.16
CA ILE I 239 -42.42 0.30 -10.84
C ILE I 239 -41.98 1.49 -11.67
N LEU I 240 -40.72 1.87 -11.52
CA LEU I 240 -40.09 2.79 -12.44
C LEU I 240 -39.49 2.03 -13.61
N GLY I 241 -39.99 2.31 -14.81
CA GLY I 241 -39.37 1.81 -16.01
C GLY I 241 -38.88 2.99 -16.85
N ASP I 242 -38.17 2.67 -17.93
CA ASP I 242 -37.71 3.66 -18.87
C ASP I 242 -38.98 4.11 -19.56
N ALA I 243 -39.19 5.42 -19.66
CA ALA I 243 -40.41 5.95 -20.24
C ALA I 243 -40.41 5.87 -21.74
N GLU I 244 -39.30 5.52 -22.37
CA GLU I 244 -39.21 5.66 -23.80
C GLU I 244 -39.59 4.37 -24.51
N LYS I 245 -40.43 4.51 -25.52
CA LYS I 245 -40.99 3.41 -26.28
C LYS I 245 -39.92 2.57 -26.94
N ALA I 246 -40.16 1.26 -26.96
CA ALA I 246 -39.31 0.34 -27.69
C ALA I 246 -39.53 0.49 -29.19
N ARG I 247 -38.44 0.50 -29.93
CA ARG I 247 -38.51 0.65 -31.37
C ARG I 247 -37.25 0.10 -32.02
N LEU I 248 -37.38 -0.25 -33.29
CA LEU I 248 -36.33 -0.96 -34.00
C LEU I 248 -35.17 -0.03 -34.29
N GLY I 249 -33.95 -0.57 -34.21
CA GLY I 249 -32.76 0.22 -34.39
C GLY I 249 -31.78 -0.47 -35.32
N GLY I 250 -30.75 0.28 -35.70
CA GLY I 250 -29.75 -0.22 -36.59
C GLY I 250 -29.87 0.36 -37.98
N ILE I 251 -28.88 0.07 -38.81
CA ILE I 251 -28.84 0.58 -40.18
C ILE I 251 -29.93 -0.06 -41.03
N HIS I 252 -30.32 -1.28 -40.70
CA HIS I 252 -31.30 -2.03 -41.47
C HIS I 252 -32.48 -2.46 -40.61
N GLU I 253 -32.67 -1.81 -39.47
CA GLU I 253 -33.67 -2.16 -38.45
C GLU I 253 -33.54 -3.62 -38.01
N GLU I 254 -32.30 -4.07 -37.84
CA GLU I 254 -32.03 -5.43 -37.41
C GLU I 254 -31.86 -5.55 -35.91
N PHE I 255 -31.95 -4.45 -35.17
CA PHE I 255 -31.87 -4.48 -33.72
C PHE I 255 -33.21 -4.08 -33.12
N VAL I 256 -33.41 -4.49 -31.88
CA VAL I 256 -34.57 -4.05 -31.10
C VAL I 256 -34.04 -3.36 -29.86
N PHE I 257 -34.29 -2.06 -29.76
CA PHE I 257 -33.88 -1.29 -28.60
C PHE I 257 -35.07 -1.19 -27.68
N SER I 258 -34.96 -1.75 -26.48
CA SER I 258 -36.14 -1.87 -25.64
C SER I 258 -35.76 -1.93 -24.18
N PRO I 259 -36.57 -1.41 -23.29
CA PRO I 259 -36.44 -1.76 -21.88
C PRO I 259 -37.08 -3.11 -21.65
N ARG I 260 -36.67 -3.74 -20.54
CA ARG I 260 -37.23 -5.00 -20.04
C ARG I 260 -37.13 -6.13 -21.05
N LEU I 261 -36.00 -6.23 -21.73
CA LEU I 261 -35.87 -7.32 -22.68
C LEU I 261 -35.59 -8.64 -21.98
N ASP I 262 -35.24 -8.62 -20.69
CA ASP I 262 -35.02 -9.85 -19.95
C ASP I 262 -36.36 -10.53 -19.81
N ASN I 263 -36.65 -11.39 -20.79
CA ASN I 263 -37.91 -12.15 -20.92
C ASN I 263 -39.28 -11.48 -20.97
N LEU I 264 -39.29 -10.38 -21.70
CA LEU I 264 -40.48 -9.74 -22.18
C LEU I 264 -40.48 -10.36 -23.62
N GLY I 265 -39.29 -10.41 -24.26
CA GLY I 265 -39.07 -11.04 -25.53
C GLY I 265 -39.31 -12.54 -25.47
N MET I 266 -38.84 -13.28 -24.44
CA MET I 266 -39.16 -14.70 -24.54
C MET I 266 -40.60 -14.97 -24.14
N THR I 267 -41.14 -14.16 -23.23
CA THR I 267 -42.53 -14.28 -22.84
C THR I 267 -43.45 -13.97 -24.01
N PHE I 268 -43.05 -13.01 -24.83
CA PHE I 268 -43.78 -12.76 -26.07
C PHE I 268 -43.66 -13.94 -27.02
N CYS I 269 -42.45 -14.50 -27.16
CA CYS I 269 -42.25 -15.60 -28.09
C CYS I 269 -42.94 -16.88 -27.62
N ALA I 270 -42.92 -17.14 -26.31
CA ALA I 270 -43.56 -18.36 -25.81
C ALA I 270 -45.08 -18.25 -25.89
N SER I 271 -45.63 -17.09 -25.61
CA SER I 271 -47.07 -16.94 -25.61
C SER I 271 -47.63 -16.89 -27.03
N GLN I 272 -46.90 -16.24 -27.95
CA GLN I 272 -47.36 -16.19 -29.33
C GLN I 272 -47.31 -17.56 -29.97
N ALA I 273 -46.28 -18.33 -29.67
CA ALA I 273 -46.13 -19.64 -30.31
C ALA I 273 -47.06 -20.67 -29.69
N LEU I 274 -47.53 -20.42 -28.46
CA LEU I 274 -48.59 -21.26 -27.92
C LEU I 274 -49.87 -21.09 -28.71
N THR I 275 -50.20 -19.84 -29.05
CA THR I 275 -51.37 -19.58 -29.87
C THR I 275 -51.13 -19.94 -31.32
N LYS I 276 -49.89 -19.78 -31.80
CA LYS I 276 -49.56 -20.16 -33.17
C LYS I 276 -49.57 -21.66 -33.36
N SER I 277 -49.38 -22.43 -32.28
CA SER I 277 -49.48 -23.88 -32.37
C SER I 277 -50.89 -24.38 -32.19
N LEU I 278 -51.89 -23.58 -32.51
CA LEU I 278 -53.28 -24.01 -32.54
C LEU I 278 -53.95 -23.64 -33.85
N GLU I 279 -53.17 -23.31 -34.89
CA GLU I 279 -53.73 -22.58 -36.02
C GLU I 279 -54.57 -23.46 -36.93
N ASN I 280 -54.00 -24.51 -37.50
CA ASN I 280 -54.80 -25.28 -38.45
C ASN I 280 -55.76 -26.19 -37.69
N ASN I 281 -55.23 -27.28 -37.15
CA ASN I 281 -55.77 -28.00 -35.98
C ASN I 281 -54.57 -28.77 -35.44
N SER I 282 -53.88 -28.22 -34.45
CA SER I 282 -52.83 -29.02 -33.85
C SER I 282 -53.38 -29.80 -32.67
N LEU I 283 -54.28 -29.18 -31.93
CA LEU I 283 -55.25 -29.96 -31.17
C LEU I 283 -56.18 -30.65 -32.14
N ASP I 284 -56.84 -31.71 -31.65
CA ASP I 284 -57.52 -32.83 -32.29
C ASP I 284 -56.53 -33.87 -32.76
N ASN I 285 -55.24 -33.65 -32.63
CA ASN I 285 -54.25 -34.67 -32.86
C ASN I 285 -53.16 -34.67 -31.80
N GLU I 286 -53.23 -33.77 -30.83
CA GLU I 286 -52.20 -33.63 -29.82
C GLU I 286 -52.50 -34.54 -28.64
N SER I 287 -51.48 -35.26 -28.19
CA SER I 287 -51.63 -36.16 -27.06
C SER I 287 -51.01 -35.62 -25.78
N CYS I 288 -50.43 -34.43 -25.81
CA CYS I 288 -49.82 -33.84 -24.63
C CYS I 288 -50.53 -32.54 -24.27
N VAL I 289 -50.00 -31.86 -23.27
CA VAL I 289 -50.52 -30.58 -22.82
C VAL I 289 -49.41 -29.55 -22.98
N ARG I 290 -49.72 -28.47 -23.69
CA ARG I 290 -48.74 -27.43 -23.99
C ARG I 290 -48.89 -26.29 -23.00
N VAL I 291 -47.91 -26.14 -22.12
CA VAL I 291 -47.97 -25.21 -20.99
C VAL I 291 -47.00 -24.07 -21.24
N VAL I 292 -47.45 -22.84 -21.04
CA VAL I 292 -46.57 -21.69 -21.01
C VAL I 292 -46.77 -20.98 -19.68
N PRO I 293 -45.91 -21.25 -18.71
CA PRO I 293 -45.92 -20.45 -17.48
C PRO I 293 -45.03 -19.23 -17.58
N SER I 294 -45.57 -18.06 -17.28
CA SER I 294 -44.80 -16.83 -17.23
C SER I 294 -44.74 -16.40 -15.78
N PHE I 295 -43.57 -16.56 -15.16
CA PHE I 295 -43.46 -16.40 -13.74
C PHE I 295 -43.09 -14.96 -13.38
N ASP I 296 -42.88 -14.74 -12.09
CA ASP I 296 -42.56 -13.44 -11.53
C ASP I 296 -41.39 -13.67 -10.59
N HIS I 297 -40.70 -12.58 -10.21
CA HIS I 297 -39.66 -12.56 -9.18
C HIS I 297 -38.45 -13.42 -9.51
N GLU I 298 -38.08 -13.54 -10.78
CA GLU I 298 -36.96 -14.40 -11.17
C GLU I 298 -35.57 -13.75 -11.08
N GLU I 299 -35.55 -12.43 -10.91
CA GLU I 299 -34.32 -11.64 -10.83
C GLU I 299 -33.71 -11.59 -9.44
N ILE I 300 -34.41 -12.15 -8.46
CA ILE I 300 -34.05 -12.22 -7.05
C ILE I 300 -34.04 -13.66 -6.57
N GLY I 301 -34.45 -14.59 -7.43
CA GLY I 301 -34.27 -16.00 -7.15
C GLY I 301 -35.52 -16.83 -7.04
N SER I 302 -36.69 -16.29 -7.42
CA SER I 302 -37.97 -17.00 -7.54
C SER I 302 -38.51 -17.50 -6.20
N VAL I 303 -37.97 -17.05 -5.07
CA VAL I 303 -38.42 -17.53 -3.77
C VAL I 303 -39.56 -16.60 -3.38
N SER I 304 -40.77 -16.95 -3.81
CA SER I 304 -41.96 -16.16 -3.49
C SER I 304 -43.17 -17.05 -3.63
N ALA I 305 -44.35 -16.46 -3.43
CA ALA I 305 -45.58 -17.23 -3.53
C ALA I 305 -46.01 -17.43 -4.97
N GLN I 306 -45.60 -16.56 -5.88
CA GLN I 306 -45.95 -16.67 -7.28
C GLN I 306 -44.74 -16.87 -8.16
N GLY I 307 -43.56 -17.09 -7.59
CA GLY I 307 -42.36 -17.26 -8.38
C GLY I 307 -42.29 -18.64 -8.99
N ALA I 308 -41.19 -18.89 -9.70
CA ALA I 308 -41.00 -20.17 -10.33
C ALA I 308 -40.74 -21.26 -9.32
N GLU I 309 -40.08 -20.93 -8.21
CA GLU I 309 -39.79 -21.89 -7.16
C GLU I 309 -40.99 -22.10 -6.22
N SER I 310 -42.09 -21.40 -6.46
CA SER I 310 -43.31 -21.62 -5.71
C SER I 310 -43.98 -22.93 -6.14
N THR I 311 -45.13 -23.22 -5.54
CA THR I 311 -45.90 -24.37 -5.96
C THR I 311 -46.83 -24.09 -7.11
N PHE I 312 -46.69 -22.94 -7.78
CA PHE I 312 -47.65 -22.53 -8.80
C PHE I 312 -47.65 -23.46 -10.00
N LEU I 313 -46.46 -23.75 -10.55
CA LEU I 313 -46.40 -24.74 -11.62
C LEU I 313 -46.71 -26.17 -11.15
N PRO I 314 -46.15 -26.70 -10.04
CA PRO I 314 -46.53 -28.08 -9.66
C PRO I 314 -47.99 -28.27 -9.26
N ALA I 315 -48.65 -27.26 -8.67
CA ALA I 315 -50.04 -27.47 -8.30
C ALA I 315 -50.95 -27.46 -9.52
N VAL I 316 -50.61 -26.64 -10.52
CA VAL I 316 -51.39 -26.62 -11.75
C VAL I 316 -51.23 -27.93 -12.50
N LEU I 317 -50.02 -28.48 -12.53
CA LEU I 317 -49.78 -29.74 -13.22
C LEU I 317 -50.44 -30.90 -12.49
N GLN I 318 -50.50 -30.85 -11.15
CA GLN I 318 -51.20 -31.90 -10.42
C GLN I 318 -52.70 -31.80 -10.63
N ARG I 319 -53.24 -30.59 -10.71
CA ARG I 319 -54.68 -30.44 -10.90
C ARG I 319 -55.10 -30.88 -12.29
N ILE I 320 -54.22 -30.73 -13.28
CA ILE I 320 -54.47 -31.30 -14.60
C ILE I 320 -54.37 -32.82 -14.52
N CYS I 321 -53.38 -33.33 -13.80
CA CYS I 321 -53.21 -34.77 -13.69
C CYS I 321 -54.23 -35.42 -12.76
N GLU I 322 -54.96 -34.63 -11.98
CA GLU I 322 -55.98 -35.22 -11.11
C GLU I 322 -57.30 -35.46 -11.82
N LEU I 323 -57.37 -35.25 -13.13
CA LEU I 323 -58.55 -35.72 -13.87
C LEU I 323 -58.61 -37.23 -13.88
N GLY I 324 -57.45 -37.89 -13.95
CA GLY I 324 -57.42 -39.33 -13.79
C GLY I 324 -57.62 -39.73 -12.34
N LYS I 325 -57.91 -41.02 -12.15
CA LYS I 325 -58.22 -41.50 -10.81
C LYS I 325 -57.01 -42.04 -10.09
N GLU I 326 -56.01 -42.53 -10.81
CA GLU I 326 -54.81 -43.02 -10.17
C GLU I 326 -53.98 -41.86 -9.64
N SER I 327 -53.50 -41.99 -8.41
CA SER I 327 -52.75 -40.92 -7.76
C SER I 327 -51.30 -40.86 -8.23
N SER I 328 -50.81 -41.87 -8.92
CA SER I 328 -49.43 -41.89 -9.37
C SER I 328 -49.25 -41.26 -10.73
N LEU I 329 -50.31 -40.70 -11.33
CA LEU I 329 -50.23 -40.24 -12.71
C LEU I 329 -49.41 -38.97 -12.85
N PHE I 330 -49.22 -38.21 -11.77
CA PHE I 330 -48.42 -37.01 -11.85
C PHE I 330 -46.95 -37.36 -12.06
N SER I 331 -46.44 -38.30 -11.27
CA SER I 331 -45.03 -38.66 -11.38
C SER I 331 -44.75 -39.43 -12.67
N ILE I 332 -45.76 -40.13 -13.19
CA ILE I 332 -45.64 -40.79 -14.49
C ILE I 332 -45.55 -39.75 -15.60
N SER I 333 -46.35 -38.69 -15.49
CA SER I 333 -46.40 -37.70 -16.56
C SER I 333 -45.13 -36.85 -16.61
N MET I 334 -44.40 -36.74 -15.50
CA MET I 334 -43.24 -35.88 -15.47
C MET I 334 -42.08 -36.47 -16.26
N VAL I 335 -41.93 -37.80 -16.25
CA VAL I 335 -40.81 -38.38 -16.98
C VAL I 335 -41.10 -38.48 -18.46
N LYS I 336 -42.35 -38.29 -18.88
CA LYS I 336 -42.67 -38.16 -20.29
C LYS I 336 -42.69 -36.72 -20.75
N SER I 337 -42.35 -35.79 -19.88
CA SER I 337 -42.51 -34.37 -20.16
C SER I 337 -41.16 -33.72 -20.45
N PHE I 338 -41.23 -32.45 -20.85
CA PHE I 338 -40.03 -31.68 -21.14
C PHE I 338 -40.28 -30.21 -20.85
N LEU I 339 -39.27 -29.55 -20.29
CA LEU I 339 -39.32 -28.15 -19.95
C LEU I 339 -38.35 -27.37 -20.82
N VAL I 340 -38.77 -26.19 -21.26
CA VAL I 340 -37.89 -25.27 -21.96
C VAL I 340 -37.90 -23.98 -21.15
N SER I 341 -36.80 -23.71 -20.46
CA SER I 341 -36.71 -22.47 -19.69
C SER I 341 -36.26 -21.38 -20.64
N ALA I 342 -37.22 -20.63 -21.16
CA ALA I 342 -36.90 -19.62 -22.16
C ALA I 342 -36.41 -18.35 -21.49
N ASP I 343 -35.10 -18.24 -21.31
CA ASP I 343 -34.53 -17.02 -20.75
C ASP I 343 -33.38 -16.56 -21.61
N MET I 344 -33.28 -15.24 -21.79
CA MET I 344 -32.42 -14.65 -22.82
C MET I 344 -30.95 -14.91 -22.57
N ALA I 345 -30.20 -15.00 -23.66
CA ALA I 345 -28.80 -15.37 -23.63
C ALA I 345 -27.92 -14.18 -23.98
N HIS I 346 -26.65 -14.28 -23.56
CA HIS I 346 -25.69 -13.24 -23.81
C HIS I 346 -25.17 -13.37 -25.24
N ALA I 347 -25.36 -12.33 -26.04
CA ALA I 347 -24.79 -12.30 -27.39
C ALA I 347 -23.32 -11.88 -27.31
N MET I 348 -22.67 -11.87 -28.47
CA MET I 348 -21.27 -11.48 -28.50
C MET I 348 -21.16 -9.96 -28.46
N HIS I 349 -20.45 -9.43 -27.48
CA HIS I 349 -20.22 -8.01 -27.40
C HIS I 349 -18.89 -7.71 -28.08
N PRO I 350 -18.88 -6.94 -29.16
CA PRO I 350 -17.63 -6.73 -29.89
C PRO I 350 -16.64 -5.88 -29.13
N ASN I 351 -17.13 -5.06 -28.22
CA ASN I 351 -16.28 -4.19 -27.43
C ASN I 351 -15.72 -4.87 -26.20
N TYR I 352 -16.30 -5.99 -25.79
CA TYR I 352 -15.87 -6.67 -24.58
C TYR I 352 -15.59 -8.13 -24.90
N SER I 353 -14.82 -8.37 -25.96
CA SER I 353 -14.65 -9.71 -26.48
C SER I 353 -13.83 -10.59 -25.54
N SER I 354 -13.03 -9.99 -24.67
CA SER I 354 -12.24 -10.77 -23.72
C SER I 354 -13.09 -11.35 -22.60
N ARG I 355 -14.35 -10.94 -22.45
CA ARG I 355 -15.17 -11.41 -21.36
C ARG I 355 -16.15 -12.49 -21.84
N TYR I 356 -15.73 -13.21 -22.87
CA TYR I 356 -16.50 -14.19 -23.62
C TYR I 356 -15.61 -15.33 -24.02
N GLU I 357 -16.18 -16.53 -24.12
CA GLU I 357 -15.40 -17.65 -24.62
C GLU I 357 -15.52 -17.61 -26.13
N ASN I 358 -14.39 -17.56 -26.82
CA ASN I 358 -14.35 -17.10 -28.20
C ASN I 358 -14.98 -18.07 -29.20
N SER I 359 -15.28 -19.30 -28.80
CA SER I 359 -15.84 -20.26 -29.74
C SER I 359 -17.27 -20.68 -29.42
N ASN I 360 -17.73 -20.50 -28.19
CA ASN I 360 -19.09 -20.86 -27.81
C ASN I 360 -19.89 -19.63 -27.46
N THR I 361 -19.77 -18.56 -28.23
CA THR I 361 -20.55 -17.40 -27.95
C THR I 361 -21.42 -17.07 -29.15
N PRO I 362 -22.72 -16.95 -28.99
CA PRO I 362 -23.60 -16.75 -30.13
C PRO I 362 -23.58 -15.32 -30.63
N PHE I 363 -24.33 -15.10 -31.71
CA PHE I 363 -24.42 -13.81 -32.36
C PHE I 363 -25.88 -13.43 -32.56
N LEU I 364 -26.12 -12.14 -32.71
CA LEU I 364 -27.47 -11.65 -32.94
C LEU I 364 -27.96 -12.05 -34.33
N ASN I 365 -29.26 -12.35 -34.39
CA ASN I 365 -29.99 -12.72 -35.60
C ASN I 365 -29.42 -13.97 -36.25
N LYS I 366 -28.86 -14.87 -35.45
CA LYS I 366 -28.38 -16.16 -35.92
C LYS I 366 -29.14 -17.31 -35.27
N GLY I 367 -30.32 -17.05 -34.74
CA GLY I 367 -31.14 -18.06 -34.13
C GLY I 367 -31.06 -18.05 -32.62
N THR I 368 -31.94 -18.83 -32.00
CA THR I 368 -31.97 -18.92 -30.56
C THR I 368 -30.80 -19.76 -30.06
N VAL I 369 -30.55 -19.68 -28.75
CA VAL I 369 -29.27 -20.08 -28.20
C VAL I 369 -29.49 -21.15 -27.14
N ILE I 370 -28.84 -22.29 -27.30
CA ILE I 370 -28.89 -23.34 -26.27
C ILE I 370 -27.86 -23.03 -25.20
N LYS I 371 -28.32 -22.67 -24.01
CA LYS I 371 -27.43 -22.28 -22.92
C LYS I 371 -26.99 -23.53 -22.16
N VAL I 372 -25.68 -23.79 -22.18
CA VAL I 372 -25.10 -24.99 -21.59
C VAL I 372 -24.12 -24.55 -20.51
N ASN I 373 -24.22 -25.14 -19.32
CA ASN I 373 -23.30 -24.84 -18.25
C ASN I 373 -23.03 -26.11 -17.45
N ALA I 374 -21.77 -26.39 -17.18
CA ALA I 374 -21.40 -27.63 -16.48
C ALA I 374 -21.85 -27.60 -15.03
N ASN I 375 -21.77 -26.45 -14.39
CA ASN I 375 -22.20 -26.30 -13.02
C ASN I 375 -23.72 -26.24 -12.89
N GLN I 376 -24.44 -26.37 -14.01
CA GLN I 376 -25.90 -26.47 -14.08
C GLN I 376 -26.56 -25.23 -13.51
N ARG I 377 -25.91 -24.09 -13.68
CA ARG I 377 -26.63 -22.83 -13.61
C ARG I 377 -27.63 -22.74 -14.74
N TYR I 378 -27.25 -23.23 -15.92
CA TYR I 378 -28.17 -23.63 -16.95
C TYR I 378 -28.17 -25.15 -16.99
N THR I 379 -29.35 -25.74 -16.95
CA THR I 379 -29.54 -27.15 -16.67
C THR I 379 -29.69 -28.01 -17.92
N THR I 380 -29.07 -27.58 -19.02
CA THR I 380 -29.13 -28.31 -20.27
C THR I 380 -28.23 -29.54 -20.24
N ASN I 381 -28.80 -30.70 -20.52
CA ASN I 381 -28.03 -31.91 -20.74
C ASN I 381 -28.15 -32.33 -22.21
N SER I 382 -27.52 -33.45 -22.55
CA SER I 382 -27.48 -33.87 -23.95
C SER I 382 -28.82 -34.39 -24.42
N ALA I 383 -29.63 -34.92 -23.49
CA ALA I 383 -30.94 -35.43 -23.87
C ALA I 383 -31.85 -34.30 -24.33
N GLY I 384 -31.66 -33.11 -23.78
CA GLY I 384 -32.41 -31.97 -24.27
C GLY I 384 -31.89 -31.45 -25.59
N ILE I 385 -30.58 -31.53 -25.80
CA ILE I 385 -29.97 -30.97 -27.01
C ILE I 385 -30.41 -31.73 -28.24
N VAL I 386 -30.48 -33.06 -28.14
CA VAL I 386 -30.91 -33.89 -29.27
C VAL I 386 -32.37 -33.61 -29.60
N LEU I 387 -33.19 -33.36 -28.59
CA LEU I 387 -34.59 -33.06 -28.83
C LEU I 387 -34.75 -31.72 -29.55
N LEU I 388 -34.07 -30.69 -29.07
CA LEU I 388 -34.22 -29.38 -29.69
C LEU I 388 -33.36 -29.19 -30.92
N LYS I 389 -32.42 -30.09 -31.20
CA LYS I 389 -31.82 -30.08 -32.53
C LYS I 389 -32.76 -30.72 -33.54
N LYS I 390 -33.55 -31.70 -33.10
CA LYS I 390 -34.55 -32.29 -33.97
C LYS I 390 -35.70 -31.33 -34.23
N VAL I 391 -36.05 -30.52 -33.22
CA VAL I 391 -37.10 -29.52 -33.39
C VAL I 391 -36.64 -28.44 -34.35
N ALA I 392 -35.38 -28.01 -34.23
CA ALA I 392 -34.84 -27.00 -35.15
C ALA I 392 -34.68 -27.55 -36.55
N GLN I 393 -34.43 -28.86 -36.66
CA GLN I 393 -34.41 -29.48 -37.97
C GLN I 393 -35.79 -29.48 -38.61
N LEU I 394 -36.83 -29.71 -37.80
CA LEU I 394 -38.19 -29.72 -38.33
C LEU I 394 -38.65 -28.31 -38.65
N ALA I 395 -38.30 -27.34 -37.82
CA ALA I 395 -38.73 -25.97 -38.03
C ALA I 395 -37.89 -25.23 -39.07
N ASP I 396 -36.73 -25.78 -39.43
CA ASP I 396 -35.75 -25.15 -40.32
C ASP I 396 -35.36 -23.76 -39.82
N VAL I 397 -34.89 -23.71 -38.57
CA VAL I 397 -34.36 -22.47 -38.01
C VAL I 397 -32.98 -22.79 -37.43
N PRO I 398 -32.05 -21.85 -37.43
CA PRO I 398 -30.75 -22.12 -36.82
C PRO I 398 -30.81 -22.01 -35.31
N ILE I 399 -29.95 -22.76 -34.65
CA ILE I 399 -29.75 -22.64 -33.20
C ILE I 399 -28.27 -22.53 -32.92
N GLN I 400 -27.93 -21.83 -31.85
CA GLN I 400 -26.56 -21.63 -31.40
C GLN I 400 -26.40 -22.16 -29.98
N SER I 401 -25.19 -22.05 -29.46
CA SER I 401 -24.89 -22.53 -28.13
C SER I 401 -24.10 -21.48 -27.37
N PHE I 402 -24.21 -21.52 -26.05
CA PHE I 402 -23.52 -20.56 -25.19
C PHE I 402 -22.96 -21.28 -23.99
N VAL I 403 -21.71 -20.97 -23.64
CA VAL I 403 -21.18 -21.27 -22.32
C VAL I 403 -20.55 -19.98 -21.81
N VAL I 404 -20.35 -19.92 -20.51
CA VAL I 404 -19.65 -18.80 -19.91
C VAL I 404 -18.16 -19.13 -19.90
N ARG I 405 -17.34 -18.12 -19.68
CA ARG I 405 -15.94 -18.38 -19.41
C ARG I 405 -15.79 -19.04 -18.05
N ASN I 406 -14.73 -19.84 -17.93
CA ASN I 406 -14.46 -20.58 -16.71
C ASN I 406 -13.96 -19.66 -15.60
N ASP I 407 -13.40 -18.50 -15.95
CA ASP I 407 -13.04 -17.50 -14.96
C ASP I 407 -14.15 -16.47 -14.77
N SER I 408 -15.38 -16.84 -15.06
CA SER I 408 -16.52 -15.94 -14.96
C SER I 408 -17.62 -16.60 -14.15
N PRO I 409 -18.31 -15.83 -13.31
CA PRO I 409 -19.45 -16.38 -12.59
C PRO I 409 -20.65 -16.54 -13.51
N CYS I 410 -21.55 -17.43 -13.10
CA CYS I 410 -22.78 -17.67 -13.83
C CYS I 410 -23.95 -17.66 -12.87
N GLY I 411 -25.05 -17.06 -13.30
CA GLY I 411 -26.25 -16.98 -12.48
C GLY I 411 -27.28 -18.02 -12.93
N SER I 412 -27.89 -18.67 -11.95
CA SER I 412 -28.90 -19.68 -12.25
C SER I 412 -30.17 -19.03 -12.78
N THR I 413 -30.81 -19.72 -13.70
CA THR I 413 -32.14 -19.34 -14.17
C THR I 413 -33.18 -20.13 -13.40
N ILE I 414 -34.43 -20.04 -13.85
CA ILE I 414 -35.49 -20.80 -13.19
C ILE I 414 -35.48 -22.25 -13.60
N GLY I 415 -34.77 -22.57 -14.68
CA GLY I 415 -34.69 -23.91 -15.21
C GLY I 415 -34.17 -25.00 -14.28
N PRO I 416 -33.04 -24.77 -13.60
CA PRO I 416 -32.59 -25.76 -12.61
C PRO I 416 -33.56 -26.05 -11.49
N LYS I 417 -34.28 -25.04 -11.00
CA LYS I 417 -35.08 -25.29 -9.82
C LYS I 417 -36.46 -25.77 -10.20
N LEU I 418 -36.95 -25.37 -11.38
CA LEU I 418 -38.17 -25.95 -11.90
C LEU I 418 -37.97 -27.41 -12.29
N ALA I 419 -36.75 -27.77 -12.67
CA ALA I 419 -36.42 -29.17 -12.87
C ALA I 419 -36.49 -29.94 -11.57
N ALA I 420 -36.10 -29.31 -10.47
CA ALA I 420 -36.05 -30.00 -9.19
C ALA I 420 -37.44 -30.31 -8.67
N MET I 421 -38.36 -29.35 -8.73
CA MET I 421 -39.67 -29.59 -8.16
C MET I 421 -40.57 -30.42 -9.05
N THR I 422 -40.17 -30.67 -10.29
CA THR I 422 -40.95 -31.49 -11.19
C THR I 422 -40.27 -32.80 -11.55
N GLY I 423 -38.95 -32.87 -11.51
CA GLY I 423 -38.28 -34.05 -12.00
C GLY I 423 -38.29 -34.16 -13.50
N MET I 424 -38.49 -33.03 -14.18
CA MET I 424 -38.79 -33.02 -15.59
C MET I 424 -37.51 -32.75 -16.37
N ARG I 425 -37.34 -33.47 -17.48
CA ARG I 425 -36.21 -33.22 -18.36
C ARG I 425 -36.32 -31.83 -18.94
N THR I 426 -35.18 -31.14 -19.08
CA THR I 426 -35.26 -29.72 -19.33
C THR I 426 -34.03 -29.19 -20.03
N LEU I 427 -34.22 -28.05 -20.68
CA LEU I 427 -33.17 -27.33 -21.37
C LEU I 427 -33.39 -25.84 -21.12
N ASP I 428 -32.29 -25.10 -20.99
CA ASP I 428 -32.35 -23.65 -20.86
C ASP I 428 -31.94 -23.06 -22.20
N LEU I 429 -32.87 -22.37 -22.86
CA LEU I 429 -32.53 -21.66 -24.08
C LEU I 429 -33.03 -20.23 -23.99
N GLY I 430 -32.66 -19.45 -25.00
CA GLY I 430 -33.14 -18.09 -25.10
C GLY I 430 -32.52 -17.42 -26.30
N ASN I 431 -33.04 -16.26 -26.61
CA ASN I 431 -32.54 -15.55 -27.77
C ASN I 431 -31.39 -14.63 -27.36
N PRO I 432 -30.40 -14.43 -28.23
CA PRO I 432 -29.22 -13.64 -27.83
C PRO I 432 -29.53 -12.17 -27.72
N MET I 433 -28.79 -11.50 -26.83
CA MET I 433 -28.98 -10.08 -26.60
C MET I 433 -27.72 -9.54 -25.92
N LEU I 434 -27.58 -8.22 -25.97
CA LEU I 434 -26.51 -7.53 -25.27
C LEU I 434 -27.08 -6.57 -24.24
N SER I 435 -26.25 -6.25 -23.25
CA SER I 435 -26.56 -5.39 -22.11
C SER I 435 -27.78 -5.90 -21.34
N MET I 436 -27.65 -7.12 -20.82
CA MET I 436 -28.72 -7.69 -20.01
C MET I 436 -28.76 -6.97 -18.66
N HIS I 437 -29.99 -6.80 -18.16
CA HIS I 437 -30.31 -6.05 -16.93
C HIS I 437 -29.90 -4.59 -17.02
N SER I 438 -29.90 -4.03 -18.21
CA SER I 438 -29.73 -2.60 -18.37
C SER I 438 -31.09 -1.92 -18.39
N CYS I 439 -31.06 -0.60 -18.35
CA CYS I 439 -32.31 0.15 -18.44
C CYS I 439 -32.88 0.08 -19.85
N ARG I 440 -32.02 0.09 -20.86
CA ARG I 440 -32.40 -0.11 -22.24
C ARG I 440 -31.53 -1.23 -22.81
N GLU I 441 -32.14 -2.14 -23.55
CA GLU I 441 -31.52 -3.41 -23.87
C GLU I 441 -31.62 -3.64 -25.37
N MET I 442 -30.68 -4.40 -25.92
CA MET I 442 -30.58 -4.58 -27.37
C MET I 442 -30.55 -6.06 -27.74
N CYS I 443 -31.40 -6.44 -28.69
CA CYS I 443 -31.41 -7.78 -29.24
C CYS I 443 -31.71 -7.69 -30.74
N GLY I 444 -31.56 -8.81 -31.44
CA GLY I 444 -31.84 -8.84 -32.85
C GLY I 444 -33.33 -8.94 -33.15
N SER I 445 -33.70 -8.52 -34.36
CA SER I 445 -35.10 -8.48 -34.72
C SER I 445 -35.56 -9.72 -35.47
N LYS I 446 -34.65 -10.40 -36.18
CA LYS I 446 -35.00 -11.68 -36.78
C LYS I 446 -35.17 -12.76 -35.71
N ASP I 447 -34.57 -12.54 -34.54
CA ASP I 447 -34.55 -13.55 -33.49
C ASP I 447 -35.93 -13.78 -32.88
N PHE I 448 -36.84 -12.83 -33.00
CA PHE I 448 -38.19 -13.04 -32.48
C PHE I 448 -38.97 -14.03 -33.31
N GLU I 449 -38.82 -13.95 -34.63
CA GLU I 449 -39.53 -14.87 -35.51
C GLU I 449 -38.93 -16.26 -35.45
N TYR I 450 -37.62 -16.36 -35.25
CA TYR I 450 -36.96 -17.65 -35.14
C TYR I 450 -37.39 -18.39 -33.89
N ALA I 451 -37.65 -17.65 -32.80
CA ALA I 451 -38.05 -18.28 -31.55
C ALA I 451 -39.48 -18.79 -31.63
N VAL I 452 -40.35 -18.03 -32.27
CA VAL I 452 -41.76 -18.40 -32.34
C VAL I 452 -41.95 -19.63 -33.23
N VAL I 453 -41.18 -19.69 -34.33
CA VAL I 453 -41.24 -20.84 -35.22
C VAL I 453 -40.69 -22.09 -34.53
N LEU I 454 -39.60 -21.92 -33.78
CA LEU I 454 -39.01 -23.04 -33.05
C LEU I 454 -39.95 -23.55 -31.97
N PHE I 455 -40.57 -22.65 -31.24
CA PHE I 455 -41.41 -23.05 -30.11
C PHE I 455 -42.71 -23.68 -30.57
N SER I 456 -43.30 -23.15 -31.64
CA SER I 456 -44.51 -23.75 -32.18
C SER I 456 -44.22 -25.13 -32.76
N SER I 457 -43.03 -25.31 -33.32
CA SER I 457 -42.62 -26.63 -33.77
C SER I 457 -42.33 -27.54 -32.59
N PHE I 458 -41.84 -26.98 -31.49
CA PHE I 458 -41.63 -27.77 -30.28
C PHE I 458 -42.95 -28.21 -29.70
N PHE I 459 -43.97 -27.33 -29.75
CA PHE I 459 -45.28 -27.68 -29.22
C PHE I 459 -45.97 -28.71 -30.11
N GLN I 460 -45.84 -28.56 -31.42
CA GLN I 460 -46.57 -29.43 -32.33
C GLN I 460 -45.91 -30.79 -32.51
N ASN I 461 -44.60 -30.89 -32.34
CA ASN I 461 -43.89 -32.13 -32.60
C ASN I 461 -43.27 -32.73 -31.36
N PHE I 462 -43.75 -32.38 -30.17
CA PHE I 462 -43.13 -32.91 -28.96
C PHE I 462 -43.42 -34.40 -28.79
N ALA I 463 -44.66 -34.81 -29.01
CA ALA I 463 -45.07 -36.18 -28.70
C ALA I 463 -44.39 -37.19 -29.61
N ASN I 464 -44.11 -36.81 -30.85
CA ASN I 464 -43.44 -37.72 -31.75
C ASN I 464 -41.95 -37.84 -31.43
N LEU I 465 -41.32 -36.74 -31.03
CA LEU I 465 -39.88 -36.77 -30.87
C LEU I 465 -39.44 -37.16 -29.46
N GLU I 466 -40.39 -37.18 -28.52
CA GLU I 466 -40.10 -37.54 -27.14
C GLU I 466 -39.85 -39.03 -26.99
N GLU I 467 -40.54 -39.83 -27.81
CA GLU I 467 -40.37 -41.27 -27.79
C GLU I 467 -39.19 -41.74 -28.63
N LYS I 468 -38.56 -40.84 -29.38
CA LYS I 468 -37.37 -41.18 -30.14
C LYS I 468 -36.08 -40.97 -29.35
N ILE I 469 -36.14 -40.37 -28.18
CA ILE I 469 -34.96 -40.21 -27.34
C ILE I 469 -35.04 -41.28 -26.26
N ILE I 470 -34.10 -42.21 -26.29
CA ILE I 470 -34.17 -43.39 -25.44
C ILE I 470 -33.12 -43.23 -24.35
N ILE I 471 -33.57 -42.78 -23.18
CA ILE I 471 -32.81 -42.84 -21.95
C ILE I 471 -33.62 -43.71 -21.01
N ASP I 472 -32.94 -44.42 -20.10
CA ASP I 472 -33.55 -45.22 -19.03
C ASP I 472 -34.44 -46.33 -19.59
N GLU I 473 -33.82 -47.28 -20.30
CA GLU I 473 -34.54 -48.49 -20.68
C GLU I 473 -34.10 -49.68 -19.85
N GLY I 474 -34.66 -50.85 -20.13
CA GLY I 474 -34.29 -52.04 -19.39
C GLY I 474 -32.93 -52.55 -19.82
N PHE I 475 -32.39 -53.47 -19.03
CA PHE I 475 -31.05 -53.98 -19.25
C PHE I 475 -31.07 -55.45 -19.65
N SER I 493 -38.83 -2.53 -51.69
CA SER I 493 -38.25 -2.48 -50.36
C SER I 493 -39.32 -2.16 -49.32
N VAL I 494 -40.58 -2.15 -49.74
CA VAL I 494 -41.71 -1.86 -48.88
C VAL I 494 -42.68 -3.03 -48.95
N ALA I 495 -43.16 -3.49 -47.80
CA ALA I 495 -44.16 -4.54 -47.75
C ALA I 495 -45.42 -4.02 -47.06
N CYS I 496 -46.39 -4.91 -46.88
CA CYS I 496 -47.68 -4.58 -46.31
C CYS I 496 -47.80 -5.19 -44.91
N ASN I 497 -48.36 -4.42 -43.98
CA ASN I 497 -48.49 -4.92 -42.61
C ASN I 497 -49.59 -5.95 -42.48
N THR I 498 -50.57 -5.95 -43.40
CA THR I 498 -51.65 -6.93 -43.31
C THR I 498 -51.23 -8.27 -43.90
N CYS I 499 -50.91 -8.29 -45.19
CA CYS I 499 -50.36 -9.48 -45.84
C CYS I 499 -48.85 -9.28 -45.92
N LEU I 500 -48.10 -10.19 -45.32
CA LEU I 500 -46.65 -10.01 -45.13
C LEU I 500 -45.90 -10.42 -46.40
N LYS I 501 -46.08 -9.61 -47.45
CA LYS I 501 -45.52 -9.87 -48.75
C LYS I 501 -44.93 -8.59 -49.33
N ILE I 502 -43.80 -8.74 -50.01
CA ILE I 502 -43.15 -7.60 -50.66
C ILE I 502 -43.99 -7.22 -51.86
N ILE I 503 -44.46 -5.99 -51.89
CA ILE I 503 -45.39 -5.56 -52.93
C ILE I 503 -44.59 -5.16 -54.16
N ARG I 504 -45.26 -5.18 -55.31
CA ARG I 504 -44.61 -5.00 -56.60
C ARG I 504 -45.24 -3.86 -57.38
N ASN I 505 -45.95 -2.98 -56.68
CA ASN I 505 -46.76 -1.95 -57.31
C ASN I 505 -46.88 -0.76 -56.36
N ASP I 506 -47.90 0.06 -56.58
CA ASP I 506 -48.12 1.25 -55.77
C ASP I 506 -48.36 0.93 -54.31
N SER I 507 -47.88 1.81 -53.43
CA SER I 507 -47.98 1.64 -51.99
C SER I 507 -48.78 2.79 -51.40
N PHE I 508 -49.65 2.46 -50.45
CA PHE I 508 -50.49 3.43 -49.77
C PHE I 508 -49.88 3.72 -48.40
N HIS I 509 -49.27 4.88 -48.27
CA HIS I 509 -48.50 5.23 -47.09
C HIS I 509 -49.38 6.01 -46.13
N CYS I 510 -49.57 5.47 -44.93
CA CYS I 510 -50.24 6.20 -43.86
C CYS I 510 -49.35 7.35 -43.42
N THR I 511 -49.82 8.58 -43.61
CA THR I 511 -49.05 9.74 -43.18
C THR I 511 -49.20 10.01 -41.70
N LYS I 512 -50.11 9.31 -41.02
CA LYS I 512 -50.35 9.55 -39.61
C LYS I 512 -49.58 8.60 -38.70
N CYS I 513 -49.36 7.36 -39.14
CA CYS I 513 -48.49 6.44 -38.43
C CYS I 513 -47.05 6.62 -38.93
N PHE I 514 -46.17 5.70 -38.56
CA PHE I 514 -44.77 5.82 -38.92
C PHE I 514 -44.45 5.07 -40.21
N ASP I 515 -44.69 3.76 -40.24
CA ASP I 515 -44.23 2.90 -41.32
C ASP I 515 -45.28 1.86 -41.68
N PHE I 516 -46.53 2.31 -41.88
CA PHE I 516 -47.64 1.36 -41.92
C PHE I 516 -47.77 0.69 -43.29
N ASP I 517 -48.05 1.46 -44.34
CA ASP I 517 -47.83 1.09 -45.76
C ASP I 517 -48.62 -0.15 -46.19
N VAL I 518 -49.94 0.00 -46.27
CA VAL I 518 -50.76 -1.06 -46.85
C VAL I 518 -50.58 -1.13 -48.35
N CYS I 519 -51.10 -2.20 -48.95
CA CYS I 519 -50.89 -2.52 -50.36
C CYS I 519 -52.13 -2.19 -51.18
N ARG I 520 -52.01 -2.49 -52.48
CA ARG I 520 -53.07 -2.34 -53.48
C ARG I 520 -54.36 -3.07 -53.10
N ASP I 521 -54.23 -4.36 -52.78
CA ASP I 521 -55.40 -5.18 -52.53
C ASP I 521 -56.02 -4.86 -51.16
N CYS I 522 -55.17 -4.68 -50.14
CA CYS I 522 -55.68 -4.45 -48.80
C CYS I 522 -56.24 -3.04 -48.63
N TYR I 523 -55.88 -2.12 -49.52
CA TYR I 523 -56.49 -0.79 -49.48
C TYR I 523 -57.97 -0.86 -49.85
N ALA I 524 -58.30 -1.66 -50.86
CA ALA I 524 -59.70 -1.88 -51.17
C ALA I 524 -60.36 -2.87 -50.22
N LYS I 525 -59.57 -3.67 -49.52
CA LYS I 525 -60.10 -4.71 -48.64
C LYS I 525 -60.43 -4.15 -47.24
N GLN I 526 -60.08 -2.88 -47.00
CA GLN I 526 -60.37 -2.14 -45.76
C GLN I 526 -59.77 -2.82 -44.51
N ALA I 527 -58.58 -3.40 -44.65
CA ALA I 527 -57.95 -4.16 -43.58
C ALA I 527 -56.87 -3.37 -42.85
N PHE I 528 -56.93 -2.04 -42.90
CA PHE I 528 -55.89 -1.17 -42.36
C PHE I 528 -56.10 -0.73 -40.91
N LEU I 529 -56.33 -1.70 -40.03
CA LEU I 529 -56.51 -1.41 -38.61
C LEU I 529 -55.16 -1.29 -37.85
N HIS I 530 -54.87 -0.09 -37.35
CA HIS I 530 -53.66 0.21 -36.59
C HIS I 530 -53.98 1.37 -35.66
N PRO I 531 -53.14 1.68 -34.63
CA PRO I 531 -53.47 2.80 -33.73
C PRO I 531 -53.39 4.19 -34.36
N CYS I 532 -54.25 4.44 -35.36
CA CYS I 532 -54.51 5.79 -35.88
C CYS I 532 -55.99 5.81 -36.21
N PRO I 533 -56.78 6.67 -35.53
CA PRO I 533 -58.23 6.68 -35.77
C PRO I 533 -58.66 7.03 -37.19
N LYS I 534 -57.99 7.97 -37.84
CA LYS I 534 -58.18 8.19 -39.28
C LYS I 534 -56.82 8.34 -39.95
N PRO I 535 -56.44 7.37 -40.78
CA PRO I 535 -55.19 7.47 -41.52
C PRO I 535 -55.36 8.05 -42.91
N HIS I 536 -54.34 8.75 -43.36
CA HIS I 536 -54.30 9.33 -44.71
C HIS I 536 -53.31 8.53 -45.53
N PHE I 537 -53.80 7.81 -46.53
CA PHE I 537 -52.96 6.96 -47.35
C PHE I 537 -52.65 7.65 -48.67
N VAL I 538 -51.45 8.19 -48.78
CA VAL I 538 -50.96 8.73 -50.03
C VAL I 538 -50.39 7.58 -50.84
N LEU I 539 -50.66 7.59 -52.14
CA LEU I 539 -50.25 6.52 -53.03
C LEU I 539 -48.91 6.86 -53.68
N VAL I 540 -48.01 5.88 -53.68
CA VAL I 540 -46.60 6.09 -53.98
C VAL I 540 -46.16 5.14 -55.08
N ARG I 541 -45.47 5.67 -56.09
CA ARG I 541 -44.92 4.89 -57.20
C ARG I 541 -43.92 3.83 -56.76
N SER I 542 -43.96 2.72 -57.50
CA SER I 542 -43.06 1.57 -57.40
C SER I 542 -43.00 0.95 -56.01
N MET J 1 -53.01 22.31 -24.37
CA MET J 1 -51.77 22.55 -23.65
C MET J 1 -52.06 22.41 -22.17
N GLN J 2 -51.75 21.23 -21.64
CA GLN J 2 -52.12 20.87 -20.28
C GLN J 2 -51.32 21.69 -19.27
N LEU J 3 -52.02 22.32 -18.35
CA LEU J 3 -51.40 23.16 -17.31
C LEU J 3 -51.69 22.52 -15.96
N HIS J 4 -50.66 21.90 -15.38
CA HIS J 4 -50.85 21.12 -14.17
C HIS J 4 -50.93 22.00 -12.93
N GLY J 5 -50.05 23.00 -12.83
CA GLY J 5 -50.13 23.94 -11.73
C GLY J 5 -49.10 25.06 -11.79
N LYS J 6 -49.57 26.30 -11.61
CA LYS J 6 -48.75 27.52 -11.67
C LYS J 6 -47.99 27.61 -12.99
N MET J 7 -48.73 27.65 -14.09
CA MET J 7 -48.16 27.25 -15.37
C MET J 7 -48.15 28.37 -16.41
N THR J 8 -49.03 29.37 -16.27
CA THR J 8 -49.12 30.69 -16.92
C THR J 8 -49.19 30.70 -18.45
N ALA J 9 -49.21 29.52 -19.08
CA ALA J 9 -49.52 29.30 -20.50
C ALA J 9 -48.58 29.97 -21.50
N THR J 10 -47.60 30.74 -21.03
CA THR J 10 -46.60 31.36 -21.87
C THR J 10 -45.21 30.78 -21.62
N ALA J 11 -44.93 30.41 -20.38
CA ALA J 11 -43.71 29.68 -20.07
C ALA J 11 -43.72 28.30 -20.72
N LYS J 12 -44.88 27.65 -20.73
CA LYS J 12 -45.00 26.36 -21.42
C LYS J 12 -44.87 26.54 -22.92
N SER J 13 -45.47 27.59 -23.48
CA SER J 13 -45.40 27.80 -24.92
C SER J 13 -44.00 28.21 -25.36
N CYS J 14 -43.28 28.94 -24.51
CA CYS J 14 -41.89 29.23 -24.81
C CYS J 14 -41.04 27.98 -24.68
N ALA J 15 -41.35 27.12 -23.71
CA ALA J 15 -40.60 25.87 -23.56
C ALA J 15 -40.93 24.91 -24.69
N LEU J 16 -42.17 24.88 -25.15
CA LEU J 16 -42.54 24.02 -26.26
C LEU J 16 -41.91 24.50 -27.56
N ASP J 17 -41.69 25.80 -27.68
CA ASP J 17 -40.99 26.32 -28.85
C ASP J 17 -39.51 25.94 -28.80
N PHE J 18 -38.95 25.83 -27.61
CA PHE J 18 -37.59 25.35 -27.48
C PHE J 18 -37.46 23.89 -27.89
N LEU J 19 -38.49 23.10 -27.56
CA LEU J 19 -38.45 21.67 -27.86
C LEU J 19 -38.44 21.41 -29.35
N ASP J 20 -39.16 22.23 -30.11
CA ASP J 20 -39.10 22.12 -31.57
C ASP J 20 -37.74 22.55 -32.09
N PHE J 21 -37.12 23.51 -31.43
CA PHE J 21 -35.83 24.03 -31.90
C PHE J 21 -34.71 23.02 -31.65
N VAL J 22 -34.67 22.42 -30.47
CA VAL J 22 -33.54 21.58 -30.12
C VAL J 22 -33.69 20.19 -30.73
N ASN J 23 -34.93 19.77 -31.04
CA ASN J 23 -35.11 18.49 -31.71
C ASN J 23 -34.71 18.57 -33.17
N ALA J 24 -34.73 19.75 -33.76
CA ALA J 24 -34.34 19.93 -35.15
C ALA J 24 -32.89 20.36 -35.28
N SER J 25 -32.18 20.54 -34.17
CA SER J 25 -30.81 21.07 -34.18
C SER J 25 -29.89 20.19 -33.35
N PRO J 26 -29.42 19.07 -33.91
CA PRO J 26 -28.47 18.24 -33.17
C PRO J 26 -27.02 18.59 -33.42
N THR J 27 -26.73 19.40 -34.42
CA THR J 27 -25.37 19.79 -34.77
C THR J 27 -25.32 21.30 -34.73
N PRO J 28 -24.13 21.88 -34.59
CA PRO J 28 -24.01 23.33 -34.79
C PRO J 28 -24.39 23.78 -36.19
N TYR J 29 -24.17 22.92 -37.19
CA TYR J 29 -24.61 23.23 -38.54
C TYR J 29 -26.12 23.29 -38.63
N HIS J 30 -26.82 22.38 -37.95
CA HIS J 30 -28.26 22.46 -37.92
C HIS J 30 -28.74 23.58 -37.03
N ALA J 31 -27.98 23.87 -35.96
CA ALA J 31 -28.37 24.95 -35.06
C ALA J 31 -28.31 26.29 -35.75
N VAL J 32 -27.24 26.53 -36.52
CA VAL J 32 -27.12 27.77 -37.27
C VAL J 32 -28.18 27.85 -38.36
N GLN J 33 -28.50 26.70 -38.97
CA GLN J 33 -29.51 26.64 -40.00
C GLN J 33 -30.90 26.97 -39.45
N ASN J 34 -31.21 26.47 -38.26
CA ASN J 34 -32.52 26.76 -37.68
C ASN J 34 -32.60 28.17 -37.12
N LEU J 35 -31.49 28.71 -36.62
CA LEU J 35 -31.52 30.10 -36.17
C LEU J 35 -31.70 31.05 -37.34
N ALA J 36 -31.04 30.76 -38.46
CA ALA J 36 -31.07 31.68 -39.58
C ALA J 36 -32.41 31.64 -40.29
N GLU J 37 -33.10 30.50 -40.28
CA GLU J 37 -34.47 30.48 -40.78
C GLU J 37 -35.39 31.29 -39.87
N HIS J 38 -35.12 31.27 -38.57
CA HIS J 38 -35.91 32.09 -37.66
C HIS J 38 -35.57 33.57 -37.82
N TYR J 39 -34.32 33.86 -38.18
CA TYR J 39 -33.91 35.25 -38.37
C TYR J 39 -34.53 35.83 -39.64
N MET J 40 -34.49 35.07 -40.74
CA MET J 40 -35.07 35.58 -41.99
C MET J 40 -36.58 35.58 -41.95
N SER J 41 -37.19 34.76 -41.08
CA SER J 41 -38.61 34.85 -40.88
C SER J 41 -38.99 36.15 -40.18
N HIS J 42 -38.09 36.67 -39.35
CA HIS J 42 -38.32 37.93 -38.66
C HIS J 42 -37.70 39.11 -39.37
N GLY J 43 -37.29 38.95 -40.62
CA GLY J 43 -36.89 40.05 -41.45
C GLY J 43 -35.41 40.35 -41.52
N PHE J 44 -34.56 39.46 -41.01
CA PHE J 44 -33.13 39.70 -41.06
C PHE J 44 -32.61 39.46 -42.47
N GLN J 45 -31.49 40.08 -42.79
CA GLN J 45 -30.86 39.95 -44.09
C GLN J 45 -29.53 39.24 -43.96
N TYR J 46 -29.26 38.32 -44.88
CA TYR J 46 -27.98 37.62 -44.86
C TYR J 46 -26.89 38.53 -45.42
N LEU J 47 -25.75 38.54 -44.75
CA LEU J 47 -24.58 39.26 -45.20
C LEU J 47 -23.47 38.27 -45.52
N SER J 48 -22.95 38.33 -46.74
CA SER J 48 -21.77 37.58 -47.07
C SER J 48 -20.56 38.31 -46.49
N GLU J 49 -19.69 37.56 -45.83
CA GLU J 49 -18.51 38.18 -45.27
C GLU J 49 -17.47 38.47 -46.35
N LYS J 50 -17.59 37.83 -47.52
CA LYS J 50 -16.77 38.17 -48.67
C LYS J 50 -17.07 39.55 -49.22
N SER J 51 -18.26 40.07 -49.00
CA SER J 51 -18.63 41.35 -49.57
C SER J 51 -18.16 42.49 -48.70
N ASP J 52 -18.34 43.71 -49.20
CA ASP J 52 -18.03 44.91 -48.46
C ASP J 52 -19.32 45.54 -47.96
N TRP J 53 -19.36 45.90 -46.68
CA TRP J 53 -20.60 46.29 -46.05
C TRP J 53 -20.78 47.79 -45.98
N GLN J 54 -19.98 48.57 -46.71
CA GLN J 54 -20.08 50.02 -46.63
C GLN J 54 -21.40 50.53 -47.20
N SER J 55 -21.93 49.84 -48.20
CA SER J 55 -23.19 50.23 -48.82
C SER J 55 -24.31 49.24 -48.55
N LYS J 56 -24.05 48.21 -47.75
CA LYS J 56 -25.02 47.15 -47.56
C LYS J 56 -25.78 47.26 -46.26
N ILE J 57 -25.21 47.86 -45.23
CA ILE J 57 -25.87 47.97 -43.94
C ILE J 57 -26.24 49.42 -43.70
N GLU J 58 -27.43 49.63 -43.15
CA GLU J 58 -27.93 50.94 -42.84
C GLU J 58 -28.72 50.86 -41.55
N PRO J 59 -28.81 51.95 -40.78
CA PRO J 59 -29.52 51.91 -39.50
C PRO J 59 -31.01 51.63 -39.66
N GLY J 60 -31.56 50.94 -38.67
CA GLY J 60 -32.96 50.57 -38.68
C GLY J 60 -33.25 49.18 -39.19
N ASN J 61 -32.25 48.43 -39.59
CA ASN J 61 -32.45 47.11 -40.17
C ASN J 61 -31.66 46.05 -39.40
N SER J 62 -31.99 44.80 -39.68
CA SER J 62 -31.40 43.67 -38.99
C SER J 62 -30.69 42.76 -39.98
N TYR J 63 -29.51 42.31 -39.59
CA TYR J 63 -28.61 41.53 -40.43
C TYR J 63 -28.04 40.36 -39.64
N PHE J 64 -27.60 39.34 -40.36
CA PHE J 64 -26.85 38.26 -39.73
C PHE J 64 -25.77 37.77 -40.69
N VAL J 65 -24.68 37.30 -40.11
CA VAL J 65 -23.52 36.82 -40.86
C VAL J 65 -23.16 35.45 -40.32
N THR J 66 -22.54 34.63 -41.16
CA THR J 66 -22.28 33.23 -40.83
C THR J 66 -20.86 32.86 -41.21
N ARG J 67 -20.18 32.15 -40.33
CA ARG J 67 -18.82 31.65 -40.57
C ARG J 67 -18.83 30.14 -40.46
N ASN J 68 -18.39 29.47 -41.54
CA ASN J 68 -18.22 28.02 -41.64
C ASN J 68 -19.56 27.28 -41.51
N LYS J 69 -20.69 27.98 -41.66
CA LYS J 69 -22.04 27.48 -41.44
C LYS J 69 -22.25 26.89 -40.05
N SER J 70 -21.43 27.30 -39.09
CA SER J 70 -21.46 26.75 -37.74
C SER J 70 -21.33 27.80 -36.66
N SER J 71 -20.94 29.02 -36.99
CA SER J 71 -21.03 30.16 -36.10
C SER J 71 -21.87 31.22 -36.79
N ILE J 72 -22.76 31.85 -36.04
CA ILE J 72 -23.64 32.86 -36.59
C ILE J 72 -23.65 34.07 -35.66
N ILE J 73 -23.59 35.26 -36.26
CA ILE J 73 -23.68 36.51 -35.54
C ILE J 73 -24.82 37.29 -36.15
N ALA J 74 -25.86 37.54 -35.37
CA ALA J 74 -26.97 38.36 -35.81
C ALA J 74 -26.97 39.69 -35.06
N PHE J 75 -27.17 40.77 -35.81
CA PHE J 75 -27.15 42.07 -35.17
C PHE J 75 -28.25 42.94 -35.77
N SER J 76 -28.89 43.72 -34.92
CA SER J 76 -29.88 44.69 -35.32
C SER J 76 -29.36 46.08 -35.00
N ILE J 77 -29.33 46.95 -36.01
CA ILE J 77 -28.81 48.29 -35.86
C ILE J 77 -29.99 49.23 -35.63
N GLY J 78 -29.95 49.99 -34.55
CA GLY J 78 -31.02 50.93 -34.27
C GLY J 78 -31.02 52.09 -35.23
N LYS J 79 -32.19 52.72 -35.38
CA LYS J 79 -32.33 53.83 -36.31
C LYS J 79 -31.56 55.05 -35.83
N LYS J 80 -31.53 55.27 -34.52
CA LYS J 80 -30.82 56.40 -33.95
C LYS J 80 -29.37 56.07 -33.62
N TRP J 81 -28.80 55.04 -34.25
CA TRP J 81 -27.44 54.61 -33.96
C TRP J 81 -26.46 55.40 -34.80
N LYS J 82 -25.45 55.92 -34.17
CA LYS J 82 -24.32 56.53 -34.82
C LYS J 82 -23.10 55.64 -34.66
N PRO J 83 -22.15 55.66 -35.61
CA PRO J 83 -20.91 54.92 -35.42
C PRO J 83 -20.11 55.49 -34.26
N GLY J 84 -19.92 54.67 -33.24
CA GLY J 84 -19.29 55.11 -32.02
C GLY J 84 -20.14 54.81 -30.81
N ASN J 85 -21.42 54.52 -31.05
CA ASN J 85 -22.29 54.12 -29.97
C ASN J 85 -22.03 52.67 -29.58
N GLY J 86 -22.52 52.29 -28.41
CA GLY J 86 -22.20 51.00 -27.85
C GLY J 86 -22.93 49.85 -28.50
N PHE J 87 -22.57 48.65 -28.04
CA PHE J 87 -23.16 47.40 -28.50
C PHE J 87 -23.76 46.68 -27.31
N SER J 88 -24.93 46.10 -27.47
CA SER J 88 -25.52 45.22 -26.46
C SER J 88 -25.44 43.81 -27.01
N ILE J 89 -24.52 43.02 -26.46
CA ILE J 89 -24.12 41.74 -27.05
C ILE J 89 -24.47 40.63 -26.08
N ILE J 90 -25.16 39.60 -26.57
CA ILE J 90 -25.45 38.39 -25.80
C ILE J 90 -24.88 37.21 -26.56
N ALA J 91 -23.81 36.63 -26.04
CA ALA J 91 -23.05 35.62 -26.75
C ALA J 91 -23.31 34.23 -26.18
N THR J 92 -23.66 33.28 -27.05
CA THR J 92 -23.85 31.87 -26.72
C THR J 92 -22.90 31.03 -27.58
N HIS J 93 -23.03 29.71 -27.47
CA HIS J 93 -22.28 28.79 -28.31
C HIS J 93 -23.20 27.69 -28.80
N THR J 94 -23.00 27.25 -30.03
CA THR J 94 -23.91 26.29 -30.65
C THR J 94 -23.51 24.83 -30.43
N ASP J 95 -22.32 24.56 -29.93
CA ASP J 95 -21.84 23.19 -29.91
C ASP J 95 -22.12 22.54 -28.55
N SER J 96 -22.01 21.22 -28.54
CA SER J 96 -22.24 20.41 -27.36
C SER J 96 -21.27 19.24 -27.38
N PRO J 97 -20.95 18.67 -26.21
CA PRO J 97 -20.07 17.49 -26.21
C PRO J 97 -20.75 16.28 -26.84
N THR J 98 -20.01 15.59 -27.69
CA THR J 98 -20.55 14.54 -28.53
C THR J 98 -19.42 13.69 -29.07
N LEU J 99 -19.74 12.82 -30.02
CA LEU J 99 -18.78 11.94 -30.68
C LEU J 99 -18.81 12.19 -32.18
N ARG J 100 -17.64 12.39 -32.77
CA ARG J 100 -17.49 12.54 -34.21
C ARG J 100 -16.96 11.27 -34.83
N LEU J 101 -17.43 10.99 -36.04
CA LEU J 101 -16.91 9.90 -36.82
C LEU J 101 -15.47 10.18 -37.24
N LYS J 102 -14.64 9.15 -37.20
CA LYS J 102 -13.26 9.27 -37.64
C LYS J 102 -13.21 9.34 -39.17
N PRO J 103 -12.11 9.84 -39.74
CA PRO J 103 -11.95 9.80 -41.20
C PRO J 103 -11.95 8.40 -41.79
N LYS J 104 -11.37 7.43 -41.10
CA LYS J 104 -11.48 6.02 -41.45
C LYS J 104 -12.41 5.44 -40.38
N SER J 105 -13.71 5.57 -40.61
CA SER J 105 -14.69 5.17 -39.61
C SER J 105 -15.15 3.74 -39.77
N GLN J 106 -14.64 3.01 -40.77
CA GLN J 106 -15.10 1.65 -40.97
C GLN J 106 -14.43 0.72 -39.95
N LYS J 107 -15.26 0.04 -39.16
CA LYS J 107 -14.79 -0.93 -38.21
C LYS J 107 -15.69 -2.15 -38.26
N SER J 108 -15.09 -3.33 -38.12
CA SER J 108 -15.87 -4.55 -38.10
C SER J 108 -15.24 -5.51 -37.11
N ALA J 109 -16.08 -6.12 -36.27
CA ALA J 109 -15.58 -7.07 -35.29
C ALA J 109 -16.68 -8.07 -35.01
N TYR J 110 -16.39 -9.35 -35.32
CA TYR J 110 -17.20 -10.51 -34.95
C TYR J 110 -18.62 -10.40 -35.50
N GLY J 111 -18.70 -10.05 -36.78
CA GLY J 111 -19.97 -9.96 -37.44
C GLY J 111 -20.70 -8.66 -37.24
N TYR J 112 -20.16 -7.75 -36.45
CA TYR J 112 -20.86 -6.50 -36.17
C TYR J 112 -20.18 -5.38 -36.93
N LEU J 113 -20.98 -4.52 -37.52
CA LEU J 113 -20.47 -3.30 -38.12
C LEU J 113 -20.36 -2.26 -37.02
N GLN J 114 -19.19 -1.65 -36.89
CA GLN J 114 -19.00 -0.58 -35.92
C GLN J 114 -18.49 0.66 -36.63
N VAL J 115 -18.67 1.81 -36.01
CA VAL J 115 -18.08 3.05 -36.50
C VAL J 115 -17.04 3.51 -35.51
N GLY J 116 -15.94 4.05 -36.04
CA GLY J 116 -14.88 4.54 -35.18
C GLY J 116 -15.16 5.98 -34.81
N VAL J 117 -15.37 6.25 -33.53
CA VAL J 117 -15.75 7.58 -33.10
C VAL J 117 -14.63 8.18 -32.30
N GLU J 118 -14.71 9.50 -32.14
CA GLU J 118 -13.72 10.26 -31.40
C GLU J 118 -14.43 11.32 -30.56
N LYS J 119 -13.95 11.49 -29.33
CA LYS J 119 -14.66 12.31 -28.37
C LYS J 119 -14.50 13.79 -28.67
N TYR J 120 -15.53 14.56 -28.36
CA TYR J 120 -15.50 16.00 -28.55
C TYR J 120 -15.93 16.60 -27.23
N GLY J 121 -15.09 17.44 -26.65
CA GLY J 121 -15.45 18.13 -25.44
C GLY J 121 -15.36 17.24 -24.21
N GLY J 122 -15.69 17.83 -23.07
CA GLY J 122 -15.67 17.10 -21.83
C GLY J 122 -17.01 16.49 -21.50
N GLY J 123 -17.47 15.55 -22.31
CA GLY J 123 -18.75 14.93 -22.05
C GLY J 123 -18.69 13.91 -20.93
N ILE J 124 -19.82 13.72 -20.27
CA ILE J 124 -19.97 12.65 -19.29
C ILE J 124 -20.19 11.37 -20.06
N TRP J 125 -19.14 10.57 -20.21
CA TRP J 125 -19.17 9.56 -21.26
C TRP J 125 -19.89 8.30 -20.84
N HIS J 126 -20.14 8.09 -19.55
CA HIS J 126 -20.88 6.89 -19.19
C HIS J 126 -22.37 7.05 -19.46
N THR J 127 -22.85 8.27 -19.62
CA THR J 127 -24.26 8.50 -19.93
C THR J 127 -24.58 8.19 -21.38
N TRP J 128 -23.57 8.04 -22.23
CA TRP J 128 -23.79 7.70 -23.62
C TRP J 128 -24.01 6.22 -23.84
N PHE J 129 -23.79 5.40 -22.82
CA PHE J 129 -23.97 3.97 -22.95
C PHE J 129 -25.46 3.64 -23.00
N ASP J 130 -25.81 2.65 -23.82
CA ASP J 130 -27.15 2.07 -23.92
C ASP J 130 -28.19 3.12 -24.32
N ARG J 131 -27.80 4.02 -25.20
CA ARG J 131 -28.69 5.07 -25.68
C ARG J 131 -28.99 4.85 -27.15
N ASP J 132 -30.20 5.21 -27.55
CA ASP J 132 -30.48 5.32 -28.96
C ASP J 132 -29.73 6.53 -29.48
N LEU J 133 -28.87 6.33 -30.46
CA LEU J 133 -28.03 7.39 -30.99
C LEU J 133 -28.40 7.67 -32.44
N SER J 134 -28.59 8.94 -32.74
CA SER J 134 -28.81 9.39 -34.11
C SER J 134 -27.52 9.91 -34.70
N LEU J 135 -27.52 10.07 -36.01
CA LEU J 135 -26.36 10.55 -36.75
C LEU J 135 -26.75 11.79 -37.52
N ALA J 136 -25.93 12.83 -37.41
CA ALA J 136 -26.24 14.09 -38.05
C ALA J 136 -24.94 14.85 -38.31
N GLY J 137 -25.03 15.84 -39.19
CA GLY J 137 -23.86 16.62 -39.53
C GLY J 137 -23.95 17.20 -40.91
N ARG J 138 -22.82 17.63 -41.45
CA ARG J 138 -22.76 18.20 -42.78
C ARG J 138 -21.93 17.29 -43.67
N VAL J 139 -22.33 17.18 -44.93
CA VAL J 139 -21.70 16.27 -45.89
C VAL J 139 -21.30 17.07 -47.11
N MET J 140 -20.04 16.94 -47.52
CA MET J 140 -19.54 17.53 -48.75
C MET J 140 -19.84 16.62 -49.93
N VAL J 141 -20.54 17.15 -50.93
CA VAL J 141 -20.95 16.40 -52.11
C VAL J 141 -20.35 17.06 -53.33
N GLU J 142 -19.63 16.27 -54.13
CA GLU J 142 -19.18 16.73 -55.43
C GLU J 142 -20.34 16.79 -56.42
N GLU J 143 -20.29 17.76 -57.32
CA GLU J 143 -21.17 17.76 -58.47
C GLU J 143 -20.34 17.74 -59.75
N GLU J 144 -21.04 17.71 -60.89
CA GLU J 144 -20.42 17.29 -62.14
C GLU J 144 -19.43 18.31 -62.68
N ASP J 145 -19.57 19.57 -62.30
CA ASP J 145 -18.65 20.60 -62.75
C ASP J 145 -17.47 20.80 -61.81
N GLY J 146 -17.38 19.99 -60.77
CA GLY J 146 -16.25 20.02 -59.87
C GLY J 146 -16.49 20.77 -58.59
N ARG J 147 -17.52 21.60 -58.51
CA ARG J 147 -17.75 22.35 -57.28
C ARG J 147 -18.33 21.44 -56.20
N VAL J 148 -18.01 21.76 -54.96
CA VAL J 148 -18.40 20.96 -53.81
C VAL J 148 -19.19 21.84 -52.86
N ILE J 149 -20.40 21.41 -52.51
CA ILE J 149 -21.29 22.17 -51.68
C ILE J 149 -21.63 21.37 -50.43
N GLN J 150 -22.09 22.08 -49.40
CA GLN J 150 -22.31 21.48 -48.09
C GLN J 150 -23.79 21.18 -47.91
N TYR J 151 -24.08 19.94 -47.55
CA TYR J 151 -25.43 19.46 -47.28
C TYR J 151 -25.53 18.99 -45.83
N ASN J 152 -26.46 19.58 -45.09
CA ASN J 152 -26.73 19.15 -43.73
C ASN J 152 -27.63 17.92 -43.79
N VAL J 153 -27.28 16.89 -43.03
CA VAL J 153 -28.02 15.63 -43.04
C VAL J 153 -28.44 15.31 -41.61
N HIS J 154 -29.71 14.93 -41.45
CA HIS J 154 -30.21 14.46 -40.17
C HIS J 154 -30.74 13.06 -40.39
N ILE J 155 -30.30 12.12 -39.57
CA ILE J 155 -30.86 10.77 -39.61
C ILE J 155 -31.62 10.57 -38.30
N ASP J 156 -32.90 10.88 -38.32
CA ASP J 156 -33.76 10.85 -37.14
C ASP J 156 -34.36 9.47 -36.93
N ARG J 157 -33.51 8.55 -36.51
CA ARG J 157 -33.94 7.22 -36.11
C ARG J 157 -32.84 6.62 -35.23
N PRO J 158 -33.16 5.61 -34.41
CA PRO J 158 -32.11 4.94 -33.64
C PRO J 158 -31.19 4.18 -34.56
N LEU J 159 -29.97 4.67 -34.69
CA LEU J 159 -29.06 4.21 -35.72
C LEU J 159 -27.79 3.65 -35.14
N LEU J 160 -27.34 4.18 -34.02
CA LEU J 160 -26.14 3.70 -33.34
C LEU J 160 -26.49 3.38 -31.89
N ARG J 161 -25.64 2.58 -31.27
CA ARG J 161 -25.75 2.30 -29.85
C ARG J 161 -24.41 1.83 -29.29
N ILE J 162 -24.02 2.37 -28.15
CA ILE J 162 -22.86 1.84 -27.42
C ILE J 162 -23.40 0.94 -26.31
N PRO J 163 -23.29 -0.37 -26.44
CA PRO J 163 -23.86 -1.25 -25.42
C PRO J 163 -22.90 -1.57 -24.31
N THR J 164 -23.44 -1.70 -23.09
CA THR J 164 -22.62 -2.12 -21.98
C THR J 164 -22.44 -3.63 -21.97
N LEU J 165 -21.45 -4.08 -21.21
CA LEU J 165 -21.35 -5.50 -20.91
C LEU J 165 -22.44 -5.85 -19.91
N ALA J 166 -22.95 -7.07 -20.00
CA ALA J 166 -23.94 -7.55 -19.05
C ALA J 166 -23.32 -7.68 -17.66
N ILE J 167 -24.18 -7.60 -16.64
CA ILE J 167 -23.70 -7.56 -15.26
C ILE J 167 -23.24 -8.93 -14.80
N HIS J 168 -23.64 -9.99 -15.51
CA HIS J 168 -23.23 -11.34 -15.12
C HIS J 168 -21.77 -11.55 -15.41
N LEU J 169 -21.25 -10.84 -16.41
CA LEU J 169 -19.92 -11.06 -16.93
C LEU J 169 -18.88 -10.20 -16.26
N ASP J 170 -19.31 -9.15 -15.56
CA ASP J 170 -18.46 -8.31 -14.74
C ASP J 170 -19.32 -7.71 -13.64
N PRO J 171 -19.44 -8.39 -12.49
CA PRO J 171 -20.24 -7.82 -11.40
C PRO J 171 -19.61 -6.63 -10.73
N SER J 172 -18.33 -6.35 -10.99
CA SER J 172 -17.64 -5.21 -10.42
C SER J 172 -18.07 -3.88 -11.04
N ALA J 173 -18.87 -3.91 -12.10
CA ALA J 173 -19.32 -2.67 -12.73
C ALA J 173 -20.27 -1.89 -11.83
N ASN J 174 -20.99 -2.57 -10.94
CA ASN J 174 -21.86 -1.86 -10.01
C ASN J 174 -21.07 -1.17 -8.91
N SER J 175 -19.88 -1.69 -8.58
CA SER J 175 -19.05 -1.03 -7.59
C SER J 175 -18.46 0.26 -8.15
N SER J 176 -17.89 0.20 -9.35
CA SER J 176 -17.33 1.38 -10.01
C SER J 176 -17.24 1.08 -11.49
N PHE J 177 -17.89 1.91 -12.30
CA PHE J 177 -17.94 1.69 -13.74
C PHE J 177 -16.81 2.46 -14.41
N SER J 178 -15.89 1.74 -15.03
CA SER J 178 -14.83 2.34 -15.83
C SER J 178 -14.72 1.60 -17.14
N PHE J 179 -14.24 2.30 -18.16
CA PHE J 179 -14.20 1.71 -19.49
C PHE J 179 -13.09 2.36 -20.30
N ASN J 180 -12.45 1.57 -21.16
CA ASN J 180 -11.41 2.10 -22.02
C ASN J 180 -12.04 2.89 -23.15
N MET J 181 -11.44 4.03 -23.47
CA MET J 181 -12.10 5.05 -24.27
C MET J 181 -12.05 4.76 -25.78
N GLU J 182 -11.12 3.93 -26.25
CA GLU J 182 -11.29 3.19 -27.51
C GLU J 182 -12.10 1.94 -27.39
N THR J 183 -11.50 0.91 -26.82
CA THR J 183 -11.85 -0.47 -27.09
C THR J 183 -13.23 -0.83 -26.58
N GLU J 184 -13.70 -0.15 -25.54
CA GLU J 184 -15.01 -0.41 -24.99
C GLU J 184 -16.02 0.70 -25.25
N PHE J 185 -15.68 1.69 -26.06
CA PHE J 185 -16.58 2.81 -26.37
C PHE J 185 -16.82 2.92 -27.87
N VAL J 186 -17.08 1.81 -28.54
CA VAL J 186 -17.30 1.80 -29.98
C VAL J 186 -18.77 1.53 -30.23
N PRO J 187 -19.51 2.47 -30.83
CA PRO J 187 -20.92 2.22 -31.12
C PRO J 187 -21.10 1.25 -32.26
N LEU J 188 -22.31 0.71 -32.34
CA LEU J 188 -22.67 -0.32 -33.28
C LEU J 188 -23.68 0.21 -34.28
N ILE J 189 -23.34 0.13 -35.56
CA ILE J 189 -24.24 0.57 -36.61
C ILE J 189 -25.11 -0.56 -37.16
N GLY J 190 -24.60 -1.79 -37.17
CA GLY J 190 -25.43 -2.89 -37.65
C GLY J 190 -24.67 -4.19 -37.71
N LEU J 191 -25.24 -5.14 -38.44
CA LEU J 191 -24.70 -6.48 -38.58
C LEU J 191 -24.26 -6.69 -40.01
N GLU J 192 -23.12 -7.33 -40.21
CA GLU J 192 -22.62 -7.48 -41.57
C GLU J 192 -23.03 -8.80 -42.22
N ASN J 193 -23.81 -9.63 -41.54
CA ASN J 193 -24.24 -10.89 -42.15
C ASN J 193 -25.34 -10.70 -43.18
N GLU J 194 -25.92 -9.50 -43.27
CA GLU J 194 -27.11 -9.28 -44.06
C GLU J 194 -26.94 -8.12 -45.04
N LEU J 195 -25.70 -7.70 -45.28
CA LEU J 195 -25.41 -6.74 -46.33
C LEU J 195 -24.73 -7.38 -47.53
N ALA J 196 -24.99 -8.67 -47.76
CA ALA J 196 -24.18 -9.44 -48.70
C ALA J 196 -24.72 -9.33 -50.13
N LYS J 197 -25.22 -8.15 -50.49
CA LYS J 197 -25.62 -7.86 -51.86
C LYS J 197 -24.46 -8.02 -52.82
N GLU J 198 -23.27 -7.56 -52.43
CA GLU J 198 -22.05 -7.89 -53.13
C GLU J 198 -21.00 -8.29 -52.10
N GLU J 199 -20.42 -9.47 -52.27
CA GLU J 199 -19.38 -9.97 -51.37
C GLU J 199 -17.99 -9.71 -51.91
N THR J 200 -17.71 -8.46 -52.28
CA THR J 200 -16.39 -8.05 -52.77
C THR J 200 -16.05 -6.71 -52.12
N SER J 201 -14.88 -6.20 -52.47
CA SER J 201 -14.45 -4.88 -52.02
C SER J 201 -14.18 -3.92 -53.16
N ASP J 202 -13.54 -4.41 -54.24
CA ASP J 202 -13.20 -3.74 -55.49
C ASP J 202 -12.12 -2.66 -55.34
N ASN J 203 -11.70 -2.40 -54.09
CA ASN J 203 -10.62 -1.52 -53.68
C ASN J 203 -10.42 -1.75 -52.20
N GLY J 204 -9.16 -1.82 -51.77
CA GLY J 204 -8.86 -2.13 -50.39
C GLY J 204 -9.18 -0.96 -49.47
N ASP J 205 -9.98 -1.21 -48.42
CA ASP J 205 -10.15 -0.35 -47.25
C ASP J 205 -10.73 1.02 -47.63
N LYS J 206 -12.01 0.99 -48.02
CA LYS J 206 -12.82 2.19 -48.06
C LYS J 206 -12.86 2.86 -46.70
N TYR J 207 -13.03 4.19 -46.70
CA TYR J 207 -12.94 4.95 -45.47
C TYR J 207 -14.12 4.69 -44.54
N HIS J 208 -15.31 4.52 -45.09
CA HIS J 208 -16.50 4.31 -44.29
C HIS J 208 -17.24 3.08 -44.81
N HIS J 209 -18.24 2.67 -44.06
CA HIS J 209 -19.10 1.58 -44.50
C HIS J 209 -19.88 2.02 -45.72
N PRO J 210 -19.91 1.24 -46.80
CA PRO J 210 -20.71 1.62 -47.97
C PRO J 210 -22.19 1.68 -47.68
N VAL J 211 -22.67 0.92 -46.69
CA VAL J 211 -24.06 1.00 -46.31
C VAL J 211 -24.34 2.32 -45.59
N LEU J 212 -23.34 2.87 -44.91
CA LEU J 212 -23.51 4.17 -44.27
C LEU J 212 -23.52 5.29 -45.31
N LEU J 213 -22.68 5.18 -46.34
CA LEU J 213 -22.66 6.19 -47.38
C LEU J 213 -23.93 6.13 -48.22
N SER J 214 -24.53 4.94 -48.35
CA SER J 214 -25.79 4.82 -49.06
C SER J 214 -26.92 5.50 -48.31
N LEU J 215 -26.91 5.40 -46.98
CA LEU J 215 -27.95 6.05 -46.19
C LEU J 215 -27.78 7.56 -46.21
N LEU J 216 -26.54 8.04 -46.16
CA LEU J 216 -26.29 9.47 -46.23
C LEU J 216 -26.71 10.04 -47.58
N ALA J 217 -26.44 9.31 -48.66
CA ALA J 217 -26.85 9.78 -49.98
C ALA J 217 -28.35 9.71 -50.15
N ASN J 218 -28.99 8.72 -49.51
CA ASN J 218 -30.44 8.61 -49.62
C ASN J 218 -31.15 9.67 -48.81
N GLU J 219 -30.60 10.03 -47.65
CA GLU J 219 -31.24 11.03 -46.81
C GLU J 219 -31.10 12.42 -47.40
N ILE J 220 -29.98 12.68 -48.07
CA ILE J 220 -29.80 13.91 -48.82
C ILE J 220 -30.78 13.99 -49.98
N SER J 221 -30.94 12.89 -50.72
CA SER J 221 -31.72 12.92 -51.94
C SER J 221 -33.22 13.03 -51.67
N LYS J 222 -33.63 12.85 -50.43
CA LYS J 222 -35.03 13.04 -50.06
C LYS J 222 -35.44 14.51 -50.18
N SER J 223 -34.50 15.43 -49.96
CA SER J 223 -34.80 16.85 -49.99
C SER J 223 -34.39 17.51 -51.30
N LEU J 224 -34.03 16.74 -52.31
CA LEU J 224 -33.62 17.29 -53.59
C LEU J 224 -34.45 16.69 -54.71
N GLU J 225 -34.51 17.41 -55.82
CA GLU J 225 -35.18 16.89 -57.00
C GLU J 225 -34.39 15.76 -57.62
N THR J 226 -33.08 15.89 -57.68
CA THR J 226 -32.23 14.86 -58.25
C THR J 226 -31.87 13.83 -57.18
N THR J 227 -31.05 12.87 -57.56
CA THR J 227 -30.53 11.88 -56.63
C THR J 227 -29.02 12.04 -56.52
N ILE J 228 -28.47 11.51 -55.44
CA ILE J 228 -27.04 11.58 -55.16
C ILE J 228 -26.53 10.15 -55.03
N ASP J 229 -25.56 9.81 -55.84
CA ASP J 229 -24.92 8.53 -55.59
C ASP J 229 -23.88 8.66 -54.47
N PRO J 230 -23.59 7.58 -53.74
CA PRO J 230 -22.65 7.69 -52.62
C PRO J 230 -21.21 7.94 -53.04
N SER J 231 -20.87 7.74 -54.30
CA SER J 231 -19.50 7.96 -54.74
C SER J 231 -19.14 9.44 -54.79
N LYS J 232 -20.12 10.33 -54.87
CA LYS J 232 -19.85 11.76 -54.92
C LYS J 232 -19.73 12.39 -53.55
N ILE J 233 -19.89 11.64 -52.48
CA ILE J 233 -19.68 12.16 -51.13
C ILE J 233 -18.19 12.19 -50.88
N VAL J 234 -17.67 13.36 -50.54
CA VAL J 234 -16.22 13.50 -50.41
C VAL J 234 -15.79 13.27 -48.97
N ASP J 235 -16.27 14.11 -48.05
CA ASP J 235 -15.87 14.01 -46.65
C ASP J 235 -16.97 14.65 -45.81
N PHE J 236 -17.04 14.29 -44.54
CA PHE J 236 -18.08 14.84 -43.68
C PHE J 236 -17.60 14.98 -42.25
N GLU J 237 -18.24 15.89 -41.50
CA GLU J 237 -18.32 15.79 -40.05
C GLU J 237 -19.67 15.18 -39.73
N LEU J 238 -19.67 14.07 -39.00
CA LEU J 238 -20.91 13.48 -38.54
C LEU J 238 -20.90 13.43 -37.02
N ILE J 239 -21.98 13.92 -36.44
CA ILE J 239 -22.14 14.05 -35.00
C ILE J 239 -23.10 12.97 -34.53
N LEU J 240 -22.69 12.23 -33.53
CA LEU J 240 -23.61 11.38 -32.80
C LEU J 240 -24.28 12.15 -31.68
N GLY J 241 -25.59 12.26 -31.76
CA GLY J 241 -26.37 12.79 -30.66
C GLY J 241 -27.31 11.71 -30.16
N ASP J 242 -28.00 12.04 -29.06
CA ASP J 242 -29.01 11.16 -28.50
C ASP J 242 -30.15 11.24 -29.49
N ALA J 243 -30.65 10.09 -29.91
CA ALA J 243 -31.71 10.05 -30.92
C ALA J 243 -33.07 10.43 -30.37
N GLU J 244 -33.19 10.56 -29.06
CA GLU J 244 -34.51 10.69 -28.49
C GLU J 244 -34.91 12.15 -28.32
N LYS J 245 -36.13 12.46 -28.75
CA LYS J 245 -36.67 13.81 -28.76
C LYS J 245 -36.71 14.42 -27.38
N ALA J 246 -36.42 15.72 -27.33
CA ALA J 246 -36.58 16.48 -26.11
C ALA J 246 -38.05 16.71 -25.81
N ARG J 247 -38.41 16.53 -24.54
CA ARG J 247 -39.79 16.70 -24.12
C ARG J 247 -39.84 16.99 -22.64
N LEU J 248 -40.94 17.61 -22.22
CA LEU J 248 -41.08 18.12 -20.86
C LEU J 248 -41.27 16.97 -19.89
N GLY J 249 -40.67 17.11 -18.71
CA GLY J 249 -40.70 16.07 -17.71
C GLY J 249 -41.07 16.61 -16.34
N GLY J 250 -41.32 15.70 -15.42
CA GLY J 250 -41.69 16.06 -14.08
C GLY J 250 -43.17 15.82 -13.81
N ILE J 251 -43.55 15.98 -12.55
CA ILE J 251 -44.92 15.76 -12.13
C ILE J 251 -45.84 16.84 -12.69
N HIS J 252 -45.31 18.03 -12.93
CA HIS J 252 -46.09 19.17 -13.39
C HIS J 252 -45.53 19.74 -14.68
N GLU J 253 -44.73 18.95 -15.40
CA GLU J 253 -43.99 19.36 -16.60
C GLU J 253 -43.15 20.61 -16.34
N GLU J 254 -42.49 20.64 -15.18
CA GLU J 254 -41.63 21.75 -14.82
C GLU J 254 -40.18 21.52 -15.18
N PHE J 255 -39.85 20.37 -15.76
CA PHE J 255 -38.50 20.08 -16.20
C PHE J 255 -38.46 19.97 -17.71
N VAL J 256 -37.27 20.17 -18.27
CA VAL J 256 -37.03 19.94 -19.68
C VAL J 256 -35.93 18.88 -19.79
N PHE J 257 -36.29 17.72 -20.31
CA PHE J 257 -35.33 16.65 -20.50
C PHE J 257 -34.88 16.70 -21.95
N SER J 258 -33.59 16.96 -22.17
CA SER J 258 -33.14 17.23 -23.51
C SER J 258 -31.67 16.91 -23.68
N PRO J 259 -31.26 16.46 -24.85
CA PRO J 259 -29.84 16.48 -25.17
C PRO J 259 -29.43 17.88 -25.56
N ARG J 260 -28.12 18.12 -25.46
CA ARG J 260 -27.47 19.37 -25.90
C ARG J 260 -28.04 20.60 -25.21
N LEU J 261 -28.30 20.51 -23.91
CA LEU J 261 -28.81 21.69 -23.25
C LEU J 261 -27.72 22.71 -22.97
N ASP J 262 -26.47 22.30 -23.19
CA ASP J 262 -25.34 23.18 -23.02
C ASP J 262 -25.36 24.14 -24.20
N ASN J 263 -26.10 25.24 -23.96
CA ASN J 263 -26.32 26.40 -24.83
C ASN J 263 -27.16 26.31 -26.13
N LEU J 264 -27.97 25.26 -26.19
CA LEU J 264 -29.00 25.20 -27.20
C LEU J 264 -30.12 26.04 -26.53
N GLY J 265 -30.29 25.87 -25.22
CA GLY J 265 -31.23 26.62 -24.42
C GLY J 265 -30.86 28.09 -24.38
N MET J 266 -29.60 28.48 -24.11
CA MET J 266 -29.39 29.92 -24.08
C MET J 266 -29.37 30.50 -25.48
N THR J 267 -28.96 29.71 -26.48
CA THR J 267 -28.98 30.22 -27.84
C THR J 267 -30.43 30.45 -28.20
N PHE J 268 -31.29 29.50 -27.86
CA PHE J 268 -32.70 29.72 -28.13
C PHE J 268 -33.20 30.98 -27.43
N CYS J 269 -32.80 31.18 -26.18
CA CYS J 269 -33.28 32.35 -25.44
C CYS J 269 -32.70 33.64 -25.99
N ALA J 270 -31.43 33.63 -26.39
CA ALA J 270 -30.81 34.84 -26.90
C ALA J 270 -31.37 35.21 -28.27
N SER J 271 -31.60 34.21 -29.11
CA SER J 271 -32.07 34.49 -30.46
C SER J 271 -33.55 34.87 -30.47
N GLN J 272 -34.35 34.25 -29.61
CA GLN J 272 -35.76 34.60 -29.53
C GLN J 272 -35.95 36.00 -28.98
N ALA J 273 -35.14 36.38 -27.99
CA ALA J 273 -35.31 37.68 -27.37
C ALA J 273 -34.73 38.78 -28.23
N LEU J 274 -33.82 38.45 -29.15
CA LEU J 274 -33.39 39.44 -30.13
C LEU J 274 -34.55 39.79 -31.06
N THR J 275 -35.32 38.78 -31.48
CA THR J 275 -36.47 39.04 -32.32
C THR J 275 -37.64 39.59 -31.50
N LYS J 276 -37.75 39.19 -30.23
CA LYS J 276 -38.79 39.73 -29.37
C LYS J 276 -38.53 41.18 -29.00
N SER J 277 -37.28 41.62 -29.06
CA SER J 277 -36.97 43.02 -28.82
C SER J 277 -37.09 43.87 -30.07
N LEU J 278 -37.91 43.47 -31.04
CA LEU J 278 -38.22 44.28 -32.20
C LEU J 278 -39.72 44.37 -32.41
N GLU J 279 -40.53 44.05 -31.40
CA GLU J 279 -41.93 43.75 -31.64
C GLU J 279 -42.76 44.99 -31.92
N ASN J 280 -42.82 45.93 -30.98
CA ASN J 280 -43.70 47.07 -31.21
C ASN J 280 -43.03 48.05 -32.17
N ASN J 281 -42.06 48.81 -31.66
CA ASN J 281 -40.96 49.40 -32.43
C ASN J 281 -39.89 49.68 -31.38
N SER J 282 -38.95 48.76 -31.21
CA SER J 282 -37.86 49.10 -30.31
C SER J 282 -36.73 49.75 -31.08
N LEU J 283 -36.49 49.28 -32.29
CA LEU J 283 -35.87 50.13 -33.29
C LEU J 283 -36.84 51.25 -33.65
N ASP J 284 -36.27 52.33 -34.21
CA ASP J 284 -36.74 53.70 -34.39
C ASP J 284 -36.58 54.49 -33.10
N ASN J 285 -36.14 53.87 -32.02
CA ASN J 285 -35.76 54.60 -30.82
C ASN J 285 -34.48 54.08 -30.22
N GLU J 286 -33.88 53.06 -30.81
CA GLU J 286 -32.69 52.43 -30.26
C GLU J 286 -31.44 53.14 -30.78
N SER J 287 -30.52 53.43 -29.87
CA SER J 287 -29.28 54.10 -30.22
C SER J 287 -28.08 53.16 -30.23
N CYS J 288 -28.28 51.88 -29.93
CA CYS J 288 -27.19 50.91 -29.91
C CYS J 288 -27.44 49.83 -30.96
N VAL J 289 -26.56 48.84 -30.96
CA VAL J 289 -26.66 47.70 -31.86
C VAL J 289 -26.78 46.45 -31.00
N ARG J 290 -27.83 45.66 -31.24
CA ARG J 290 -28.10 44.48 -30.45
C ARG J 290 -27.57 43.25 -31.18
N VAL J 291 -26.52 42.65 -30.63
CA VAL J 291 -25.78 41.57 -31.28
C VAL J 291 -26.03 40.28 -30.53
N VAL J 292 -26.34 39.22 -31.26
CA VAL J 292 -26.38 37.87 -30.70
C VAL J 292 -25.43 37.00 -31.50
N PRO J 293 -24.21 36.81 -31.01
CA PRO J 293 -23.32 35.82 -31.63
C PRO J 293 -23.49 34.45 -31.02
N SER J 294 -23.71 33.45 -31.86
CA SER J 294 -23.80 32.07 -31.42
C SER J 294 -22.57 31.35 -31.98
N PHE J 295 -21.62 31.05 -31.11
CA PHE J 295 -20.33 30.57 -31.54
C PHE J 295 -20.30 29.05 -31.63
N ASP J 296 -19.13 28.52 -31.94
CA ASP J 296 -18.90 27.11 -32.11
C ASP J 296 -17.61 26.79 -31.34
N HIS J 297 -17.39 25.50 -31.06
CA HIS J 297 -16.14 24.98 -30.50
C HIS J 297 -15.84 25.51 -29.10
N GLU J 298 -16.85 25.77 -28.29
CA GLU J 298 -16.62 26.33 -26.95
C GLU J 298 -16.32 25.31 -25.85
N GLU J 299 -16.54 24.03 -26.15
CA GLU J 299 -16.32 22.93 -25.22
C GLU J 299 -14.89 22.43 -25.18
N ILE J 300 -14.03 22.96 -26.05
CA ILE J 300 -12.64 22.64 -26.21
C ILE J 300 -11.78 23.89 -26.08
N GLY J 301 -12.42 25.05 -25.97
CA GLY J 301 -11.71 26.27 -25.61
C GLY J 301 -11.73 27.38 -26.64
N SER J 302 -12.59 27.28 -27.66
CA SER J 302 -12.87 28.33 -28.65
C SER J 302 -11.68 28.70 -29.52
N VAL J 303 -10.62 27.90 -29.52
CA VAL J 303 -9.42 28.21 -30.31
C VAL J 303 -9.67 27.59 -31.68
N SER J 304 -10.33 28.34 -32.55
CA SER J 304 -10.61 27.87 -33.91
C SER J 304 -10.84 29.09 -34.79
N ALA J 305 -11.19 28.84 -36.05
CA ALA J 305 -11.42 29.93 -36.98
C ALA J 305 -12.80 30.53 -36.82
N GLN J 306 -13.75 29.77 -36.29
CA GLN J 306 -15.10 30.26 -36.07
C GLN J 306 -15.50 30.28 -34.61
N GLY J 307 -14.56 30.02 -33.71
CA GLY J 307 -14.88 30.00 -32.30
C GLY J 307 -15.02 31.40 -31.74
N ALA J 308 -15.27 31.45 -30.43
CA ALA J 308 -15.42 32.74 -29.77
C ALA J 308 -14.10 33.48 -29.68
N GLU J 309 -13.00 32.76 -29.54
CA GLU J 309 -11.68 33.37 -29.47
C GLU J 309 -11.13 33.72 -30.84
N SER J 310 -11.87 33.43 -31.90
CA SER J 310 -11.49 33.84 -33.24
C SER J 310 -11.70 35.34 -33.43
N THR J 311 -11.42 35.81 -34.64
CA THR J 311 -11.69 37.20 -34.97
C THR J 311 -13.11 37.43 -35.45
N PHE J 312 -14.00 36.45 -35.31
CA PHE J 312 -15.34 36.53 -35.90
C PHE J 312 -16.16 37.65 -35.27
N LEU J 313 -16.22 37.69 -33.95
CA LEU J 313 -16.89 38.82 -33.32
C LEU J 313 -16.16 40.15 -33.46
N PRO J 314 -14.83 40.27 -33.26
CA PRO J 314 -14.20 41.58 -33.47
C PRO J 314 -14.22 42.10 -34.89
N ALA J 315 -14.16 41.24 -35.90
CA ALA J 315 -14.18 41.75 -37.28
C ALA J 315 -15.57 42.25 -37.66
N VAL J 316 -16.61 41.58 -37.16
CA VAL J 316 -17.97 42.03 -37.43
C VAL J 316 -18.23 43.37 -36.75
N LEU J 317 -17.74 43.53 -35.53
CA LEU J 317 -17.93 44.79 -34.81
C LEU J 317 -17.14 45.92 -35.44
N GLN J 318 -15.96 45.62 -35.98
CA GLN J 318 -15.20 46.65 -36.67
C GLN J 318 -15.85 47.04 -37.98
N ARG J 319 -16.44 46.07 -38.70
CA ARG J 319 -17.08 46.38 -39.97
C ARG J 319 -18.35 47.20 -39.76
N ILE J 320 -19.03 46.99 -38.63
CA ILE J 320 -20.14 47.87 -38.27
C ILE J 320 -19.62 49.25 -37.91
N CYS J 321 -18.52 49.30 -37.16
CA CYS J 321 -17.96 50.58 -36.75
C CYS J 321 -17.22 51.28 -37.88
N GLU J 322 -16.95 50.60 -38.99
CA GLU J 322 -16.31 51.27 -40.10
C GLU J 322 -17.27 52.01 -41.01
N LEU J 323 -18.55 52.10 -40.65
CA LEU J 323 -19.43 53.02 -41.36
C LEU J 323 -19.03 54.46 -41.10
N GLY J 324 -18.56 54.77 -39.90
CA GLY J 324 -18.00 56.06 -39.63
C GLY J 324 -16.63 56.22 -40.25
N LYS J 325 -16.18 57.46 -40.33
CA LYS J 325 -14.92 57.73 -41.01
C LYS J 325 -13.72 57.75 -40.05
N GLU J 326 -13.95 58.07 -38.78
CA GLU J 326 -12.87 58.06 -37.81
C GLU J 326 -12.48 56.63 -37.49
N SER J 327 -11.17 56.38 -37.46
CA SER J 327 -10.67 55.03 -37.22
C SER J 327 -10.68 54.64 -35.76
N SER J 328 -10.87 55.59 -34.86
CA SER J 328 -10.88 55.30 -33.43
C SER J 328 -12.24 54.93 -32.90
N LEU J 329 -13.26 54.84 -33.77
CA LEU J 329 -14.62 54.65 -33.29
C LEU J 329 -14.87 53.26 -32.75
N PHE J 330 -14.04 52.28 -33.12
CA PHE J 330 -14.22 50.94 -32.59
C PHE J 330 -13.88 50.88 -31.12
N SER J 331 -12.73 51.47 -30.74
CA SER J 331 -12.32 51.43 -29.34
C SER J 331 -13.19 52.32 -28.48
N ILE J 332 -13.76 53.37 -29.06
CA ILE J 332 -14.72 54.21 -28.35
C ILE J 332 -16.00 53.43 -28.08
N SER J 333 -16.45 52.66 -29.07
CA SER J 333 -17.72 51.94 -28.92
C SER J 333 -17.62 50.80 -27.92
N MET J 334 -16.43 50.27 -27.69
CA MET J 334 -16.30 49.12 -26.80
C MET J 334 -16.50 49.50 -25.34
N VAL J 335 -16.08 50.71 -24.94
CA VAL J 335 -16.25 51.06 -23.55
C VAL J 335 -17.66 51.53 -23.26
N LYS J 336 -18.46 51.81 -24.28
CA LYS J 336 -19.88 52.07 -24.09
C LYS J 336 -20.71 50.81 -24.24
N SER J 337 -20.09 49.66 -24.43
CA SER J 337 -20.79 48.43 -24.74
C SER J 337 -20.84 47.48 -23.56
N PHE J 338 -21.59 46.40 -23.72
CA PHE J 338 -21.72 45.40 -22.68
C PHE J 338 -21.94 44.03 -23.30
N LEU J 339 -21.31 43.02 -22.73
CA LEU J 339 -21.42 41.64 -23.18
C LEU J 339 -22.16 40.81 -22.14
N VAL J 340 -23.01 39.92 -22.60
CA VAL J 340 -23.64 38.94 -21.73
C VAL J 340 -23.27 37.57 -22.28
N SER J 341 -22.40 36.86 -21.58
CA SER J 341 -22.03 35.53 -22.03
C SER J 341 -23.07 34.56 -21.50
N ALA J 342 -24.04 34.24 -22.33
CA ALA J 342 -25.14 33.40 -21.89
C ALA J 342 -24.75 31.94 -21.94
N ASP J 343 -24.23 31.43 -20.83
CA ASP J 343 -23.90 30.01 -20.77
C ASP J 343 -24.48 29.42 -19.49
N MET J 344 -24.99 28.19 -19.61
CA MET J 344 -25.83 27.60 -18.58
C MET J 344 -25.10 27.37 -17.27
N ALA J 345 -25.83 27.47 -16.18
CA ALA J 345 -25.29 27.41 -14.83
C ALA J 345 -25.67 26.11 -14.14
N HIS J 346 -24.90 25.76 -13.13
CA HIS J 346 -25.15 24.54 -12.37
C HIS J 346 -26.24 24.81 -11.34
N ALA J 347 -27.34 24.05 -11.44
CA ALA J 347 -28.40 24.13 -10.45
C ALA J 347 -28.02 23.30 -9.23
N MET J 348 -28.87 23.33 -8.21
CA MET J 348 -28.59 22.57 -7.01
C MET J 348 -28.96 21.11 -7.23
N HIS J 349 -28.01 20.22 -7.04
CA HIS J 349 -28.27 18.80 -7.15
C HIS J 349 -28.58 18.28 -5.76
N PRO J 350 -29.78 17.77 -5.50
CA PRO J 350 -30.14 17.36 -4.14
C PRO J 350 -29.39 16.13 -3.69
N ASN J 351 -28.94 15.32 -4.63
CA ASN J 351 -28.22 14.11 -4.30
C ASN J 351 -26.73 14.34 -4.11
N TYR J 352 -26.21 15.46 -4.56
CA TYR J 352 -24.79 15.74 -4.46
C TYR J 352 -24.58 17.09 -3.80
N SER J 353 -25.25 17.30 -2.67
CA SER J 353 -25.29 18.62 -2.05
C SER J 353 -23.94 19.03 -1.47
N SER J 354 -23.08 18.06 -1.17
CA SER J 354 -21.77 18.38 -0.65
C SER J 354 -20.82 18.94 -1.70
N ARG J 355 -21.18 18.88 -2.98
CA ARG J 355 -20.29 19.35 -4.03
C ARG J 355 -20.72 20.73 -4.53
N TYR J 356 -21.34 21.49 -3.63
CA TYR J 356 -21.96 22.78 -3.88
C TYR J 356 -21.74 23.68 -2.68
N GLU J 357 -21.66 24.98 -2.93
CA GLU J 357 -21.56 25.90 -1.82
C GLU J 357 -22.99 26.21 -1.39
N ASN J 358 -23.30 25.97 -0.12
CA ASN J 358 -24.67 25.81 0.33
C ASN J 358 -25.50 27.08 0.31
N SER J 359 -24.88 28.25 0.14
CA SER J 359 -25.62 29.50 0.16
C SER J 359 -25.63 30.24 -1.18
N ASN J 360 -24.70 29.96 -2.07
CA ASN J 360 -24.65 30.61 -3.38
C ASN J 360 -24.92 29.61 -4.49
N THR J 361 -25.89 28.73 -4.31
CA THR J 361 -26.20 27.80 -5.36
C THR J 361 -27.65 27.99 -5.78
N PRO J 362 -27.91 28.21 -7.05
CA PRO J 362 -29.28 28.50 -7.50
C PRO J 362 -30.14 27.25 -7.58
N PHE J 363 -31.40 27.48 -7.92
CA PHE J 363 -32.39 26.43 -8.02
C PHE J 363 -33.11 26.53 -9.35
N LEU J 364 -33.69 25.41 -9.78
CA LEU J 364 -34.45 25.39 -11.02
C LEU J 364 -35.74 26.19 -10.89
N ASN J 365 -36.09 26.85 -12.00
CA ASN J 365 -37.31 27.65 -12.15
C ASN J 365 -37.38 28.79 -11.14
N LYS J 366 -36.22 29.31 -10.75
CA LYS J 366 -36.15 30.47 -9.88
C LYS J 366 -35.45 31.64 -10.56
N GLY J 367 -35.39 31.62 -11.89
CA GLY J 367 -34.79 32.69 -12.66
C GLY J 367 -33.39 32.35 -13.12
N THR J 368 -32.88 33.20 -14.00
CA THR J 368 -31.53 33.02 -14.52
C THR J 368 -30.49 33.36 -13.46
N VAL J 369 -29.26 32.96 -13.72
CA VAL J 369 -28.25 32.86 -12.67
C VAL J 369 -27.05 33.71 -13.04
N ILE J 370 -26.67 34.63 -12.16
CA ILE J 370 -25.46 35.43 -12.36
C ILE J 370 -24.25 34.62 -11.88
N LYS J 371 -23.42 34.18 -12.80
CA LYS J 371 -22.27 33.35 -12.46
C LYS J 371 -21.09 34.23 -12.08
N VAL J 372 -20.65 34.11 -10.82
CA VAL J 372 -19.59 34.94 -10.27
C VAL J 372 -18.44 34.04 -9.85
N ASN J 373 -17.22 34.40 -10.25
CA ASN J 373 -16.05 33.63 -9.85
C ASN J 373 -14.89 34.59 -9.65
N ALA J 374 -14.18 34.43 -8.53
CA ALA J 374 -13.09 35.35 -8.20
C ALA J 374 -11.91 35.17 -9.14
N ASN J 375 -11.64 33.93 -9.53
CA ASN J 375 -10.54 33.65 -10.45
C ASN J 375 -10.90 33.99 -11.89
N GLN J 376 -12.09 34.55 -12.12
CA GLN J 376 -12.56 35.07 -13.40
C GLN J 376 -12.58 33.99 -14.46
N ARG J 377 -12.88 32.76 -14.03
CA ARG J 377 -13.38 31.76 -14.96
C ARG J 377 -14.74 32.19 -15.48
N TYR J 378 -15.56 32.78 -14.61
CA TYR J 378 -16.66 33.63 -15.01
C TYR J 378 -16.26 35.06 -14.68
N THR J 379 -16.41 35.95 -15.66
CA THR J 379 -15.81 37.27 -15.64
C THR J 379 -16.75 38.36 -15.16
N THR J 380 -17.69 38.00 -14.30
CA THR J 380 -18.65 38.95 -13.74
C THR J 380 -17.99 39.83 -12.69
N ASN J 381 -18.09 41.15 -12.87
CA ASN J 381 -17.72 42.11 -11.85
C ASN J 381 -18.97 42.83 -11.35
N SER J 382 -18.78 43.76 -10.42
CA SER J 382 -19.92 44.42 -9.80
C SER J 382 -20.60 45.39 -10.75
N ALA J 383 -19.85 45.94 -11.71
CA ALA J 383 -20.43 46.86 -12.67
C ALA J 383 -21.45 46.16 -13.56
N GLY J 384 -21.23 44.88 -13.82
CA GLY J 384 -22.22 44.12 -14.56
C GLY J 384 -23.42 43.74 -13.72
N ILE J 385 -23.20 43.49 -12.42
CA ILE J 385 -24.28 43.03 -11.55
C ILE J 385 -25.31 44.12 -11.35
N VAL J 386 -24.87 45.37 -11.19
CA VAL J 386 -25.79 46.49 -11.01
C VAL J 386 -26.60 46.71 -12.27
N LEU J 387 -25.99 46.51 -13.44
CA LEU J 387 -26.72 46.67 -14.69
C LEU J 387 -27.80 45.61 -14.85
N LEU J 388 -27.46 44.35 -14.60
CA LEU J 388 -28.43 43.29 -14.78
C LEU J 388 -29.36 43.11 -13.60
N LYS J 389 -29.08 43.75 -12.45
CA LYS J 389 -30.11 43.83 -11.43
C LYS J 389 -31.13 44.90 -11.80
N LYS J 390 -30.68 45.95 -12.48
CA LYS J 390 -31.61 46.97 -12.96
C LYS J 390 -32.46 46.44 -14.10
N VAL J 391 -31.87 45.59 -14.95
CA VAL J 391 -32.62 44.98 -16.04
C VAL J 391 -33.68 44.03 -15.50
N ALA J 392 -33.32 43.24 -14.48
CA ALA J 392 -34.27 42.32 -13.87
C ALA J 392 -35.34 43.07 -13.10
N GLN J 393 -35.01 44.25 -12.57
CA GLN J 393 -36.02 45.09 -11.95
C GLN J 393 -37.00 45.62 -12.99
N LEU J 394 -36.51 45.96 -14.17
CA LEU J 394 -37.39 46.45 -15.22
C LEU J 394 -38.23 45.33 -15.82
N ALA J 395 -37.64 44.16 -15.98
CA ALA J 395 -38.35 43.04 -16.57
C ALA J 395 -39.26 42.32 -15.59
N ASP J 396 -39.08 42.57 -14.29
CA ASP J 396 -39.78 41.89 -13.20
C ASP J 396 -39.60 40.37 -13.30
N VAL J 397 -38.34 39.94 -13.33
CA VAL J 397 -38.02 38.52 -13.31
C VAL J 397 -36.99 38.30 -12.19
N PRO J 398 -36.99 37.15 -11.53
CA PRO J 398 -35.97 36.92 -10.51
C PRO J 398 -34.64 36.52 -11.14
N ILE J 399 -33.57 36.85 -10.43
CA ILE J 399 -32.23 36.39 -10.80
C ILE J 399 -31.56 35.81 -9.57
N GLN J 400 -30.68 34.84 -9.80
CA GLN J 400 -29.93 34.18 -8.75
C GLN J 400 -28.44 34.35 -9.00
N SER J 401 -27.63 33.79 -8.11
CA SER J 401 -26.20 33.89 -8.22
C SER J 401 -25.57 32.53 -7.97
N PHE J 402 -24.38 32.33 -8.55
CA PHE J 402 -23.67 31.07 -8.42
C PHE J 402 -22.20 31.35 -8.19
N VAL J 403 -21.59 30.63 -7.25
CA VAL J 403 -20.15 30.48 -7.17
C VAL J 403 -19.86 29.00 -7.04
N VAL J 404 -18.65 28.63 -7.35
CA VAL J 404 -18.20 27.26 -7.14
C VAL J 404 -17.66 27.14 -5.73
N ARG J 405 -17.50 25.91 -5.27
CA ARG J 405 -16.77 25.71 -4.04
C ARG J 405 -15.29 26.02 -4.25
N ASN J 406 -14.65 26.44 -3.17
CA ASN J 406 -13.24 26.80 -3.20
C ASN J 406 -12.35 25.59 -3.34
N ASP J 407 -12.83 24.40 -2.94
CA ASP J 407 -12.10 23.17 -3.18
C ASP J 407 -12.55 22.48 -4.45
N SER J 408 -13.08 23.23 -5.40
CA SER J 408 -13.59 22.71 -6.65
C SER J 408 -12.97 23.47 -7.81
N PRO J 409 -12.64 22.77 -8.89
CA PRO J 409 -12.15 23.47 -10.09
C PRO J 409 -13.31 24.15 -10.81
N CYS J 410 -12.95 25.16 -11.60
CA CYS J 410 -13.92 25.88 -12.41
C CYS J 410 -13.39 26.02 -13.83
N GLY J 411 -14.27 25.86 -14.79
CA GLY J 411 -13.90 25.96 -16.20
C GLY J 411 -14.33 27.32 -16.76
N SER J 412 -13.44 27.91 -17.54
CA SER J 412 -13.72 29.20 -18.15
C SER J 412 -14.76 29.06 -19.25
N THR J 413 -15.60 30.07 -19.36
CA THR J 413 -16.52 30.19 -20.48
C THR J 413 -15.91 31.08 -21.55
N ILE J 414 -16.71 31.44 -22.55
CA ILE J 414 -16.21 32.32 -23.60
C ILE J 414 -16.17 33.76 -23.14
N GLY J 415 -16.85 34.08 -22.05
CA GLY J 415 -16.93 35.41 -21.51
C GLY J 415 -15.63 36.10 -21.16
N PRO J 416 -14.73 35.42 -20.42
CA PRO J 416 -13.41 36.03 -20.16
C PRO J 416 -12.60 36.35 -21.39
N LYS J 417 -12.65 35.51 -22.42
CA LYS J 417 -11.73 35.74 -23.52
C LYS J 417 -12.36 36.67 -24.56
N LEU J 418 -13.69 36.66 -24.66
CA LEU J 418 -14.38 37.66 -25.47
C LEU J 418 -14.26 39.05 -24.85
N ALA J 419 -14.14 39.11 -23.52
CA ALA J 419 -13.83 40.38 -22.87
C ALA J 419 -12.43 40.85 -23.25
N ALA J 420 -11.50 39.92 -23.42
CA ALA J 420 -10.12 40.30 -23.69
C ALA J 420 -9.96 40.89 -25.09
N MET J 421 -10.56 40.27 -26.09
CA MET J 421 -10.37 40.75 -27.45
C MET J 421 -11.20 41.96 -27.78
N THR J 422 -12.15 42.33 -26.91
CA THR J 422 -12.96 43.50 -27.13
C THR J 422 -12.73 44.61 -26.13
N GLY J 423 -12.27 44.28 -24.93
CA GLY J 423 -12.19 45.29 -23.90
C GLY J 423 -13.53 45.69 -23.35
N MET J 424 -14.52 44.84 -23.50
CA MET J 424 -15.91 45.20 -23.27
C MET J 424 -16.31 44.73 -21.89
N ARG J 425 -17.06 45.57 -21.19
CA ARG J 425 -17.60 45.20 -19.88
C ARG J 425 -18.57 44.03 -20.07
N THR J 426 -18.55 43.10 -19.12
CA THR J 426 -19.21 41.84 -19.39
C THR J 426 -19.63 41.14 -18.12
N LEU J 427 -20.61 40.24 -18.28
CA LEU J 427 -21.13 39.40 -17.23
C LEU J 427 -21.40 38.03 -17.81
N ASP J 428 -21.15 36.99 -17.02
CA ASP J 428 -21.46 35.62 -17.40
C ASP J 428 -22.73 35.22 -16.67
N LEU J 429 -23.81 34.98 -17.42
CA LEU J 429 -25.02 34.45 -16.80
C LEU J 429 -25.49 33.23 -17.58
N GLY J 430 -26.53 32.60 -17.04
CA GLY J 430 -27.15 31.48 -17.72
C GLY J 430 -28.24 30.91 -16.85
N ASN J 431 -29.00 30.04 -17.44
CA ASN J 431 -30.12 29.46 -16.72
C ASN J 431 -29.67 28.20 -16.00
N PRO J 432 -30.23 27.88 -14.83
CA PRO J 432 -29.73 26.74 -14.06
C PRO J 432 -30.14 25.42 -14.68
N MET J 433 -29.31 24.42 -14.46
CA MET J 433 -29.55 23.08 -14.99
C MET J 433 -28.71 22.08 -14.20
N LEU J 434 -29.09 20.82 -14.32
CA LEU J 434 -28.34 19.72 -13.74
C LEU J 434 -27.84 18.79 -14.83
N SER J 435 -26.77 18.05 -14.48
CA SER J 435 -26.08 17.10 -15.36
C SER J 435 -25.59 17.78 -16.63
N MET J 436 -24.73 18.77 -16.46
CA MET J 436 -24.15 19.45 -17.60
C MET J 436 -23.15 18.53 -18.28
N HIS J 437 -23.09 18.61 -19.62
CA HIS J 437 -22.28 17.76 -20.50
C HIS J 437 -22.66 16.30 -20.38
N SER J 438 -23.91 16.00 -20.07
CA SER J 438 -24.40 14.65 -20.15
C SER J 438 -25.02 14.40 -21.52
N CYS J 439 -25.36 13.14 -21.77
CA CYS J 439 -26.02 12.82 -23.02
C CYS J 439 -27.45 13.34 -23.02
N ARG J 440 -28.11 13.28 -21.87
CA ARG J 440 -29.43 13.86 -21.69
C ARG J 440 -29.37 14.75 -20.46
N GLU J 441 -29.97 15.93 -20.57
CA GLU J 441 -29.72 17.01 -19.63
C GLU J 441 -31.05 17.56 -19.14
N MET J 442 -31.06 18.11 -17.93
CA MET J 442 -32.29 18.54 -17.29
C MET J 442 -32.20 19.99 -16.83
N CYS J 443 -33.22 20.78 -17.18
CA CYS J 443 -33.34 22.16 -16.72
C CYS J 443 -34.81 22.45 -16.47
N GLY J 444 -35.08 23.60 -15.86
CA GLY J 444 -36.45 23.99 -15.61
C GLY J 444 -37.15 24.56 -16.83
N SER J 445 -38.47 24.52 -16.82
CA SER J 445 -39.23 24.95 -17.98
C SER J 445 -39.70 26.40 -17.87
N LYS J 446 -39.88 26.91 -16.65
CA LYS J 446 -40.16 28.33 -16.49
C LYS J 446 -38.93 29.17 -16.82
N ASP J 447 -37.75 28.57 -16.74
CA ASP J 447 -36.50 29.30 -16.89
C ASP J 447 -36.29 29.80 -18.32
N PHE J 448 -36.93 29.18 -19.31
CA PHE J 448 -36.80 29.66 -20.68
C PHE J 448 -37.50 30.98 -20.89
N GLU J 449 -38.69 31.13 -20.30
CA GLU J 449 -39.45 32.36 -20.44
C GLU J 449 -38.81 33.49 -19.64
N TYR J 450 -38.22 33.16 -18.50
CA TYR J 450 -37.56 34.16 -17.68
C TYR J 450 -36.33 34.72 -18.37
N ALA J 451 -35.63 33.89 -19.14
CA ALA J 451 -34.43 34.35 -19.82
C ALA J 451 -34.77 35.25 -21.00
N VAL J 452 -35.85 34.92 -21.72
CA VAL J 452 -36.22 35.69 -22.91
C VAL J 452 -36.74 37.06 -22.50
N VAL J 453 -37.49 37.12 -21.40
CA VAL J 453 -37.99 38.39 -20.90
C VAL J 453 -36.85 39.26 -20.40
N LEU J 454 -35.89 38.65 -19.71
CA LEU J 454 -34.72 39.39 -19.21
C LEU J 454 -33.87 39.93 -20.34
N PHE J 455 -33.65 39.10 -21.37
CA PHE J 455 -32.76 39.50 -22.46
C PHE J 455 -33.39 40.56 -23.34
N SER J 456 -34.68 40.43 -23.61
CA SER J 456 -35.36 41.45 -24.39
C SER J 456 -35.42 42.77 -23.64
N SER J 457 -35.52 42.71 -22.32
CA SER J 457 -35.43 43.91 -21.52
C SER J 457 -34.02 44.46 -21.50
N PHE J 458 -33.02 43.57 -21.55
CA PHE J 458 -31.64 44.02 -21.64
C PHE J 458 -31.37 44.69 -22.98
N PHE J 459 -31.96 44.16 -24.05
CA PHE J 459 -31.77 44.76 -25.36
C PHE J 459 -32.50 46.10 -25.47
N GLN J 460 -33.70 46.18 -24.92
CA GLN J 460 -34.50 47.39 -25.07
C GLN J 460 -34.08 48.51 -24.14
N ASN J 461 -33.50 48.19 -22.99
CA ASN J 461 -33.18 49.21 -21.99
C ASN J 461 -31.69 49.34 -21.75
N PHE J 462 -30.84 48.92 -22.68
CA PHE J 462 -29.41 49.00 -22.45
C PHE J 462 -28.92 50.44 -22.47
N ALA J 463 -29.38 51.23 -23.45
CA ALA J 463 -28.82 52.56 -23.66
C ALA J 463 -29.16 53.50 -22.50
N ASN J 464 -30.32 53.30 -21.88
CA ASN J 464 -30.69 54.15 -20.76
C ASN J 464 -29.92 53.77 -19.50
N LEU J 465 -29.68 52.48 -19.28
CA LEU J 465 -29.09 52.07 -18.02
C LEU J 465 -27.57 52.03 -18.06
N GLU J 466 -26.99 52.13 -19.26
CA GLU J 466 -25.54 52.10 -19.41
C GLU J 466 -24.90 53.41 -18.94
N GLU J 467 -25.63 54.52 -19.11
CA GLU J 467 -25.14 55.81 -18.68
C GLU J 467 -25.43 56.08 -17.21
N LYS J 468 -26.17 55.22 -16.54
CA LYS J 468 -26.42 55.34 -15.11
C LYS J 468 -25.39 54.63 -14.27
N ILE J 469 -24.50 53.85 -14.86
CA ILE J 469 -23.43 53.18 -14.12
C ILE J 469 -22.17 53.99 -14.36
N ILE J 470 -21.65 54.61 -13.31
CA ILE J 470 -20.56 55.56 -13.44
C ILE J 470 -19.29 54.90 -12.91
N ILE J 471 -18.50 54.36 -13.83
CA ILE J 471 -17.13 53.95 -13.57
C ILE J 471 -16.26 54.82 -14.47
N ASP J 472 -15.04 55.11 -14.03
CA ASP J 472 -14.01 55.81 -14.82
C ASP J 472 -14.46 57.22 -15.20
N GLU J 473 -14.66 58.08 -14.19
CA GLU J 473 -14.88 59.49 -14.47
C GLU J 473 -13.65 60.32 -14.14
N GLY J 474 -13.75 61.63 -14.31
CA GLY J 474 -12.62 62.49 -13.99
C GLY J 474 -12.48 62.67 -12.49
N PHE J 475 -11.33 63.22 -12.11
CA PHE J 475 -10.98 63.35 -10.69
C PHE J 475 -10.93 64.82 -10.27
N SER J 493 -57.73 23.86 -16.81
CA SER J 493 -56.36 23.38 -16.78
C SER J 493 -55.81 23.20 -18.21
N VAL J 494 -56.58 23.64 -19.20
CA VAL J 494 -56.22 23.52 -20.60
C VAL J 494 -56.23 24.92 -21.20
N ALA J 495 -55.20 25.26 -21.96
CA ALA J 495 -55.14 26.52 -22.68
C ALA J 495 -55.04 26.26 -24.18
N CYS J 496 -54.91 27.36 -24.94
CA CYS J 496 -54.88 27.31 -26.39
C CYS J 496 -53.47 27.63 -26.87
N ASN J 497 -53.00 26.89 -27.88
CA ASN J 497 -51.65 27.12 -28.39
C ASN J 497 -51.56 28.38 -29.24
N THR J 498 -52.68 28.85 -29.78
CA THR J 498 -52.65 30.06 -30.59
C THR J 498 -52.67 31.31 -29.72
N CYS J 499 -53.75 31.50 -28.95
CA CYS J 499 -53.83 32.57 -27.97
C CYS J 499 -53.52 31.97 -26.61
N LEU J 500 -52.48 32.47 -25.96
CA LEU J 500 -51.94 31.85 -24.76
C LEU J 500 -52.76 32.27 -23.53
N LYS J 501 -53.99 31.77 -23.48
CA LYS J 501 -54.94 32.11 -22.44
C LYS J 501 -55.64 30.85 -21.96
N ILE J 502 -55.90 30.79 -20.65
CA ILE J 502 -56.62 29.67 -20.07
C ILE J 502 -58.08 29.80 -20.48
N ILE J 503 -58.59 28.79 -21.15
CA ILE J 503 -59.94 28.87 -21.70
C ILE J 503 -60.94 28.51 -20.62
N ARG J 504 -62.18 28.95 -20.81
CA ARG J 504 -63.21 28.85 -19.78
C ARG J 504 -64.43 28.11 -20.31
N ASN J 505 -64.26 27.35 -21.39
CA ASN J 505 -65.36 26.77 -22.12
C ASN J 505 -64.88 25.50 -22.81
N ASP J 506 -65.62 25.07 -23.83
CA ASP J 506 -65.30 23.85 -24.57
C ASP J 506 -63.94 23.95 -25.26
N SER J 507 -63.25 22.80 -25.32
CA SER J 507 -61.93 22.71 -25.90
C SER J 507 -61.95 21.74 -27.07
N PHE J 508 -61.24 22.12 -28.13
CA PHE J 508 -61.15 21.32 -29.34
C PHE J 508 -59.81 20.61 -29.34
N HIS J 509 -59.85 19.31 -29.08
CA HIS J 509 -58.63 18.52 -28.88
C HIS J 509 -58.25 17.85 -30.19
N CYS J 510 -57.06 18.17 -30.69
CA CYS J 510 -56.50 17.48 -31.84
C CYS J 510 -56.16 16.06 -31.42
N THR J 511 -56.83 15.09 -32.03
CA THR J 511 -56.54 13.69 -31.74
C THR J 511 -55.31 13.18 -32.46
N LYS J 512 -54.76 13.97 -33.38
CA LYS J 512 -53.62 13.53 -34.16
C LYS J 512 -52.29 14.02 -33.60
N CYS J 513 -52.26 15.20 -32.98
CA CYS J 513 -51.09 15.66 -32.26
C CYS J 513 -51.19 15.17 -30.81
N PHE J 514 -50.32 15.71 -29.95
CA PHE J 514 -50.26 15.25 -28.57
C PHE J 514 -51.13 16.12 -27.65
N ASP J 515 -50.85 17.41 -27.60
CA ASP J 515 -51.44 18.31 -26.60
C ASP J 515 -51.79 19.67 -27.22
N PHE J 516 -52.47 19.64 -28.37
CA PHE J 516 -52.57 20.86 -29.17
C PHE J 516 -53.66 21.81 -28.66
N ASP J 517 -54.93 21.37 -28.69
CA ASP J 517 -56.03 21.93 -27.90
C ASP J 517 -56.32 23.41 -28.20
N VAL J 518 -56.82 23.67 -29.40
CA VAL J 518 -57.29 25.02 -29.72
C VAL J 518 -58.59 25.33 -29.00
N CYS J 519 -58.98 26.61 -29.04
CA CYS J 519 -60.10 27.11 -28.27
C CYS J 519 -61.32 27.33 -29.16
N ARG J 520 -62.38 27.84 -28.52
CA ARG J 520 -63.64 28.22 -29.16
C ARG J 520 -63.47 29.19 -30.31
N ASP J 521 -62.77 30.30 -30.04
CA ASP J 521 -62.66 31.36 -31.03
C ASP J 521 -61.69 30.97 -32.14
N CYS J 522 -60.57 30.35 -31.78
CA CYS J 522 -59.55 30.01 -32.78
C CYS J 522 -59.97 28.83 -33.64
N TYR J 523 -60.94 28.04 -33.19
CA TYR J 523 -61.46 26.96 -34.03
C TYR J 523 -62.22 27.53 -35.22
N ALA J 524 -63.01 28.58 -34.99
CA ALA J 524 -63.66 29.27 -36.10
C ALA J 524 -62.70 30.19 -36.84
N LYS J 525 -61.59 30.58 -36.22
CA LYS J 525 -60.65 31.51 -36.80
C LYS J 525 -59.64 30.82 -37.72
N GLN J 526 -59.67 29.47 -37.75
CA GLN J 526 -58.84 28.63 -38.63
C GLN J 526 -57.34 28.83 -38.39
N ALA J 527 -56.94 29.06 -37.14
CA ALA J 527 -55.56 29.37 -36.80
C ALA J 527 -54.80 28.17 -36.23
N PHE J 528 -55.24 26.96 -36.55
CA PHE J 528 -54.70 25.73 -35.98
C PHE J 528 -53.56 25.09 -36.79
N LEU J 529 -52.56 25.89 -37.12
CA LEU J 529 -51.39 25.39 -37.86
C LEU J 529 -50.34 24.73 -36.94
N HIS J 530 -50.15 23.42 -37.10
CA HIS J 530 -49.18 22.63 -36.34
C HIS J 530 -48.76 21.46 -37.21
N PRO J 531 -47.65 20.73 -36.88
CA PRO J 531 -47.27 19.59 -37.73
C PRO J 531 -48.21 18.39 -37.73
N CYS J 532 -49.44 18.61 -38.18
CA CYS J 532 -50.37 17.53 -38.52
C CYS J 532 -51.13 18.00 -39.75
N PRO J 533 -50.99 17.30 -40.88
CA PRO J 533 -51.64 17.76 -42.13
C PRO J 533 -53.16 17.84 -42.07
N LYS J 534 -53.82 16.89 -41.42
CA LYS J 534 -55.25 17.04 -41.13
C LYS J 534 -55.51 16.63 -39.68
N PRO J 535 -55.87 17.59 -38.83
CA PRO J 535 -56.20 17.28 -37.44
C PRO J 535 -57.68 17.06 -37.22
N HIS J 536 -57.99 16.19 -36.26
CA HIS J 536 -59.37 15.92 -35.86
C HIS J 536 -59.60 16.54 -34.50
N PHE J 537 -60.45 17.56 -34.44
CA PHE J 537 -60.71 18.26 -33.20
C PHE J 537 -62.00 17.79 -32.59
N VAL J 538 -61.90 16.95 -31.56
CA VAL J 538 -63.04 16.56 -30.77
C VAL J 538 -63.29 17.63 -29.72
N LEU J 539 -64.55 17.95 -29.51
CA LEU J 539 -64.94 19.01 -28.58
C LEU J 539 -65.24 18.43 -27.20
N VAL J 540 -64.67 19.09 -26.18
CA VAL J 540 -64.59 18.53 -24.84
C VAL J 540 -65.19 19.52 -23.84
N ARG J 541 -66.07 19.02 -22.96
CA ARG J 541 -66.68 19.81 -21.90
C ARG J 541 -65.68 20.43 -20.93
N SER J 542 -66.05 21.62 -20.47
CA SER J 542 -65.35 22.41 -19.44
C SER J 542 -63.90 22.69 -19.76
N MET K 1 24.94 8.68 -56.80
CA MET K 1 23.78 8.68 -55.94
C MET K 1 23.16 7.29 -56.01
N GLN K 2 23.48 6.48 -55.01
CA GLN K 2 23.12 5.07 -55.01
C GLN K 2 21.61 4.91 -54.83
N LEU K 3 21.01 4.15 -55.74
CA LEU K 3 19.56 3.90 -55.72
C LEU K 3 19.35 2.41 -55.47
N HIS K 4 18.92 2.07 -54.26
CA HIS K 4 18.84 0.67 -53.86
C HIS K 4 17.58 0.00 -54.41
N GLY K 5 16.44 0.69 -54.33
CA GLY K 5 15.22 0.16 -54.92
C GLY K 5 14.03 1.08 -54.80
N LYS K 6 13.33 1.28 -55.92
CA LYS K 6 12.16 2.17 -56.05
C LYS K 6 12.49 3.58 -55.56
N MET K 7 13.46 4.21 -56.23
CA MET K 7 14.16 5.31 -55.61
C MET K 7 14.02 6.63 -56.34
N THR K 8 13.71 6.61 -57.64
CA THR K 8 13.25 7.67 -58.56
C THR K 8 14.16 8.89 -58.69
N ALA K 9 15.31 8.90 -58.02
CA ALA K 9 16.41 9.85 -58.20
C ALA K 9 16.09 11.32 -57.93
N THR K 10 14.84 11.63 -57.60
CA THR K 10 14.41 12.98 -57.24
C THR K 10 13.99 13.06 -55.79
N ALA K 11 13.39 11.99 -55.27
CA ALA K 11 13.10 11.90 -53.85
C ALA K 11 14.39 11.85 -53.04
N LYS K 12 15.40 11.13 -53.54
CA LYS K 12 16.69 11.10 -52.88
C LYS K 12 17.38 12.46 -52.95
N SER K 13 17.29 13.13 -54.10
CA SER K 13 17.94 14.42 -54.25
C SER K 13 17.25 15.49 -53.42
N CYS K 14 15.93 15.39 -53.27
CA CYS K 14 15.23 16.30 -52.38
C CYS K 14 15.57 15.99 -50.93
N ALA K 15 15.74 14.71 -50.59
CA ALA K 15 16.12 14.36 -49.22
C ALA K 15 17.55 14.73 -48.94
N LEU K 16 18.44 14.61 -49.93
CA LEU K 16 19.83 15.01 -49.75
C LEU K 16 19.95 16.52 -49.60
N ASP K 17 19.06 17.27 -50.25
CA ASP K 17 19.04 18.71 -50.07
C ASP K 17 18.54 19.08 -48.69
N PHE K 18 17.66 18.27 -48.11
CA PHE K 18 17.24 18.49 -46.74
C PHE K 18 18.38 18.25 -45.77
N LEU K 19 19.22 17.26 -46.06
CA LEU K 19 20.31 16.90 -45.16
C LEU K 19 21.33 18.02 -45.07
N ASP K 20 21.58 18.72 -46.18
CA ASP K 20 22.46 19.88 -46.14
C ASP K 20 21.82 21.02 -45.37
N PHE K 21 20.49 21.13 -45.43
CA PHE K 21 19.81 22.23 -44.76
C PHE K 21 19.79 22.03 -43.26
N VAL K 22 19.48 20.82 -42.79
CA VAL K 22 19.29 20.63 -41.36
C VAL K 22 20.64 20.47 -40.67
N ASN K 23 21.68 20.07 -41.38
CA ASN K 23 23.00 20.00 -40.77
C ASN K 23 23.60 21.38 -40.58
N ALA K 24 23.17 22.36 -41.35
CA ALA K 24 23.65 23.73 -41.22
C ALA K 24 22.73 24.57 -40.35
N SER K 25 21.64 24.02 -39.86
CA SER K 25 20.64 24.79 -39.12
C SER K 25 20.29 24.09 -37.81
N PRO K 26 21.13 24.25 -36.78
CA PRO K 26 20.79 23.66 -35.48
C PRO K 26 20.00 24.57 -34.57
N THR K 27 19.89 25.85 -34.89
CA THR K 27 19.19 26.83 -34.08
C THR K 27 18.13 27.45 -34.97
N PRO K 28 17.09 28.05 -34.39
CA PRO K 28 16.20 28.88 -35.21
C PRO K 28 16.88 30.07 -35.84
N TYR K 29 17.92 30.61 -35.20
CA TYR K 29 18.70 31.68 -35.80
C TYR K 29 19.44 31.19 -37.03
N HIS K 30 19.99 29.97 -36.98
CA HIS K 30 20.63 29.42 -38.16
C HIS K 30 19.60 28.99 -39.18
N ALA K 31 18.44 28.52 -38.72
CA ALA K 31 17.38 28.09 -39.64
C ALA K 31 16.87 29.26 -40.45
N VAL K 32 16.63 30.40 -39.81
CA VAL K 32 16.19 31.59 -40.52
C VAL K 32 17.28 32.11 -41.45
N GLN K 33 18.53 31.99 -41.02
CA GLN K 33 19.66 32.43 -41.84
C GLN K 33 19.79 31.57 -43.09
N ASN K 34 19.59 30.26 -42.97
CA ASN K 34 19.71 29.40 -44.14
C ASN K 34 18.50 29.52 -45.05
N LEU K 35 17.31 29.76 -44.50
CA LEU K 35 16.15 29.98 -45.35
C LEU K 35 16.27 31.27 -46.13
N ALA K 36 16.79 32.31 -45.49
CA ALA K 36 16.85 33.61 -46.14
C ALA K 36 17.92 33.65 -47.21
N GLU K 37 19.00 32.89 -47.05
CA GLU K 37 19.96 32.77 -48.14
C GLU K 37 19.35 32.01 -49.30
N HIS K 38 18.49 31.03 -49.03
CA HIS K 38 17.81 30.34 -50.10
C HIS K 38 16.77 31.24 -50.75
N TYR K 39 16.16 32.13 -49.97
CA TYR K 39 15.16 33.04 -50.52
C TYR K 39 15.81 34.09 -51.43
N MET K 40 16.91 34.68 -50.99
CA MET K 40 17.58 35.68 -51.81
C MET K 40 18.29 35.07 -52.99
N SER K 41 18.62 33.78 -52.93
CA SER K 41 19.14 33.09 -54.10
C SER K 41 18.06 32.94 -55.15
N HIS K 42 16.81 32.83 -54.73
CA HIS K 42 15.70 32.71 -55.64
C HIS K 42 15.02 34.03 -55.93
N GLY K 43 15.65 35.15 -55.57
CA GLY K 43 15.19 36.45 -55.98
C GLY K 43 14.33 37.20 -55.01
N PHE K 44 14.21 36.74 -53.76
CA PHE K 44 13.39 37.43 -52.80
C PHE K 44 14.10 38.69 -52.31
N GLN K 45 13.33 39.64 -51.82
CA GLN K 45 13.87 40.90 -51.32
C GLN K 45 13.61 41.02 -49.83
N TYR K 46 14.61 41.46 -49.09
CA TYR K 46 14.45 41.66 -47.66
C TYR K 46 13.63 42.91 -47.40
N LEU K 47 12.69 42.81 -46.47
CA LEU K 47 11.91 43.96 -46.03
C LEU K 47 12.21 44.22 -44.56
N SER K 48 12.61 45.43 -44.25
CA SER K 48 12.73 45.85 -42.87
C SER K 48 11.34 46.16 -42.35
N GLU K 49 11.02 45.64 -41.17
CA GLU K 49 9.72 45.90 -40.60
C GLU K 49 9.64 47.30 -40.02
N LYS K 50 10.79 47.94 -39.78
CA LYS K 50 10.83 49.34 -39.39
C LYS K 50 10.37 50.27 -40.50
N SER K 51 10.49 49.85 -41.76
CA SER K 51 10.16 50.72 -42.87
C SER K 51 8.67 50.66 -43.16
N ASP K 52 8.24 51.52 -44.08
CA ASP K 52 6.86 51.55 -44.54
C ASP K 52 6.79 50.92 -45.92
N TRP K 53 5.85 50.00 -46.10
CA TRP K 53 5.81 49.17 -47.28
C TRP K 53 4.87 49.69 -48.36
N GLN K 54 4.39 50.92 -48.25
CA GLN K 54 3.44 51.44 -49.21
C GLN K 54 4.06 51.61 -50.59
N SER K 55 5.35 51.93 -50.63
CA SER K 55 6.05 52.12 -51.90
C SER K 55 7.09 51.04 -52.14
N LYS K 56 7.20 50.05 -51.27
CA LYS K 56 8.26 49.07 -51.37
C LYS K 56 7.82 47.75 -51.97
N ILE K 57 6.55 47.39 -51.85
CA ILE K 57 6.05 46.12 -52.35
C ILE K 57 5.14 46.39 -53.54
N GLU K 58 5.26 45.57 -54.57
CA GLU K 58 4.45 45.69 -55.76
C GLU K 58 4.15 44.29 -56.26
N PRO K 59 3.04 44.10 -56.97
CA PRO K 59 2.67 42.75 -57.43
C PRO K 59 3.67 42.19 -58.43
N GLY K 60 3.82 40.86 -58.39
CA GLY K 60 4.75 40.17 -59.26
C GLY K 60 6.10 39.89 -58.66
N ASN K 61 6.35 40.29 -57.42
CA ASN K 61 7.65 40.11 -56.80
C ASN K 61 7.52 39.35 -55.49
N SER K 62 8.67 38.92 -54.98
CA SER K 62 8.74 38.10 -53.78
C SER K 62 9.56 38.80 -52.72
N TYR K 63 9.06 38.75 -51.49
CA TYR K 63 9.62 39.45 -50.34
C TYR K 63 9.68 38.52 -49.14
N PHE K 64 10.53 38.86 -48.20
CA PHE K 64 10.54 38.17 -46.91
C PHE K 64 10.88 39.16 -45.81
N VAL K 65 10.34 38.91 -44.62
CA VAL K 65 10.52 39.77 -43.47
C VAL K 65 10.94 38.89 -42.31
N THR K 66 11.66 39.45 -41.35
CA THR K 66 12.27 38.70 -40.28
C THR K 66 12.05 39.40 -38.95
N ARG K 67 11.68 38.64 -37.92
CA ARG K 67 11.49 39.16 -36.58
C ARG K 67 12.44 38.42 -35.65
N ASN K 68 13.28 39.18 -34.93
CA ASN K 68 14.22 38.73 -33.91
C ASN K 68 15.27 37.78 -34.48
N LYS K 69 15.45 37.77 -35.81
CA LYS K 69 16.32 36.85 -36.57
C LYS K 69 16.00 35.38 -36.29
N SER K 70 14.78 35.08 -35.84
CA SER K 70 14.39 33.73 -35.47
C SER K 70 13.01 33.35 -35.97
N SER K 71 12.21 34.30 -36.43
CA SER K 71 10.99 34.01 -37.16
C SER K 71 11.09 34.70 -38.50
N ILE K 72 10.67 34.01 -39.56
CA ILE K 72 10.74 34.55 -40.90
C ILE K 72 9.42 34.30 -41.61
N ILE K 73 8.95 35.32 -42.32
CA ILE K 73 7.75 35.22 -43.14
C ILE K 73 8.14 35.61 -44.55
N ALA K 74 8.04 34.68 -45.48
CA ALA K 74 8.28 34.95 -46.88
C ALA K 74 6.98 34.91 -47.65
N PHE K 75 6.78 35.90 -48.51
CA PHE K 75 5.55 35.94 -49.28
C PHE K 75 5.85 36.37 -50.70
N SER K 76 5.15 35.76 -51.65
CA SER K 76 5.22 36.13 -53.05
C SER K 76 3.87 36.66 -53.49
N ILE K 77 3.86 37.85 -54.05
CA ILE K 77 2.63 38.51 -54.47
C ILE K 77 2.46 38.27 -55.95
N GLY K 78 1.31 37.72 -56.33
CA GLY K 78 1.05 37.47 -57.74
C GLY K 78 0.84 38.75 -58.51
N LYS K 79 1.07 38.68 -59.82
CA LYS K 79 0.94 39.87 -60.66
C LYS K 79 -0.52 40.29 -60.79
N LYS K 80 -1.43 39.33 -60.84
CA LYS K 80 -2.85 39.62 -60.94
C LYS K 80 -3.52 39.77 -59.59
N TRP K 81 -2.75 40.07 -58.55
CA TRP K 81 -3.30 40.18 -57.21
C TRP K 81 -3.80 41.58 -56.95
N LYS K 82 -5.00 41.68 -56.45
CA LYS K 82 -5.58 42.91 -55.98
C LYS K 82 -5.67 42.86 -54.46
N PRO K 83 -5.61 44.01 -53.78
CA PRO K 83 -5.83 44.02 -52.34
C PRO K 83 -7.26 43.63 -52.00
N GLY K 84 -7.39 42.52 -51.30
CA GLY K 84 -8.69 41.96 -51.02
C GLY K 84 -8.76 40.51 -51.43
N ASN K 85 -7.83 40.09 -52.27
CA ASN K 85 -7.76 38.69 -52.65
C ASN K 85 -7.15 37.87 -51.53
N GLY K 86 -7.33 36.56 -51.62
CA GLY K 86 -6.95 35.67 -50.55
C GLY K 86 -5.46 35.43 -50.44
N PHE K 87 -5.10 34.69 -49.40
CA PHE K 87 -3.73 34.29 -49.12
C PHE K 87 -3.65 32.78 -49.07
N SER K 88 -2.60 32.22 -49.65
CA SER K 88 -2.32 30.80 -49.51
C SER K 88 -1.11 30.67 -48.60
N ILE K 89 -1.35 30.24 -47.37
CA ILE K 89 -0.36 30.33 -46.29
C ILE K 89 -0.01 28.92 -45.82
N ILE K 90 1.29 28.63 -45.75
CA ILE K 90 1.78 27.37 -45.20
C ILE K 90 2.72 27.71 -44.06
N ALA K 91 2.30 27.45 -42.83
CA ALA K 91 3.00 27.90 -41.64
C ALA K 91 3.72 26.74 -40.96
N THR K 92 5.01 26.91 -40.70
CA THR K 92 5.84 25.97 -39.96
C THR K 92 6.43 26.68 -38.73
N HIS K 93 7.32 25.98 -38.02
CA HIS K 93 8.03 26.57 -36.90
C HIS K 93 9.48 26.15 -36.97
N THR K 94 10.39 27.05 -36.59
CA THR K 94 11.82 26.79 -36.75
C THR K 94 12.47 26.15 -35.52
N ASP K 95 11.77 26.08 -34.40
CA ASP K 95 12.44 25.66 -33.18
C ASP K 95 12.23 24.18 -32.91
N SER K 96 13.04 23.64 -32.02
CA SER K 96 13.02 22.24 -31.64
C SER K 96 13.32 22.13 -30.15
N PRO K 97 12.88 21.07 -29.49
CA PRO K 97 13.23 20.90 -28.08
C PRO K 97 14.72 20.64 -27.90
N THR K 98 15.30 21.34 -26.93
CA THR K 98 16.74 21.36 -26.75
C THR K 98 17.06 21.88 -25.35
N LEU K 99 18.34 22.16 -25.12
CA LEU K 99 18.83 22.70 -23.86
C LEU K 99 19.53 24.02 -24.11
N ARG K 100 19.17 25.04 -23.34
CA ARG K 100 19.83 26.33 -23.39
C ARG K 100 20.78 26.51 -22.23
N LEU K 101 21.88 27.21 -22.48
CA LEU K 101 22.81 27.58 -21.43
C LEU K 101 22.16 28.60 -20.51
N LYS K 102 22.42 28.45 -19.21
CA LYS K 102 21.92 29.39 -18.23
C LYS K 102 22.72 30.69 -18.31
N PRO K 103 22.18 31.80 -17.78
CA PRO K 103 22.98 33.04 -17.70
C PRO K 103 24.24 32.93 -16.87
N LYS K 104 24.19 32.17 -15.78
CA LYS K 104 25.39 31.82 -15.01
C LYS K 104 25.61 30.34 -15.32
N SER K 105 26.28 30.08 -16.44
CA SER K 105 26.45 28.71 -16.91
C SER K 105 27.71 28.05 -16.39
N GLN K 106 28.51 28.75 -15.59
CA GLN K 106 29.75 28.17 -15.11
C GLN K 106 29.47 27.19 -13.98
N LYS K 107 29.86 25.94 -14.17
CA LYS K 107 29.72 24.93 -13.14
C LYS K 107 30.99 24.11 -13.10
N SER K 108 31.40 23.72 -11.91
CA SER K 108 32.58 22.88 -11.74
C SER K 108 32.34 21.90 -10.61
N ALA K 109 32.67 20.64 -10.86
CA ALA K 109 32.50 19.62 -9.82
C ALA K 109 33.54 18.54 -10.05
N TYR K 110 34.40 18.36 -9.06
CA TYR K 110 35.35 17.25 -8.96
C TYR K 110 36.28 17.21 -10.16
N GLY K 111 36.83 18.36 -10.50
CA GLY K 111 37.76 18.45 -11.59
C GLY K 111 37.14 18.56 -12.95
N TYR K 112 35.82 18.51 -13.05
CA TYR K 112 35.18 18.54 -14.36
C TYR K 112 34.54 19.90 -14.55
N LEU K 113 34.70 20.44 -15.75
CA LEU K 113 33.99 21.65 -16.13
C LEU K 113 32.61 21.23 -16.63
N GLN K 114 31.57 21.83 -16.09
CA GLN K 114 30.22 21.57 -16.56
C GLN K 114 29.56 22.88 -16.96
N VAL K 115 28.53 22.79 -17.77
CA VAL K 115 27.72 23.94 -18.11
C VAL K 115 26.32 23.74 -17.51
N GLY K 116 25.75 24.82 -17.02
CA GLY K 116 24.42 24.74 -16.45
C GLY K 116 23.39 24.95 -17.54
N VAL K 117 22.58 23.93 -17.81
CA VAL K 117 21.64 24.00 -18.91
C VAL K 117 20.23 24.03 -18.36
N GLU K 118 19.31 24.43 -19.23
CA GLU K 118 17.91 24.53 -18.88
C GLU K 118 17.07 24.02 -20.05
N LYS K 119 16.02 23.28 -19.73
CA LYS K 119 15.27 22.56 -20.74
C LYS K 119 14.39 23.50 -21.54
N TYR K 120 14.20 23.17 -22.81
CA TYR K 120 13.35 23.96 -23.69
C TYR K 120 12.40 22.95 -24.33
N GLY K 121 11.11 23.17 -24.16
CA GLY K 121 10.13 22.33 -24.81
C GLY K 121 9.97 20.99 -24.13
N GLY K 122 9.08 20.18 -24.69
CA GLY K 122 8.85 18.86 -24.16
C GLY K 122 9.71 17.82 -24.83
N GLY K 123 11.02 17.89 -24.64
CA GLY K 123 11.90 16.92 -25.25
C GLY K 123 11.90 15.60 -24.52
N ILE K 124 12.19 14.54 -25.25
CA ILE K 124 12.42 13.23 -24.67
C ILE K 124 13.81 13.22 -24.08
N TRP K 125 13.91 13.41 -22.77
CA TRP K 125 15.19 13.83 -22.22
C TRP K 125 16.15 12.66 -21.98
N HIS K 126 15.66 11.43 -21.99
CA HIS K 126 16.61 10.34 -21.81
C HIS K 126 17.38 10.05 -23.09
N THR K 127 16.88 10.51 -24.23
CA THR K 127 17.60 10.31 -25.49
C THR K 127 18.79 11.25 -25.62
N TRP K 128 18.89 12.27 -24.78
CA TRP K 128 20.02 13.18 -24.82
C TRP K 128 21.23 12.65 -24.08
N PHE K 129 21.08 11.55 -23.35
CA PHE K 129 22.19 10.97 -22.62
C PHE K 129 23.15 10.29 -23.58
N ASP K 130 24.44 10.41 -23.28
CA ASP K 130 25.54 9.73 -23.98
C ASP K 130 25.58 10.09 -25.47
N ARG K 131 25.30 11.35 -25.77
CA ARG K 131 25.31 11.85 -27.13
C ARG K 131 26.44 12.83 -27.31
N ASP K 132 27.02 12.85 -28.50
CA ASP K 132 27.89 13.95 -28.86
C ASP K 132 27.03 15.18 -29.05
N LEU K 133 27.32 16.23 -28.29
CA LEU K 133 26.50 17.43 -28.32
C LEU K 133 27.31 18.59 -28.84
N SER K 134 26.75 19.32 -29.80
CA SER K 134 27.35 20.53 -30.32
C SER K 134 26.72 21.74 -29.66
N LEU K 135 27.36 22.88 -29.83
CA LEU K 135 26.91 24.13 -29.25
C LEU K 135 26.71 25.15 -30.36
N ALA K 136 25.56 25.81 -30.35
CA ALA K 136 25.25 26.76 -31.41
C ALA K 136 24.27 27.78 -30.87
N GLY K 137 24.16 28.89 -31.60
CA GLY K 137 23.27 29.96 -31.18
C GLY K 137 23.72 31.30 -31.68
N ARG K 138 23.20 32.37 -31.09
CA ARG K 138 23.56 33.71 -31.45
C ARG K 138 24.27 34.38 -30.28
N VAL K 139 25.26 35.21 -30.59
CA VAL K 139 26.11 35.85 -29.59
C VAL K 139 26.09 37.35 -29.83
N MET K 140 25.79 38.11 -28.77
CA MET K 140 25.86 39.56 -28.82
C MET K 140 27.28 40.02 -28.55
N VAL K 141 27.84 40.79 -29.47
CA VAL K 141 29.22 41.27 -29.38
C VAL K 141 29.19 42.79 -29.38
N GLU K 142 29.82 43.39 -28.37
CA GLU K 142 30.04 44.83 -28.38
C GLU K 142 31.13 45.21 -29.37
N GLU K 143 30.99 46.38 -29.97
CA GLU K 143 32.07 46.99 -30.72
C GLU K 143 32.42 48.34 -30.12
N GLU K 144 33.42 48.99 -30.71
CA GLU K 144 34.12 50.07 -30.03
C GLU K 144 33.28 51.33 -29.91
N ASP K 145 32.29 51.50 -30.78
CA ASP K 145 31.43 52.67 -30.71
C ASP K 145 30.19 52.44 -29.87
N GLY K 146 30.07 51.28 -29.24
CA GLY K 146 29.00 50.99 -28.34
C GLY K 146 27.87 50.17 -28.92
N ARG K 147 27.78 50.05 -30.24
CA ARG K 147 26.71 49.28 -30.81
C ARG K 147 26.96 47.79 -30.66
N VAL K 148 25.88 47.03 -30.54
CA VAL K 148 25.94 45.60 -30.29
C VAL K 148 25.20 44.89 -31.40
N ILE K 149 25.88 43.96 -32.07
CA ILE K 149 25.32 43.25 -33.21
C ILE K 149 25.30 41.75 -32.91
N GLN K 150 24.46 41.05 -33.66
CA GLN K 150 24.21 39.63 -33.40
C GLN K 150 25.04 38.78 -34.36
N TYR K 151 25.78 37.84 -33.81
CA TYR K 151 26.59 36.88 -34.55
C TYR K 151 26.12 35.48 -34.27
N ASN K 152 25.76 34.76 -35.33
CA ASN K 152 25.40 33.35 -35.21
C ASN K 152 26.67 32.53 -35.16
N VAL K 153 26.76 31.61 -34.20
CA VAL K 153 27.95 30.80 -34.01
C VAL K 153 27.55 29.33 -34.07
N HIS K 154 28.32 28.55 -34.82
CA HIS K 154 28.14 27.10 -34.86
C HIS K 154 29.45 26.49 -34.41
N ILE K 155 29.40 25.58 -33.44
CA ILE K 155 30.57 24.82 -33.05
C ILE K 155 30.33 23.37 -33.45
N ASP K 156 30.76 23.03 -34.67
CA ASP K 156 30.51 21.71 -35.27
C ASP K 156 31.60 20.73 -34.87
N ARG K 157 31.56 20.32 -33.61
CA ARG K 157 32.41 19.26 -33.09
C ARG K 157 31.77 18.71 -31.83
N PRO K 158 32.13 17.48 -31.41
CA PRO K 158 31.62 16.99 -30.13
C PRO K 158 32.19 17.77 -28.98
N LEU K 159 31.35 18.55 -28.35
CA LEU K 159 31.81 19.55 -27.40
C LEU K 159 31.24 19.33 -26.02
N LEU K 160 30.02 18.82 -25.94
CA LEU K 160 29.37 18.52 -24.67
C LEU K 160 28.92 17.07 -24.68
N ARG K 161 28.68 16.54 -23.48
CA ARG K 161 28.10 15.22 -23.32
C ARG K 161 27.45 15.08 -21.96
N ILE K 162 26.25 14.52 -21.92
CA ILE K 162 25.62 14.15 -20.66
C ILE K 162 25.83 12.66 -20.46
N PRO K 163 26.72 12.25 -19.56
CA PRO K 163 27.01 10.81 -19.43
C PRO K 163 26.10 10.14 -18.42
N THR K 164 25.76 8.89 -18.70
CA THR K 164 24.99 8.11 -17.74
C THR K 164 25.91 7.54 -16.67
N LEU K 165 25.30 7.11 -15.57
CA LEU K 165 26.00 6.29 -14.60
C LEU K 165 26.19 4.91 -15.19
N ALA K 166 27.31 4.26 -14.83
CA ALA K 166 27.55 2.90 -15.27
C ALA K 166 26.53 1.95 -14.63
N ILE K 167 26.31 0.81 -15.31
CA ILE K 167 25.27 -0.11 -14.89
C ILE K 167 25.69 -0.90 -13.66
N HIS K 168 26.99 -0.92 -13.35
CA HIS K 168 27.45 -1.65 -12.18
C HIS K 168 27.05 -0.94 -10.91
N LEU K 169 26.90 0.38 -10.99
CA LEU K 169 26.72 1.23 -9.84
C LEU K 169 25.24 1.45 -9.54
N ASP K 170 24.37 1.15 -10.47
CA ASP K 170 22.93 1.17 -10.30
C ASP K 170 22.32 0.19 -11.28
N PRO K 171 22.17 -1.07 -10.90
CA PRO K 171 21.55 -2.04 -11.82
C PRO K 171 20.07 -1.83 -12.03
N SER K 172 19.42 -1.01 -11.21
CA SER K 172 18.01 -0.72 -11.35
C SER K 172 17.69 0.17 -12.53
N ALA K 173 18.71 0.73 -13.21
CA ALA K 173 18.46 1.59 -14.35
C ALA K 173 17.90 0.82 -15.54
N ASN K 174 18.18 -0.47 -15.63
CA ASN K 174 17.60 -1.27 -16.71
C ASN K 174 16.14 -1.58 -16.46
N SER K 175 15.71 -1.61 -15.19
CA SER K 175 14.30 -1.81 -14.90
C SER K 175 13.49 -0.57 -15.27
N SER K 176 13.94 0.61 -14.84
CA SER K 176 13.26 1.86 -15.15
C SER K 176 14.27 2.98 -14.97
N PHE K 177 14.50 3.74 -16.04
CA PHE K 177 15.49 4.81 -16.00
C PHE K 177 14.82 6.12 -15.64
N SER K 178 15.21 6.69 -14.50
CA SER K 178 14.75 7.99 -14.08
C SER K 178 15.94 8.79 -13.61
N PHE K 179 15.83 10.11 -13.70
CA PHE K 179 16.96 10.97 -13.38
C PHE K 179 16.46 12.34 -12.96
N ASN K 180 17.16 12.94 -12.00
CA ASN K 180 16.81 14.29 -11.56
C ASN K 180 17.24 15.30 -12.60
N MET K 181 16.38 16.28 -12.85
CA MET K 181 16.48 17.11 -14.03
C MET K 181 17.50 18.24 -13.89
N GLU K 182 17.88 18.63 -12.67
CA GLU K 182 19.17 19.28 -12.42
C GLU K 182 20.32 18.33 -12.27
N THR K 183 20.39 17.66 -11.13
CA THR K 183 21.63 17.17 -10.57
C THR K 183 22.23 16.06 -11.40
N GLU K 184 21.42 15.33 -12.15
CA GLU K 184 21.91 14.25 -12.98
C GLU K 184 21.82 14.54 -14.47
N PHE K 185 21.46 15.76 -14.86
CA PHE K 185 21.33 16.14 -16.26
C PHE K 185 22.24 17.32 -16.61
N VAL K 186 23.48 17.30 -16.15
CA VAL K 186 24.42 18.39 -16.39
C VAL K 186 25.45 17.91 -17.40
N PRO K 187 25.53 18.51 -18.58
CA PRO K 187 26.55 18.10 -19.55
C PRO K 187 27.94 18.55 -19.15
N LEU K 188 28.92 17.91 -19.77
CA LEU K 188 30.32 18.11 -19.45
C LEU K 188 31.02 18.76 -20.63
N ILE K 189 31.66 19.90 -20.37
CA ILE K 189 32.40 20.60 -21.40
C ILE K 189 33.87 20.23 -21.41
N GLY K 190 34.45 19.91 -20.26
CA GLY K 190 35.85 19.51 -20.25
C GLY K 190 36.38 19.31 -18.85
N LEU K 191 37.69 19.28 -18.75
CA LEU K 191 38.41 19.03 -17.51
C LEU K 191 39.15 20.28 -17.11
N GLU K 192 39.13 20.62 -15.82
CA GLU K 192 39.77 21.85 -15.40
C GLU K 192 41.21 21.68 -14.95
N ASN K 193 41.76 20.46 -15.01
CA ASN K 193 43.14 20.27 -14.59
C ASN K 193 44.14 20.76 -15.63
N GLU K 194 43.68 21.11 -16.82
CA GLU K 194 44.57 21.39 -17.95
C GLU K 194 44.28 22.75 -18.57
N LEU K 195 43.55 23.60 -17.88
CA LEU K 195 43.36 24.99 -18.29
C LEU K 195 44.14 25.96 -17.41
N ALA K 196 45.25 25.50 -16.85
CA ALA K 196 45.92 26.26 -15.78
C ALA K 196 46.92 27.26 -16.33
N LYS K 197 46.58 27.86 -17.47
CA LYS K 197 47.37 28.94 -18.04
C LYS K 197 47.47 30.12 -17.08
N GLU K 198 46.36 30.45 -16.42
CA GLU K 198 46.39 31.37 -15.28
C GLU K 198 45.56 30.75 -14.16
N GLU K 199 46.15 30.63 -12.99
CA GLU K 199 45.47 30.07 -11.82
C GLU K 199 44.93 31.17 -10.91
N THR K 200 44.19 32.11 -11.48
CA THR K 200 43.54 33.18 -10.73
C THR K 200 42.13 33.36 -11.26
N SER K 201 41.42 34.31 -10.68
CA SER K 201 40.08 34.67 -11.14
C SER K 201 39.97 36.12 -11.56
N ASP K 202 40.61 37.04 -10.82
CA ASP K 202 40.71 38.49 -11.02
C ASP K 202 39.39 39.23 -10.84
N ASN K 203 38.30 38.49 -10.62
CA ASN K 203 36.96 38.95 -10.28
C ASN K 203 36.16 37.71 -9.91
N GLY K 204 35.35 37.82 -8.86
CA GLY K 204 34.61 36.68 -8.37
C GLY K 204 33.48 36.30 -9.30
N ASP K 205 33.44 35.03 -9.70
CA ASP K 205 32.27 34.37 -10.32
C ASP K 205 31.86 35.04 -11.65
N LYS K 206 32.73 34.85 -12.64
CA LYS K 206 32.35 35.08 -14.03
C LYS K 206 31.14 34.23 -14.40
N TYR K 207 30.35 34.73 -15.36
CA TYR K 207 29.10 34.09 -15.70
C TYR K 207 29.31 32.76 -16.41
N HIS K 208 30.31 32.67 -17.27
CA HIS K 208 30.58 31.46 -18.02
C HIS K 208 32.04 31.10 -17.88
N HIS K 209 32.37 29.91 -18.37
CA HIS K 209 33.75 29.47 -18.39
C HIS K 209 34.54 30.36 -19.35
N PRO K 210 35.69 30.89 -18.93
CA PRO K 210 36.50 31.70 -19.85
C PRO K 210 37.02 30.92 -21.04
N VAL K 211 37.17 29.61 -20.89
CA VAL K 211 37.58 28.79 -22.02
C VAL K 211 36.44 28.65 -23.02
N LEU K 212 35.19 28.72 -22.54
CA LEU K 212 34.05 28.68 -23.44
C LEU K 212 33.92 29.99 -24.20
N LEU K 213 34.16 31.11 -23.52
CA LEU K 213 34.10 32.41 -24.18
C LEU K 213 35.23 32.58 -25.18
N SER K 214 36.37 31.94 -24.93
CA SER K 214 37.47 31.99 -25.88
C SER K 214 37.14 31.22 -27.14
N LEU K 215 36.43 30.10 -27.01
CA LEU K 215 36.06 29.33 -28.19
C LEU K 215 34.99 30.05 -29.00
N LEU K 216 34.05 30.70 -28.32
CA LEU K 216 33.01 31.46 -29.01
C LEU K 216 33.62 32.64 -29.75
N ALA K 217 34.58 33.33 -29.14
CA ALA K 217 35.23 34.44 -29.80
C ALA K 217 36.11 33.96 -30.96
N ASN K 218 36.70 32.78 -30.82
CA ASN K 218 37.53 32.26 -31.88
C ASN K 218 36.72 31.77 -33.07
N GLU K 219 35.55 31.19 -32.80
CA GLU K 219 34.71 30.68 -33.88
C GLU K 219 34.06 31.81 -34.65
N ILE K 220 33.74 32.90 -33.97
CA ILE K 220 33.26 34.11 -34.63
C ILE K 220 34.36 34.70 -35.51
N SER K 221 35.58 34.78 -34.99
CA SER K 221 36.64 35.49 -35.68
C SER K 221 37.14 34.74 -36.91
N LYS K 222 36.75 33.48 -37.06
CA LYS K 222 37.08 32.73 -38.27
C LYS K 222 36.38 33.29 -39.49
N SER K 223 35.20 33.87 -39.31
CA SER K 223 34.42 34.37 -40.42
C SER K 223 34.53 35.88 -40.58
N LEU K 224 35.45 36.52 -39.87
CA LEU K 224 35.62 37.97 -39.95
C LEU K 224 37.06 38.30 -40.30
N GLU K 225 37.24 39.50 -40.84
CA GLU K 225 38.59 39.99 -41.10
C GLU K 225 39.31 40.31 -39.81
N THR K 226 38.62 40.93 -38.86
CA THR K 226 39.23 41.27 -37.59
C THR K 226 39.11 40.10 -36.63
N THR K 227 39.57 40.32 -35.40
CA THR K 227 39.44 39.35 -34.33
C THR K 227 38.54 39.90 -33.25
N ILE K 228 38.00 39.01 -32.43
CA ILE K 228 37.11 39.37 -31.34
C ILE K 228 37.72 38.86 -30.05
N ASP K 229 37.94 39.75 -29.11
CA ASP K 229 38.34 39.24 -27.81
C ASP K 229 37.10 38.79 -27.02
N PRO K 230 37.26 37.84 -26.09
CA PRO K 230 36.09 37.34 -25.36
C PRO K 230 35.47 38.34 -24.41
N SER K 231 36.17 39.42 -24.08
CA SER K 231 35.60 40.41 -23.16
C SER K 231 34.48 41.21 -23.80
N LYS K 232 34.42 41.27 -25.13
CA LYS K 232 33.37 42.04 -25.79
C LYS K 232 32.10 41.24 -26.03
N ILE K 233 32.07 39.97 -25.63
CA ILE K 233 30.85 39.17 -25.73
C ILE K 233 29.96 39.55 -24.56
N VAL K 234 28.73 39.98 -24.85
CA VAL K 234 27.87 40.49 -23.79
C VAL K 234 26.98 39.38 -23.25
N ASP K 235 26.14 38.80 -24.09
CA ASP K 235 25.21 37.77 -23.66
C ASP K 235 24.85 36.93 -24.88
N PHE K 236 24.38 35.70 -24.64
CA PHE K 236 24.03 34.83 -25.76
C PHE K 236 22.88 33.91 -25.38
N GLU K 237 22.17 33.45 -26.41
CA GLU K 237 21.45 32.18 -26.35
C GLU K 237 22.31 31.14 -27.01
N LEU K 238 22.62 30.07 -26.29
CA LEU K 238 23.34 28.96 -26.87
C LEU K 238 22.51 27.70 -26.76
N ILE K 239 22.37 27.01 -27.88
CA ILE K 239 21.54 25.82 -28.01
C ILE K 239 22.44 24.62 -28.08
N LEU K 240 22.17 23.64 -27.25
CA LEU K 240 22.76 22.32 -27.40
C LEU K 240 21.93 21.48 -28.34
N GLY K 241 22.54 21.08 -29.46
CA GLY K 241 21.94 20.09 -30.34
C GLY K 241 22.82 18.86 -30.38
N ASP K 242 22.31 17.84 -31.07
CA ASP K 242 23.05 16.61 -31.28
C ASP K 242 24.12 17.02 -32.28
N ALA K 243 25.37 16.68 -31.99
CA ALA K 243 26.49 17.08 -32.84
C ALA K 243 26.58 16.27 -34.12
N GLU K 244 25.81 15.21 -34.23
CA GLU K 244 26.03 14.28 -35.32
C GLU K 244 25.15 14.61 -36.52
N LYS K 245 25.79 14.63 -37.69
CA LYS K 245 25.17 15.00 -38.95
C LYS K 245 23.98 14.11 -39.29
N ALA K 246 22.97 14.73 -39.86
CA ALA K 246 21.84 14.00 -40.39
C ALA K 246 22.22 13.28 -41.67
N ARG K 247 21.79 12.03 -41.78
CA ARG K 247 22.10 11.22 -42.95
C ARG K 247 21.09 10.11 -43.09
N LEU K 248 20.97 9.61 -44.32
CA LEU K 248 19.93 8.66 -44.68
C LEU K 248 20.22 7.30 -44.05
N GLY K 249 19.15 6.62 -43.62
CA GLY K 249 19.30 5.34 -42.96
C GLY K 249 18.32 4.33 -43.50
N GLY K 250 18.53 3.08 -43.09
CA GLY K 250 17.70 1.99 -43.54
C GLY K 250 18.41 1.11 -44.54
N ILE K 251 17.77 -0.01 -44.87
CA ILE K 251 18.34 -0.97 -45.80
C ILE K 251 18.40 -0.42 -47.21
N HIS K 252 17.48 0.50 -47.54
CA HIS K 252 17.37 1.06 -48.87
C HIS K 252 17.47 2.57 -48.86
N GLU K 253 18.01 3.13 -47.78
CA GLU K 253 18.07 4.57 -47.52
C GLU K 253 16.69 5.22 -47.62
N GLU K 254 15.70 4.53 -47.07
CA GLU K 254 14.34 5.04 -47.06
C GLU K 254 13.99 5.80 -45.79
N PHE K 255 14.91 5.91 -44.85
CA PHE K 255 14.70 6.68 -43.63
C PHE K 255 15.63 7.88 -43.61
N VAL K 256 15.25 8.88 -42.83
CA VAL K 256 16.09 10.04 -42.56
C VAL K 256 16.31 10.10 -41.07
N PHE K 257 17.56 9.89 -40.65
CA PHE K 257 17.91 9.96 -39.24
C PHE K 257 18.48 11.34 -39.00
N SER K 258 17.81 12.13 -38.15
CA SER K 258 18.18 13.53 -38.04
C SER K 258 17.79 14.09 -36.70
N PRO K 259 18.55 15.02 -36.14
CA PRO K 259 18.03 15.84 -35.06
C PRO K 259 17.13 16.91 -35.62
N ARG K 260 16.28 17.44 -34.75
CA ARG K 260 15.39 18.58 -35.03
C ARG K 260 14.46 18.32 -36.20
N LEU K 261 13.90 17.13 -36.28
CA LEU K 261 12.99 16.88 -37.38
C LEU K 261 11.63 17.51 -37.14
N ASP K 262 11.34 17.96 -35.92
CA ASP K 262 10.09 18.63 -35.63
C ASP K 262 10.14 19.99 -36.30
N ASN K 263 9.58 20.03 -37.50
CA ASN K 263 9.49 21.23 -38.34
C ASN K 263 10.72 22.00 -38.82
N LEU K 264 11.66 21.27 -39.40
CA LEU K 264 12.78 21.78 -40.14
C LEU K 264 12.66 20.87 -41.38
N GLY K 265 11.88 19.82 -41.12
CA GLY K 265 11.45 18.89 -42.13
C GLY K 265 10.42 19.66 -42.92
N MET K 266 9.38 20.16 -42.24
CA MET K 266 8.30 20.84 -42.96
C MET K 266 8.72 22.24 -43.37
N THR K 267 9.59 22.87 -42.59
CA THR K 267 10.11 24.19 -42.95
C THR K 267 10.94 24.11 -44.22
N PHE K 268 11.67 23.01 -44.38
CA PHE K 268 12.37 22.78 -45.64
C PHE K 268 11.38 22.56 -46.78
N CYS K 269 10.33 21.77 -46.53
CA CYS K 269 9.36 21.48 -47.59
C CYS K 269 8.54 22.69 -47.95
N ALA K 270 8.16 23.51 -46.97
CA ALA K 270 7.36 24.69 -47.26
C ALA K 270 8.17 25.75 -47.99
N SER K 271 9.43 25.92 -47.60
CA SER K 271 10.25 26.96 -48.22
C SER K 271 10.71 26.55 -49.61
N GLN K 272 11.02 25.28 -49.81
CA GLN K 272 11.42 24.82 -51.13
C GLN K 272 10.27 24.90 -52.11
N ALA K 273 9.07 24.56 -51.66
CA ALA K 273 7.94 24.54 -52.58
C ALA K 273 7.41 25.93 -52.84
N LEU K 274 7.72 26.89 -51.97
CA LEU K 274 7.43 28.29 -52.30
C LEU K 274 8.29 28.74 -53.46
N THR K 275 9.56 28.36 -53.46
CA THR K 275 10.43 28.71 -54.58
C THR K 275 10.16 27.83 -55.79
N LYS K 276 9.75 26.57 -55.56
CA LYS K 276 9.41 25.69 -56.66
C LYS K 276 8.11 26.11 -57.34
N SER K 277 7.24 26.83 -56.65
CA SER K 277 6.03 27.35 -57.25
C SER K 277 6.24 28.69 -57.92
N LEU K 278 7.47 28.98 -58.37
CA LEU K 278 7.75 30.16 -59.17
C LEU K 278 8.53 29.80 -60.43
N GLU K 279 8.55 28.52 -60.81
CA GLU K 279 9.58 28.05 -61.73
C GLU K 279 9.31 28.47 -63.17
N ASN K 280 8.17 28.08 -63.74
CA ASN K 280 7.98 28.42 -65.15
C ASN K 280 7.57 29.88 -65.28
N ASN K 281 6.30 30.17 -64.97
CA ASN K 281 5.82 31.47 -64.51
C ASN K 281 4.52 31.15 -63.78
N SER K 282 4.57 30.98 -62.47
CA SER K 282 3.31 30.81 -61.77
C SER K 282 2.77 32.15 -61.33
N LEU K 283 3.66 33.04 -60.92
CA LEU K 283 3.37 34.45 -61.00
C LEU K 283 3.31 34.85 -62.47
N ASP K 284 2.64 35.99 -62.72
CA ASP K 284 2.05 36.53 -63.94
C ASP K 284 0.72 35.88 -64.25
N ASN K 285 0.30 34.90 -63.46
CA ASN K 285 -1.06 34.38 -63.57
C ASN K 285 -1.68 34.15 -62.20
N GLU K 286 -0.96 34.44 -61.13
CA GLU K 286 -1.43 34.19 -59.78
C GLU K 286 -2.20 35.40 -59.26
N SER K 287 -3.36 35.13 -58.67
CA SER K 287 -4.21 36.18 -58.13
C SER K 287 -4.15 36.25 -56.61
N CYS K 288 -3.39 35.39 -55.96
CA CYS K 288 -3.29 35.39 -54.52
C CYS K 288 -1.86 35.68 -54.09
N VAL K 289 -1.62 35.60 -52.79
CA VAL K 289 -0.30 35.81 -52.21
C VAL K 289 0.09 34.54 -51.48
N ARG K 290 1.24 33.99 -51.83
CA ARG K 290 1.71 32.73 -51.27
C ARG K 290 2.68 33.02 -50.14
N VAL K 291 2.25 32.72 -48.91
CA VAL K 291 2.98 33.08 -47.70
C VAL K 291 3.53 31.82 -47.07
N VAL K 292 4.80 31.84 -46.68
CA VAL K 292 5.39 30.80 -45.85
C VAL K 292 5.96 31.45 -44.60
N PRO K 293 5.22 31.45 -43.50
CA PRO K 293 5.79 31.88 -42.23
C PRO K 293 6.44 30.72 -41.48
N SER K 294 7.68 30.91 -41.08
CA SER K 294 8.39 29.93 -40.27
C SER K 294 8.58 30.54 -38.90
N PHE K 295 7.83 30.07 -37.92
CA PHE K 295 7.76 30.73 -36.63
C PHE K 295 8.80 30.17 -35.68
N ASP K 296 8.76 30.66 -34.45
CA ASP K 296 9.69 30.27 -33.40
C ASP K 296 8.83 30.01 -32.16
N HIS K 297 9.42 29.32 -31.17
CA HIS K 297 8.83 29.12 -29.84
C HIS K 297 7.54 28.31 -29.85
N GLU K 298 7.38 27.36 -30.78
CA GLU K 298 6.12 26.60 -30.87
C GLU K 298 6.03 25.37 -29.96
N GLU K 299 7.15 25.01 -29.35
CA GLU K 299 7.25 23.86 -28.45
C GLU K 299 6.85 24.17 -27.01
N ILE K 300 6.60 25.43 -26.72
CA ILE K 300 6.23 25.98 -25.43
C ILE K 300 4.91 26.73 -25.52
N GLY K 301 4.38 26.88 -26.73
CA GLY K 301 3.04 27.39 -26.91
C GLY K 301 2.91 28.69 -27.68
N SER K 302 3.97 29.15 -28.33
CA SER K 302 3.98 30.30 -29.25
C SER K 302 3.66 31.63 -28.59
N VAL K 303 3.67 31.71 -27.26
CA VAL K 303 3.34 32.93 -26.56
C VAL K 303 4.65 33.71 -26.43
N SER K 304 4.97 34.48 -27.46
CA SER K 304 6.19 35.28 -27.47
C SER K 304 6.01 36.43 -28.44
N ALA K 305 7.07 37.22 -28.62
CA ALA K 305 7.00 38.36 -29.53
C ALA K 305 7.17 37.95 -30.97
N GLN K 306 7.83 36.81 -31.22
CA GLN K 306 8.03 36.33 -32.57
C GLN K 306 7.38 34.99 -32.81
N GLY K 307 6.58 34.51 -31.88
CA GLY K 307 5.93 33.22 -32.05
C GLY K 307 4.75 33.29 -32.99
N ALA K 308 4.09 32.15 -33.15
CA ALA K 308 2.94 32.10 -34.03
C ALA K 308 1.75 32.85 -33.46
N GLU K 309 1.62 32.86 -32.13
CA GLU K 309 0.53 33.57 -31.47
C GLU K 309 0.82 35.06 -31.33
N SER K 310 1.98 35.51 -31.79
CA SER K 310 2.30 36.93 -31.80
C SER K 310 1.52 37.64 -32.90
N THR K 311 1.75 38.94 -33.05
CA THR K 311 1.16 39.70 -34.13
C THR K 311 1.98 39.64 -35.41
N PHE K 312 2.98 38.76 -35.49
CA PHE K 312 3.90 38.76 -36.62
C PHE K 312 3.20 38.41 -37.92
N LEU K 313 2.45 37.31 -37.93
CA LEU K 313 1.67 37.01 -39.13
C LEU K 313 0.52 37.99 -39.38
N PRO K 314 -0.33 38.39 -38.39
CA PRO K 314 -1.38 39.36 -38.74
C PRO K 314 -0.90 40.74 -39.14
N ALA K 315 0.23 41.23 -38.61
CA ALA K 315 0.68 42.56 -39.01
C ALA K 315 1.24 42.54 -40.42
N VAL K 316 1.90 41.44 -40.80
CA VAL K 316 2.42 41.33 -42.17
C VAL K 316 1.28 41.24 -43.16
N LEU K 317 0.23 40.50 -42.81
CA LEU K 317 -0.92 40.37 -43.71
C LEU K 317 -1.70 41.68 -43.82
N GLN K 318 -1.76 42.45 -42.73
CA GLN K 318 -2.41 43.75 -42.81
C GLN K 318 -1.59 44.74 -43.63
N ARG K 319 -0.27 44.68 -43.52
CA ARG K 319 0.57 45.59 -44.28
C ARG K 319 0.52 45.29 -45.77
N ILE K 320 0.34 44.02 -46.12
CA ILE K 320 0.10 43.66 -47.51
C ILE K 320 -1.28 44.15 -47.94
N CYS K 321 -2.27 43.99 -47.08
CA CYS K 321 -3.63 44.41 -47.40
C CYS K 321 -3.80 45.92 -47.32
N GLU K 322 -2.84 46.65 -46.75
CA GLU K 322 -2.96 48.09 -46.70
C GLU K 322 -2.46 48.77 -47.96
N LEU K 323 -2.11 48.02 -49.00
CA LEU K 323 -1.89 48.65 -50.30
C LEU K 323 -3.17 49.21 -50.87
N GLY K 324 -4.29 48.53 -50.63
CA GLY K 324 -5.58 49.09 -50.97
C GLY K 324 -5.99 50.19 -50.02
N LYS K 325 -6.99 50.96 -50.44
CA LYS K 325 -7.39 52.11 -49.66
C LYS K 325 -8.53 51.80 -48.69
N GLU K 326 -9.36 50.81 -49.00
CA GLU K 326 -10.43 50.43 -48.10
C GLU K 326 -9.86 49.72 -46.88
N SER K 327 -10.34 50.09 -45.70
CA SER K 327 -9.82 49.52 -44.46
C SER K 327 -10.40 48.16 -44.16
N SER K 328 -11.45 47.74 -44.85
CA SER K 328 -12.08 46.45 -44.61
C SER K 328 -11.47 45.33 -45.42
N LEU K 329 -10.42 45.60 -46.20
CA LEU K 329 -9.91 44.62 -47.13
C LEU K 329 -9.19 43.48 -46.43
N PHE K 330 -8.73 43.69 -45.20
CA PHE K 330 -8.05 42.62 -44.49
C PHE K 330 -9.03 41.52 -44.11
N SER K 331 -10.19 41.89 -43.56
CA SER K 331 -11.17 40.90 -43.14
C SER K 331 -11.83 40.23 -44.34
N ILE K 332 -11.91 40.94 -45.45
CA ILE K 332 -12.40 40.34 -46.69
C ILE K 332 -11.43 39.30 -47.20
N SER K 333 -10.13 39.59 -47.11
CA SER K 333 -9.13 38.68 -47.67
C SER K 333 -9.00 37.41 -46.85
N MET K 334 -9.35 37.46 -45.56
CA MET K 334 -9.17 36.30 -44.70
C MET K 334 -10.15 35.19 -45.03
N VAL K 335 -11.38 35.53 -45.41
CA VAL K 335 -12.35 34.49 -45.71
C VAL K 335 -12.14 33.90 -47.09
N LYS K 336 -11.34 34.55 -47.93
CA LYS K 336 -10.93 33.96 -49.20
C LYS K 336 -9.62 33.21 -49.09
N SER K 337 -9.05 33.12 -47.89
CA SER K 337 -7.71 32.58 -47.70
C SER K 337 -7.75 31.19 -47.10
N PHE K 338 -6.57 30.57 -47.02
CA PHE K 338 -6.44 29.25 -46.45
C PHE K 338 -5.07 29.09 -45.81
N LEU K 339 -5.04 28.43 -44.66
CA LEU K 339 -3.82 28.17 -43.92
C LEU K 339 -3.52 26.68 -43.93
N VAL K 340 -2.24 26.35 -44.06
CA VAL K 340 -1.79 24.97 -43.92
C VAL K 340 -0.75 24.99 -42.80
N SER K 341 -1.10 24.45 -41.65
CA SER K 341 -0.14 24.40 -40.55
C SER K 341 0.70 23.15 -40.74
N ALA K 342 1.86 23.32 -41.35
CA ALA K 342 2.69 22.17 -41.68
C ALA K 342 3.50 21.75 -40.47
N ASP K 343 2.95 20.81 -39.68
CA ASP K 343 3.68 20.29 -38.55
C ASP K 343 3.63 18.78 -38.57
N MET K 344 4.75 18.15 -38.22
CA MET K 344 4.97 16.72 -38.46
C MET K 344 4.01 15.84 -37.68
N ALA K 345 3.68 14.70 -38.27
CA ALA K 345 2.69 13.79 -37.73
C ALA K 345 3.34 12.52 -37.20
N HIS K 346 2.61 11.85 -36.32
CA HIS K 346 3.08 10.61 -35.73
C HIS K 346 2.86 9.47 -36.70
N ALA K 347 3.94 8.80 -37.10
CA ALA K 347 3.85 7.60 -37.92
C ALA K 347 3.51 6.40 -37.05
N MET K 348 3.31 5.26 -37.70
CA MET K 348 3.00 4.06 -36.95
C MET K 348 4.26 3.47 -36.35
N HIS K 349 4.28 3.32 -35.03
CA HIS K 349 5.41 2.70 -34.37
C HIS K 349 5.11 1.21 -34.21
N PRO K 350 5.88 0.32 -34.84
CA PRO K 350 5.55 -1.10 -34.79
C PRO K 350 5.73 -1.70 -33.42
N ASN K 351 6.59 -1.10 -32.61
CA ASN K 351 6.86 -1.61 -31.28
C ASN K 351 5.87 -1.10 -30.25
N TYR K 352 5.14 -0.04 -30.55
CA TYR K 352 4.20 0.55 -29.61
C TYR K 352 2.84 0.66 -30.24
N SER K 353 2.37 -0.44 -30.85
CA SER K 353 1.16 -0.40 -31.66
C SER K 353 -0.09 -0.17 -30.83
N SER K 354 -0.04 -0.51 -29.54
CA SER K 354 -1.18 -0.29 -28.68
C SER K 354 -1.41 1.17 -28.34
N ARG K 355 -0.46 2.07 -28.64
CA ARG K 355 -0.60 3.47 -28.29
C ARG K 355 -1.03 4.29 -29.50
N TYR K 356 -1.74 3.64 -30.42
CA TYR K 356 -2.16 4.15 -31.71
C TYR K 356 -3.54 3.65 -32.03
N GLU K 357 -4.30 4.43 -32.78
CA GLU K 357 -5.60 3.95 -33.23
C GLU K 357 -5.34 3.18 -34.51
N ASN K 358 -5.77 1.92 -34.54
CA ASN K 358 -5.24 0.95 -35.51
C ASN K 358 -5.68 1.19 -36.94
N SER K 359 -6.66 2.07 -37.19
CA SER K 359 -7.14 2.29 -38.53
C SER K 359 -6.85 3.69 -39.07
N ASN K 360 -6.60 4.68 -38.20
CA ASN K 360 -6.31 6.03 -38.64
C ASN K 360 -4.89 6.41 -38.28
N THR K 361 -3.94 5.52 -38.50
CA THR K 361 -2.57 5.87 -38.22
C THR K 361 -1.75 5.72 -39.49
N PRO K 362 -1.04 6.75 -39.89
CA PRO K 362 -0.32 6.71 -41.17
C PRO K 362 0.97 5.92 -41.08
N PHE K 363 1.63 5.80 -42.23
CA PHE K 363 2.86 5.05 -42.36
C PHE K 363 3.91 5.91 -43.05
N LEU K 364 5.17 5.56 -42.84
CA LEU K 364 6.26 6.27 -43.48
C LEU K 364 6.30 6.01 -44.97
N ASN K 365 6.67 7.05 -45.72
CA ASN K 365 6.81 7.04 -47.18
C ASN K 365 5.51 6.68 -47.89
N LYS K 366 4.38 7.03 -47.28
CA LYS K 366 3.08 6.84 -47.90
C LYS K 366 2.36 8.17 -48.10
N GLY K 367 3.10 9.27 -48.11
CA GLY K 367 2.54 10.58 -48.34
C GLY K 367 2.35 11.36 -47.06
N THR K 368 2.04 12.63 -47.22
CA THR K 368 1.83 13.51 -46.08
C THR K 368 0.48 13.19 -45.42
N VAL K 369 0.30 13.71 -44.22
CA VAL K 369 -0.73 13.20 -43.31
C VAL K 369 -1.66 14.32 -42.93
N ILE K 370 -2.96 14.15 -43.15
CA ILE K 370 -3.95 15.11 -42.70
C ILE K 370 -4.28 14.84 -41.24
N LYS K 371 -3.87 15.74 -40.35
CA LYS K 371 -4.07 15.55 -38.92
C LYS K 371 -5.44 16.06 -38.52
N VAL K 372 -6.29 15.17 -38.04
CA VAL K 372 -7.68 15.48 -37.69
C VAL K 372 -7.88 15.19 -36.21
N ASN K 373 -8.47 16.14 -35.49
CA ASN K 373 -8.76 15.95 -34.08
C ASN K 373 -10.07 16.64 -33.75
N ALA K 374 -10.96 15.92 -33.05
CA ALA K 374 -12.28 16.47 -32.73
C ALA K 374 -12.19 17.62 -31.75
N ASN K 375 -11.28 17.52 -30.79
CA ASN K 375 -11.10 18.57 -29.81
C ASN K 375 -10.34 19.76 -30.37
N GLN K 376 -9.99 19.72 -31.66
CA GLN K 376 -9.37 20.81 -32.41
C GLN K 376 -8.03 21.21 -31.82
N ARG K 377 -7.33 20.22 -31.27
CA ARG K 377 -5.89 20.37 -31.09
C ARG K 377 -5.22 20.45 -32.45
N TYR K 378 -5.71 19.67 -33.41
CA TYR K 378 -5.51 19.92 -34.82
C TYR K 378 -6.84 20.42 -35.38
N THR K 379 -6.79 21.54 -36.09
CA THR K 379 -7.97 22.32 -36.44
C THR K 379 -8.51 22.02 -37.83
N THR K 380 -8.31 20.80 -38.29
CA THR K 380 -8.80 20.38 -39.60
C THR K 380 -10.29 20.15 -39.58
N ASN K 381 -11.01 20.82 -40.49
CA ASN K 381 -12.41 20.54 -40.74
C ASN K 381 -12.56 19.95 -42.13
N SER K 382 -13.81 19.66 -42.52
CA SER K 382 -14.05 18.99 -43.79
C SER K 382 -13.82 19.92 -44.97
N ALA K 383 -13.99 21.22 -44.77
CA ALA K 383 -13.77 22.18 -45.85
C ALA K 383 -12.31 22.22 -46.25
N GLY K 384 -11.42 21.97 -45.30
CA GLY K 384 -10.01 21.87 -45.64
C GLY K 384 -9.66 20.55 -46.31
N ILE K 385 -10.34 19.47 -45.92
CA ILE K 385 -10.02 18.14 -46.44
C ILE K 385 -10.34 18.05 -47.92
N VAL K 386 -11.48 18.62 -48.32
CA VAL K 386 -11.87 18.59 -49.73
C VAL K 386 -10.91 19.40 -50.58
N LEU K 387 -10.40 20.50 -50.02
CA LEU K 387 -9.44 21.32 -50.76
C LEU K 387 -8.12 20.57 -50.96
N LEU K 388 -7.61 19.97 -49.89
CA LEU K 388 -6.32 19.29 -50.01
C LEU K 388 -6.44 17.88 -50.57
N LYS K 389 -7.64 17.33 -50.69
CA LYS K 389 -7.79 16.13 -51.49
C LYS K 389 -7.79 16.48 -52.97
N LYS K 390 -8.32 17.66 -53.31
CA LYS K 390 -8.26 18.13 -54.70
C LYS K 390 -6.85 18.51 -55.09
N VAL K 391 -6.08 19.06 -54.14
CA VAL K 391 -4.69 19.42 -54.41
C VAL K 391 -3.86 18.15 -54.62
N ALA K 392 -4.10 17.13 -53.79
CA ALA K 392 -3.37 15.87 -53.95
C ALA K 392 -3.80 15.14 -55.22
N GLN K 393 -5.03 15.34 -55.66
CA GLN K 393 -5.47 14.80 -56.94
C GLN K 393 -4.74 15.49 -58.08
N LEU K 394 -4.53 16.80 -57.97
CA LEU K 394 -3.83 17.52 -59.02
C LEU K 394 -2.34 17.21 -59.01
N ALA K 395 -1.75 17.08 -57.84
CA ALA K 395 -0.32 16.81 -57.73
C ALA K 395 0.02 15.34 -57.95
N ASP K 396 -0.97 14.45 -57.90
CA ASP K 396 -0.80 13.00 -57.97
C ASP K 396 0.17 12.50 -56.90
N VAL K 397 -0.14 12.84 -55.64
CA VAL K 397 0.63 12.34 -54.51
C VAL K 397 -0.36 11.74 -53.52
N PRO K 398 0.01 10.71 -52.77
CA PRO K 398 -0.91 10.16 -51.78
C PRO K 398 -0.93 11.03 -50.52
N ILE K 399 -2.08 11.01 -49.84
CA ILE K 399 -2.20 11.63 -48.54
C ILE K 399 -2.85 10.63 -47.58
N GLN K 400 -2.51 10.75 -46.31
CA GLN K 400 -3.04 9.89 -45.25
C GLN K 400 -3.73 10.76 -44.20
N SER K 401 -4.25 10.10 -43.18
CA SER K 401 -4.96 10.79 -42.12
C SER K 401 -4.51 10.25 -40.77
N PHE K 402 -4.62 11.10 -39.75
CA PHE K 402 -4.20 10.74 -38.40
C PHE K 402 -5.23 11.24 -37.40
N VAL K 403 -5.59 10.39 -36.45
CA VAL K 403 -6.23 10.84 -35.22
C VAL K 403 -5.47 10.20 -34.07
N VAL K 404 -5.63 10.76 -32.90
CA VAL K 404 -5.05 10.18 -31.70
C VAL K 404 -6.06 9.19 -31.13
N ARG K 405 -5.59 8.35 -30.22
CA ARG K 405 -6.51 7.54 -29.46
C ARG K 405 -7.31 8.42 -28.50
N ASN K 406 -8.52 7.96 -28.19
CA ASN K 406 -9.42 8.69 -27.32
C ASN K 406 -8.97 8.63 -25.87
N ASP K 407 -8.18 7.61 -25.50
CA ASP K 407 -7.59 7.56 -24.18
C ASP K 407 -6.18 8.13 -24.17
N SER K 408 -5.88 9.03 -25.10
CA SER K 408 -4.58 9.63 -25.23
C SER K 408 -4.70 11.14 -25.28
N PRO K 409 -3.79 11.87 -24.65
CA PRO K 409 -3.80 13.33 -24.76
C PRO K 409 -3.27 13.77 -26.12
N CYS K 410 -3.66 14.97 -26.50
CA CYS K 410 -3.20 15.56 -27.75
C CYS K 410 -2.75 16.99 -27.49
N GLY K 411 -1.65 17.37 -28.13
CA GLY K 411 -1.10 18.70 -27.98
C GLY K 411 -1.46 19.57 -29.17
N SER K 412 -1.84 20.82 -28.87
CA SER K 412 -2.20 21.75 -29.93
C SER K 412 -0.98 22.18 -30.72
N THR K 413 -1.18 22.39 -32.00
CA THR K 413 -0.17 22.99 -32.86
C THR K 413 -0.43 24.48 -32.97
N ILE K 414 0.29 25.14 -33.88
CA ILE K 414 0.07 26.56 -34.09
C ILE K 414 -1.18 26.82 -34.92
N GLY K 415 -1.69 25.80 -35.59
CA GLY K 415 -2.83 25.90 -36.46
C GLY K 415 -4.12 26.40 -35.84
N PRO K 416 -4.53 25.86 -34.68
CA PRO K 416 -5.72 26.41 -34.01
C PRO K 416 -5.62 27.87 -33.64
N LYS K 417 -4.45 28.34 -33.21
CA LYS K 417 -4.40 29.69 -32.68
C LYS K 417 -4.13 30.69 -33.80
N LEU K 418 -3.43 30.26 -34.84
CA LEU K 418 -3.29 31.07 -36.04
C LEU K 418 -4.61 31.21 -36.77
N ALA K 419 -5.48 30.21 -36.66
CA ALA K 419 -6.84 30.33 -37.16
C ALA K 419 -7.61 31.37 -36.38
N ALA K 420 -7.35 31.48 -35.09
CA ALA K 420 -8.11 32.41 -34.25
C ALA K 420 -7.78 33.84 -34.56
N MET K 421 -6.50 34.17 -34.70
CA MET K 421 -6.13 35.56 -34.91
C MET K 421 -6.35 36.03 -36.34
N THR K 422 -6.62 35.11 -37.25
CA THR K 422 -6.87 35.47 -38.63
C THR K 422 -8.29 35.21 -39.08
N GLY K 423 -9.00 34.27 -38.46
CA GLY K 423 -10.30 33.89 -38.97
C GLY K 423 -10.22 33.10 -40.24
N MET K 424 -9.08 32.47 -40.50
CA MET K 424 -8.78 31.90 -41.79
C MET K 424 -9.08 30.41 -41.76
N ARG K 425 -9.67 29.91 -42.83
CA ARG K 425 -9.90 28.47 -42.96
C ARG K 425 -8.57 27.75 -42.99
N THR K 426 -8.50 26.58 -42.36
CA THR K 426 -7.19 26.02 -42.11
C THR K 426 -7.25 24.51 -41.94
N LEU K 427 -6.09 23.89 -42.17
CA LEU K 427 -5.89 22.47 -42.00
C LEU K 427 -4.52 22.26 -41.39
N ASP K 428 -4.41 21.26 -40.53
CA ASP K 428 -3.13 20.86 -39.94
C ASP K 428 -2.66 19.61 -40.64
N LEU K 429 -1.56 19.70 -41.38
CA LEU K 429 -0.98 18.51 -41.97
C LEU K 429 0.50 18.43 -41.63
N GLY K 430 1.11 17.33 -42.02
CA GLY K 430 2.54 17.16 -41.85
C GLY K 430 2.95 15.79 -42.31
N ASN K 431 4.24 15.61 -42.41
CA ASN K 431 4.75 14.33 -42.89
C ASN K 431 4.95 13.38 -41.71
N PRO K 432 4.75 12.08 -41.90
CA PRO K 432 4.83 11.16 -40.77
C PRO K 432 6.26 10.94 -40.31
N MET K 433 6.39 10.66 -39.02
CA MET K 433 7.69 10.43 -38.40
C MET K 433 7.50 9.69 -37.09
N LEU K 434 8.58 9.09 -36.61
CA LEU K 434 8.61 8.44 -35.32
C LEU K 434 9.61 9.13 -34.40
N SER K 435 9.38 8.95 -33.10
CA SER K 435 10.17 9.53 -32.00
C SER K 435 10.22 11.05 -32.10
N MET K 436 9.05 11.66 -32.03
CA MET K 436 8.98 13.11 -32.06
C MET K 436 9.48 13.67 -30.74
N HIS K 437 10.17 14.81 -30.81
CA HIS K 437 10.85 15.49 -29.70
C HIS K 437 11.93 14.63 -29.07
N SER K 438 12.55 13.76 -29.86
CA SER K 438 13.72 13.05 -29.41
C SER K 438 14.97 13.83 -29.81
N CYS K 439 16.12 13.38 -29.31
CA CYS K 439 17.37 14.01 -29.69
C CYS K 439 17.73 13.67 -31.13
N ARG K 440 17.43 12.46 -31.56
CA ARG K 440 17.57 12.04 -32.95
C ARG K 440 16.25 11.44 -33.39
N GLU K 441 15.82 11.79 -34.59
CA GLU K 441 14.44 11.59 -35.02
C GLU K 441 14.45 10.89 -36.38
N MET K 442 13.40 10.14 -36.66
CA MET K 442 13.34 9.32 -37.87
C MET K 442 12.08 9.59 -38.67
N CYS K 443 12.25 9.83 -39.97
CA CYS K 443 11.13 9.99 -40.90
C CYS K 443 11.51 9.34 -42.22
N GLY K 444 10.54 9.22 -43.11
CA GLY K 444 10.80 8.65 -44.41
C GLY K 444 11.45 9.63 -45.37
N SER K 445 12.12 9.08 -46.39
CA SER K 445 12.86 9.93 -47.31
C SER K 445 12.07 10.27 -48.57
N LYS K 446 11.12 9.41 -48.97
CA LYS K 446 10.23 9.79 -50.05
C LYS K 446 9.26 10.89 -49.63
N ASP K 447 9.05 11.02 -48.32
CA ASP K 447 8.05 11.95 -47.79
C ASP K 447 8.43 13.40 -48.01
N PHE K 448 9.72 13.70 -48.19
CA PHE K 448 10.12 15.08 -48.44
C PHE K 448 9.71 15.53 -49.83
N GLU K 449 9.85 14.65 -50.82
CA GLU K 449 9.48 15.00 -52.18
C GLU K 449 7.97 15.08 -52.34
N TYR K 450 7.24 14.23 -51.61
CA TYR K 450 5.79 14.23 -51.66
C TYR K 450 5.22 15.52 -51.09
N ALA K 451 5.88 16.06 -50.07
CA ALA K 451 5.38 17.29 -49.44
C ALA K 451 5.63 18.50 -50.33
N VAL K 452 6.78 18.54 -51.00
CA VAL K 452 7.13 19.68 -51.83
C VAL K 452 6.24 19.73 -53.06
N VAL K 453 5.94 18.58 -53.63
CA VAL K 453 5.05 18.51 -54.80
C VAL K 453 3.63 18.91 -54.40
N LEU K 454 3.17 18.46 -53.24
CA LEU K 454 1.85 18.81 -52.76
C LEU K 454 1.73 20.30 -52.47
N PHE K 455 2.74 20.87 -51.84
CA PHE K 455 2.68 22.27 -51.45
C PHE K 455 2.79 23.21 -52.63
N SER K 456 3.65 22.87 -53.59
CA SER K 456 3.76 23.68 -54.79
C SER K 456 2.48 23.61 -55.62
N SER K 457 1.82 22.45 -55.59
CA SER K 457 0.52 22.35 -56.24
C SER K 457 -0.54 23.12 -55.45
N PHE K 458 -0.40 23.17 -54.12
CA PHE K 458 -1.31 23.96 -53.32
C PHE K 458 -1.12 25.45 -53.60
N PHE K 459 0.12 25.88 -53.79
CA PHE K 459 0.39 27.27 -54.08
C PHE K 459 -0.08 27.65 -55.48
N GLN K 460 0.11 26.76 -56.44
CA GLN K 460 -0.20 27.10 -57.82
C GLN K 460 -1.68 26.97 -58.14
N ASN K 461 -2.40 26.12 -57.44
CA ASN K 461 -3.80 25.87 -57.76
C ASN K 461 -4.75 26.30 -56.67
N PHE K 462 -4.34 27.21 -55.78
CA PHE K 462 -5.23 27.61 -54.69
C PHE K 462 -6.41 28.43 -55.20
N ALA K 463 -6.15 29.38 -56.10
CA ALA K 463 -7.19 30.34 -56.49
C ALA K 463 -8.29 29.66 -57.29
N ASN K 464 -7.96 28.62 -58.04
CA ASN K 464 -8.99 27.92 -58.79
C ASN K 464 -9.83 27.04 -57.89
N LEU K 465 -9.22 26.40 -56.90
CA LEU K 465 -9.95 25.42 -56.11
C LEU K 465 -10.65 26.02 -54.90
N GLU K 466 -10.30 27.26 -54.57
CA GLU K 466 -10.90 27.94 -53.43
C GLU K 466 -12.35 28.35 -53.71
N GLU K 467 -12.62 28.69 -54.97
CA GLU K 467 -13.96 29.08 -55.37
C GLU K 467 -14.84 27.87 -55.69
N LYS K 468 -14.30 26.67 -55.70
CA LYS K 468 -15.07 25.47 -55.91
C LYS K 468 -15.58 24.86 -54.60
N ILE K 469 -15.16 25.36 -53.46
CA ILE K 469 -15.66 24.89 -52.18
C ILE K 469 -16.67 25.92 -51.69
N ILE K 470 -17.93 25.53 -51.62
CA ILE K 470 -19.02 26.46 -51.36
C ILE K 470 -19.49 26.24 -49.93
N ILE K 471 -19.00 27.06 -49.03
CA ILE K 471 -19.54 27.21 -47.68
C ILE K 471 -20.01 28.65 -47.58
N ASP K 472 -21.05 28.89 -46.78
CA ASP K 472 -21.56 30.23 -46.45
C ASP K 472 -22.07 30.97 -47.70
N GLU K 473 -23.10 30.44 -48.33
CA GLU K 473 -23.77 31.17 -49.39
C GLU K 473 -25.11 31.73 -48.92
N GLY K 474 -25.83 32.39 -49.81
CA GLY K 474 -27.12 32.93 -49.45
C GLY K 474 -28.18 31.84 -49.36
N PHE K 475 -29.32 32.20 -48.79
CA PHE K 475 -30.39 31.23 -48.53
C PHE K 475 -31.62 31.53 -49.38
N SER K 493 21.68 1.16 -60.90
CA SER K 493 21.30 1.49 -59.52
C SER K 493 21.99 2.76 -59.06
N VAL K 494 22.66 3.45 -59.97
CA VAL K 494 23.39 4.67 -59.68
C VAL K 494 22.86 5.76 -60.60
N ALA K 495 22.58 6.93 -60.05
CA ALA K 495 22.16 8.09 -60.83
C ALA K 495 23.17 9.23 -60.66
N CYS K 496 22.86 10.35 -61.28
CA CYS K 496 23.73 11.53 -61.28
C CYS K 496 23.12 12.63 -60.42
N ASN K 497 23.96 13.30 -59.63
CA ASN K 497 23.46 14.35 -58.76
C ASN K 497 23.10 15.61 -59.53
N THR K 498 23.67 15.81 -60.71
CA THR K 498 23.35 17.01 -61.49
C THR K 498 22.04 16.83 -62.25
N CYS K 499 22.00 15.88 -63.18
CA CYS K 499 20.76 15.51 -63.86
C CYS K 499 20.20 14.28 -63.18
N LEU K 500 18.98 14.40 -62.66
CA LEU K 500 18.41 13.36 -61.79
C LEU K 500 17.80 12.23 -62.63
N LYS K 501 18.70 11.48 -63.28
CA LYS K 501 18.34 10.41 -64.19
C LYS K 501 19.21 9.20 -63.92
N ILE K 502 18.59 8.01 -64.01
CA ILE K 502 19.32 6.76 -63.84
C ILE K 502 20.19 6.56 -65.07
N ILE K 503 21.49 6.46 -64.86
CA ILE K 503 22.42 6.40 -65.98
C ILE K 503 22.50 4.97 -66.48
N ARG K 504 22.92 4.81 -67.73
CA ARG K 504 22.89 3.52 -68.42
C ARG K 504 24.28 3.14 -68.92
N ASN K 505 25.31 3.75 -68.36
CA ASN K 505 26.66 3.63 -68.89
C ASN K 505 27.65 3.84 -67.75
N ASP K 506 28.89 4.18 -68.10
CA ASP K 506 29.95 4.37 -67.12
C ASP K 506 29.63 5.51 -66.15
N SER K 507 30.06 5.33 -64.90
CA SER K 507 29.83 6.30 -63.84
C SER K 507 31.15 6.81 -63.30
N PHE K 508 31.19 8.11 -63.04
CA PHE K 508 32.38 8.78 -62.53
C PHE K 508 32.18 9.00 -61.04
N HIS K 509 32.88 8.21 -60.23
CA HIS K 509 32.67 8.20 -58.79
C HIS K 509 33.69 9.11 -58.12
N CYS K 510 33.20 10.13 -57.43
CA CYS K 510 34.05 10.98 -56.61
C CYS K 510 34.56 10.17 -55.43
N THR K 511 35.87 9.97 -55.37
CA THR K 511 36.45 9.23 -54.26
C THR K 511 36.61 10.09 -53.01
N LYS K 512 36.38 11.39 -53.12
CA LYS K 512 36.57 12.29 -51.99
C LYS K 512 35.27 12.58 -51.25
N CYS K 513 34.13 12.61 -51.94
CA CYS K 513 32.84 12.70 -51.30
C CYS K 513 32.34 11.29 -50.99
N PHE K 514 31.07 11.17 -50.61
CA PHE K 514 30.52 9.88 -50.22
C PHE K 514 29.84 9.17 -51.39
N ASP K 515 28.84 9.80 -51.99
CA ASP K 515 27.96 9.15 -52.97
C ASP K 515 27.63 10.10 -54.12
N PHE K 516 28.64 10.75 -54.69
CA PHE K 516 28.39 11.88 -55.57
C PHE K 516 28.01 11.44 -56.99
N ASP K 517 28.93 10.76 -57.69
CA ASP K 517 28.63 9.93 -58.87
C ASP K 517 28.00 10.71 -60.03
N VAL K 518 28.79 11.59 -60.65
CA VAL K 518 28.33 12.24 -61.88
C VAL K 518 28.34 11.28 -63.05
N CYS K 519 27.74 11.70 -64.16
CA CYS K 519 27.50 10.85 -65.31
C CYS K 519 28.48 11.18 -66.43
N ARG K 520 28.30 10.46 -67.54
CA ARG K 520 29.04 10.63 -68.79
C ARG K 520 29.01 12.05 -69.32
N ASP K 521 27.81 12.60 -69.47
CA ASP K 521 27.65 13.90 -70.09
C ASP K 521 28.09 15.02 -69.15
N CYS K 522 27.73 14.91 -67.86
CA CYS K 522 28.04 15.97 -66.92
C CYS K 522 29.51 15.98 -66.53
N TYR K 523 30.23 14.88 -66.76
CA TYR K 523 31.67 14.89 -66.54
C TYR K 523 32.37 15.78 -67.53
N ALA K 524 31.95 15.74 -68.80
CA ALA K 524 32.47 16.68 -69.77
C ALA K 524 31.86 18.06 -69.65
N LYS K 525 30.70 18.17 -69.01
CA LYS K 525 29.99 19.43 -68.90
C LYS K 525 30.49 20.26 -67.72
N GLN K 526 31.38 19.70 -66.89
CA GLN K 526 32.03 20.37 -65.76
C GLN K 526 31.03 20.87 -64.72
N ALA K 527 29.95 20.12 -64.49
CA ALA K 527 28.88 20.54 -63.59
C ALA K 527 28.95 19.86 -62.22
N PHE K 528 30.13 19.41 -61.82
CA PHE K 528 30.33 18.63 -60.60
C PHE K 528 30.66 19.46 -59.35
N LEU K 529 29.84 20.49 -59.09
CA LEU K 529 30.03 21.32 -57.90
C LEU K 529 29.40 20.71 -56.63
N HIS K 530 30.24 20.35 -55.67
CA HIS K 530 29.83 19.79 -54.39
C HIS K 530 30.89 20.15 -53.36
N PRO K 531 30.64 20.01 -52.03
CA PRO K 531 31.68 20.36 -51.05
C PRO K 531 32.91 19.45 -51.03
N CYS K 532 33.64 19.41 -52.14
CA CYS K 532 34.98 18.84 -52.20
C CYS K 532 35.78 19.74 -53.14
N PRO K 533 36.83 20.40 -52.64
CA PRO K 533 37.59 21.34 -53.50
C PRO K 533 38.25 20.72 -54.72
N LYS K 534 38.79 19.51 -54.61
CA LYS K 534 39.21 18.77 -55.78
C LYS K 534 38.75 17.32 -55.67
N PRO K 535 37.81 16.92 -56.51
CA PRO K 535 37.35 15.53 -56.51
C PRO K 535 38.08 14.65 -57.52
N HIS K 536 38.22 13.39 -57.17
CA HIS K 536 38.84 12.39 -58.03
C HIS K 536 37.74 11.47 -58.54
N PHE K 537 37.46 11.53 -59.84
CA PHE K 537 36.40 10.72 -60.43
C PHE K 537 36.99 9.51 -61.11
N VAL K 538 36.86 8.37 -60.46
CA VAL K 538 37.21 7.09 -61.05
C VAL K 538 36.02 6.61 -61.87
N LEU K 539 36.30 6.07 -63.05
CA LEU K 539 35.26 5.63 -63.96
C LEU K 539 34.95 4.15 -63.77
N VAL K 540 33.66 3.84 -63.71
CA VAL K 540 33.18 2.55 -63.23
C VAL K 540 32.26 1.94 -64.26
N ARG K 541 32.48 0.65 -64.58
CA ARG K 541 31.65 -0.11 -65.52
C ARG K 541 30.19 -0.21 -65.08
N SER K 542 29.33 -0.22 -66.10
CA SER K 542 27.88 -0.41 -66.02
C SER K 542 27.17 0.55 -65.07
N MET L 1 15.09 59.90 10.97
CA MET L 1 15.17 58.73 10.11
C MET L 1 16.42 57.95 10.48
N GLN L 2 16.23 56.93 11.29
CA GLN L 2 17.34 56.18 11.88
C GLN L 2 18.07 55.38 10.81
N LEU L 3 19.38 55.56 10.75
CA LEU L 3 20.24 54.87 9.79
C LEU L 3 21.18 53.96 10.54
N HIS L 4 20.91 52.65 10.50
CA HIS L 4 21.66 51.71 11.33
C HIS L 4 23.01 51.37 10.72
N GLY L 5 23.07 51.15 9.42
CA GLY L 5 24.34 50.92 8.76
C GLY L 5 24.23 50.75 7.26
N LYS L 6 25.09 51.47 6.51
CA LYS L 6 25.13 51.48 5.05
C LYS L 6 23.76 51.82 4.45
N MET L 7 23.27 53.02 4.78
CA MET L 7 21.84 53.24 4.70
C MET L 7 21.45 54.34 3.72
N THR L 8 22.37 55.28 3.41
CA THR L 8 22.42 56.30 2.35
C THR L 8 21.25 57.27 2.29
N ALA L 9 20.30 57.19 3.22
CA ALA L 9 19.24 58.17 3.49
C ALA L 9 18.26 58.42 2.33
N THR L 10 18.48 57.81 1.19
CA THR L 10 17.59 57.91 0.04
C THR L 10 16.90 56.60 -0.26
N ALA L 11 17.60 55.48 -0.04
CA ALA L 11 16.96 54.17 -0.12
C ALA L 11 15.93 54.00 0.96
N LYS L 12 16.21 54.49 2.16
CA LYS L 12 15.22 54.46 3.24
C LYS L 12 14.04 55.36 2.92
N SER L 13 14.30 56.55 2.37
CA SER L 13 13.21 57.47 2.08
C SER L 13 12.36 56.98 0.92
N CYS L 14 12.98 56.29 -0.04
CA CYS L 14 12.20 55.66 -1.10
C CYS L 14 11.40 54.48 -0.55
N ALA L 15 11.97 53.73 0.39
CA ALA L 15 11.25 52.62 0.98
C ALA L 15 10.14 53.11 1.89
N LEU L 16 10.36 54.22 2.60
CA LEU L 16 9.32 54.78 3.45
C LEU L 16 8.18 55.35 2.61
N ASP L 17 8.49 55.84 1.41
CA ASP L 17 7.44 56.31 0.51
C ASP L 17 6.64 55.14 -0.02
N PHE L 18 7.27 53.97 -0.18
CA PHE L 18 6.53 52.77 -0.57
C PHE L 18 5.59 52.33 0.54
N LEU L 19 6.01 52.48 1.79
CA LEU L 19 5.21 52.03 2.92
C LEU L 19 3.92 52.82 3.03
N ASP L 20 3.97 54.12 2.73
CA ASP L 20 2.76 54.93 2.70
C ASP L 20 1.87 54.52 1.53
N PHE L 21 2.48 54.10 0.43
CA PHE L 21 1.69 53.75 -0.75
C PHE L 21 0.96 52.43 -0.56
N VAL L 22 1.65 51.42 -0.03
CA VAL L 22 1.06 50.09 0.03
C VAL L 22 0.10 49.98 1.22
N ASN L 23 0.28 50.81 2.25
CA ASN L 23 -0.66 50.81 3.36
C ASN L 23 -1.98 51.46 2.98
N ALA L 24 -1.97 52.35 1.99
CA ALA L 24 -3.17 53.00 1.53
C ALA L 24 -3.80 52.29 0.34
N SER L 25 -3.19 51.22 -0.15
CA SER L 25 -3.64 50.54 -1.36
C SER L 25 -3.76 49.05 -1.12
N PRO L 26 -4.87 48.60 -0.51
CA PRO L 26 -5.06 47.16 -0.34
C PRO L 26 -5.81 46.49 -1.47
N THR L 27 -6.42 47.25 -2.36
CA THR L 27 -7.19 46.72 -3.48
C THR L 27 -6.58 47.30 -4.74
N PRO L 28 -6.81 46.67 -5.89
CA PRO L 28 -6.45 47.33 -7.15
C PRO L 28 -7.21 48.62 -7.39
N TYR L 29 -8.43 48.72 -6.87
CA TYR L 29 -9.17 49.97 -6.96
C TYR L 29 -8.50 51.07 -6.14
N HIS L 30 -7.99 50.72 -4.96
CA HIS L 30 -7.26 51.71 -4.19
C HIS L 30 -5.88 51.96 -4.79
N ALA L 31 -5.28 50.92 -5.38
CA ALA L 31 -3.97 51.08 -5.98
C ALA L 31 -4.01 52.03 -7.17
N VAL L 32 -5.03 51.90 -8.02
CA VAL L 32 -5.20 52.80 -9.15
C VAL L 32 -5.53 54.21 -8.66
N GLN L 33 -6.30 54.30 -7.58
CA GLN L 33 -6.66 55.60 -7.02
C GLN L 33 -5.44 56.32 -6.47
N ASN L 34 -4.55 55.59 -5.80
CA ASN L 34 -3.37 56.23 -5.25
C ASN L 34 -2.33 56.53 -6.31
N LEU L 35 -2.24 55.72 -7.37
CA LEU L 35 -1.34 56.05 -8.46
C LEU L 35 -1.80 57.28 -9.20
N ALA L 36 -3.11 57.41 -9.41
CA ALA L 36 -3.62 58.50 -10.21
C ALA L 36 -3.55 59.82 -9.45
N GLU L 37 -3.66 59.79 -8.13
CA GLU L 37 -3.42 61.00 -7.36
C GLU L 37 -1.96 61.40 -7.44
N HIS L 38 -1.06 60.42 -7.49
CA HIS L 38 0.36 60.75 -7.66
C HIS L 38 0.64 61.24 -9.06
N TYR L 39 -0.11 60.74 -10.05
CA TYR L 39 0.08 61.18 -11.42
C TYR L 39 -0.39 62.62 -11.62
N MET L 40 -1.58 62.94 -11.10
CA MET L 40 -2.09 64.30 -11.25
C MET L 40 -1.35 65.28 -10.38
N SER L 41 -0.69 64.81 -9.31
CA SER L 41 0.18 65.69 -8.55
C SER L 41 1.41 66.06 -9.36
N HIS L 42 1.85 65.17 -10.25
CA HIS L 42 2.99 65.43 -11.09
C HIS L 42 2.59 65.95 -12.47
N GLY L 43 1.35 66.38 -12.64
CA GLY L 43 0.95 67.08 -13.83
C GLY L 43 0.31 66.26 -14.93
N PHE L 44 -0.03 65.01 -14.65
CA PHE L 44 -0.66 64.18 -15.67
C PHE L 44 -2.11 64.60 -15.86
N GLN L 45 -2.66 64.30 -17.03
CA GLN L 45 -4.03 64.63 -17.36
C GLN L 45 -4.84 63.36 -17.54
N TYR L 46 -6.05 63.35 -17.00
CA TYR L 46 -6.91 62.20 -17.17
C TYR L 46 -7.51 62.19 -18.56
N LEU L 47 -7.52 61.02 -19.19
CA LEU L 47 -8.15 60.82 -20.47
C LEU L 47 -9.31 59.86 -20.32
N SER L 48 -10.49 60.27 -20.75
CA SER L 48 -11.61 59.37 -20.84
C SER L 48 -11.44 58.52 -22.08
N GLU L 49 -11.63 57.21 -21.93
CA GLU L 49 -11.50 56.34 -23.09
C GLU L 49 -12.73 56.43 -23.98
N LYS L 50 -13.84 56.96 -23.46
CA LYS L 50 -15.01 57.26 -24.28
C LYS L 50 -14.76 58.37 -25.28
N SER L 51 -13.82 59.27 -24.99
CA SER L 51 -13.59 60.40 -25.85
C SER L 51 -12.68 60.03 -27.02
N ASP L 52 -12.51 60.98 -27.93
CA ASP L 52 -11.60 60.83 -29.05
C ASP L 52 -10.35 61.66 -28.79
N TRP L 53 -9.20 61.04 -28.97
CA TRP L 53 -7.94 61.65 -28.55
C TRP L 53 -7.21 62.37 -29.68
N GLN L 54 -7.87 62.61 -30.81
CA GLN L 54 -7.19 63.25 -31.93
C GLN L 54 -6.82 64.68 -31.62
N SER L 55 -7.62 65.37 -30.82
CA SER L 55 -7.36 66.75 -30.45
C SER L 55 -7.01 66.91 -28.99
N LYS L 56 -6.90 65.81 -28.25
CA LYS L 56 -6.71 65.90 -26.81
C LYS L 56 -5.28 65.66 -26.37
N ILE L 57 -4.50 64.90 -27.14
CA ILE L 57 -3.13 64.60 -26.77
C ILE L 57 -2.19 65.31 -27.72
N GLU L 58 -1.12 65.86 -27.18
CA GLU L 58 -0.12 66.56 -27.96
C GLU L 58 1.25 66.26 -27.35
N PRO L 59 2.31 66.32 -28.15
CA PRO L 59 3.64 65.99 -27.61
C PRO L 59 4.12 66.96 -26.55
N GLY L 60 4.89 66.43 -25.60
CA GLY L 60 5.40 67.21 -24.51
C GLY L 60 4.59 67.13 -23.24
N ASN L 61 3.50 66.39 -23.22
CA ASN L 61 2.63 66.32 -22.06
C ASN L 61 2.44 64.88 -21.60
N SER L 62 1.89 64.73 -20.41
CA SER L 62 1.70 63.44 -19.78
C SER L 62 0.23 63.18 -19.51
N TYR L 63 -0.20 61.97 -19.79
CA TYR L 63 -1.59 61.55 -19.72
C TYR L 63 -1.68 60.19 -19.04
N PHE L 64 -2.88 59.91 -18.52
CA PHE L 64 -3.16 58.57 -18.02
C PHE L 64 -4.60 58.22 -18.30
N VAL L 65 -4.86 56.93 -18.50
CA VAL L 65 -6.18 56.43 -18.83
C VAL L 65 -6.47 55.27 -17.87
N THR L 66 -7.75 55.02 -17.61
CA THR L 66 -8.15 54.05 -16.60
C THR L 66 -9.27 53.19 -17.14
N ARG L 67 -9.18 51.88 -16.89
CA ARG L 67 -10.19 50.92 -17.28
C ARG L 67 -10.71 50.22 -16.04
N ASN L 68 -12.02 50.29 -15.81
CA ASN L 68 -12.76 49.64 -14.73
C ASN L 68 -12.31 50.13 -13.35
N LYS L 69 -11.63 51.27 -13.29
CA LYS L 69 -11.00 51.84 -12.09
C LYS L 69 -10.04 50.88 -11.40
N SER L 70 -9.51 49.90 -12.14
CA SER L 70 -8.65 48.88 -11.59
C SER L 70 -7.44 48.57 -12.46
N SER L 71 -7.42 49.03 -13.70
CA SER L 71 -6.22 49.03 -14.52
C SER L 71 -5.95 50.45 -14.95
N ILE L 72 -4.69 50.86 -14.90
CA ILE L 72 -4.31 52.21 -15.26
C ILE L 72 -3.11 52.16 -16.19
N ILE L 73 -3.13 53.00 -17.22
CA ILE L 73 -2.03 53.13 -18.16
C ILE L 73 -1.66 54.60 -18.17
N ALA L 74 -0.46 54.93 -17.73
CA ALA L 74 0.04 56.29 -17.79
C ALA L 74 1.13 56.39 -18.82
N PHE L 75 1.08 57.43 -19.64
CA PHE L 75 2.08 57.59 -20.68
C PHE L 75 2.47 59.06 -20.79
N SER L 76 3.75 59.30 -21.01
CA SER L 76 4.28 60.62 -21.26
C SER L 76 4.83 60.67 -22.68
N ILE L 77 4.37 61.62 -23.46
CA ILE L 77 4.77 61.76 -24.85
C ILE L 77 5.86 62.80 -24.93
N GLY L 78 7.00 62.44 -25.50
CA GLY L 78 8.10 63.37 -25.63
C GLY L 78 7.80 64.46 -26.64
N LYS L 79 8.48 65.59 -26.49
CA LYS L 79 8.24 66.72 -27.38
C LYS L 79 8.73 66.43 -28.78
N LYS L 80 9.85 65.71 -28.91
CA LYS L 80 10.40 65.36 -30.20
C LYS L 80 9.84 64.05 -30.74
N TRP L 81 8.67 63.63 -30.27
CA TRP L 81 8.10 62.36 -30.68
C TRP L 81 7.26 62.55 -31.93
N LYS L 82 7.49 61.71 -32.91
CA LYS L 82 6.68 61.62 -34.10
C LYS L 82 5.89 60.31 -34.05
N PRO L 83 4.71 60.27 -34.67
CA PRO L 83 3.97 59.01 -34.76
C PRO L 83 4.73 58.00 -35.62
N GLY L 84 5.12 56.91 -35.00
CA GLY L 84 5.96 55.93 -35.65
C GLY L 84 7.19 55.63 -34.83
N ASN L 85 7.51 56.51 -33.89
CA ASN L 85 8.61 56.26 -32.98
C ASN L 85 8.22 55.23 -31.93
N GLY L 86 9.23 54.69 -31.27
CA GLY L 86 9.01 53.58 -30.36
C GLY L 86 8.40 53.98 -29.04
N PHE L 87 8.11 52.97 -28.24
CA PHE L 87 7.55 53.11 -26.91
C PHE L 87 8.49 52.46 -25.90
N SER L 88 8.69 53.11 -24.76
CA SER L 88 9.41 52.52 -23.66
C SER L 88 8.39 52.19 -22.58
N ILE L 89 8.08 50.91 -22.43
CA ILE L 89 6.93 50.46 -21.64
C ILE L 89 7.42 49.62 -20.47
N ILE L 90 6.95 49.96 -19.28
CA ILE L 90 7.23 49.17 -18.07
C ILE L 90 5.90 48.75 -17.48
N ALA L 91 5.56 47.47 -17.59
CA ALA L 91 4.24 46.96 -17.24
C ALA L 91 4.27 46.20 -15.92
N THR L 92 3.39 46.57 -15.00
CA THR L 92 3.18 45.89 -13.73
C THR L 92 1.73 45.42 -13.63
N HIS L 93 1.36 44.89 -12.46
CA HIS L 93 -0.02 44.52 -12.21
C HIS L 93 -0.40 44.96 -10.81
N THR L 94 -1.65 45.39 -10.64
CA THR L 94 -2.07 45.96 -9.37
C THR L 94 -2.67 44.96 -8.40
N ASP L 95 -2.94 43.74 -8.83
CA ASP L 95 -3.67 42.83 -7.98
C ASP L 95 -2.74 41.91 -7.20
N SER L 96 -3.29 41.27 -6.19
CA SER L 96 -2.58 40.36 -5.32
C SER L 96 -3.51 39.23 -4.92
N PRO L 97 -2.97 38.05 -4.57
CA PRO L 97 -3.83 36.96 -4.11
C PRO L 97 -4.48 37.29 -2.78
N THR L 98 -5.79 37.03 -2.70
CA THR L 98 -6.60 37.47 -1.57
C THR L 98 -7.90 36.67 -1.56
N LEU L 99 -8.83 37.10 -0.72
CA LEU L 99 -10.15 36.49 -0.60
C LEU L 99 -11.22 37.53 -0.88
N ARG L 100 -12.16 37.20 -1.75
CA ARG L 100 -13.31 38.04 -2.04
C ARG L 100 -14.56 37.53 -1.34
N LEU L 101 -15.39 38.47 -0.93
CA LEU L 101 -16.69 38.13 -0.38
C LEU L 101 -17.59 37.55 -1.46
N LYS L 102 -18.35 36.53 -1.09
CA LYS L 102 -19.31 35.93 -2.01
C LYS L 102 -20.51 36.86 -2.19
N PRO L 103 -21.28 36.68 -3.27
CA PRO L 103 -22.52 37.46 -3.41
C PRO L 103 -23.53 37.23 -2.30
N LYS L 104 -23.65 36.01 -1.81
CA LYS L 104 -24.42 35.69 -0.61
C LYS L 104 -23.37 35.42 0.46
N SER L 105 -22.88 36.48 1.08
CA SER L 105 -21.80 36.35 2.03
C SER L 105 -22.26 36.15 3.47
N GLN L 106 -23.57 36.11 3.70
CA GLN L 106 -24.06 35.96 5.06
C GLN L 106 -23.92 34.51 5.50
N LYS L 107 -23.18 34.29 6.58
CA LYS L 107 -23.03 32.97 7.16
C LYS L 107 -23.12 33.10 8.67
N SER L 108 -23.75 32.12 9.30
CA SER L 108 -23.86 32.11 10.74
C SER L 108 -23.75 30.67 11.23
N ALA L 109 -22.93 30.46 12.26
CA ALA L 109 -22.77 29.13 12.81
C ALA L 109 -22.42 29.25 14.28
N TYR L 110 -23.29 28.72 15.13
CA TYR L 110 -23.07 28.54 16.57
C TYR L 110 -22.79 29.87 17.26
N GLY L 111 -23.62 30.86 16.94
CA GLY L 111 -23.51 32.15 17.55
C GLY L 111 -22.50 33.06 16.92
N TYR L 112 -21.77 32.61 15.91
CA TYR L 112 -20.73 33.43 15.32
C TYR L 112 -21.22 33.91 13.97
N LEU L 113 -20.97 35.17 13.68
CA LEU L 113 -21.20 35.71 12.36
C LEU L 113 -19.97 35.41 11.51
N GLN L 114 -20.18 34.81 10.35
CA GLN L 114 -19.09 34.54 9.44
C GLN L 114 -19.41 35.17 8.08
N VAL L 115 -18.37 35.39 7.29
CA VAL L 115 -18.56 35.82 5.91
C VAL L 115 -18.10 34.71 4.98
N GLY L 116 -18.82 34.53 3.89
CA GLY L 116 -18.46 33.51 2.94
C GLY L 116 -17.47 34.07 1.93
N VAL L 117 -16.26 33.54 1.91
CA VAL L 117 -15.21 34.10 1.08
C VAL L 117 -14.86 33.11 -0.01
N GLU L 118 -14.19 33.62 -1.03
CA GLU L 118 -13.77 32.84 -2.17
C GLU L 118 -12.37 33.25 -2.58
N LYS L 119 -11.55 32.25 -2.92
CA LYS L 119 -10.14 32.47 -3.11
C LYS L 119 -9.87 33.17 -4.44
N TYR L 120 -8.84 34.01 -4.45
CA TYR L 120 -8.44 34.72 -5.66
C TYR L 120 -6.96 34.45 -5.82
N GLY L 121 -6.56 33.89 -6.95
CA GLY L 121 -5.16 33.68 -7.24
C GLY L 121 -4.60 32.49 -6.49
N GLY L 122 -3.31 32.27 -6.71
CA GLY L 122 -2.63 31.19 -6.05
C GLY L 122 -1.97 31.62 -4.77
N GLY L 123 -2.76 32.03 -3.78
CA GLY L 123 -2.19 32.46 -2.53
C GLY L 123 -1.73 31.30 -1.66
N ILE L 124 -0.75 31.58 -0.81
CA ILE L 124 -0.33 30.62 0.20
C ILE L 124 -1.34 30.69 1.32
N TRP L 125 -2.27 29.75 1.37
CA TRP L 125 -3.47 29.99 2.15
C TRP L 125 -3.30 29.67 3.63
N HIS L 126 -2.24 28.96 4.02
CA HIS L 126 -2.08 28.73 5.45
C HIS L 126 -1.53 29.95 6.15
N THR L 127 -0.93 30.89 5.41
CA THR L 127 -0.43 32.12 6.02
C THR L 127 -1.54 33.08 6.37
N TRP L 128 -2.75 32.87 5.86
CA TRP L 128 -3.88 33.73 6.17
C TRP L 128 -4.52 33.38 7.50
N PHE L 129 -4.15 32.26 8.10
CA PHE L 129 -4.72 31.86 9.37
C PHE L 129 -4.18 32.75 10.48
N ASP L 130 -5.06 33.06 11.44
CA ASP L 130 -4.73 33.77 12.68
C ASP L 130 -4.15 35.16 12.40
N ARG L 131 -4.67 35.82 11.38
CA ARG L 131 -4.21 37.15 11.01
C ARG L 131 -5.32 38.15 11.28
N ASP L 132 -4.92 39.36 11.64
CA ASP L 132 -5.85 40.46 11.63
C ASP L 132 -6.15 40.79 10.18
N LEU L 133 -7.41 40.73 9.80
CA LEU L 133 -7.79 40.94 8.41
C LEU L 133 -8.66 42.18 8.29
N SER L 134 -8.32 43.04 7.35
CA SER L 134 -9.11 44.21 7.03
C SER L 134 -9.98 43.94 5.82
N LEU L 135 -10.95 44.80 5.62
CA LEU L 135 -11.90 44.68 4.53
C LEU L 135 -11.83 45.94 3.68
N ALA L 136 -11.73 45.77 2.37
CA ALA L 136 -11.59 46.89 1.47
C ALA L 136 -12.11 46.51 0.10
N GLY L 137 -12.38 47.51 -0.72
CA GLY L 137 -12.90 47.28 -2.05
C GLY L 137 -13.71 48.44 -2.56
N ARG L 138 -14.50 48.19 -3.59
CA ARG L 138 -15.37 49.21 -4.17
C ARG L 138 -16.81 48.80 -3.95
N VAL L 139 -17.66 49.80 -3.72
CA VAL L 139 -19.07 49.58 -3.39
C VAL L 139 -19.92 50.39 -4.35
N MET L 140 -20.88 49.75 -4.99
CA MET L 140 -21.85 50.43 -5.84
C MET L 140 -22.99 50.95 -4.99
N VAL L 141 -23.25 52.25 -5.09
CA VAL L 141 -24.27 52.93 -4.32
C VAL L 141 -25.28 53.56 -5.27
N GLU L 142 -26.55 53.24 -5.09
CA GLU L 142 -27.60 53.93 -5.81
C GLU L 142 -27.82 55.33 -5.25
N GLU L 143 -28.17 56.26 -6.13
CA GLU L 143 -28.66 57.55 -5.69
C GLU L 143 -30.07 57.77 -6.22
N GLU L 144 -30.65 58.92 -5.88
CA GLU L 144 -32.09 59.10 -5.96
C GLU L 144 -32.58 59.20 -7.39
N ASP L 145 -31.73 59.59 -8.32
CA ASP L 145 -32.11 59.69 -9.72
C ASP L 145 -31.85 58.42 -10.49
N GLY L 146 -31.39 57.36 -9.83
CA GLY L 146 -31.21 56.08 -10.45
C GLY L 146 -29.78 55.76 -10.85
N ARG L 147 -28.90 56.76 -10.92
CA ARG L 147 -27.53 56.48 -11.33
C ARG L 147 -26.77 55.83 -10.19
N VAL L 148 -25.81 54.99 -10.55
CA VAL L 148 -25.04 54.21 -9.61
C VAL L 148 -23.57 54.52 -9.81
N ILE L 149 -22.90 54.93 -8.74
CA ILE L 149 -21.51 55.35 -8.80
C ILE L 149 -20.68 54.47 -7.88
N GLN L 150 -19.38 54.44 -8.13
CA GLN L 150 -18.47 53.54 -7.43
C GLN L 150 -17.74 54.29 -6.33
N TYR L 151 -17.80 53.74 -5.13
CA TYR L 151 -17.14 54.26 -3.94
C TYR L 151 -16.14 53.26 -3.42
N ASN L 152 -14.88 53.68 -3.32
CA ASN L 152 -13.85 52.84 -2.73
C ASN L 152 -13.95 52.95 -1.21
N VAL L 153 -13.93 51.82 -0.52
CA VAL L 153 -14.07 51.78 0.92
C VAL L 153 -12.87 51.07 1.52
N HIS L 154 -12.30 51.65 2.57
CA HIS L 154 -11.23 51.00 3.31
C HIS L 154 -11.71 50.89 4.76
N ILE L 155 -11.65 49.70 5.33
CA ILE L 155 -11.94 49.52 6.74
C ILE L 155 -10.63 49.14 7.42
N ASP L 156 -9.91 50.16 7.89
CA ASP L 156 -8.58 50.00 8.49
C ASP L 156 -8.67 49.69 9.98
N ARG L 157 -9.11 48.47 10.27
CA ARG L 157 -9.11 47.94 11.62
C ARG L 157 -9.17 46.42 11.54
N PRO L 158 -8.77 45.70 12.60
CA PRO L 158 -8.93 44.25 12.58
C PRO L 158 -10.38 43.88 12.62
N LEU L 159 -10.87 43.35 11.51
CA LEU L 159 -12.29 43.17 11.31
C LEU L 159 -12.66 41.73 11.07
N LEU L 160 -11.78 40.96 10.45
CA LEU L 160 -11.99 39.56 10.19
C LEU L 160 -10.82 38.76 10.74
N ARG L 161 -11.04 37.47 10.95
CA ARG L 161 -9.98 36.55 11.33
C ARG L 161 -10.35 35.12 10.98
N ILE L 162 -9.43 34.39 10.39
CA ILE L 162 -9.61 32.95 10.19
C ILE L 162 -8.83 32.25 11.30
N PRO L 163 -9.50 31.69 12.30
CA PRO L 163 -8.77 31.09 13.42
C PRO L 163 -8.47 29.62 13.19
N THR L 164 -7.32 29.18 13.69
CA THR L 164 -6.98 27.77 13.62
C THR L 164 -7.66 27.02 14.75
N LEU L 165 -7.71 25.70 14.61
CA LEU L 165 -8.07 24.83 15.71
C LEU L 165 -6.90 24.81 16.69
N ALA L 166 -7.22 24.69 17.99
CA ALA L 166 -6.18 24.57 18.99
C ALA L 166 -5.43 23.25 18.84
N ILE L 167 -4.19 23.24 19.32
CA ILE L 167 -3.31 22.09 19.09
C ILE L 167 -3.70 20.92 19.98
N HIS L 168 -4.49 21.17 21.04
CA HIS L 168 -4.90 20.08 21.92
C HIS L 168 -5.91 19.20 21.24
N LEU L 169 -6.66 19.76 20.30
CA LEU L 169 -7.80 19.11 19.69
C LEU L 169 -7.41 18.37 18.42
N ASP L 170 -6.25 18.66 17.86
CA ASP L 170 -5.67 17.96 16.73
C ASP L 170 -4.17 18.11 16.81
N PRO L 171 -3.46 17.20 17.50
CA PRO L 171 -2.00 17.31 17.57
C PRO L 171 -1.31 16.98 16.27
N SER L 172 -2.01 16.41 15.29
CA SER L 172 -1.44 16.07 14.00
C SER L 172 -1.20 17.30 13.12
N ALA L 173 -1.68 18.48 13.54
CA ALA L 173 -1.47 19.69 12.75
C ALA L 173 0.00 20.10 12.71
N ASN L 174 0.77 19.75 13.73
CA ASN L 174 2.19 20.06 13.71
C ASN L 174 2.96 19.15 12.77
N SER L 175 2.46 17.94 12.53
CA SER L 175 3.10 17.06 11.56
C SER L 175 2.89 17.55 10.14
N SER L 176 1.64 17.88 9.80
CA SER L 176 1.32 18.39 8.47
C SER L 176 0.00 19.13 8.57
N PHE L 177 -0.01 20.40 8.21
CA PHE L 177 -1.21 21.22 8.33
C PHE L 177 -1.97 21.21 7.02
N SER L 178 -3.18 20.67 7.03
CA SER L 178 -4.07 20.70 5.89
C SER L 178 -5.46 21.12 6.35
N PHE L 179 -6.21 21.72 5.44
CA PHE L 179 -7.51 22.25 5.82
C PHE L 179 -8.41 22.29 4.60
N ASN L 180 -9.70 22.05 4.82
CA ASN L 180 -10.67 22.10 3.75
C ASN L 180 -10.96 23.55 3.39
N MET L 181 -11.05 23.83 2.10
CA MET L 181 -10.96 25.18 1.59
C MET L 181 -12.29 25.95 1.70
N GLU L 182 -13.43 25.27 1.83
CA GLU L 182 -14.63 25.85 2.44
C GLU L 182 -14.64 25.78 3.94
N THR L 183 -14.89 24.59 4.48
CA THR L 183 -15.47 24.42 5.79
C THR L 183 -14.55 24.87 6.91
N GLU L 184 -13.25 24.85 6.68
CA GLU L 184 -12.29 25.27 7.68
C GLU L 184 -11.59 26.57 7.34
N PHE L 185 -12.00 27.26 6.28
CA PHE L 185 -11.37 28.52 5.86
C PHE L 185 -12.40 29.64 5.82
N VAL L 186 -13.24 29.74 6.84
CA VAL L 186 -14.28 30.78 6.88
C VAL L 186 -13.88 31.81 7.93
N PRO L 187 -13.64 33.06 7.55
CA PRO L 187 -13.30 34.08 8.54
C PRO L 187 -14.49 34.49 9.37
N LEU L 188 -14.19 35.11 10.50
CA LEU L 188 -15.17 35.49 11.50
C LEU L 188 -15.27 37.01 11.57
N ILE L 189 -16.48 37.52 11.37
CA ILE L 189 -16.70 38.95 11.45
C ILE L 189 -17.17 39.39 12.84
N GLY L 190 -17.90 38.54 13.56
CA GLY L 190 -18.31 38.92 14.90
C GLY L 190 -19.24 37.89 15.52
N LEU L 191 -19.92 38.32 16.58
CA LEU L 191 -20.80 37.47 17.36
C LEU L 191 -22.23 37.98 17.18
N GLU L 192 -23.18 37.06 17.04
CA GLU L 192 -24.54 37.49 16.80
C GLU L 192 -25.37 37.61 18.06
N ASN L 193 -24.81 37.36 19.24
CA ASN L 193 -25.57 37.49 20.47
C ASN L 193 -25.78 38.94 20.88
N GLU L 194 -25.11 39.88 20.24
CA GLU L 194 -25.08 41.26 20.69
C GLU L 194 -25.48 42.23 19.59
N LEU L 195 -26.10 41.74 18.52
CA LEU L 195 -26.69 42.59 17.49
C LEU L 195 -28.21 42.58 17.56
N ALA L 196 -28.77 42.37 18.74
CA ALA L 196 -30.20 42.07 18.86
C ALA L 196 -31.03 43.34 18.99
N LYS L 197 -30.60 44.41 18.28
CA LYS L 197 -31.39 45.63 18.20
C LYS L 197 -32.75 45.38 17.60
N GLU L 198 -32.82 44.54 16.57
CA GLU L 198 -34.09 44.00 16.09
C GLU L 198 -33.93 42.51 15.88
N GLU L 199 -34.81 41.73 16.49
CA GLU L 199 -34.78 40.27 16.36
C GLU L 199 -35.77 39.78 15.31
N THR L 200 -35.70 40.36 14.12
CA THR L 200 -36.54 39.93 13.00
C THR L 200 -35.67 39.89 11.75
N SER L 201 -36.29 39.53 10.63
CA SER L 201 -35.62 39.53 9.34
C SER L 201 -36.28 40.45 8.33
N ASP L 202 -37.63 40.48 8.31
CA ASP L 202 -38.52 41.30 7.47
C ASP L 202 -38.48 40.93 5.99
N ASN L 203 -37.59 40.02 5.62
CA ASN L 203 -37.44 39.40 4.30
C ASN L 203 -36.45 38.27 4.46
N GLY L 204 -36.73 37.14 3.82
CA GLY L 204 -35.91 35.96 3.98
C GLY L 204 -34.58 36.11 3.28
N ASP L 205 -33.48 35.88 4.00
CA ASP L 205 -32.13 35.66 3.46
C ASP L 205 -31.61 36.86 2.66
N LYS L 206 -31.34 37.93 3.40
CA LYS L 206 -30.50 39.02 2.87
C LYS L 206 -29.15 38.48 2.43
N TYR L 207 -28.55 39.17 1.45
CA TYR L 207 -27.32 38.68 0.85
C TYR L 207 -26.14 38.78 1.80
N HIS L 208 -26.07 39.85 2.58
CA HIS L 208 -24.96 40.05 3.50
C HIS L 208 -25.51 40.36 4.88
N HIS L 209 -24.60 40.38 5.85
CA HIS L 209 -24.97 40.76 7.20
C HIS L 209 -25.38 42.23 7.20
N PRO L 210 -26.52 42.57 7.80
CA PRO L 210 -26.93 43.98 7.88
C PRO L 210 -25.97 44.83 8.70
N VAL L 211 -25.26 44.22 9.64
CA VAL L 211 -24.27 44.95 10.41
C VAL L 211 -23.06 45.26 9.54
N LEU L 212 -22.78 44.40 8.54
CA LEU L 212 -21.69 44.67 7.62
C LEU L 212 -22.05 45.80 6.66
N LEU L 213 -23.30 45.82 6.20
CA LEU L 213 -23.75 46.88 5.31
C LEU L 213 -23.83 48.21 6.03
N SER L 214 -24.11 48.18 7.33
CA SER L 214 -24.12 49.41 8.10
C SER L 214 -22.74 49.99 8.25
N LEU L 215 -21.73 49.12 8.40
CA LEU L 215 -20.36 49.61 8.52
C LEU L 215 -19.86 50.16 7.19
N LEU L 216 -20.22 49.50 6.09
CA LEU L 216 -19.83 49.98 4.77
C LEU L 216 -20.48 51.33 4.46
N ALA L 217 -21.75 51.49 4.83
CA ALA L 217 -22.41 52.77 4.61
C ALA L 217 -21.85 53.84 5.53
N ASN L 218 -21.43 53.47 6.72
CA ASN L 218 -20.88 54.46 7.65
C ASN L 218 -19.49 54.88 7.23
N GLU L 219 -18.69 53.96 6.70
CA GLU L 219 -17.33 54.30 6.31
C GLU L 219 -17.32 55.15 5.05
N ILE L 220 -18.28 54.92 4.16
CA ILE L 220 -18.47 55.78 3.00
C ILE L 220 -18.89 57.18 3.43
N SER L 221 -19.83 57.27 4.37
CA SER L 221 -20.41 58.57 4.72
C SER L 221 -19.45 59.44 5.50
N LYS L 222 -18.34 58.88 5.97
CA LYS L 222 -17.31 59.68 6.64
C LYS L 222 -16.64 60.64 5.66
N SER L 223 -16.55 60.27 4.40
CA SER L 223 -15.88 61.08 3.40
C SER L 223 -16.84 61.90 2.54
N LEU L 224 -18.11 61.94 2.90
CA LEU L 224 -19.10 62.68 2.14
C LEU L 224 -19.81 63.68 3.04
N GLU L 225 -20.39 64.70 2.40
CA GLU L 225 -21.21 65.65 3.14
C GLU L 225 -22.52 65.02 3.58
N THR L 226 -23.13 64.23 2.72
CA THR L 226 -24.39 63.58 3.05
C THR L 226 -24.11 62.25 3.73
N THR L 227 -25.18 61.53 4.03
CA THR L 227 -25.09 60.19 4.60
C THR L 227 -25.65 59.18 3.61
N ILE L 228 -25.26 57.93 3.79
CA ILE L 228 -25.70 56.84 2.94
C ILE L 228 -26.39 55.81 3.81
N ASP L 229 -27.62 55.50 3.48
CA ASP L 229 -28.23 54.38 4.17
C ASP L 229 -27.79 53.06 3.55
N PRO L 230 -27.77 51.97 4.32
CA PRO L 230 -27.29 50.70 3.74
C PRO L 230 -28.21 50.09 2.69
N SER L 231 -29.44 50.56 2.58
CA SER L 231 -30.35 50.00 1.58
C SER L 231 -29.98 50.42 0.17
N LYS L 232 -29.23 51.50 0.00
CA LYS L 232 -28.85 51.96 -1.32
C LYS L 232 -27.57 51.31 -1.84
N ILE L 233 -26.94 50.44 -1.05
CA ILE L 233 -25.77 49.70 -1.51
C ILE L 233 -26.27 48.56 -2.38
N VAL L 234 -25.79 48.50 -3.63
CA VAL L 234 -26.31 47.50 -4.55
C VAL L 234 -25.47 46.24 -4.53
N ASP L 235 -24.19 46.35 -4.87
CA ASP L 235 -23.32 45.19 -4.94
C ASP L 235 -21.89 45.69 -4.78
N PHE L 236 -20.98 44.79 -4.37
CA PHE L 236 -19.60 45.20 -4.15
C PHE L 236 -18.64 44.06 -4.47
N GLU L 237 -17.40 44.42 -4.79
CA GLU L 237 -16.26 43.55 -4.58
C GLU L 237 -15.61 44.00 -3.29
N LEU L 238 -15.45 43.08 -2.35
CA LEU L 238 -14.74 43.37 -1.12
C LEU L 238 -13.57 42.42 -0.98
N ILE L 239 -12.40 42.99 -0.74
CA ILE L 239 -11.14 42.27 -0.66
C ILE L 239 -10.74 42.17 0.80
N LEU L 240 -10.44 40.97 1.24
CA LEU L 240 -9.75 40.78 2.51
C LEU L 240 -8.26 40.87 2.32
N GLY L 241 -7.65 41.84 2.98
CA GLY L 241 -6.21 41.91 3.07
C GLY L 241 -5.79 41.78 4.51
N ASP L 242 -4.47 41.70 4.71
CA ASP L 242 -3.89 41.66 6.05
C ASP L 242 -4.11 43.07 6.57
N ALA L 243 -4.65 43.18 7.78
CA ALA L 243 -4.97 44.48 8.35
C ALA L 243 -3.74 45.20 8.85
N GLU L 244 -2.59 44.55 8.90
CA GLU L 244 -1.47 45.14 9.58
C GLU L 244 -0.58 45.91 8.63
N LYS L 245 -0.22 47.13 9.05
CA LYS L 245 0.55 48.06 8.26
C LYS L 245 1.91 47.50 7.87
N ALA L 246 2.32 47.83 6.65
CA ALA L 246 3.65 47.51 6.19
C ALA L 246 4.68 48.41 6.86
N ARG L 247 5.78 47.79 7.29
CA ARG L 247 6.83 48.53 7.97
C ARG L 247 8.14 47.78 7.85
N LEU L 248 9.23 48.52 8.01
CA LEU L 248 10.56 48.00 7.76
C LEU L 248 10.97 47.04 8.86
N GLY L 249 11.68 45.99 8.48
CA GLY L 249 12.07 44.96 9.41
C GLY L 249 13.54 44.60 9.26
N GLY L 250 14.01 43.81 10.21
CA GLY L 250 15.40 43.40 10.21
C GLY L 250 16.22 44.12 11.26
N ILE L 251 17.46 43.66 11.43
CA ILE L 251 18.35 44.23 12.43
C ILE L 251 18.77 45.64 12.04
N HIS L 252 18.80 45.94 10.75
CA HIS L 252 19.24 47.22 10.23
C HIS L 252 18.19 47.89 9.37
N GLU L 253 16.93 47.45 9.50
CA GLU L 253 15.80 47.87 8.67
C GLU L 253 16.09 47.68 7.19
N GLU L 254 16.71 46.54 6.86
CA GLU L 254 17.02 46.22 5.48
C GLU L 254 15.96 45.37 4.81
N PHE L 255 14.90 45.02 5.53
CA PHE L 255 13.80 44.26 4.96
C PHE L 255 12.54 45.11 4.94
N VAL L 256 11.62 44.75 4.06
CA VAL L 256 10.29 45.35 4.03
C VAL L 256 9.29 44.24 4.25
N PHE L 257 8.58 44.29 5.37
CA PHE L 257 7.56 43.32 5.69
C PHE L 257 6.22 43.93 5.29
N SER L 258 5.55 43.30 4.33
CA SER L 258 4.37 43.95 3.76
C SER L 258 3.42 42.93 3.17
N PRO L 259 2.11 43.18 3.23
CA PRO L 259 1.21 42.43 2.38
C PRO L 259 1.26 42.98 0.97
N ARG L 260 0.81 42.16 0.02
CA ARG L 260 0.65 42.52 -1.38
C ARG L 260 1.94 43.00 -2.02
N LEU L 261 3.05 42.34 -1.72
CA LEU L 261 4.29 42.77 -2.34
C LEU L 261 4.39 42.31 -3.78
N ASP L 262 3.46 41.45 -4.20
CA ASP L 262 3.42 40.99 -5.56
C ASP L 262 2.82 42.11 -6.42
N ASN L 263 3.79 42.92 -6.82
CA ASN L 263 3.68 44.11 -7.62
C ASN L 263 2.96 45.32 -7.01
N LEU L 264 3.34 45.69 -5.80
CA LEU L 264 2.79 46.88 -5.18
C LEU L 264 4.10 47.59 -4.91
N GLY L 265 5.15 46.82 -5.18
CA GLY L 265 6.52 47.19 -5.04
C GLY L 265 6.96 47.52 -6.46
N MET L 266 6.64 46.71 -7.49
CA MET L 266 7.11 47.15 -8.78
C MET L 266 6.23 48.25 -9.35
N THR L 267 4.94 48.22 -9.02
CA THR L 267 4.03 49.27 -9.46
C THR L 267 4.40 50.59 -8.82
N PHE L 268 4.88 50.56 -7.58
CA PHE L 268 5.42 51.75 -6.96
C PHE L 268 6.69 52.20 -7.67
N CYS L 269 7.58 51.26 -7.99
CA CYS L 269 8.84 51.61 -8.62
C CYS L 269 8.65 52.11 -10.04
N ALA L 270 7.73 51.50 -10.79
CA ALA L 270 7.50 51.91 -12.16
C ALA L 270 6.83 53.27 -12.23
N SER L 271 5.88 53.53 -11.33
CA SER L 271 5.16 54.79 -11.36
C SER L 271 6.00 55.94 -10.84
N GLN L 272 6.81 55.68 -9.81
CA GLN L 272 7.68 56.73 -9.29
C GLN L 272 8.75 57.11 -10.30
N ALA L 273 9.29 56.13 -11.00
CA ALA L 273 10.37 56.42 -11.93
C ALA L 273 9.85 57.02 -13.22
N LEU L 274 8.57 56.83 -13.52
CA LEU L 274 7.98 57.57 -14.63
C LEU L 274 7.93 59.06 -14.32
N THR L 275 7.57 59.40 -13.08
CA THR L 275 7.55 60.80 -12.67
C THR L 275 8.98 61.30 -12.41
N LYS L 276 9.86 60.43 -11.94
CA LYS L 276 11.25 60.82 -11.72
C LYS L 276 11.98 61.04 -13.03
N SER L 277 11.52 60.43 -14.13
CA SER L 277 12.11 60.68 -15.43
C SER L 277 11.51 61.87 -16.13
N LEU L 278 10.98 62.83 -15.39
CA LEU L 278 10.54 64.11 -15.94
C LEU L 278 11.11 65.28 -15.17
N GLU L 279 12.17 65.06 -14.39
CA GLU L 279 12.52 66.02 -13.35
C GLU L 279 13.19 67.27 -13.90
N ASN L 280 14.33 67.12 -14.59
CA ASN L 280 15.00 68.34 -15.02
C ASN L 280 14.32 68.90 -16.26
N ASN L 281 14.55 68.27 -17.41
CA ASN L 281 13.66 68.25 -18.57
C ASN L 281 14.09 67.00 -19.34
N SER L 282 13.42 65.89 -19.12
CA SER L 282 13.74 64.75 -19.96
C SER L 282 12.86 64.73 -21.20
N LEU L 283 11.60 65.13 -21.03
CA LEU L 283 10.85 65.67 -22.14
C LEU L 283 11.46 67.02 -22.52
N ASP L 284 11.18 67.44 -23.76
CA ASP L 284 11.81 68.44 -24.63
C ASP L 284 13.05 67.89 -25.28
N ASN L 285 13.45 66.67 -24.97
CA ASN L 285 14.51 65.99 -25.70
C ASN L 285 14.17 64.54 -25.97
N GLU L 286 13.01 64.07 -25.53
CA GLU L 286 12.63 62.68 -25.66
C GLU L 286 11.91 62.45 -26.98
N SER L 287 12.31 61.41 -27.69
CA SER L 287 11.71 61.08 -28.97
C SER L 287 10.77 59.89 -28.89
N CYS L 288 10.59 59.29 -27.72
CA CYS L 288 9.72 58.14 -27.56
C CYS L 288 8.59 58.49 -26.59
N VAL L 289 7.77 57.49 -26.28
CA VAL L 289 6.66 57.62 -25.35
C VAL L 289 6.91 56.64 -24.21
N ARG L 290 6.92 57.15 -22.98
CA ARG L 290 7.20 56.36 -21.80
C ARG L 290 5.90 55.93 -21.15
N VAL L 291 5.60 54.63 -21.24
CA VAL L 291 4.31 54.09 -20.82
C VAL L 291 4.51 53.25 -19.57
N VAL L 292 3.67 53.44 -18.57
CA VAL L 292 3.60 52.56 -17.41
C VAL L 292 2.17 52.04 -17.30
N PRO L 293 1.90 50.85 -17.81
CA PRO L 293 0.61 50.22 -17.55
C PRO L 293 0.63 49.38 -16.29
N SER L 294 -0.31 49.61 -15.41
CA SER L 294 -0.47 48.82 -14.20
C SER L 294 -1.78 48.04 -14.35
N PHE L 295 -1.65 46.74 -14.60
CA PHE L 295 -2.80 45.94 -14.98
C PHE L 295 -3.47 45.33 -13.76
N ASP L 296 -4.48 44.53 -14.03
CA ASP L 296 -5.28 43.87 -13.01
C ASP L 296 -5.40 42.40 -13.44
N HIS L 297 -5.80 41.54 -12.49
CA HIS L 297 -6.15 40.13 -12.75
C HIS L 297 -4.98 39.30 -13.26
N GLU L 298 -3.76 39.60 -12.85
CA GLU L 298 -2.59 38.86 -13.36
C GLU L 298 -2.26 37.55 -12.63
N GLU L 299 -2.90 37.34 -11.49
CA GLU L 299 -2.71 36.16 -10.64
C GLU L 299 -3.54 34.96 -11.07
N ILE L 300 -4.42 35.15 -12.03
CA ILE L 300 -5.35 34.18 -12.58
C ILE L 300 -5.16 34.06 -14.09
N GLY L 301 -4.31 34.90 -14.67
CA GLY L 301 -3.90 34.73 -16.04
C GLY L 301 -4.25 35.86 -17.00
N SER L 302 -4.70 37.00 -16.49
CA SER L 302 -4.93 38.25 -17.24
C SER L 302 -6.04 38.13 -18.28
N VAL L 303 -6.85 37.08 -18.24
CA VAL L 303 -7.91 36.90 -19.23
C VAL L 303 -9.12 37.64 -18.67
N SER L 304 -9.20 38.93 -18.96
CA SER L 304 -10.31 39.75 -18.50
C SER L 304 -10.43 40.96 -19.41
N ALA L 305 -11.36 41.85 -19.09
CA ALA L 305 -11.56 43.05 -19.90
C ALA L 305 -10.54 44.13 -19.59
N GLN L 306 -9.97 44.11 -18.39
CA GLN L 306 -8.97 45.09 -18.00
C GLN L 306 -7.62 44.47 -17.69
N GLY L 307 -7.45 43.18 -17.97
CA GLY L 307 -6.20 42.52 -17.69
C GLY L 307 -5.14 42.86 -18.72
N ALA L 308 -3.97 42.25 -18.53
CA ALA L 308 -2.87 42.50 -19.45
C ALA L 308 -3.13 41.88 -20.81
N GLU L 309 -3.83 40.74 -20.85
CA GLU L 309 -4.15 40.07 -22.10
C GLU L 309 -5.37 40.70 -22.79
N SER L 310 -5.96 41.73 -22.19
CA SER L 310 -7.05 42.45 -22.82
C SER L 310 -6.51 43.35 -23.94
N THR L 311 -7.40 44.10 -24.56
CA THR L 311 -6.99 45.07 -25.56
C THR L 311 -6.60 46.41 -24.96
N PHE L 312 -6.46 46.50 -23.63
CA PHE L 312 -6.26 47.79 -22.98
C PHE L 312 -4.94 48.43 -23.38
N LEU L 313 -3.85 47.69 -23.30
CA LEU L 313 -2.58 48.23 -23.79
C LEU L 313 -2.53 48.39 -25.31
N PRO L 314 -2.94 47.42 -26.15
CA PRO L 314 -2.89 47.69 -27.60
C PRO L 314 -3.81 48.79 -28.11
N ALA L 315 -4.98 49.00 -27.50
CA ALA L 315 -5.85 50.08 -27.99
C ALA L 315 -5.31 51.44 -27.62
N VAL L 316 -4.67 51.55 -26.45
CA VAL L 316 -4.06 52.82 -26.05
C VAL L 316 -2.88 53.14 -26.95
N LEU L 317 -2.08 52.13 -27.29
CA LEU L 317 -0.92 52.36 -28.16
C LEU L 317 -1.36 52.69 -29.58
N GLN L 318 -2.46 52.11 -30.05
CA GLN L 318 -2.96 52.46 -31.38
C GLN L 318 -3.54 53.87 -31.39
N ARG L 319 -4.20 54.28 -30.31
CA ARG L 319 -4.78 55.62 -30.27
C ARG L 319 -3.70 56.68 -30.20
N ILE L 320 -2.57 56.36 -29.58
CA ILE L 320 -1.41 57.25 -29.63
C ILE L 320 -0.83 57.27 -31.03
N CYS L 321 -0.73 56.10 -31.66
CA CYS L 321 -0.18 56.01 -33.00
C CYS L 321 -1.14 56.52 -34.06
N GLU L 322 -2.41 56.73 -33.73
CA GLU L 322 -3.34 57.26 -34.72
C GLU L 322 -3.30 58.77 -34.82
N LEU L 323 -2.38 59.44 -34.14
CA LEU L 323 -2.16 60.86 -34.43
C LEU L 323 -1.58 61.04 -35.82
N GLY L 324 -0.73 60.12 -36.27
CA GLY L 324 -0.28 60.13 -37.64
C GLY L 324 -1.36 59.65 -38.58
N LYS L 325 -1.15 59.93 -39.86
CA LYS L 325 -2.16 59.61 -40.85
C LYS L 325 -1.97 58.25 -41.49
N GLU L 326 -0.74 57.75 -41.54
CA GLU L 326 -0.49 56.43 -42.09
C GLU L 326 -0.98 55.37 -41.13
N SER L 327 -1.68 54.36 -41.67
CA SER L 327 -2.26 53.32 -40.84
C SER L 327 -1.25 52.26 -40.43
N SER L 328 -0.08 52.24 -41.03
CA SER L 328 0.93 51.25 -40.72
C SER L 328 1.86 51.69 -39.60
N LEU L 329 1.62 52.85 -38.99
CA LEU L 329 2.56 53.39 -38.02
C LEU L 329 2.57 52.64 -36.71
N PHE L 330 1.50 51.90 -36.41
CA PHE L 330 1.46 51.12 -35.19
C PHE L 330 2.45 49.97 -35.25
N SER L 331 2.44 49.22 -36.35
CA SER L 331 3.33 48.08 -36.47
C SER L 331 4.78 48.51 -36.65
N ILE L 332 4.99 49.70 -37.22
CA ILE L 332 6.33 50.25 -37.30
C ILE L 332 6.85 50.61 -35.92
N SER L 333 5.98 51.19 -35.08
CA SER L 333 6.42 51.64 -33.76
C SER L 333 6.72 50.48 -32.83
N MET L 334 6.13 49.32 -33.07
CA MET L 334 6.31 48.20 -32.15
C MET L 334 7.71 47.61 -32.25
N VAL L 335 8.29 47.59 -33.44
CA VAL L 335 9.61 47.00 -33.57
C VAL L 335 10.69 47.97 -33.12
N LYS L 336 10.38 49.24 -32.95
CA LYS L 336 11.29 50.19 -32.33
C LYS L 336 11.09 50.30 -30.84
N SER L 337 10.19 49.52 -30.27
CA SER L 337 9.79 49.65 -28.88
C SER L 337 10.38 48.56 -28.00
N PHE L 338 10.18 48.70 -26.70
CA PHE L 338 10.66 47.73 -25.74
C PHE L 338 9.74 47.68 -24.54
N LEU L 339 9.50 46.47 -24.04
CA LEU L 339 8.66 46.24 -22.87
C LEU L 339 9.51 45.75 -21.72
N VAL L 340 9.19 46.21 -20.52
CA VAL L 340 9.80 45.70 -19.30
C VAL L 340 8.65 45.21 -18.44
N SER L 341 8.51 43.90 -18.32
CA SER L 341 7.45 43.36 -17.47
C SER L 341 7.99 43.32 -16.05
N ALA L 342 7.66 44.34 -15.28
CA ALA L 342 8.21 44.45 -13.94
C ALA L 342 7.40 43.60 -12.97
N ASP L 343 7.84 42.35 -12.77
CA ASP L 343 7.18 41.50 -11.81
C ASP L 343 8.22 40.86 -10.92
N MET L 344 7.90 40.74 -9.63
CA MET L 344 8.86 40.43 -8.59
C MET L 344 9.46 39.04 -8.75
N ALA L 345 10.71 38.90 -8.33
CA ALA L 345 11.50 37.70 -8.52
C ALA L 345 11.71 36.98 -7.19
N HIS L 346 12.00 35.69 -7.29
CA HIS L 346 12.25 34.87 -6.12
C HIS L 346 13.67 35.09 -5.63
N ALA L 347 13.82 35.57 -4.40
CA ALA L 347 15.13 35.70 -3.79
C ALA L 347 15.59 34.35 -3.25
N MET L 348 16.81 34.32 -2.73
CA MET L 348 17.32 33.07 -2.19
C MET L 348 16.76 32.83 -0.80
N HIS L 349 16.10 31.71 -0.61
CA HIS L 349 15.59 31.34 0.69
C HIS L 349 16.62 30.48 1.39
N PRO L 350 17.20 30.91 2.50
CA PRO L 350 18.28 30.14 3.13
C PRO L 350 17.80 28.85 3.73
N ASN L 351 16.53 28.77 4.07
CA ASN L 351 15.97 27.58 4.67
C ASN L 351 15.51 26.57 3.64
N TYR L 352 15.35 26.97 2.40
CA TYR L 352 14.85 26.08 1.36
C TYR L 352 15.81 26.10 0.18
N SER L 353 17.10 25.95 0.46
CA SER L 353 18.12 26.16 -0.56
C SER L 353 18.11 25.08 -1.62
N SER L 354 17.55 23.91 -1.30
CA SER L 354 17.47 22.85 -2.29
C SER L 354 16.41 23.10 -3.35
N ARG L 355 15.55 24.09 -3.18
CA ARG L 355 14.48 24.34 -4.14
C ARG L 355 14.84 25.51 -5.05
N TYR L 356 16.14 25.70 -5.26
CA TYR L 356 16.74 26.81 -5.97
C TYR L 356 17.93 26.31 -6.77
N GLU L 357 18.21 26.96 -7.89
CA GLU L 357 19.41 26.61 -8.63
C GLU L 357 20.53 27.43 -8.03
N ASN L 358 21.58 26.76 -7.58
CA ASN L 358 22.53 27.34 -6.63
C ASN L 358 23.40 28.44 -7.20
N SER L 359 23.44 28.62 -8.52
CA SER L 359 24.29 29.64 -9.12
C SER L 359 23.53 30.77 -9.80
N ASN L 360 22.28 30.58 -10.15
CA ASN L 360 21.48 31.62 -10.79
C ASN L 360 20.34 32.05 -9.89
N THR L 361 20.59 32.22 -8.61
CA THR L 361 19.55 32.68 -7.74
C THR L 361 19.97 33.98 -7.09
N PRO L 362 19.19 35.04 -7.19
CA PRO L 362 19.60 36.34 -6.67
C PRO L 362 19.45 36.44 -5.16
N PHE L 363 19.87 37.58 -4.64
CA PHE L 363 19.84 37.86 -3.22
C PHE L 363 19.16 39.20 -2.98
N LEU L 364 18.67 39.37 -1.76
CA LEU L 364 18.04 40.63 -1.38
C LEU L 364 19.07 41.75 -1.28
N ASN L 365 18.62 42.94 -1.68
CA ASN L 365 19.39 44.19 -1.65
C ASN L 365 20.67 44.10 -2.48
N LYS L 366 20.64 43.31 -3.55
CA LYS L 366 21.74 43.22 -4.49
C LYS L 366 21.33 43.67 -5.88
N GLY L 367 20.24 44.43 -5.98
CA GLY L 367 19.78 44.95 -7.25
C GLY L 367 18.61 44.15 -7.80
N THR L 368 18.02 44.71 -8.85
CA THR L 368 16.88 44.06 -9.49
C THR L 368 17.37 42.86 -10.31
N VAL L 369 16.42 42.01 -10.71
CA VAL L 369 16.73 40.65 -11.14
C VAL L 369 16.21 40.45 -12.54
N ILE L 370 17.08 40.04 -13.46
CA ILE L 370 16.67 39.69 -14.81
C ILE L 370 16.17 38.25 -14.82
N LYS L 371 14.87 38.07 -15.00
CA LYS L 371 14.26 36.74 -14.96
C LYS L 371 14.36 36.09 -16.33
N VAL L 372 15.09 34.99 -16.41
CA VAL L 372 15.35 34.29 -17.66
C VAL L 372 14.78 32.88 -17.56
N ASN L 373 14.03 32.46 -18.57
CA ASN L 373 13.49 31.11 -18.60
C ASN L 373 13.47 30.61 -20.04
N ALA L 374 13.97 29.39 -20.24
CA ALA L 374 14.06 28.84 -21.60
C ALA L 374 12.69 28.55 -22.18
N ASN L 375 11.77 28.09 -21.36
CA ASN L 375 10.42 27.81 -21.80
C ASN L 375 9.59 29.06 -21.97
N GLN L 376 10.19 30.24 -21.75
CA GLN L 376 9.60 31.56 -21.99
C GLN L 376 8.35 31.77 -21.16
N ARG L 377 8.35 31.18 -19.96
CA ARG L 377 7.47 31.66 -18.92
C ARG L 377 7.86 33.07 -18.52
N TYR L 378 9.16 33.34 -18.48
CA TYR L 378 9.71 34.67 -18.56
C TYR L 378 10.34 34.82 -19.93
N THR L 379 9.98 35.88 -20.64
CA THR L 379 10.23 36.04 -22.06
C THR L 379 11.49 36.83 -22.38
N THR L 380 12.47 36.77 -21.49
CA THR L 380 13.73 37.48 -21.69
C THR L 380 14.60 36.77 -22.72
N ASN L 381 15.02 37.50 -23.75
CA ASN L 381 16.03 37.04 -24.69
C ASN L 381 17.29 37.87 -24.51
N SER L 382 18.30 37.58 -25.33
CA SER L 382 19.59 38.24 -25.19
C SER L 382 19.54 39.68 -25.64
N ALA L 383 18.65 39.99 -26.58
CA ALA L 383 18.52 41.37 -27.06
C ALA L 383 18.03 42.29 -25.96
N GLY L 384 17.22 41.77 -25.06
CA GLY L 384 16.81 42.56 -23.91
C GLY L 384 17.89 42.69 -22.86
N ILE L 385 18.71 41.64 -22.71
CA ILE L 385 19.73 41.62 -21.65
C ILE L 385 20.80 42.67 -21.93
N VAL L 386 21.21 42.80 -23.21
CA VAL L 386 22.22 43.77 -23.58
C VAL L 386 21.70 45.18 -23.37
N LEU L 387 20.42 45.40 -23.63
CA LEU L 387 19.83 46.72 -23.43
C LEU L 387 19.81 47.09 -21.95
N LEU L 388 19.35 46.17 -21.10
CA LEU L 388 19.25 46.49 -19.69
C LEU L 388 20.56 46.31 -18.93
N LYS L 389 21.56 45.69 -19.53
CA LYS L 389 22.89 45.79 -18.96
C LYS L 389 23.51 47.14 -19.26
N LYS L 390 23.17 47.72 -20.42
CA LYS L 390 23.64 49.06 -20.75
C LYS L 390 22.93 50.10 -19.90
N VAL L 391 21.65 49.86 -19.59
CA VAL L 391 20.91 50.77 -18.74
C VAL L 391 21.46 50.74 -17.32
N ALA L 392 21.78 49.55 -16.82
CA ALA L 392 22.36 49.43 -15.49
C ALA L 392 23.76 49.99 -15.44
N GLN L 393 24.48 49.94 -16.55
CA GLN L 393 25.78 50.59 -16.63
C GLN L 393 25.64 52.11 -16.56
N LEU L 394 24.61 52.64 -17.19
CA LEU L 394 24.38 54.09 -17.15
C LEU L 394 23.87 54.54 -15.80
N ALA L 395 23.00 53.75 -15.18
CA ALA L 395 22.44 54.11 -13.90
C ALA L 395 23.36 53.81 -12.73
N ASP L 396 24.39 53.00 -12.95
CA ASP L 396 25.32 52.51 -11.93
C ASP L 396 24.56 51.81 -10.80
N VAL L 397 23.77 50.81 -11.16
CA VAL L 397 23.09 49.98 -10.20
C VAL L 397 23.38 48.52 -10.54
N PRO L 398 23.46 47.62 -9.56
CA PRO L 398 23.68 46.21 -9.89
C PRO L 398 22.41 45.55 -10.37
N ILE L 399 22.58 44.54 -11.22
CA ILE L 399 21.48 43.68 -11.63
C ILE L 399 21.91 42.23 -11.46
N GLN L 400 20.93 41.37 -11.19
CA GLN L 400 21.15 39.94 -11.01
C GLN L 400 20.30 39.18 -12.02
N SER L 401 20.41 37.86 -11.97
CA SER L 401 19.68 37.01 -12.89
C SER L 401 19.04 35.86 -12.12
N PHE L 402 17.95 35.33 -12.67
CA PHE L 402 17.21 34.24 -12.05
C PHE L 402 16.81 33.24 -13.10
N VAL L 403 16.99 31.95 -12.80
CA VAL L 403 16.31 30.89 -13.51
C VAL L 403 15.70 29.98 -12.45
N VAL L 404 14.72 29.20 -12.87
CA VAL L 404 14.14 28.19 -11.99
C VAL L 404 14.96 26.92 -12.12
N ARG L 405 14.76 26.01 -11.18
CA ARG L 405 15.30 24.68 -11.36
C ARG L 405 14.56 23.96 -12.47
N ASN L 406 15.27 23.03 -13.12
CA ASN L 406 14.72 22.27 -14.22
C ASN L 406 13.71 21.24 -13.75
N ASP L 407 13.80 20.83 -12.48
CA ASP L 407 12.78 19.95 -11.91
C ASP L 407 11.71 20.74 -11.17
N SER L 408 11.51 21.99 -11.54
CA SER L 408 10.56 22.87 -10.89
C SER L 408 9.65 23.50 -11.93
N PRO L 409 8.37 23.65 -11.63
CA PRO L 409 7.48 24.35 -12.55
C PRO L 409 7.71 25.85 -12.49
N CYS L 410 7.31 26.52 -13.56
CA CYS L 410 7.42 27.97 -13.64
C CYS L 410 6.11 28.53 -14.15
N GLY L 411 5.69 29.66 -13.57
CA GLY L 411 4.46 30.32 -13.95
C GLY L 411 4.74 31.51 -14.85
N SER L 412 3.94 31.65 -15.89
CA SER L 412 4.09 32.75 -16.82
C SER L 412 3.67 34.06 -16.18
N THR L 413 4.37 35.13 -16.53
CA THR L 413 3.99 36.47 -16.17
C THR L 413 3.19 37.09 -17.31
N ILE L 414 2.92 38.39 -17.21
CA ILE L 414 2.21 39.07 -18.27
C ILE L 414 3.11 39.37 -19.45
N GLY L 415 4.42 39.29 -19.25
CA GLY L 415 5.40 39.59 -20.27
C GLY L 415 5.34 38.79 -21.55
N PRO L 416 5.23 37.45 -21.46
CA PRO L 416 5.05 36.67 -22.70
C PRO L 416 3.82 37.01 -23.51
N LYS L 417 2.70 37.32 -22.86
CA LYS L 417 1.49 37.48 -23.64
C LYS L 417 1.34 38.92 -24.10
N LEU L 418 1.88 39.87 -23.33
CA LEU L 418 1.96 41.25 -23.81
C LEU L 418 2.92 41.38 -24.97
N ALA L 419 3.95 40.51 -25.01
CA ALA L 419 4.80 40.44 -26.18
C ALA L 419 4.04 39.94 -27.40
N ALA L 420 3.10 39.04 -27.18
CA ALA L 420 2.38 38.44 -28.30
C ALA L 420 1.44 39.43 -28.96
N MET L 421 0.69 40.19 -28.16
CA MET L 421 -0.29 41.09 -28.75
C MET L 421 0.33 42.37 -29.29
N THR L 422 1.59 42.62 -28.99
CA THR L 422 2.26 43.81 -29.48
C THR L 422 3.38 43.49 -30.47
N GLY L 423 3.98 42.32 -30.39
CA GLY L 423 5.15 42.06 -31.20
C GLY L 423 6.38 42.79 -30.73
N MET L 424 6.39 43.19 -29.47
CA MET L 424 7.36 44.13 -28.95
C MET L 424 8.47 43.35 -28.26
N ARG L 425 9.71 43.78 -28.47
CA ARG L 425 10.84 43.19 -27.77
C ARG L 425 10.70 43.44 -26.28
N THR L 426 11.07 42.46 -25.47
CA THR L 426 10.68 42.53 -24.07
C THR L 426 11.61 41.73 -23.18
N LEU L 427 11.58 42.11 -21.90
CA LEU L 427 12.33 41.45 -20.85
C LEU L 427 11.46 41.42 -19.61
N ASP L 428 11.57 40.32 -18.86
CA ASP L 428 10.88 40.19 -17.58
C ASP L 428 11.90 40.41 -16.48
N LEU L 429 11.72 41.49 -15.71
CA LEU L 429 12.57 41.70 -14.56
C LEU L 429 11.70 41.97 -13.33
N GLY L 430 12.37 42.08 -12.19
CA GLY L 430 11.69 42.43 -10.95
C GLY L 430 12.67 42.39 -9.81
N ASN L 431 12.22 42.89 -8.69
CA ASN L 431 13.09 42.95 -7.54
C ASN L 431 12.95 41.67 -6.71
N PRO L 432 14.02 41.20 -6.08
CA PRO L 432 13.95 39.91 -5.38
C PRO L 432 13.14 40.01 -4.10
N MET L 433 12.51 38.89 -3.75
CA MET L 433 11.69 38.81 -2.55
C MET L 433 11.52 37.35 -2.17
N LEU L 434 11.11 37.13 -0.93
CA LEU L 434 10.78 35.81 -0.43
C LEU L 434 9.33 35.74 -0.02
N SER L 435 8.80 34.51 0.00
CA SER L 435 7.41 34.18 0.31
C SER L 435 6.44 34.92 -0.59
N MET L 436 6.56 34.66 -1.89
CA MET L 436 5.65 35.26 -2.85
C MET L 436 4.27 34.61 -2.71
N HIS L 437 3.23 35.43 -2.90
CA HIS L 437 1.82 35.07 -2.72
C HIS L 437 1.51 34.63 -1.29
N SER L 438 2.24 35.14 -0.33
CA SER L 438 1.87 34.95 1.06
C SER L 438 0.99 36.09 1.53
N CYS L 439 0.45 35.94 2.74
CA CYS L 439 -0.35 37.01 3.31
C CYS L 439 0.54 38.19 3.71
N ARG L 440 1.73 37.90 4.21
CA ARG L 440 2.73 38.92 4.50
C ARG L 440 4.02 38.52 3.81
N GLU L 441 4.68 39.47 3.19
CA GLU L 441 5.73 39.19 2.21
C GLU L 441 6.96 40.00 2.57
N MET L 442 8.13 39.51 2.19
CA MET L 442 9.39 40.12 2.58
C MET L 442 10.28 40.39 1.38
N CYS L 443 10.80 41.63 1.30
CA CYS L 443 11.76 42.01 0.28
C CYS L 443 12.76 42.96 0.90
N GLY L 444 13.82 43.26 0.14
CA GLY L 444 14.82 44.18 0.64
C GLY L 444 14.42 45.63 0.48
N SER L 445 15.03 46.50 1.29
CA SER L 445 14.65 47.90 1.29
C SER L 445 15.52 48.75 0.39
N LYS L 446 16.77 48.35 0.14
CA LYS L 446 17.59 49.05 -0.85
C LYS L 446 17.08 48.78 -2.25
N ASP L 447 16.34 47.69 -2.44
CA ASP L 447 15.91 47.25 -3.76
C ASP L 447 14.89 48.19 -4.38
N PHE L 448 14.18 48.97 -3.57
CA PHE L 448 13.20 49.92 -4.11
C PHE L 448 13.91 51.08 -4.80
N GLU L 449 14.98 51.57 -4.20
CA GLU L 449 15.72 52.69 -4.78
C GLU L 449 16.49 52.26 -6.02
N TYR L 450 16.98 51.02 -6.02
CA TYR L 450 17.71 50.49 -7.17
C TYR L 450 16.79 50.34 -8.38
N ALA L 451 15.53 49.99 -8.14
CA ALA L 451 14.61 49.80 -9.24
C ALA L 451 14.19 51.13 -9.86
N VAL L 452 14.00 52.14 -9.02
CA VAL L 452 13.54 53.44 -9.50
C VAL L 452 14.65 54.12 -10.31
N VAL L 453 15.90 53.98 -9.86
CA VAL L 453 17.03 54.56 -10.57
C VAL L 453 17.22 53.85 -11.91
N LEU L 454 17.08 52.52 -11.93
CA LEU L 454 17.20 51.75 -13.16
C LEU L 454 16.11 52.10 -14.15
N PHE L 455 14.88 52.23 -13.68
CA PHE L 455 13.76 52.47 -14.58
C PHE L 455 13.77 53.88 -15.14
N SER L 456 14.13 54.86 -14.31
CA SER L 456 14.23 56.22 -14.80
C SER L 456 15.36 56.36 -15.79
N SER L 457 16.43 55.59 -15.61
CA SER L 457 17.49 55.56 -16.60
C SER L 457 17.05 54.83 -17.84
N PHE L 458 16.19 53.82 -17.70
CA PHE L 458 15.64 53.13 -18.85
C PHE L 458 14.72 54.06 -19.64
N PHE L 459 13.95 54.89 -18.94
CA PHE L 459 13.06 55.82 -19.62
C PHE L 459 13.85 56.93 -20.30
N GLN L 460 14.89 57.44 -19.65
CA GLN L 460 15.61 58.58 -20.19
C GLN L 460 16.59 58.20 -21.28
N ASN L 461 17.10 56.98 -21.28
CA ASN L 461 18.13 56.59 -22.24
C ASN L 461 17.67 55.49 -23.18
N PHE L 462 16.36 55.32 -23.38
CA PHE L 462 15.90 54.25 -24.26
C PHE L 462 16.22 54.55 -25.72
N ALA L 463 15.98 55.78 -26.16
CA ALA L 463 16.07 56.09 -27.58
C ALA L 463 17.51 56.02 -28.08
N ASN L 464 18.47 56.34 -27.22
CA ASN L 464 19.86 56.25 -27.63
C ASN L 464 20.34 54.81 -27.68
N LEU L 465 19.89 53.97 -26.76
CA LEU L 465 20.45 52.62 -26.68
C LEU L 465 19.68 51.62 -27.52
N GLU L 466 18.50 52.00 -28.00
CA GLU L 466 17.68 51.12 -28.83
C GLU L 466 18.27 50.96 -30.23
N GLU L 467 18.91 52.02 -30.73
CA GLU L 467 19.53 51.98 -32.04
C GLU L 467 20.93 51.38 -32.01
N LYS L 468 21.46 51.10 -30.83
CA LYS L 468 22.76 50.46 -30.70
C LYS L 468 22.66 48.94 -30.66
N ILE L 469 21.47 48.38 -30.56
CA ILE L 469 21.27 46.93 -30.59
C ILE L 469 20.81 46.58 -31.99
N ILE L 470 21.63 45.85 -32.73
CA ILE L 470 21.39 45.60 -34.14
C ILE L 470 20.94 44.16 -34.29
N ILE L 471 19.64 43.96 -34.37
CA ILE L 471 19.04 42.71 -34.80
C ILE L 471 18.25 43.05 -36.06
N ASP L 472 18.13 42.08 -36.98
CA ASP L 472 17.31 42.18 -38.18
C ASP L 472 17.78 43.31 -39.10
N GLU L 473 18.99 43.19 -39.63
CA GLU L 473 19.43 44.11 -40.67
C GLU L 473 19.44 43.43 -42.02
N GLY L 474 19.87 44.15 -43.06
CA GLY L 474 19.92 43.57 -44.39
C GLY L 474 21.10 42.64 -44.53
N PHE L 475 21.08 41.87 -45.61
CA PHE L 475 22.08 40.82 -45.83
C PHE L 475 22.96 41.16 -47.03
N SER L 493 23.90 58.63 13.02
CA SER L 493 23.07 57.50 12.60
C SER L 493 21.64 57.93 12.35
N VAL L 494 21.39 59.23 12.38
CA VAL L 494 20.08 59.81 12.18
C VAL L 494 20.17 60.79 11.02
N ALA L 495 19.21 60.71 10.09
CA ALA L 495 19.13 61.66 8.98
C ALA L 495 17.80 62.40 9.05
N CYS L 496 17.58 63.25 8.04
CA CYS L 496 16.39 64.10 7.97
C CYS L 496 15.48 63.61 6.85
N ASN L 497 14.17 63.60 7.13
CA ASN L 497 13.22 63.12 6.12
C ASN L 497 13.02 64.12 4.99
N THR L 498 13.31 65.40 5.24
CA THR L 498 13.14 66.40 4.19
C THR L 498 14.33 66.40 3.24
N CYS L 499 15.52 66.73 3.76
CA CYS L 499 16.75 66.64 2.99
C CYS L 499 17.44 65.34 3.40
N LEU L 500 17.66 64.47 2.41
CA LEU L 500 18.10 63.10 2.69
C LEU L 500 19.62 63.06 2.89
N LYS L 501 20.04 63.64 4.01
CA LYS L 501 21.45 63.77 4.36
C LYS L 501 21.65 63.41 5.82
N ILE L 502 22.78 62.75 6.09
CA ILE L 502 23.13 62.39 7.46
C ILE L 502 23.55 63.66 8.18
N ILE L 503 22.86 63.98 9.25
CA ILE L 503 23.09 65.24 9.93
C ILE L 503 24.27 65.09 10.88
N ARG L 504 24.89 66.20 11.23
CA ARG L 504 26.13 66.21 11.98
C ARG L 504 26.01 67.04 13.26
N ASN L 505 24.78 67.26 13.70
CA ASN L 505 24.49 68.19 14.78
C ASN L 505 23.21 67.75 15.48
N ASP L 506 22.58 68.69 16.20
CA ASP L 506 21.36 68.40 16.95
C ASP L 506 20.22 67.96 16.04
N SER L 507 19.39 67.05 16.56
CA SER L 507 18.28 66.49 15.83
C SER L 507 16.98 66.82 16.56
N PHE L 508 15.96 67.16 15.78
CA PHE L 508 14.65 67.51 16.30
C PHE L 508 13.73 66.31 16.09
N HIS L 509 13.44 65.61 17.18
CA HIS L 509 12.71 64.36 17.12
C HIS L 509 11.22 64.61 17.36
N CYS L 510 10.41 64.27 16.38
CA CYS L 510 8.96 64.31 16.54
C CYS L 510 8.56 63.22 17.53
N THR L 511 8.01 63.62 18.67
CA THR L 511 7.55 62.65 19.65
C THR L 511 6.19 62.06 19.30
N LYS L 512 5.52 62.60 18.28
CA LYS L 512 4.19 62.14 17.92
C LYS L 512 4.21 61.12 16.79
N CYS L 513 5.14 61.23 15.86
CA CYS L 513 5.35 60.21 14.84
C CYS L 513 6.33 59.18 15.38
N PHE L 514 6.81 58.30 14.50
CA PHE L 514 7.70 57.21 14.91
C PHE L 514 9.17 57.59 14.78
N ASP L 515 9.60 57.94 13.56
CA ASP L 515 11.01 58.10 13.24
C ASP L 515 11.24 59.29 12.33
N PHE L 516 10.65 60.44 12.66
CA PHE L 516 10.55 61.52 11.68
C PHE L 516 11.85 62.33 11.58
N ASP L 517 12.24 63.00 12.68
CA ASP L 517 13.61 63.49 12.91
C ASP L 517 14.10 64.50 11.85
N VAL L 518 13.49 65.68 11.87
CA VAL L 518 14.00 66.76 11.02
C VAL L 518 15.30 67.32 11.57
N CYS L 519 15.97 68.14 10.77
CA CYS L 519 17.31 68.64 11.05
C CYS L 519 17.27 70.08 11.53
N ARG L 520 18.47 70.61 11.77
CA ARG L 520 18.72 71.99 12.16
C ARG L 520 18.12 73.02 11.21
N ASP L 521 18.44 72.86 9.92
CA ASP L 521 18.03 73.85 8.93
C ASP L 521 16.55 73.72 8.61
N CYS L 522 16.05 72.50 8.49
CA CYS L 522 14.66 72.29 8.11
C CYS L 522 13.70 72.59 9.26
N TYR L 523 14.20 72.61 10.50
CA TYR L 523 13.36 73.01 11.62
C TYR L 523 13.01 74.49 11.53
N ALA L 524 13.98 75.32 11.15
CA ALA L 524 13.68 76.72 10.90
C ALA L 524 13.02 76.94 9.55
N LYS L 525 13.13 76.00 8.63
CA LYS L 525 12.60 76.13 7.29
C LYS L 525 11.14 75.73 7.20
N GLN L 526 10.58 75.19 8.31
CA GLN L 526 9.16 74.82 8.46
C GLN L 526 8.74 73.76 7.43
N ALA L 527 9.62 72.82 7.09
CA ALA L 527 9.35 71.84 6.06
C ALA L 527 8.96 70.48 6.63
N PHE L 528 8.43 70.44 7.85
CA PHE L 528 8.13 69.20 8.56
C PHE L 528 6.71 68.68 8.37
N LEU L 529 6.29 68.55 7.10
CA LEU L 529 4.97 68.02 6.79
C LEU L 529 4.93 66.48 6.78
N HIS L 530 4.19 65.89 7.70
CA HIS L 530 4.02 64.44 7.82
C HIS L 530 2.67 64.19 8.48
N PRO L 531 2.12 62.95 8.45
CA PRO L 531 0.81 62.73 9.09
C PRO L 531 0.78 62.83 10.62
N CYS L 532 1.09 64.03 11.13
CA CYS L 532 0.84 64.39 12.53
C CYS L 532 0.41 65.84 12.50
N PRO L 533 -0.83 66.15 12.92
CA PRO L 533 -1.31 67.54 12.86
C PRO L 533 -0.52 68.54 13.68
N LYS L 534 -0.07 68.17 14.88
CA LYS L 534 0.89 68.99 15.61
C LYS L 534 1.99 68.11 16.18
N PRO L 535 3.20 68.24 15.66
CA PRO L 535 4.33 67.47 16.19
C PRO L 535 5.12 68.22 17.24
N HIS L 536 5.67 67.47 18.19
CA HIS L 536 6.52 68.01 19.23
C HIS L 536 7.95 67.59 18.95
N PHE L 537 8.81 68.56 18.62
CA PHE L 537 10.19 68.27 18.28
C PHE L 537 11.09 68.54 19.46
N VAL L 538 11.52 67.49 20.13
CA VAL L 538 12.51 67.59 21.18
C VAL L 538 13.88 67.57 20.51
N LEU L 539 14.78 68.41 21.01
CA LEU L 539 16.10 68.55 20.42
C LEU L 539 17.11 67.65 21.15
N VAL L 540 17.91 66.94 20.35
CA VAL L 540 18.70 65.82 20.84
C VAL L 540 20.16 66.02 20.45
N ARG L 541 21.06 65.84 21.41
CA ARG L 541 22.50 65.94 21.20
C ARG L 541 23.04 64.94 20.18
N SER L 542 24.06 65.42 19.46
CA SER L 542 24.85 64.66 18.47
C SER L 542 24.02 64.02 17.38
ZN ZN M . -32.62 -14.26 12.97
ZN ZN N . -34.81 -14.52 13.67
ZN ZN O . -43.35 -12.55 46.60
ZN ZN P . -56.83 -7.05 42.35
ZN ZN Q . -6.29 -0.39 37.29
ZN ZN R . -6.37 -0.98 39.51
ZN ZN S . -33.75 -16.29 52.90
ZN ZN T . -24.50 -23.49 62.53
ZN ZN U . -1.11 25.69 27.61
ZN ZN V . -1.82 27.21 29.20
ZN ZN W . -3.64 60.66 22.63
ZN ZN X . -15.37 61.55 32.22
ZN ZN Y . 20.13 7.43 31.16
ZN ZN Z . 21.63 8.34 32.66
ZN ZN AA . 52.16 -5.68 37.92
ZN ZN BA . 57.67 8.12 41.00
ZN ZN CA . -18.19 -33.05 -2.75
ZN ZN DA . -19.04 -35.15 -2.31
ZN ZN EA . -3.46 -63.21 -13.50
ZN ZN FA . -8.74 -70.60 -1.34
ZN ZN GA . 17.66 -29.42 -15.97
ZN ZN HA . 18.48 -30.97 -17.48
ZN ZN IA . 2.25 -60.50 -23.39
ZN ZN JA . 7.56 -59.79 -37.58
ZN ZN KA . 31.92 -18.89 6.08
ZN ZN LA . 33.47 -20.47 6.72
ZN ZN MA . 51.13 -17.21 35.78
ZN ZN NA . 51.44 -32.37 36.69
ZN ZN OA . 32.41 -5.50 -18.84
ZN ZN PA . 34.60 -5.37 -19.57
ZN ZN QA . 43.17 14.11 -45.98
ZN ZN RA . 56.73 16.34 -39.56
ZN ZN SA . -32.50 -11.96 -15.35
ZN ZN TA . -34.07 -12.89 -16.74
ZN ZN UA . -51.22 5.99 -38.97
ZN ZN VA . -51.86 -6.13 -48.08
ZN ZN WA . -19.81 23.60 -21.87
ZN ZN XA . -21.28 25.21 -22.62
ZN ZN YA . -52.27 16.99 -34.45
ZN ZN ZA . -57.28 30.33 -29.22
ZN ZN AB . 6.58 20.06 -31.42
ZN ZN BB . 6.65 20.78 -33.62
ZN ZN CB . 33.84 14.57 -53.14
ZN ZN DB . 24.63 14.16 -65.19
ZN ZN EB . 1.85 36.72 -8.99
ZN ZN FB . 2.59 38.84 -9.50
ZN ZN GB . 4.71 62.90 14.31
ZN ZN HB . 16.51 68.73 6.74
#